data_4CSF
#
_entry.id   4CSF
#
_cell.length_a   98.777
_cell.length_b   127.837
_cell.length_c   170.467
_cell.angle_alpha   82.10
_cell.angle_beta   79.75
_cell.angle_gamma   74.49
#
_symmetry.space_group_name_H-M   'P 1'
#
loop_
_entity.id
_entity.type
_entity.pdbx_description
1 polymer NUCLEOPROTEIN
2 polymer NUCLEOPROTEIN
3 polymer NUCLEOPROTEIN
4 polymer "RNA (5'-R(*UP*GP*UP*GP*UP*UP*UP*CP*UP)-3')"
5 water water
#
loop_
_entity_poly.entity_id
_entity_poly.type
_entity_poly.pdbx_seq_one_letter_code
_entity_poly.pdbx_strand_id
1 'polypeptide(L)'
;MSDENYRDIALAFLDESADSGTINAWVNEFAYQGFDPKRIVQLVKERGTAKGRDWKKDVKMMIVLNLVRGNKPEAMMKKM
SEKGASIVANLISVYQLKEGNPGRDTITLSRVSAAFVPWTVQALRVLSESLPVSGTTMDAIAGVTYPRAMMHPSFAGIID
LDLPNGAGATIADAHGLFMIEFSKTINPSLRTKQANEVAATFEKPNMAAMSGRFFTREDKKKLLIAVGIIDEDLVLASAV
VRSAEKYRAKVGK
;
A,B,D,F,G,H,I,J,K,L,M,N,O,P,Q,R,S,T,U,V,W
2 'polypeptide(L)'
;MSDENYRDIALAFLDESADSGTINAWVNEFAYQGFDPKRIVQLVKERGTAKGKDWKKDVKMMIVLNLVRGNKPEAMMKKM
SEKGASIVANLISVYQLKEGNPGRDTITLSRVSAAFVPWTVQALRVLSESLPVSGTTMDAIAGVTYPRAMMHPSFAGIID
LDLPNGAGATIADAHGLFMIEFSKTINPSLRTKQANEVAATFEKPNMAAMSGRFFTREDKKKLLIAVGIIDEDLVLASAV
VRSAEKYRAKVGK
;
C,X
3 'polypeptide(L)'
;MSDENYRDIALAFLDESADSGTINAWVNEFAYEGFDPKRIVQLVKERGTAKGRDWKKDVKMMIVLNLVRGNKPEAMMKKM
SEKGASIVANLISVYQLKEGNPGRDTITLSRVSAAFVPWTVQALRVLSESLPVSGTTMDAIAGVTYPRAMMHPSFAGIID
LDLPNGAGATIADAHGLFMIEFSKTINPSLRTKQANEVAATFEKPNMAAMSGRFFTREDKKKLLIAVGIIDEDLVLASAV
VRSAEKYRAKVGK
;
E
4 'polyribonucleotide' UGUGUUUCU a,c,e,g,i,k,m,o,q,s,u,w
#
# COMPACT_ATOMS: atom_id res chain seq x y z
N GLU A 4 47.39 66.55 -73.39
CA GLU A 4 47.34 67.74 -72.55
C GLU A 4 47.77 67.45 -71.10
N ASN A 5 48.30 68.47 -70.42
CA ASN A 5 48.65 68.32 -69.01
C ASN A 5 47.47 68.57 -68.07
N TYR A 6 47.13 67.50 -67.33
CA TYR A 6 45.98 67.43 -66.44
C TYR A 6 46.35 67.81 -65.01
N ARG A 7 47.62 67.64 -64.66
CA ARG A 7 48.11 68.03 -63.35
C ARG A 7 47.97 69.54 -63.15
N ASP A 8 48.34 70.32 -64.18
CA ASP A 8 48.21 71.77 -64.12
C ASP A 8 46.75 72.22 -64.02
N ILE A 9 45.86 71.52 -64.72
CA ILE A 9 44.42 71.79 -64.66
C ILE A 9 43.89 71.65 -63.24
N ALA A 10 44.19 70.52 -62.62
CA ALA A 10 43.78 70.26 -61.24
C ALA A 10 44.40 71.29 -60.30
N LEU A 11 45.68 71.59 -60.53
CA LEU A 11 46.41 72.55 -59.71
C LEU A 11 45.84 73.97 -59.81
N ALA A 12 45.27 74.28 -60.97
CA ALA A 12 44.70 75.61 -61.23
C ALA A 12 43.43 75.87 -60.42
N PHE A 13 42.82 74.81 -59.88
CA PHE A 13 41.63 74.95 -59.05
C PHE A 13 41.96 75.57 -57.69
N LEU A 14 43.25 75.70 -57.40
CA LEU A 14 43.69 76.37 -56.19
C LEU A 14 43.39 77.86 -56.30
N ASP A 15 43.33 78.35 -57.54
CA ASP A 15 43.04 79.75 -57.81
C ASP A 15 41.62 79.94 -58.32
N GLU A 16 40.82 78.87 -58.29
CA GLU A 16 39.44 78.94 -58.73
C GLU A 16 38.54 79.44 -57.60
N SER A 17 37.48 80.17 -57.95
CA SER A 17 36.61 80.80 -56.97
C SER A 17 35.89 79.81 -56.05
N ALA A 18 35.97 80.05 -54.76
CA ALA A 18 35.23 79.27 -53.77
C ALA A 18 34.24 80.19 -53.06
N ASP A 19 33.26 80.67 -53.82
CA ASP A 19 32.30 81.64 -53.31
C ASP A 19 31.41 81.05 -52.23
N SER A 20 31.48 81.64 -51.03
CA SER A 20 30.70 81.17 -49.88
C SER A 20 29.20 81.18 -50.12
N GLY A 21 28.70 82.21 -50.80
CA GLY A 21 27.28 82.32 -51.11
C GLY A 21 26.78 81.21 -52.02
N THR A 22 27.50 80.98 -53.11
CA THR A 22 27.12 79.95 -54.08
C THR A 22 27.24 78.53 -53.50
N ILE A 23 28.31 78.30 -52.74
CA ILE A 23 28.54 77.00 -52.10
C ILE A 23 27.42 76.64 -51.13
N ASN A 24 27.04 77.58 -50.27
CA ASN A 24 25.97 77.33 -49.32
C ASN A 24 24.61 77.15 -49.99
N ALA A 25 24.42 77.74 -51.16
CA ALA A 25 23.20 77.52 -51.93
C ALA A 25 23.14 76.08 -52.43
N TRP A 26 24.29 75.55 -52.84
CA TRP A 26 24.41 74.16 -53.26
C TRP A 26 24.17 73.21 -52.10
N VAL A 27 24.75 73.54 -50.95
CA VAL A 27 24.59 72.74 -49.74
C VAL A 27 23.11 72.56 -49.42
N ASN A 28 22.36 73.65 -49.47
CA ASN A 28 20.92 73.62 -49.21
C ASN A 28 20.12 72.76 -50.20
N GLU A 29 20.49 72.83 -51.48
CA GLU A 29 19.86 72.01 -52.51
C GLU A 29 20.16 70.52 -52.28
N PHE A 30 21.43 70.24 -51.98
CA PHE A 30 21.92 68.87 -51.90
C PHE A 30 21.68 68.23 -50.54
N ALA A 31 21.35 69.05 -49.54
CA ALA A 31 21.22 68.57 -48.16
C ALA A 31 20.18 67.47 -48.04
N TYR A 32 20.39 66.56 -47.09
CA TYR A 32 19.44 65.51 -46.80
C TYR A 32 18.05 66.09 -46.58
N GLN A 33 17.06 65.45 -47.20
CA GLN A 33 15.66 65.79 -46.98
C GLN A 33 14.85 64.51 -46.79
N GLY A 34 14.02 64.51 -45.75
CA GLY A 34 13.30 63.33 -45.30
C GLY A 34 12.84 63.50 -43.87
N PHE A 35 13.45 62.77 -42.95
CA PHE A 35 13.15 62.88 -41.53
C PHE A 35 13.62 64.22 -40.98
N ASP A 36 12.71 64.95 -40.33
CA ASP A 36 13.02 66.28 -39.80
C ASP A 36 12.04 66.65 -38.69
N PRO A 37 12.52 66.62 -37.44
CA PRO A 37 11.71 66.96 -36.25
C PRO A 37 10.96 68.29 -36.40
N LYS A 38 11.58 69.27 -37.06
CA LYS A 38 10.90 70.52 -37.37
C LYS A 38 9.63 70.29 -38.17
N ARG A 39 9.72 69.43 -39.18
CA ARG A 39 8.57 69.14 -40.04
C ARG A 39 7.52 68.35 -39.28
N ILE A 40 7.97 67.41 -38.44
CA ILE A 40 7.07 66.62 -37.61
C ILE A 40 6.23 67.52 -36.73
N VAL A 41 6.89 68.40 -36.00
CA VAL A 41 6.23 69.35 -35.12
C VAL A 41 5.28 70.26 -35.91
N GLN A 42 5.77 70.77 -37.02
CA GLN A 42 4.97 71.67 -37.87
C GLN A 42 3.69 70.99 -38.33
N LEU A 43 3.82 69.79 -38.89
CA LEU A 43 2.67 69.05 -39.40
C LEU A 43 1.68 68.69 -38.30
N VAL A 44 2.18 68.22 -37.15
CA VAL A 44 1.32 67.88 -36.02
C VAL A 44 0.51 69.11 -35.58
N LYS A 45 1.21 70.22 -35.39
CA LYS A 45 0.58 71.48 -34.97
C LYS A 45 -0.41 72.01 -36.00
N GLU A 46 -0.04 71.95 -37.28
CA GLU A 46 -0.90 72.44 -38.35
C GLU A 46 -2.16 71.58 -38.54
N ARG A 47 -1.97 70.27 -38.66
CA ARG A 47 -3.07 69.34 -38.86
C ARG A 47 -4.00 69.32 -37.66
N GLY A 48 -3.43 69.48 -36.46
CA GLY A 48 -4.21 69.46 -35.24
C GLY A 48 -5.09 70.68 -35.06
N THR A 49 -4.50 71.87 -35.26
CA THR A 49 -5.23 73.11 -35.10
C THR A 49 -6.30 73.31 -36.17
N ALA A 50 -6.08 72.70 -37.34
CA ALA A 50 -7.04 72.78 -38.44
C ALA A 50 -8.29 71.96 -38.14
N LYS A 51 -8.18 71.00 -37.22
CA LYS A 51 -9.33 70.23 -36.77
C LYS A 51 -9.83 70.76 -35.43
N GLY A 52 -9.29 71.89 -35.01
CA GLY A 52 -9.68 72.53 -33.77
C GLY A 52 -9.47 71.64 -32.57
N ARG A 53 -8.24 71.22 -32.36
CA ARG A 53 -7.93 70.27 -31.30
C ARG A 53 -6.85 70.75 -30.35
N ASP A 54 -6.88 70.22 -29.12
CA ASP A 54 -5.78 70.41 -28.19
C ASP A 54 -4.65 69.51 -28.65
N TRP A 55 -3.89 69.96 -29.64
CA TRP A 55 -2.90 69.13 -30.30
C TRP A 55 -1.78 68.74 -29.36
N LYS A 56 -1.54 69.56 -28.35
CA LYS A 56 -0.51 69.26 -27.36
C LYS A 56 -0.91 68.06 -26.52
N LYS A 57 -2.20 67.94 -26.24
CA LYS A 57 -2.72 66.78 -25.52
C LYS A 57 -2.70 65.54 -26.42
N ASP A 58 -3.00 65.73 -27.70
CA ASP A 58 -2.95 64.65 -28.67
C ASP A 58 -1.53 64.07 -28.79
N VAL A 59 -0.54 64.96 -28.75
CA VAL A 59 0.86 64.55 -28.80
C VAL A 59 1.20 63.59 -27.65
N LYS A 60 0.78 63.95 -26.44
CA LYS A 60 1.01 63.12 -25.27
C LYS A 60 0.33 61.77 -25.42
N MET A 61 -0.93 61.78 -25.86
CA MET A 61 -1.66 60.54 -26.07
C MET A 61 -1.01 59.68 -27.14
N MET A 62 -0.55 60.32 -28.22
CA MET A 62 0.12 59.59 -29.30
C MET A 62 1.44 58.99 -28.82
N ILE A 63 2.15 59.70 -27.95
CA ILE A 63 3.39 59.19 -27.38
C ILE A 63 3.15 58.00 -26.44
N VAL A 64 2.19 58.14 -25.52
CA VAL A 64 1.83 57.05 -24.61
C VAL A 64 1.41 55.82 -25.41
N LEU A 65 0.59 56.06 -26.44
CA LEU A 65 0.14 55.03 -27.35
C LEU A 65 1.32 54.31 -28.00
N ASN A 66 2.31 55.09 -28.43
CA ASN A 66 3.51 54.53 -29.05
C ASN A 66 4.38 53.73 -28.08
N LEU A 67 4.47 54.22 -26.84
CA LEU A 67 5.29 53.56 -25.81
C LEU A 67 4.77 52.18 -25.43
N VAL A 68 3.46 52.00 -25.44
CA VAL A 68 2.86 50.76 -24.93
C VAL A 68 2.27 49.85 -25.99
N ARG A 69 2.05 50.37 -27.20
CA ARG A 69 1.41 49.59 -28.26
C ARG A 69 2.21 49.50 -29.56
N GLY A 70 3.20 50.37 -29.74
CA GLY A 70 4.04 50.31 -30.92
C GLY A 70 3.78 51.37 -31.98
N ASN A 71 3.81 50.96 -33.25
CA ASN A 71 3.80 51.90 -34.36
C ASN A 71 2.72 51.63 -35.41
N LYS A 72 1.78 50.74 -35.07
CA LYS A 72 0.73 50.33 -36.01
C LYS A 72 -0.68 50.65 -35.49
N PRO A 73 -1.11 51.91 -35.63
CA PRO A 73 -2.39 52.41 -35.09
C PRO A 73 -3.62 51.66 -35.60
N GLU A 74 -3.73 51.42 -36.90
CA GLU A 74 -4.87 50.68 -37.46
C GLU A 74 -4.96 49.27 -36.89
N ALA A 75 -3.81 48.64 -36.67
CA ALA A 75 -3.77 47.28 -36.16
C ALA A 75 -4.11 47.19 -34.68
N MET A 76 -3.60 48.13 -33.89
CA MET A 76 -3.79 48.11 -32.44
C MET A 76 -5.24 48.41 -32.07
N MET A 77 -5.96 49.02 -33.01
CA MET A 77 -7.37 49.38 -32.81
C MET A 77 -8.27 48.13 -32.75
N LYS A 78 -7.82 47.05 -33.40
CA LYS A 78 -8.58 45.81 -33.43
C LYS A 78 -8.33 45.00 -32.16
N LYS A 79 -7.42 45.48 -31.33
CA LYS A 79 -7.07 44.80 -30.10
C LYS A 79 -7.08 45.79 -28.94
N MET A 80 -8.18 46.52 -28.81
CA MET A 80 -8.29 47.60 -27.85
C MET A 80 -9.77 47.75 -27.49
N SER A 81 -10.04 48.32 -26.30
CA SER A 81 -11.41 48.62 -25.90
C SER A 81 -12.00 49.66 -26.86
N GLU A 82 -13.32 49.64 -27.03
CA GLU A 82 -14.01 50.59 -27.90
C GLU A 82 -13.70 52.03 -27.51
N LYS A 83 -13.56 52.25 -26.21
CA LYS A 83 -13.27 53.57 -25.66
C LYS A 83 -11.93 54.08 -26.17
N GLY A 84 -10.90 53.24 -26.05
CA GLY A 84 -9.57 53.60 -26.52
C GLY A 84 -9.46 53.63 -28.04
N ALA A 85 -10.12 52.70 -28.70
CA ALA A 85 -10.07 52.61 -30.15
C ALA A 85 -10.77 53.81 -30.81
N SER A 86 -11.66 54.44 -30.06
CA SER A 86 -12.37 55.64 -30.53
C SER A 86 -11.43 56.84 -30.59
N ILE A 87 -10.57 56.96 -29.57
CA ILE A 87 -9.56 58.02 -29.50
C ILE A 87 -8.49 57.84 -30.58
N VAL A 88 -8.03 56.60 -30.76
CA VAL A 88 -7.04 56.28 -31.78
C VAL A 88 -7.56 56.58 -33.18
N ALA A 89 -8.81 56.21 -33.43
CA ALA A 89 -9.45 56.46 -34.72
C ALA A 89 -9.39 57.95 -35.08
N ASN A 90 -9.64 58.80 -34.08
CA ASN A 90 -9.53 60.25 -34.29
C ASN A 90 -8.10 60.66 -34.62
N LEU A 91 -7.16 60.26 -33.76
CA LEU A 91 -5.74 60.58 -33.94
C LEU A 91 -5.23 60.19 -35.34
N ILE A 92 -5.69 59.04 -35.82
CA ILE A 92 -5.39 58.62 -37.18
C ILE A 92 -5.98 59.59 -38.21
N SER A 93 -7.22 60.02 -37.97
CA SER A 93 -7.90 60.91 -38.89
C SER A 93 -7.25 62.29 -38.98
N VAL A 94 -7.13 62.99 -37.85
CA VAL A 94 -6.60 64.36 -37.87
C VAL A 94 -5.13 64.44 -38.26
N TYR A 95 -4.31 63.53 -37.74
CA TYR A 95 -2.88 63.58 -38.01
C TYR A 95 -2.43 62.73 -39.20
N GLN A 96 -3.39 62.04 -39.82
CA GLN A 96 -3.13 61.20 -40.99
C GLN A 96 -2.03 60.18 -40.72
N LEU A 97 -2.16 59.48 -39.59
CA LEU A 97 -1.14 58.52 -39.15
C LEU A 97 -0.98 57.35 -40.11
N LYS A 98 0.25 56.93 -40.31
CA LYS A 98 0.54 55.79 -41.18
C LYS A 98 1.15 54.64 -40.39
N GLU A 99 1.09 53.43 -40.97
CA GLU A 99 1.49 52.21 -40.27
C GLU A 99 3.00 51.96 -40.37
N GLY A 100 3.71 52.86 -41.04
CA GLY A 100 5.15 52.69 -41.25
C GLY A 100 5.58 53.09 -42.66
N ASN A 101 6.84 52.83 -42.99
CA ASN A 101 7.41 53.20 -44.29
C ASN A 101 7.11 54.66 -44.67
N PRO A 102 7.54 55.60 -43.82
CA PRO A 102 7.10 57.00 -43.94
C PRO A 102 7.85 57.78 -45.01
N GLY A 103 7.21 58.83 -45.52
CA GLY A 103 7.85 59.76 -46.42
C GLY A 103 8.04 61.11 -45.74
N ARG A 104 8.40 62.12 -46.52
CA ARG A 104 8.68 63.47 -46.00
C ARG A 104 7.53 64.07 -45.16
N ASP A 105 6.32 64.00 -45.70
CA ASP A 105 5.17 64.62 -45.06
C ASP A 105 4.37 63.64 -44.20
N THR A 106 4.97 62.49 -43.91
CA THR A 106 4.29 61.43 -43.17
C THR A 106 4.48 61.57 -41.67
N ILE A 107 3.39 61.40 -40.91
CA ILE A 107 3.46 61.35 -39.46
C ILE A 107 3.18 59.94 -38.94
N THR A 108 4.10 59.43 -38.12
CA THR A 108 3.91 58.16 -37.43
C THR A 108 4.04 58.39 -35.93
N LEU A 109 3.54 57.45 -35.14
CA LEU A 109 3.69 57.51 -33.68
C LEU A 109 5.16 57.61 -33.27
N SER A 110 6.02 56.84 -33.94
CA SER A 110 7.46 56.89 -33.69
C SER A 110 8.01 58.28 -33.91
N ARG A 111 7.60 58.90 -35.02
CA ARG A 111 8.07 60.24 -35.36
C ARG A 111 7.64 61.26 -34.31
N VAL A 112 6.47 61.05 -33.73
CA VAL A 112 5.98 61.94 -32.68
C VAL A 112 6.80 61.81 -31.40
N SER A 113 7.06 60.58 -30.99
CA SER A 113 7.87 60.32 -29.81
C SER A 113 9.29 60.88 -29.97
N ALA A 114 9.80 60.87 -31.21
CA ALA A 114 11.15 61.34 -31.48
C ALA A 114 11.24 62.86 -31.50
N ALA A 115 10.31 63.51 -32.21
CA ALA A 115 10.31 64.96 -32.30
C ALA A 115 9.96 65.62 -30.96
N PHE A 116 9.01 65.02 -30.24
CA PHE A 116 8.59 65.53 -28.94
C PHE A 116 9.24 64.75 -27.81
N VAL A 117 10.47 64.29 -28.05
CA VAL A 117 11.23 63.53 -27.05
C VAL A 117 11.38 64.20 -25.66
N PRO A 118 11.42 65.55 -25.58
CA PRO A 118 11.48 66.10 -24.22
C PRO A 118 10.27 65.74 -23.34
N TRP A 119 9.18 65.27 -23.92
CA TRP A 119 8.07 64.76 -23.12
C TRP A 119 8.10 63.23 -23.04
N THR A 120 8.42 62.60 -24.17
CA THR A 120 8.59 61.15 -24.24
C THR A 120 9.47 60.67 -23.10
N VAL A 121 10.56 61.38 -22.89
CA VAL A 121 11.57 61.02 -21.92
C VAL A 121 11.05 61.14 -20.48
N GLN A 122 9.94 61.84 -20.30
CA GLN A 122 9.34 62.02 -18.98
C GLN A 122 8.20 61.05 -18.71
N ALA A 123 7.52 60.63 -19.77
CA ALA A 123 6.47 59.62 -19.66
C ALA A 123 7.06 58.26 -19.29
N LEU A 124 8.26 57.99 -19.79
CA LEU A 124 8.97 56.73 -19.54
C LEU A 124 9.14 56.45 -18.04
N ARG A 125 9.33 57.50 -17.26
CA ARG A 125 9.47 57.39 -15.81
C ARG A 125 8.24 56.74 -15.17
N VAL A 126 7.09 56.95 -15.79
CA VAL A 126 5.81 56.50 -15.25
C VAL A 126 5.33 55.19 -15.87
N LEU A 127 5.75 54.92 -17.10
CA LEU A 127 5.24 53.80 -17.89
C LEU A 127 6.09 52.54 -17.85
N SER A 128 7.28 52.64 -17.24
CA SER A 128 8.32 51.62 -17.34
C SER A 128 7.85 50.16 -17.29
N GLU A 129 6.81 49.89 -16.51
CA GLU A 129 6.33 48.51 -16.38
C GLU A 129 5.30 48.11 -17.44
N SER A 130 4.89 49.07 -18.26
CA SER A 130 3.94 48.79 -19.33
C SER A 130 4.61 48.78 -20.70
N LEU A 131 5.92 48.98 -20.72
CA LEU A 131 6.73 48.98 -21.95
C LEU A 131 6.94 47.56 -22.47
N PRO A 132 7.23 47.42 -23.78
CA PRO A 132 7.54 46.12 -24.39
C PRO A 132 8.65 45.41 -23.63
N VAL A 133 9.70 46.15 -23.30
CA VAL A 133 10.70 45.70 -22.35
C VAL A 133 10.49 46.48 -21.06
N SER A 134 10.18 45.79 -19.97
CA SER A 134 9.88 46.46 -18.69
C SER A 134 11.14 46.99 -18.02
N GLY A 135 10.97 47.99 -17.16
CA GLY A 135 12.07 48.52 -16.36
C GLY A 135 12.71 47.43 -15.52
N THR A 136 11.90 46.55 -14.94
CA THR A 136 12.40 45.46 -14.11
C THR A 136 13.24 44.47 -14.92
N THR A 137 12.88 44.28 -16.18
CA THR A 137 13.64 43.42 -17.07
C THR A 137 14.99 44.05 -17.38
N MET A 138 14.98 45.35 -17.65
CA MET A 138 16.23 46.09 -17.87
C MET A 138 17.10 46.16 -16.62
N ASP A 139 16.45 46.26 -15.45
CA ASP A 139 17.13 46.29 -14.16
C ASP A 139 17.89 45.00 -13.87
N ALA A 140 17.51 43.91 -14.55
CA ALA A 140 18.15 42.62 -14.33
C ALA A 140 19.30 42.43 -15.32
N ILE A 141 19.10 42.93 -16.54
CA ILE A 141 20.14 42.89 -17.57
C ILE A 141 21.32 43.76 -17.18
N ALA A 142 21.05 45.02 -16.85
CA ALA A 142 22.03 45.86 -16.18
C ALA A 142 22.08 45.38 -14.73
N GLY A 143 23.22 45.54 -14.07
CA GLY A 143 23.29 45.13 -12.68
C GLY A 143 22.74 46.20 -11.75
N VAL A 144 22.07 47.18 -12.35
CA VAL A 144 21.62 48.37 -11.65
C VAL A 144 20.23 48.76 -12.09
N THR A 145 19.69 49.82 -11.49
CA THR A 145 18.42 50.37 -11.97
C THR A 145 18.66 51.16 -13.26
N TYR A 146 18.23 50.60 -14.37
CA TYR A 146 18.44 51.21 -15.68
C TYR A 146 17.63 52.49 -15.79
N PRO A 147 18.28 53.59 -16.23
CA PRO A 147 17.62 54.90 -16.38
C PRO A 147 16.41 54.79 -17.28
N ARG A 148 15.22 55.00 -16.70
CA ARG A 148 13.95 54.85 -17.41
C ARG A 148 13.89 55.73 -18.65
N ALA A 149 14.56 56.88 -18.57
CA ALA A 149 14.59 57.85 -19.65
C ALA A 149 15.20 57.31 -20.96
N MET A 150 16.02 56.27 -20.84
CA MET A 150 16.71 55.70 -21.99
C MET A 150 15.89 54.60 -22.67
N MET A 151 14.77 54.24 -22.05
CA MET A 151 14.03 53.04 -22.49
C MET A 151 13.11 53.27 -23.69
N HIS A 152 13.66 53.94 -24.70
CA HIS A 152 13.00 54.14 -25.97
C HIS A 152 14.03 54.62 -27.00
N PRO A 153 13.86 54.23 -28.28
CA PRO A 153 14.78 54.66 -29.33
C PRO A 153 14.92 56.18 -29.43
N SER A 154 13.82 56.91 -29.18
CA SER A 154 13.83 58.36 -29.26
C SER A 154 14.86 59.05 -28.36
N PHE A 155 15.35 58.34 -27.35
CA PHE A 155 16.34 58.92 -26.44
C PHE A 155 17.62 59.32 -27.17
N ALA A 156 17.92 58.63 -28.27
CA ALA A 156 19.12 58.91 -29.05
C ALA A 156 19.15 60.36 -29.52
N GLY A 157 17.96 60.92 -29.75
CA GLY A 157 17.83 62.28 -30.24
C GLY A 157 18.35 63.37 -29.33
N ILE A 158 18.51 63.07 -28.04
CA ILE A 158 19.00 64.06 -27.09
C ILE A 158 20.42 63.76 -26.60
N ILE A 159 21.06 62.78 -27.23
CA ILE A 159 22.44 62.46 -26.86
C ILE A 159 23.43 63.41 -27.54
N ASP A 160 24.32 64.00 -26.74
CA ASP A 160 25.43 64.80 -27.26
C ASP A 160 26.72 63.98 -27.23
N LEU A 161 27.17 63.53 -28.40
CA LEU A 161 28.34 62.68 -28.50
C LEU A 161 29.64 63.44 -28.22
N ASP A 162 29.54 64.77 -28.21
CA ASP A 162 30.72 65.61 -28.05
C ASP A 162 30.95 66.08 -26.61
N LEU A 163 30.18 65.51 -25.68
CA LEU A 163 30.39 65.77 -24.25
C LEU A 163 31.80 65.32 -23.86
N PRO A 164 32.47 66.12 -23.01
CA PRO A 164 33.86 65.89 -22.58
C PRO A 164 34.08 64.48 -22.00
N ASN A 165 35.31 63.99 -22.12
CA ASN A 165 35.72 62.71 -21.53
C ASN A 165 34.96 61.50 -22.06
N GLY A 166 34.42 61.64 -23.27
CA GLY A 166 33.66 60.56 -23.89
C GLY A 166 32.40 60.20 -23.13
N ALA A 167 31.85 61.17 -22.39
CA ALA A 167 30.61 60.93 -21.66
C ALA A 167 29.48 60.64 -22.63
N GLY A 168 29.50 61.32 -23.78
CA GLY A 168 28.54 61.09 -24.83
C GLY A 168 28.60 59.67 -25.36
N ALA A 169 29.81 59.17 -25.54
CA ALA A 169 30.00 57.79 -25.99
C ALA A 169 29.47 56.80 -24.95
N THR A 170 29.77 57.08 -23.68
CA THR A 170 29.28 56.23 -22.58
C THR A 170 27.76 56.20 -22.56
N ILE A 171 27.14 57.38 -22.74
CA ILE A 171 25.68 57.48 -22.75
C ILE A 171 25.10 56.66 -23.91
N ALA A 172 25.75 56.74 -25.06
CA ALA A 172 25.36 55.96 -26.23
C ALA A 172 25.43 54.45 -25.94
N ASP A 173 26.51 54.03 -25.27
CA ASP A 173 26.67 52.64 -24.90
C ASP A 173 25.54 52.16 -23.98
N ALA A 174 25.25 52.94 -22.94
CA ALA A 174 24.19 52.57 -21.99
C ALA A 174 22.83 52.48 -22.70
N HIS A 175 22.60 53.39 -23.66
CA HIS A 175 21.37 53.36 -24.43
C HIS A 175 21.34 52.14 -25.34
N GLY A 176 22.51 51.74 -25.84
CA GLY A 176 22.62 50.58 -26.70
C GLY A 176 22.19 49.30 -26.02
N LEU A 177 22.44 49.23 -24.71
CA LEU A 177 22.06 48.06 -23.91
C LEU A 177 20.56 47.82 -24.01
N PHE A 178 19.77 48.90 -23.92
CA PHE A 178 18.33 48.81 -24.09
C PHE A 178 17.95 48.51 -25.54
N MET A 179 18.62 49.17 -26.46
CA MET A 179 18.27 49.06 -27.88
C MET A 179 18.32 47.63 -28.42
N ILE A 180 19.23 46.80 -27.90
CA ILE A 180 19.30 45.41 -28.38
C ILE A 180 18.12 44.58 -27.86
N GLU A 181 17.71 44.84 -26.61
CA GLU A 181 16.57 44.15 -26.02
C GLU A 181 15.28 44.57 -26.71
N PHE A 182 15.17 45.87 -26.99
CA PHE A 182 14.02 46.41 -27.68
C PHE A 182 13.91 45.85 -29.11
N SER A 183 15.04 45.77 -29.81
CA SER A 183 15.05 45.29 -31.19
C SER A 183 14.71 43.81 -31.28
N LYS A 184 15.09 43.04 -30.26
CA LYS A 184 14.82 41.61 -30.25
C LYS A 184 13.35 41.33 -29.96
N THR A 185 12.72 42.22 -29.20
CA THR A 185 11.31 42.04 -28.84
C THR A 185 10.38 42.32 -30.02
N ILE A 186 10.62 43.40 -30.75
CA ILE A 186 9.75 43.75 -31.88
C ILE A 186 10.13 43.04 -33.18
N ASN A 187 11.28 42.38 -33.16
CA ASN A 187 11.73 41.60 -34.31
C ASN A 187 12.26 40.23 -33.87
N PRO A 188 11.35 39.25 -33.75
CA PRO A 188 11.64 37.91 -33.20
C PRO A 188 12.78 37.21 -33.92
N SER A 189 12.99 37.52 -35.19
CA SER A 189 14.07 36.88 -35.95
C SER A 189 15.45 37.17 -35.37
N LEU A 190 15.57 38.27 -34.62
CA LEU A 190 16.83 38.68 -34.03
C LEU A 190 17.09 38.05 -32.66
N ARG A 191 16.11 37.30 -32.15
CA ARG A 191 16.21 36.76 -30.79
C ARG A 191 17.29 35.68 -30.62
N THR A 192 17.68 35.07 -31.74
CA THR A 192 18.71 34.02 -31.73
C THR A 192 20.08 34.58 -32.10
N LYS A 193 20.12 35.85 -32.48
CA LYS A 193 21.37 36.49 -32.91
C LYS A 193 22.23 36.92 -31.72
N GLN A 194 23.49 37.25 -32.01
CA GLN A 194 24.42 37.73 -30.99
C GLN A 194 24.30 39.25 -30.85
N ALA A 195 24.81 39.78 -29.74
CA ALA A 195 24.70 41.21 -29.43
C ALA A 195 25.18 42.14 -30.56
N ASN A 196 26.37 41.86 -31.10
CA ASN A 196 26.91 42.65 -32.18
C ASN A 196 26.06 42.60 -33.45
N GLU A 197 25.45 41.45 -33.71
CA GLU A 197 24.58 41.27 -34.89
C GLU A 197 23.31 42.09 -34.74
N VAL A 198 22.76 42.09 -33.53
CA VAL A 198 21.56 42.86 -33.23
C VAL A 198 21.88 44.36 -33.26
N ALA A 199 23.01 44.74 -32.67
CA ALA A 199 23.45 46.13 -32.67
C ALA A 199 23.56 46.66 -34.10
N ALA A 200 24.03 45.81 -35.02
CA ALA A 200 24.15 46.19 -36.42
C ALA A 200 22.82 46.58 -37.06
N THR A 201 21.71 46.04 -36.54
CA THR A 201 20.40 46.33 -37.13
C THR A 201 19.89 47.73 -36.82
N PHE A 202 20.42 48.35 -35.78
CA PHE A 202 19.95 49.68 -35.39
C PHE A 202 20.99 50.80 -35.42
N GLU A 203 22.27 50.48 -35.36
CA GLU A 203 23.27 51.52 -35.12
C GLU A 203 23.43 52.57 -36.23
N LYS A 204 22.89 52.30 -37.42
CA LYS A 204 22.93 53.29 -38.49
C LYS A 204 21.86 54.40 -38.33
N PRO A 205 20.56 54.03 -38.23
CA PRO A 205 19.60 55.11 -37.98
C PRO A 205 19.75 55.71 -36.58
N ASN A 206 20.33 54.94 -35.65
CA ASN A 206 20.62 55.42 -34.30
C ASN A 206 21.71 56.51 -34.29
N MET A 207 22.72 56.33 -35.13
CA MET A 207 23.77 57.35 -35.27
C MET A 207 23.20 58.63 -35.87
N ALA A 208 22.31 58.49 -36.85
CA ALA A 208 21.66 59.63 -37.48
C ALA A 208 20.88 60.46 -36.46
N ALA A 209 20.32 59.78 -35.47
CA ALA A 209 19.56 60.46 -34.41
C ALA A 209 20.49 61.24 -33.47
N MET A 210 21.60 60.62 -33.08
CA MET A 210 22.55 61.24 -32.18
C MET A 210 23.32 62.39 -32.83
N SER A 211 23.54 62.30 -34.14
CA SER A 211 24.27 63.34 -34.88
C SER A 211 23.33 64.35 -35.52
N GLY A 212 22.05 64.26 -35.17
CA GLY A 212 21.07 65.22 -35.62
C GLY A 212 21.34 66.59 -35.04
N ARG A 213 20.87 67.63 -35.71
CA ARG A 213 21.15 68.99 -35.29
C ARG A 213 19.89 69.80 -35.01
N PHE A 214 18.78 69.10 -34.77
CA PHE A 214 17.53 69.75 -34.38
C PHE A 214 17.72 70.40 -33.02
N PHE A 215 18.35 69.69 -32.10
CA PHE A 215 18.73 70.25 -30.80
C PHE A 215 20.18 70.72 -30.80
N THR A 216 20.43 71.87 -30.21
CA THR A 216 21.80 72.36 -30.03
C THR A 216 22.47 71.54 -28.93
N ARG A 217 23.78 71.68 -28.80
CA ARG A 217 24.52 71.02 -27.73
C ARG A 217 24.02 71.47 -26.36
N GLU A 218 23.71 72.76 -26.25
CA GLU A 218 23.23 73.33 -25.00
C GLU A 218 21.86 72.78 -24.63
N ASP A 219 21.06 72.43 -25.64
CA ASP A 219 19.74 71.83 -25.44
C ASP A 219 19.84 70.41 -24.91
N LYS A 220 20.71 69.62 -25.54
CA LYS A 220 20.90 68.24 -25.13
C LYS A 220 21.50 68.19 -23.74
N LYS A 221 22.43 69.10 -23.48
CA LYS A 221 23.05 69.21 -22.16
C LYS A 221 21.96 69.45 -21.11
N LYS A 222 21.05 70.37 -21.42
CA LYS A 222 19.95 70.70 -20.52
C LYS A 222 19.00 69.52 -20.33
N LEU A 223 18.66 68.85 -21.43
CA LEU A 223 17.79 67.67 -21.39
C LEU A 223 18.38 66.53 -20.57
N LEU A 224 19.64 66.19 -20.85
CA LEU A 224 20.31 65.10 -20.14
C LEU A 224 20.40 65.36 -18.65
N ILE A 225 20.67 66.60 -18.28
CA ILE A 225 20.71 67.00 -16.88
C ILE A 225 19.31 66.90 -16.27
N ALA A 226 18.32 67.41 -16.98
CA ALA A 226 16.94 67.43 -16.51
C ALA A 226 16.41 66.03 -16.17
N VAL A 227 16.94 65.02 -16.84
CA VAL A 227 16.39 63.67 -16.72
C VAL A 227 17.34 62.73 -15.95
N GLY A 228 18.42 63.28 -15.42
CA GLY A 228 19.27 62.56 -14.48
C GLY A 228 20.40 61.71 -15.04
N ILE A 229 20.69 61.84 -16.34
CA ILE A 229 21.79 61.11 -16.96
C ILE A 229 23.15 61.68 -16.55
N ILE A 230 23.26 63.00 -16.54
CA ILE A 230 24.43 63.70 -15.99
C ILE A 230 23.97 64.77 -14.99
N ASP A 231 24.87 65.23 -14.13
CA ASP A 231 24.56 66.36 -13.25
C ASP A 231 25.04 67.67 -13.88
N GLU A 232 24.91 68.77 -13.13
CA GLU A 232 25.28 70.09 -13.65
C GLU A 232 26.79 70.19 -13.89
N ASP A 233 27.55 69.29 -13.28
CA ASP A 233 28.99 69.25 -13.45
C ASP A 233 29.40 68.28 -14.56
N LEU A 234 28.40 67.79 -15.29
CA LEU A 234 28.62 66.87 -16.41
C LEU A 234 29.14 65.50 -15.97
N VAL A 235 28.90 65.16 -14.71
CA VAL A 235 29.28 63.84 -14.18
C VAL A 235 28.20 62.81 -14.46
N LEU A 236 28.61 61.66 -14.99
CA LEU A 236 27.66 60.59 -15.32
C LEU A 236 27.16 59.88 -14.08
N ALA A 237 25.88 59.57 -14.05
CA ALA A 237 25.32 58.72 -12.99
C ALA A 237 25.93 57.32 -13.13
N SER A 238 26.23 56.69 -12.00
CA SER A 238 26.90 55.39 -12.00
C SER A 238 26.12 54.34 -12.78
N ALA A 239 24.79 54.42 -12.71
CA ALA A 239 23.93 53.48 -13.43
C ALA A 239 24.17 53.54 -14.92
N VAL A 240 24.48 54.72 -15.43
CA VAL A 240 24.76 54.89 -16.85
C VAL A 240 26.09 54.23 -17.23
N VAL A 241 27.14 54.47 -16.44
CA VAL A 241 28.46 53.92 -16.77
C VAL A 241 28.53 52.40 -16.60
N ARG A 242 27.71 51.85 -15.71
CA ARG A 242 27.70 50.40 -15.50
C ARG A 242 26.85 49.70 -16.55
N SER A 243 25.78 50.38 -16.97
CA SER A 243 24.99 49.89 -18.10
C SER A 243 25.82 49.96 -19.37
N ALA A 244 26.67 50.99 -19.45
CA ALA A 244 27.54 51.18 -20.62
C ALA A 244 28.57 50.06 -20.74
N GLU A 245 29.19 49.69 -19.62
CA GLU A 245 30.25 48.68 -19.67
C GLU A 245 29.68 47.27 -19.89
N LYS A 246 28.42 47.07 -19.54
CA LYS A 246 27.76 45.82 -19.83
C LYS A 246 27.45 45.69 -21.32
N TYR A 247 27.23 46.83 -21.96
CA TYR A 247 26.99 46.87 -23.39
C TYR A 247 28.28 46.56 -24.15
N ARG A 248 29.37 47.23 -23.79
CA ARG A 248 30.66 47.01 -24.46
C ARG A 248 31.13 45.57 -24.35
N ALA A 249 30.81 44.92 -23.24
CA ALA A 249 31.20 43.52 -23.02
C ALA A 249 30.41 42.58 -23.94
N LYS A 250 29.16 42.93 -24.22
CA LYS A 250 28.30 42.14 -25.10
C LYS A 250 28.73 42.19 -26.56
N VAL A 251 29.13 43.37 -27.02
CA VAL A 251 29.45 43.60 -28.43
C VAL A 251 30.85 43.08 -28.81
N GLY A 252 31.70 42.87 -27.81
CA GLY A 252 33.04 42.31 -28.03
C GLY A 252 33.22 40.94 -27.36
N GLU B 4 14.16 77.46 -34.38
CA GLU B 4 13.99 78.27 -33.18
C GLU B 4 12.52 78.56 -32.84
N ASN B 5 11.64 78.26 -33.79
CA ASN B 5 10.20 78.47 -33.62
C ASN B 5 9.60 77.22 -32.97
N TYR B 6 9.46 76.19 -33.80
CA TYR B 6 9.04 74.85 -33.44
C TYR B 6 10.00 74.11 -32.50
N ARG B 7 11.22 74.64 -32.37
CA ARG B 7 12.15 74.11 -31.39
C ARG B 7 11.68 74.47 -29.99
N ASP B 8 11.29 75.73 -29.80
CA ASP B 8 10.82 76.22 -28.51
C ASP B 8 9.51 75.54 -28.08
N ILE B 9 8.70 75.15 -29.07
CA ILE B 9 7.48 74.42 -28.79
C ILE B 9 7.81 73.05 -28.22
N ALA B 10 8.73 72.35 -28.88
CA ALA B 10 9.19 71.04 -28.41
C ALA B 10 9.82 71.14 -27.02
N LEU B 11 10.71 72.12 -26.85
CA LEU B 11 11.34 72.38 -25.55
C LEU B 11 10.35 72.67 -24.44
N ALA B 12 9.21 73.30 -24.76
CA ALA B 12 8.21 73.64 -23.76
C ALA B 12 7.56 72.40 -23.15
N PHE B 13 7.60 71.29 -23.90
CA PHE B 13 7.03 70.03 -23.44
C PHE B 13 7.85 69.41 -22.30
N LEU B 14 9.03 69.95 -22.07
CA LEU B 14 9.85 69.54 -20.95
C LEU B 14 9.16 69.94 -19.63
N ASP B 15 8.48 71.08 -19.67
CA ASP B 15 7.76 71.59 -18.50
C ASP B 15 6.26 71.31 -18.59
N GLU B 16 5.85 70.59 -19.62
CA GLU B 16 4.45 70.20 -19.76
C GLU B 16 4.13 69.08 -18.77
N SER B 17 2.91 69.06 -18.26
CA SER B 17 2.51 68.10 -17.23
C SER B 17 2.60 66.65 -17.67
N ALA B 18 2.99 65.79 -16.72
CA ALA B 18 3.04 64.35 -16.95
C ALA B 18 2.51 63.63 -15.72
N ASP B 19 1.24 63.88 -15.38
CA ASP B 19 0.64 63.31 -14.19
C ASP B 19 0.55 61.78 -14.27
N SER B 20 1.10 61.10 -13.27
CA SER B 20 1.09 59.65 -13.21
C SER B 20 -0.32 59.10 -13.31
N GLY B 21 -1.26 59.75 -12.62
CA GLY B 21 -2.64 59.31 -12.62
C GLY B 21 -3.28 59.32 -14.00
N THR B 22 -3.11 60.44 -14.69
CA THR B 22 -3.73 60.64 -16.00
C THR B 22 -3.08 59.78 -17.09
N ILE B 23 -1.76 59.60 -16.99
CA ILE B 23 -1.04 58.77 -17.94
C ILE B 23 -1.41 57.28 -17.79
N ASN B 24 -1.50 56.80 -16.55
CA ASN B 24 -1.90 55.43 -16.28
C ASN B 24 -3.31 55.13 -16.77
N ALA B 25 -4.18 56.14 -16.73
CA ALA B 25 -5.54 56.00 -17.23
C ALA B 25 -5.52 55.79 -18.76
N TRP B 26 -4.61 56.49 -19.43
CA TRP B 26 -4.41 56.32 -20.87
C TRP B 26 -3.88 54.93 -21.21
N VAL B 27 -2.96 54.44 -20.39
CA VAL B 27 -2.37 53.12 -20.58
C VAL B 27 -3.43 52.03 -20.54
N ASN B 28 -4.32 52.11 -19.55
CA ASN B 28 -5.39 51.13 -19.40
C ASN B 28 -6.39 51.19 -20.54
N GLU B 29 -6.66 52.40 -21.03
CA GLU B 29 -7.53 52.58 -22.18
C GLU B 29 -6.92 51.97 -23.43
N PHE B 30 -5.63 52.26 -23.64
CA PHE B 30 -4.91 51.80 -24.83
C PHE B 30 -4.38 50.39 -24.65
N ALA B 31 -4.63 49.79 -23.49
CA ALA B 31 -4.10 48.47 -23.18
C ALA B 31 -4.56 47.41 -24.17
N TYR B 32 -3.72 46.42 -24.39
CA TYR B 32 -4.06 45.30 -25.25
C TYR B 32 -5.31 44.60 -24.70
N GLN B 33 -6.26 44.31 -25.59
CA GLN B 33 -7.42 43.50 -25.24
C GLN B 33 -7.61 42.38 -26.26
N GLY B 34 -7.54 41.14 -25.79
CA GLY B 34 -7.68 39.99 -26.66
C GLY B 34 -9.02 39.94 -27.36
N PHE B 35 -10.09 40.06 -26.57
CA PHE B 35 -11.44 40.04 -27.11
C PHE B 35 -12.43 40.59 -26.10
N ASP B 36 -13.66 40.84 -26.56
CA ASP B 36 -14.75 41.30 -25.72
C ASP B 36 -15.79 40.19 -25.60
N PRO B 37 -15.94 39.63 -24.39
CA PRO B 37 -16.91 38.56 -24.12
C PRO B 37 -18.32 38.98 -24.52
N LYS B 38 -18.67 40.22 -24.18
CA LYS B 38 -19.97 40.79 -24.52
C LYS B 38 -20.25 40.71 -26.02
N ARG B 39 -19.23 40.97 -26.83
CA ARG B 39 -19.35 40.94 -28.27
C ARG B 39 -19.53 39.51 -28.76
N ILE B 40 -18.85 38.57 -28.09
CA ILE B 40 -18.89 37.17 -28.47
C ILE B 40 -20.29 36.59 -28.32
N VAL B 41 -20.90 36.77 -27.15
CA VAL B 41 -22.26 36.28 -26.94
C VAL B 41 -23.24 36.92 -27.92
N GLN B 42 -23.02 38.20 -28.22
CA GLN B 42 -23.87 38.90 -29.18
C GLN B 42 -23.82 38.22 -30.54
N LEU B 43 -22.61 38.03 -31.05
CA LEU B 43 -22.39 37.43 -32.36
C LEU B 43 -22.93 35.98 -32.43
N VAL B 44 -22.64 35.21 -31.40
CA VAL B 44 -23.12 33.82 -31.35
C VAL B 44 -24.64 33.76 -31.47
N LYS B 45 -25.33 34.59 -30.70
CA LYS B 45 -26.79 34.66 -30.74
C LYS B 45 -27.30 35.14 -32.10
N GLU B 46 -26.70 36.19 -32.64
CA GLU B 46 -27.13 36.72 -33.93
C GLU B 46 -26.86 35.75 -35.10
N ARG B 47 -25.62 35.30 -35.22
CA ARG B 47 -25.25 34.39 -36.31
C ARG B 47 -26.02 33.07 -36.23
N GLY B 48 -26.29 32.62 -35.00
CA GLY B 48 -27.04 31.39 -34.79
C GLY B 48 -28.51 31.49 -35.14
N THR B 49 -29.17 32.52 -34.64
CA THR B 49 -30.58 32.75 -34.93
C THR B 49 -30.80 33.05 -36.41
N ALA B 50 -29.82 33.70 -37.05
CA ALA B 50 -29.93 34.07 -38.46
C ALA B 50 -29.99 32.84 -39.36
N LYS B 51 -29.42 31.73 -38.87
CA LYS B 51 -29.41 30.49 -39.62
C LYS B 51 -30.47 29.52 -39.07
N GLY B 52 -31.30 30.03 -38.17
CA GLY B 52 -32.37 29.23 -37.57
C GLY B 52 -31.86 28.00 -36.84
N ARG B 53 -30.97 28.22 -35.87
CA ARG B 53 -30.38 27.11 -35.13
C ARG B 53 -30.69 27.21 -33.64
N ASP B 54 -30.63 26.07 -32.95
CA ASP B 54 -30.63 26.06 -31.49
C ASP B 54 -29.24 26.52 -31.05
N TRP B 55 -29.04 27.84 -31.02
CA TRP B 55 -27.72 28.40 -30.80
C TRP B 55 -27.17 28.10 -29.41
N LYS B 56 -28.05 28.01 -28.42
CA LYS B 56 -27.66 27.66 -27.06
C LYS B 56 -27.05 26.27 -27.01
N LYS B 57 -27.62 25.37 -27.80
CA LYS B 57 -27.10 24.02 -27.91
C LYS B 57 -25.76 24.04 -28.65
N ASP B 58 -25.68 24.83 -29.71
CA ASP B 58 -24.44 25.00 -30.47
C ASP B 58 -23.32 25.52 -29.57
N VAL B 59 -23.67 26.42 -28.64
CA VAL B 59 -22.71 26.92 -27.67
C VAL B 59 -22.12 25.77 -26.86
N LYS B 60 -22.99 24.88 -26.40
CA LYS B 60 -22.57 23.73 -25.61
C LYS B 60 -21.63 22.83 -26.39
N MET B 61 -21.98 22.55 -27.64
CA MET B 61 -21.18 21.69 -28.50
C MET B 61 -19.82 22.31 -28.80
N MET B 62 -19.81 23.61 -29.04
CA MET B 62 -18.56 24.32 -29.28
C MET B 62 -17.65 24.30 -28.06
N ILE B 63 -18.25 24.43 -26.88
CA ILE B 63 -17.49 24.41 -25.62
C ILE B 63 -16.88 23.02 -25.39
N VAL B 64 -17.70 21.97 -25.52
CA VAL B 64 -17.24 20.60 -25.37
C VAL B 64 -16.13 20.31 -26.38
N LEU B 65 -16.32 20.78 -27.61
CA LEU B 65 -15.31 20.65 -28.67
C LEU B 65 -14.01 21.33 -28.28
N ASN B 66 -14.12 22.53 -27.75
CA ASN B 66 -12.95 23.29 -27.29
C ASN B 66 -12.23 22.62 -26.14
N LEU B 67 -12.99 22.00 -25.24
CA LEU B 67 -12.42 21.31 -24.08
C LEU B 67 -11.60 20.09 -24.49
N VAL B 68 -12.04 19.37 -25.52
CA VAL B 68 -11.39 18.10 -25.88
C VAL B 68 -10.45 18.19 -27.07
N ARG B 69 -10.58 19.22 -27.89
CA ARG B 69 -9.77 19.33 -29.10
C ARG B 69 -8.95 20.61 -29.23
N GLY B 70 -9.30 21.62 -28.45
CA GLY B 70 -8.54 22.86 -28.45
C GLY B 70 -9.15 23.97 -29.29
N ASN B 71 -8.31 24.71 -30.00
CA ASN B 71 -8.74 25.94 -30.67
C ASN B 71 -8.39 26.01 -32.16
N LYS B 72 -8.20 24.86 -32.80
CA LYS B 72 -7.93 24.81 -34.23
C LYS B 72 -8.94 23.96 -34.99
N PRO B 73 -10.08 24.56 -35.36
CA PRO B 73 -11.24 23.90 -35.98
C PRO B 73 -10.91 23.14 -37.26
N GLU B 74 -10.23 23.79 -38.19
CA GLU B 74 -9.87 23.15 -39.45
C GLU B 74 -8.93 21.96 -39.26
N ALA B 75 -8.02 22.11 -38.32
CA ALA B 75 -7.01 21.08 -38.03
C ALA B 75 -7.60 19.84 -37.36
N MET B 76 -8.51 20.06 -36.42
CA MET B 76 -9.07 18.96 -35.63
C MET B 76 -10.00 18.07 -36.47
N MET B 77 -10.55 18.64 -37.54
CA MET B 77 -11.41 17.87 -38.44
C MET B 77 -10.63 16.82 -39.21
N LYS B 78 -9.31 17.01 -39.34
CA LYS B 78 -8.46 16.08 -40.08
C LYS B 78 -8.21 14.80 -39.30
N LYS B 79 -8.46 14.87 -38.00
CA LYS B 79 -8.32 13.73 -37.12
C LYS B 79 -9.59 13.56 -36.28
N MET B 80 -10.69 13.22 -36.96
CA MET B 80 -11.99 13.14 -36.30
C MET B 80 -12.88 12.19 -37.08
N SER B 81 -13.88 11.61 -36.40
CA SER B 81 -14.87 10.76 -37.06
C SER B 81 -15.63 11.58 -38.09
N GLU B 82 -16.16 10.92 -39.13
CA GLU B 82 -16.91 11.60 -40.17
C GLU B 82 -18.13 12.33 -39.60
N LYS B 83 -18.80 11.68 -38.65
CA LYS B 83 -19.99 12.24 -38.02
C LYS B 83 -19.66 13.58 -37.35
N GLY B 84 -18.67 13.58 -36.46
CA GLY B 84 -18.29 14.76 -35.73
C GLY B 84 -17.69 15.88 -36.60
N ALA B 85 -16.89 15.50 -37.58
CA ALA B 85 -16.29 16.47 -38.49
C ALA B 85 -17.35 17.20 -39.31
N SER B 86 -18.45 16.51 -39.60
CA SER B 86 -19.54 17.10 -40.35
C SER B 86 -20.21 18.23 -39.57
N ILE B 87 -20.37 18.03 -38.26
CA ILE B 87 -21.01 19.05 -37.43
C ILE B 87 -20.06 20.20 -37.09
N VAL B 88 -18.76 19.90 -36.98
CA VAL B 88 -17.77 20.94 -36.77
C VAL B 88 -17.73 21.86 -37.98
N ALA B 89 -17.78 21.26 -39.18
CA ALA B 89 -17.82 22.01 -40.42
C ALA B 89 -18.98 23.01 -40.44
N ASN B 90 -20.14 22.56 -39.95
CA ASN B 90 -21.30 23.45 -39.81
C ASN B 90 -21.03 24.59 -38.84
N LEU B 91 -20.63 24.25 -37.62
CA LEU B 91 -20.30 25.24 -36.60
C LEU B 91 -19.33 26.31 -37.11
N ILE B 92 -18.33 25.90 -37.87
CA ILE B 92 -17.39 26.81 -38.50
C ILE B 92 -18.12 27.75 -39.46
N SER B 93 -18.99 27.19 -40.29
CA SER B 93 -19.74 27.97 -41.27
C SER B 93 -20.65 29.02 -40.64
N VAL B 94 -21.57 28.59 -39.77
CA VAL B 94 -22.56 29.53 -39.21
C VAL B 94 -21.96 30.53 -38.23
N TYR B 95 -21.00 30.10 -37.44
CA TYR B 95 -20.41 30.99 -36.44
C TYR B 95 -19.13 31.67 -36.91
N GLN B 96 -18.74 31.37 -38.15
CA GLN B 96 -17.54 31.96 -38.77
C GLN B 96 -16.34 31.79 -37.85
N LEU B 97 -16.18 30.58 -37.35
CA LEU B 97 -15.12 30.25 -36.42
C LEU B 97 -13.73 30.43 -37.05
N LYS B 98 -12.82 31.01 -36.26
CA LYS B 98 -11.42 31.14 -36.66
C LYS B 98 -10.55 30.53 -35.57
N GLU B 99 -9.23 30.54 -35.78
CA GLU B 99 -8.31 30.02 -34.80
C GLU B 99 -7.33 31.10 -34.35
N GLY B 100 -6.56 30.80 -33.30
CA GLY B 100 -5.52 31.70 -32.85
C GLY B 100 -6.05 32.87 -32.06
N ASN B 101 -5.44 34.04 -32.26
CA ASN B 101 -5.87 35.28 -31.60
C ASN B 101 -6.19 36.39 -32.58
N PRO B 102 -7.31 36.27 -33.31
CA PRO B 102 -7.69 37.30 -34.28
C PRO B 102 -8.32 38.51 -33.59
N GLY B 103 -8.97 39.37 -34.37
CA GLY B 103 -9.60 40.57 -33.83
C GLY B 103 -10.68 40.33 -32.78
N ARG B 104 -11.06 41.39 -32.09
CA ARG B 104 -12.05 41.33 -31.02
C ARG B 104 -13.44 40.94 -31.49
N ASP B 105 -13.75 41.24 -32.75
CA ASP B 105 -15.05 40.90 -33.31
C ASP B 105 -15.02 39.57 -34.03
N THR B 106 -14.15 38.69 -33.57
CA THR B 106 -13.99 37.38 -34.20
C THR B 106 -14.22 36.28 -33.17
N ILE B 107 -14.87 35.21 -33.61
CA ILE B 107 -15.20 34.12 -32.72
C ILE B 107 -14.20 32.97 -32.83
N THR B 108 -13.73 32.49 -31.68
CA THR B 108 -12.93 31.29 -31.60
C THR B 108 -13.58 30.37 -30.58
N LEU B 109 -13.20 29.10 -30.57
CA LEU B 109 -13.72 28.15 -29.59
C LEU B 109 -13.31 28.54 -28.15
N SER B 110 -12.08 29.00 -27.99
CA SER B 110 -11.59 29.47 -26.68
C SER B 110 -12.43 30.62 -26.15
N ARG B 111 -12.90 31.48 -27.04
CA ARG B 111 -13.68 32.64 -26.62
C ARG B 111 -15.12 32.28 -26.26
N VAL B 112 -15.65 31.24 -26.89
CA VAL B 112 -16.98 30.75 -26.55
C VAL B 112 -16.94 30.17 -25.14
N SER B 113 -15.94 29.35 -24.86
CA SER B 113 -15.75 28.78 -23.53
C SER B 113 -15.53 29.84 -22.46
N ALA B 114 -14.88 30.94 -22.84
CA ALA B 114 -14.60 32.04 -21.90
C ALA B 114 -15.85 32.89 -21.65
N ALA B 115 -16.54 33.26 -22.73
CA ALA B 115 -17.75 34.07 -22.59
C ALA B 115 -18.87 33.29 -21.89
N PHE B 116 -19.11 32.05 -22.34
CA PHE B 116 -20.14 31.21 -21.75
C PHE B 116 -19.57 30.31 -20.67
N VAL B 117 -18.63 30.86 -19.89
CA VAL B 117 -18.00 30.12 -18.81
C VAL B 117 -18.93 29.55 -17.72
N PRO B 118 -20.11 30.16 -17.46
CA PRO B 118 -20.96 29.50 -16.45
C PRO B 118 -21.42 28.10 -16.86
N TRP B 119 -21.35 27.76 -18.15
CA TRP B 119 -21.67 26.42 -18.59
C TRP B 119 -20.40 25.55 -18.72
N THR B 120 -19.32 26.16 -19.18
CA THR B 120 -18.02 25.51 -19.30
C THR B 120 -17.62 24.88 -17.97
N VAL B 121 -17.76 25.67 -16.91
CA VAL B 121 -17.44 25.25 -15.56
C VAL B 121 -18.28 24.04 -15.12
N GLN B 122 -19.46 23.87 -15.71
CA GLN B 122 -20.33 22.75 -15.37
C GLN B 122 -20.00 21.51 -16.19
N ALA B 123 -19.63 21.72 -17.45
CA ALA B 123 -19.28 20.61 -18.34
C ALA B 123 -18.02 19.91 -17.88
N LEU B 124 -17.12 20.67 -17.25
CA LEU B 124 -15.87 20.13 -16.72
C LEU B 124 -16.09 19.03 -15.68
N ARG B 125 -17.18 19.11 -14.93
CA ARG B 125 -17.52 18.07 -13.95
C ARG B 125 -17.74 16.72 -14.64
N VAL B 126 -18.20 16.78 -15.89
CA VAL B 126 -18.63 15.59 -16.62
C VAL B 126 -17.53 14.90 -17.42
N LEU B 127 -16.69 15.68 -18.09
CA LEU B 127 -15.71 15.13 -19.04
C LEU B 127 -14.25 15.30 -18.63
N SER B 128 -14.00 15.36 -17.32
CA SER B 128 -12.65 15.62 -16.82
C SER B 128 -11.61 14.59 -17.25
N GLU B 129 -12.06 13.39 -17.61
CA GLU B 129 -11.15 12.33 -18.01
C GLU B 129 -10.84 12.35 -19.51
N SER B 130 -11.52 13.23 -20.25
CA SER B 130 -11.30 13.35 -21.69
C SER B 130 -10.45 14.58 -22.04
N LEU B 131 -10.05 15.32 -21.01
CA LEU B 131 -9.23 16.52 -21.19
C LEU B 131 -7.77 16.14 -21.48
N PRO B 132 -7.00 17.05 -22.08
CA PRO B 132 -5.56 16.83 -22.29
C PRO B 132 -4.85 16.44 -20.99
N VAL B 133 -5.13 17.18 -19.91
CA VAL B 133 -4.75 16.78 -18.57
C VAL B 133 -5.98 16.25 -17.84
N SER B 134 -5.97 14.96 -17.49
CA SER B 134 -7.13 14.34 -16.85
C SER B 134 -7.31 14.78 -15.41
N GLY B 135 -8.52 14.58 -14.88
CA GLY B 135 -8.80 14.89 -13.49
C GLY B 135 -8.00 13.99 -12.56
N THR B 136 -7.83 12.73 -12.95
CA THR B 136 -7.09 11.77 -12.13
C THR B 136 -5.63 12.18 -12.02
N THR B 137 -5.12 12.80 -13.08
CA THR B 137 -3.76 13.34 -13.09
C THR B 137 -3.64 14.50 -12.10
N MET B 138 -4.61 15.41 -12.14
CA MET B 138 -4.63 16.53 -11.20
C MET B 138 -4.86 16.07 -9.76
N ASP B 139 -5.58 14.96 -9.60
CA ASP B 139 -5.83 14.38 -8.27
C ASP B 139 -4.54 13.85 -7.65
N ALA B 140 -3.61 13.40 -8.49
CA ALA B 140 -2.35 12.87 -8.01
C ALA B 140 -1.37 13.99 -7.68
N ILE B 141 -1.46 15.08 -8.44
CA ILE B 141 -0.58 16.24 -8.26
C ILE B 141 -0.93 17.03 -7.00
N ALA B 142 -2.22 17.33 -6.84
CA ALA B 142 -2.71 17.84 -5.56
C ALA B 142 -2.78 16.64 -4.62
N GLY B 143 -2.83 16.89 -3.33
CA GLY B 143 -2.92 15.78 -2.38
C GLY B 143 -4.33 15.23 -2.31
N VAL B 144 -5.25 15.90 -3.00
CA VAL B 144 -6.68 15.71 -2.83
C VAL B 144 -7.41 15.63 -4.17
N THR B 145 -8.74 15.67 -4.13
CA THR B 145 -9.55 15.71 -5.33
C THR B 145 -9.60 17.12 -5.89
N TYR B 146 -8.90 17.36 -6.99
CA TYR B 146 -8.82 18.68 -7.60
C TYR B 146 -10.15 19.12 -8.19
N PRO B 147 -10.62 20.32 -7.82
CA PRO B 147 -11.92 20.84 -8.28
C PRO B 147 -12.00 20.88 -9.80
N ARG B 148 -12.88 20.07 -10.38
CA ARG B 148 -13.00 19.96 -11.84
C ARG B 148 -13.30 21.27 -12.53
N ALA B 149 -13.99 22.17 -11.81
CA ALA B 149 -14.37 23.47 -12.35
C ALA B 149 -13.17 24.31 -12.77
N MET B 150 -12.02 24.03 -12.15
CA MET B 150 -10.81 24.81 -12.42
C MET B 150 -10.03 24.28 -13.62
N MET B 151 -10.43 23.12 -14.13
CA MET B 151 -9.62 22.42 -15.13
C MET B 151 -9.75 22.96 -16.55
N HIS B 152 -9.65 24.29 -16.66
CA HIS B 152 -9.58 24.99 -17.93
C HIS B 152 -9.17 26.43 -17.69
N PRO B 153 -8.43 27.03 -18.64
CA PRO B 153 -8.00 28.42 -18.50
C PRO B 153 -9.19 29.38 -18.35
N SER B 154 -10.34 29.01 -18.90
CA SER B 154 -11.52 29.87 -18.87
C SER B 154 -12.06 30.07 -17.46
N PHE B 155 -11.63 29.25 -16.51
CA PHE B 155 -12.04 29.40 -15.11
C PHE B 155 -11.59 30.73 -14.52
N ALA B 156 -10.45 31.24 -15.00
CA ALA B 156 -9.92 32.52 -14.54
C ALA B 156 -10.96 33.65 -14.65
N GLY B 157 -11.88 33.52 -15.60
CA GLY B 157 -12.88 34.55 -15.84
C GLY B 157 -13.86 34.77 -14.71
N ILE B 158 -13.95 33.82 -13.79
CA ILE B 158 -14.88 33.95 -12.67
C ILE B 158 -14.17 34.17 -11.33
N ILE B 159 -12.86 34.42 -11.37
CA ILE B 159 -12.12 34.70 -10.14
C ILE B 159 -12.24 36.17 -9.73
N ASP B 160 -12.66 36.40 -8.48
CA ASP B 160 -12.70 37.72 -7.88
C ASP B 160 -11.47 37.93 -7.00
N LEU B 161 -10.46 38.60 -7.54
CA LEU B 161 -9.20 38.82 -6.83
C LEU B 161 -9.40 39.68 -5.58
N ASP B 162 -10.45 40.50 -5.61
CA ASP B 162 -10.74 41.44 -4.54
C ASP B 162 -11.65 40.86 -3.45
N LEU B 163 -11.67 39.53 -3.35
CA LEU B 163 -12.32 38.86 -2.22
C LEU B 163 -11.53 39.14 -0.95
N PRO B 164 -12.23 39.20 0.19
CA PRO B 164 -11.60 39.48 1.50
C PRO B 164 -10.56 38.43 1.90
N ASN B 165 -9.55 38.86 2.66
CA ASN B 165 -8.51 37.96 3.17
C ASN B 165 -7.70 37.25 2.08
N GLY B 166 -7.53 37.93 0.95
CA GLY B 166 -6.76 37.42 -0.16
C GLY B 166 -7.25 36.06 -0.65
N ALA B 167 -8.55 35.81 -0.47
CA ALA B 167 -9.13 34.54 -0.88
C ALA B 167 -9.08 34.37 -2.40
N GLY B 168 -9.19 35.48 -3.12
CA GLY B 168 -9.10 35.45 -4.57
C GLY B 168 -7.72 35.00 -5.03
N ALA B 169 -6.68 35.46 -4.33
CA ALA B 169 -5.32 35.09 -4.68
C ALA B 169 -5.08 33.60 -4.44
N THR B 170 -5.70 33.08 -3.38
CA THR B 170 -5.63 31.66 -3.05
C THR B 170 -6.30 30.82 -4.13
N ILE B 171 -7.46 31.28 -4.61
CA ILE B 171 -8.15 30.63 -5.71
C ILE B 171 -7.31 30.72 -6.99
N ALA B 172 -6.72 31.88 -7.23
CA ALA B 172 -5.85 32.07 -8.39
C ALA B 172 -4.63 31.14 -8.35
N ASP B 173 -4.13 30.87 -7.15
CA ASP B 173 -3.00 29.97 -6.97
C ASP B 173 -3.43 28.52 -7.19
N ALA B 174 -4.61 28.18 -6.67
CA ALA B 174 -5.16 26.84 -6.84
C ALA B 174 -5.43 26.56 -8.32
N HIS B 175 -5.82 27.59 -9.06
CA HIS B 175 -6.00 27.47 -10.50
C HIS B 175 -4.66 27.33 -11.21
N GLY B 176 -3.63 28.00 -10.69
CA GLY B 176 -2.30 27.94 -11.26
C GLY B 176 -1.70 26.55 -11.23
N LEU B 177 -2.11 25.75 -10.24
CA LEU B 177 -1.63 24.38 -10.13
C LEU B 177 -2.00 23.58 -11.37
N PHE B 178 -3.21 23.79 -11.87
CA PHE B 178 -3.66 23.14 -13.08
C PHE B 178 -3.01 23.75 -14.31
N MET B 179 -2.91 25.08 -14.31
CA MET B 179 -2.42 25.80 -15.48
C MET B 179 -0.97 25.45 -15.85
N ILE B 180 -0.15 25.15 -14.85
CA ILE B 180 1.23 24.77 -15.13
C ILE B 180 1.29 23.40 -15.80
N GLU B 181 0.39 22.51 -15.41
CA GLU B 181 0.31 21.18 -16.03
C GLU B 181 -0.27 21.28 -17.42
N PHE B 182 -1.32 22.10 -17.56
CA PHE B 182 -1.98 22.28 -18.83
C PHE B 182 -1.01 22.87 -19.84
N SER B 183 -0.23 23.84 -19.39
CA SER B 183 0.78 24.48 -20.24
C SER B 183 1.88 23.52 -20.66
N LYS B 184 2.20 22.58 -19.77
CA LYS B 184 3.26 21.61 -20.03
C LYS B 184 2.89 20.57 -21.09
N THR B 185 1.59 20.27 -21.24
CA THR B 185 1.20 19.27 -22.23
C THR B 185 0.92 19.88 -23.60
N ILE B 186 0.15 20.97 -23.64
CA ILE B 186 -0.14 21.63 -24.92
C ILE B 186 1.12 22.29 -25.52
N ASN B 187 2.05 22.68 -24.65
CA ASN B 187 3.36 23.16 -25.09
C ASN B 187 4.49 22.39 -24.42
N PRO B 188 4.77 21.18 -24.92
CA PRO B 188 5.69 20.21 -24.32
C PRO B 188 7.13 20.72 -24.16
N SER B 189 7.45 21.84 -24.81
CA SER B 189 8.78 22.42 -24.68
C SER B 189 9.00 22.94 -23.26
N LEU B 190 7.90 23.25 -22.58
CA LEU B 190 7.95 23.80 -21.22
C LEU B 190 8.14 22.72 -20.15
N ARG B 191 8.09 21.45 -20.56
CA ARG B 191 8.10 20.33 -19.61
C ARG B 191 9.37 20.29 -18.78
N THR B 192 10.47 20.74 -19.37
CA THR B 192 11.78 20.73 -18.71
C THR B 192 12.07 22.03 -17.96
N LYS B 193 11.13 22.97 -18.00
CA LYS B 193 11.29 24.25 -17.31
C LYS B 193 10.90 24.16 -15.83
N GLN B 194 11.42 25.09 -15.04
CA GLN B 194 11.02 25.20 -13.64
C GLN B 194 9.57 25.65 -13.55
N ALA B 195 8.90 25.31 -12.45
CA ALA B 195 7.48 25.65 -12.29
C ALA B 195 7.19 27.16 -12.40
N ASN B 196 8.06 27.99 -11.82
CA ASN B 196 7.89 29.43 -11.90
C ASN B 196 8.07 29.98 -13.32
N GLU B 197 8.97 29.36 -14.09
CA GLU B 197 9.17 29.74 -15.49
C GLU B 197 7.91 29.44 -16.31
N VAL B 198 7.29 28.30 -16.02
CA VAL B 198 6.08 27.90 -16.72
C VAL B 198 4.93 28.84 -16.36
N ALA B 199 4.81 29.15 -15.07
CA ALA B 199 3.77 30.05 -14.58
C ALA B 199 3.86 31.42 -15.23
N ALA B 200 5.07 31.84 -15.55
CA ALA B 200 5.29 33.13 -16.19
C ALA B 200 4.76 33.17 -17.63
N THR B 201 4.64 32.01 -18.26
CA THR B 201 4.20 31.92 -19.65
C THR B 201 2.71 32.23 -19.84
N PHE B 202 1.91 32.00 -18.79
CA PHE B 202 0.48 32.29 -18.86
C PHE B 202 0.03 33.40 -17.89
N GLU B 203 0.99 34.09 -17.29
CA GLU B 203 0.68 35.12 -16.29
C GLU B 203 -0.17 36.27 -16.85
N LYS B 204 0.23 36.82 -17.98
CA LYS B 204 -0.49 37.93 -18.60
C LYS B 204 -1.95 37.63 -19.00
N PRO B 205 -2.18 36.58 -19.81
CA PRO B 205 -3.58 36.37 -20.24
C PRO B 205 -4.48 35.91 -19.09
N ASN B 206 -3.90 35.26 -18.10
CA ASN B 206 -4.65 34.78 -16.94
C ASN B 206 -5.07 35.95 -16.05
N MET B 207 -4.16 36.89 -15.85
CA MET B 207 -4.46 38.12 -15.14
C MET B 207 -5.57 38.91 -15.84
N ALA B 208 -5.45 39.04 -17.17
CA ALA B 208 -6.44 39.76 -17.96
C ALA B 208 -7.83 39.13 -17.83
N ALA B 209 -7.87 37.80 -17.74
CA ALA B 209 -9.13 37.10 -17.60
C ALA B 209 -9.72 37.37 -16.22
N MET B 210 -8.87 37.33 -15.20
CA MET B 210 -9.31 37.56 -13.82
C MET B 210 -9.65 39.03 -13.56
N SER B 211 -9.09 39.92 -14.37
CA SER B 211 -9.32 41.35 -14.22
C SER B 211 -10.49 41.85 -15.05
N GLY B 212 -11.07 40.98 -15.86
CA GLY B 212 -12.20 41.37 -16.70
C GLY B 212 -13.40 41.76 -15.88
N ARG B 213 -14.11 42.82 -16.26
CA ARG B 213 -15.33 43.21 -15.55
C ARG B 213 -16.60 42.86 -16.31
N PHE B 214 -16.54 41.89 -17.21
CA PHE B 214 -17.76 41.45 -17.91
C PHE B 214 -18.77 40.96 -16.88
N PHE B 215 -18.28 40.21 -15.90
CA PHE B 215 -19.07 39.80 -14.75
C PHE B 215 -18.75 40.70 -13.57
N THR B 216 -19.74 40.95 -12.72
CA THR B 216 -19.54 41.76 -11.53
C THR B 216 -18.93 40.92 -10.40
N ARG B 217 -18.52 41.58 -9.32
CA ARG B 217 -17.96 40.88 -8.16
C ARG B 217 -19.01 39.91 -7.60
N GLU B 218 -20.27 40.34 -7.62
CA GLU B 218 -21.37 39.51 -7.12
C GLU B 218 -21.72 38.37 -8.07
N ASP B 219 -21.59 38.61 -9.37
CA ASP B 219 -21.76 37.55 -10.36
C ASP B 219 -20.71 36.46 -10.12
N LYS B 220 -19.46 36.88 -9.95
CA LYS B 220 -18.35 35.95 -9.73
C LYS B 220 -18.54 35.20 -8.43
N LYS B 221 -18.98 35.92 -7.40
CA LYS B 221 -19.22 35.32 -6.09
C LYS B 221 -20.29 34.25 -6.18
N LYS B 222 -21.36 34.53 -6.91
CA LYS B 222 -22.43 33.56 -7.12
C LYS B 222 -21.93 32.34 -7.89
N LEU B 223 -21.12 32.59 -8.91
CA LEU B 223 -20.54 31.53 -9.73
C LEU B 223 -19.62 30.61 -8.91
N LEU B 224 -18.70 31.21 -8.15
CA LEU B 224 -17.78 30.46 -7.30
C LEU B 224 -18.52 29.59 -6.28
N ILE B 225 -19.59 30.14 -5.71
CA ILE B 225 -20.42 29.39 -4.76
C ILE B 225 -21.15 28.24 -5.46
N ALA B 226 -21.74 28.53 -6.61
CA ALA B 226 -22.54 27.54 -7.34
C ALA B 226 -21.74 26.32 -7.77
N VAL B 227 -20.43 26.46 -7.89
CA VAL B 227 -19.59 25.37 -8.36
C VAL B 227 -18.69 24.81 -7.26
N GLY B 228 -18.80 25.37 -6.05
CA GLY B 228 -18.16 24.80 -4.88
C GLY B 228 -16.76 25.28 -4.52
N ILE B 229 -16.26 26.30 -5.21
CA ILE B 229 -14.95 26.86 -4.88
C ILE B 229 -14.99 27.53 -3.51
N ILE B 230 -16.13 28.12 -3.20
CA ILE B 230 -16.32 28.86 -1.96
C ILE B 230 -17.77 28.65 -1.50
N ASP B 231 -18.06 28.76 -0.20
CA ASP B 231 -19.45 28.63 0.24
C ASP B 231 -20.13 29.99 0.49
N GLU B 232 -21.37 29.95 0.98
CA GLU B 232 -22.16 31.16 1.20
C GLU B 232 -21.51 32.09 2.24
N ASP B 233 -20.66 31.51 3.08
CA ASP B 233 -19.95 32.27 4.12
C ASP B 233 -18.56 32.68 3.65
N LEU B 234 -18.34 32.58 2.33
CA LEU B 234 -17.08 32.95 1.71
C LEU B 234 -15.89 32.14 2.25
N VAL B 235 -16.16 30.91 2.69
CA VAL B 235 -15.13 30.01 3.19
C VAL B 235 -14.64 29.12 2.05
N LEU B 236 -13.32 29.08 1.87
CA LEU B 236 -12.70 28.31 0.81
C LEU B 236 -12.81 26.80 1.07
N ALA B 237 -13.08 26.05 0.00
CA ALA B 237 -13.08 24.60 0.07
C ALA B 237 -11.68 24.10 0.38
N SER B 238 -11.58 23.07 1.22
CA SER B 238 -10.29 22.56 1.68
C SER B 238 -9.38 22.12 0.53
N ALA B 239 -9.98 21.59 -0.53
CA ALA B 239 -9.22 21.17 -1.70
C ALA B 239 -8.60 22.36 -2.43
N VAL B 240 -9.28 23.50 -2.40
CA VAL B 240 -8.78 24.73 -3.00
C VAL B 240 -7.57 25.28 -2.25
N VAL B 241 -7.66 25.36 -0.91
CA VAL B 241 -6.52 25.83 -0.11
C VAL B 241 -5.32 24.88 -0.21
N ARG B 242 -5.60 23.59 -0.35
CA ARG B 242 -4.56 22.59 -0.55
C ARG B 242 -3.82 22.81 -1.86
N SER B 243 -4.60 22.94 -2.93
CA SER B 243 -4.03 23.09 -4.25
C SER B 243 -3.23 24.38 -4.34
N ALA B 244 -3.65 25.38 -3.59
CA ALA B 244 -2.97 26.67 -3.57
C ALA B 244 -1.59 26.56 -2.93
N GLU B 245 -1.51 25.87 -1.79
CA GLU B 245 -0.22 25.75 -1.10
C GLU B 245 0.74 24.79 -1.81
N LYS B 246 0.19 23.86 -2.57
CA LYS B 246 0.99 23.02 -3.46
C LYS B 246 1.63 23.90 -4.52
N TYR B 247 0.83 24.81 -5.08
CA TYR B 247 1.30 25.72 -6.12
C TYR B 247 2.38 26.66 -5.60
N ARG B 248 2.12 27.28 -4.45
CA ARG B 248 3.08 28.19 -3.84
C ARG B 248 4.43 27.52 -3.55
N ALA B 249 4.39 26.24 -3.17
CA ALA B 249 5.61 25.51 -2.87
C ALA B 249 6.40 25.19 -4.15
N LYS B 250 5.67 24.93 -5.24
CA LYS B 250 6.27 24.66 -6.54
C LYS B 250 6.99 25.88 -7.12
N VAL B 251 6.40 27.06 -6.90
CA VAL B 251 6.86 28.30 -7.52
C VAL B 251 7.75 29.12 -6.58
N GLY B 252 7.41 29.12 -5.30
CA GLY B 252 8.09 29.90 -4.25
C GLY B 252 8.02 31.41 -4.49
N ASP C 3 -26.62 48.46 -21.83
CA ASP C 3 -27.08 47.14 -22.24
C ASP C 3 -27.13 46.17 -21.06
N GLU C 4 -26.00 45.52 -20.77
CA GLU C 4 -25.89 44.52 -19.70
C GLU C 4 -26.87 43.36 -19.84
N ASN C 5 -27.35 43.14 -21.06
CA ASN C 5 -28.28 42.07 -21.36
C ASN C 5 -27.55 40.80 -21.77
N TYR C 6 -26.47 40.97 -22.53
CA TYR C 6 -25.64 39.83 -22.92
C TYR C 6 -25.00 39.17 -21.69
N ARG C 7 -24.77 39.96 -20.65
CA ARG C 7 -24.25 39.43 -19.40
C ARG C 7 -25.24 38.45 -18.77
N ASP C 8 -26.53 38.81 -18.78
CA ASP C 8 -27.57 37.95 -18.24
C ASP C 8 -27.71 36.65 -19.05
N ILE C 9 -27.58 36.77 -20.37
CA ILE C 9 -27.62 35.61 -21.26
C ILE C 9 -26.53 34.59 -20.89
N ALA C 10 -25.30 35.08 -20.80
CA ALA C 10 -24.17 34.24 -20.42
C ALA C 10 -24.38 33.66 -19.02
N LEU C 11 -24.87 34.49 -18.11
CA LEU C 11 -25.10 34.08 -16.74
C LEU C 11 -26.18 32.99 -16.63
N ALA C 12 -27.14 33.02 -17.56
CA ALA C 12 -28.25 32.07 -17.56
C ALA C 12 -27.81 30.64 -17.92
N PHE C 13 -26.61 30.51 -18.50
CA PHE C 13 -26.07 29.20 -18.83
C PHE C 13 -25.65 28.42 -17.59
N LEU C 14 -25.67 29.09 -16.44
CA LEU C 14 -25.42 28.44 -15.17
C LEU C 14 -26.58 27.50 -14.84
N ASP C 15 -27.75 27.83 -15.37
CA ASP C 15 -28.96 27.04 -15.15
C ASP C 15 -29.32 26.22 -16.39
N GLU C 16 -28.43 26.23 -17.37
CA GLU C 16 -28.65 25.45 -18.59
C GLU C 16 -28.21 23.99 -18.40
N SER C 17 -28.89 23.08 -19.07
CA SER C 17 -28.64 21.64 -18.89
C SER C 17 -27.24 21.21 -19.30
N ALA C 18 -26.57 20.48 -18.42
CA ALA C 18 -25.28 19.88 -18.71
C ALA C 18 -25.41 18.36 -18.66
N ASP C 19 -26.18 17.82 -19.58
CA ASP C 19 -26.50 16.39 -19.62
C ASP C 19 -25.25 15.54 -19.89
N SER C 20 -24.91 14.68 -18.93
CA SER C 20 -23.74 13.81 -19.03
C SER C 20 -23.77 12.88 -20.25
N GLY C 21 -24.94 12.34 -20.55
CA GLY C 21 -25.10 11.48 -21.70
C GLY C 21 -24.83 12.18 -23.03
N THR C 22 -25.45 13.34 -23.22
CA THR C 22 -25.29 14.09 -24.46
C THR C 22 -23.86 14.64 -24.61
N ILE C 23 -23.29 15.10 -23.50
CA ILE C 23 -21.92 15.62 -23.51
C ILE C 23 -20.91 14.54 -23.94
N ASN C 24 -21.01 13.35 -23.36
CA ASN C 24 -20.11 12.27 -23.69
C ASN C 24 -20.29 11.76 -25.12
N ALA C 25 -21.49 11.90 -25.67
CA ALA C 25 -21.74 11.57 -27.07
C ALA C 25 -20.97 12.53 -27.99
N TRP C 26 -20.94 13.81 -27.59
CA TRP C 26 -20.19 14.83 -28.32
C TRP C 26 -18.69 14.57 -28.23
N VAL C 27 -18.24 14.22 -27.03
CA VAL C 27 -16.82 13.93 -26.80
C VAL C 27 -16.35 12.84 -27.76
N ASN C 28 -17.15 11.78 -27.90
CA ASN C 28 -16.83 10.67 -28.79
C ASN C 28 -16.78 11.07 -30.28
N GLU C 29 -17.70 11.93 -30.69
CA GLU C 29 -17.70 12.45 -32.07
C GLU C 29 -16.48 13.31 -32.32
N PHE C 30 -16.17 14.17 -31.36
CA PHE C 30 -15.13 15.19 -31.53
C PHE C 30 -13.74 14.67 -31.20
N ALA C 31 -13.66 13.53 -30.52
CA ALA C 31 -12.38 12.99 -30.05
C ALA C 31 -11.39 12.78 -31.20
N TYR C 32 -10.11 12.92 -30.88
CA TYR C 32 -9.04 12.67 -31.84
C TYR C 32 -9.22 11.30 -32.48
N GLN C 33 -9.06 11.25 -33.80
CA GLN C 33 -9.12 9.99 -34.56
C GLN C 33 -8.00 9.96 -35.61
N GLY C 34 -7.15 8.95 -35.51
CA GLY C 34 -5.92 8.83 -36.29
C GLY C 34 -5.06 7.70 -35.75
N PHE C 35 -3.94 8.04 -35.12
CA PHE C 35 -3.06 7.05 -34.50
C PHE C 35 -3.75 6.40 -33.30
N ASP C 36 -3.79 5.07 -33.29
CA ASP C 36 -4.45 4.32 -32.23
C ASP C 36 -3.91 2.91 -32.17
N PRO C 37 -3.10 2.61 -31.13
CA PRO C 37 -2.52 1.28 -30.92
C PRO C 37 -3.55 0.15 -30.99
N LYS C 38 -4.76 0.39 -30.50
CA LYS C 38 -5.85 -0.58 -30.65
C LYS C 38 -6.10 -0.92 -32.12
N ARG C 39 -6.12 0.10 -32.97
CA ARG C 39 -6.38 -0.09 -34.40
C ARG C 39 -5.20 -0.79 -35.07
N ILE C 40 -3.99 -0.41 -34.66
CA ILE C 40 -2.77 -1.04 -35.16
C ILE C 40 -2.81 -2.55 -34.91
N VAL C 41 -3.04 -2.92 -33.65
CA VAL C 41 -3.10 -4.31 -33.24
C VAL C 41 -4.22 -5.04 -33.99
N GLN C 42 -5.39 -4.39 -34.08
CA GLN C 42 -6.54 -4.99 -34.74
C GLN C 42 -6.25 -5.30 -36.19
N LEU C 43 -5.74 -4.30 -36.90
CA LEU C 43 -5.40 -4.45 -38.32
C LEU C 43 -4.31 -5.49 -38.57
N VAL C 44 -3.26 -5.47 -37.76
CA VAL C 44 -2.19 -6.46 -37.88
C VAL C 44 -2.74 -7.87 -37.72
N LYS C 45 -3.53 -8.07 -36.67
CA LYS C 45 -4.11 -9.37 -36.35
C LYS C 45 -5.10 -9.82 -37.42
N GLU C 46 -5.93 -8.89 -37.91
CA GLU C 46 -6.92 -9.21 -38.93
C GLU C 46 -6.30 -9.51 -40.29
N ARG C 47 -5.41 -8.64 -40.75
CA ARG C 47 -4.77 -8.82 -42.04
C ARG C 47 -3.88 -10.07 -42.04
N GLY C 48 -3.24 -10.34 -40.91
CA GLY C 48 -2.37 -11.49 -40.78
C GLY C 48 -3.10 -12.82 -40.80
N THR C 49 -4.16 -12.93 -40.01
CA THR C 49 -4.94 -14.17 -39.93
C THR C 49 -5.68 -14.45 -41.23
N ALA C 50 -6.02 -13.40 -41.96
CA ALA C 50 -6.71 -13.55 -43.25
C ALA C 50 -5.80 -14.16 -44.32
N LYS C 51 -4.50 -14.03 -44.12
CA LYS C 51 -3.53 -14.64 -45.02
C LYS C 51 -3.00 -15.94 -44.42
N GLY C 52 -3.60 -16.36 -43.31
CA GLY C 52 -3.22 -17.58 -42.64
C GLY C 52 -1.77 -17.60 -42.20
N LYS C 53 -1.38 -16.59 -41.42
CA LYS C 53 0.00 -16.45 -41.00
C LYS C 53 0.14 -16.52 -39.47
N ASP C 54 1.33 -16.82 -38.98
CA ASP C 54 1.69 -16.64 -37.58
C ASP C 54 1.97 -15.16 -37.39
N TRP C 55 0.90 -14.37 -37.22
CA TRP C 55 1.02 -12.91 -37.21
C TRP C 55 1.83 -12.41 -36.04
N LYS C 56 1.87 -13.19 -34.96
CA LYS C 56 2.65 -12.81 -33.79
C LYS C 56 4.14 -12.88 -34.11
N LYS C 57 4.52 -13.85 -34.94
CA LYS C 57 5.89 -13.98 -35.37
C LYS C 57 6.22 -12.86 -36.36
N ASP C 58 5.26 -12.52 -37.22
CA ASP C 58 5.44 -11.43 -38.17
C ASP C 58 5.66 -10.10 -37.46
N VAL C 59 4.95 -9.90 -36.36
CA VAL C 59 5.10 -8.68 -35.54
C VAL C 59 6.53 -8.54 -35.06
N LYS C 60 7.10 -9.63 -34.55
CA LYS C 60 8.47 -9.63 -34.05
C LYS C 60 9.45 -9.32 -35.17
N MET C 61 9.28 -9.98 -36.31
CA MET C 61 10.12 -9.71 -37.47
C MET C 61 10.00 -8.27 -37.96
N MET C 62 8.77 -7.74 -37.98
CA MET C 62 8.55 -6.36 -38.39
C MET C 62 9.21 -5.38 -37.41
N ILE C 63 9.20 -5.72 -36.12
CA ILE C 63 9.84 -4.87 -35.11
C ILE C 63 11.37 -4.89 -35.24
N VAL C 64 11.95 -6.08 -35.34
CA VAL C 64 13.39 -6.22 -35.56
C VAL C 64 13.81 -5.46 -36.81
N LEU C 65 13.03 -5.64 -37.88
CA LEU C 65 13.25 -4.94 -39.14
C LEU C 65 13.26 -3.43 -38.95
N ASN C 66 12.32 -2.94 -38.14
CA ASN C 66 12.22 -1.51 -37.85
C ASN C 66 13.37 -0.99 -37.01
N LEU C 67 13.83 -1.82 -36.07
CA LEU C 67 14.91 -1.43 -35.17
C LEU C 67 16.25 -1.27 -35.88
N VAL C 68 16.50 -2.07 -36.92
CA VAL C 68 17.81 -2.07 -37.56
C VAL C 68 17.83 -1.46 -38.97
N ARG C 69 16.67 -1.28 -39.58
CA ARG C 69 16.61 -0.78 -40.96
C ARG C 69 15.75 0.47 -41.16
N GLY C 70 14.88 0.78 -40.19
CA GLY C 70 14.09 2.00 -40.27
C GLY C 70 12.63 1.79 -40.61
N ASN C 71 12.11 2.67 -41.46
CA ASN C 71 10.66 2.74 -41.70
C ASN C 71 10.28 2.66 -43.18
N LYS C 72 11.23 2.30 -44.04
CA LYS C 72 11.03 2.28 -45.48
C LYS C 72 11.25 0.87 -46.06
N PRO C 73 10.25 -0.01 -45.94
CA PRO C 73 10.34 -1.42 -46.36
C PRO C 73 10.67 -1.63 -47.85
N GLU C 74 9.99 -0.93 -48.76
CA GLU C 74 10.28 -1.04 -50.19
C GLU C 74 11.73 -0.65 -50.51
N ALA C 75 12.24 0.36 -49.81
CA ALA C 75 13.59 0.85 -50.06
C ALA C 75 14.66 -0.10 -49.51
N MET C 76 14.43 -0.62 -48.30
CA MET C 76 15.42 -1.49 -47.65
C MET C 76 15.54 -2.84 -48.36
N MET C 77 14.53 -3.18 -49.16
CA MET C 77 14.52 -4.42 -49.91
C MET C 77 15.56 -4.42 -51.04
N LYS C 78 15.91 -3.23 -51.52
CA LYS C 78 16.90 -3.09 -52.60
C LYS C 78 18.31 -3.12 -52.05
N LYS C 79 18.42 -3.17 -50.72
CA LYS C 79 19.72 -3.20 -50.05
C LYS C 79 19.72 -4.30 -49.02
N MET C 80 19.36 -5.51 -49.44
CA MET C 80 19.20 -6.63 -48.55
C MET C 80 19.44 -7.91 -49.33
N SER C 81 19.83 -8.98 -48.64
CA SER C 81 19.97 -10.30 -49.27
C SER C 81 18.61 -10.77 -49.82
N GLU C 82 18.63 -11.59 -50.86
CA GLU C 82 17.40 -12.13 -51.46
C GLU C 82 16.56 -12.86 -50.43
N LYS C 83 17.24 -13.54 -49.52
CA LYS C 83 16.58 -14.29 -48.47
C LYS C 83 15.76 -13.37 -47.58
N GLY C 84 16.37 -12.28 -47.12
CA GLY C 84 15.68 -11.32 -46.27
C GLY C 84 14.65 -10.50 -47.02
N ALA C 85 14.97 -10.13 -48.26
CA ALA C 85 14.08 -9.31 -49.08
C ALA C 85 12.81 -10.09 -49.44
N SER C 86 12.90 -11.41 -49.41
CA SER C 86 11.77 -12.28 -49.69
C SER C 86 10.74 -12.22 -48.54
N ILE C 87 11.24 -12.22 -47.31
CA ILE C 87 10.41 -12.09 -46.12
C ILE C 87 9.74 -10.72 -46.03
N VAL C 88 10.52 -9.67 -46.30
CA VAL C 88 10.01 -8.30 -46.28
C VAL C 88 8.91 -8.10 -47.33
N ALA C 89 9.13 -8.64 -48.52
CA ALA C 89 8.13 -8.57 -49.59
C ALA C 89 6.77 -9.15 -49.15
N ASN C 90 6.81 -10.26 -48.44
CA ASN C 90 5.59 -10.84 -47.87
C ASN C 90 4.95 -9.90 -46.84
N LEU C 91 5.74 -9.48 -45.84
CA LEU C 91 5.26 -8.58 -44.80
C LEU C 91 4.59 -7.32 -45.36
N ILE C 92 5.16 -6.80 -46.45
CA ILE C 92 4.57 -5.67 -47.16
C ILE C 92 3.23 -6.06 -47.76
N SER C 93 3.16 -7.25 -48.35
CA SER C 93 1.93 -7.73 -48.98
C SER C 93 0.78 -7.96 -48.00
N VAL C 94 0.99 -8.81 -47.00
CA VAL C 94 -0.09 -9.15 -46.07
C VAL C 94 -0.53 -7.97 -45.19
N TYR C 95 0.43 -7.21 -44.69
CA TYR C 95 0.10 -6.11 -43.78
C TYR C 95 -0.09 -4.75 -44.47
N GLN C 96 0.11 -4.74 -45.79
CA GLN C 96 -0.07 -3.54 -46.61
C GLN C 96 0.78 -2.39 -46.08
N LEU C 97 2.06 -2.68 -45.84
CA LEU C 97 2.98 -1.71 -45.24
C LEU C 97 3.21 -0.51 -46.15
N LYS C 98 3.31 0.67 -45.54
CA LYS C 98 3.56 1.88 -46.30
C LYS C 98 4.89 2.50 -45.88
N GLU C 99 5.40 3.39 -46.72
CA GLU C 99 6.74 3.95 -46.53
C GLU C 99 6.75 5.17 -45.60
N GLY C 100 5.57 5.53 -45.10
CA GLY C 100 5.42 6.72 -44.25
C GLY C 100 4.16 7.52 -44.57
N ASN C 101 4.03 8.69 -43.96
CA ASN C 101 2.86 9.55 -44.14
C ASN C 101 1.54 8.77 -43.96
N PRO C 102 1.37 8.14 -42.79
CA PRO C 102 0.28 7.17 -42.61
C PRO C 102 -1.08 7.82 -42.36
N GLY C 103 -2.14 7.10 -42.69
CA GLY C 103 -3.50 7.49 -42.33
C GLY C 103 -4.06 6.57 -41.27
N ARG C 104 -5.37 6.68 -41.03
CA ARG C 104 -6.06 5.92 -39.98
C ARG C 104 -5.85 4.41 -40.08
N ASP C 105 -6.06 3.87 -41.28
CA ASP C 105 -6.01 2.44 -41.49
C ASP C 105 -4.64 1.97 -41.98
N THR C 106 -3.64 2.85 -41.86
CA THR C 106 -2.31 2.56 -42.37
C THR C 106 -1.43 1.85 -41.34
N ILE C 107 -0.71 0.82 -41.78
CA ILE C 107 0.27 0.15 -40.94
C ILE C 107 1.70 0.43 -41.41
N THR C 108 2.54 0.90 -40.50
CA THR C 108 3.96 1.10 -40.78
C THR C 108 4.76 0.32 -39.75
N LEU C 109 6.04 0.09 -40.05
CA LEU C 109 6.92 -0.61 -39.10
C LEU C 109 6.98 0.15 -37.78
N SER C 110 7.04 1.47 -37.85
CA SER C 110 7.05 2.31 -36.66
C SER C 110 5.81 2.08 -35.82
N ARG C 111 4.66 2.03 -36.48
CA ARG C 111 3.39 1.82 -35.77
C ARG C 111 3.35 0.46 -35.08
N VAL C 112 3.99 -0.53 -35.69
CA VAL C 112 4.06 -1.86 -35.09
C VAL C 112 4.93 -1.86 -33.84
N SER C 113 6.12 -1.25 -33.93
CA SER C 113 7.01 -1.14 -32.78
C SER C 113 6.36 -0.36 -31.64
N ALA C 114 5.53 0.61 -31.97
CA ALA C 114 4.87 1.42 -30.95
C ALA C 114 3.71 0.68 -30.28
N ALA C 115 2.85 0.06 -31.07
CA ALA C 115 1.70 -0.64 -30.52
C ALA C 115 2.11 -1.89 -29.74
N PHE C 116 3.11 -2.59 -30.26
CA PHE C 116 3.61 -3.82 -29.63
C PHE C 116 4.87 -3.53 -28.84
N VAL C 117 4.96 -2.32 -28.29
CA VAL C 117 6.11 -1.90 -27.49
C VAL C 117 6.53 -2.84 -26.34
N PRO C 118 5.56 -3.56 -25.70
CA PRO C 118 6.05 -4.50 -24.68
C PRO C 118 7.01 -5.57 -25.21
N TRP C 119 7.04 -5.80 -26.52
CA TRP C 119 8.06 -6.69 -27.09
C TRP C 119 9.25 -5.91 -27.64
N THR C 120 8.96 -4.79 -28.29
CA THR C 120 9.99 -3.88 -28.79
C THR C 120 11.03 -3.61 -27.71
N VAL C 121 10.53 -3.35 -26.52
CA VAL C 121 11.35 -2.95 -25.40
C VAL C 121 12.24 -4.10 -24.91
N GLN C 122 11.92 -5.32 -25.33
CA GLN C 122 12.72 -6.48 -24.95
C GLN C 122 13.73 -6.88 -26.03
N ALA C 123 13.40 -6.59 -27.28
CA ALA C 123 14.32 -6.86 -28.38
C ALA C 123 15.52 -5.92 -28.32
N LEU C 124 15.29 -4.70 -27.86
CA LEU C 124 16.35 -3.71 -27.72
C LEU C 124 17.53 -4.20 -26.88
N ARG C 125 17.25 -5.00 -25.85
CA ARG C 125 18.28 -5.58 -24.99
C ARG C 125 19.29 -6.41 -25.78
N VAL C 126 18.82 -7.00 -26.87
CA VAL C 126 19.61 -7.92 -27.68
C VAL C 126 20.23 -7.25 -28.91
N LEU C 127 19.58 -6.20 -29.39
CA LEU C 127 19.96 -5.57 -30.66
C LEU C 127 20.85 -4.35 -30.54
N SER C 128 21.07 -3.89 -29.31
CA SER C 128 21.69 -2.59 -29.03
C SER C 128 22.84 -2.18 -29.94
N GLU C 129 23.65 -3.14 -30.37
CA GLU C 129 24.81 -2.84 -31.21
C GLU C 129 24.50 -2.79 -32.70
N SER C 130 23.28 -3.15 -33.07
CA SER C 130 22.86 -3.13 -34.47
C SER C 130 21.91 -1.96 -34.75
N LEU C 131 21.65 -1.15 -33.73
CA LEU C 131 20.77 0.01 -33.83
C LEU C 131 21.47 1.17 -34.56
N PRO C 132 20.67 2.10 -35.15
CA PRO C 132 21.23 3.29 -35.81
C PRO C 132 22.16 4.03 -34.86
N VAL C 133 21.73 4.21 -33.61
CA VAL C 133 22.61 4.66 -32.54
C VAL C 133 22.90 3.47 -31.64
N SER C 134 24.17 3.07 -31.55
CA SER C 134 24.54 1.88 -30.78
C SER C 134 24.47 2.13 -29.27
N GLY C 135 24.31 1.04 -28.51
CA GLY C 135 24.33 1.12 -27.06
C GLY C 135 25.63 1.70 -26.55
N THR C 136 26.75 1.30 -27.17
CA THR C 136 28.07 1.79 -26.79
C THR C 136 28.19 3.30 -27.05
N THR C 137 27.54 3.78 -28.10
CA THR C 137 27.55 5.21 -28.41
C THR C 137 26.75 5.96 -27.34
N MET C 138 25.61 5.40 -26.95
CA MET C 138 24.79 5.99 -25.89
C MET C 138 25.49 5.92 -24.53
N ASP C 139 26.22 4.83 -24.31
CA ASP C 139 27.00 4.64 -23.08
C ASP C 139 28.10 5.69 -22.90
N ALA C 140 28.50 6.33 -23.99
CA ALA C 140 29.56 7.35 -23.94
C ALA C 140 28.95 8.73 -23.74
N ILE C 141 27.80 8.96 -24.38
CA ILE C 141 27.06 10.21 -24.23
C ILE C 141 26.56 10.36 -22.79
N ALA C 142 25.86 9.36 -22.29
CA ALA C 142 25.58 9.26 -20.87
C ALA C 142 26.88 8.82 -20.22
N GLY C 143 27.11 9.18 -18.96
CA GLY C 143 28.32 8.74 -18.28
C GLY C 143 28.17 7.34 -17.73
N VAL C 144 27.10 6.66 -18.15
CA VAL C 144 26.72 5.37 -17.59
C VAL C 144 26.26 4.44 -18.69
N THR C 145 25.89 3.22 -18.31
CA THR C 145 25.28 2.30 -19.27
C THR C 145 23.82 2.68 -19.49
N TYR C 146 23.55 3.26 -20.65
CA TYR C 146 22.21 3.75 -20.97
C TYR C 146 21.25 2.58 -21.10
N PRO C 147 20.09 2.68 -20.43
CA PRO C 147 19.06 1.63 -20.45
C PRO C 147 18.65 1.28 -21.88
N ARG C 148 18.97 0.06 -22.31
CA ARG C 148 18.73 -0.37 -23.68
C ARG C 148 17.26 -0.25 -24.07
N ALA C 149 16.38 -0.42 -23.08
CA ALA C 149 14.94 -0.35 -23.27
C ALA C 149 14.45 1.00 -23.78
N MET C 150 15.24 2.05 -23.56
CA MET C 150 14.85 3.40 -23.94
C MET C 150 15.30 3.76 -25.34
N MET C 151 16.08 2.87 -25.96
CA MET C 151 16.75 3.20 -27.22
C MET C 151 15.87 3.05 -28.45
N HIS C 152 14.65 3.58 -28.35
CA HIS C 152 13.71 3.66 -29.47
C HIS C 152 12.60 4.64 -29.10
N PRO C 153 12.06 5.36 -30.11
CA PRO C 153 10.96 6.31 -29.85
C PRO C 153 9.75 5.66 -29.17
N SER C 154 9.46 4.41 -29.53
CA SER C 154 8.31 3.70 -28.98
C SER C 154 8.30 3.60 -27.45
N PHE C 155 9.45 3.79 -26.83
CA PHE C 155 9.54 3.71 -25.36
C PHE C 155 8.65 4.76 -24.69
N ALA C 156 8.42 5.87 -25.38
CA ALA C 156 7.60 6.94 -24.82
C ALA C 156 6.21 6.44 -24.47
N GLY C 157 5.75 5.44 -25.23
CA GLY C 157 4.41 4.89 -25.05
C GLY C 157 4.16 4.23 -23.71
N ILE C 158 5.22 3.85 -23.00
CA ILE C 158 5.06 3.18 -21.70
C ILE C 158 5.46 4.08 -20.52
N ILE C 159 5.74 5.34 -20.81
CA ILE C 159 6.10 6.27 -19.75
C ILE C 159 4.86 6.81 -19.03
N ASP C 160 4.87 6.72 -17.70
CA ASP C 160 3.82 7.32 -16.87
C ASP C 160 4.36 8.61 -16.26
N LEU C 161 3.88 9.73 -16.78
CA LEU C 161 4.34 11.05 -16.34
C LEU C 161 3.84 11.40 -14.94
N ASP C 162 2.86 10.63 -14.45
CA ASP C 162 2.24 10.92 -13.17
C ASP C 162 2.83 10.11 -12.00
N LEU C 163 3.93 9.40 -12.27
CA LEU C 163 4.66 8.71 -11.22
C LEU C 163 5.12 9.71 -10.16
N PRO C 164 5.03 9.33 -8.88
CA PRO C 164 5.37 10.18 -7.73
C PRO C 164 6.77 10.77 -7.83
N ASN C 165 6.97 11.94 -7.20
CA ASN C 165 8.28 12.59 -7.10
C ASN C 165 8.89 12.98 -8.44
N GLY C 166 8.05 13.15 -9.46
CA GLY C 166 8.51 13.49 -10.78
C GLY C 166 9.37 12.42 -11.42
N ALA C 167 9.19 11.18 -11.00
CA ALA C 167 9.96 10.07 -11.59
C ALA C 167 9.62 9.94 -13.06
N GLY C 168 8.37 10.19 -13.40
CA GLY C 168 7.93 10.17 -14.79
C GLY C 168 8.65 11.20 -15.61
N ALA C 169 8.81 12.39 -15.05
CA ALA C 169 9.53 13.46 -15.73
C ALA C 169 10.99 13.09 -15.93
N THR C 170 11.60 12.51 -14.90
CA THR C 170 12.98 12.06 -14.97
C THR C 170 13.14 11.02 -16.08
N ILE C 171 12.21 10.07 -16.14
CA ILE C 171 12.24 9.03 -17.16
C ILE C 171 12.14 9.65 -18.55
N ALA C 172 11.27 10.63 -18.71
CA ALA C 172 11.13 11.35 -19.97
C ALA C 172 12.44 12.03 -20.36
N ASP C 173 13.10 12.65 -19.39
CA ASP C 173 14.38 13.32 -19.63
C ASP C 173 15.44 12.34 -20.13
N ALA C 174 15.57 11.21 -19.43
CA ALA C 174 16.55 10.19 -19.81
C ALA C 174 16.27 9.66 -21.24
N HIS C 175 14.98 9.51 -21.57
CA HIS C 175 14.60 9.06 -22.89
C HIS C 175 14.92 10.14 -23.92
N GLY C 176 14.81 11.39 -23.50
CA GLY C 176 15.08 12.52 -24.39
C GLY C 176 16.53 12.53 -24.84
N LEU C 177 17.42 12.06 -23.96
CA LEU C 177 18.84 12.02 -24.28
C LEU C 177 19.08 11.15 -25.51
N PHE C 178 18.40 10.03 -25.58
CA PHE C 178 18.48 9.16 -26.75
C PHE C 178 17.79 9.79 -27.96
N MET C 179 16.62 10.37 -27.73
CA MET C 179 15.81 10.92 -28.80
C MET C 179 16.52 11.97 -29.65
N ILE C 180 17.41 12.76 -29.05
CA ILE C 180 18.14 13.76 -29.83
C ILE C 180 19.21 13.12 -30.73
N GLU C 181 19.87 12.09 -30.22
CA GLU C 181 20.85 11.36 -31.01
C GLU C 181 20.19 10.60 -32.15
N PHE C 182 19.06 9.98 -31.83
CA PHE C 182 18.28 9.27 -32.84
C PHE C 182 17.78 10.21 -33.94
N SER C 183 17.28 11.37 -33.55
CA SER C 183 16.73 12.33 -34.51
C SER C 183 17.81 12.90 -35.43
N LYS C 184 19.02 13.08 -34.90
CA LYS C 184 20.12 13.62 -35.68
C LYS C 184 20.64 12.60 -36.71
N THR C 185 20.56 11.32 -36.36
CA THR C 185 21.03 10.26 -37.25
C THR C 185 20.14 10.08 -38.47
N ILE C 186 18.82 10.03 -38.26
CA ILE C 186 17.89 9.82 -39.37
C ILE C 186 17.54 11.11 -40.10
N ASN C 187 17.95 12.25 -39.54
CA ASN C 187 17.74 13.54 -40.18
C ASN C 187 19.01 14.39 -40.10
N PRO C 188 19.90 14.21 -41.09
CA PRO C 188 21.23 14.85 -41.14
C PRO C 188 21.20 16.36 -41.00
N SER C 189 20.11 16.99 -41.44
CA SER C 189 19.98 18.44 -41.36
C SER C 189 20.03 18.94 -39.91
N LEU C 190 19.68 18.07 -38.97
CA LEU C 190 19.66 18.42 -37.55
C LEU C 190 21.01 18.25 -36.85
N ARG C 191 21.99 17.72 -37.57
CA ARG C 191 23.29 17.38 -36.97
C ARG C 191 24.11 18.58 -36.55
N THR C 192 23.80 19.74 -37.13
CA THR C 192 24.51 20.98 -36.81
C THR C 192 23.73 21.82 -35.80
N LYS C 193 22.53 21.38 -35.46
CA LYS C 193 21.66 22.13 -34.54
C LYS C 193 22.04 21.90 -33.09
N GLN C 194 21.50 22.74 -32.20
CA GLN C 194 21.72 22.61 -30.77
C GLN C 194 20.69 21.67 -30.14
N ALA C 195 20.98 21.18 -28.94
CA ALA C 195 20.13 20.20 -28.26
C ALA C 195 18.65 20.63 -28.18
N ASN C 196 18.41 21.86 -27.75
CA ASN C 196 17.05 22.36 -27.62
C ASN C 196 16.32 22.45 -28.97
N GLU C 197 17.06 22.77 -30.02
CA GLU C 197 16.51 22.85 -31.37
C GLU C 197 16.09 21.47 -31.86
N VAL C 198 16.94 20.48 -31.59
CA VAL C 198 16.66 19.10 -31.97
C VAL C 198 15.49 18.55 -31.16
N ALA C 199 15.50 18.83 -29.85
CA ALA C 199 14.42 18.42 -28.97
C ALA C 199 13.08 18.93 -29.49
N ALA C 200 13.07 20.16 -29.98
CA ALA C 200 11.86 20.77 -30.52
C ALA C 200 11.25 19.96 -31.67
N THR C 201 12.08 19.23 -32.41
CA THR C 201 11.60 18.47 -33.57
C THR C 201 10.79 17.24 -33.19
N PHE C 202 10.95 16.75 -31.96
CA PHE C 202 10.26 15.53 -31.56
C PHE C 202 9.31 15.67 -30.35
N GLU C 203 9.49 16.71 -29.54
CA GLU C 203 8.78 16.73 -28.26
C GLU C 203 7.25 16.86 -28.33
N LYS C 204 6.73 17.22 -29.50
CA LYS C 204 5.28 17.26 -29.66
C LYS C 204 4.65 15.86 -29.89
N PRO C 205 5.09 15.12 -30.93
CA PRO C 205 4.54 13.77 -31.03
C PRO C 205 4.99 12.86 -29.88
N ASN C 206 6.13 13.20 -29.27
CA ASN C 206 6.64 12.46 -28.12
C ASN C 206 5.73 12.62 -26.88
N MET C 207 5.21 13.83 -26.69
CA MET C 207 4.28 14.09 -25.59
C MET C 207 2.97 13.34 -25.81
N ALA C 208 2.53 13.29 -27.07
CA ALA C 208 1.30 12.57 -27.41
C ALA C 208 1.42 11.09 -27.07
N ALA C 209 2.64 10.55 -27.18
CA ALA C 209 2.88 9.15 -26.87
C ALA C 209 2.83 8.91 -25.35
N MET C 210 3.45 9.81 -24.59
CA MET C 210 3.50 9.68 -23.14
C MET C 210 2.13 9.91 -22.48
N SER C 211 1.33 10.79 -23.10
CA SER C 211 0.02 11.12 -22.56
C SER C 211 -1.07 10.26 -23.18
N GLY C 212 -0.67 9.26 -23.95
CA GLY C 212 -1.59 8.30 -24.52
C GLY C 212 -2.27 7.48 -23.43
N ARG C 213 -3.45 6.97 -23.72
CA ARG C 213 -4.21 6.24 -22.72
C ARG C 213 -4.53 4.80 -23.15
N PHE C 214 -3.75 4.28 -24.09
CA PHE C 214 -3.88 2.89 -24.50
C PHE C 214 -3.50 1.98 -23.34
N PHE C 215 -2.43 2.35 -22.65
CA PHE C 215 -2.01 1.64 -21.44
C PHE C 215 -2.49 2.39 -20.20
N THR C 216 -2.98 1.66 -19.22
CA THR C 216 -3.35 2.26 -17.94
C THR C 216 -2.08 2.59 -17.16
N ARG C 217 -2.21 3.36 -16.09
CA ARG C 217 -1.06 3.68 -15.24
C ARG C 217 -0.45 2.40 -14.65
N GLU C 218 -1.32 1.47 -14.28
CA GLU C 218 -0.88 0.20 -13.69
C GLU C 218 -0.11 -0.65 -14.71
N ASP C 219 -0.46 -0.49 -16.00
CA ASP C 219 0.24 -1.20 -17.07
C ASP C 219 1.64 -0.65 -17.30
N LYS C 220 1.75 0.68 -17.34
CA LYS C 220 3.03 1.33 -17.54
C LYS C 220 3.94 1.06 -16.35
N LYS C 221 3.36 1.10 -15.16
CA LYS C 221 4.08 0.80 -13.93
C LYS C 221 4.68 -0.60 -14.03
N LYS C 222 3.87 -1.56 -14.47
CA LYS C 222 4.31 -2.94 -14.63
C LYS C 222 5.40 -3.08 -15.69
N LEU C 223 5.21 -2.40 -16.82
CA LEU C 223 6.19 -2.41 -17.91
C LEU C 223 7.54 -1.82 -17.50
N LEU C 224 7.52 -0.64 -16.90
CA LEU C 224 8.73 0.05 -16.45
C LEU C 224 9.51 -0.77 -15.43
N ILE C 225 8.79 -1.44 -14.53
CA ILE C 225 9.40 -2.32 -13.55
C ILE C 225 9.99 -3.55 -14.25
N ALA C 226 9.25 -4.11 -15.19
CA ALA C 226 9.66 -5.32 -15.92
C ALA C 226 10.96 -5.13 -16.67
N VAL C 227 11.23 -3.90 -17.08
CA VAL C 227 12.37 -3.64 -17.95
C VAL C 227 13.50 -2.88 -17.22
N GLY C 228 13.34 -2.67 -15.92
CA GLY C 228 14.41 -2.19 -15.06
C GLY C 228 14.60 -0.70 -14.91
N ILE C 229 13.62 0.08 -15.36
CA ILE C 229 13.65 1.54 -15.23
C ILE C 229 13.40 1.98 -13.79
N ILE C 230 12.40 1.35 -13.16
CA ILE C 230 12.14 1.51 -11.72
C ILE C 230 12.03 0.13 -11.05
N ASP C 231 12.18 0.09 -9.74
CA ASP C 231 11.93 -1.16 -9.02
C ASP C 231 10.49 -1.19 -8.50
N GLU C 232 10.16 -2.23 -7.73
CA GLU C 232 8.80 -2.40 -7.21
C GLU C 232 8.44 -1.30 -6.22
N ASP C 233 9.46 -0.62 -5.70
CA ASP C 233 9.26 0.48 -4.76
C ASP C 233 9.22 1.82 -5.47
N LEU C 234 9.18 1.77 -6.81
CA LEU C 234 9.13 2.97 -7.66
C LEU C 234 10.41 3.81 -7.58
N VAL C 235 11.52 3.19 -7.19
CA VAL C 235 12.81 3.88 -7.15
C VAL C 235 13.48 3.81 -8.52
N LEU C 236 13.97 4.94 -9.00
CA LEU C 236 14.62 5.02 -10.31
C LEU C 236 16.02 4.41 -10.25
N ALA C 237 16.38 3.66 -11.29
CA ALA C 237 17.76 3.21 -11.44
C ALA C 237 18.67 4.42 -11.66
N SER C 238 19.86 4.38 -11.06
CA SER C 238 20.77 5.52 -11.12
C SER C 238 21.12 5.93 -12.55
N ALA C 239 21.22 4.94 -13.44
CA ALA C 239 21.53 5.19 -14.83
C ALA C 239 20.48 6.11 -15.46
N VAL C 240 19.23 5.95 -15.04
CA VAL C 240 18.14 6.76 -15.56
C VAL C 240 18.28 8.22 -15.10
N VAL C 241 18.52 8.42 -13.81
CA VAL C 241 18.61 9.77 -13.26
C VAL C 241 19.85 10.53 -13.74
N ARG C 242 20.93 9.81 -14.05
CA ARG C 242 22.14 10.46 -14.54
C ARG C 242 22.03 10.76 -16.03
N SER C 243 21.36 9.89 -16.76
CA SER C 243 21.05 10.16 -18.16
C SER C 243 20.09 11.35 -18.23
N ALA C 244 19.21 11.44 -17.25
CA ALA C 244 18.23 12.51 -17.20
C ALA C 244 18.89 13.87 -16.98
N GLU C 245 19.84 13.93 -16.06
CA GLU C 245 20.48 15.20 -15.75
C GLU C 245 21.42 15.66 -16.85
N LYS C 246 21.90 14.71 -17.66
CA LYS C 246 22.72 15.06 -18.81
C LYS C 246 21.86 15.67 -19.91
N TYR C 247 20.61 15.24 -19.96
CA TYR C 247 19.66 15.79 -20.92
C TYR C 247 19.29 17.22 -20.54
N ARG C 248 18.94 17.44 -19.27
CA ARG C 248 18.54 18.76 -18.81
C ARG C 248 19.66 19.80 -18.98
N ALA C 249 20.90 19.35 -18.86
CA ALA C 249 22.05 20.24 -19.04
C ALA C 249 22.21 20.65 -20.50
N LYS C 250 21.87 19.75 -21.42
CA LYS C 250 21.96 20.01 -22.86
C LYS C 250 20.92 21.02 -23.35
N VAL C 251 19.71 20.91 -22.83
CA VAL C 251 18.58 21.73 -23.30
C VAL C 251 18.61 23.15 -22.72
N GLY C 252 19.35 23.34 -21.63
CA GLY C 252 19.51 24.67 -21.02
C GLY C 252 20.96 25.17 -21.07
N GLU D 4 -8.58 -3.22 -23.56
CA GLU D 4 -9.03 -4.40 -22.81
C GLU D 4 -8.97 -5.65 -23.69
N ASN D 5 -9.26 -5.50 -24.96
CA ASN D 5 -8.99 -6.57 -25.90
C ASN D 5 -7.70 -6.24 -26.64
N TYR D 6 -7.61 -5.06 -27.22
CA TYR D 6 -6.36 -4.75 -27.92
C TYR D 6 -5.25 -4.31 -26.97
N ARG D 7 -5.63 -3.82 -25.79
CA ARG D 7 -4.64 -3.49 -24.77
C ARG D 7 -4.02 -4.76 -24.21
N ASP D 8 -4.88 -5.73 -23.89
CA ASP D 8 -4.43 -6.99 -23.33
C ASP D 8 -3.61 -7.80 -24.32
N ILE D 9 -3.89 -7.63 -25.61
CA ILE D 9 -3.09 -8.28 -26.65
C ILE D 9 -1.67 -7.71 -26.66
N ALA D 10 -1.56 -6.38 -26.66
CA ALA D 10 -0.26 -5.73 -26.59
C ALA D 10 0.49 -6.16 -25.33
N LEU D 11 -0.20 -6.12 -24.20
CA LEU D 11 0.37 -6.49 -22.91
C LEU D 11 0.89 -7.93 -22.88
N ALA D 12 0.24 -8.81 -23.65
CA ALA D 12 0.63 -10.22 -23.69
C ALA D 12 1.99 -10.42 -24.36
N PHE D 13 2.40 -9.46 -25.17
CA PHE D 13 3.68 -9.53 -25.86
C PHE D 13 4.84 -9.32 -24.90
N LEU D 14 4.53 -8.87 -23.69
CA LEU D 14 5.54 -8.74 -22.65
C LEU D 14 6.05 -10.14 -22.28
N ASP D 15 5.17 -11.12 -22.32
CA ASP D 15 5.52 -12.50 -22.00
C ASP D 15 5.74 -13.34 -23.26
N GLU D 16 5.66 -12.70 -24.43
CA GLU D 16 5.92 -13.40 -25.68
C GLU D 16 7.41 -13.64 -25.82
N SER D 17 7.77 -14.76 -26.44
CA SER D 17 9.17 -15.16 -26.57
C SER D 17 10.04 -14.15 -27.33
N ALA D 18 11.28 -14.01 -26.88
CA ALA D 18 12.26 -13.17 -27.57
C ALA D 18 13.61 -13.88 -27.60
N ASP D 19 13.66 -15.05 -28.23
CA ASP D 19 14.87 -15.87 -28.25
C ASP D 19 16.00 -15.17 -28.98
N SER D 20 17.14 -15.03 -28.31
CA SER D 20 18.31 -14.39 -28.89
C SER D 20 18.75 -15.03 -30.20
N GLY D 21 18.70 -16.37 -30.26
CA GLY D 21 19.07 -17.09 -31.46
C GLY D 21 18.19 -16.77 -32.64
N THR D 22 16.88 -16.81 -32.44
CA THR D 22 15.93 -16.58 -33.53
C THR D 22 15.92 -15.13 -34.00
N ILE D 23 16.12 -14.21 -33.07
CA ILE D 23 16.14 -12.78 -33.39
C ILE D 23 17.39 -12.41 -34.19
N ASN D 24 18.54 -12.94 -33.77
CA ASN D 24 19.79 -12.72 -34.48
C ASN D 24 19.76 -13.27 -35.91
N ALA D 25 19.03 -14.36 -36.11
CA ALA D 25 18.86 -14.93 -37.43
C ALA D 25 18.08 -13.97 -38.33
N TRP D 26 17.09 -13.30 -37.73
CA TRP D 26 16.31 -12.29 -38.44
C TRP D 26 17.15 -11.07 -38.82
N VAL D 27 18.05 -10.69 -37.91
CA VAL D 27 18.92 -9.54 -38.12
C VAL D 27 19.84 -9.77 -39.31
N ASN D 28 20.43 -10.96 -39.39
CA ASN D 28 21.30 -11.32 -40.49
C ASN D 28 20.56 -11.39 -41.83
N GLU D 29 19.32 -11.89 -41.80
CA GLU D 29 18.48 -11.91 -43.00
C GLU D 29 18.19 -10.49 -43.47
N PHE D 30 17.77 -9.65 -42.53
CA PHE D 30 17.37 -8.27 -42.83
C PHE D 30 18.57 -7.34 -42.92
N ALA D 31 19.76 -7.89 -42.70
CA ALA D 31 20.99 -7.08 -42.68
C ALA D 31 21.19 -6.34 -44.00
N TYR D 32 21.79 -5.15 -43.91
CA TYR D 32 22.16 -4.40 -45.09
C TYR D 32 23.10 -5.21 -46.00
N GLN D 33 22.79 -5.24 -47.29
CA GLN D 33 23.67 -5.84 -48.30
C GLN D 33 23.91 -4.85 -49.42
N GLY D 34 25.17 -4.49 -49.64
CA GLY D 34 25.54 -3.56 -50.69
C GLY D 34 25.15 -4.07 -52.07
N PHE D 35 25.59 -5.29 -52.38
CA PHE D 35 25.31 -5.90 -53.67
C PHE D 35 25.52 -7.41 -53.62
N ASP D 36 25.06 -8.09 -54.66
CA ASP D 36 25.27 -9.54 -54.81
C ASP D 36 26.24 -9.79 -55.96
N PRO D 37 27.45 -10.30 -55.65
CA PRO D 37 28.47 -10.60 -56.65
C PRO D 37 27.92 -11.53 -57.72
N LYS D 38 27.19 -12.55 -57.29
CA LYS D 38 26.57 -13.53 -58.17
C LYS D 38 25.71 -12.84 -59.24
N ARG D 39 24.99 -11.81 -58.83
CA ARG D 39 24.11 -11.06 -59.71
C ARG D 39 24.91 -10.22 -60.70
N ILE D 40 26.06 -9.72 -60.24
CA ILE D 40 26.90 -8.85 -61.05
C ILE D 40 27.50 -9.61 -62.24
N VAL D 41 28.11 -10.75 -61.96
CA VAL D 41 28.65 -11.66 -62.97
C VAL D 41 27.55 -11.99 -64.00
N GLN D 42 26.37 -12.32 -63.50
CA GLN D 42 25.23 -12.68 -64.35
C GLN D 42 24.91 -11.56 -65.34
N LEU D 43 24.71 -10.36 -64.80
CA LEU D 43 24.36 -9.20 -65.62
C LEU D 43 25.45 -8.85 -66.63
N VAL D 44 26.71 -8.85 -66.19
CA VAL D 44 27.84 -8.56 -67.07
C VAL D 44 27.84 -9.50 -68.27
N LYS D 45 27.67 -10.79 -68.01
CA LYS D 45 27.64 -11.79 -69.08
C LYS D 45 26.44 -11.62 -70.00
N GLU D 46 25.28 -11.37 -69.41
CA GLU D 46 24.06 -11.21 -70.20
C GLU D 46 24.07 -9.92 -71.03
N ARG D 47 24.33 -8.79 -70.39
CA ARG D 47 24.36 -7.51 -71.08
C ARG D 47 25.46 -7.45 -72.15
N GLY D 48 26.59 -8.12 -71.87
CA GLY D 48 27.70 -8.15 -72.81
C GLY D 48 27.45 -9.00 -74.04
N THR D 49 26.96 -10.22 -73.83
CA THR D 49 26.63 -11.13 -74.92
C THR D 49 25.46 -10.61 -75.77
N ALA D 50 24.54 -9.88 -75.14
CA ALA D 50 23.38 -9.33 -75.83
C ALA D 50 23.79 -8.29 -76.87
N LYS D 51 24.94 -7.65 -76.63
CA LYS D 51 25.46 -6.64 -77.54
C LYS D 51 26.57 -7.22 -78.42
N GLY D 52 26.77 -8.54 -78.33
CA GLY D 52 27.79 -9.21 -79.11
C GLY D 52 29.19 -8.71 -78.85
N ARG D 53 29.61 -8.75 -77.58
CA ARG D 53 30.91 -8.24 -77.18
C ARG D 53 31.78 -9.32 -76.56
N ASP D 54 33.09 -9.13 -76.60
CA ASP D 54 34.01 -9.95 -75.82
C ASP D 54 33.89 -9.48 -74.38
N TRP D 55 32.87 -9.98 -73.68
CA TRP D 55 32.53 -9.46 -72.36
C TRP D 55 33.62 -9.74 -71.32
N LYS D 56 34.33 -10.85 -71.47
CA LYS D 56 35.43 -11.17 -70.57
C LYS D 56 36.54 -10.12 -70.67
N LYS D 57 36.77 -9.65 -71.89
CA LYS D 57 37.74 -8.58 -72.13
C LYS D 57 37.24 -7.27 -71.53
N ASP D 58 35.96 -6.98 -71.74
CA ASP D 58 35.31 -5.80 -71.17
C ASP D 58 35.42 -5.79 -69.65
N VAL D 59 35.32 -6.96 -69.02
CA VAL D 59 35.51 -7.10 -67.58
C VAL D 59 36.89 -6.62 -67.18
N LYS D 60 37.90 -7.05 -67.93
CA LYS D 60 39.28 -6.66 -67.67
C LYS D 60 39.48 -5.15 -67.79
N MET D 61 38.93 -4.56 -68.85
CA MET D 61 39.05 -3.13 -69.08
C MET D 61 38.34 -2.34 -67.99
N MET D 62 37.18 -2.83 -67.56
CA MET D 62 36.43 -2.17 -66.51
C MET D 62 37.18 -2.22 -65.18
N ILE D 63 37.84 -3.35 -64.92
CA ILE D 63 38.62 -3.52 -63.69
C ILE D 63 39.83 -2.58 -63.68
N VAL D 64 40.60 -2.58 -64.78
CA VAL D 64 41.75 -1.69 -64.93
C VAL D 64 41.33 -0.22 -64.80
N LEU D 65 40.20 0.12 -65.43
CA LEU D 65 39.61 1.44 -65.32
C LEU D 65 39.29 1.79 -63.86
N ASN D 66 38.69 0.84 -63.15
CA ASN D 66 38.34 1.02 -61.74
C ASN D 66 39.57 1.21 -60.85
N LEU D 67 40.63 0.48 -61.17
CA LEU D 67 41.87 0.54 -60.41
C LEU D 67 42.57 1.90 -60.53
N VAL D 68 42.49 2.52 -61.71
CA VAL D 68 43.24 3.75 -61.95
C VAL D 68 42.40 5.03 -61.89
N ARG D 69 41.08 4.91 -62.00
CA ARG D 69 40.22 6.10 -62.03
C ARG D 69 39.13 6.12 -60.97
N GLY D 70 38.81 4.95 -60.39
CA GLY D 70 37.83 4.90 -59.33
C GLY D 70 36.46 4.42 -59.77
N ASN D 71 35.41 5.05 -59.24
CA ASN D 71 34.05 4.56 -59.42
C ASN D 71 33.06 5.60 -59.95
N LYS D 72 33.57 6.61 -60.65
CA LYS D 72 32.71 7.65 -61.23
C LYS D 72 32.93 7.78 -62.74
N PRO D 73 32.23 6.92 -63.52
CA PRO D 73 32.41 6.78 -64.97
C PRO D 73 32.19 8.09 -65.73
N GLU D 74 31.08 8.77 -65.47
CA GLU D 74 30.77 10.02 -66.17
C GLU D 74 31.81 11.11 -65.86
N ALA D 75 32.26 11.14 -64.62
CA ALA D 75 33.20 12.16 -64.17
C ALA D 75 34.61 11.96 -64.72
N MET D 76 35.07 10.71 -64.78
CA MET D 76 36.43 10.40 -65.23
C MET D 76 36.62 10.66 -66.72
N MET D 77 35.53 10.61 -67.48
CA MET D 77 35.58 10.89 -68.91
C MET D 77 35.91 12.36 -69.20
N LYS D 78 35.62 13.23 -68.24
CA LYS D 78 35.86 14.66 -68.39
C LYS D 78 37.35 14.99 -68.31
N LYS D 79 38.12 14.06 -67.75
CA LYS D 79 39.57 14.21 -67.64
C LYS D 79 40.25 12.96 -68.17
N MET D 80 40.11 12.74 -69.48
CA MET D 80 40.62 11.53 -70.10
C MET D 80 40.92 11.79 -71.57
N SER D 81 41.81 11.01 -72.17
CA SER D 81 42.09 11.11 -73.60
C SER D 81 40.83 10.77 -74.39
N GLU D 82 40.73 11.30 -75.61
CA GLU D 82 39.56 11.06 -76.45
C GLU D 82 39.38 9.58 -76.74
N LYS D 83 40.49 8.89 -76.97
CA LYS D 83 40.48 7.46 -77.25
C LYS D 83 39.84 6.67 -76.11
N GLY D 84 40.37 6.85 -74.90
CA GLY D 84 39.88 6.15 -73.74
C GLY D 84 38.46 6.51 -73.34
N ALA D 85 38.11 7.79 -73.44
CA ALA D 85 36.77 8.26 -73.08
C ALA D 85 35.72 7.65 -74.00
N SER D 86 36.11 7.38 -75.24
CA SER D 86 35.20 6.79 -76.22
C SER D 86 34.82 5.36 -75.82
N ILE D 87 35.79 4.61 -75.29
CA ILE D 87 35.53 3.22 -74.89
C ILE D 87 34.83 3.13 -73.54
N VAL D 88 35.09 4.11 -72.66
CA VAL D 88 34.39 4.17 -71.39
C VAL D 88 32.91 4.45 -71.64
N ALA D 89 32.65 5.35 -72.58
CA ALA D 89 31.28 5.69 -72.98
C ALA D 89 30.52 4.45 -73.43
N ASN D 90 31.19 3.59 -74.21
CA ASN D 90 30.62 2.31 -74.61
C ASN D 90 30.32 1.42 -73.41
N LEU D 91 31.34 1.16 -72.60
CA LEU D 91 31.20 0.34 -71.39
C LEU D 91 30.02 0.77 -70.51
N ILE D 92 29.84 2.09 -70.36
CA ILE D 92 28.70 2.64 -69.65
C ILE D 92 27.39 2.24 -70.32
N SER D 93 27.34 2.37 -71.65
CA SER D 93 26.14 2.05 -72.42
C SER D 93 25.73 0.58 -72.29
N VAL D 94 26.62 -0.33 -72.68
CA VAL D 94 26.26 -1.75 -72.72
C VAL D 94 26.09 -2.38 -71.33
N TYR D 95 26.91 -1.96 -70.37
CA TYR D 95 26.81 -2.53 -69.02
C TYR D 95 25.96 -1.70 -68.07
N GLN D 96 25.39 -0.61 -68.57
CA GLN D 96 24.52 0.27 -67.80
C GLN D 96 25.19 0.67 -66.49
N LEU D 97 26.45 1.09 -66.60
CA LEU D 97 27.25 1.43 -65.44
C LEU D 97 26.71 2.65 -64.70
N LYS D 98 26.71 2.56 -63.38
CA LYS D 98 26.33 3.67 -62.52
C LYS D 98 27.46 3.94 -61.54
N GLU D 99 27.28 4.92 -60.68
CA GLU D 99 28.27 5.25 -59.67
C GLU D 99 27.67 5.17 -58.27
N GLY D 100 28.54 5.25 -57.26
CA GLY D 100 28.09 5.27 -55.88
C GLY D 100 27.67 3.91 -55.36
N ASN D 101 26.62 3.90 -54.55
CA ASN D 101 26.09 2.65 -53.98
C ASN D 101 24.61 2.46 -54.30
N PRO D 102 24.28 2.16 -55.57
CA PRO D 102 22.88 1.95 -55.96
C PRO D 102 22.38 0.56 -55.54
N GLY D 103 21.25 0.14 -56.11
CA GLY D 103 20.65 -1.14 -55.79
C GLY D 103 21.53 -2.35 -56.09
N ARG D 104 21.14 -3.49 -55.54
CA ARG D 104 21.88 -4.74 -55.71
C ARG D 104 21.93 -5.23 -57.16
N ASP D 105 20.92 -4.88 -57.94
CA ASP D 105 20.85 -5.29 -59.35
C ASP D 105 21.44 -4.23 -60.26
N THR D 106 22.40 -3.47 -59.73
CA THR D 106 23.03 -2.41 -60.50
C THR D 106 24.54 -2.60 -60.56
N ILE D 107 25.12 -2.31 -61.72
CA ILE D 107 26.54 -2.52 -61.92
C ILE D 107 27.36 -1.24 -61.73
N THR D 108 28.41 -1.34 -60.92
CA THR D 108 29.40 -0.27 -60.80
C THR D 108 30.77 -0.88 -61.07
N LEU D 109 31.76 -0.02 -61.31
CA LEU D 109 33.12 -0.49 -61.55
C LEU D 109 33.70 -1.19 -60.32
N SER D 110 33.40 -0.66 -59.13
CA SER D 110 33.85 -1.28 -57.88
C SER D 110 33.31 -2.70 -57.72
N ARG D 111 32.09 -2.92 -58.19
CA ARG D 111 31.47 -4.23 -58.06
C ARG D 111 32.01 -5.24 -59.07
N VAL D 112 32.43 -4.75 -60.23
CA VAL D 112 33.07 -5.61 -61.22
C VAL D 112 34.40 -6.12 -60.66
N SER D 113 35.20 -5.22 -60.11
CA SER D 113 36.47 -5.56 -59.48
C SER D 113 36.29 -6.51 -58.30
N ALA D 114 35.18 -6.35 -57.57
CA ALA D 114 34.89 -7.20 -56.43
C ALA D 114 34.42 -8.60 -56.86
N ALA D 115 33.47 -8.65 -57.79
CA ALA D 115 32.95 -9.93 -58.27
C ALA D 115 34.02 -10.72 -59.02
N PHE D 116 34.71 -10.06 -59.95
CA PHE D 116 35.77 -10.69 -60.73
C PHE D 116 37.13 -10.46 -60.09
N VAL D 117 37.17 -10.54 -58.76
CA VAL D 117 38.40 -10.37 -58.00
C VAL D 117 39.57 -11.35 -58.33
N PRO D 118 39.28 -12.60 -58.79
CA PRO D 118 40.44 -13.42 -59.14
C PRO D 118 41.30 -12.84 -60.27
N TRP D 119 40.75 -11.92 -61.06
CA TRP D 119 41.54 -11.25 -62.08
C TRP D 119 42.10 -9.91 -61.58
N THR D 120 41.30 -9.20 -60.79
CA THR D 120 41.70 -7.95 -60.17
C THR D 120 43.01 -8.12 -59.42
N VAL D 121 43.07 -9.20 -58.65
CA VAL D 121 44.22 -9.53 -57.82
C VAL D 121 45.47 -9.78 -58.68
N GLN D 122 45.27 -10.18 -59.94
CA GLN D 122 46.38 -10.42 -60.86
C GLN D 122 46.83 -9.15 -61.56
N ALA D 123 45.87 -8.28 -61.91
CA ALA D 123 46.17 -7.03 -62.59
C ALA D 123 46.97 -6.10 -61.70
N LEU D 124 46.76 -6.22 -60.39
CA LEU D 124 47.45 -5.41 -59.40
C LEU D 124 48.97 -5.61 -59.45
N ARG D 125 49.42 -6.82 -59.81
CA ARG D 125 50.84 -7.10 -59.94
C ARG D 125 51.48 -6.25 -61.05
N VAL D 126 50.66 -5.88 -62.03
CA VAL D 126 51.15 -5.20 -63.23
C VAL D 126 51.15 -3.67 -63.14
N LEU D 127 50.09 -3.09 -62.58
CA LEU D 127 49.91 -1.64 -62.60
C LEU D 127 50.00 -0.96 -61.23
N SER D 128 50.75 -1.54 -60.31
CA SER D 128 50.84 -1.02 -58.94
C SER D 128 51.36 0.41 -58.83
N GLU D 129 52.08 0.87 -59.86
CA GLU D 129 52.63 2.22 -59.85
C GLU D 129 51.67 3.25 -60.45
N SER D 130 50.55 2.79 -60.98
CA SER D 130 49.55 3.68 -61.57
C SER D 130 48.34 3.88 -60.63
N LEU D 131 48.39 3.23 -59.47
CA LEU D 131 47.33 3.34 -58.46
C LEU D 131 47.41 4.67 -57.72
N PRO D 132 46.30 5.10 -57.09
CA PRO D 132 46.30 6.30 -56.25
C PRO D 132 47.39 6.23 -55.19
N VAL D 133 47.49 5.08 -54.52
CA VAL D 133 48.63 4.79 -53.66
C VAL D 133 49.53 3.79 -54.38
N SER D 134 50.75 4.20 -54.70
CA SER D 134 51.67 3.36 -55.46
C SER D 134 52.24 2.22 -54.62
N GLY D 135 52.76 1.20 -55.30
CA GLY D 135 53.40 0.08 -54.62
C GLY D 135 54.66 0.51 -53.89
N THR D 136 55.41 1.42 -54.51
CA THR D 136 56.63 1.94 -53.91
C THR D 136 56.33 2.68 -52.61
N THR D 137 55.18 3.34 -52.57
CA THR D 137 54.72 4.02 -51.35
C THR D 137 54.43 3.00 -50.25
N MET D 138 53.72 1.93 -50.61
CA MET D 138 53.42 0.86 -49.65
C MET D 138 54.69 0.11 -49.23
N ASP D 139 55.68 0.07 -50.11
CA ASP D 139 56.95 -0.60 -49.80
C ASP D 139 57.73 0.18 -48.74
N ALA D 140 57.52 1.50 -48.70
CA ALA D 140 58.21 2.35 -47.74
C ALA D 140 57.51 2.32 -46.39
N ILE D 141 56.19 2.15 -46.42
CA ILE D 141 55.38 2.11 -45.20
C ILE D 141 55.55 0.79 -44.45
N ALA D 142 55.44 -0.32 -45.18
CA ALA D 142 55.86 -1.60 -44.63
C ALA D 142 57.38 -1.60 -44.66
N GLY D 143 58.01 -2.48 -43.88
CA GLY D 143 59.46 -2.55 -43.90
C GLY D 143 59.96 -3.31 -45.11
N VAL D 144 59.03 -3.86 -45.87
CA VAL D 144 59.32 -4.83 -46.92
C VAL D 144 58.57 -4.55 -48.21
N THR D 145 58.61 -5.50 -49.15
CA THR D 145 57.84 -5.39 -50.39
C THR D 145 56.39 -5.79 -50.14
N TYR D 146 55.51 -4.80 -50.11
CA TYR D 146 54.09 -5.03 -49.85
C TYR D 146 53.43 -5.80 -50.99
N PRO D 147 52.72 -6.90 -50.64
CA PRO D 147 52.05 -7.77 -51.62
C PRO D 147 51.06 -6.99 -52.49
N ARG D 148 51.36 -6.89 -53.78
CA ARG D 148 50.57 -6.09 -54.72
C ARG D 148 49.10 -6.54 -54.77
N ALA D 149 48.87 -7.82 -54.51
CA ALA D 149 47.53 -8.39 -54.56
C ALA D 149 46.58 -7.73 -53.56
N MET D 150 47.15 -7.17 -52.50
CA MET D 150 46.35 -6.55 -51.44
C MET D 150 46.01 -5.09 -51.74
N MET D 151 46.61 -4.54 -52.79
CA MET D 151 46.51 -3.10 -53.03
C MET D 151 45.19 -2.64 -53.67
N HIS D 152 44.09 -3.15 -53.11
CA HIS D 152 42.75 -2.72 -53.48
C HIS D 152 41.75 -3.26 -52.46
N PRO D 153 40.68 -2.49 -52.18
CA PRO D 153 39.65 -2.95 -51.23
C PRO D 153 39.02 -4.28 -51.61
N SER D 154 39.00 -4.58 -52.91
CA SER D 154 38.38 -5.81 -53.39
C SER D 154 39.12 -7.07 -52.92
N PHE D 155 40.35 -6.91 -52.44
CA PHE D 155 41.11 -8.05 -51.93
C PHE D 155 40.43 -8.70 -50.73
N ALA D 156 39.69 -7.89 -49.96
CA ALA D 156 38.98 -8.39 -48.80
C ALA D 156 38.05 -9.56 -49.14
N GLY D 157 37.59 -9.61 -50.38
CA GLY D 157 36.66 -10.62 -50.82
C GLY D 157 37.22 -12.03 -50.84
N ILE D 158 38.55 -12.16 -50.78
CA ILE D 158 39.15 -13.48 -50.81
C ILE D 158 39.79 -13.87 -49.47
N ILE D 159 39.54 -13.06 -48.43
CA ILE D 159 40.06 -13.36 -47.10
C ILE D 159 39.19 -14.38 -46.35
N ASP D 160 39.80 -15.47 -45.91
CA ASP D 160 39.14 -16.46 -45.06
C ASP D 160 39.51 -16.22 -43.60
N LEU D 161 38.61 -15.54 -42.88
CA LEU D 161 38.84 -15.19 -41.48
C LEU D 161 38.95 -16.43 -40.60
N ASP D 162 38.32 -17.51 -41.05
CA ASP D 162 38.26 -18.76 -40.28
C ASP D 162 39.42 -19.70 -40.59
N LEU D 163 40.53 -19.14 -41.08
CA LEU D 163 41.77 -19.90 -41.22
C LEU D 163 42.32 -20.23 -39.84
N PRO D 164 43.00 -21.37 -39.71
CA PRO D 164 43.58 -21.80 -38.42
C PRO D 164 44.61 -20.81 -37.88
N ASN D 165 44.73 -20.75 -36.55
CA ASN D 165 45.72 -19.91 -35.87
C ASN D 165 45.57 -18.42 -36.15
N GLY D 166 44.33 -17.99 -36.37
CA GLY D 166 44.03 -16.59 -36.63
C GLY D 166 44.80 -16.02 -37.82
N ALA D 167 45.14 -16.88 -38.77
CA ALA D 167 45.90 -16.46 -39.93
C ALA D 167 45.08 -15.48 -40.78
N GLY D 168 43.76 -15.68 -40.80
CA GLY D 168 42.87 -14.80 -41.53
C GLY D 168 42.89 -13.39 -40.97
N ALA D 169 42.94 -13.29 -39.65
CA ALA D 169 42.98 -11.99 -38.99
C ALA D 169 44.30 -11.26 -39.32
N THR D 170 45.38 -12.04 -39.40
CA THR D 170 46.69 -11.50 -39.74
C THR D 170 46.70 -10.96 -41.17
N ILE D 171 46.05 -11.69 -42.08
CA ILE D 171 45.89 -11.24 -43.46
C ILE D 171 45.01 -9.98 -43.50
N ALA D 172 43.94 -9.99 -42.72
CA ALA D 172 43.05 -8.84 -42.65
C ALA D 172 43.78 -7.61 -42.11
N ASP D 173 44.72 -7.81 -41.20
CA ASP D 173 45.51 -6.70 -40.64
C ASP D 173 46.53 -6.21 -41.67
N ALA D 174 47.14 -7.14 -42.40
CA ALA D 174 48.10 -6.78 -43.44
C ALA D 174 47.40 -5.99 -44.55
N HIS D 175 46.14 -6.34 -44.82
CA HIS D 175 45.35 -5.60 -45.79
C HIS D 175 44.97 -4.22 -45.25
N GLY D 176 44.75 -4.14 -43.94
CA GLY D 176 44.40 -2.88 -43.30
C GLY D 176 45.49 -1.83 -43.40
N LEU D 177 46.74 -2.28 -43.50
CA LEU D 177 47.88 -1.38 -43.65
C LEU D 177 47.73 -0.56 -44.93
N PHE D 178 47.30 -1.21 -46.00
CA PHE D 178 47.05 -0.52 -47.27
C PHE D 178 45.79 0.33 -47.20
N MET D 179 44.75 -0.23 -46.60
CA MET D 179 43.44 0.42 -46.57
C MET D 179 43.43 1.77 -45.85
N ILE D 180 44.29 1.92 -44.83
CA ILE D 180 44.37 3.20 -44.13
C ILE D 180 45.04 4.26 -45.01
N GLU D 181 45.98 3.84 -45.84
CA GLU D 181 46.65 4.75 -46.76
C GLU D 181 45.72 5.09 -47.92
N PHE D 182 45.04 4.07 -48.43
CA PHE D 182 44.10 4.25 -49.52
C PHE D 182 42.98 5.19 -49.11
N SER D 183 42.48 5.02 -47.90
CA SER D 183 41.42 5.88 -47.37
C SER D 183 41.89 7.31 -47.21
N LYS D 184 43.17 7.47 -46.86
CA LYS D 184 43.75 8.80 -46.62
C LYS D 184 43.91 9.64 -47.90
N THR D 185 44.07 8.99 -49.05
CA THR D 185 44.25 9.75 -50.29
C THR D 185 42.92 10.04 -51.01
N ILE D 186 42.07 9.02 -51.13
CA ILE D 186 40.76 9.23 -51.76
C ILE D 186 39.84 10.10 -50.90
N ASN D 187 40.06 10.09 -49.58
CA ASN D 187 39.37 11.00 -48.67
C ASN D 187 40.35 11.74 -47.79
N PRO D 188 40.98 12.78 -48.35
CA PRO D 188 42.09 13.53 -47.75
C PRO D 188 41.74 14.19 -46.41
N SER D 189 40.47 14.24 -46.06
CA SER D 189 40.06 14.80 -44.77
C SER D 189 40.52 13.89 -43.63
N LEU D 190 40.74 12.62 -43.94
CA LEU D 190 41.16 11.63 -42.95
C LEU D 190 42.67 11.65 -42.66
N ARG D 191 43.42 12.43 -43.46
CA ARG D 191 44.88 12.45 -43.37
C ARG D 191 45.39 12.88 -41.99
N THR D 192 44.63 13.74 -41.32
CA THR D 192 45.02 14.28 -40.02
C THR D 192 44.47 13.45 -38.87
N LYS D 193 43.74 12.39 -39.20
CA LYS D 193 43.16 11.51 -38.18
C LYS D 193 44.15 10.46 -37.69
N GLN D 194 43.91 9.93 -36.49
CA GLN D 194 44.70 8.81 -35.98
C GLN D 194 44.44 7.56 -36.80
N ALA D 195 45.40 6.64 -36.83
CA ALA D 195 45.27 5.43 -37.65
C ALA D 195 44.03 4.61 -37.31
N ASN D 196 43.73 4.48 -36.02
CA ASN D 196 42.56 3.73 -35.60
C ASN D 196 41.25 4.39 -36.03
N GLU D 197 41.23 5.72 -36.03
CA GLU D 197 40.06 6.46 -36.48
C GLU D 197 39.80 6.21 -37.97
N VAL D 198 40.88 6.16 -38.74
CA VAL D 198 40.79 5.92 -40.18
C VAL D 198 40.33 4.48 -40.44
N ALA D 199 40.91 3.53 -39.71
CA ALA D 199 40.52 2.12 -39.82
C ALA D 199 39.04 1.91 -39.55
N ALA D 200 38.48 2.72 -38.66
CA ALA D 200 37.07 2.63 -38.32
C ALA D 200 36.15 3.04 -39.47
N THR D 201 36.69 3.85 -40.38
CA THR D 201 35.89 4.38 -41.49
C THR D 201 35.57 3.33 -42.55
N PHE D 202 36.40 2.30 -42.66
CA PHE D 202 36.17 1.22 -43.62
C PHE D 202 35.94 -0.14 -42.98
N GLU D 203 35.72 -0.15 -41.66
CA GLU D 203 35.57 -1.39 -40.92
C GLU D 203 34.35 -2.21 -41.38
N LYS D 204 33.20 -1.55 -41.48
CA LYS D 204 31.96 -2.22 -41.89
C LYS D 204 31.97 -2.85 -43.30
N PRO D 205 32.29 -2.06 -44.35
CA PRO D 205 32.24 -2.68 -45.68
C PRO D 205 33.34 -3.71 -45.90
N ASN D 206 34.47 -3.55 -45.21
CA ASN D 206 35.57 -4.51 -45.31
C ASN D 206 35.21 -5.84 -44.67
N MET D 207 34.56 -5.77 -43.51
CA MET D 207 34.07 -6.97 -42.83
C MET D 207 33.06 -7.70 -43.69
N ALA D 208 32.14 -6.94 -44.28
CA ALA D 208 31.09 -7.50 -45.13
C ALA D 208 31.69 -8.22 -46.34
N ALA D 209 32.78 -7.67 -46.88
CA ALA D 209 33.47 -8.29 -48.01
C ALA D 209 34.13 -9.60 -47.58
N MET D 210 34.78 -9.56 -46.41
CA MET D 210 35.47 -10.74 -45.87
C MET D 210 34.49 -11.81 -45.40
N SER D 211 33.27 -11.38 -45.06
CA SER D 211 32.25 -12.29 -44.55
C SER D 211 31.36 -12.86 -45.65
N GLY D 212 31.53 -12.38 -46.88
CA GLY D 212 30.76 -12.88 -47.99
C GLY D 212 31.03 -14.35 -48.27
N ARG D 213 29.98 -15.11 -48.53
CA ARG D 213 30.16 -16.50 -48.91
C ARG D 213 29.92 -16.81 -50.39
N PHE D 214 30.13 -15.82 -51.25
CA PHE D 214 30.08 -16.06 -52.70
C PHE D 214 31.15 -17.09 -53.06
N PHE D 215 32.34 -16.92 -52.50
CA PHE D 215 33.40 -17.91 -52.60
C PHE D 215 33.41 -18.79 -51.35
N THR D 216 33.77 -20.06 -51.52
CA THR D 216 33.89 -20.98 -50.38
C THR D 216 35.23 -20.78 -49.67
N ARG D 217 35.39 -21.44 -48.52
CA ARG D 217 36.64 -21.38 -47.77
C ARG D 217 37.77 -21.95 -48.62
N GLU D 218 37.47 -23.00 -49.39
CA GLU D 218 38.45 -23.64 -50.25
C GLU D 218 38.76 -22.80 -51.49
N ASP D 219 37.76 -22.09 -52.00
CA ASP D 219 37.95 -21.15 -53.10
C ASP D 219 38.92 -20.06 -52.66
N LYS D 220 38.68 -19.51 -51.48
CA LYS D 220 39.52 -18.45 -50.92
C LYS D 220 40.93 -18.95 -50.66
N LYS D 221 41.01 -20.16 -50.12
CA LYS D 221 42.30 -20.78 -49.82
C LYS D 221 43.12 -20.94 -51.11
N LYS D 222 42.47 -21.42 -52.17
CA LYS D 222 43.12 -21.57 -53.47
C LYS D 222 43.59 -20.21 -54.02
N LEU D 223 42.74 -19.21 -53.87
CA LEU D 223 43.04 -17.85 -54.33
C LEU D 223 44.24 -17.25 -53.60
N LEU D 224 44.21 -17.35 -52.27
CA LEU D 224 45.30 -16.84 -51.44
C LEU D 224 46.64 -17.50 -51.78
N ILE D 225 46.61 -18.80 -52.03
CA ILE D 225 47.79 -19.55 -52.43
C ILE D 225 48.29 -19.12 -53.80
N ALA D 226 47.36 -19.02 -54.76
CA ALA D 226 47.68 -18.69 -56.14
C ALA D 226 48.35 -17.33 -56.30
N VAL D 227 48.13 -16.44 -55.33
CA VAL D 227 48.68 -15.09 -55.42
C VAL D 227 49.77 -14.82 -54.38
N GLY D 228 50.07 -15.83 -53.57
CA GLY D 228 51.24 -15.78 -52.70
C GLY D 228 51.07 -15.25 -51.29
N ILE D 229 49.82 -15.02 -50.89
CA ILE D 229 49.54 -14.58 -49.52
C ILE D 229 49.89 -15.68 -48.52
N ILE D 230 49.65 -16.91 -48.95
CA ILE D 230 49.86 -18.08 -48.10
C ILE D 230 50.34 -19.23 -49.02
N ASP D 231 51.06 -20.21 -48.47
CA ASP D 231 51.48 -21.34 -49.30
C ASP D 231 50.60 -22.59 -49.10
N GLU D 232 50.95 -23.68 -49.76
CA GLU D 232 50.16 -24.91 -49.72
C GLU D 232 50.08 -25.49 -48.30
N ASP D 233 51.04 -25.12 -47.46
CA ASP D 233 51.06 -25.57 -46.07
C ASP D 233 50.43 -24.54 -45.14
N LEU D 234 49.67 -23.62 -45.74
CA LEU D 234 48.97 -22.57 -44.99
C LEU D 234 49.90 -21.69 -44.16
N VAL D 235 51.14 -21.55 -44.62
CA VAL D 235 52.12 -20.70 -43.95
C VAL D 235 52.10 -19.30 -44.58
N LEU D 236 51.98 -18.29 -43.72
CA LEU D 236 51.91 -16.91 -44.17
C LEU D 236 53.24 -16.42 -44.74
N ALA D 237 53.18 -15.66 -45.83
CA ALA D 237 54.37 -15.00 -46.38
C ALA D 237 54.92 -13.98 -45.38
N SER D 238 56.24 -13.92 -45.27
CA SER D 238 56.90 -13.05 -44.29
C SER D 238 56.48 -11.57 -44.44
N ALA D 239 56.26 -11.14 -45.68
CA ALA D 239 55.83 -9.76 -45.93
C ALA D 239 54.43 -9.51 -45.38
N VAL D 240 53.59 -10.53 -45.38
CA VAL D 240 52.23 -10.41 -44.85
C VAL D 240 52.23 -10.26 -43.32
N VAL D 241 53.01 -11.10 -42.64
CA VAL D 241 53.10 -11.02 -41.18
C VAL D 241 53.75 -9.69 -40.75
N ARG D 242 54.67 -9.19 -41.57
CA ARG D 242 55.32 -7.90 -41.32
C ARG D 242 54.31 -6.78 -41.39
N SER D 243 53.57 -6.75 -42.50
CA SER D 243 52.59 -5.69 -42.75
C SER D 243 51.51 -5.72 -41.68
N ALA D 244 51.21 -6.91 -41.17
CA ALA D 244 50.20 -7.06 -40.13
C ALA D 244 50.65 -6.43 -38.81
N GLU D 245 51.88 -6.70 -38.39
CA GLU D 245 52.37 -6.14 -37.13
C GLU D 245 52.65 -4.63 -37.22
N LYS D 246 52.90 -4.14 -38.44
CA LYS D 246 53.00 -2.71 -38.67
C LYS D 246 51.65 -2.07 -38.42
N TYR D 247 50.61 -2.73 -38.92
CA TYR D 247 49.24 -2.25 -38.77
C TYR D 247 48.79 -2.26 -37.32
N ARG D 248 49.04 -3.37 -36.62
CA ARG D 248 48.68 -3.48 -35.21
C ARG D 248 49.34 -2.42 -34.35
N ALA D 249 50.58 -2.06 -34.69
CA ALA D 249 51.30 -1.04 -33.93
C ALA D 249 50.74 0.36 -34.20
N LYS D 250 50.28 0.58 -35.43
CA LYS D 250 49.66 1.85 -35.81
C LYS D 250 48.33 2.10 -35.11
N VAL D 251 47.57 1.03 -34.93
CA VAL D 251 46.20 1.09 -34.42
C VAL D 251 46.11 0.78 -32.92
N GLY D 252 46.95 -0.17 -32.47
CA GLY D 252 46.95 -0.66 -31.09
C GLY D 252 45.62 -1.26 -30.65
N GLU E 4 26.70 -21.11 -65.94
CA GLU E 4 25.58 -20.83 -65.05
C GLU E 4 25.94 -21.12 -63.59
N ASN E 5 27.11 -21.72 -63.39
CA ASN E 5 27.72 -21.83 -62.07
C ASN E 5 28.85 -20.78 -62.00
N TYR E 6 28.45 -19.55 -62.35
CA TYR E 6 29.19 -18.29 -62.34
C TYR E 6 30.44 -18.20 -61.47
N ARG E 7 30.46 -18.96 -60.39
CA ARG E 7 31.61 -19.04 -59.53
C ARG E 7 32.83 -19.59 -60.30
N ASP E 8 32.61 -20.64 -61.09
CA ASP E 8 33.68 -21.23 -61.91
C ASP E 8 34.19 -20.25 -62.97
N ILE E 9 33.27 -19.48 -63.55
CA ILE E 9 33.62 -18.46 -64.54
C ILE E 9 34.58 -17.43 -63.95
N ALA E 10 34.20 -16.87 -62.80
CA ALA E 10 35.03 -15.91 -62.09
C ALA E 10 36.37 -16.52 -61.68
N LEU E 11 36.31 -17.76 -61.20
CA LEU E 11 37.49 -18.48 -60.77
C LEU E 11 38.46 -18.74 -61.93
N ALA E 12 37.92 -18.90 -63.13
CA ALA E 12 38.72 -19.19 -64.32
C ALA E 12 39.58 -18.00 -64.75
N PHE E 13 39.26 -16.81 -64.25
CA PHE E 13 40.04 -15.62 -64.55
C PHE E 13 41.41 -15.64 -63.86
N LEU E 14 41.60 -16.61 -62.97
CA LEU E 14 42.89 -16.84 -62.34
C LEU E 14 43.89 -17.35 -63.38
N ASP E 15 43.37 -18.03 -64.41
CA ASP E 15 44.19 -18.57 -65.49
C ASP E 15 44.08 -17.73 -66.76
N GLU E 16 43.42 -16.58 -66.65
CA GLU E 16 43.28 -15.69 -67.79
C GLU E 16 44.50 -14.79 -67.93
N SER E 17 44.84 -14.43 -69.17
CA SER E 17 46.05 -13.67 -69.45
C SER E 17 46.06 -12.28 -68.82
N ALA E 18 47.14 -11.97 -68.11
CA ALA E 18 47.36 -10.63 -67.57
C ALA E 18 48.59 -10.02 -68.24
N ASP E 19 48.47 -9.76 -69.55
CA ASP E 19 49.59 -9.27 -70.35
C ASP E 19 50.04 -7.87 -69.93
N SER E 20 51.27 -7.75 -69.46
CA SER E 20 51.83 -6.47 -69.01
C SER E 20 51.78 -5.38 -70.08
N GLY E 21 52.07 -5.75 -71.32
CA GLY E 21 52.05 -4.81 -72.42
C GLY E 21 50.68 -4.23 -72.70
N THR E 22 49.68 -5.10 -72.81
CA THR E 22 48.31 -4.67 -73.06
C THR E 22 47.72 -3.88 -71.89
N ILE E 23 48.01 -4.32 -70.67
CA ILE E 23 47.52 -3.63 -69.47
C ILE E 23 48.05 -2.20 -69.38
N ASN E 24 49.35 -2.01 -69.61
CA ASN E 24 49.94 -0.68 -69.56
C ASN E 24 49.46 0.22 -70.69
N ALA E 25 49.05 -0.37 -71.81
CA ALA E 25 48.46 0.39 -72.90
C ALA E 25 47.09 0.95 -72.48
N TRP E 26 46.34 0.14 -71.74
CA TRP E 26 45.05 0.55 -71.18
C TRP E 26 45.22 1.64 -70.14
N VAL E 27 46.21 1.46 -69.27
CA VAL E 27 46.52 2.45 -68.24
C VAL E 27 46.75 3.82 -68.87
N ASN E 28 47.53 3.85 -69.94
CA ASN E 28 47.82 5.11 -70.63
C ASN E 28 46.59 5.77 -71.26
N GLU E 29 45.71 4.96 -71.84
CA GLU E 29 44.45 5.46 -72.39
C GLU E 29 43.53 6.01 -71.31
N PHE E 30 43.44 5.27 -70.20
CA PHE E 30 42.50 5.58 -69.12
C PHE E 30 43.04 6.60 -68.13
N ALA E 31 44.35 6.84 -68.16
CA ALA E 31 44.99 7.71 -67.17
C ALA E 31 44.39 9.12 -67.16
N TYR E 32 44.39 9.76 -65.99
CA TYR E 32 43.96 11.14 -65.86
C TYR E 32 44.71 12.02 -66.86
N GLU E 33 44.06 13.00 -67.49
CA GLU E 33 44.81 13.91 -68.36
C GLU E 33 45.09 15.28 -67.73
N GLY E 34 44.26 16.25 -68.13
CA GLY E 34 44.04 17.54 -67.50
C GLY E 34 45.21 18.37 -67.06
N PHE E 35 45.27 18.62 -65.75
CA PHE E 35 46.38 19.37 -65.17
C PHE E 35 47.67 18.55 -65.25
N ASP E 36 48.71 19.16 -65.81
CA ASP E 36 49.99 18.48 -65.99
C ASP E 36 51.11 19.51 -66.13
N PRO E 37 51.95 19.63 -65.08
CA PRO E 37 53.09 20.57 -65.04
C PRO E 37 53.98 20.46 -66.28
N LYS E 38 54.15 19.25 -66.81
CA LYS E 38 54.87 19.05 -68.06
C LYS E 38 54.25 19.87 -69.20
N ARG E 39 52.92 19.81 -69.30
CA ARG E 39 52.20 20.53 -70.35
C ARG E 39 52.28 22.04 -70.13
N ILE E 40 52.17 22.45 -68.86
CA ILE E 40 52.26 23.86 -68.49
C ILE E 40 53.60 24.42 -68.98
N VAL E 41 54.69 23.75 -68.59
CA VAL E 41 56.03 24.18 -68.97
C VAL E 41 56.20 24.18 -70.48
N GLN E 42 55.73 23.12 -71.13
CA GLN E 42 55.83 22.99 -72.57
C GLN E 42 55.13 24.14 -73.29
N LEU E 43 53.89 24.41 -72.90
CA LEU E 43 53.10 25.47 -73.52
C LEU E 43 53.70 26.85 -73.27
N VAL E 44 54.14 27.12 -72.04
CA VAL E 44 54.77 28.40 -71.72
C VAL E 44 56.02 28.60 -72.58
N LYS E 45 56.87 27.59 -72.64
CA LYS E 45 58.11 27.65 -73.41
C LYS E 45 57.84 27.78 -74.91
N GLU E 46 56.86 27.04 -75.42
CA GLU E 46 56.52 27.07 -76.85
C GLU E 46 55.89 28.40 -77.27
N ARG E 47 54.87 28.83 -76.52
CA ARG E 47 54.17 30.06 -76.85
C ARG E 47 55.08 31.28 -76.68
N GLY E 48 55.98 31.21 -75.69
CA GLY E 48 56.91 32.29 -75.44
C GLY E 48 57.97 32.46 -76.50
N THR E 49 58.61 31.36 -76.89
CA THR E 49 59.67 31.40 -77.90
C THR E 49 59.13 31.73 -79.29
N ALA E 50 57.87 31.40 -79.53
CA ALA E 50 57.21 31.70 -80.81
C ALA E 50 56.96 33.20 -80.98
N LYS E 51 56.93 33.92 -79.86
CA LYS E 51 56.79 35.37 -79.89
C LYS E 51 58.15 36.03 -79.69
N GLY E 52 59.21 35.22 -79.69
CA GLY E 52 60.56 35.71 -79.53
C GLY E 52 60.77 36.43 -78.21
N ARG E 53 60.51 35.73 -77.10
CA ARG E 53 60.58 36.36 -75.79
C ARG E 53 61.49 35.64 -74.81
N ASP E 54 61.99 36.38 -73.84
CA ASP E 54 62.69 35.79 -72.71
C ASP E 54 61.62 35.16 -71.82
N TRP E 55 61.17 33.97 -72.20
CA TRP E 55 60.04 33.32 -71.54
C TRP E 55 60.34 32.96 -70.09
N LYS E 56 61.62 32.77 -69.77
CA LYS E 56 62.02 32.50 -68.40
C LYS E 56 61.80 33.72 -67.51
N LYS E 57 62.01 34.91 -68.08
CA LYS E 57 61.76 36.15 -67.36
C LYS E 57 60.25 36.39 -67.23
N ASP E 58 59.51 36.03 -68.27
CA ASP E 58 58.05 36.14 -68.25
C ASP E 58 57.45 35.25 -67.16
N VAL E 59 58.02 34.06 -66.99
CA VAL E 59 57.58 33.14 -65.95
C VAL E 59 57.68 33.78 -64.57
N LYS E 60 58.83 34.40 -64.31
CA LYS E 60 59.05 35.06 -63.02
C LYS E 60 58.04 36.20 -62.81
N MET E 61 57.86 37.02 -63.83
CA MET E 61 56.89 38.10 -63.76
C MET E 61 55.47 37.58 -63.55
N MET E 62 55.12 36.51 -64.25
CA MET E 62 53.80 35.92 -64.10
C MET E 62 53.60 35.37 -62.69
N ILE E 63 54.66 34.80 -62.12
CA ILE E 63 54.60 34.27 -60.76
C ILE E 63 54.44 35.39 -59.71
N VAL E 64 55.27 36.43 -59.82
CA VAL E 64 55.18 37.58 -58.93
C VAL E 64 53.79 38.21 -59.04
N LEU E 65 53.30 38.32 -60.26
CA LEU E 65 51.96 38.84 -60.54
C LEU E 65 50.89 38.00 -59.83
N ASN E 66 51.05 36.68 -59.88
CA ASN E 66 50.12 35.76 -59.23
C ASN E 66 50.19 35.84 -57.71
N LEU E 67 51.40 36.01 -57.17
CA LEU E 67 51.59 36.07 -55.71
C LEU E 67 50.94 37.29 -55.07
N VAL E 68 50.92 38.42 -55.78
CA VAL E 68 50.45 39.67 -55.19
C VAL E 68 49.10 40.17 -55.72
N ARG E 69 48.64 39.62 -56.84
CA ARG E 69 47.39 40.10 -57.44
C ARG E 69 46.34 39.01 -57.70
N GLY E 70 46.75 37.75 -57.68
CA GLY E 70 45.81 36.65 -57.83
C GLY E 70 45.83 35.95 -59.18
N ASN E 71 44.65 35.64 -59.69
CA ASN E 71 44.51 34.76 -60.85
C ASN E 71 43.66 35.35 -61.99
N LYS E 72 43.36 36.65 -61.89
CA LYS E 72 42.49 37.31 -62.86
C LYS E 72 43.21 38.46 -63.58
N PRO E 73 44.03 38.14 -64.59
CA PRO E 73 44.87 39.11 -65.31
C PRO E 73 44.09 40.27 -65.97
N GLU E 74 43.01 39.95 -66.68
CA GLU E 74 42.20 40.99 -67.32
C GLU E 74 41.61 41.97 -66.30
N ALA E 75 41.24 41.44 -65.13
CA ALA E 75 40.62 42.26 -64.09
C ALA E 75 41.65 43.14 -63.37
N MET E 76 42.81 42.57 -63.06
CA MET E 76 43.84 43.31 -62.32
C MET E 76 44.45 44.44 -63.15
N MET E 77 44.28 44.36 -64.47
CA MET E 77 44.78 45.37 -65.39
C MET E 77 44.02 46.70 -65.27
N LYS E 78 42.77 46.62 -64.80
CA LYS E 78 41.93 47.80 -64.62
C LYS E 78 42.23 48.48 -63.29
N LYS E 79 43.09 47.85 -62.51
CA LYS E 79 43.46 48.37 -61.19
C LYS E 79 44.97 48.35 -61.04
N MET E 80 45.65 48.93 -62.02
CA MET E 80 47.11 48.87 -62.09
C MET E 80 47.61 50.09 -62.85
N SER E 81 48.86 50.48 -62.60
CA SER E 81 49.47 51.57 -63.36
C SER E 81 49.57 51.17 -64.84
N GLU E 82 49.55 52.16 -65.72
CA GLU E 82 49.66 51.91 -67.16
C GLU E 82 50.93 51.13 -67.51
N LYS E 83 51.99 51.42 -66.76
CA LYS E 83 53.28 50.76 -66.95
C LYS E 83 53.15 49.26 -66.70
N GLY E 84 52.56 48.90 -65.57
CA GLY E 84 52.38 47.50 -65.22
C GLY E 84 51.32 46.81 -66.06
N ALA E 85 50.24 47.53 -66.36
CA ALA E 85 49.15 46.98 -67.17
C ALA E 85 49.60 46.69 -68.61
N SER E 86 50.65 47.38 -69.04
CA SER E 86 51.21 47.19 -70.38
C SER E 86 51.93 45.83 -70.47
N ILE E 87 52.65 45.49 -69.40
CA ILE E 87 53.36 44.21 -69.29
C ILE E 87 52.38 43.05 -69.20
N VAL E 88 51.36 43.22 -68.37
CA VAL E 88 50.32 42.19 -68.20
C VAL E 88 49.59 41.93 -69.51
N ALA E 89 49.25 43.00 -70.23
CA ALA E 89 48.57 42.87 -71.53
C ALA E 89 49.37 41.99 -72.49
N ASN E 90 50.69 42.15 -72.50
CA ASN E 90 51.55 41.29 -73.31
C ASN E 90 51.49 39.84 -72.84
N LEU E 91 51.74 39.62 -71.56
CA LEU E 91 51.72 38.28 -70.96
C LEU E 91 50.41 37.53 -71.27
N ILE E 92 49.31 38.26 -71.26
CA ILE E 92 48.01 37.69 -71.64
C ILE E 92 48.03 37.30 -73.12
N SER E 93 48.60 38.16 -73.95
CA SER E 93 48.65 37.91 -75.40
C SER E 93 49.49 36.70 -75.79
N VAL E 94 50.77 36.69 -75.41
CA VAL E 94 51.67 35.61 -75.80
C VAL E 94 51.32 34.26 -75.18
N TYR E 95 50.97 34.26 -73.89
CA TYR E 95 50.70 33.00 -73.20
C TYR E 95 49.23 32.60 -73.18
N GLN E 96 48.39 33.45 -73.78
CA GLN E 96 46.95 33.20 -73.88
C GLN E 96 46.33 32.93 -72.51
N LEU E 97 46.64 33.80 -71.55
CA LEU E 97 46.20 33.64 -70.17
C LEU E 97 44.69 33.70 -70.03
N LYS E 98 44.14 32.86 -69.16
CA LYS E 98 42.70 32.84 -68.92
C LYS E 98 42.39 33.23 -67.47
N GLU E 99 41.14 33.63 -67.23
CA GLU E 99 40.75 34.16 -65.93
C GLU E 99 40.37 33.06 -64.93
N GLY E 100 40.46 31.80 -65.38
CA GLY E 100 40.09 30.67 -64.55
C GLY E 100 39.34 29.60 -65.33
N ASN E 101 38.81 28.61 -64.62
CA ASN E 101 38.09 27.48 -65.23
C ASN E 101 38.88 26.88 -66.39
N PRO E 102 40.11 26.41 -66.13
CA PRO E 102 41.04 26.05 -67.20
C PRO E 102 40.78 24.67 -67.78
N GLY E 103 41.20 24.48 -69.02
CA GLY E 103 41.18 23.17 -69.66
C GLY E 103 42.59 22.64 -69.83
N ARG E 104 42.73 21.57 -70.62
CA ARG E 104 44.01 20.90 -70.85
C ARG E 104 45.11 21.83 -71.36
N ASP E 105 44.79 22.60 -72.39
CA ASP E 105 45.79 23.46 -73.03
C ASP E 105 45.76 24.88 -72.50
N THR E 106 45.10 25.08 -71.36
CA THR E 106 44.94 26.41 -70.78
C THR E 106 46.09 26.78 -69.84
N ILE E 107 46.58 28.01 -69.96
CA ILE E 107 47.58 28.53 -69.03
C ILE E 107 46.98 29.62 -68.15
N THR E 108 47.14 29.47 -66.83
CA THR E 108 46.72 30.49 -65.88
C THR E 108 47.93 30.84 -65.02
N LEU E 109 47.86 31.99 -64.35
CA LEU E 109 48.93 32.41 -63.45
C LEU E 109 49.17 31.36 -62.36
N SER E 110 48.08 30.79 -61.83
CA SER E 110 48.16 29.74 -60.83
C SER E 110 48.96 28.55 -61.36
N ARG E 111 48.64 28.14 -62.59
CA ARG E 111 49.31 27.00 -63.21
C ARG E 111 50.80 27.25 -63.40
N VAL E 112 51.17 28.51 -63.63
CA VAL E 112 52.57 28.86 -63.78
C VAL E 112 53.31 28.77 -62.45
N SER E 113 52.72 29.33 -61.40
CA SER E 113 53.29 29.25 -60.06
C SER E 113 53.43 27.81 -59.58
N ALA E 114 52.51 26.94 -60.02
CA ALA E 114 52.55 25.54 -59.61
C ALA E 114 53.61 24.74 -60.35
N ALA E 115 53.66 24.90 -61.67
CA ALA E 115 54.60 24.14 -62.50
C ALA E 115 56.04 24.62 -62.25
N PHE E 116 56.19 25.93 -62.09
CA PHE E 116 57.51 26.51 -61.84
C PHE E 116 57.71 26.81 -60.37
N VAL E 117 57.11 25.97 -59.52
CA VAL E 117 57.21 26.11 -58.06
C VAL E 117 58.65 26.21 -57.49
N PRO E 118 59.65 25.57 -58.13
CA PRO E 118 60.99 25.78 -57.57
C PRO E 118 61.47 27.23 -57.58
N TRP E 119 60.82 28.10 -58.36
CA TRP E 119 61.12 29.53 -58.29
C TRP E 119 60.10 30.25 -57.42
N THR E 120 58.84 29.88 -57.57
CA THR E 120 57.75 30.41 -56.75
C THR E 120 58.14 30.40 -55.29
N VAL E 121 58.70 29.27 -54.86
CA VAL E 121 59.06 29.01 -53.48
C VAL E 121 60.20 29.92 -53.01
N GLN E 122 60.91 30.54 -53.95
CA GLN E 122 62.02 31.43 -53.61
C GLN E 122 61.61 32.90 -53.63
N ALA E 123 60.62 33.23 -54.45
CA ALA E 123 60.09 34.59 -54.51
C ALA E 123 59.34 34.91 -53.22
N LEU E 124 58.69 33.90 -52.65
CA LEU E 124 57.93 34.05 -51.41
C LEU E 124 58.78 34.62 -50.26
N ARG E 125 60.06 34.27 -50.23
CA ARG E 125 60.99 34.78 -49.22
C ARG E 125 61.08 36.31 -49.24
N VAL E 126 60.88 36.87 -50.42
CA VAL E 126 61.07 38.29 -50.65
C VAL E 126 59.74 39.06 -50.62
N LEU E 127 58.65 38.37 -50.96
CA LEU E 127 57.35 39.02 -51.15
C LEU E 127 56.43 38.98 -49.94
N SER E 128 56.83 38.24 -48.91
CA SER E 128 55.95 37.86 -47.80
C SER E 128 55.00 38.95 -47.30
N GLU E 129 55.44 40.20 -47.32
CA GLU E 129 54.62 41.30 -46.81
C GLU E 129 53.67 41.89 -47.86
N SER E 130 53.79 41.43 -49.10
CA SER E 130 52.93 41.91 -50.18
C SER E 130 51.89 40.86 -50.59
N LEU E 131 51.90 39.72 -49.89
CA LEU E 131 50.97 38.62 -50.14
C LEU E 131 49.58 38.94 -49.58
N PRO E 132 48.54 38.27 -50.11
CA PRO E 132 47.17 38.42 -49.60
C PRO E 132 47.11 38.18 -48.09
N VAL E 133 47.77 37.11 -47.65
CA VAL E 133 48.04 36.91 -46.22
C VAL E 133 49.53 37.19 -45.99
N SER E 134 49.83 38.20 -45.17
CA SER E 134 51.22 38.59 -44.94
C SER E 134 51.96 37.59 -44.05
N GLY E 135 53.29 37.60 -44.16
CA GLY E 135 54.13 36.78 -43.31
C GLY E 135 53.94 37.11 -41.84
N THR E 136 53.80 38.41 -41.53
CA THR E 136 53.57 38.85 -40.16
C THR E 136 52.22 38.36 -39.62
N THR E 137 51.23 38.24 -40.50
CA THR E 137 49.93 37.72 -40.12
C THR E 137 50.02 36.22 -39.81
N MET E 138 50.76 35.49 -40.64
CA MET E 138 51.01 34.07 -40.41
C MET E 138 51.88 33.85 -39.17
N ASP E 139 52.82 34.77 -38.93
CA ASP E 139 53.70 34.69 -37.77
C ASP E 139 52.95 34.85 -36.45
N ALA E 140 51.74 35.41 -36.51
CA ALA E 140 50.92 35.59 -35.32
C ALA E 140 49.99 34.41 -35.10
N ILE E 141 49.49 33.85 -36.20
CA ILE E 141 48.65 32.66 -36.17
C ILE E 141 49.44 31.44 -35.67
N ALA E 142 50.57 31.18 -36.31
CA ALA E 142 51.56 30.27 -35.74
C ALA E 142 52.22 31.02 -34.60
N GLY E 143 52.72 30.31 -33.60
CA GLY E 143 53.41 30.98 -32.50
C GLY E 143 54.86 31.24 -32.86
N VAL E 144 55.19 31.06 -34.14
CA VAL E 144 56.56 31.11 -34.62
C VAL E 144 56.64 31.86 -35.93
N THR E 145 57.84 32.01 -36.47
CA THR E 145 58.00 32.57 -37.81
C THR E 145 57.64 31.51 -38.84
N TYR E 146 56.48 31.67 -39.46
CA TYR E 146 55.97 30.71 -40.43
C TYR E 146 56.86 30.69 -41.66
N PRO E 147 57.27 29.47 -42.10
CA PRO E 147 58.12 29.31 -43.28
C PRO E 147 57.52 29.99 -44.52
N ARG E 148 58.18 31.04 -44.99
CA ARG E 148 57.69 31.84 -46.11
C ARG E 148 57.44 30.99 -47.36
N ALA E 149 58.24 29.95 -47.51
CA ALA E 149 58.15 29.04 -48.65
C ALA E 149 56.79 28.34 -48.76
N MET E 150 56.08 28.23 -47.64
CA MET E 150 54.82 27.51 -47.61
C MET E 150 53.64 28.43 -47.94
N MET E 151 53.92 29.72 -48.07
CA MET E 151 52.84 30.70 -48.13
C MET E 151 52.22 30.86 -49.54
N HIS E 152 51.96 29.71 -50.17
CA HIS E 152 51.24 29.65 -51.42
C HIS E 152 50.76 28.22 -51.64
N PRO E 153 49.59 28.05 -52.31
CA PRO E 153 49.07 26.71 -52.61
C PRO E 153 50.06 25.84 -53.37
N SER E 154 50.85 26.45 -54.26
CA SER E 154 51.81 25.70 -55.09
C SER E 154 52.83 24.90 -54.28
N PHE E 155 53.03 25.24 -53.01
CA PHE E 155 53.98 24.53 -52.16
C PHE E 155 53.63 23.05 -52.03
N ALA E 156 52.35 22.73 -52.14
CA ALA E 156 51.90 21.34 -52.01
C ALA E 156 52.58 20.46 -53.04
N GLY E 157 52.92 21.04 -54.19
CA GLY E 157 53.53 20.31 -55.28
C GLY E 157 54.90 19.72 -55.00
N ILE E 158 55.58 20.25 -53.97
CA ILE E 158 56.91 19.73 -53.62
C ILE E 158 56.92 18.94 -52.31
N ILE E 159 55.75 18.67 -51.77
CA ILE E 159 55.65 17.87 -50.55
C ILE E 159 55.76 16.36 -50.85
N ASP E 160 56.66 15.69 -50.15
CA ASP E 160 56.75 14.23 -50.21
C ASP E 160 56.09 13.63 -48.96
N LEU E 161 54.92 13.04 -49.16
CA LEU E 161 54.14 12.48 -48.06
C LEU E 161 54.76 11.19 -47.51
N ASP E 162 55.71 10.63 -48.25
CA ASP E 162 56.33 9.36 -47.88
C ASP E 162 57.64 9.51 -47.12
N LEU E 163 57.97 10.75 -46.75
CA LEU E 163 59.13 11.01 -45.90
C LEU E 163 58.97 10.26 -44.57
N PRO E 164 60.09 9.67 -44.07
CA PRO E 164 60.10 8.86 -42.84
C PRO E 164 59.52 9.58 -41.63
N ASN E 165 58.97 8.80 -40.69
CA ASN E 165 58.46 9.33 -39.42
C ASN E 165 57.29 10.29 -39.56
N GLY E 166 56.58 10.20 -40.68
CA GLY E 166 55.45 11.07 -40.96
C GLY E 166 55.84 12.53 -41.08
N ALA E 167 57.08 12.79 -41.48
CA ALA E 167 57.55 14.16 -41.68
C ALA E 167 56.76 14.82 -42.81
N GLY E 168 56.44 14.03 -43.83
CA GLY E 168 55.60 14.51 -44.92
C GLY E 168 54.23 14.94 -44.44
N ALA E 169 53.64 14.15 -43.55
CA ALA E 169 52.34 14.49 -42.98
C ALA E 169 52.42 15.78 -42.17
N THR E 170 53.50 15.91 -41.39
CA THR E 170 53.72 17.10 -40.58
C THR E 170 53.84 18.34 -41.48
N ILE E 171 54.61 18.20 -42.57
CA ILE E 171 54.78 19.28 -43.52
C ILE E 171 53.43 19.68 -44.14
N ALA E 172 52.61 18.69 -44.46
CA ALA E 172 51.29 18.95 -45.00
C ALA E 172 50.41 19.72 -43.99
N ASP E 173 50.50 19.32 -42.73
CA ASP E 173 49.77 20.01 -41.66
C ASP E 173 50.18 21.48 -41.55
N ALA E 174 51.47 21.74 -41.51
CA ALA E 174 51.98 23.10 -41.42
C ALA E 174 51.53 23.94 -42.61
N HIS E 175 51.51 23.33 -43.80
CA HIS E 175 51.05 24.02 -45.00
C HIS E 175 49.53 24.28 -44.92
N GLY E 176 48.81 23.35 -44.29
CA GLY E 176 47.38 23.49 -44.12
C GLY E 176 47.01 24.71 -43.29
N LEU E 177 47.86 25.05 -42.33
CA LEU E 177 47.64 26.22 -41.49
C LEU E 177 47.54 27.49 -42.33
N PHE E 178 48.42 27.61 -43.32
CA PHE E 178 48.36 28.72 -44.26
C PHE E 178 47.15 28.62 -45.17
N MET E 179 46.90 27.41 -45.67
CA MET E 179 45.85 27.19 -46.66
C MET E 179 44.46 27.64 -46.21
N ILE E 180 44.18 27.54 -44.92
CA ILE E 180 42.86 27.96 -44.43
C ILE E 180 42.74 29.49 -44.40
N GLU E 181 43.83 30.16 -44.04
CA GLU E 181 43.86 31.62 -44.03
C GLU E 181 43.78 32.17 -45.45
N PHE E 182 44.49 31.50 -46.36
CA PHE E 182 44.49 31.89 -47.76
C PHE E 182 43.11 31.70 -48.38
N SER E 183 42.47 30.58 -48.06
CA SER E 183 41.16 30.28 -48.63
C SER E 183 40.07 31.24 -48.13
N LYS E 184 40.19 31.68 -46.87
CA LYS E 184 39.22 32.60 -46.28
C LYS E 184 39.36 34.00 -46.87
N THR E 185 40.58 34.37 -47.25
CA THR E 185 40.83 35.69 -47.81
C THR E 185 40.26 35.85 -49.23
N ILE E 186 40.49 34.85 -50.08
CA ILE E 186 40.03 34.95 -51.47
C ILE E 186 38.58 34.48 -51.62
N ASN E 187 38.03 33.89 -50.57
CA ASN E 187 36.63 33.48 -50.57
C ASN E 187 35.94 33.89 -49.26
N PRO E 188 35.40 35.13 -49.23
CA PRO E 188 34.83 35.75 -48.04
C PRO E 188 33.73 34.92 -47.40
N SER E 189 33.03 34.10 -48.18
CA SER E 189 31.96 33.27 -47.65
C SER E 189 32.45 32.26 -46.62
N LEU E 190 33.74 31.93 -46.68
CA LEU E 190 34.33 30.96 -45.76
C LEU E 190 34.83 31.59 -44.46
N ARG E 191 34.75 32.91 -44.35
CA ARG E 191 35.33 33.63 -43.21
C ARG E 191 34.60 33.36 -41.89
N THR E 192 33.35 32.91 -41.99
CA THR E 192 32.54 32.62 -40.81
C THR E 192 32.54 31.13 -40.48
N LYS E 193 33.17 30.34 -41.35
CA LYS E 193 33.20 28.88 -41.18
C LYS E 193 34.27 28.45 -40.18
N GLN E 194 34.20 27.19 -39.76
CA GLN E 194 35.18 26.62 -38.84
C GLN E 194 36.35 26.01 -39.61
N ALA E 195 37.47 25.78 -38.92
CA ALA E 195 38.70 25.31 -39.55
C ALA E 195 38.51 24.06 -40.42
N ASN E 196 37.83 23.06 -39.88
CA ASN E 196 37.58 21.83 -40.61
C ASN E 196 36.71 22.03 -41.86
N GLU E 197 35.77 22.96 -41.77
CA GLU E 197 34.89 23.28 -42.90
C GLU E 197 35.69 23.94 -44.03
N VAL E 198 36.59 24.84 -43.65
CA VAL E 198 37.44 25.54 -44.60
C VAL E 198 38.45 24.55 -45.22
N ALA E 199 39.03 23.71 -44.37
CA ALA E 199 39.97 22.70 -44.83
C ALA E 199 39.33 21.81 -45.91
N ALA E 200 38.06 21.49 -45.71
CA ALA E 200 37.32 20.66 -46.67
C ALA E 200 37.25 21.27 -48.07
N THR E 201 37.31 22.61 -48.16
CA THR E 201 37.21 23.28 -49.45
C THR E 201 38.47 23.14 -50.32
N PHE E 202 39.60 22.81 -49.70
CA PHE E 202 40.85 22.70 -50.45
C PHE E 202 41.54 21.33 -50.42
N GLU E 203 41.24 20.49 -49.43
CA GLU E 203 42.07 19.29 -49.22
C GLU E 203 41.99 18.25 -50.33
N LYS E 204 41.00 18.34 -51.22
CA LYS E 204 40.95 17.42 -52.37
C LYS E 204 41.92 17.79 -53.51
N PRO E 205 41.83 19.03 -54.05
CA PRO E 205 42.86 19.37 -55.04
C PRO E 205 44.26 19.47 -54.43
N ASN E 206 44.32 19.74 -53.12
CA ASN E 206 45.59 19.83 -52.40
C ASN E 206 46.27 18.46 -52.30
N MET E 207 45.48 17.41 -52.11
CA MET E 207 46.01 16.06 -52.07
C MET E 207 46.54 15.65 -53.44
N ALA E 208 45.82 16.06 -54.49
CA ALA E 208 46.23 15.77 -55.86
C ALA E 208 47.59 16.38 -56.17
N ALA E 209 47.88 17.53 -55.56
CA ALA E 209 49.15 18.20 -55.76
C ALA E 209 50.29 17.45 -55.05
N MET E 210 50.03 17.02 -53.82
CA MET E 210 51.04 16.33 -53.02
C MET E 210 51.32 14.92 -53.56
N SER E 211 50.31 14.28 -54.13
CA SER E 211 50.44 12.93 -54.66
C SER E 211 50.79 12.93 -56.15
N GLY E 212 51.06 14.12 -56.67
CA GLY E 212 51.51 14.27 -58.04
C GLY E 212 52.87 13.61 -58.24
N ARG E 213 53.15 13.23 -59.48
CA ARG E 213 54.39 12.51 -59.78
C ARG E 213 55.25 13.22 -60.81
N PHE E 214 55.04 14.52 -60.98
CA PHE E 214 55.88 15.35 -61.84
C PHE E 214 57.29 15.41 -61.26
N PHE E 215 57.37 15.59 -59.95
CA PHE E 215 58.65 15.54 -59.25
C PHE E 215 58.86 14.17 -58.62
N THR E 216 60.08 13.64 -58.70
CA THR E 216 60.43 12.40 -58.03
C THR E 216 60.57 12.68 -56.54
N ARG E 217 60.67 11.63 -55.73
CA ARG E 217 60.88 11.79 -54.29
C ARG E 217 62.20 12.48 -54.02
N GLU E 218 63.21 12.15 -54.82
CA GLU E 218 64.54 12.74 -54.66
C GLU E 218 64.52 14.23 -54.99
N ASP E 219 63.62 14.63 -55.88
CA ASP E 219 63.48 16.03 -56.25
C ASP E 219 62.84 16.84 -55.14
N LYS E 220 61.76 16.30 -54.58
CA LYS E 220 61.05 16.96 -53.49
C LYS E 220 61.96 17.07 -52.28
N LYS E 221 62.72 16.00 -52.03
CA LYS E 221 63.66 15.96 -50.93
C LYS E 221 64.67 17.09 -51.09
N LYS E 222 65.18 17.24 -52.30
CA LYS E 222 66.13 18.30 -52.61
C LYS E 222 65.51 19.69 -52.47
N LEU E 223 64.28 19.85 -52.96
CA LEU E 223 63.57 21.12 -52.87
C LEU E 223 63.30 21.53 -51.41
N LEU E 224 62.75 20.60 -50.64
CA LEU E 224 62.42 20.86 -49.23
C LEU E 224 63.65 21.22 -48.41
N ILE E 225 64.77 20.57 -48.71
CA ILE E 225 66.04 20.88 -48.05
C ILE E 225 66.53 22.26 -48.47
N ALA E 226 66.44 22.53 -49.78
CA ALA E 226 66.91 23.79 -50.35
C ALA E 226 66.22 25.02 -49.74
N VAL E 227 64.98 24.83 -49.30
CA VAL E 227 64.17 25.95 -48.85
C VAL E 227 63.98 25.96 -47.32
N GLY E 228 64.63 25.03 -46.63
CA GLY E 228 64.72 25.06 -45.18
C GLY E 228 63.63 24.36 -44.37
N ILE E 229 62.81 23.56 -45.04
CA ILE E 229 61.74 22.82 -44.36
C ILE E 229 62.33 21.65 -43.56
N ILE E 230 63.26 20.92 -44.19
CA ILE E 230 64.04 19.88 -43.53
C ILE E 230 65.53 20.11 -43.78
N ASP E 231 66.38 19.50 -42.95
CA ASP E 231 67.82 19.54 -43.22
C ASP E 231 68.25 18.31 -44.00
N GLU E 232 69.56 18.15 -44.20
CA GLU E 232 70.10 17.03 -44.97
C GLU E 232 69.87 15.70 -44.25
N ASP E 233 69.61 15.77 -42.95
CA ASP E 233 69.32 14.59 -42.14
C ASP E 233 67.83 14.31 -42.04
N LEU E 234 67.05 15.04 -42.83
CA LEU E 234 65.58 14.88 -42.89
C LEU E 234 64.90 15.30 -41.57
N VAL E 235 65.57 16.14 -40.79
CA VAL E 235 64.99 16.66 -39.56
C VAL E 235 64.17 17.90 -39.84
N LEU E 236 62.94 17.93 -39.33
CA LEU E 236 62.04 19.07 -39.52
C LEU E 236 62.47 20.28 -38.71
N ALA E 237 62.38 21.46 -39.32
CA ALA E 237 62.56 22.72 -38.59
C ALA E 237 61.43 22.87 -37.57
N SER E 238 61.77 23.37 -36.38
CA SER E 238 60.79 23.45 -35.29
C SER E 238 59.57 24.28 -35.67
N ALA E 239 59.78 25.29 -36.49
CA ALA E 239 58.70 26.16 -36.94
C ALA E 239 57.66 25.35 -37.71
N VAL E 240 58.12 24.35 -38.44
CA VAL E 240 57.21 23.51 -39.20
C VAL E 240 56.36 22.65 -38.29
N VAL E 241 56.99 21.99 -37.31
CA VAL E 241 56.26 21.09 -36.42
C VAL E 241 55.31 21.83 -35.47
N ARG E 242 55.61 23.08 -35.14
CA ARG E 242 54.74 23.87 -34.27
C ARG E 242 53.58 24.47 -35.06
N SER E 243 53.84 24.83 -36.31
CA SER E 243 52.78 25.26 -37.21
C SER E 243 51.86 24.09 -37.49
N ALA E 244 52.44 22.90 -37.56
CA ALA E 244 51.70 21.67 -37.81
C ALA E 244 50.74 21.33 -36.68
N GLU E 245 51.21 21.44 -35.44
CA GLU E 245 50.37 21.09 -34.30
C GLU E 245 49.27 22.12 -34.04
N LYS E 246 49.48 23.35 -34.51
CA LYS E 246 48.45 24.38 -34.40
C LYS E 246 47.34 24.10 -35.42
N TYR E 247 47.71 23.48 -36.53
CA TYR E 247 46.75 23.09 -37.54
C TYR E 247 45.88 21.94 -37.06
N ARG E 248 46.51 20.90 -36.52
CA ARG E 248 45.78 19.74 -36.02
C ARG E 248 44.81 20.09 -34.90
N ALA E 249 45.17 21.10 -34.10
CA ALA E 249 44.30 21.54 -33.00
C ALA E 249 43.05 22.26 -33.54
N LYS E 250 43.22 22.97 -34.65
CA LYS E 250 42.12 23.69 -35.30
C LYS E 250 41.07 22.75 -35.91
N VAL E 251 41.54 21.70 -36.56
CA VAL E 251 40.68 20.80 -37.33
C VAL E 251 39.93 19.81 -36.43
N GLY E 252 40.42 19.62 -35.20
CA GLY E 252 39.75 18.75 -34.23
C GLY E 252 39.26 19.52 -32.99
N GLU F 4 60.31 14.68 -68.95
CA GLU F 4 61.72 14.32 -68.88
C GLU F 4 62.58 15.58 -68.92
N ASN F 5 62.41 16.38 -69.98
CA ASN F 5 63.06 17.67 -70.06
C ASN F 5 62.34 18.74 -69.21
N TYR F 6 61.12 18.45 -68.77
CA TYR F 6 60.35 19.52 -68.12
C TYR F 6 60.46 19.52 -66.59
N ARG F 7 60.85 18.40 -66.02
CA ARG F 7 61.11 18.34 -64.59
C ARG F 7 62.38 19.10 -64.27
N ASP F 8 63.42 18.86 -65.07
CA ASP F 8 64.72 19.51 -64.88
C ASP F 8 64.65 21.01 -65.14
N ILE F 9 63.74 21.42 -66.02
CA ILE F 9 63.51 22.84 -66.26
C ILE F 9 62.91 23.50 -65.01
N ALA F 10 61.88 22.89 -64.45
CA ALA F 10 61.27 23.38 -63.22
C ALA F 10 62.32 23.43 -62.10
N LEU F 11 63.05 22.34 -61.93
CA LEU F 11 64.10 22.22 -60.92
C LEU F 11 65.18 23.30 -61.06
N ALA F 12 65.44 23.74 -62.28
CA ALA F 12 66.48 24.75 -62.54
C ALA F 12 66.10 26.13 -61.99
N PHE F 13 64.80 26.35 -61.81
CA PHE F 13 64.29 27.60 -61.28
C PHE F 13 64.62 27.75 -59.80
N LEU F 14 65.07 26.67 -59.17
CA LEU F 14 65.51 26.71 -57.78
C LEU F 14 66.77 27.56 -57.69
N ASP F 15 67.59 27.51 -58.74
CA ASP F 15 68.83 28.29 -58.79
C ASP F 15 68.68 29.53 -59.66
N GLU F 16 67.47 29.77 -60.15
CA GLU F 16 67.21 30.98 -60.93
C GLU F 16 67.15 32.19 -59.99
N SER F 17 67.56 33.35 -60.49
CA SER F 17 67.66 34.55 -59.66
C SER F 17 66.33 35.03 -59.10
N ALA F 18 66.38 35.55 -57.89
CA ALA F 18 65.21 36.14 -57.24
C ALA F 18 65.62 37.41 -56.50
N ASP F 19 66.12 38.38 -57.25
CA ASP F 19 66.61 39.62 -56.67
C ASP F 19 65.49 40.42 -56.00
N SER F 20 65.70 40.75 -54.73
CA SER F 20 64.74 41.50 -53.96
C SER F 20 64.37 42.82 -54.63
N GLY F 21 65.37 43.50 -55.17
CA GLY F 21 65.16 44.77 -55.85
C GLY F 21 64.26 44.68 -57.06
N THR F 22 64.53 43.71 -57.93
CA THR F 22 63.77 43.54 -59.17
C THR F 22 62.36 43.03 -58.91
N ILE F 23 62.21 42.17 -57.91
CA ILE F 23 60.89 41.63 -57.55
C ILE F 23 59.99 42.71 -56.96
N ASN F 24 60.54 43.52 -56.06
CA ASN F 24 59.80 44.63 -55.46
C ASN F 24 59.35 45.66 -56.49
N ALA F 25 60.14 45.83 -57.55
CA ALA F 25 59.77 46.72 -58.63
C ALA F 25 58.55 46.19 -59.38
N TRP F 26 58.49 44.86 -59.54
CA TRP F 26 57.34 44.21 -60.14
C TRP F 26 56.09 44.36 -59.27
N VAL F 27 56.27 44.26 -57.96
CA VAL F 27 55.16 44.37 -57.02
C VAL F 27 54.50 45.73 -57.12
N ASN F 28 55.32 46.78 -57.17
CA ASN F 28 54.81 48.13 -57.27
C ASN F 28 54.13 48.41 -58.60
N GLU F 29 54.64 47.81 -59.67
CA GLU F 29 54.01 47.90 -60.98
C GLU F 29 52.65 47.23 -60.97
N PHE F 30 52.61 46.01 -60.43
CA PHE F 30 51.40 45.21 -60.40
C PHE F 30 50.49 45.58 -59.23
N ALA F 31 50.94 46.53 -58.41
CA ALA F 31 50.20 46.92 -57.22
C ALA F 31 48.79 47.38 -57.55
N TYR F 32 47.86 47.13 -56.63
CA TYR F 32 46.50 47.62 -56.76
C TYR F 32 46.47 49.14 -56.88
N GLN F 33 45.72 49.65 -57.84
CA GLN F 33 45.47 51.09 -57.98
C GLN F 33 43.98 51.35 -58.09
N GLY F 34 43.44 52.12 -57.15
CA GLY F 34 42.02 52.43 -57.16
C GLY F 34 41.60 53.18 -58.41
N PHE F 35 42.32 54.26 -58.70
CA PHE F 35 42.01 55.08 -59.87
C PHE F 35 43.19 55.98 -60.22
N ASP F 36 43.11 56.59 -61.41
CA ASP F 36 44.13 57.54 -61.85
C ASP F 36 43.51 58.94 -61.89
N PRO F 37 43.97 59.83 -61.00
CA PRO F 37 43.48 61.22 -60.94
C PRO F 37 43.59 61.90 -62.28
N LYS F 38 44.73 61.71 -62.94
CA LYS F 38 45.00 62.27 -64.27
C LYS F 38 43.89 61.92 -65.26
N ARG F 39 43.42 60.68 -65.18
CA ARG F 39 42.38 60.18 -66.07
C ARG F 39 41.04 60.81 -65.72
N ILE F 40 40.82 61.06 -64.43
CA ILE F 40 39.57 61.63 -63.95
C ILE F 40 39.35 63.05 -64.48
N VAL F 41 40.36 63.91 -64.30
CA VAL F 41 40.26 65.28 -64.80
C VAL F 41 40.09 65.29 -66.32
N GLN F 42 40.76 64.37 -67.00
CA GLN F 42 40.64 64.25 -68.46
C GLN F 42 39.19 63.99 -68.86
N LEU F 43 38.60 62.96 -68.27
CA LEU F 43 37.22 62.57 -68.57
C LEU F 43 36.21 63.65 -68.22
N VAL F 44 36.37 64.25 -67.04
CA VAL F 44 35.47 65.33 -66.61
C VAL F 44 35.45 66.45 -67.64
N LYS F 45 36.63 66.87 -68.08
CA LYS F 45 36.75 67.95 -69.06
C LYS F 45 36.17 67.55 -70.41
N GLU F 46 36.46 66.33 -70.85
CA GLU F 46 35.97 65.85 -72.14
C GLU F 46 34.46 65.65 -72.14
N ARG F 47 33.94 64.89 -71.17
CA ARG F 47 32.52 64.61 -71.08
C ARG F 47 31.70 65.89 -70.85
N GLY F 48 32.28 66.83 -70.12
CA GLY F 48 31.62 68.10 -69.84
C GLY F 48 31.53 69.02 -71.05
N THR F 49 32.66 69.21 -71.72
CA THR F 49 32.71 70.06 -72.91
C THR F 49 31.89 69.46 -74.07
N ALA F 50 31.81 68.13 -74.12
CA ALA F 50 31.07 67.45 -75.16
C ALA F 50 29.57 67.73 -75.08
N LYS F 51 29.11 68.05 -73.88
CA LYS F 51 27.72 68.36 -73.64
C LYS F 51 27.51 69.87 -73.53
N GLY F 52 28.57 70.64 -73.80
CA GLY F 52 28.51 72.09 -73.74
C GLY F 52 28.14 72.62 -72.38
N ARG F 53 28.91 72.24 -71.36
CA ARG F 53 28.63 72.64 -69.99
C ARG F 53 29.78 73.43 -69.39
N ASP F 54 29.47 74.24 -68.38
CA ASP F 54 30.50 74.86 -67.55
C ASP F 54 31.04 73.77 -66.65
N TRP F 55 31.96 72.97 -67.18
CA TRP F 55 32.42 71.76 -66.48
C TRP F 55 33.18 72.06 -65.19
N LYS F 56 33.88 73.20 -65.16
CA LYS F 56 34.57 73.62 -63.95
C LYS F 56 33.58 73.87 -62.81
N LYS F 57 32.42 74.44 -63.16
CA LYS F 57 31.35 74.67 -62.19
C LYS F 57 30.75 73.33 -61.76
N ASP F 58 30.55 72.44 -62.73
CA ASP F 58 30.04 71.10 -62.44
C ASP F 58 30.97 70.35 -61.48
N VAL F 59 32.28 70.53 -61.64
CA VAL F 59 33.26 69.96 -60.71
C VAL F 59 32.99 70.43 -59.29
N LYS F 60 32.77 71.74 -59.13
CA LYS F 60 32.48 72.32 -57.82
C LYS F 60 31.22 71.73 -57.21
N MET F 61 30.15 71.63 -58.00
CA MET F 61 28.89 71.10 -57.52
C MET F 61 29.02 69.62 -57.13
N MET F 62 29.78 68.87 -57.92
CA MET F 62 30.00 67.46 -57.64
C MET F 62 30.79 67.28 -56.33
N ILE F 63 31.77 68.16 -56.11
CA ILE F 63 32.58 68.11 -54.90
C ILE F 63 31.74 68.44 -53.67
N VAL F 64 30.98 69.54 -53.74
CA VAL F 64 30.08 69.93 -52.65
C VAL F 64 29.08 68.81 -52.35
N LEU F 65 28.54 68.22 -53.42
CA LEU F 65 27.63 67.08 -53.32
C LEU F 65 28.30 65.91 -52.60
N ASN F 66 29.54 65.61 -52.97
CA ASN F 66 30.30 64.53 -52.36
C ASN F 66 30.59 64.78 -50.88
N LEU F 67 30.84 66.04 -50.53
CA LEU F 67 31.15 66.42 -49.16
C LEU F 67 29.95 66.26 -48.22
N VAL F 68 28.75 66.51 -48.74
CA VAL F 68 27.57 66.52 -47.88
C VAL F 68 26.69 65.25 -47.98
N ARG F 69 26.85 64.49 -49.06
CA ARG F 69 26.00 63.33 -49.29
C ARG F 69 26.75 62.02 -49.48
N GLY F 70 28.03 62.11 -49.81
CA GLY F 70 28.84 60.90 -49.95
C GLY F 70 29.07 60.46 -51.38
N ASN F 71 29.02 59.15 -51.62
CA ASN F 71 29.43 58.59 -52.90
C ASN F 71 28.38 57.68 -53.57
N LYS F 72 27.12 57.86 -53.21
CA LYS F 72 26.04 57.08 -53.82
C LYS F 72 24.97 57.96 -54.48
N PRO F 73 25.23 58.37 -55.73
CA PRO F 73 24.41 59.34 -56.49
C PRO F 73 22.94 58.92 -56.60
N GLU F 74 22.69 57.69 -57.03
CA GLU F 74 21.32 57.22 -57.21
C GLU F 74 20.56 57.18 -55.88
N ALA F 75 21.27 56.81 -54.81
CA ALA F 75 20.67 56.66 -53.49
C ALA F 75 20.33 58.01 -52.84
N MET F 76 21.22 58.98 -52.99
CA MET F 76 21.05 60.28 -52.36
C MET F 76 19.90 61.09 -52.97
N MET F 77 19.57 60.79 -54.24
CA MET F 77 18.46 61.45 -54.91
C MET F 77 17.11 61.06 -54.30
N LYS F 78 17.06 59.90 -53.64
CA LYS F 78 15.82 59.41 -53.03
C LYS F 78 15.48 60.19 -51.77
N LYS F 79 16.47 60.88 -51.23
CA LYS F 79 16.28 61.71 -50.04
C LYS F 79 16.83 63.11 -50.28
N MET F 80 16.22 63.83 -51.22
CA MET F 80 16.71 65.14 -51.64
C MET F 80 15.55 65.98 -52.17
N SER F 81 15.70 67.30 -52.12
CA SER F 81 14.71 68.20 -52.71
C SER F 81 14.61 67.95 -54.22
N GLU F 82 13.45 68.25 -54.80
CA GLU F 82 13.23 68.05 -56.22
C GLU F 82 14.23 68.85 -57.06
N LYS F 83 14.50 70.08 -56.62
CA LYS F 83 15.43 70.96 -57.30
C LYS F 83 16.82 70.33 -57.41
N GLY F 84 17.39 69.96 -56.26
CA GLY F 84 18.71 69.35 -56.21
C GLY F 84 18.82 68.00 -56.89
N ALA F 85 17.79 67.16 -56.74
CA ALA F 85 17.79 65.84 -57.36
C ALA F 85 17.80 65.94 -58.89
N SER F 86 17.19 67.01 -59.40
CA SER F 86 17.14 67.23 -60.84
C SER F 86 18.53 67.49 -61.41
N ILE F 87 19.33 68.25 -60.67
CA ILE F 87 20.68 68.58 -61.13
C ILE F 87 21.67 67.42 -60.92
N VAL F 88 21.44 66.64 -59.87
CA VAL F 88 22.24 65.44 -59.63
C VAL F 88 22.01 64.46 -60.78
N ALA F 89 20.75 64.31 -61.17
CA ALA F 89 20.39 63.44 -62.29
C ALA F 89 21.15 63.83 -63.55
N ASN F 90 21.27 65.12 -63.81
CA ASN F 90 22.07 65.61 -64.93
C ASN F 90 23.53 65.24 -64.79
N LEU F 91 24.14 65.60 -63.66
CA LEU F 91 25.54 65.29 -63.37
C LEU F 91 25.88 63.81 -63.59
N ILE F 92 24.96 62.93 -63.16
CA ILE F 92 25.08 61.51 -63.39
C ILE F 92 25.11 61.20 -64.89
N SER F 93 24.18 61.80 -65.63
CA SER F 93 24.08 61.58 -67.07
C SER F 93 25.34 62.01 -67.84
N VAL F 94 25.72 63.27 -67.74
CA VAL F 94 26.84 63.78 -68.54
C VAL F 94 28.21 63.24 -68.10
N TYR F 95 28.40 63.06 -66.80
CA TYR F 95 29.69 62.58 -66.30
C TYR F 95 29.73 61.06 -66.09
N GLN F 96 28.61 60.40 -66.39
CA GLN F 96 28.51 58.94 -66.27
C GLN F 96 28.94 58.48 -64.89
N LEU F 97 28.42 59.17 -63.88
CA LEU F 97 28.79 58.92 -62.49
C LEU F 97 28.36 57.53 -62.04
N LYS F 98 29.25 56.87 -61.30
CA LYS F 98 28.96 55.58 -60.71
C LYS F 98 29.26 55.66 -59.21
N GLU F 99 29.04 54.57 -58.50
CA GLU F 99 29.32 54.53 -57.07
C GLU F 99 30.31 53.41 -56.73
N GLY F 100 30.78 53.40 -55.49
CA GLY F 100 31.68 52.36 -55.02
C GLY F 100 33.10 52.51 -55.53
N ASN F 101 33.72 51.37 -55.86
CA ASN F 101 35.08 51.36 -56.37
C ASN F 101 35.19 50.64 -57.72
N PRO F 102 34.67 51.25 -58.80
CA PRO F 102 34.72 50.62 -60.13
C PRO F 102 36.11 50.78 -60.76
N GLY F 103 36.21 50.55 -62.07
CA GLY F 103 37.47 50.65 -62.78
C GLY F 103 38.13 52.02 -62.76
N ARG F 104 39.39 52.06 -63.14
CA ARG F 104 40.18 53.28 -63.14
C ARG F 104 39.67 54.35 -64.10
N ASP F 105 39.00 53.92 -65.17
CA ASP F 105 38.45 54.83 -66.17
C ASP F 105 36.99 55.16 -65.86
N THR F 106 36.64 55.13 -64.59
CA THR F 106 35.28 55.41 -64.17
C THR F 106 35.25 56.56 -63.16
N ILE F 107 34.24 57.41 -63.29
CA ILE F 107 34.14 58.59 -62.43
C ILE F 107 33.18 58.36 -61.27
N THR F 108 33.64 58.69 -60.06
CA THR F 108 32.79 58.73 -58.88
C THR F 108 32.95 60.11 -58.24
N LEU F 109 32.05 60.45 -57.33
CA LEU F 109 32.11 61.73 -56.63
C LEU F 109 33.36 61.83 -55.75
N SER F 110 33.73 60.72 -55.11
CA SER F 110 34.94 60.66 -54.30
C SER F 110 36.20 60.95 -55.11
N ARG F 111 36.20 60.50 -56.36
CA ARG F 111 37.35 60.69 -57.22
C ARG F 111 37.45 62.11 -57.77
N VAL F 112 36.31 62.76 -57.94
CA VAL F 112 36.30 64.17 -58.34
C VAL F 112 36.92 65.02 -57.23
N SER F 113 36.46 64.78 -56.00
CA SER F 113 37.00 65.46 -54.83
C SER F 113 38.49 65.20 -54.63
N ALA F 114 38.93 63.99 -54.97
CA ALA F 114 40.34 63.62 -54.84
C ALA F 114 41.20 64.26 -55.94
N ALA F 115 40.76 64.15 -57.19
CA ALA F 115 41.50 64.73 -58.31
C ALA F 115 41.54 66.26 -58.23
N PHE F 116 40.36 66.87 -58.02
CA PHE F 116 40.29 68.33 -57.92
C PHE F 116 40.36 68.78 -56.47
N VAL F 117 41.24 68.12 -55.71
CA VAL F 117 41.45 68.46 -54.30
C VAL F 117 41.89 69.91 -53.98
N PRO F 118 42.60 70.62 -54.90
CA PRO F 118 42.92 72.00 -54.55
C PRO F 118 41.68 72.88 -54.35
N TRP F 119 40.53 72.47 -54.87
CA TRP F 119 39.29 73.20 -54.64
C TRP F 119 38.51 72.61 -53.46
N THR F 120 38.53 71.29 -53.34
CA THR F 120 37.90 70.58 -52.23
C THR F 120 38.38 71.14 -50.90
N VAL F 121 39.69 71.31 -50.80
CA VAL F 121 40.34 71.83 -49.60
C VAL F 121 39.87 73.24 -49.25
N GLN F 122 39.42 73.99 -50.27
CA GLN F 122 38.92 75.34 -50.07
C GLN F 122 37.44 75.37 -49.68
N ALA F 123 36.66 74.48 -50.27
CA ALA F 123 35.23 74.38 -49.98
C ALA F 123 34.99 73.95 -48.55
N LEU F 124 35.91 73.18 -48.01
CA LEU F 124 35.84 72.70 -46.63
C LEU F 124 35.81 73.84 -45.60
N ARG F 125 36.47 74.96 -45.92
CA ARG F 125 36.46 76.12 -45.04
C ARG F 125 35.05 76.70 -44.89
N VAL F 126 34.23 76.50 -45.93
CA VAL F 126 32.91 77.11 -46.02
C VAL F 126 31.78 76.28 -45.40
N LEU F 127 31.80 74.97 -45.66
CA LEU F 127 30.67 74.11 -45.29
C LEU F 127 30.98 73.09 -44.19
N SER F 128 31.93 73.39 -43.32
CA SER F 128 32.37 72.44 -42.28
C SER F 128 31.26 72.00 -41.32
N GLU F 129 30.20 72.80 -41.21
CA GLU F 129 29.11 72.46 -40.31
C GLU F 129 28.03 71.61 -40.98
N SER F 130 28.17 71.38 -42.28
CA SER F 130 27.23 70.56 -43.04
C SER F 130 27.78 69.16 -43.31
N LEU F 131 28.98 68.89 -42.84
CA LEU F 131 29.64 67.60 -43.01
C LEU F 131 29.06 66.57 -42.05
N PRO F 132 29.22 65.26 -42.36
CA PRO F 132 28.80 64.19 -41.45
C PRO F 132 29.41 64.40 -40.06
N VAL F 133 30.71 64.68 -40.02
CA VAL F 133 31.36 65.14 -38.80
C VAL F 133 31.59 66.64 -38.91
N SER F 134 30.95 67.42 -38.05
CA SER F 134 31.05 68.88 -38.10
C SER F 134 32.40 69.39 -37.61
N GLY F 135 32.73 70.62 -38.00
CA GLY F 135 33.95 71.27 -37.54
C GLY F 135 33.94 71.50 -36.04
N THR F 136 32.77 71.87 -35.50
CA THR F 136 32.62 72.10 -34.06
C THR F 136 32.88 70.81 -33.28
N THR F 137 32.52 69.68 -33.86
CA THR F 137 32.80 68.37 -33.27
C THR F 137 34.30 68.11 -33.22
N MET F 138 34.98 68.40 -34.33
CA MET F 138 36.43 68.24 -34.40
C MET F 138 37.15 69.23 -33.49
N ASP F 139 36.54 70.40 -33.29
CA ASP F 139 37.11 71.41 -32.40
C ASP F 139 37.09 70.97 -30.94
N ALA F 140 36.11 70.13 -30.58
CA ALA F 140 35.99 69.64 -29.22
C ALA F 140 36.93 68.46 -29.00
N ILE F 141 37.15 67.67 -30.04
CA ILE F 141 38.02 66.50 -29.97
C ILE F 141 39.49 66.90 -29.89
N ALA F 142 39.93 67.78 -30.78
CA ALA F 142 41.21 68.43 -30.64
C ALA F 142 41.05 69.46 -29.53
N GLY F 143 42.15 69.92 -28.94
CA GLY F 143 42.04 70.94 -27.91
C GLY F 143 41.83 72.31 -28.49
N VAL F 144 41.87 72.38 -29.82
CA VAL F 144 41.95 73.65 -30.54
C VAL F 144 41.00 73.68 -31.73
N THR F 145 41.17 74.69 -32.59
CA THR F 145 40.38 74.79 -33.82
C THR F 145 40.99 73.89 -34.90
N TYR F 146 40.32 72.79 -35.18
CA TYR F 146 40.81 71.81 -36.15
C TYR F 146 40.77 72.38 -37.56
N PRO F 147 41.90 72.29 -38.29
CA PRO F 147 42.04 72.82 -39.65
C PRO F 147 41.00 72.24 -40.59
N ARG F 148 40.09 73.07 -41.06
CA ARG F 148 38.98 72.64 -41.91
C ARG F 148 39.42 71.91 -43.17
N ALA F 149 40.60 72.28 -43.67
CA ALA F 149 41.15 71.69 -44.89
C ALA F 149 41.36 70.18 -44.78
N MET F 150 41.54 69.70 -43.54
CA MET F 150 41.78 68.28 -43.31
C MET F 150 40.50 67.46 -43.21
N MET F 151 39.36 68.14 -43.16
CA MET F 151 38.10 67.46 -42.85
C MET F 151 37.48 66.69 -44.03
N HIS F 152 38.33 65.91 -44.71
CA HIS F 152 37.90 64.99 -45.75
C HIS F 152 39.06 64.05 -46.09
N PRO F 153 38.74 62.79 -46.46
CA PRO F 153 39.79 61.83 -46.82
C PRO F 153 40.64 62.29 -48.00
N SER F 154 40.08 63.13 -48.86
CA SER F 154 40.79 63.62 -50.04
C SER F 154 41.98 64.52 -49.68
N PHE F 155 42.04 64.99 -48.44
CA PHE F 155 43.16 65.82 -48.00
C PHE F 155 44.48 65.04 -48.06
N ALA F 156 44.40 63.73 -47.86
CA ALA F 156 45.59 62.88 -47.90
C ALA F 156 46.38 63.06 -49.20
N GLY F 157 45.68 63.42 -50.27
CA GLY F 157 46.30 63.58 -51.57
C GLY F 157 47.33 64.68 -51.68
N ILE F 158 47.33 65.60 -50.73
CA ILE F 158 48.29 66.71 -50.77
C ILE F 158 49.34 66.62 -49.67
N ILE F 159 49.39 65.48 -48.97
CA ILE F 159 50.40 65.27 -47.95
C ILE F 159 51.75 64.81 -48.53
N ASP F 160 52.82 65.55 -48.21
CA ASP F 160 54.17 65.15 -48.58
C ASP F 160 54.84 64.48 -47.38
N LEU F 161 54.84 63.15 -47.37
CA LEU F 161 55.42 62.38 -46.28
C LEU F 161 56.94 62.62 -46.16
N ASP F 162 57.56 62.99 -47.27
CA ASP F 162 59.01 63.18 -47.32
C ASP F 162 59.43 64.62 -46.99
N LEU F 163 58.59 65.33 -46.25
CA LEU F 163 58.96 66.63 -45.69
C LEU F 163 60.00 66.41 -44.60
N PRO F 164 60.92 67.39 -44.44
CA PRO F 164 61.99 67.31 -43.44
C PRO F 164 61.46 67.21 -42.01
N ASN F 165 62.21 66.55 -41.14
CA ASN F 165 61.88 66.42 -39.72
C ASN F 165 60.56 65.70 -39.46
N GLY F 166 60.24 64.75 -40.33
CA GLY F 166 59.03 63.98 -40.20
C GLY F 166 57.77 64.82 -40.10
N ALA F 167 57.81 66.01 -40.70
CA ALA F 167 56.68 66.92 -40.67
C ALA F 167 55.48 66.33 -41.40
N GLY F 168 55.75 65.56 -42.45
CA GLY F 168 54.69 64.91 -43.21
C GLY F 168 53.95 63.89 -42.36
N ALA F 169 54.68 63.16 -41.53
CA ALA F 169 54.08 62.16 -40.66
C ALA F 169 53.19 62.83 -39.61
N THR F 170 53.63 63.99 -39.13
CA THR F 170 52.86 64.79 -38.17
C THR F 170 51.56 65.27 -38.80
N ILE F 171 51.62 65.71 -40.05
CA ILE F 171 50.43 66.12 -40.79
C ILE F 171 49.52 64.91 -41.01
N ALA F 172 50.12 63.77 -41.34
CA ALA F 172 49.36 62.54 -41.55
C ALA F 172 48.65 62.09 -40.26
N ASP F 173 49.29 62.34 -39.12
CA ASP F 173 48.70 62.00 -37.83
C ASP F 173 47.57 62.97 -37.49
N ALA F 174 47.78 64.26 -37.78
CA ALA F 174 46.76 65.26 -37.55
C ALA F 174 45.53 64.99 -38.40
N HIS F 175 45.75 64.47 -39.61
CA HIS F 175 44.65 64.09 -40.48
C HIS F 175 43.95 62.84 -39.94
N GLY F 176 44.73 61.95 -39.33
CA GLY F 176 44.18 60.72 -38.78
C GLY F 176 43.20 60.95 -37.66
N LEU F 177 43.36 62.08 -36.96
CA LEU F 177 42.44 62.46 -35.88
C LEU F 177 41.03 62.62 -36.41
N PHE F 178 40.91 63.25 -37.57
CA PHE F 178 39.62 63.41 -38.23
C PHE F 178 39.14 62.08 -38.82
N MET F 179 40.05 61.35 -39.45
CA MET F 179 39.69 60.13 -40.17
C MET F 179 39.08 59.05 -39.27
N ILE F 180 39.51 58.99 -38.01
CA ILE F 180 38.95 58.00 -37.07
C ILE F 180 37.51 58.36 -36.70
N GLU F 181 37.23 59.66 -36.62
CA GLU F 181 35.88 60.14 -36.34
C GLU F 181 34.99 59.96 -37.55
N PHE F 182 35.53 60.33 -38.71
CA PHE F 182 34.79 60.18 -39.96
C PHE F 182 34.44 58.73 -40.21
N SER F 183 35.38 57.82 -39.94
CA SER F 183 35.15 56.39 -40.13
C SER F 183 34.09 55.89 -39.17
N LYS F 184 34.05 56.46 -37.98
CA LYS F 184 33.12 56.04 -36.93
C LYS F 184 31.66 56.40 -37.22
N THR F 185 31.42 57.46 -37.99
CA THR F 185 30.04 57.85 -38.30
C THR F 185 29.51 57.20 -39.59
N ILE F 186 30.30 57.21 -40.66
CA ILE F 186 29.88 56.56 -41.91
C ILE F 186 29.83 55.04 -41.77
N ASN F 187 30.64 54.49 -40.87
CA ASN F 187 30.58 53.07 -40.54
C ASN F 187 30.45 52.88 -39.02
N PRO F 188 29.23 53.07 -38.50
CA PRO F 188 28.92 53.09 -37.07
C PRO F 188 29.25 51.79 -36.32
N SER F 189 29.56 50.73 -37.05
CA SER F 189 29.97 49.49 -36.42
C SER F 189 31.33 49.65 -35.74
N LEU F 190 32.11 50.62 -36.22
CA LEU F 190 33.46 50.88 -35.72
C LEU F 190 33.46 51.72 -34.44
N ARG F 191 32.30 52.24 -34.05
CA ARG F 191 32.19 53.16 -32.93
C ARG F 191 32.65 52.54 -31.59
N THR F 192 32.47 51.23 -31.46
CA THR F 192 32.84 50.53 -30.23
C THR F 192 34.26 49.97 -30.28
N LYS F 193 34.95 50.19 -31.40
CA LYS F 193 36.32 49.71 -31.56
C LYS F 193 37.33 50.67 -30.93
N GLN F 194 38.52 50.14 -30.61
CA GLN F 194 39.62 50.97 -30.13
C GLN F 194 40.09 51.89 -31.26
N ALA F 195 40.69 53.02 -30.91
CA ALA F 195 41.15 53.99 -31.90
C ALA F 195 42.13 53.40 -32.91
N ASN F 196 43.06 52.57 -32.45
CA ASN F 196 44.03 51.95 -33.34
C ASN F 196 43.39 50.97 -34.32
N GLU F 197 42.34 50.27 -33.86
CA GLU F 197 41.60 49.33 -34.70
C GLU F 197 40.88 50.09 -35.83
N VAL F 198 40.34 51.26 -35.49
CA VAL F 198 39.66 52.11 -36.46
C VAL F 198 40.65 52.67 -37.48
N ALA F 199 41.79 53.15 -36.97
CA ALA F 199 42.85 53.68 -37.83
C ALA F 199 43.33 52.65 -38.85
N ALA F 200 43.31 51.38 -38.46
CA ALA F 200 43.74 50.30 -39.35
C ALA F 200 42.80 50.09 -40.53
N THR F 201 41.55 50.52 -40.37
CA THR F 201 40.52 50.33 -41.40
C THR F 201 40.71 51.23 -42.62
N PHE F 202 41.36 52.37 -42.43
CA PHE F 202 41.62 53.28 -43.54
C PHE F 202 43.10 53.48 -43.83
N GLU F 203 43.95 52.65 -43.24
CA GLU F 203 45.41 52.79 -43.39
C GLU F 203 45.86 52.64 -44.85
N LYS F 204 45.41 51.59 -45.51
CA LYS F 204 45.80 51.31 -46.90
C LYS F 204 45.42 52.39 -47.93
N PRO F 205 44.14 52.78 -47.99
CA PRO F 205 43.78 53.77 -49.02
C PRO F 205 44.34 55.16 -48.72
N ASN F 206 44.52 55.46 -47.43
CA ASN F 206 45.08 56.74 -47.02
C ASN F 206 46.56 56.84 -47.39
N MET F 207 47.29 55.74 -47.19
CA MET F 207 48.69 55.67 -47.59
C MET F 207 48.82 55.83 -49.10
N ALA F 208 47.96 55.14 -49.85
CA ALA F 208 47.96 55.19 -51.31
C ALA F 208 47.71 56.61 -51.81
N ALA F 209 46.84 57.35 -51.11
CA ALA F 209 46.56 58.73 -51.47
C ALA F 209 47.78 59.62 -51.21
N MET F 210 48.42 59.41 -50.06
CA MET F 210 49.58 60.19 -49.67
C MET F 210 50.81 59.82 -50.51
N SER F 211 50.81 58.62 -51.07
CA SER F 211 51.94 58.13 -51.86
C SER F 211 51.79 58.42 -53.35
N GLY F 212 50.63 58.96 -53.74
CA GLY F 212 50.40 59.29 -55.13
C GLY F 212 51.34 60.37 -55.64
N ARG F 213 51.86 60.21 -56.86
CA ARG F 213 52.74 61.24 -57.44
C ARG F 213 52.03 62.07 -58.51
N PHE F 214 50.71 62.14 -58.49
CA PHE F 214 50.00 62.99 -59.44
C PHE F 214 50.47 64.43 -59.25
N PHE F 215 50.57 64.85 -57.98
CA PHE F 215 51.18 66.12 -57.63
C PHE F 215 52.64 65.91 -57.22
N THR F 216 53.48 66.89 -57.51
CA THR F 216 54.88 66.83 -57.11
C THR F 216 55.05 67.25 -55.65
N ARG F 217 56.25 67.07 -55.11
CA ARG F 217 56.55 67.47 -53.74
C ARG F 217 56.35 68.98 -53.59
N GLU F 218 56.72 69.73 -54.64
CA GLU F 218 56.58 71.19 -54.63
C GLU F 218 55.13 71.62 -54.82
N ASP F 219 54.36 70.85 -55.58
CA ASP F 219 52.93 71.10 -55.72
C ASP F 219 52.26 70.94 -54.36
N LYS F 220 52.60 69.86 -53.67
CA LYS F 220 52.03 69.57 -52.36
C LYS F 220 52.45 70.63 -51.35
N LYS F 221 53.71 71.02 -51.42
CA LYS F 221 54.24 72.05 -50.53
C LYS F 221 53.49 73.37 -50.71
N LYS F 222 53.25 73.74 -51.97
CA LYS F 222 52.50 74.97 -52.27
C LYS F 222 51.07 74.85 -51.75
N LEU F 223 50.46 73.69 -51.94
CA LEU F 223 49.10 73.45 -51.49
C LEU F 223 48.97 73.55 -49.98
N LEU F 224 49.86 72.86 -49.26
CA LEU F 224 49.87 72.88 -47.81
C LEU F 224 50.03 74.31 -47.25
N ILE F 225 50.90 75.09 -47.89
CA ILE F 225 51.12 76.48 -47.50
C ILE F 225 49.87 77.33 -47.78
N ALA F 226 49.29 77.16 -48.96
CA ALA F 226 48.14 77.95 -49.40
C ALA F 226 46.92 77.77 -48.49
N VAL F 227 46.85 76.65 -47.79
CA VAL F 227 45.69 76.37 -46.96
C VAL F 227 46.02 76.41 -45.46
N GLY F 228 47.28 76.71 -45.14
CA GLY F 228 47.67 77.00 -43.77
C GLY F 228 48.18 75.85 -42.91
N ILE F 229 48.36 74.67 -43.50
CA ILE F 229 48.89 73.52 -42.76
C ILE F 229 50.33 73.79 -42.34
N ILE F 230 51.04 74.50 -43.19
CA ILE F 230 52.46 74.79 -42.99
C ILE F 230 52.73 76.17 -43.57
N ASP F 231 53.76 76.87 -43.08
CA ASP F 231 54.09 78.18 -43.65
C ASP F 231 55.26 78.13 -44.65
N GLU F 232 55.66 79.30 -45.14
CA GLU F 232 56.73 79.38 -46.16
C GLU F 232 58.06 78.86 -45.63
N ASP F 233 58.20 78.86 -44.30
CA ASP F 233 59.41 78.37 -43.65
C ASP F 233 59.26 76.91 -43.22
N LEU F 234 58.25 76.23 -43.77
CA LEU F 234 57.98 74.82 -43.49
C LEU F 234 57.71 74.55 -42.01
N VAL F 235 57.20 75.55 -41.31
CA VAL F 235 56.85 75.41 -39.90
C VAL F 235 55.38 75.01 -39.77
N LEU F 236 55.13 73.95 -39.00
CA LEU F 236 53.78 73.44 -38.80
C LEU F 236 52.92 74.38 -37.96
N ALA F 237 51.66 74.52 -38.36
CA ALA F 237 50.68 75.28 -37.57
C ALA F 237 50.47 74.59 -36.22
N SER F 238 50.35 75.38 -35.16
CA SER F 238 50.22 74.84 -33.81
C SER F 238 49.02 73.89 -33.66
N ALA F 239 47.94 74.17 -34.37
CA ALA F 239 46.76 73.32 -34.34
C ALA F 239 47.03 71.95 -34.96
N VAL F 240 47.91 71.92 -35.96
CA VAL F 240 48.29 70.67 -36.61
C VAL F 240 49.12 69.78 -35.69
N VAL F 241 50.12 70.35 -35.03
CA VAL F 241 50.95 69.59 -34.09
C VAL F 241 50.13 69.11 -32.90
N ARG F 242 49.13 69.90 -32.49
CA ARG F 242 48.23 69.54 -31.41
C ARG F 242 47.41 68.33 -31.79
N SER F 243 46.78 68.41 -32.96
CA SER F 243 45.90 67.35 -33.44
C SER F 243 46.68 66.06 -33.64
N ALA F 244 47.95 66.21 -33.99
CA ALA F 244 48.81 65.05 -34.20
C ALA F 244 49.09 64.31 -32.89
N GLU F 245 49.44 65.05 -31.84
CA GLU F 245 49.76 64.41 -30.56
C GLU F 245 48.51 63.88 -29.85
N LYS F 246 47.34 64.44 -30.18
CA LYS F 246 46.07 63.90 -29.73
C LYS F 246 45.86 62.52 -30.35
N TYR F 247 46.16 62.44 -31.65
CA TYR F 247 46.03 61.21 -32.40
C TYR F 247 46.99 60.13 -31.90
N ARG F 248 48.26 60.49 -31.71
CA ARG F 248 49.26 59.55 -31.22
C ARG F 248 48.89 58.99 -29.85
N ALA F 249 48.28 59.81 -29.00
CA ALA F 249 47.88 59.36 -27.67
C ALA F 249 46.69 58.42 -27.73
N LYS F 250 45.79 58.64 -28.69
CA LYS F 250 44.64 57.77 -28.90
C LYS F 250 45.03 56.38 -29.40
N VAL F 251 46.03 56.33 -30.26
CA VAL F 251 46.44 55.11 -30.95
C VAL F 251 47.62 54.41 -30.25
N GLY F 252 48.56 55.21 -29.74
CA GLY F 252 49.80 54.73 -29.12
C GLY F 252 50.68 53.94 -30.08
N GLU G 4 42.58 -25.70 12.06
CA GLU G 4 41.44 -26.52 12.49
C GLU G 4 41.08 -26.19 13.93
N ASN G 5 42.06 -26.30 14.83
CA ASN G 5 41.87 -25.93 16.23
C ASN G 5 41.37 -24.49 16.41
N TYR G 6 42.10 -23.48 15.96
CA TYR G 6 41.57 -22.13 16.14
C TYR G 6 40.31 -21.91 15.33
N ARG G 7 40.22 -22.56 14.17
CA ARG G 7 39.03 -22.47 13.33
C ARG G 7 37.81 -23.05 14.06
N ASP G 8 37.99 -24.20 14.69
CA ASP G 8 36.92 -24.85 15.45
C ASP G 8 36.47 -24.01 16.65
N ILE G 9 37.43 -23.36 17.31
CA ILE G 9 37.14 -22.46 18.43
C ILE G 9 36.22 -21.32 18.00
N ALA G 10 36.60 -20.63 16.92
CA ALA G 10 35.80 -19.55 16.37
C ALA G 10 34.42 -20.06 15.92
N LEU G 11 34.42 -21.24 15.30
CA LEU G 11 33.19 -21.84 14.79
C LEU G 11 32.23 -22.21 15.93
N ALA G 12 32.81 -22.53 17.08
CA ALA G 12 32.02 -22.96 18.24
C ALA G 12 31.22 -21.81 18.85
N PHE G 13 31.58 -20.58 18.50
CA PHE G 13 30.84 -19.40 18.98
C PHE G 13 29.47 -19.29 18.34
N LEU G 14 29.23 -20.11 17.32
CA LEU G 14 27.92 -20.20 16.70
C LEU G 14 26.92 -20.82 17.68
N ASP G 15 27.43 -21.62 18.61
CA ASP G 15 26.60 -22.28 19.61
C ASP G 15 26.77 -21.61 20.97
N GLU G 16 27.48 -20.48 21.01
CA GLU G 16 27.69 -19.76 22.25
C GLU G 16 26.49 -18.85 22.54
N SER G 17 26.19 -18.65 23.82
CA SER G 17 25.02 -17.88 24.24
C SER G 17 25.05 -16.42 23.79
N ALA G 18 23.96 -15.98 23.16
CA ALA G 18 23.80 -14.58 22.80
C ALA G 18 22.62 -13.99 23.57
N ASP G 19 22.78 -13.90 24.89
CA ASP G 19 21.70 -13.49 25.79
C ASP G 19 21.31 -12.03 25.58
N SER G 20 20.07 -11.79 25.18
CA SER G 20 19.56 -10.45 24.92
C SER G 20 19.67 -9.51 26.11
N GLY G 21 19.38 -10.04 27.30
CA GLY G 21 19.47 -9.24 28.51
C GLY G 21 20.89 -8.77 28.81
N THR G 22 21.85 -9.69 28.76
CA THR G 22 23.23 -9.34 29.05
C THR G 22 23.81 -8.41 27.96
N ILE G 23 23.48 -8.69 26.71
CA ILE G 23 23.96 -7.87 25.59
C ILE G 23 23.51 -6.41 25.70
N ASN G 24 22.22 -6.21 25.99
CA ASN G 24 21.68 -4.86 26.15
C ASN G 24 22.24 -4.13 27.37
N ALA G 25 22.63 -4.89 28.40
CA ALA G 25 23.29 -4.28 29.56
C ALA G 25 24.67 -3.74 29.16
N TRP G 26 25.37 -4.48 28.30
CA TRP G 26 26.66 -4.04 27.77
C TRP G 26 26.52 -2.83 26.88
N VAL G 27 25.50 -2.86 26.01
CA VAL G 27 25.22 -1.73 25.13
C VAL G 27 25.07 -0.44 25.94
N ASN G 28 24.29 -0.49 27.01
CA ASN G 28 24.08 0.66 27.88
C ASN G 28 25.34 1.18 28.57
N GLU G 29 26.20 0.27 29.03
CA GLU G 29 27.49 0.64 29.61
C GLU G 29 28.41 1.29 28.57
N PHE G 30 28.44 0.70 27.37
CA PHE G 30 29.37 1.11 26.33
C PHE G 30 28.86 2.26 25.48
N ALA G 31 27.57 2.56 25.56
CA ALA G 31 26.94 3.57 24.71
C ALA G 31 27.60 4.93 24.87
N TYR G 32 27.60 5.70 23.78
CA TYR G 32 28.10 7.07 23.80
C TYR G 32 27.49 7.85 24.95
N GLN G 33 28.35 8.61 25.63
CA GLN G 33 27.92 9.52 26.68
C GLN G 33 28.64 10.85 26.54
N GLY G 34 27.86 11.92 26.62
CA GLY G 34 28.34 13.26 26.35
C GLY G 34 27.18 14.18 26.02
N PHE G 35 27.09 14.58 24.76
CA PHE G 35 26.00 15.43 24.29
C PHE G 35 24.68 14.67 24.31
N ASP G 36 23.67 15.24 24.97
CA ASP G 36 22.37 14.59 25.10
C ASP G 36 21.30 15.63 25.38
N PRO G 37 20.45 15.92 24.38
CA PRO G 37 19.35 16.89 24.51
C PRO G 37 18.50 16.65 25.75
N LYS G 38 18.29 15.40 26.13
CA LYS G 38 17.57 15.06 27.35
C LYS G 38 18.25 15.69 28.57
N ARG G 39 19.57 15.57 28.62
CA ARG G 39 20.35 16.11 29.74
C ARG G 39 20.33 17.64 29.71
N ILE G 40 20.42 18.21 28.51
CA ILE G 40 20.37 19.66 28.34
C ILE G 40 19.07 20.20 28.92
N VAL G 41 17.95 19.62 28.47
CA VAL G 41 16.64 20.04 28.94
C VAL G 41 16.51 19.87 30.45
N GLN G 42 16.96 18.71 30.94
CA GLN G 42 16.88 18.39 32.36
C GLN G 42 17.63 19.41 33.20
N LEU G 43 18.88 19.68 32.82
CA LEU G 43 19.72 20.63 33.54
C LEU G 43 19.16 22.06 33.50
N VAL G 44 18.73 22.50 32.32
CA VAL G 44 18.13 23.83 32.19
C VAL G 44 16.91 23.97 33.10
N LYS G 45 16.02 22.99 33.05
CA LYS G 45 14.80 23.00 33.86
C LYS G 45 15.10 22.92 35.35
N GLU G 46 16.07 22.08 35.72
CA GLU G 46 16.44 21.91 37.13
C GLU G 46 17.13 23.15 37.70
N ARG G 47 18.16 23.62 37.01
CA ARG G 47 18.91 24.79 37.47
C ARG G 47 18.04 26.04 37.48
N GLY G 48 17.12 26.14 36.54
CA GLY G 48 16.23 27.28 36.44
C GLY G 48 15.19 27.35 37.55
N THR G 49 14.54 26.23 37.81
CA THR G 49 13.50 26.18 38.84
C THR G 49 14.07 26.31 40.24
N ALA G 50 15.33 25.91 40.40
CA ALA G 50 16.02 26.01 41.69
C ALA G 50 16.34 27.47 42.04
N LYS G 51 16.38 28.32 41.02
CA LYS G 51 16.56 29.75 41.25
C LYS G 51 15.23 30.48 41.16
N GLY G 52 14.14 29.72 41.09
CA GLY G 52 12.80 30.27 41.03
C GLY G 52 12.60 31.17 39.83
N ARG G 53 12.80 30.61 38.64
CA ARG G 53 12.75 31.39 37.42
C ARG G 53 11.78 30.85 36.38
N ASP G 54 11.28 31.74 35.53
CA ASP G 54 10.53 31.32 34.36
C ASP G 54 11.55 30.78 33.36
N TRP G 55 11.96 29.53 33.56
CA TRP G 55 13.04 28.94 32.79
C TRP G 55 12.72 28.80 31.31
N LYS G 56 11.43 28.70 31.01
CA LYS G 56 10.98 28.61 29.63
C LYS G 56 11.23 29.93 28.90
N LYS G 57 11.08 31.03 29.62
CA LYS G 57 11.36 32.35 29.07
C LYS G 57 12.87 32.55 28.92
N ASP G 58 13.63 32.02 29.88
CA ASP G 58 15.09 32.08 29.84
C ASP G 58 15.64 31.32 28.64
N VAL G 59 15.01 30.19 28.32
CA VAL G 59 15.39 29.38 27.16
C VAL G 59 15.27 30.20 25.88
N LYS G 60 14.16 30.91 25.74
CA LYS G 60 13.94 31.74 24.55
C LYS G 60 14.98 32.84 24.46
N MET G 61 15.21 33.52 25.58
CA MET G 61 16.22 34.57 25.63
C MET G 61 17.62 34.03 25.31
N MET G 62 17.95 32.86 25.86
CA MET G 62 19.25 32.25 25.60
C MET G 62 19.40 31.87 24.12
N ILE G 63 18.29 31.42 23.50
CA ILE G 63 18.31 31.09 22.07
C ILE G 63 18.48 32.32 21.19
N VAL G 64 17.71 33.37 21.47
CA VAL G 64 17.83 34.63 20.73
C VAL G 64 19.24 35.18 20.87
N LEU G 65 19.76 35.14 22.08
CA LEU G 65 21.12 35.55 22.38
C LEU G 65 22.14 34.76 21.55
N ASN G 66 21.92 33.45 21.44
CA ASN G 66 22.80 32.60 20.65
C ASN G 66 22.71 32.87 19.14
N LEU G 67 21.49 33.15 18.67
CA LEU G 67 21.28 33.40 17.25
C LEU G 67 21.96 34.68 16.75
N VAL G 68 22.04 35.69 17.61
CA VAL G 68 22.54 37.00 17.17
C VAL G 68 23.93 37.36 17.70
N ARG G 69 24.39 36.67 18.75
CA ARG G 69 25.67 37.01 19.37
C ARG G 69 26.67 35.86 19.45
N GLY G 70 26.21 34.63 19.24
CA GLY G 70 27.12 33.49 19.24
C GLY G 70 27.11 32.63 20.50
N ASN G 71 28.30 32.20 20.92
CA ASN G 71 28.41 31.18 21.96
C ASN G 71 29.30 31.57 23.15
N LYS G 72 29.66 32.86 23.22
CA LYS G 72 30.57 33.34 24.26
C LYS G 72 29.91 34.43 25.13
N PRO G 73 29.10 34.01 26.12
CA PRO G 73 28.31 34.92 26.97
C PRO G 73 29.15 35.94 27.77
N GLU G 74 30.24 35.50 28.40
CA GLU G 74 31.11 36.41 29.14
C GLU G 74 31.71 37.48 28.24
N ALA G 75 32.05 37.11 27.01
CA ALA G 75 32.67 38.03 26.06
C ALA G 75 31.67 39.04 25.49
N MET G 76 30.47 38.57 25.15
CA MET G 76 29.45 39.42 24.53
C MET G 76 28.91 40.47 25.52
N MET G 77 29.10 40.20 26.81
CA MET G 77 28.67 41.11 27.87
C MET G 77 29.48 42.40 27.88
N LYS G 78 30.72 42.34 27.40
CA LYS G 78 31.59 43.50 27.36
C LYS G 78 31.28 44.38 26.14
N LYS G 79 30.39 43.89 25.29
CA LYS G 79 30.02 44.59 24.07
C LYS G 79 28.51 44.63 23.95
N MET G 80 27.86 45.09 25.01
CA MET G 80 26.41 45.08 25.11
C MET G 80 25.98 46.20 26.03
N SER G 81 24.75 46.68 25.87
CA SER G 81 24.19 47.67 26.79
C SER G 81 24.09 47.09 28.20
N GLU G 82 24.18 47.97 29.21
CA GLU G 82 24.08 47.54 30.60
C GLU G 82 22.79 46.77 30.87
N LYS G 83 21.73 47.19 30.22
CA LYS G 83 20.43 46.56 30.34
C LYS G 83 20.49 45.10 29.90
N GLY G 84 21.05 44.86 28.71
CA GLY G 84 21.16 43.52 28.18
C GLY G 84 22.21 42.68 28.90
N ALA G 85 23.32 43.31 29.27
CA ALA G 85 24.40 42.61 29.96
C ALA G 85 23.98 42.17 31.34
N SER G 86 22.96 42.83 31.89
CA SER G 86 22.42 42.49 33.20
C SER G 86 21.65 41.16 33.14
N ILE G 87 20.89 40.99 32.06
CA ILE G 87 20.13 39.77 31.81
C ILE G 87 21.06 38.59 31.55
N VAL G 88 22.06 38.82 30.70
CA VAL G 88 23.05 37.78 30.39
C VAL G 88 23.80 37.32 31.63
N ALA G 89 24.20 38.27 32.47
CA ALA G 89 24.90 37.95 33.72
C ALA G 89 24.10 36.98 34.59
N ASN G 90 22.79 37.19 34.65
CA ASN G 90 21.90 36.28 35.35
C ASN G 90 21.90 34.90 34.70
N LEU G 91 21.61 34.85 33.39
CA LEU G 91 21.57 33.61 32.64
C LEU G 91 22.84 32.78 32.83
N ILE G 92 23.98 33.46 32.89
CA ILE G 92 25.25 32.80 33.15
C ILE G 92 25.27 32.22 34.56
N SER G 93 24.76 32.97 35.51
CA SER G 93 24.73 32.54 36.91
C SER G 93 23.83 31.32 37.15
N VAL G 94 22.55 31.42 36.81
CA VAL G 94 21.60 30.33 37.09
C VAL G 94 21.88 29.06 36.29
N TYR G 95 22.20 29.22 35.01
CA TYR G 95 22.40 28.05 34.16
C TYR G 95 23.86 27.62 34.04
N GLN G 96 24.75 28.35 34.72
CA GLN G 96 26.18 28.02 34.75
C GLN G 96 26.76 27.91 33.34
N LEU G 97 26.45 28.91 32.52
CA LEU G 97 26.86 28.90 31.11
C LEU G 97 28.38 28.92 30.96
N LYS G 98 28.87 28.17 29.98
CA LYS G 98 30.31 28.15 29.68
C LYS G 98 30.59 28.71 28.29
N GLU G 99 31.86 29.08 28.05
CA GLU G 99 32.24 29.76 26.82
C GLU G 99 32.56 28.80 25.68
N GLY G 100 32.43 27.50 25.96
CA GLY G 100 32.75 26.48 24.96
C GLY G 100 33.46 25.28 25.58
N ASN G 101 33.93 24.36 24.74
CA ASN G 101 34.60 23.14 25.19
C ASN G 101 33.82 22.41 26.28
N PRO G 102 32.56 22.04 25.99
CA PRO G 102 31.64 21.58 27.03
C PRO G 102 31.86 20.11 27.43
N GLY G 103 31.46 19.78 28.65
CA GLY G 103 31.45 18.39 29.10
C GLY G 103 30.02 17.89 29.25
N ARG G 104 29.86 16.73 29.90
CA ARG G 104 28.54 16.10 30.06
C ARG G 104 27.49 17.01 30.73
N ASP G 105 27.87 17.63 31.84
CA ASP G 105 26.93 18.43 32.62
C ASP G 105 27.01 19.91 32.27
N THR G 106 27.64 20.23 31.14
CA THR G 106 27.84 21.61 30.73
C THR G 106 26.69 22.14 29.88
N ILE G 107 26.26 23.36 30.16
CA ILE G 107 25.27 24.03 29.33
C ILE G 107 25.90 25.22 28.60
N THR G 108 25.70 25.24 27.29
CA THR G 108 26.12 26.36 26.46
C THR G 108 24.92 26.87 25.68
N LEU G 109 25.00 28.10 25.18
CA LEU G 109 23.94 28.67 24.35
C LEU G 109 23.64 27.79 23.15
N SER G 110 24.69 27.25 22.52
CA SER G 110 24.54 26.33 21.40
C SER G 110 23.74 25.11 21.80
N ARG G 111 24.05 24.56 22.96
CA ARG G 111 23.36 23.37 23.43
C ARG G 111 21.88 23.64 23.67
N VAL G 112 21.56 24.85 24.11
CA VAL G 112 20.18 25.25 24.33
C VAL G 112 19.41 25.36 23.01
N SER G 113 20.00 26.03 22.03
CA SER G 113 19.40 26.15 20.70
C SER G 113 19.19 24.78 20.05
N ALA G 114 20.07 23.83 20.33
CA ALA G 114 19.97 22.50 19.75
C ALA G 114 18.90 21.64 20.41
N ALA G 115 18.88 21.64 21.75
CA ALA G 115 17.93 20.83 22.48
C ALA G 115 16.51 21.37 22.35
N PHE G 116 16.40 22.69 22.35
CA PHE G 116 15.10 23.36 22.23
C PHE G 116 14.89 23.85 20.80
N VAL G 117 15.44 23.11 19.84
CA VAL G 117 15.30 23.44 18.42
C VAL G 117 13.86 23.68 17.91
N PRO G 118 12.84 22.98 18.48
CA PRO G 118 11.50 23.33 18.00
C PRO G 118 11.08 24.79 18.21
N TRP G 119 11.78 25.52 19.08
CA TRP G 119 11.53 26.95 19.20
C TRP G 119 12.57 27.75 18.40
N THR G 120 13.82 27.31 18.46
CA THR G 120 14.91 27.91 17.69
C THR G 120 14.49 28.10 16.25
N VAL G 121 13.87 27.07 15.71
CA VAL G 121 13.49 27.02 14.31
C VAL G 121 12.38 28.01 13.99
N GLN G 122 11.71 28.53 15.03
CA GLN G 122 10.63 29.48 14.83
C GLN G 122 11.09 30.93 15.04
N ALA G 123 12.11 31.10 15.86
CA ALA G 123 12.69 32.43 16.08
C ALA G 123 13.43 32.89 14.82
N LEU G 124 14.02 31.93 14.10
CA LEU G 124 14.76 32.21 12.88
C LEU G 124 13.92 32.97 11.84
N ARG G 125 12.63 32.67 11.79
CA ARG G 125 11.70 33.34 10.89
C ARG G 125 11.65 34.85 11.11
N VAL G 126 11.90 35.25 12.36
CA VAL G 126 11.79 36.64 12.77
C VAL G 126 13.14 37.36 12.82
N LEU G 127 14.20 36.59 13.03
CA LEU G 127 15.54 37.16 13.26
C LEU G 127 16.43 37.23 12.03
N SER G 128 15.98 36.65 10.93
CA SER G 128 16.82 36.40 9.75
C SER G 128 17.80 37.51 9.37
N GLU G 129 17.41 38.77 9.55
CA GLU G 129 18.27 39.89 9.19
C GLU G 129 19.27 40.30 10.28
N SER G 130 19.15 39.69 11.45
CA SER G 130 20.05 39.97 12.56
C SER G 130 21.06 38.84 12.78
N LEU G 131 20.99 37.81 11.95
CA LEU G 131 21.87 36.65 12.03
C LEU G 131 23.27 36.97 11.48
N PRO G 132 24.30 36.21 11.90
CA PRO G 132 25.66 36.37 11.38
C PRO G 132 25.67 36.34 9.84
N VAL G 133 24.96 35.35 9.28
CA VAL G 133 24.65 35.36 7.86
C VAL G 133 23.18 35.72 7.70
N SER G 134 22.89 36.84 7.04
CA SER G 134 21.51 37.31 6.89
C SER G 134 20.70 36.47 5.90
N GLY G 135 19.38 36.50 6.06
CA GLY G 135 18.49 35.85 5.12
C GLY G 135 18.68 36.35 3.70
N THR G 136 18.86 37.66 3.55
CA THR G 136 19.09 38.27 2.25
C THR G 136 20.38 37.79 1.60
N THR G 137 21.39 37.54 2.43
CA THR G 137 22.66 37.02 1.94
C THR G 137 22.48 35.60 1.45
N MET G 138 21.76 34.79 2.21
CA MET G 138 21.44 33.42 1.80
C MET G 138 20.54 33.39 0.56
N ASP G 139 19.64 34.37 0.46
CA ASP G 139 18.72 34.47 -0.68
C ASP G 139 19.47 34.77 -1.98
N ALA G 140 20.70 35.27 -1.88
CA ALA G 140 21.49 35.58 -3.06
C ALA G 140 22.35 34.40 -3.45
N ILE G 141 22.86 33.69 -2.44
CA ILE G 141 23.66 32.49 -2.66
C ILE G 141 22.81 31.40 -3.29
N ALA G 142 21.66 31.09 -2.66
CA ALA G 142 20.64 30.29 -3.32
C ALA G 142 19.98 31.21 -4.33
N GLY G 143 19.43 30.65 -5.40
CA GLY G 143 18.75 31.48 -6.38
C GLY G 143 17.32 31.75 -5.95
N VAL G 144 17.02 31.42 -4.71
CA VAL G 144 15.65 31.45 -4.19
C VAL G 144 15.63 32.03 -2.77
N THR G 145 14.44 32.13 -2.18
CA THR G 145 14.34 32.53 -0.79
C THR G 145 14.67 31.34 0.10
N TYR G 146 15.85 31.39 0.70
CA TYR G 146 16.34 30.29 1.52
C TYR G 146 15.47 30.12 2.76
N PRO G 147 15.03 28.89 3.06
CA PRO G 147 14.18 28.60 4.22
C PRO G 147 14.84 29.08 5.52
N ARG G 148 14.25 30.09 6.14
CA ARG G 148 14.80 30.71 7.34
C ARG G 148 15.05 29.70 8.45
N ALA G 149 14.21 28.68 8.49
CA ALA G 149 14.29 27.62 9.51
C ALA G 149 15.60 26.85 9.48
N MET G 150 16.29 26.87 8.33
CA MET G 150 17.53 26.12 8.18
C MET G 150 18.74 26.93 8.59
N MET G 151 18.53 28.21 8.87
CA MET G 151 19.65 29.13 9.07
C MET G 151 20.30 29.07 10.45
N HIS G 152 20.54 27.85 10.92
CA HIS G 152 21.28 27.60 12.15
C HIS G 152 21.71 26.13 12.16
N PRO G 153 22.87 25.84 12.77
CA PRO G 153 23.35 24.46 12.87
C PRO G 153 22.34 23.53 13.55
N SER G 154 21.61 24.04 14.53
CA SER G 154 20.62 23.24 15.27
C SER G 154 19.56 22.58 14.40
N PHE G 155 19.36 23.10 13.18
CA PHE G 155 18.35 22.54 12.28
C PHE G 155 18.63 21.08 11.95
N ALA G 156 19.90 20.71 11.98
CA ALA G 156 20.29 19.33 11.67
C ALA G 156 19.59 18.34 12.59
N GLY G 157 19.31 18.77 13.81
CA GLY G 157 18.69 17.92 14.81
C GLY G 157 17.29 17.43 14.47
N ILE G 158 16.61 18.11 13.56
CA ILE G 158 15.26 17.71 13.18
C ILE G 158 15.18 17.08 11.79
N ILE G 159 16.33 16.85 11.18
CA ILE G 159 16.37 16.21 9.86
C ILE G 159 16.20 14.68 9.96
N ASP G 160 15.26 14.15 9.19
CA ASP G 160 15.10 12.70 9.06
C ASP G 160 15.72 12.25 7.74
N LEU G 161 16.86 11.58 7.83
CA LEU G 161 17.60 11.13 6.64
C LEU G 161 16.91 9.96 5.95
N ASP G 162 15.96 9.35 6.63
CA ASP G 162 15.29 8.16 6.11
C ASP G 162 13.95 8.47 5.41
N LEU G 163 13.67 9.75 5.21
CA LEU G 163 12.49 10.16 4.45
C LEU G 163 12.59 9.59 3.04
N PRO G 164 11.45 9.12 2.50
CA PRO G 164 11.38 8.47 1.17
C PRO G 164 11.98 9.33 0.06
N ASN G 165 12.46 8.66 -0.99
CA ASN G 165 12.96 9.31 -2.20
C ASN G 165 14.17 10.21 -1.98
N GLY G 166 14.90 9.94 -0.90
CA GLY G 166 16.07 10.73 -0.55
C GLY G 166 15.75 12.17 -0.21
N ALA G 167 14.52 12.42 0.24
CA ALA G 167 14.13 13.77 0.64
C ALA G 167 14.98 14.24 1.81
N GLY G 168 15.30 13.32 2.71
CA GLY G 168 16.16 13.61 3.84
C GLY G 168 17.54 14.05 3.39
N ALA G 169 18.07 13.38 2.37
CA ALA G 169 19.37 13.73 1.82
C ALA G 169 19.33 15.11 1.17
N THR G 170 18.24 15.39 0.45
CA THR G 170 18.06 16.70 -0.18
C THR G 170 18.00 17.78 0.89
N ILE G 171 17.26 17.53 1.97
CA ILE G 171 17.14 18.49 3.07
C ILE G 171 18.52 18.76 3.67
N ALA G 172 19.31 17.71 3.86
CA ALA G 172 20.67 17.83 4.38
C ALA G 172 21.53 18.71 3.47
N ASP G 173 21.39 18.50 2.15
CA ASP G 173 22.14 19.29 1.16
C ASP G 173 21.78 20.77 1.25
N ALA G 174 20.49 21.08 1.30
CA ALA G 174 20.05 22.47 1.40
C ALA G 174 20.57 23.12 2.68
N HIS G 175 20.59 22.35 3.76
CA HIS G 175 21.10 22.87 5.03
C HIS G 175 22.61 23.08 4.94
N GLY G 176 23.28 22.22 4.17
CA GLY G 176 24.71 22.31 3.99
C GLY G 176 25.11 23.62 3.34
N LEU G 177 24.25 24.12 2.46
CA LEU G 177 24.51 25.37 1.76
C LEU G 177 24.68 26.51 2.76
N PHE G 178 23.82 26.55 3.77
CA PHE G 178 23.95 27.53 4.85
C PHE G 178 25.18 27.25 5.71
N MET G 179 25.38 25.98 6.04
CA MET G 179 26.43 25.59 6.96
C MET G 179 27.83 26.03 6.54
N ILE G 180 28.09 26.10 5.23
CA ILE G 180 29.41 26.53 4.77
C ILE G 180 29.59 28.04 4.93
N GLU G 181 28.52 28.79 4.69
CA GLU G 181 28.56 30.25 4.88
C GLU G 181 28.69 30.60 6.35
N PHE G 182 27.97 29.86 7.19
CA PHE G 182 28.02 30.05 8.63
C PHE G 182 29.42 29.73 9.18
N SER G 183 30.00 28.63 8.70
CA SER G 183 31.31 28.21 9.18
C SER G 183 32.42 29.19 8.78
N LYS G 184 32.28 29.79 7.60
CA LYS G 184 33.28 30.74 7.11
C LYS G 184 33.22 32.06 7.87
N THR G 185 32.02 32.42 8.34
CA THR G 185 31.83 33.68 9.08
C THR G 185 32.42 33.64 10.48
N ILE G 186 32.17 32.55 11.21
CA ILE G 186 32.67 32.42 12.58
C ILE G 186 34.11 31.88 12.64
N ASN G 187 34.62 31.43 11.50
CA ASN G 187 36.00 30.95 11.41
C ASN G 187 36.67 31.50 10.15
N PRO G 188 37.25 32.71 10.26
CA PRO G 188 37.84 33.46 9.15
C PRO G 188 38.90 32.68 8.38
N SER G 189 39.58 31.76 9.03
CA SER G 189 40.61 30.96 8.38
C SER G 189 40.04 30.12 7.23
N LEU G 190 38.74 29.83 7.28
CA LEU G 190 38.07 29.01 6.27
C LEU G 190 37.56 29.81 5.06
N ARG G 191 37.70 31.13 5.12
CA ARG G 191 37.14 32.00 4.09
C ARG G 191 37.84 31.89 2.73
N THR G 192 39.07 31.39 2.74
CA THR G 192 39.84 31.22 1.52
C THR G 192 39.75 29.79 0.98
N LYS G 193 39.14 28.91 1.76
CA LYS G 193 39.04 27.49 1.40
C LYS G 193 37.93 27.24 0.37
N GLN G 194 37.94 26.04 -0.20
CA GLN G 194 36.91 25.63 -1.14
C GLN G 194 35.73 24.99 -0.42
N ALA G 195 34.60 24.90 -1.11
CA ALA G 195 33.36 24.38 -0.52
C ALA G 195 33.53 23.03 0.18
N ASN G 196 34.14 22.08 -0.51
CA ASN G 196 34.35 20.75 0.04
C ASN G 196 35.24 20.76 1.29
N GLU G 197 36.22 21.67 1.30
CA GLU G 197 37.14 21.80 2.43
C GLU G 197 36.40 22.33 3.65
N VAL G 198 35.53 23.31 3.42
CA VAL G 198 34.73 23.90 4.48
C VAL G 198 33.70 22.89 4.99
N ALA G 199 33.06 22.19 4.06
CA ALA G 199 32.10 21.16 4.41
C ALA G 199 32.73 20.12 5.34
N ALA G 200 33.99 19.78 5.07
CA ALA G 200 34.73 18.81 5.88
C ALA G 200 34.84 19.23 7.34
N THR G 201 34.81 20.53 7.60
CA THR G 201 34.97 21.03 8.98
C THR G 201 33.73 20.82 9.85
N PHE G 202 32.57 20.61 9.22
CA PHE G 202 31.34 20.45 9.99
C PHE G 202 30.60 19.13 9.80
N GLU G 203 30.84 18.42 8.70
CA GLU G 203 29.96 17.29 8.38
C GLU G 203 30.01 16.09 9.33
N LYS G 204 31.02 16.04 10.20
CA LYS G 204 31.07 14.98 11.21
C LYS G 204 30.13 15.24 12.42
N PRO G 205 30.28 16.38 13.11
CA PRO G 205 29.29 16.63 14.17
C PRO G 205 27.89 16.88 13.61
N ASN G 206 27.81 17.34 12.36
CA ASN G 206 26.53 17.54 11.68
C ASN G 206 25.78 16.23 11.42
N MET G 207 26.53 15.17 11.07
CA MET G 207 25.96 13.85 10.87
C MET G 207 25.45 13.29 12.19
N ALA G 208 26.22 13.52 13.26
CA ALA G 208 25.81 13.08 14.60
C ALA G 208 24.48 13.70 15.03
N ALA G 209 24.23 14.93 14.58
CA ALA G 209 22.98 15.61 14.89
C ALA G 209 21.81 15.00 14.12
N MET G 210 22.01 14.73 12.83
CA MET G 210 20.97 14.18 11.97
C MET G 210 20.64 12.73 12.32
N SER G 211 21.64 11.99 12.80
CA SER G 211 21.45 10.58 13.15
C SER G 211 21.14 10.41 14.64
N GLY G 212 20.91 11.52 15.32
CA GLY G 212 20.51 11.49 16.71
C GLY G 212 19.14 10.87 16.86
N ARG G 213 18.85 10.34 18.05
CA ARG G 213 17.59 9.64 18.28
C ARG G 213 16.78 10.25 19.40
N PHE G 214 17.06 11.51 19.73
CA PHE G 214 16.27 12.24 20.72
C PHE G 214 14.86 12.43 20.19
N PHE G 215 14.75 12.78 18.91
CA PHE G 215 13.47 12.87 18.26
C PHE G 215 13.18 11.60 17.45
N THR G 216 11.95 11.11 17.51
CA THR G 216 11.54 9.99 16.68
C THR G 216 11.38 10.48 15.25
N ARG G 217 11.23 9.54 14.32
CA ARG G 217 10.99 9.90 12.92
C ARG G 217 9.68 10.67 12.78
N GLU G 218 8.67 10.28 13.55
CA GLU G 218 7.36 10.93 13.50
C GLU G 218 7.46 12.36 14.02
N ASP G 219 8.39 12.60 14.94
CA ASP G 219 8.60 13.94 15.50
C ASP G 219 9.25 14.87 14.48
N LYS G 220 10.27 14.36 13.81
CA LYS G 220 10.98 15.14 12.80
C LYS G 220 10.06 15.43 11.63
N LYS G 221 9.27 14.43 11.26
CA LYS G 221 8.28 14.57 10.20
C LYS G 221 7.33 15.71 10.54
N LYS G 222 6.86 15.73 11.77
CA LYS G 222 5.95 16.77 12.25
C LYS G 222 6.63 18.15 12.27
N LEU G 223 7.87 18.19 12.75
CA LEU G 223 8.64 19.43 12.80
C LEU G 223 8.90 20.01 11.40
N LEU G 224 9.37 19.17 10.50
CA LEU G 224 9.69 19.60 9.13
C LEU G 224 8.45 20.12 8.40
N ILE G 225 7.32 19.47 8.63
CA ILE G 225 6.06 19.91 8.05
C ILE G 225 5.65 21.24 8.67
N ALA G 226 5.76 21.34 10.00
CA ALA G 226 5.35 22.54 10.73
C ALA G 226 6.08 23.80 10.28
N VAL G 227 7.29 23.63 9.77
CA VAL G 227 8.14 24.77 9.46
C VAL G 227 8.30 24.97 7.94
N GLY G 228 7.59 24.15 7.15
CA GLY G 228 7.48 24.38 5.71
C GLY G 228 8.52 23.76 4.79
N ILE G 229 9.32 22.85 5.33
CA ILE G 229 10.34 22.16 4.54
C ILE G 229 9.70 21.11 3.61
N ILE G 230 8.76 20.35 4.16
CA ILE G 230 7.92 19.44 3.37
C ILE G 230 6.45 19.68 3.70
N ASP G 231 5.55 19.23 2.82
CA ASP G 231 4.12 19.28 3.14
C ASP G 231 3.65 17.96 3.75
N GLU G 232 2.35 17.85 3.97
CA GLU G 232 1.78 16.66 4.60
C GLU G 232 1.94 15.43 3.72
N ASP G 233 2.18 15.66 2.42
CA ASP G 233 2.38 14.57 1.47
C ASP G 233 3.86 14.25 1.31
N LEU G 234 4.69 14.85 2.16
CA LEU G 234 6.15 14.65 2.15
C LEU G 234 6.82 15.20 0.89
N VAL G 235 6.17 16.16 0.24
CA VAL G 235 6.74 16.82 -0.94
C VAL G 235 7.64 17.97 -0.50
N LEU G 236 8.84 18.04 -1.06
CA LEU G 236 9.80 19.09 -0.74
C LEU G 236 9.41 20.41 -1.38
N ALA G 237 9.53 21.50 -0.62
CA ALA G 237 9.40 22.84 -1.18
C ALA G 237 10.50 23.07 -2.21
N SER G 238 10.17 23.72 -3.32
CA SER G 238 11.12 23.93 -4.41
C SER G 238 12.38 24.66 -3.95
N ALA G 239 12.22 25.58 -3.00
CA ALA G 239 13.36 26.33 -2.46
C ALA G 239 14.39 25.39 -1.84
N VAL G 240 13.90 24.31 -1.22
CA VAL G 240 14.79 23.34 -0.61
C VAL G 240 15.59 22.59 -1.65
N VAL G 241 14.92 22.11 -2.70
CA VAL G 241 15.57 21.30 -3.72
C VAL G 241 16.55 22.11 -4.58
N ARG G 242 16.27 23.40 -4.74
CA ARG G 242 17.15 24.27 -5.52
C ARG G 242 18.36 24.72 -4.69
N SER G 243 18.14 24.93 -3.40
CA SER G 243 19.24 25.19 -2.48
C SER G 243 20.12 23.94 -2.39
N ALA G 244 19.49 22.78 -2.44
CA ALA G 244 20.19 21.50 -2.38
C ALA G 244 21.11 21.30 -3.57
N GLU G 245 20.62 21.60 -4.77
CA GLU G 245 21.41 21.35 -5.97
C GLU G 245 22.54 22.37 -6.14
N LYS G 246 22.40 23.53 -5.51
CA LYS G 246 23.47 24.52 -5.49
C LYS G 246 24.58 24.06 -4.56
N TYR G 247 24.21 23.33 -3.50
CA TYR G 247 25.19 22.77 -2.59
C TYR G 247 26.00 21.66 -3.27
N ARG G 248 25.31 20.73 -3.92
CA ARG G 248 25.96 19.60 -4.57
C ARG G 248 26.94 20.06 -5.65
N ALA G 249 26.61 21.17 -6.32
CA ALA G 249 27.46 21.72 -7.36
C ALA G 249 28.76 22.31 -6.78
N LYS G 250 28.66 22.89 -5.58
CA LYS G 250 29.80 23.47 -4.87
C LYS G 250 30.81 22.42 -4.40
N VAL G 251 30.30 21.31 -3.88
CA VAL G 251 31.14 20.29 -3.25
C VAL G 251 31.84 19.39 -4.30
N GLY G 252 31.32 19.38 -5.53
CA GLY G 252 31.92 18.63 -6.63
C GLY G 252 32.42 19.54 -7.75
N GLU H 4 11.54 10.84 26.39
CA GLU H 4 10.21 10.50 26.89
C GLU H 4 9.57 11.68 27.66
N ASN H 5 10.00 11.87 28.89
CA ASN H 5 9.50 12.96 29.73
C ASN H 5 9.93 14.28 29.12
N TYR H 6 11.25 14.45 29.11
CA TYR H 6 11.95 15.61 28.58
C TYR H 6 11.84 15.76 27.06
N ARG H 7 11.46 14.69 26.38
CA ARG H 7 11.16 14.78 24.95
C ARG H 7 9.87 15.58 24.73
N ASP H 8 8.84 15.25 25.51
CA ASP H 8 7.55 15.93 25.41
C ASP H 8 7.65 17.40 25.80
N ILE H 9 8.58 17.71 26.71
CA ILE H 9 8.84 19.10 27.09
C ILE H 9 9.40 19.87 25.91
N ALA H 10 10.43 19.31 25.27
CA ALA H 10 11.01 19.91 24.07
C ALA H 10 9.97 20.08 22.96
N LEU H 11 9.24 19.00 22.68
CA LEU H 11 8.16 19.01 21.71
C LEU H 11 7.10 20.10 21.97
N ALA H 12 6.85 20.39 23.24
CA ALA H 12 5.82 21.37 23.60
C ALA H 12 6.21 22.79 23.18
N PHE H 13 7.52 23.01 22.99
CA PHE H 13 8.03 24.31 22.57
C PHE H 13 7.70 24.61 21.11
N LEU H 14 7.25 23.60 20.39
CA LEU H 14 6.76 23.78 19.03
C LEU H 14 5.52 24.68 19.05
N ASP H 15 4.70 24.52 20.09
CA ASP H 15 3.46 25.28 20.24
C ASP H 15 3.62 26.44 21.22
N GLU H 16 4.84 26.62 21.73
CA GLU H 16 5.14 27.75 22.60
C GLU H 16 5.19 29.04 21.78
N SER H 17 4.78 30.15 22.39
CA SER H 17 4.67 31.42 21.67
C SER H 17 6.00 31.94 21.15
N ALA H 18 5.95 32.58 19.99
CA ALA H 18 7.13 33.22 19.40
C ALA H 18 6.74 34.56 18.80
N ASP H 19 6.24 35.45 19.65
CA ASP H 19 5.74 36.75 19.19
C ASP H 19 6.85 37.60 18.57
N SER H 20 6.63 38.04 17.34
CA SER H 20 7.59 38.86 16.63
C SER H 20 7.98 40.10 17.42
N GLY H 21 6.98 40.74 18.03
CA GLY H 21 7.22 41.94 18.82
C GLY H 21 8.14 41.72 20.00
N THR H 22 7.86 40.68 20.79
CA THR H 22 8.64 40.39 21.99
C THR H 22 10.05 39.90 21.67
N ILE H 23 10.18 39.13 20.59
CA ILE H 23 11.49 38.61 20.17
C ILE H 23 12.40 39.74 19.67
N ASN H 24 11.83 40.64 18.86
CA ASN H 24 12.57 41.80 18.35
C ASN H 24 13.05 42.72 19.47
N ALA H 25 12.26 42.80 20.55
CA ALA H 25 12.65 43.58 21.72
C ALA H 25 13.88 42.96 22.38
N TRP H 26 13.94 41.63 22.40
CA TRP H 26 15.10 40.90 22.94
C TRP H 26 16.34 41.12 22.09
N VAL H 27 16.14 41.15 20.77
CA VAL H 27 17.25 41.35 19.82
C VAL H 27 17.91 42.70 20.04
N ASN H 28 17.09 43.73 20.20
CA ASN H 28 17.60 45.08 20.41
C ASN H 28 18.32 45.22 21.76
N GLU H 29 17.82 44.51 22.77
CA GLU H 29 18.47 44.48 24.08
C GLU H 29 19.83 43.79 24.00
N PHE H 30 19.85 42.64 23.33
CA PHE H 30 21.06 41.83 23.22
C PHE H 30 21.95 42.30 22.07
N ALA H 31 21.51 43.34 21.37
CA ALA H 31 22.23 43.82 20.19
C ALA H 31 23.64 44.25 20.55
N TYR H 32 24.56 44.07 19.60
CA TYR H 32 25.93 44.54 19.76
C TYR H 32 25.97 46.04 20.01
N GLN H 33 26.74 46.45 21.03
CA GLN H 33 26.99 47.86 21.29
C GLN H 33 28.48 48.11 21.41
N GLY H 34 29.01 48.96 20.54
CA GLY H 34 30.43 49.28 20.54
C GLY H 34 30.87 49.90 21.85
N PHE H 35 30.17 50.95 22.26
CA PHE H 35 30.50 51.65 23.49
C PHE H 35 29.34 52.52 23.94
N ASP H 36 29.43 53.02 25.16
CA ASP H 36 28.43 53.92 25.72
C ASP H 36 29.07 55.30 25.88
N PRO H 37 28.59 56.28 25.09
CA PRO H 37 29.09 57.66 25.14
C PRO H 37 29.01 58.22 26.56
N LYS H 38 27.88 57.96 27.22
CA LYS H 38 27.63 58.41 28.59
C LYS H 38 28.74 57.97 29.53
N ARG H 39 29.20 56.73 29.33
CA ARG H 39 30.25 56.14 30.15
C ARG H 39 31.59 56.81 29.85
N ILE H 40 31.80 57.17 28.58
CA ILE H 40 33.05 57.76 28.13
C ILE H 40 33.28 59.13 28.79
N VAL H 41 32.27 60.00 28.70
CA VAL H 41 32.40 61.31 29.33
C VAL H 41 32.58 61.20 30.84
N GLN H 42 31.91 60.22 31.46
CA GLN H 42 32.06 59.97 32.89
C GLN H 42 33.51 59.65 33.24
N LEU H 43 34.09 58.67 32.54
CA LEU H 43 35.46 58.23 32.78
C LEU H 43 36.48 59.35 32.53
N VAL H 44 36.32 60.06 31.41
CA VAL H 44 37.21 61.17 31.07
C VAL H 44 37.26 62.19 32.20
N LYS H 45 36.09 62.58 32.71
CA LYS H 45 35.99 63.56 33.79
C LYS H 45 36.58 63.02 35.08
N GLU H 46 36.28 61.78 35.41
CA GLU H 46 36.80 61.17 36.64
C GLU H 46 38.31 60.95 36.61
N ARG H 47 38.79 60.28 35.55
CA ARG H 47 40.21 60.01 35.42
C ARG H 47 41.04 61.30 35.30
N GLY H 48 40.47 62.31 34.66
CA GLY H 48 41.15 63.59 34.50
C GLY H 48 41.25 64.39 35.78
N THR H 49 40.13 64.52 36.49
CA THR H 49 40.10 65.25 37.75
C THR H 49 40.93 64.55 38.84
N ALA H 50 40.99 63.23 38.76
CA ALA H 50 41.74 62.44 39.73
C ALA H 50 43.23 62.72 39.65
N LYS H 51 43.68 63.14 38.47
CA LYS H 51 45.08 63.47 38.26
C LYS H 51 45.30 64.98 38.28
N GLY H 52 44.26 65.72 38.64
CA GLY H 52 44.33 67.17 38.72
C GLY H 52 44.70 67.83 37.40
N ARG H 53 43.90 67.55 36.37
CA ARG H 53 44.17 68.06 35.03
C ARG H 53 43.02 68.94 34.54
N ASP H 54 43.33 69.83 33.60
CA ASP H 54 42.29 70.53 32.85
C ASP H 54 41.72 69.52 31.85
N TRP H 55 40.81 68.68 32.31
CA TRP H 55 40.32 67.55 31.51
C TRP H 55 39.56 67.98 30.26
N LYS H 56 38.87 69.12 30.34
CA LYS H 56 38.15 69.67 29.19
C LYS H 56 39.14 70.02 28.07
N LYS H 57 40.30 70.55 28.46
CA LYS H 57 41.37 70.84 27.51
C LYS H 57 41.94 69.55 26.94
N ASP H 58 42.16 68.57 27.82
CA ASP H 58 42.65 67.26 27.40
C ASP H 58 41.70 66.62 26.38
N VAL H 59 40.39 66.81 26.57
CA VAL H 59 39.40 66.33 25.62
C VAL H 59 39.64 66.92 24.23
N LYS H 60 39.89 68.24 24.19
CA LYS H 60 40.16 68.93 22.95
C LYS H 60 41.41 68.39 22.25
N MET H 61 42.48 68.21 23.03
CA MET H 61 43.74 67.71 22.47
C MET H 61 43.58 66.27 21.95
N MET H 62 42.83 65.46 22.68
CA MET H 62 42.60 64.08 22.27
C MET H 62 41.78 64.04 20.97
N ILE H 63 40.82 64.95 20.84
CA ILE H 63 39.98 65.02 19.65
C ILE H 63 40.81 65.45 18.43
N VAL H 64 41.59 66.51 18.60
CA VAL H 64 42.47 67.01 17.55
C VAL H 64 43.46 65.92 17.13
N LEU H 65 44.02 65.23 18.13
CA LEU H 65 44.91 64.10 17.90
C LEU H 65 44.23 62.99 17.08
N ASN H 66 42.98 62.68 17.44
CA ASN H 66 42.20 61.66 16.74
C ASN H 66 41.90 62.07 15.30
N LEU H 67 41.65 63.35 15.09
CA LEU H 67 41.34 63.86 13.76
C LEU H 67 42.53 63.77 12.80
N VAL H 68 43.74 63.98 13.32
CA VAL H 68 44.90 64.05 12.44
C VAL H 68 45.76 62.78 12.42
N ARG H 69 45.60 61.91 13.43
CA ARG H 69 46.46 60.73 13.53
C ARG H 69 45.69 59.41 13.62
N GLY H 70 44.40 59.48 13.94
CA GLY H 70 43.60 58.28 14.00
C GLY H 70 43.38 57.72 15.39
N ASN H 71 43.44 56.39 15.51
CA ASN H 71 43.03 55.71 16.73
C ASN H 71 44.06 54.72 17.29
N LYS H 72 45.34 54.92 16.95
CA LYS H 72 46.42 54.07 17.46
C LYS H 72 47.50 54.89 18.17
N PRO H 73 47.26 55.19 19.45
CA PRO H 73 48.09 56.06 20.30
C PRO H 73 49.56 55.62 20.35
N GLU H 74 49.81 54.35 20.65
CA GLU H 74 51.18 53.87 20.76
C GLU H 74 51.92 53.94 19.43
N ALA H 75 51.20 53.67 18.35
CA ALA H 75 51.77 53.66 17.00
C ALA H 75 52.11 55.05 16.49
N MET H 76 51.23 56.01 16.75
CA MET H 76 51.42 57.37 16.24
C MET H 76 52.58 58.09 16.91
N MET H 77 52.93 57.67 18.12
CA MET H 77 54.05 58.26 18.84
C MET H 77 55.39 57.92 18.18
N LYS H 78 55.40 56.83 17.41
CA LYS H 78 56.63 56.38 16.75
C LYS H 78 56.97 57.28 15.55
N LYS H 79 55.97 58.03 15.09
CA LYS H 79 56.14 58.97 14.00
C LYS H 79 55.61 60.34 14.38
N MET H 80 56.27 60.97 15.36
CA MET H 80 55.78 62.23 15.91
C MET H 80 56.95 63.01 16.51
N SER H 81 56.81 64.33 16.59
CA SER H 81 57.82 65.16 17.24
C SER H 81 57.94 64.77 18.71
N GLU H 82 59.12 65.00 19.29
CA GLU H 82 59.35 64.68 20.69
C GLU H 82 58.37 65.40 21.61
N LYS H 83 58.11 66.67 21.30
CA LYS H 83 57.18 67.49 22.08
C LYS H 83 55.80 66.84 22.14
N GLY H 84 55.22 66.59 20.96
CA GLY H 84 53.89 66.01 20.87
C GLY H 84 53.77 64.61 21.42
N ALA H 85 54.79 63.79 21.19
CA ALA H 85 54.79 62.41 21.69
C ALA H 85 54.80 62.37 23.21
N SER H 86 55.43 63.37 23.81
CA SER H 86 55.49 63.46 25.27
C SER H 86 54.11 63.69 25.87
N ILE H 87 53.30 64.52 25.22
CA ILE H 87 51.96 64.80 25.73
C ILE H 87 50.97 63.69 25.42
N VAL H 88 51.17 63.00 24.30
CA VAL H 88 50.35 61.84 23.96
C VAL H 88 50.59 60.73 24.99
N ALA H 89 51.85 60.54 25.36
CA ALA H 89 52.22 59.57 26.39
C ALA H 89 51.47 59.83 27.70
N ASN H 90 51.38 61.11 28.08
CA ASN H 90 50.60 61.50 29.25
C ASN H 90 49.13 61.15 29.08
N LEU H 91 48.51 61.64 28.01
CA LEU H 91 47.10 61.35 27.71
C LEU H 91 46.77 59.86 27.80
N ILE H 92 47.66 59.04 27.28
CA ILE H 92 47.53 57.59 27.38
C ILE H 92 47.52 57.14 28.83
N SER H 93 48.45 57.68 29.62
CA SER H 93 48.57 57.30 31.03
C SER H 93 47.34 57.66 31.85
N VAL H 94 46.97 58.94 31.88
CA VAL H 94 45.86 59.39 32.73
C VAL H 94 44.49 58.89 32.26
N TYR H 95 44.27 58.84 30.95
CA TYR H 95 42.97 58.41 30.44
C TYR H 95 42.91 56.92 30.09
N GLN H 96 44.02 56.22 30.31
CA GLN H 96 44.11 54.78 30.05
C GLN H 96 43.65 54.46 28.64
N LEU H 97 44.17 55.23 27.68
CA LEU H 97 43.78 55.11 26.29
C LEU H 97 44.19 53.76 25.70
N LYS H 98 43.29 53.18 24.92
CA LYS H 98 43.56 51.95 24.19
C LYS H 98 43.24 52.19 22.72
N GLU H 99 43.44 51.16 21.90
CA GLU H 99 43.16 51.26 20.48
C GLU H 99 42.14 50.20 20.06
N GLY H 100 41.65 50.33 18.83
CA GLY H 100 40.75 49.33 18.27
C GLY H 100 39.34 49.42 18.81
N ASN H 101 38.71 48.27 19.02
CA ASN H 101 37.35 48.22 19.56
C ASN H 101 37.26 47.38 20.83
N PRO H 102 37.80 47.89 21.96
CA PRO H 102 37.74 47.13 23.22
C PRO H 102 36.37 47.26 23.89
N GLY H 103 36.31 46.89 25.17
CA GLY H 103 35.05 46.92 25.91
C GLY H 103 34.41 48.29 26.02
N ARG H 104 33.15 48.31 26.42
CA ARG H 104 32.37 49.55 26.54
C ARG H 104 32.91 50.50 27.59
N ASP H 105 33.56 49.97 28.62
CA ASP H 105 34.14 50.78 29.69
C ASP H 105 35.59 51.14 29.40
N THR H 106 35.93 51.22 28.12
CA THR H 106 37.29 51.52 27.72
C THR H 106 37.33 52.75 26.82
N ILE H 107 38.35 53.58 27.00
CA ILE H 107 38.44 54.83 26.26
C ILE H 107 39.39 54.71 25.07
N THR H 108 38.91 55.16 23.90
CA THR H 108 39.74 55.30 22.72
C THR H 108 39.60 56.73 22.22
N LEU H 109 40.50 57.15 21.35
CA LEU H 109 40.42 58.49 20.76
C LEU H 109 39.15 58.68 19.93
N SER H 110 38.77 57.63 19.19
CA SER H 110 37.56 57.67 18.37
C SER H 110 36.31 57.88 19.22
N ARG H 111 36.31 57.32 20.43
CA ARG H 111 35.16 57.44 21.32
C ARG H 111 35.09 58.82 21.99
N VAL H 112 36.26 59.43 22.22
CA VAL H 112 36.28 60.79 22.75
C VAL H 112 35.66 61.74 21.74
N SER H 113 36.09 61.63 20.48
CA SER H 113 35.54 62.43 19.39
C SER H 113 34.04 62.20 19.18
N ALA H 114 33.60 60.98 19.43
CA ALA H 114 32.19 60.62 19.27
C ALA H 114 31.35 61.15 20.43
N ALA H 115 31.81 60.93 21.66
CA ALA H 115 31.08 61.40 22.84
C ALA H 115 31.05 62.93 22.90
N PHE H 116 32.21 63.55 22.72
CA PHE H 116 32.31 65.01 22.77
C PHE H 116 32.22 65.60 21.36
N VAL H 117 31.34 65.02 20.55
CA VAL H 117 31.11 65.48 19.18
C VAL H 117 30.68 66.96 19.02
N PRO H 118 29.98 67.57 20.01
CA PRO H 118 29.69 69.00 19.79
C PRO H 118 30.92 69.89 19.67
N TRP H 119 32.08 69.42 20.13
CA TRP H 119 33.32 70.16 19.94
C TRP H 119 34.09 69.67 18.70
N THR H 120 34.04 68.37 18.46
CA THR H 120 34.66 67.76 17.28
C THR H 120 34.18 68.46 16.03
N VAL H 121 32.87 68.64 15.96
CA VAL H 121 32.20 69.26 14.82
C VAL H 121 32.69 70.71 14.61
N GLN H 122 33.14 71.35 15.69
CA GLN H 122 33.65 72.71 15.61
C GLN H 122 35.13 72.76 15.20
N ALA H 123 35.90 71.80 15.69
CA ALA H 123 37.33 71.73 15.39
C ALA H 123 37.56 71.44 13.90
N LEU H 124 36.63 70.72 13.30
CA LEU H 124 36.68 70.38 11.88
C LEU H 124 36.70 71.62 10.97
N ARG H 125 36.05 72.70 11.39
CA ARG H 125 36.06 73.95 10.64
C ARG H 125 37.47 74.51 10.53
N VAL H 126 38.30 74.21 11.52
CA VAL H 126 39.62 74.82 11.65
C VAL H 126 40.74 74.03 10.95
N LEU H 127 40.73 72.70 11.08
CA LEU H 127 41.84 71.87 10.61
C LEU H 127 41.51 70.95 9.43
N SER H 128 40.54 71.35 8.60
CA SER H 128 40.08 70.51 7.49
C SER H 128 41.17 70.14 6.48
N GLU H 129 42.23 70.94 6.42
CA GLU H 129 43.31 70.68 5.48
C GLU H 129 44.39 69.77 6.04
N SER H 130 44.26 69.41 7.32
CA SER H 130 45.22 68.52 7.98
C SER H 130 44.67 67.11 8.14
N LEU H 131 43.45 66.90 7.65
CA LEU H 131 42.79 65.59 7.73
C LEU H 131 43.34 64.65 6.67
N PRO H 132 43.15 63.33 6.85
CA PRO H 132 43.55 62.35 5.83
C PRO H 132 42.92 62.67 4.48
N VAL H 133 41.63 62.99 4.48
CA VAL H 133 40.97 63.55 3.31
C VAL H 133 40.75 65.04 3.58
N SER H 134 41.39 65.89 2.77
CA SER H 134 41.32 67.35 2.97
C SER H 134 39.98 67.91 2.54
N GLY H 135 39.65 69.10 3.05
CA GLY H 135 38.43 69.80 2.67
C GLY H 135 38.44 70.16 1.19
N THR H 136 39.60 70.55 0.69
CA THR H 136 39.74 70.93 -0.72
C THR H 136 39.44 69.73 -1.62
N THR H 137 39.82 68.55 -1.15
CA THR H 137 39.51 67.31 -1.86
C THR H 137 38.00 67.07 -1.91
N MET H 138 37.33 67.25 -0.77
CA MET H 138 35.89 67.09 -0.70
C MET H 138 35.16 68.18 -1.51
N ASP H 139 35.78 69.35 -1.62
CA ASP H 139 35.21 70.46 -2.39
C ASP H 139 35.21 70.15 -3.88
N ALA H 140 36.19 69.36 -4.32
CA ALA H 140 36.28 68.96 -5.72
C ALA H 140 35.32 67.82 -6.05
N ILE H 141 35.09 66.95 -5.08
CA ILE H 141 34.22 65.79 -5.26
C ILE H 141 32.76 66.21 -5.29
N ALA H 142 32.35 67.01 -4.31
CA ALA H 142 31.06 67.69 -4.37
C ALA H 142 31.22 68.82 -5.37
N GLY H 143 30.11 69.34 -5.89
CA GLY H 143 30.21 70.44 -6.84
C GLY H 143 30.45 71.76 -6.13
N VAL H 144 30.44 71.70 -4.79
CA VAL H 144 30.37 72.89 -3.96
C VAL H 144 31.34 72.81 -2.78
N THR H 145 31.19 73.74 -1.84
CA THR H 145 31.99 73.71 -0.62
C THR H 145 31.39 72.72 0.38
N TYR H 146 32.06 71.58 0.55
CA TYR H 146 31.57 70.53 1.43
C TYR H 146 31.62 70.95 2.90
N PRO H 147 30.49 70.80 3.62
CA PRO H 147 30.39 71.20 5.03
C PRO H 147 31.43 70.52 5.90
N ARG H 148 32.37 71.30 6.43
CA ARG H 148 33.48 70.78 7.21
C ARG H 148 33.03 69.94 8.42
N ALA H 149 31.86 70.28 8.96
CA ALA H 149 31.32 69.59 10.13
C ALA H 149 31.11 68.09 9.88
N MET H 150 30.93 67.73 8.61
CA MET H 150 30.64 66.35 8.25
C MET H 150 31.92 65.53 8.06
N MET H 151 33.07 66.20 8.07
CA MET H 151 34.30 65.54 7.66
C MET H 151 34.93 64.66 8.75
N HIS H 152 34.09 63.83 9.37
CA HIS H 152 34.53 62.81 10.31
C HIS H 152 33.37 61.85 10.57
N PRO H 153 33.67 60.57 10.81
CA PRO H 153 32.62 59.58 11.10
C PRO H 153 31.79 59.94 12.32
N SER H 154 32.38 60.68 13.26
CA SER H 154 31.69 61.07 14.48
C SER H 154 30.49 62.00 14.23
N PHE H 155 30.44 62.60 13.04
CA PHE H 155 29.31 63.46 12.68
C PHE H 155 27.99 62.69 12.70
N ALA H 156 28.04 61.41 12.37
CA ALA H 156 26.85 60.57 12.36
C ALA H 156 26.07 60.62 13.68
N GLY H 157 26.78 60.88 14.77
CA GLY H 157 26.18 60.92 16.10
C GLY H 157 25.17 62.04 16.33
N ILE H 158 25.16 63.03 15.45
CA ILE H 158 24.22 64.14 15.60
C ILE H 158 23.13 64.15 14.52
N ILE H 159 23.07 63.10 13.72
CA ILE H 159 22.04 62.99 12.68
C ILE H 159 20.72 62.48 13.24
N ASP H 160 19.65 63.25 13.02
CA ASP H 160 18.30 62.84 13.35
C ASP H 160 17.60 62.28 12.10
N LEU H 161 17.59 60.96 11.98
CA LEU H 161 16.98 60.30 10.82
C LEU H 161 15.47 60.55 10.75
N ASP H 162 14.86 60.82 11.90
CA ASP H 162 13.43 61.03 11.99
C ASP H 162 13.01 62.50 11.80
N LEU H 163 13.85 63.26 11.11
CA LEU H 163 13.48 64.61 10.69
C LEU H 163 12.42 64.52 9.61
N PRO H 164 11.52 65.51 9.55
CA PRO H 164 10.43 65.53 8.56
C PRO H 164 10.94 65.55 7.11
N ASN H 165 10.16 64.97 6.19
CA ASN H 165 10.47 64.98 4.77
C ASN H 165 11.77 64.28 4.41
N GLY H 166 12.11 63.26 5.19
CA GLY H 166 13.33 62.49 4.97
C GLY H 166 14.59 63.33 4.94
N ALA H 167 14.56 64.45 5.65
CA ALA H 167 15.70 65.35 5.67
C ALA H 167 16.91 64.69 6.34
N GLY H 168 16.64 63.82 7.31
CA GLY H 168 17.69 63.09 7.99
C GLY H 168 18.42 62.16 7.05
N ALA H 169 17.67 61.51 6.17
CA ALA H 169 18.25 60.60 5.18
C ALA H 169 19.14 61.37 4.19
N THR H 170 18.70 62.57 3.83
CA THR H 170 19.46 63.44 2.95
C THR H 170 20.78 63.86 3.60
N ILE H 171 20.73 64.18 4.89
CA ILE H 171 21.94 64.50 5.64
C ILE H 171 22.84 63.28 5.74
N ALA H 172 22.24 62.11 5.98
CA ALA H 172 23.00 60.86 6.04
C ALA H 172 23.68 60.54 4.72
N ASP H 173 23.03 60.91 3.61
CA ASP H 173 23.59 60.68 2.29
C ASP H 173 24.72 61.67 2.01
N ALA H 174 24.53 62.92 2.42
CA ALA H 174 25.56 63.94 2.28
C ALA H 174 26.81 63.57 3.10
N HIS H 175 26.58 62.95 4.26
CA HIS H 175 27.69 62.45 5.07
C HIS H 175 28.37 61.26 4.40
N GLY H 176 27.58 60.43 3.72
CA GLY H 176 28.11 59.25 3.05
C GLY H 176 29.08 59.60 1.95
N LEU H 177 28.92 60.78 1.35
CA LEU H 177 29.83 61.25 0.31
C LEU H 177 31.25 61.36 0.84
N PHE H 178 31.40 61.88 2.05
CA PHE H 178 32.68 61.95 2.70
C PHE H 178 33.17 60.57 3.16
N MET H 179 32.25 59.80 3.73
CA MET H 179 32.60 58.51 4.31
C MET H 179 33.19 57.51 3.31
N ILE H 180 32.75 57.58 2.06
CA ILE H 180 33.29 56.68 1.03
C ILE H 180 34.74 57.07 0.68
N GLU H 181 35.02 58.36 0.70
CA GLU H 181 36.38 58.84 0.45
C GLU H 181 37.28 58.56 1.64
N PHE H 182 36.76 58.79 2.84
CA PHE H 182 37.49 58.53 4.06
C PHE H 182 37.86 57.06 4.16
N SER H 183 36.90 56.19 3.83
CA SER H 183 37.12 54.75 3.87
C SER H 183 38.15 54.31 2.84
N LYS H 184 38.18 55.00 1.72
CA LYS H 184 39.11 54.68 0.62
C LYS H 184 40.57 55.00 0.94
N THR H 185 40.83 55.98 1.80
CA THR H 185 42.21 56.33 2.12
C THR H 185 42.75 55.55 3.32
N ILE H 186 41.97 55.47 4.40
CA ILE H 186 42.40 54.72 5.58
C ILE H 186 42.43 53.21 5.31
N ASN H 187 41.60 52.77 4.37
CA ASN H 187 41.66 51.38 3.90
C ASN H 187 41.77 51.32 2.39
N PRO H 188 42.99 51.56 1.87
CA PRO H 188 43.28 51.72 0.43
C PRO H 188 42.90 50.51 -0.42
N SER H 189 42.59 49.38 0.21
CA SER H 189 42.17 48.19 -0.54
C SER H 189 40.80 48.42 -1.17
N LEU H 190 40.04 49.34 -0.60
CA LEU H 190 38.69 49.67 -1.07
C LEU H 190 38.69 50.63 -2.27
N ARG H 191 39.87 51.16 -2.61
CA ARG H 191 39.96 52.19 -3.65
C ARG H 191 39.47 51.71 -5.01
N THR H 192 39.64 50.41 -5.28
CA THR H 192 39.25 49.83 -6.56
C THR H 192 37.83 49.28 -6.55
N LYS H 193 37.15 49.40 -5.41
CA LYS H 193 35.78 48.92 -5.28
C LYS H 193 34.77 49.93 -5.79
N GLN H 194 33.57 49.44 -6.15
CA GLN H 194 32.46 50.32 -6.52
C GLN H 194 32.01 51.14 -5.31
N ALA H 195 31.40 52.29 -5.55
CA ALA H 195 30.98 53.18 -4.47
C ALA H 195 30.01 52.52 -3.50
N ASN H 196 29.06 51.75 -4.03
CA ASN H 196 28.11 51.06 -3.19
C ASN H 196 28.77 49.98 -2.31
N GLU H 197 29.77 49.31 -2.85
CA GLU H 197 30.52 48.30 -2.10
C GLU H 197 31.24 48.95 -0.92
N VAL H 198 31.79 50.13 -1.16
CA VAL H 198 32.52 50.87 -0.12
C VAL H 198 31.54 51.34 0.96
N ALA H 199 30.41 51.89 0.52
CA ALA H 199 29.36 52.34 1.44
C ALA H 199 28.88 51.22 2.36
N ALA H 200 28.88 49.99 1.86
CA ALA H 200 28.45 48.83 2.64
C ALA H 200 29.42 48.51 3.78
N THR H 201 30.68 48.92 3.64
CA THR H 201 31.70 48.63 4.63
C THR H 201 31.52 49.41 5.94
N PHE H 202 30.90 50.58 5.86
CA PHE H 202 30.68 51.39 7.07
C PHE H 202 29.18 51.57 7.39
N GLU H 203 28.32 50.79 6.74
CA GLU H 203 26.88 50.94 6.92
C GLU H 203 26.42 50.65 8.35
N LYS H 204 26.87 49.53 8.92
CA LYS H 204 26.50 49.14 10.28
C LYS H 204 26.91 50.12 11.39
N PRO H 205 28.21 50.48 11.48
CA PRO H 205 28.58 51.37 12.58
C PRO H 205 28.03 52.78 12.42
N ASN H 206 27.83 53.20 11.17
CA ASN H 206 27.28 54.52 10.89
C ASN H 206 25.81 54.60 11.30
N MET H 207 25.06 53.55 11.00
CA MET H 207 23.67 53.44 11.41
C MET H 207 23.56 53.47 12.94
N ALA H 208 24.43 52.69 13.60
CA ALA H 208 24.44 52.61 15.05
C ALA H 208 24.70 53.98 15.68
N ALA H 209 25.56 54.77 15.04
CA ALA H 209 25.87 56.10 15.54
C ALA H 209 24.66 57.03 15.38
N MET H 210 24.01 56.93 14.22
CA MET H 210 22.85 57.76 13.92
C MET H 210 21.62 57.33 14.73
N SER H 211 21.62 56.08 15.18
CA SER H 211 20.49 55.53 15.93
C SER H 211 20.67 55.67 17.44
N GLY H 212 21.84 56.16 17.86
CA GLY H 212 22.10 56.34 19.27
C GLY H 212 21.16 57.37 19.88
N ARG H 213 20.65 57.09 21.07
CA ARG H 213 19.84 58.09 21.77
C ARG H 213 20.51 58.78 22.97
N PHE H 214 21.84 58.84 22.93
CA PHE H 214 22.57 59.62 23.93
C PHE H 214 22.11 61.08 23.86
N PHE H 215 21.99 61.60 22.64
CA PHE H 215 21.41 62.92 22.43
C PHE H 215 19.94 62.75 22.02
N THR H 216 19.10 63.72 22.41
CA THR H 216 17.70 63.71 22.02
C THR H 216 17.52 64.25 20.61
N ARG H 217 16.30 64.14 20.08
CA ARG H 217 15.99 64.67 18.74
C ARG H 217 16.21 66.19 18.74
N GLU H 218 15.86 66.83 19.85
CA GLU H 218 16.01 68.28 20.00
C GLU H 218 17.47 68.69 20.19
N ASP H 219 18.23 67.85 20.88
CA ASP H 219 19.67 68.06 21.02
C ASP H 219 20.32 68.04 19.64
N LYS H 220 19.98 67.01 18.85
CA LYS H 220 20.52 66.86 17.51
C LYS H 220 20.10 68.00 16.62
N LYS H 221 18.84 68.40 16.73
CA LYS H 221 18.32 69.51 15.95
C LYS H 221 19.07 70.80 16.26
N LYS H 222 19.32 71.06 17.53
CA LYS H 222 20.09 72.23 17.94
C LYS H 222 21.52 72.17 17.39
N LEU H 223 22.11 70.99 17.44
CA LEU H 223 23.48 70.78 16.97
C LEU H 223 23.59 71.03 15.46
N LEU H 224 22.69 70.42 14.70
CA LEU H 224 22.65 70.58 13.25
C LEU H 224 22.48 72.04 12.83
N ILE H 225 21.64 72.76 13.56
CA ILE H 225 21.43 74.19 13.32
C ILE H 225 22.69 74.98 13.65
N ALA H 226 23.28 74.70 14.81
CA ALA H 226 24.44 75.45 15.30
C ALA H 226 25.65 75.34 14.37
N VAL H 227 25.70 74.29 13.57
CA VAL H 227 26.85 74.07 12.69
C VAL H 227 26.49 74.24 11.20
N GLY H 228 25.24 74.60 10.94
CA GLY H 228 24.83 75.02 9.60
C GLY H 228 24.33 73.95 8.64
N ILE H 229 24.14 72.73 9.12
CA ILE H 229 23.58 71.66 8.29
C ILE H 229 22.13 71.99 7.91
N ILE H 230 21.42 72.61 8.85
CA ILE H 230 20.02 72.92 8.68
C ILE H 230 19.76 74.26 9.39
N ASP H 231 18.74 75.01 8.98
CA ASP H 231 18.42 76.27 9.68
C ASP H 231 17.26 76.13 10.66
N GLU H 232 16.87 77.26 11.29
CA GLU H 232 15.83 77.25 12.31
C GLU H 232 14.48 76.79 11.75
N ASP H 233 14.33 76.91 10.44
CA ASP H 233 13.12 76.50 9.76
C ASP H 233 13.26 75.08 9.20
N LEU H 234 14.27 74.36 9.67
CA LEU H 234 14.51 72.98 9.26
C LEU H 234 14.75 72.85 7.76
N VAL H 235 15.27 73.92 7.15
CA VAL H 235 15.61 73.90 5.73
C VAL H 235 17.08 73.49 5.53
N LEU H 236 17.30 72.51 4.66
CA LEU H 236 18.63 71.99 4.40
C LEU H 236 19.49 73.01 3.65
N ALA H 237 20.76 73.11 4.03
CA ALA H 237 21.72 73.92 3.31
C ALA H 237 21.92 73.36 1.90
N SER H 238 22.07 74.24 0.92
CA SER H 238 22.15 73.84 -0.48
C SER H 238 23.34 72.91 -0.75
N ALA H 239 24.44 73.10 -0.02
CA ALA H 239 25.61 72.25 -0.14
C ALA H 239 25.33 70.83 0.36
N VAL H 240 24.46 70.71 1.36
CA VAL H 240 24.07 69.40 1.89
C VAL H 240 23.23 68.61 0.89
N VAL H 241 22.23 69.26 0.31
CA VAL H 241 21.39 68.60 -0.70
C VAL H 241 22.18 68.22 -1.94
N ARG H 242 23.17 69.04 -2.26
CA ARG H 242 24.06 68.77 -3.39
C ARG H 242 24.88 67.52 -3.14
N SER H 243 25.52 67.48 -1.98
CA SER H 243 26.39 66.37 -1.62
C SER H 243 25.60 65.08 -1.53
N ALA H 244 24.33 65.20 -1.14
CA ALA H 244 23.45 64.05 -1.04
C ALA H 244 23.15 63.44 -2.41
N GLU H 245 22.80 64.27 -3.37
CA GLU H 245 22.48 63.78 -4.71
C GLU H 245 23.71 63.29 -5.47
N LYS H 246 24.89 63.81 -5.11
CA LYS H 246 26.14 63.30 -5.64
C LYS H 246 26.33 61.87 -5.14
N TYR H 247 26.03 61.66 -3.86
CA TYR H 247 26.18 60.36 -3.22
C TYR H 247 25.21 59.35 -3.81
N ARG H 248 23.95 59.74 -3.95
CA ARG H 248 22.93 58.87 -4.52
C ARG H 248 23.26 58.41 -5.93
N ALA H 249 23.88 59.31 -6.70
CA ALA H 249 24.25 59.00 -8.08
C ALA H 249 25.44 58.03 -8.13
N LYS H 250 26.35 58.16 -7.17
CA LYS H 250 27.51 57.27 -7.06
C LYS H 250 27.11 55.84 -6.68
N VAL H 251 26.09 55.73 -5.83
CA VAL H 251 25.70 54.46 -5.24
C VAL H 251 24.52 53.80 -5.97
N GLY H 252 23.55 54.60 -6.40
CA GLY H 252 22.42 54.08 -7.17
C GLY H 252 21.10 54.08 -6.43
N GLU I 4 22.79 61.61 31.37
CA GLU I 4 21.97 62.37 32.31
C GLU I 4 22.49 63.82 32.45
N ASN I 5 23.23 64.04 33.52
CA ASN I 5 24.01 65.25 33.68
C ASN I 5 25.20 65.18 32.72
N TYR I 6 25.51 63.97 32.28
CA TYR I 6 26.61 63.73 31.35
C TYR I 6 26.24 64.19 29.94
N ARG I 7 24.96 64.07 29.61
CA ARG I 7 24.46 64.54 28.33
C ARG I 7 24.65 66.05 28.22
N ASP I 8 24.35 66.77 29.29
CA ASP I 8 24.47 68.23 29.33
C ASP I 8 25.93 68.69 29.30
N ILE I 9 26.82 67.85 29.83
CA ILE I 9 28.25 68.12 29.82
C ILE I 9 28.78 68.12 28.39
N ALA I 10 28.43 67.07 27.64
CA ALA I 10 28.84 66.95 26.25
C ALA I 10 28.29 68.10 25.40
N LEU I 11 27.05 68.48 25.68
CA LEU I 11 26.38 69.56 24.97
C LEU I 11 27.06 70.91 25.22
N ALA I 12 27.62 71.08 26.42
CA ALA I 12 28.28 72.33 26.80
C ALA I 12 29.56 72.57 26.00
N PHE I 13 30.04 71.53 25.33
CA PHE I 13 31.26 71.63 24.53
C PHE I 13 31.02 72.37 23.22
N LEU I 14 29.75 72.67 22.93
CA LEU I 14 29.39 73.49 21.79
C LEU I 14 29.88 74.91 22.02
N ASP I 15 29.75 75.38 23.26
CA ASP I 15 30.12 76.74 23.63
C ASP I 15 31.53 76.81 24.20
N GLU I 16 32.24 75.69 24.15
CA GLU I 16 33.63 75.65 24.62
C GLU I 16 34.57 76.16 23.54
N SER I 17 35.66 76.79 23.97
CA SER I 17 36.57 77.48 23.05
C SER I 17 37.19 76.54 22.02
N ALA I 18 37.25 77.01 20.78
CA ALA I 18 37.95 76.29 19.73
C ALA I 18 38.88 77.26 19.00
N ASP I 19 39.85 77.80 19.73
CA ASP I 19 40.79 78.76 19.18
C ASP I 19 41.63 78.12 18.08
N SER I 20 41.56 78.70 16.88
CA SER I 20 42.29 78.19 15.73
C SER I 20 43.80 78.18 15.96
N GLY I 21 44.29 79.11 16.78
CA GLY I 21 45.70 79.18 17.08
C GLY I 21 46.22 78.03 17.92
N THR I 22 45.54 77.74 19.03
CA THR I 22 45.93 76.64 19.90
C THR I 22 45.73 75.28 19.22
N ILE I 23 44.69 75.17 18.40
CA ILE I 23 44.38 73.93 17.69
C ILE I 23 45.46 73.58 16.67
N ASN I 24 45.88 74.57 15.90
CA ASN I 24 46.94 74.39 14.90
C ASN I 24 48.28 74.01 15.54
N ALA I 25 48.54 74.54 16.73
CA ALA I 25 49.75 74.19 17.47
C ALA I 25 49.73 72.72 17.88
N TRP I 26 48.56 72.24 18.28
CA TRP I 26 48.38 70.82 18.60
C TRP I 26 48.59 69.97 17.36
N VAL I 27 48.02 70.42 16.24
CA VAL I 27 48.17 69.71 14.97
C VAL I 27 49.64 69.50 14.63
N ASN I 28 50.43 70.56 14.76
CA ASN I 28 51.86 70.50 14.48
C ASN I 28 52.61 69.53 15.38
N GLU I 29 52.22 69.48 16.66
CA GLU I 29 52.82 68.54 17.62
C GLU I 29 52.45 67.10 17.28
N PHE I 30 51.22 66.92 16.81
CA PHE I 30 50.65 65.60 16.63
C PHE I 30 50.86 65.04 15.23
N ALA I 31 51.08 65.93 14.26
CA ALA I 31 51.20 65.52 12.86
C ALA I 31 52.27 64.45 12.65
N TYR I 32 52.02 63.58 11.67
CA TYR I 32 52.96 62.53 11.29
C TYR I 32 54.35 63.09 11.09
N GLN I 33 55.36 62.36 11.58
CA GLN I 33 56.75 62.74 11.38
C GLN I 33 57.59 61.50 11.09
N GLY I 34 58.19 61.46 9.91
CA GLY I 34 59.00 60.33 9.50
C GLY I 34 59.45 60.51 8.06
N PHE I 35 58.80 59.79 7.14
CA PHE I 35 59.07 59.97 5.73
C PHE I 35 58.69 61.39 5.30
N ASP I 36 59.65 62.09 4.69
CA ASP I 36 59.46 63.48 4.27
C ASP I 36 60.48 63.87 3.21
N PRO I 37 60.01 63.98 1.95
CA PRO I 37 60.84 64.35 0.80
C PRO I 37 61.66 65.63 1.04
N LYS I 38 61.10 66.57 1.81
CA LYS I 38 61.83 67.77 2.20
C LYS I 38 63.08 67.39 2.99
N ARG I 39 62.90 66.52 3.96
CA ARG I 39 63.99 66.05 4.81
C ARG I 39 65.01 65.28 3.99
N ILE I 40 64.53 64.49 3.03
CA ILE I 40 65.40 63.70 2.15
C ILE I 40 66.31 64.61 1.33
N VAL I 41 65.69 65.55 0.62
CA VAL I 41 66.42 66.50 -0.21
C VAL I 41 67.41 67.30 0.64
N GLN I 42 66.92 67.82 1.76
CA GLN I 42 67.74 68.61 2.68
C GLN I 42 69.00 67.85 3.09
N LEU I 43 68.81 66.63 3.57
CA LEU I 43 69.93 65.81 4.05
C LEU I 43 70.92 65.44 2.95
N VAL I 44 70.41 65.00 1.80
CA VAL I 44 71.26 64.70 0.64
C VAL I 44 72.12 65.92 0.26
N LYS I 45 71.48 67.08 0.14
CA LYS I 45 72.18 68.32 -0.21
C LYS I 45 73.21 68.71 0.85
N GLU I 46 72.83 68.62 2.11
CA GLU I 46 73.74 68.94 3.22
C GLU I 46 74.94 68.01 3.28
N ARG I 47 74.67 66.71 3.36
CA ARG I 47 75.72 65.70 3.48
C ARG I 47 76.65 65.69 2.27
N GLY I 48 76.10 66.00 1.10
CA GLY I 48 76.86 66.04 -0.13
C GLY I 48 77.81 67.23 -0.24
N THR I 49 77.29 68.42 0.04
CA THR I 49 78.10 69.64 -0.02
C THR I 49 79.19 69.64 1.06
N ALA I 50 78.90 69.02 2.19
CA ALA I 50 79.88 68.92 3.28
C ALA I 50 81.08 68.07 2.88
N LYS I 51 80.93 67.30 1.81
CA LYS I 51 82.01 66.48 1.28
C LYS I 51 82.57 67.07 -0.01
N GLY I 52 81.99 68.20 -0.44
CA GLY I 52 82.45 68.88 -1.65
C GLY I 52 82.11 68.19 -2.96
N ARG I 53 80.96 67.53 -3.01
CA ARG I 53 80.57 66.75 -4.19
C ARG I 53 79.53 67.43 -5.06
N ASP I 54 79.53 67.07 -6.34
CA ASP I 54 78.43 67.37 -7.26
C ASP I 54 77.26 66.50 -6.82
N TRP I 55 76.55 66.94 -5.79
CA TRP I 55 75.53 66.09 -5.17
C TRP I 55 74.38 65.79 -6.11
N LYS I 56 74.10 66.71 -7.03
CA LYS I 56 73.06 66.49 -8.03
C LYS I 56 73.41 65.29 -8.90
N LYS I 57 74.68 65.17 -9.26
CA LYS I 57 75.14 64.03 -10.05
C LYS I 57 75.07 62.75 -9.23
N ASP I 58 75.40 62.83 -7.94
CA ASP I 58 75.31 61.68 -7.04
C ASP I 58 73.87 61.19 -6.93
N VAL I 59 72.92 62.11 -6.81
CA VAL I 59 71.50 61.77 -6.74
C VAL I 59 71.12 60.92 -7.92
N LYS I 60 71.49 61.37 -9.10
CA LYS I 60 71.20 60.63 -10.30
C LYS I 60 71.85 59.22 -10.26
N MET I 61 73.12 59.15 -9.83
CA MET I 61 73.80 57.85 -9.74
C MET I 61 73.06 56.94 -8.78
N MET I 62 72.63 57.52 -7.67
CA MET I 62 71.94 56.77 -6.63
C MET I 62 70.59 56.27 -7.17
N ILE I 63 69.92 57.10 -7.97
CA ILE I 63 68.64 56.71 -8.53
C ILE I 63 68.78 55.56 -9.52
N VAL I 64 69.72 55.72 -10.45
CA VAL I 64 70.03 54.67 -11.42
C VAL I 64 70.42 53.37 -10.71
N LEU I 65 71.24 53.50 -9.66
CA LEU I 65 71.59 52.37 -8.79
C LEU I 65 70.35 51.70 -8.22
N ASN I 66 69.40 52.51 -7.76
CA ASN I 66 68.17 52.00 -7.17
C ASN I 66 67.30 51.29 -8.20
N LEU I 67 67.29 51.83 -9.42
CA LEU I 67 66.42 51.30 -10.47
C LEU I 67 66.88 49.94 -10.98
N VAL I 68 68.19 49.70 -10.96
CA VAL I 68 68.73 48.47 -11.55
C VAL I 68 69.20 47.43 -10.53
N ARG I 69 69.39 47.84 -9.27
CA ARG I 69 69.95 46.94 -8.26
C ARG I 69 69.14 46.84 -6.96
N GLY I 70 68.22 47.78 -6.76
CA GLY I 70 67.35 47.72 -5.60
C GLY I 70 67.75 48.64 -4.46
N ASN I 71 67.58 48.17 -3.23
CA ASN I 71 67.70 49.02 -2.05
C ASN I 71 68.76 48.59 -1.03
N LYS I 72 69.68 47.72 -1.43
CA LYS I 72 70.70 47.22 -0.50
C LYS I 72 72.13 47.36 -1.01
N PRO I 73 72.71 48.57 -0.87
CA PRO I 73 74.02 48.97 -1.40
C PRO I 73 75.20 48.12 -0.88
N GLU I 74 75.25 47.84 0.42
CA GLU I 74 76.30 46.98 0.96
C GLU I 74 76.31 45.62 0.27
N ALA I 75 75.12 45.06 0.09
CA ALA I 75 74.96 43.74 -0.49
C ALA I 75 75.32 43.70 -1.97
N MET I 76 74.96 44.76 -2.70
CA MET I 76 75.17 44.79 -4.14
C MET I 76 76.63 45.03 -4.55
N MET I 77 77.42 45.58 -3.62
CA MET I 77 78.85 45.76 -3.86
C MET I 77 79.57 44.42 -4.00
N LYS I 78 79.01 43.40 -3.36
CA LYS I 78 79.58 42.05 -3.40
C LYS I 78 79.25 41.36 -4.72
N LYS I 79 78.39 41.99 -5.51
CA LYS I 79 78.00 41.46 -6.81
C LYS I 79 78.12 42.54 -7.87
N MET I 80 79.31 43.13 -7.97
CA MET I 80 79.52 44.27 -8.84
C MET I 80 80.98 44.34 -9.26
N SER I 81 81.27 45.01 -10.38
CA SER I 81 82.66 45.24 -10.78
C SER I 81 83.32 46.15 -9.74
N GLU I 82 84.65 46.08 -9.65
CA GLU I 82 85.38 46.91 -8.71
C GLU I 82 85.18 48.41 -9.00
N LYS I 83 85.09 48.74 -10.28
CA LYS I 83 84.90 50.13 -10.70
C LYS I 83 83.59 50.70 -10.16
N GLY I 84 82.50 49.95 -10.33
CA GLY I 84 81.20 50.36 -9.84
C GLY I 84 81.09 50.29 -8.34
N ALA I 85 81.67 49.25 -7.75
CA ALA I 85 81.64 49.08 -6.31
C ALA I 85 82.38 50.21 -5.58
N SER I 86 83.43 50.72 -6.22
CA SER I 86 84.18 51.85 -5.66
C SER I 86 83.29 53.10 -5.58
N ILE I 87 82.43 53.28 -6.57
CA ILE I 87 81.49 54.38 -6.61
C ILE I 87 80.43 54.25 -5.53
N VAL I 88 79.80 53.07 -5.45
CA VAL I 88 78.79 52.79 -4.43
C VAL I 88 79.33 53.01 -3.03
N ALA I 89 80.55 52.53 -2.79
CA ALA I 89 81.21 52.68 -1.49
C ALA I 89 81.28 54.15 -1.07
N ASN I 90 81.64 55.02 -2.01
CA ASN I 90 81.62 56.46 -1.76
C ASN I 90 80.23 56.94 -1.41
N LEU I 91 79.26 56.65 -2.27
CA LEU I 91 77.88 57.04 -2.08
C LEU I 91 77.35 56.63 -0.70
N ILE I 92 77.76 55.45 -0.24
CA ILE I 92 77.37 54.97 1.08
C ILE I 92 78.02 55.85 2.15
N SER I 93 79.29 56.16 1.96
CA SER I 93 80.05 56.95 2.94
C SER I 93 79.50 58.36 3.14
N VAL I 94 79.40 59.14 2.06
CA VAL I 94 78.99 60.54 2.17
C VAL I 94 77.52 60.70 2.58
N TYR I 95 76.65 59.88 2.00
CA TYR I 95 75.21 60.02 2.24
C TYR I 95 74.71 59.15 3.39
N GLN I 96 75.61 58.33 3.94
CA GLN I 96 75.30 57.47 5.07
C GLN I 96 74.12 56.56 4.74
N LEU I 97 74.21 55.88 3.60
CA LEU I 97 73.13 55.04 3.10
C LEU I 97 72.91 53.82 4.01
N LYS I 98 71.64 53.45 4.20
CA LYS I 98 71.30 52.28 4.98
C LYS I 98 70.63 51.22 4.10
N GLU I 99 70.64 49.98 4.60
CA GLU I 99 70.14 48.83 3.84
C GLU I 99 68.62 48.67 3.92
N GLY I 100 67.97 49.60 4.61
CA GLY I 100 66.53 49.54 4.82
C GLY I 100 66.15 49.91 6.23
N ASN I 101 64.89 49.65 6.60
CA ASN I 101 64.37 49.98 7.93
C ASN I 101 64.68 51.42 8.36
N PRO I 102 64.24 52.40 7.54
CA PRO I 102 64.71 53.78 7.72
C PRO I 102 64.11 54.50 8.93
N GLY I 103 64.89 55.39 9.54
CA GLY I 103 64.40 56.32 10.54
C GLY I 103 64.15 57.69 9.92
N ARG I 104 63.83 58.68 10.75
CA ARG I 104 63.50 60.00 10.23
C ARG I 104 64.69 60.67 9.51
N ASP I 105 65.90 60.41 10.00
CA ASP I 105 67.09 61.04 9.46
C ASP I 105 67.88 60.13 8.53
N THR I 106 67.35 58.95 8.24
CA THR I 106 68.07 58.00 7.39
C THR I 106 67.79 58.20 5.90
N ILE I 107 68.80 57.94 5.09
CA ILE I 107 68.68 58.04 3.64
C ILE I 107 68.88 56.67 3.00
N THR I 108 67.94 56.29 2.15
CA THR I 108 68.03 55.05 1.39
C THR I 108 67.93 55.37 -0.10
N LEU I 109 68.35 54.43 -0.93
CA LEU I 109 68.23 54.61 -2.38
C LEU I 109 66.77 54.83 -2.76
N SER I 110 65.88 54.09 -2.12
CA SER I 110 64.44 54.22 -2.36
C SER I 110 63.94 55.63 -2.05
N ARG I 111 64.45 56.20 -0.97
CA ARG I 111 64.03 57.54 -0.54
C ARG I 111 64.54 58.61 -1.51
N VAL I 112 65.74 58.39 -2.06
CA VAL I 112 66.30 59.31 -3.04
C VAL I 112 65.45 59.30 -4.32
N SER I 113 65.12 58.10 -4.80
CA SER I 113 64.27 57.93 -5.98
C SER I 113 62.88 58.55 -5.79
N ALA I 114 62.37 58.51 -4.57
CA ALA I 114 61.06 59.09 -4.29
C ALA I 114 61.10 60.62 -4.20
N ALA I 115 62.09 61.14 -3.48
CA ALA I 115 62.21 62.58 -3.29
C ALA I 115 62.57 63.29 -4.59
N PHE I 116 63.47 62.69 -5.35
CA PHE I 116 63.88 63.27 -6.62
C PHE I 116 63.17 62.60 -7.79
N VAL I 117 61.90 62.26 -7.57
CA VAL I 117 61.08 61.60 -8.59
C VAL I 117 60.92 62.35 -9.93
N PRO I 118 60.98 63.70 -9.95
CA PRO I 118 60.90 64.31 -11.28
C PRO I 118 62.05 63.92 -12.20
N TRP I 119 63.15 63.42 -11.63
CA TRP I 119 64.25 62.93 -12.44
C TRP I 119 64.13 61.42 -12.65
N THR I 120 63.79 60.71 -11.56
CA THR I 120 63.57 59.28 -11.58
C THR I 120 62.67 58.89 -12.75
N VAL I 121 61.61 59.66 -12.91
CA VAL I 121 60.58 59.39 -13.90
C VAL I 121 61.09 59.59 -15.34
N GLN I 122 62.21 60.29 -15.49
CA GLN I 122 62.82 60.50 -16.79
C GLN I 122 63.83 59.40 -17.12
N ALA I 123 64.54 58.96 -16.09
CA ALA I 123 65.52 57.89 -16.24
C ALA I 123 64.84 56.59 -16.66
N LEU I 124 63.61 56.40 -16.18
CA LEU I 124 62.83 55.21 -16.51
C LEU I 124 62.59 55.05 -18.01
N ARG I 125 62.58 56.17 -18.73
CA ARG I 125 62.39 56.17 -20.18
C ARG I 125 63.56 55.50 -20.89
N VAL I 126 64.70 55.43 -20.20
CA VAL I 126 65.94 54.96 -20.77
C VAL I 126 66.33 53.56 -20.29
N LEU I 127 65.97 53.28 -19.04
CA LEU I 127 66.40 52.07 -18.33
C LEU I 127 65.47 50.88 -18.49
N SER I 128 64.35 51.09 -19.17
CA SER I 128 63.22 50.15 -19.19
C SER I 128 63.57 48.66 -19.26
N GLU I 129 64.64 48.34 -19.98
CA GLU I 129 65.02 46.94 -20.18
C GLU I 129 66.01 46.41 -19.15
N SER I 130 66.52 47.30 -18.31
CA SER I 130 67.45 46.91 -17.25
C SER I 130 66.77 46.87 -15.88
N LEU I 131 65.47 47.13 -15.85
CA LEU I 131 64.68 47.10 -14.62
C LEU I 131 64.38 45.65 -14.20
N PRO I 132 64.09 45.43 -12.90
CA PRO I 132 63.73 44.11 -12.40
C PRO I 132 62.55 43.53 -13.17
N VAL I 133 61.54 44.36 -13.44
CA VAL I 133 60.51 44.00 -14.40
C VAL I 133 60.73 44.85 -15.65
N SER I 134 61.07 44.19 -16.76
CA SER I 134 61.37 44.90 -18.00
C SER I 134 60.14 45.55 -18.60
N GLY I 135 60.35 46.59 -19.41
CA GLY I 135 59.27 47.23 -20.12
C GLY I 135 58.57 46.27 -21.06
N THR I 136 59.35 45.43 -21.73
CA THR I 136 58.79 44.44 -22.65
C THR I 136 57.86 43.47 -21.91
N THR I 137 58.19 43.16 -20.67
CA THR I 137 57.36 42.30 -19.84
C THR I 137 56.04 42.99 -19.50
N MET I 138 56.13 44.25 -19.09
CA MET I 138 54.94 45.04 -18.79
C MET I 138 54.09 45.26 -20.04
N ASP I 139 54.77 45.39 -21.19
CA ASP I 139 54.10 45.55 -22.48
C ASP I 139 53.24 44.33 -22.83
N ALA I 140 53.61 43.17 -22.29
CA ALA I 140 52.89 41.93 -22.57
C ALA I 140 51.74 41.70 -21.58
N ILE I 141 51.97 42.12 -20.33
CA ILE I 141 50.94 42.07 -19.29
C ILE I 141 49.83 43.07 -19.59
N ALA I 142 50.22 44.33 -19.80
CA ALA I 142 49.31 45.31 -20.38
C ALA I 142 49.11 44.90 -21.83
N GLY I 143 48.03 45.33 -22.46
CA GLY I 143 47.83 45.01 -23.85
C GLY I 143 48.57 45.97 -24.76
N VAL I 144 49.25 46.93 -24.14
CA VAL I 144 49.83 48.07 -24.86
C VAL I 144 51.25 48.33 -24.38
N THR I 145 51.88 49.37 -24.93
CA THR I 145 53.18 49.78 -24.43
C THR I 145 52.99 50.50 -23.10
N TYR I 146 53.28 49.80 -22.00
CA TYR I 146 53.12 50.35 -20.67
C TYR I 146 54.00 51.57 -20.47
N PRO I 147 53.42 52.67 -19.98
CA PRO I 147 54.15 53.93 -19.77
C PRO I 147 55.37 53.74 -18.86
N ARG I 148 56.56 53.95 -19.43
CA ARG I 148 57.81 53.72 -18.71
C ARG I 148 57.92 54.55 -17.43
N ALA I 149 57.31 55.73 -17.44
CA ALA I 149 57.34 56.65 -16.31
C ALA I 149 56.72 56.05 -15.05
N MET I 150 55.86 55.06 -15.23
CA MET I 150 55.14 54.44 -14.12
C MET I 150 55.90 53.27 -13.51
N MET I 151 56.93 52.81 -14.20
CA MET I 151 57.59 51.56 -13.83
C MET I 151 58.54 51.67 -12.62
N HIS I 152 58.04 52.32 -11.57
CA HIS I 152 58.73 52.38 -10.28
C HIS I 152 57.75 52.89 -9.23
N PRO I 153 57.87 52.38 -7.99
CA PRO I 153 56.99 52.80 -6.88
C PRO I 153 56.96 54.31 -6.65
N SER I 154 58.06 55.00 -6.95
CA SER I 154 58.14 56.45 -6.72
C SER I 154 57.17 57.26 -7.56
N PHE I 155 56.63 56.66 -8.62
CA PHE I 155 55.68 57.35 -9.49
C PHE I 155 54.44 57.79 -8.72
N ALA I 156 54.11 57.05 -7.67
CA ALA I 156 52.92 57.32 -6.87
C ALA I 156 52.95 58.73 -6.29
N GLY I 157 54.17 59.23 -6.05
CA GLY I 157 54.35 60.53 -5.43
C GLY I 157 53.89 61.71 -6.27
N ILE I 158 53.68 61.50 -7.56
CA ILE I 158 53.25 62.57 -8.44
C ILE I 158 51.80 62.41 -8.92
N ILE I 159 51.12 61.37 -8.42
CA ILE I 159 49.72 61.15 -8.76
C ILE I 159 48.78 62.08 -7.99
N ASP I 160 47.97 62.85 -8.72
CA ASP I 160 46.91 63.65 -8.12
C ASP I 160 45.60 62.88 -8.23
N LEU I 161 45.16 62.33 -7.11
CA LEU I 161 43.94 61.53 -7.06
C LEU I 161 42.69 62.36 -7.32
N ASP I 162 42.80 63.68 -7.14
CA ASP I 162 41.66 64.57 -7.26
C ASP I 162 41.51 65.19 -8.65
N LEU I 163 42.21 64.64 -9.64
CA LEU I 163 42.03 65.05 -11.02
C LEU I 163 40.60 64.76 -11.48
N PRO I 164 40.02 65.67 -12.28
CA PRO I 164 38.63 65.58 -12.74
C PRO I 164 38.31 64.28 -13.47
N ASN I 165 37.05 63.84 -13.37
CA ASN I 165 36.54 62.65 -14.08
C ASN I 165 37.22 61.35 -13.70
N GLY I 166 37.69 61.27 -12.45
CA GLY I 166 38.36 60.08 -11.96
C GLY I 166 39.65 59.76 -12.69
N ALA I 167 40.26 60.80 -13.25
CA ALA I 167 41.52 60.62 -13.97
C ALA I 167 42.61 60.11 -13.03
N GLY I 168 42.63 60.66 -11.81
CA GLY I 168 43.61 60.25 -10.82
C GLY I 168 43.42 58.79 -10.43
N ALA I 169 42.18 58.36 -10.27
CA ALA I 169 41.88 56.98 -9.93
C ALA I 169 42.37 56.03 -11.03
N THR I 170 42.13 56.42 -12.28
CA THR I 170 42.58 55.65 -13.43
C THR I 170 44.11 55.54 -13.50
N ILE I 171 44.79 56.63 -13.17
CA ILE I 171 46.25 56.64 -13.14
C ILE I 171 46.77 55.70 -12.05
N ALA I 172 46.17 55.77 -10.87
CA ALA I 172 46.52 54.89 -9.76
C ALA I 172 46.30 53.42 -10.12
N ASP I 173 45.20 53.15 -10.83
CA ASP I 173 44.89 51.80 -11.30
C ASP I 173 45.98 51.32 -12.24
N ALA I 174 46.32 52.15 -13.23
CA ALA I 174 47.34 51.79 -14.21
C ALA I 174 48.70 51.53 -13.53
N HIS I 175 49.00 52.30 -12.49
CA HIS I 175 50.25 52.13 -11.76
C HIS I 175 50.24 50.84 -10.95
N GLY I 176 49.05 50.46 -10.45
CA GLY I 176 48.89 49.24 -9.68
C GLY I 176 49.26 48.00 -10.48
N LEU I 177 49.02 48.06 -11.78
CA LEU I 177 49.36 46.96 -12.69
C LEU I 177 50.84 46.64 -12.61
N PHE I 178 51.66 47.68 -12.57
CA PHE I 178 53.11 47.49 -12.43
C PHE I 178 53.48 47.06 -11.02
N MET I 179 52.84 47.69 -10.03
CA MET I 179 53.16 47.43 -8.63
C MET I 179 52.98 45.97 -8.23
N ILE I 180 52.02 45.29 -8.85
CA ILE I 180 51.80 43.86 -8.60
C ILE I 180 53.03 43.07 -9.05
N GLU I 181 53.50 43.36 -10.25
CA GLU I 181 54.66 42.65 -10.81
C GLU I 181 55.92 42.94 -10.03
N PHE I 182 56.10 44.21 -9.67
CA PHE I 182 57.27 44.64 -8.93
C PHE I 182 57.30 44.00 -7.54
N SER I 183 56.15 43.97 -6.87
CA SER I 183 56.05 43.37 -5.54
C SER I 183 56.34 41.87 -5.56
N LYS I 184 55.99 41.21 -6.65
CA LYS I 184 56.19 39.77 -6.77
C LYS I 184 57.65 39.42 -7.08
N THR I 185 58.33 40.32 -7.78
CA THR I 185 59.72 40.07 -8.18
C THR I 185 60.68 40.19 -7.00
N ILE I 186 60.46 41.19 -6.15
CA ILE I 186 61.34 41.42 -5.01
C ILE I 186 60.92 40.65 -3.75
N ASN I 187 59.74 40.02 -3.81
CA ASN I 187 59.28 39.14 -2.73
C ASN I 187 58.64 37.87 -3.31
N PRO I 188 59.45 36.81 -3.46
CA PRO I 188 59.04 35.57 -4.11
C PRO I 188 57.87 34.88 -3.40
N SER I 189 57.66 35.21 -2.13
CA SER I 189 56.57 34.61 -1.36
C SER I 189 55.20 35.12 -1.80
N LEU I 190 55.20 36.04 -2.77
CA LEU I 190 53.96 36.62 -3.26
C LEU I 190 53.59 36.12 -4.66
N ARG I 191 54.48 35.33 -5.26
CA ARG I 191 54.33 34.91 -6.65
C ARG I 191 53.18 33.93 -6.85
N THR I 192 52.84 33.21 -5.78
CA THR I 192 51.76 32.24 -5.82
C THR I 192 50.44 32.83 -5.30
N LYS I 193 50.48 34.10 -4.92
CA LYS I 193 49.30 34.77 -4.37
C LYS I 193 48.40 35.32 -5.48
N GLN I 194 47.15 35.63 -5.13
CA GLN I 194 46.22 36.26 -6.07
C GLN I 194 46.50 37.75 -6.18
N ALA I 195 46.03 38.36 -7.27
CA ALA I 195 46.30 39.77 -7.54
C ALA I 195 45.93 40.68 -6.37
N ASN I 196 44.71 40.54 -5.88
CA ASN I 196 44.21 41.36 -4.77
C ASN I 196 45.00 41.14 -3.47
N GLU I 197 45.52 39.93 -3.28
CA GLU I 197 46.38 39.63 -2.13
C GLU I 197 47.72 40.35 -2.24
N VAL I 198 48.26 40.40 -3.46
CA VAL I 198 49.52 41.08 -3.70
C VAL I 198 49.34 42.59 -3.57
N ALA I 199 48.21 43.10 -4.08
CA ALA I 199 47.91 44.53 -4.00
C ALA I 199 47.83 44.99 -2.55
N ALA I 200 47.28 44.13 -1.70
CA ALA I 200 47.12 44.43 -0.28
C ALA I 200 48.45 44.68 0.44
N THR I 201 49.55 44.18 -0.15
CA THR I 201 50.86 44.34 0.48
C THR I 201 51.51 45.69 0.22
N PHE I 202 51.02 46.41 -0.80
CA PHE I 202 51.62 47.71 -1.12
C PHE I 202 50.67 48.91 -1.05
N GLU I 203 49.36 48.68 -1.08
CA GLU I 203 48.44 49.78 -1.29
C GLU I 203 48.33 50.77 -0.11
N LYS I 204 48.75 50.35 1.08
CA LYS I 204 48.77 51.29 2.22
C LYS I 204 49.91 52.33 2.14
N PRO I 205 51.17 51.88 1.96
CA PRO I 205 52.23 52.90 1.77
C PRO I 205 52.12 53.59 0.41
N ASN I 206 51.48 52.92 -0.55
CA ASN I 206 51.19 53.51 -1.85
C ASN I 206 50.16 54.65 -1.73
N MET I 207 49.19 54.48 -0.84
CA MET I 207 48.20 55.53 -0.60
C MET I 207 48.85 56.72 0.08
N ALA I 208 49.76 56.45 1.00
CA ALA I 208 50.49 57.50 1.69
C ALA I 208 51.28 58.36 0.69
N ALA I 209 51.85 57.71 -0.32
CA ALA I 209 52.58 58.41 -1.35
C ALA I 209 51.68 59.30 -2.21
N MET I 210 50.58 58.75 -2.68
CA MET I 210 49.64 59.48 -3.54
C MET I 210 48.99 60.65 -2.81
N SER I 211 48.82 60.53 -1.49
CA SER I 211 48.16 61.57 -0.71
C SER I 211 49.14 62.48 0.03
N GLY I 212 50.42 62.36 -0.32
CA GLY I 212 51.44 63.25 0.23
C GLY I 212 51.22 64.67 -0.24
N ARG I 213 51.75 65.63 0.51
CA ARG I 213 51.53 67.03 0.18
C ARG I 213 52.83 67.78 -0.11
N PHE I 214 53.87 67.02 -0.46
CA PHE I 214 55.15 67.62 -0.87
C PHE I 214 54.98 68.40 -2.16
N PHE I 215 54.39 67.76 -3.16
CA PHE I 215 54.06 68.43 -4.41
C PHE I 215 52.63 68.96 -4.35
N THR I 216 52.42 70.16 -4.87
CA THR I 216 51.09 70.71 -4.97
C THR I 216 50.35 70.05 -6.13
N ARG I 217 49.04 70.29 -6.22
CA ARG I 217 48.23 69.71 -7.28
C ARG I 217 48.66 70.22 -8.65
N GLU I 218 49.20 71.44 -8.67
CA GLU I 218 49.65 72.05 -9.92
C GLU I 218 51.01 71.45 -10.31
N ASP I 219 51.80 71.09 -9.31
CA ASP I 219 53.09 70.44 -9.56
C ASP I 219 52.87 69.06 -10.15
N LYS I 220 51.96 68.30 -9.56
CA LYS I 220 51.65 66.96 -10.03
C LYS I 220 51.08 67.02 -11.44
N LYS I 221 50.18 67.97 -11.67
CA LYS I 221 49.57 68.15 -12.98
C LYS I 221 50.63 68.38 -14.04
N LYS I 222 51.58 69.26 -13.74
CA LYS I 222 52.68 69.56 -14.64
C LYS I 222 53.57 68.35 -14.87
N LEU I 223 53.91 67.65 -13.78
CA LEU I 223 54.74 66.46 -13.85
C LEU I 223 54.10 65.38 -14.71
N LEU I 224 52.81 65.17 -14.53
CA LEU I 224 52.06 64.16 -15.28
C LEU I 224 51.98 64.50 -16.77
N ILE I 225 51.82 65.78 -17.09
CA ILE I 225 51.80 66.23 -18.47
C ILE I 225 53.18 66.06 -19.11
N ALA I 226 54.20 66.51 -18.39
CA ALA I 226 55.58 66.49 -18.89
C ALA I 226 56.04 65.08 -19.23
N VAL I 227 55.45 64.10 -18.57
CA VAL I 227 55.90 62.72 -18.73
C VAL I 227 54.93 61.89 -19.58
N GLY I 228 53.90 62.55 -20.09
CA GLY I 228 53.02 61.95 -21.09
C GLY I 228 51.84 61.11 -20.61
N ILE I 229 51.63 61.04 -19.29
CA ILE I 229 50.48 60.33 -18.73
C ILE I 229 49.17 60.99 -19.15
N ILE I 230 49.21 62.32 -19.19
CA ILE I 230 48.03 63.13 -19.49
C ILE I 230 48.46 64.31 -20.38
N ASP I 231 47.52 64.89 -21.12
CA ASP I 231 47.86 66.06 -21.96
C ASP I 231 47.44 67.40 -21.33
N GLU I 232 47.62 68.48 -22.09
CA GLU I 232 47.29 69.82 -21.61
C GLU I 232 45.79 69.94 -21.33
N ASP I 233 44.99 69.18 -22.06
CA ASP I 233 43.54 69.20 -21.90
C ASP I 233 43.08 68.22 -20.83
N LEU I 234 44.05 67.66 -20.09
CA LEU I 234 43.78 66.67 -19.04
C LEU I 234 43.19 65.36 -19.56
N VAL I 235 43.52 65.01 -20.81
CA VAL I 235 43.09 63.75 -21.40
C VAL I 235 44.13 62.66 -21.19
N LEU I 236 43.69 61.52 -20.66
CA LEU I 236 44.58 60.38 -20.42
C LEU I 236 45.01 59.72 -21.74
N ALA I 237 46.26 59.26 -21.78
CA ALA I 237 46.73 58.43 -22.89
C ALA I 237 46.03 57.08 -22.83
N SER I 238 45.69 56.52 -23.99
CA SER I 238 44.97 55.25 -24.06
C SER I 238 45.72 54.12 -23.36
N ALA I 239 47.05 54.18 -23.37
CA ALA I 239 47.87 53.17 -22.72
C ALA I 239 47.57 53.12 -21.22
N VAL I 240 47.38 54.30 -20.63
CA VAL I 240 47.07 54.39 -19.21
C VAL I 240 45.71 53.77 -18.89
N VAL I 241 44.69 54.16 -19.64
CA VAL I 241 43.33 53.69 -19.36
C VAL I 241 43.18 52.19 -19.62
N ARG I 242 43.91 51.67 -20.61
CA ARG I 242 43.85 50.25 -20.93
C ARG I 242 44.65 49.41 -19.92
N SER I 243 45.72 49.98 -19.40
CA SER I 243 46.48 49.36 -18.32
C SER I 243 45.62 49.34 -17.06
N ALA I 244 44.85 50.41 -16.87
CA ALA I 244 44.00 50.55 -15.70
C ALA I 244 42.92 49.47 -15.64
N GLU I 245 42.29 49.19 -16.78
CA GLU I 245 41.21 48.20 -16.81
C GLU I 245 41.74 46.77 -16.69
N LYS I 246 43.01 46.56 -17.04
CA LYS I 246 43.67 45.28 -16.81
C LYS I 246 43.81 45.05 -15.31
N TYR I 247 44.19 46.11 -14.61
CA TYR I 247 44.39 46.07 -13.16
C TYR I 247 43.08 45.80 -12.43
N ARG I 248 42.04 46.54 -12.80
CA ARG I 248 40.72 46.39 -12.17
C ARG I 248 40.14 44.99 -12.39
N ALA I 249 40.44 44.38 -13.53
CA ALA I 249 39.98 43.03 -13.82
C ALA I 249 40.71 42.02 -12.93
N LYS I 250 42.01 42.23 -12.74
CA LYS I 250 42.84 41.37 -11.90
C LYS I 250 42.39 41.33 -10.44
N VAL I 251 42.05 42.51 -9.90
CA VAL I 251 41.75 42.63 -8.48
C VAL I 251 40.30 42.29 -8.16
N GLY I 252 39.42 42.41 -9.16
CA GLY I 252 38.01 42.08 -8.99
C GLY I 252 37.75 40.61 -8.74
N GLU J 4 60.21 74.03 1.46
CA GLU J 4 59.69 75.10 0.61
C GLU J 4 60.59 75.37 -0.60
N ASN J 5 61.86 75.67 -0.35
CA ASN J 5 62.87 75.74 -1.41
C ASN J 5 63.25 74.33 -1.84
N TYR J 6 62.97 73.36 -0.98
CA TYR J 6 63.26 71.95 -1.24
C TYR J 6 62.30 71.33 -2.26
N ARG J 7 61.07 71.82 -2.27
CA ARG J 7 60.12 71.43 -3.30
C ARG J 7 60.61 71.93 -4.66
N ASP J 8 61.11 73.17 -4.67
CA ASP J 8 61.60 73.79 -5.89
C ASP J 8 62.86 73.11 -6.41
N ILE J 9 63.63 72.50 -5.52
CA ILE J 9 64.84 71.77 -5.89
C ILE J 9 64.49 70.42 -6.54
N ALA J 10 63.54 69.71 -5.96
CA ALA J 10 63.05 68.46 -6.54
C ALA J 10 62.41 68.75 -7.90
N LEU J 11 61.62 69.82 -7.97
CA LEU J 11 60.99 70.24 -9.21
C LEU J 11 62.00 70.55 -10.31
N ALA J 12 63.10 71.18 -9.92
CA ALA J 12 64.15 71.56 -10.86
C ALA J 12 64.83 70.35 -11.49
N PHE J 13 64.73 69.21 -10.82
CA PHE J 13 65.34 67.98 -11.33
C PHE J 13 64.64 67.47 -12.60
N LEU J 14 63.43 67.95 -12.85
CA LEU J 14 62.70 67.62 -14.07
C LEU J 14 63.51 68.06 -15.29
N ASP J 15 64.07 69.26 -15.22
CA ASP J 15 64.82 69.82 -16.33
C ASP J 15 66.27 69.36 -16.28
N GLU J 16 66.63 68.70 -15.19
CA GLU J 16 67.99 68.17 -15.06
C GLU J 16 68.21 67.04 -16.04
N SER J 17 69.23 67.17 -16.89
CA SER J 17 69.47 66.22 -17.96
C SER J 17 69.67 64.82 -17.40
N ALA J 18 68.58 64.20 -16.96
CA ALA J 18 68.50 62.75 -16.97
C ALA J 18 69.01 62.25 -18.30
N ASP J 19 70.30 62.46 -18.52
CA ASP J 19 70.93 62.10 -19.77
C ASP J 19 71.02 60.60 -19.84
N SER J 20 70.51 60.04 -20.94
CA SER J 20 70.45 58.60 -21.10
C SER J 20 71.82 57.95 -21.05
N GLY J 21 72.79 58.58 -21.70
CA GLY J 21 74.15 58.08 -21.72
C GLY J 21 74.83 58.03 -20.36
N THR J 22 74.64 59.08 -19.57
CA THR J 22 75.22 59.17 -18.22
C THR J 22 74.60 58.13 -17.29
N ILE J 23 73.29 57.95 -17.44
CA ILE J 23 72.52 56.99 -16.64
C ILE J 23 72.91 55.55 -16.98
N ASN J 24 72.97 55.25 -18.27
CA ASN J 24 73.35 53.92 -18.74
C ASN J 24 74.77 53.54 -18.33
N ALA J 25 75.63 54.53 -18.20
CA ALA J 25 76.99 54.31 -17.70
C ALA J 25 76.94 53.81 -16.25
N TRP J 26 76.08 54.42 -15.44
CA TRP J 26 75.90 54.01 -14.05
C TRP J 26 75.32 52.60 -13.96
N VAL J 27 74.38 52.29 -14.85
CA VAL J 27 73.74 50.98 -14.89
C VAL J 27 74.78 49.90 -15.09
N ASN J 28 75.71 50.15 -16.02
CA ASN J 28 76.77 49.20 -16.31
C ASN J 28 77.76 49.04 -15.16
N GLU J 29 78.03 50.13 -14.44
CA GLU J 29 78.88 50.06 -13.26
C GLU J 29 78.19 49.26 -12.17
N PHE J 30 76.92 49.57 -11.94
CA PHE J 30 76.15 49.00 -10.85
C PHE J 30 75.62 47.63 -11.21
N ALA J 31 75.82 47.21 -12.46
CA ALA J 31 75.27 45.96 -12.96
C ALA J 31 75.70 44.75 -12.13
N TYR J 32 74.83 43.74 -12.08
CA TYR J 32 75.13 42.51 -11.38
C TYR J 32 76.36 41.84 -12.00
N GLN J 33 77.29 41.43 -11.14
CA GLN J 33 78.45 40.66 -11.57
C GLN J 33 78.59 39.42 -10.69
N GLY J 34 78.40 38.24 -11.29
CA GLY J 34 78.49 36.99 -10.57
C GLY J 34 79.81 36.83 -9.84
N PHE J 35 80.90 36.98 -10.58
CA PHE J 35 82.25 36.83 -10.03
C PHE J 35 83.27 37.51 -10.94
N ASP J 36 84.46 37.75 -10.40
CA ASP J 36 85.57 38.29 -11.19
C ASP J 36 86.62 37.20 -11.38
N PRO J 37 86.81 36.76 -12.64
CA PRO J 37 87.80 35.73 -12.97
C PRO J 37 89.18 36.12 -12.45
N LYS J 38 89.52 37.41 -12.59
CA LYS J 38 90.79 37.94 -12.11
C LYS J 38 90.99 37.63 -10.63
N ARG J 39 89.96 37.89 -9.84
CA ARG J 39 89.98 37.66 -8.41
C ARG J 39 90.11 36.16 -8.11
N ILE J 40 89.52 35.34 -8.96
CA ILE J 40 89.55 33.89 -8.79
C ILE J 40 90.96 33.31 -8.93
N VAL J 41 91.66 33.63 -10.01
CA VAL J 41 93.01 33.11 -10.20
C VAL J 41 93.96 33.67 -9.12
N GLN J 42 93.65 34.87 -8.63
CA GLN J 42 94.44 35.47 -7.56
C GLN J 42 94.33 34.65 -6.28
N LEU J 43 93.09 34.41 -5.86
CA LEU J 43 92.82 33.66 -4.63
C LEU J 43 93.32 32.23 -4.70
N VAL J 44 93.20 31.61 -5.87
CA VAL J 44 93.71 30.25 -6.06
C VAL J 44 95.22 30.20 -5.86
N LYS J 45 95.94 31.11 -6.52
CA LYS J 45 97.39 31.15 -6.41
C LYS J 45 97.84 31.52 -5.00
N GLU J 46 97.16 32.48 -4.37
CA GLU J 46 97.50 32.91 -3.01
C GLU J 46 97.28 31.80 -2.00
N ARG J 47 96.06 31.25 -1.98
CA ARG J 47 95.70 30.20 -1.02
C ARG J 47 96.49 28.90 -1.25
N GLY J 48 96.80 28.61 -2.51
CA GLY J 48 97.55 27.43 -2.86
C GLY J 48 99.00 27.48 -2.40
N THR J 49 99.68 28.57 -2.72
CA THR J 49 101.08 28.76 -2.32
C THR J 49 101.23 28.85 -0.80
N ALA J 50 100.22 29.41 -0.14
CA ALA J 50 100.24 29.58 1.31
C ALA J 50 100.26 28.23 2.06
N LYS J 51 99.93 27.16 1.34
CA LYS J 51 99.90 25.82 1.91
C LYS J 51 100.97 24.94 1.26
N GLY J 52 101.87 25.56 0.52
CA GLY J 52 102.95 24.85 -0.16
C GLY J 52 102.45 23.77 -1.11
N ARG J 53 101.57 24.16 -2.02
CA ARG J 53 100.95 23.21 -2.93
C ARG J 53 101.29 23.52 -4.38
N ASP J 54 101.33 22.48 -5.20
CA ASP J 54 101.37 22.66 -6.65
C ASP J 54 99.98 23.15 -7.06
N TRP J 55 99.75 24.45 -6.91
CA TRP J 55 98.42 25.01 -7.13
C TRP J 55 97.96 24.91 -8.58
N LYS J 56 98.92 24.94 -9.50
CA LYS J 56 98.60 24.76 -10.92
C LYS J 56 98.04 23.36 -11.16
N LYS J 57 98.57 22.38 -10.44
CA LYS J 57 98.07 21.01 -10.53
C LYS J 57 96.69 20.89 -9.86
N ASP J 58 96.51 21.62 -8.76
CA ASP J 58 95.23 21.64 -8.05
C ASP J 58 94.13 22.24 -8.92
N VAL J 59 94.49 23.26 -9.71
CA VAL J 59 93.55 23.86 -10.65
C VAL J 59 93.03 22.82 -11.63
N LYS J 60 93.95 22.01 -12.17
CA LYS J 60 93.60 20.96 -13.11
C LYS J 60 92.65 19.94 -12.49
N MET J 61 92.97 19.52 -11.28
CA MET J 61 92.13 18.55 -10.57
C MET J 61 90.75 19.14 -10.29
N MET J 62 90.69 20.40 -9.86
CA MET J 62 89.42 21.04 -9.56
C MET J 62 88.57 21.18 -10.82
N ILE J 63 89.23 21.45 -11.96
CA ILE J 63 88.53 21.57 -13.24
C ILE J 63 87.94 20.22 -13.66
N VAL J 64 88.77 19.18 -13.66
CA VAL J 64 88.32 17.83 -13.97
C VAL J 64 87.18 17.40 -13.03
N LEU J 65 87.35 17.65 -11.74
CA LEU J 65 86.32 17.41 -10.75
C LEU J 65 85.02 18.15 -11.09
N ASN J 66 85.15 19.39 -11.54
CA ASN J 66 83.99 20.19 -11.93
C ASN J 66 83.30 19.66 -13.19
N LEU J 67 84.11 19.18 -14.14
CA LEU J 67 83.58 18.67 -15.40
C LEU J 67 82.76 17.38 -15.21
N VAL J 68 83.20 16.51 -14.30
CA VAL J 68 82.55 15.20 -14.15
C VAL J 68 81.57 15.11 -12.98
N ARG J 69 81.65 16.02 -12.02
CA ARG J 69 80.80 15.95 -10.83
C ARG J 69 79.94 17.19 -10.56
N GLY J 70 80.30 18.33 -11.17
CA GLY J 70 79.49 19.53 -11.02
C GLY J 70 80.04 20.53 -10.02
N ASN J 71 79.14 21.20 -9.30
CA ASN J 71 79.53 22.35 -8.48
C ASN J 71 79.14 22.22 -7.00
N LYS J 72 78.96 20.99 -6.53
CA LYS J 72 78.60 20.75 -5.14
C LYS J 72 79.58 19.80 -4.45
N PRO J 73 80.70 20.36 -3.97
CA PRO J 73 81.84 19.62 -3.41
C PRO J 73 81.49 18.73 -2.22
N GLU J 74 80.75 19.25 -1.25
CA GLU J 74 80.38 18.47 -0.06
C GLU J 74 79.46 17.31 -0.41
N ALA J 75 78.56 17.54 -1.36
CA ALA J 75 77.59 16.52 -1.78
C ALA J 75 78.22 15.42 -2.64
N MET J 76 79.18 15.80 -3.49
CA MET J 76 79.79 14.82 -4.39
C MET J 76 80.70 13.84 -3.66
N MET J 77 81.17 14.22 -2.47
CA MET J 77 82.01 13.33 -1.66
C MET J 77 81.22 12.18 -1.05
N LYS J 78 79.90 12.34 -0.95
CA LYS J 78 79.05 11.31 -0.37
C LYS J 78 78.84 10.14 -1.35
N LYS J 79 79.18 10.37 -2.61
CA LYS J 79 79.08 9.35 -3.65
C LYS J 79 80.36 9.32 -4.47
N MET J 80 81.45 8.94 -3.83
CA MET J 80 82.77 8.97 -4.45
C MET J 80 83.66 7.92 -3.79
N SER J 81 84.68 7.46 -4.49
CA SER J 81 85.64 6.54 -3.89
C SER J 81 86.32 7.24 -2.72
N GLU J 82 86.72 6.45 -1.72
CA GLU J 82 87.36 6.98 -0.52
C GLU J 82 88.62 7.77 -0.87
N LYS J 83 89.34 7.28 -1.88
CA LYS J 83 90.56 7.93 -2.35
C LYS J 83 90.28 9.32 -2.92
N GLY J 84 89.30 9.39 -3.84
CA GLY J 84 88.94 10.66 -4.45
C GLY J 84 88.36 11.66 -3.48
N ALA J 85 87.49 11.20 -2.59
CA ALA J 85 86.86 12.06 -1.60
C ALA J 85 87.89 12.68 -0.66
N SER J 86 88.96 11.94 -0.40
CA SER J 86 90.04 12.41 0.47
C SER J 86 90.72 13.66 -0.10
N ILE J 87 90.97 13.66 -1.41
CA ILE J 87 91.63 14.80 -2.04
C ILE J 87 90.68 15.97 -2.30
N VAL J 88 89.41 15.66 -2.52
CA VAL J 88 88.39 16.70 -2.64
C VAL J 88 88.28 17.47 -1.32
N ALA J 89 88.32 16.73 -0.21
CA ALA J 89 88.27 17.32 1.12
C ALA J 89 89.41 18.32 1.31
N ASN J 90 90.59 17.96 0.82
CA ASN J 90 91.74 18.86 0.83
C ASN J 90 91.48 20.13 0.03
N LEU J 91 91.10 19.95 -1.24
CA LEU J 91 90.81 21.07 -2.13
C LEU J 91 89.79 22.05 -1.52
N ILE J 92 88.76 21.50 -0.87
CA ILE J 92 87.79 22.32 -0.15
C ILE J 92 88.48 23.10 0.97
N SER J 93 89.39 22.44 1.69
CA SER J 93 90.09 23.04 2.81
C SER J 93 91.00 24.21 2.41
N VAL J 94 91.94 23.97 1.49
CA VAL J 94 92.90 25.00 1.13
C VAL J 94 92.32 26.12 0.26
N TYR J 95 91.36 25.79 -0.60
CA TYR J 95 90.79 26.80 -1.49
C TYR J 95 89.46 27.37 -0.99
N GLN J 96 88.99 26.85 0.14
CA GLN J 96 87.76 27.32 0.78
C GLN J 96 86.60 27.26 -0.21
N LEU J 97 86.47 26.11 -0.87
CA LEU J 97 85.45 25.92 -1.90
C LEU J 97 84.05 25.99 -1.30
N LYS J 98 83.18 26.74 -1.97
CA LYS J 98 81.77 26.80 -1.63
C LYS J 98 80.97 26.35 -2.85
N GLU J 99 79.66 26.28 -2.72
CA GLU J 99 78.82 25.86 -3.83
C GLU J 99 77.83 26.97 -4.21
N GLY J 100 77.15 26.79 -5.34
CA GLY J 100 76.14 27.73 -5.77
C GLY J 100 76.69 29.05 -6.30
N ASN J 101 76.02 30.14 -5.97
CA ASN J 101 76.40 31.46 -6.43
C ASN J 101 76.67 32.43 -5.28
N PRO J 102 77.82 32.28 -4.59
CA PRO J 102 78.18 33.19 -3.51
C PRO J 102 78.87 34.46 -4.02
N GLY J 103 79.48 35.22 -3.12
CA GLY J 103 80.12 36.47 -3.49
C GLY J 103 81.29 36.33 -4.45
N ARG J 104 81.78 37.47 -4.94
CA ARG J 104 82.89 37.49 -5.91
C ARG J 104 84.22 37.07 -5.30
N ASP J 105 84.32 37.15 -3.97
CA ASP J 105 85.53 36.77 -3.24
C ASP J 105 85.47 35.31 -2.79
N THR J 106 84.61 34.54 -3.44
CA THR J 106 84.41 33.15 -3.07
C THR J 106 84.68 32.21 -4.24
N ILE J 107 85.46 31.16 -3.99
CA ILE J 107 85.83 30.22 -5.03
C ILE J 107 84.86 29.04 -5.13
N THR J 108 84.40 28.77 -6.36
CA THR J 108 83.63 27.56 -6.63
C THR J 108 84.31 26.79 -7.75
N LEU J 109 84.02 25.50 -7.85
CA LEU J 109 84.58 24.68 -8.92
C LEU J 109 84.20 25.26 -10.29
N SER J 110 82.97 25.73 -10.41
CA SER J 110 82.46 26.30 -11.65
C SER J 110 83.29 27.51 -12.08
N ARG J 111 83.67 28.32 -11.11
CA ARG J 111 84.43 29.54 -11.37
C ARG J 111 85.89 29.27 -11.70
N VAL J 112 86.42 28.16 -11.19
CA VAL J 112 87.78 27.76 -11.53
C VAL J 112 87.86 27.36 -13.00
N SER J 113 86.91 26.53 -13.43
CA SER J 113 86.82 26.11 -14.83
C SER J 113 86.63 27.30 -15.77
N ALA J 114 85.94 28.32 -15.29
CA ALA J 114 85.71 29.53 -16.07
C ALA J 114 86.94 30.43 -16.13
N ALA J 115 87.59 30.63 -14.98
CA ALA J 115 88.77 31.48 -14.91
C ALA J 115 89.95 30.87 -15.65
N PHE J 116 90.11 29.55 -15.52
CA PHE J 116 91.21 28.83 -16.15
C PHE J 116 90.73 28.07 -17.38
N VAL J 117 89.78 28.66 -18.10
CA VAL J 117 89.24 28.06 -19.32
C VAL J 117 90.25 27.65 -20.42
N PRO J 118 91.42 28.35 -20.54
CA PRO J 118 92.37 27.82 -21.53
C PRO J 118 92.85 26.39 -21.24
N TRP J 119 92.72 25.92 -19.99
CA TRP J 119 93.03 24.53 -19.70
C TRP J 119 91.78 23.64 -19.76
N THR J 120 90.68 24.16 -19.24
CA THR J 120 89.37 23.49 -19.29
C THR J 120 89.05 23.03 -20.70
N VAL J 121 89.32 23.90 -21.65
CA VAL J 121 89.00 23.66 -23.05
C VAL J 121 89.84 22.52 -23.63
N GLN J 122 90.98 22.22 -23.00
CA GLN J 122 91.84 21.15 -23.45
C GLN J 122 91.48 19.82 -22.79
N ALA J 123 91.06 19.89 -21.53
CA ALA J 123 90.65 18.71 -20.79
C ALA J 123 89.41 18.07 -21.44
N LEU J 124 88.52 18.92 -21.93
CA LEU J 124 87.30 18.47 -22.61
C LEU J 124 87.62 17.56 -23.80
N ARG J 125 88.75 17.80 -24.45
CA ARG J 125 89.20 17.01 -25.58
C ARG J 125 89.52 15.56 -25.17
N VAL J 126 89.73 15.36 -23.86
CA VAL J 126 90.18 14.07 -23.34
C VAL J 126 89.07 13.25 -22.66
N LEU J 127 88.25 13.89 -21.84
CA LEU J 127 87.26 13.19 -21.03
C LEU J 127 85.82 13.36 -21.49
N SER J 128 85.61 13.58 -22.78
CA SER J 128 84.27 13.90 -23.30
C SER J 128 83.22 12.81 -23.08
N GLU J 129 83.67 11.57 -22.86
CA GLU J 129 82.74 10.47 -22.63
C GLU J 129 82.37 10.29 -21.17
N SER J 130 83.01 11.06 -20.30
CA SER J 130 82.74 11.00 -18.86
C SER J 130 81.89 12.20 -18.38
N LEU J 131 81.47 13.04 -19.32
CA LEU J 131 80.62 14.19 -19.03
C LEU J 131 79.16 13.77 -18.86
N PRO J 132 78.36 14.59 -18.16
CA PRO J 132 76.93 14.31 -18.01
C PRO J 132 76.25 14.14 -19.37
N VAL J 133 76.58 15.00 -20.32
CA VAL J 133 76.23 14.79 -21.71
C VAL J 133 77.49 14.38 -22.45
N SER J 134 77.50 13.16 -22.99
CA SER J 134 78.69 12.61 -23.65
C SER J 134 78.93 13.21 -25.04
N GLY J 135 80.16 13.12 -25.51
CA GLY J 135 80.51 13.58 -26.84
C GLY J 135 79.78 12.80 -27.92
N THR J 136 79.59 11.51 -27.70
CA THR J 136 78.86 10.67 -28.65
C THR J 136 77.40 11.10 -28.75
N THR J 137 76.84 11.56 -27.64
CA THR J 137 75.47 12.08 -27.64
C THR J 137 75.38 13.33 -28.50
N MET J 138 76.32 14.24 -28.31
CA MET J 138 76.37 15.47 -29.10
C MET J 138 76.65 15.18 -30.58
N ASP J 139 77.41 14.13 -30.84
CA ASP J 139 77.68 13.71 -32.21
C ASP J 139 76.39 13.29 -32.92
N ALA J 140 75.45 12.74 -32.15
CA ALA J 140 74.18 12.27 -32.71
C ALA J 140 73.21 13.43 -32.90
N ILE J 141 73.28 14.39 -31.98
CA ILE J 141 72.40 15.56 -32.02
C ILE J 141 72.77 16.49 -33.18
N ALA J 142 74.04 16.87 -33.25
CA ALA J 142 74.57 17.52 -34.45
C ALA J 142 74.69 16.43 -35.51
N GLY J 143 74.83 16.81 -36.77
CA GLY J 143 74.97 15.81 -37.81
C GLY J 143 76.42 15.37 -37.95
N VAL J 144 77.27 15.97 -37.14
CA VAL J 144 78.71 15.82 -37.28
C VAL J 144 79.37 15.60 -35.93
N THR J 145 80.70 15.55 -35.89
CA THR J 145 81.39 15.44 -34.61
C THR J 145 81.41 16.81 -33.93
N TYR J 146 80.66 16.91 -32.84
CA TYR J 146 80.55 18.17 -32.12
C TYR J 146 81.87 18.50 -31.43
N PRO J 147 82.39 19.72 -31.65
CA PRO J 147 83.67 20.17 -31.10
C PRO J 147 83.72 20.00 -29.59
N ARG J 148 84.61 19.14 -29.12
CA ARG J 148 84.70 18.80 -27.70
C ARG J 148 84.91 20.01 -26.79
N ALA J 149 85.59 21.03 -27.32
CA ALA J 149 85.94 22.22 -26.55
C ALA J 149 84.72 23.03 -26.10
N MET J 150 83.61 22.85 -26.80
CA MET J 150 82.39 23.59 -26.51
C MET J 150 81.55 22.91 -25.42
N MET J 151 81.95 21.70 -25.02
CA MET J 151 81.10 20.87 -24.17
C MET J 151 81.18 21.23 -22.68
N HIS J 152 81.07 22.53 -22.41
CA HIS J 152 80.96 23.05 -21.05
C HIS J 152 80.56 24.52 -21.12
N PRO J 153 79.75 24.97 -20.13
CA PRO J 153 79.33 26.37 -20.05
C PRO J 153 80.49 27.36 -20.02
N SER J 154 81.65 26.94 -19.53
CA SER J 154 82.82 27.82 -19.44
C SER J 154 83.38 28.21 -20.81
N PHE J 155 82.98 27.49 -21.86
CA PHE J 155 83.45 27.82 -23.20
C PHE J 155 83.02 29.21 -23.64
N ALA J 156 81.90 29.67 -23.09
CA ALA J 156 81.37 30.99 -23.43
C ALA J 156 82.36 32.12 -23.12
N GLY J 157 83.29 31.85 -22.21
CA GLY J 157 84.28 32.82 -21.79
C GLY J 157 85.31 33.17 -22.85
N ILE J 158 85.44 32.33 -23.87
CA ILE J 158 86.41 32.60 -24.93
C ILE J 158 85.75 33.02 -26.24
N ILE J 159 84.46 33.30 -26.19
CA ILE J 159 83.71 33.70 -27.39
C ILE J 159 83.80 35.20 -27.64
N ASP J 160 84.35 35.58 -28.80
CA ASP J 160 84.38 36.97 -29.23
C ASP J 160 83.18 37.25 -30.11
N LEU J 161 82.17 37.92 -29.54
CA LEU J 161 80.93 38.21 -30.25
C LEU J 161 81.14 39.22 -31.38
N ASP J 162 82.20 40.01 -31.28
CA ASP J 162 82.46 41.07 -32.25
C ASP J 162 83.40 40.63 -33.37
N LEU J 163 83.43 39.32 -33.62
CA LEU J 163 84.12 38.79 -34.78
C LEU J 163 83.38 39.23 -36.04
N PRO J 164 84.13 39.41 -37.14
CA PRO J 164 83.51 39.88 -38.39
C PRO J 164 82.48 38.89 -38.97
N ASN J 165 81.52 39.42 -39.73
CA ASN J 165 80.48 38.61 -40.38
C ASN J 165 79.59 37.83 -39.43
N GLY J 166 79.45 38.31 -38.20
CA GLY J 166 78.63 37.65 -37.20
C GLY J 166 79.10 36.25 -36.88
N ALA J 167 80.40 36.01 -37.03
CA ALA J 167 80.97 34.70 -36.75
C ALA J 167 80.87 34.37 -35.26
N GLY J 168 80.94 35.43 -34.43
CA GLY J 168 80.77 35.27 -33.01
C GLY J 168 79.39 34.74 -32.63
N ALA J 169 78.36 35.27 -33.28
CA ALA J 169 76.99 34.82 -33.05
C ALA J 169 76.80 33.36 -33.49
N THR J 170 77.48 32.98 -34.57
CA THR J 170 77.43 31.61 -35.08
C THR J 170 78.05 30.65 -34.07
N ILE J 171 79.23 31.01 -33.56
CA ILE J 171 79.91 30.24 -32.53
C ILE J 171 79.04 30.11 -31.28
N ALA J 172 78.39 31.20 -30.90
CA ALA J 172 77.49 31.22 -29.75
C ALA J 172 76.31 30.27 -29.94
N ASP J 173 75.77 30.23 -31.16
CA ASP J 173 74.67 29.34 -31.48
C ASP J 173 75.12 27.87 -31.44
N ALA J 174 76.31 27.62 -31.97
CA ALA J 174 76.86 26.27 -31.97
C ALA J 174 77.06 25.78 -30.52
N HIS J 175 77.50 26.69 -29.66
CA HIS J 175 77.66 26.38 -28.24
C HIS J 175 76.30 26.14 -27.58
N GLY J 176 75.29 26.85 -28.07
CA GLY J 176 73.95 26.73 -27.52
C GLY J 176 73.34 25.37 -27.78
N LEU J 177 73.80 24.71 -28.84
CA LEU J 177 73.31 23.37 -29.17
C LEU J 177 73.66 22.40 -28.05
N PHE J 178 74.83 22.58 -27.46
CA PHE J 178 75.23 21.80 -26.30
C PHE J 178 74.54 22.25 -25.03
N MET J 179 74.46 23.57 -24.86
CA MET J 179 73.93 24.15 -23.62
C MET J 179 72.48 23.74 -23.34
N ILE J 180 71.69 23.55 -24.38
CA ILE J 180 70.30 23.14 -24.19
C ILE J 180 70.23 21.68 -23.72
N GLU J 181 71.15 20.86 -24.21
CA GLU J 181 71.21 19.46 -23.80
C GLU J 181 71.77 19.33 -22.39
N PHE J 182 72.81 20.10 -22.11
CA PHE J 182 73.41 20.13 -20.78
C PHE J 182 72.37 20.58 -19.75
N SER J 183 71.62 21.63 -20.07
CA SER J 183 70.61 22.15 -19.17
C SER J 183 69.51 21.12 -18.94
N LYS J 184 69.20 20.35 -19.98
CA LYS J 184 68.13 19.34 -19.90
C LYS J 184 68.46 18.17 -18.99
N THR J 185 69.75 17.84 -18.83
CA THR J 185 70.11 16.70 -17.99
C THR J 185 70.41 17.09 -16.55
N ILE J 186 71.10 18.22 -16.34
CA ILE J 186 71.36 18.67 -14.97
C ILE J 186 70.10 19.22 -14.31
N ASN J 187 69.16 19.68 -15.13
CA ASN J 187 67.84 20.11 -14.66
C ASN J 187 66.73 19.45 -15.49
N PRO J 188 66.44 18.17 -15.20
CA PRO J 188 65.53 17.30 -15.96
C PRO J 188 64.10 17.82 -16.06
N SER J 189 63.75 18.84 -15.28
CA SER J 189 62.42 19.45 -15.36
C SER J 189 62.26 20.19 -16.68
N LEU J 190 63.39 20.56 -17.28
CA LEU J 190 63.40 21.30 -18.55
C LEU J 190 63.25 20.40 -19.78
N ARG J 191 63.29 19.08 -19.56
CA ARG J 191 63.29 18.12 -20.66
C ARG J 191 62.03 18.19 -21.51
N THR J 192 60.91 18.56 -20.89
CA THR J 192 59.63 18.64 -21.58
C THR J 192 59.34 20.03 -22.14
N LYS J 193 60.24 20.98 -21.87
CA LYS J 193 60.09 22.35 -22.36
C LYS J 193 60.54 22.45 -23.82
N GLN J 194 60.07 23.49 -24.51
CA GLN J 194 60.53 23.78 -25.87
C GLN J 194 61.98 24.24 -25.85
N ALA J 195 62.69 24.03 -26.96
CA ALA J 195 64.10 24.39 -27.04
C ALA J 195 64.35 25.87 -26.73
N ASN J 196 63.49 26.74 -27.25
CA ASN J 196 63.63 28.17 -27.01
C ASN J 196 63.44 28.54 -25.54
N GLU J 197 62.56 27.80 -24.86
CA GLU J 197 62.31 28.02 -23.43
C GLU J 197 63.52 27.59 -22.62
N VAL J 198 64.14 26.48 -23.02
CA VAL J 198 65.34 26.00 -22.36
C VAL J 198 66.49 26.99 -22.54
N ALA J 199 66.64 27.49 -23.77
CA ALA J 199 67.70 28.45 -24.08
C ALA J 199 67.61 29.71 -23.22
N ALA J 200 66.39 30.08 -22.85
CA ALA J 200 66.17 31.28 -22.04
C ALA J 200 66.65 31.11 -20.60
N THR J 201 66.80 29.85 -20.15
CA THR J 201 67.23 29.58 -18.78
C THR J 201 68.72 29.86 -18.55
N PHE J 202 69.51 29.81 -19.62
CA PHE J 202 70.94 30.09 -19.51
C PHE J 202 71.39 31.29 -20.34
N GLU J 203 70.44 32.00 -20.95
CA GLU J 203 70.77 33.15 -21.80
C GLU J 203 71.55 34.20 -21.02
N LYS J 204 71.07 34.55 -19.85
CA LYS J 204 71.67 35.63 -19.05
C LYS J 204 73.11 35.38 -18.58
N PRO J 205 73.39 34.23 -17.92
CA PRO J 205 74.78 34.02 -17.49
C PRO J 205 75.73 33.73 -18.66
N ASN J 206 75.21 33.08 -19.71
CA ASN J 206 76.00 32.79 -20.91
C ASN J 206 76.42 34.09 -21.62
N MET J 207 75.50 35.05 -21.68
CA MET J 207 75.78 36.36 -22.25
C MET J 207 76.85 37.08 -21.44
N ALA J 208 76.74 37.00 -20.12
CA ALA J 208 77.68 37.64 -19.22
C ALA J 208 79.09 37.08 -19.40
N ALA J 209 79.17 35.78 -19.69
CA ALA J 209 80.45 35.12 -19.92
C ALA J 209 81.07 35.57 -21.24
N MET J 210 80.24 35.69 -22.27
CA MET J 210 80.71 36.12 -23.59
C MET J 210 81.10 37.59 -23.58
N SER J 211 80.40 38.37 -22.75
CA SER J 211 80.63 39.80 -22.66
C SER J 211 81.76 40.13 -21.70
N GLY J 212 82.32 39.09 -21.07
CA GLY J 212 83.45 39.24 -20.18
C GLY J 212 84.64 39.90 -20.87
N ARG J 213 85.32 40.78 -20.15
CA ARG J 213 86.45 41.52 -20.68
C ARG J 213 87.75 41.14 -19.98
N PHE J 214 87.71 40.03 -19.25
CA PHE J 214 88.90 39.46 -18.63
C PHE J 214 89.92 39.13 -19.71
N PHE J 215 89.46 38.44 -20.75
CA PHE J 215 90.28 38.19 -21.93
C PHE J 215 90.00 39.23 -23.00
N THR J 216 91.05 39.67 -23.71
CA THR J 216 90.88 40.60 -24.82
C THR J 216 90.39 39.85 -26.05
N ARG J 217 90.01 40.59 -27.09
CA ARG J 217 89.58 39.98 -28.35
C ARG J 217 90.69 39.14 -28.98
N GLU J 218 91.92 39.65 -28.92
CA GLU J 218 93.06 38.91 -29.44
C GLU J 218 93.30 37.64 -28.65
N ASP J 219 93.07 37.72 -27.33
CA ASP J 219 93.22 36.56 -26.46
C ASP J 219 92.18 35.49 -26.84
N LYS J 220 90.94 35.92 -27.02
CA LYS J 220 89.86 35.03 -27.42
C LYS J 220 90.11 34.44 -28.81
N LYS J 221 90.57 35.27 -29.74
CA LYS J 221 90.87 34.82 -31.09
C LYS J 221 91.93 33.72 -31.06
N LYS J 222 92.98 33.93 -30.27
CA LYS J 222 94.06 32.95 -30.15
C LYS J 222 93.54 31.64 -29.55
N LEU J 223 92.68 31.77 -28.55
CA LEU J 223 92.07 30.62 -27.90
C LEU J 223 91.20 29.81 -28.86
N LEU J 224 90.34 30.50 -29.61
CA LEU J 224 89.44 29.87 -30.56
C LEU J 224 90.20 29.15 -31.69
N ILE J 225 91.33 29.73 -32.11
CA ILE J 225 92.18 29.12 -33.12
C ILE J 225 92.88 27.89 -32.56
N ALA J 226 93.46 28.05 -31.36
CA ALA J 226 94.23 26.98 -30.72
C ALA J 226 93.39 25.73 -30.44
N VAL J 227 92.08 25.89 -30.48
CA VAL J 227 91.19 24.78 -30.13
C VAL J 227 90.29 24.39 -31.31
N GLY J 228 90.56 24.99 -32.48
CA GLY J 228 89.99 24.53 -33.73
C GLY J 228 88.58 25.00 -34.08
N ILE J 229 88.08 25.98 -33.34
CA ILE J 229 86.77 26.58 -33.63
C ILE J 229 86.86 27.40 -34.90
N ILE J 230 88.00 28.04 -35.07
CA ILE J 230 88.23 28.95 -36.19
C ILE J 230 89.69 28.82 -36.61
N ASP J 231 90.01 29.14 -37.86
CA ASP J 231 91.42 29.07 -38.31
C ASP J 231 92.09 30.45 -38.28
N GLU J 232 93.36 30.51 -38.67
CA GLU J 232 94.13 31.74 -38.64
C GLU J 232 93.50 32.80 -39.54
N ASP J 233 92.73 32.36 -40.53
CA ASP J 233 92.03 33.25 -41.44
C ASP J 233 90.63 33.55 -40.96
N LEU J 234 90.37 33.24 -39.69
CA LEU J 234 89.07 33.50 -39.07
C LEU J 234 87.90 32.79 -39.76
N VAL J 235 88.18 31.63 -40.34
CA VAL J 235 87.14 30.84 -40.98
C VAL J 235 86.60 29.77 -40.05
N LEU J 236 85.29 29.74 -39.89
CA LEU J 236 84.63 28.78 -39.01
C LEU J 236 84.80 27.34 -39.47
N ALA J 237 85.03 26.43 -38.53
CA ALA J 237 85.06 25.01 -38.83
C ALA J 237 83.66 24.58 -39.28
N SER J 238 83.60 23.68 -40.25
CA SER J 238 82.33 23.22 -40.80
C SER J 238 81.38 22.66 -39.74
N ALA J 239 81.93 21.96 -38.75
CA ALA J 239 81.13 21.38 -37.68
C ALA J 239 80.45 22.46 -36.82
N VAL J 240 81.12 23.60 -36.69
CA VAL J 240 80.58 24.73 -35.92
C VAL J 240 79.39 25.39 -36.62
N VAL J 241 79.52 25.66 -37.91
CA VAL J 241 78.42 26.25 -38.68
C VAL J 241 77.24 25.27 -38.77
N ARG J 242 77.55 23.97 -38.79
CA ARG J 242 76.53 22.93 -38.78
C ARG J 242 75.75 22.94 -37.48
N SER J 243 76.47 22.92 -36.37
CA SER J 243 75.86 22.93 -35.05
C SER J 243 75.03 24.19 -34.85
N ALA J 244 75.49 25.29 -35.43
CA ALA J 244 74.79 26.56 -35.33
C ALA J 244 73.43 26.53 -36.01
N GLU J 245 73.37 25.99 -37.23
CA GLU J 245 72.10 25.95 -37.95
C GLU J 245 71.14 24.90 -37.39
N LYS J 246 71.68 23.86 -36.76
CA LYS J 246 70.86 22.90 -36.02
C LYS J 246 70.17 23.61 -34.86
N TYR J 247 70.94 24.46 -34.18
CA TYR J 247 70.45 25.23 -33.05
C TYR J 247 69.35 26.21 -33.44
N ARG J 248 69.58 26.99 -34.49
CA ARG J 248 68.61 27.99 -34.92
C ARG J 248 67.29 27.37 -35.35
N ALA J 249 67.35 26.17 -35.92
CA ALA J 249 66.15 25.47 -36.35
C ALA J 249 65.35 24.94 -35.17
N LYS J 250 66.05 24.55 -34.10
CA LYS J 250 65.42 24.11 -32.86
C LYS J 250 64.71 25.27 -32.15
N VAL J 251 65.32 26.44 -32.20
CA VAL J 251 64.90 27.59 -31.41
C VAL J 251 63.95 28.51 -32.17
N GLY J 252 64.26 28.79 -33.43
CA GLY J 252 63.43 29.66 -34.24
C GLY J 252 64.11 30.95 -34.69
N SER K 2 100.00 43.43 -7.20
CA SER K 2 99.80 42.83 -8.50
C SER K 2 98.57 43.42 -9.21
N ASP K 3 98.37 43.05 -10.48
CA ASP K 3 97.30 43.67 -11.27
C ASP K 3 96.75 42.80 -12.41
N GLU K 4 97.20 43.07 -13.62
CA GLU K 4 96.75 42.39 -14.84
C GLU K 4 97.55 41.10 -15.09
N ASN K 5 98.58 40.90 -14.26
CA ASN K 5 99.56 39.81 -14.42
C ASN K 5 98.93 38.41 -14.37
N TYR K 6 97.64 38.39 -14.11
CA TYR K 6 96.82 37.20 -13.90
C TYR K 6 96.17 36.71 -15.19
N ARG K 7 95.93 37.64 -16.11
CA ARG K 7 95.42 37.31 -17.43
C ARG K 7 96.41 36.41 -18.18
N ASP K 8 97.70 36.76 -18.09
CA ASP K 8 98.76 36.00 -18.75
C ASP K 8 98.97 34.63 -18.12
N ILE K 9 98.69 34.53 -16.82
CA ILE K 9 98.77 33.26 -16.10
C ILE K 9 97.75 32.27 -16.63
N ALA K 10 96.49 32.72 -16.73
CA ALA K 10 95.42 31.89 -17.26
C ALA K 10 95.69 31.48 -18.71
N LEU K 11 96.25 32.39 -19.49
CA LEU K 11 96.59 32.11 -20.89
C LEU K 11 97.66 31.05 -21.03
N ALA K 12 98.58 31.02 -20.06
CA ALA K 12 99.70 30.08 -20.08
C ALA K 12 99.22 28.63 -19.92
N PHE K 13 97.99 28.47 -19.45
CA PHE K 13 97.42 27.14 -19.26
C PHE K 13 97.05 26.47 -20.58
N LEU K 14 97.17 27.21 -21.67
CA LEU K 14 96.97 26.66 -23.01
C LEU K 14 98.12 25.70 -23.31
N ASP K 15 99.32 26.10 -22.88
CA ASP K 15 100.53 25.33 -23.16
C ASP K 15 100.90 24.41 -22.00
N GLU K 16 100.01 24.34 -20.99
CA GLU K 16 100.22 23.45 -19.86
C GLU K 16 99.79 22.03 -20.21
N SER K 17 100.46 21.05 -19.63
CA SER K 17 100.24 19.64 -19.97
C SER K 17 98.82 19.17 -19.72
N ALA K 18 98.28 18.40 -20.65
CA ALA K 18 96.98 17.77 -20.49
C ALA K 18 97.10 16.29 -20.85
N ASP K 19 97.95 15.58 -20.11
CA ASP K 19 98.19 14.16 -20.38
C ASP K 19 96.92 13.34 -20.20
N SER K 20 96.51 12.64 -21.25
CA SER K 20 95.29 11.84 -21.23
C SER K 20 95.35 10.75 -20.16
N GLY K 21 96.56 10.28 -19.85
CA GLY K 21 96.75 9.24 -18.86
C GLY K 21 96.44 9.70 -17.44
N THR K 22 97.05 10.82 -17.05
CA THR K 22 96.85 11.37 -15.70
C THR K 22 95.42 11.89 -15.51
N ILE K 23 94.84 12.45 -16.58
CA ILE K 23 93.48 12.96 -16.55
C ILE K 23 92.46 11.84 -16.30
N ASN K 24 92.61 10.74 -17.04
CA ASN K 24 91.71 9.60 -16.90
C ASN K 24 91.79 8.97 -15.51
N ALA K 25 92.97 9.00 -14.91
CA ALA K 25 93.16 8.49 -13.55
C ALA K 25 92.38 9.35 -12.55
N TRP K 26 92.39 10.66 -12.76
CA TRP K 26 91.61 11.59 -11.95
C TRP K 26 90.12 11.32 -12.11
N VAL K 27 89.69 11.13 -13.37
CA VAL K 27 88.30 10.83 -13.66
C VAL K 27 87.83 9.61 -12.86
N ASN K 28 88.64 8.55 -12.86
CA ASN K 28 88.31 7.32 -12.13
C ASN K 28 88.19 7.55 -10.61
N GLU K 29 89.07 8.38 -10.06
CA GLU K 29 89.01 8.73 -8.64
C GLU K 29 87.77 9.56 -8.31
N PHE K 30 87.39 10.43 -9.25
CA PHE K 30 86.35 11.41 -9.01
C PHE K 30 84.96 10.95 -9.43
N ALA K 31 84.91 9.97 -10.32
CA ALA K 31 83.64 9.50 -10.89
C ALA K 31 82.67 9.08 -9.80
N TYR K 32 81.38 9.27 -10.08
CA TYR K 32 80.31 8.86 -9.18
C TYR K 32 80.49 7.41 -8.74
N GLN K 33 80.24 7.15 -7.46
CA GLN K 33 80.28 5.80 -6.93
C GLN K 33 79.13 5.59 -5.95
N GLY K 34 78.24 4.66 -6.27
CA GLY K 34 77.09 4.37 -5.42
C GLY K 34 76.19 3.35 -6.10
N PHE K 35 75.10 3.83 -6.68
CA PHE K 35 74.22 2.96 -7.45
C PHE K 35 74.96 2.42 -8.68
N ASP K 36 74.98 1.10 -8.81
CA ASP K 36 75.69 0.45 -9.91
C ASP K 36 75.16 -0.97 -10.12
N PRO K 37 74.40 -1.15 -11.21
CA PRO K 37 73.81 -2.46 -11.59
C PRO K 37 74.85 -3.59 -11.63
N LYS K 38 76.08 -3.28 -12.00
CA LYS K 38 77.16 -4.26 -11.95
C LYS K 38 77.35 -4.75 -10.53
N ARG K 39 77.45 -3.81 -9.60
CA ARG K 39 77.62 -4.11 -8.18
C ARG K 39 76.42 -4.89 -7.63
N ILE K 40 75.22 -4.53 -8.09
CA ILE K 40 74.00 -5.21 -7.67
C ILE K 40 74.01 -6.67 -8.09
N VAL K 41 74.23 -6.91 -9.38
CA VAL K 41 74.29 -8.26 -9.92
C VAL K 41 75.39 -9.07 -9.24
N GLN K 42 76.57 -8.48 -9.13
CA GLN K 42 77.73 -9.12 -8.50
C GLN K 42 77.38 -9.60 -7.09
N LEU K 43 76.87 -8.68 -6.27
CA LEU K 43 76.53 -8.99 -4.88
C LEU K 43 75.44 -10.07 -4.75
N VAL K 44 74.36 -9.91 -5.52
CA VAL K 44 73.30 -10.91 -5.53
C VAL K 44 73.83 -12.30 -5.87
N LYS K 45 74.62 -12.39 -6.94
CA LYS K 45 75.22 -13.64 -7.38
C LYS K 45 76.16 -14.22 -6.32
N GLU K 46 77.01 -13.37 -5.74
CA GLU K 46 77.96 -13.79 -4.71
C GLU K 46 77.24 -14.29 -3.45
N ARG K 47 76.39 -13.45 -2.89
CA ARG K 47 75.69 -13.76 -1.64
C ARG K 47 74.78 -14.96 -1.78
N GLY K 48 74.21 -15.14 -2.98
CA GLY K 48 73.34 -16.27 -3.27
C GLY K 48 74.06 -17.61 -3.38
N THR K 49 75.14 -17.64 -4.17
CA THR K 49 75.91 -18.87 -4.33
C THR K 49 76.59 -19.30 -3.05
N ALA K 50 76.96 -18.33 -2.21
CA ALA K 50 77.59 -18.61 -0.92
C ALA K 50 76.62 -19.32 0.02
N LYS K 51 75.34 -19.28 -0.30
CA LYS K 51 74.30 -19.96 0.47
C LYS K 51 73.78 -21.18 -0.28
N GLY K 52 74.32 -21.43 -1.47
CA GLY K 52 73.96 -22.60 -2.27
C GLY K 52 72.57 -22.54 -2.89
N ARG K 53 72.15 -21.35 -3.29
CA ARG K 53 70.80 -21.16 -3.81
C ARG K 53 70.73 -20.99 -5.32
N ASP K 54 69.58 -21.35 -5.89
CA ASP K 54 69.22 -20.99 -7.26
C ASP K 54 68.98 -19.48 -7.25
N TRP K 55 70.07 -18.70 -7.30
CA TRP K 55 69.97 -17.27 -7.11
C TRP K 55 69.16 -16.59 -8.22
N LYS K 56 69.20 -17.18 -9.41
CA LYS K 56 68.42 -16.66 -10.54
C LYS K 56 66.93 -16.72 -10.24
N LYS K 57 66.51 -17.80 -9.59
CA LYS K 57 65.11 -17.96 -9.19
C LYS K 57 64.77 -16.98 -8.06
N ASP K 58 65.72 -16.77 -7.15
CA ASP K 58 65.54 -15.81 -6.06
C ASP K 58 65.33 -14.41 -6.62
N VAL K 59 66.14 -14.04 -7.62
CA VAL K 59 66.02 -12.74 -8.26
C VAL K 59 64.60 -12.52 -8.76
N LYS K 60 64.07 -13.51 -9.46
CA LYS K 60 62.71 -13.42 -9.95
C LYS K 60 61.71 -13.26 -8.82
N MET K 61 61.87 -14.04 -7.75
CA MET K 61 60.98 -13.94 -6.59
C MET K 61 61.05 -12.56 -5.98
N MET K 62 62.28 -12.04 -5.89
CA MET K 62 62.50 -10.73 -5.31
C MET K 62 61.86 -9.66 -6.18
N ILE K 63 61.95 -9.82 -7.49
CA ILE K 63 61.36 -8.84 -8.42
C ILE K 63 59.84 -8.84 -8.31
N VAL K 64 59.24 -10.02 -8.39
CA VAL K 64 57.80 -10.17 -8.22
C VAL K 64 57.34 -9.60 -6.88
N LEU K 65 58.12 -9.86 -5.83
CA LEU K 65 57.87 -9.30 -4.51
C LEU K 65 57.88 -7.77 -4.56
N ASN K 66 58.84 -7.20 -5.29
CA ASN K 66 58.96 -5.75 -5.41
C ASN K 66 57.79 -5.15 -6.19
N LEU K 67 57.34 -5.85 -7.22
CA LEU K 67 56.28 -5.36 -8.08
C LEU K 67 54.92 -5.30 -7.39
N VAL K 68 54.68 -6.22 -6.45
CA VAL K 68 53.36 -6.31 -5.84
C VAL K 68 53.29 -5.81 -4.40
N ARG K 69 54.44 -5.65 -3.76
CA ARG K 69 54.47 -5.25 -2.34
C ARG K 69 55.34 -4.04 -2.02
N GLY K 70 56.22 -3.68 -2.95
CA GLY K 70 57.05 -2.49 -2.76
C GLY K 70 58.47 -2.78 -2.31
N ASN K 71 58.99 -1.94 -1.43
CA ASN K 71 60.42 -1.95 -1.10
C ASN K 71 60.75 -2.16 0.40
N LYS K 72 59.79 -2.64 1.17
CA LYS K 72 60.03 -2.85 2.61
C LYS K 72 59.67 -4.26 3.09
N PRO K 73 60.61 -5.21 2.91
CA PRO K 73 60.43 -6.64 3.18
C PRO K 73 60.10 -6.98 4.64
N GLU K 74 60.79 -6.37 5.60
CA GLU K 74 60.50 -6.59 7.01
C GLU K 74 59.04 -6.24 7.32
N ALA K 75 58.60 -5.12 6.77
CA ALA K 75 57.25 -4.61 7.02
C ALA K 75 56.18 -5.49 6.38
N MET K 76 56.45 -5.97 5.16
CA MET K 76 55.45 -6.73 4.41
C MET K 76 55.25 -8.16 4.95
N MET K 77 56.23 -8.67 5.70
CA MET K 77 56.11 -9.98 6.33
C MET K 77 55.00 -9.99 7.39
N LYS K 78 54.75 -8.82 7.97
CA LYS K 78 53.71 -8.66 8.99
C LYS K 78 52.33 -8.60 8.35
N LYS K 79 52.30 -8.55 7.03
CA LYS K 79 51.04 -8.51 6.31
C LYS K 79 51.06 -9.53 5.17
N MET K 80 51.34 -10.78 5.53
CA MET K 80 51.54 -11.83 4.54
C MET K 80 51.18 -13.18 5.14
N SER K 81 50.87 -14.17 4.30
CA SER K 81 50.68 -15.53 4.78
C SER K 81 52.00 -16.05 5.33
N GLU K 82 51.93 -17.04 6.23
CA GLU K 82 53.14 -17.61 6.80
C GLU K 82 54.02 -18.26 5.73
N LYS K 83 53.38 -18.85 4.73
CA LYS K 83 54.08 -19.52 3.64
C LYS K 83 54.95 -18.53 2.87
N GLY K 84 54.37 -17.39 2.51
CA GLY K 84 55.06 -16.35 1.78
C GLY K 84 56.07 -15.63 2.64
N ALA K 85 55.70 -15.37 3.90
CA ALA K 85 56.59 -14.70 4.83
C ALA K 85 57.87 -15.51 5.11
N SER K 86 57.74 -16.84 5.11
CA SER K 86 58.88 -17.72 5.30
C SER K 86 59.88 -17.56 4.16
N ILE K 87 59.35 -17.36 2.95
CA ILE K 87 60.18 -17.14 1.77
C ILE K 87 60.91 -15.81 1.84
N VAL K 88 60.16 -14.75 2.14
CA VAL K 88 60.73 -13.41 2.28
C VAL K 88 61.84 -13.38 3.33
N ALA K 89 61.57 -14.03 4.47
CA ALA K 89 62.55 -14.09 5.56
C ALA K 89 63.89 -14.65 5.08
N ASN K 90 63.83 -15.71 4.27
CA ASN K 90 65.04 -16.27 3.65
C ASN K 90 65.73 -15.24 2.76
N LEU K 91 64.97 -14.70 1.81
CA LEU K 91 65.48 -13.69 0.88
C LEU K 91 66.17 -12.53 1.59
N ILE K 92 65.61 -12.12 2.73
CA ILE K 92 66.22 -11.08 3.55
C ILE K 92 67.55 -11.56 4.12
N SER K 93 67.57 -12.79 4.61
CA SER K 93 68.75 -13.36 5.25
C SER K 93 69.94 -13.49 4.30
N VAL K 94 69.75 -14.20 3.19
CA VAL K 94 70.86 -14.48 2.26
C VAL K 94 71.37 -13.23 1.53
N TYR K 95 70.43 -12.40 1.09
CA TYR K 95 70.78 -11.23 0.29
C TYR K 95 70.99 -9.96 1.11
N GLN K 96 70.72 -10.08 2.42
CA GLN K 96 70.92 -8.98 3.35
C GLN K 96 70.11 -7.76 2.90
N LEU K 97 68.84 -7.98 2.65
CA LEU K 97 67.95 -6.93 2.14
C LEU K 97 67.73 -5.83 3.17
N LYS K 98 67.67 -4.59 2.71
CA LYS K 98 67.40 -3.45 3.58
C LYS K 98 66.07 -2.79 3.21
N GLU K 99 65.52 -2.02 4.15
CA GLU K 99 64.21 -1.41 4.00
C GLU K 99 64.25 -0.11 3.21
N GLY K 100 65.44 0.25 2.73
CA GLY K 100 65.63 1.50 2.01
C GLY K 100 66.92 2.19 2.43
N ASN K 101 67.06 3.45 2.03
CA ASN K 101 68.26 4.25 2.34
C ASN K 101 69.56 3.51 2.02
N PRO K 102 69.73 3.08 0.75
CA PRO K 102 70.81 2.16 0.41
C PRO K 102 72.20 2.79 0.38
N GLY K 103 73.22 2.02 0.75
CA GLY K 103 74.61 2.39 0.58
C GLY K 103 75.17 1.70 -0.66
N ARG K 104 76.48 1.82 -0.88
CA ARG K 104 77.09 1.25 -2.08
C ARG K 104 77.00 -0.28 -2.12
N ASP K 105 77.07 -0.91 -0.96
CA ASP K 105 77.07 -2.37 -0.89
C ASP K 105 75.71 -2.97 -0.50
N THR K 106 74.69 -2.12 -0.38
CA THR K 106 73.39 -2.59 0.06
C THR K 106 72.52 -3.06 -1.11
N ILE K 107 71.70 -4.06 -0.84
CA ILE K 107 70.76 -4.58 -1.83
C ILE K 107 69.33 -4.37 -1.37
N THR K 108 68.53 -3.79 -2.25
CA THR K 108 67.10 -3.60 -2.01
C THR K 108 66.31 -4.28 -3.11
N LEU K 109 65.03 -4.51 -2.87
CA LEU K 109 64.15 -5.07 -3.88
C LEU K 109 64.14 -4.18 -5.12
N SER K 110 64.11 -2.87 -4.90
CA SER K 110 64.13 -1.90 -5.99
C SER K 110 65.40 -2.03 -6.84
N ARG K 111 66.53 -2.24 -6.19
CA ARG K 111 67.80 -2.37 -6.89
C ARG K 111 67.88 -3.66 -7.71
N VAL K 112 67.26 -4.72 -7.21
CA VAL K 112 67.19 -5.98 -7.94
C VAL K 112 66.34 -5.82 -9.20
N SER K 113 65.17 -5.20 -9.05
CA SER K 113 64.29 -4.92 -10.18
C SER K 113 64.95 -4.05 -11.25
N ALA K 114 65.81 -3.14 -10.82
CA ALA K 114 66.49 -2.24 -11.75
C ALA K 114 67.65 -2.94 -12.47
N ALA K 115 68.47 -3.67 -11.70
CA ALA K 115 69.62 -4.35 -12.28
C ALA K 115 69.21 -5.49 -13.21
N PHE K 116 68.19 -6.24 -12.81
CA PHE K 116 67.70 -7.34 -13.61
C PHE K 116 66.45 -6.94 -14.38
N VAL K 117 66.43 -5.69 -14.83
CA VAL K 117 65.31 -5.15 -15.60
C VAL K 117 64.91 -5.92 -16.89
N PRO K 118 65.87 -6.58 -17.58
CA PRO K 118 65.38 -7.34 -18.74
C PRO K 118 64.39 -8.45 -18.37
N TRP K 119 64.37 -8.86 -17.11
CA TRP K 119 63.37 -9.81 -16.65
C TRP K 119 62.17 -9.11 -16.06
N THR K 120 62.43 -8.08 -15.25
CA THR K 120 61.40 -7.25 -14.66
C THR K 120 60.39 -6.84 -15.70
N VAL K 121 60.89 -6.41 -16.85
CA VAL K 121 60.08 -5.88 -17.93
C VAL K 121 59.18 -6.95 -18.57
N GLN K 122 59.51 -8.21 -18.34
CA GLN K 122 58.71 -9.32 -18.87
C GLN K 122 57.62 -9.72 -17.87
N ALA K 123 57.96 -9.68 -16.59
CA ALA K 123 57.04 -10.03 -15.52
C ALA K 123 55.86 -9.06 -15.48
N LEU K 124 56.13 -7.81 -15.85
CA LEU K 124 55.11 -6.77 -15.90
C LEU K 124 53.97 -7.12 -16.87
N ARG K 125 54.28 -7.92 -17.90
CA ARG K 125 53.29 -8.33 -18.88
C ARG K 125 52.24 -9.23 -18.25
N VAL K 126 52.58 -9.82 -17.10
CA VAL K 126 51.77 -10.83 -16.44
C VAL K 126 51.09 -10.30 -15.17
N LEU K 127 51.76 -9.37 -14.50
CA LEU K 127 51.36 -8.86 -13.19
C LEU K 127 50.46 -7.64 -13.22
N SER K 128 50.23 -7.11 -14.43
CA SER K 128 49.61 -5.79 -14.63
C SER K 128 48.47 -5.43 -13.68
N GLU K 129 47.66 -6.40 -13.30
CA GLU K 129 46.49 -6.14 -12.45
C GLU K 129 46.76 -6.26 -10.95
N SER K 130 47.95 -6.76 -10.60
CA SER K 130 48.35 -6.89 -9.20
C SER K 130 49.31 -5.77 -8.77
N LEU K 131 49.60 -4.85 -9.69
CA LEU K 131 50.49 -3.72 -9.43
C LEU K 131 49.77 -2.65 -8.60
N PRO K 132 50.54 -1.81 -7.88
CA PRO K 132 49.96 -0.69 -7.10
C PRO K 132 49.10 0.20 -7.98
N VAL K 133 49.56 0.51 -9.18
CA VAL K 133 48.70 1.09 -10.20
C VAL K 133 48.43 0.01 -11.25
N SER K 134 47.17 -0.41 -11.36
CA SER K 134 46.80 -1.47 -12.29
C SER K 134 46.94 -1.02 -13.74
N GLY K 135 47.09 -2.00 -14.64
CA GLY K 135 47.13 -1.72 -16.07
C GLY K 135 45.83 -1.12 -16.56
N THR K 136 44.71 -1.61 -16.04
CA THR K 136 43.39 -1.07 -16.39
C THR K 136 43.27 0.41 -16.01
N THR K 137 43.90 0.79 -14.90
CA THR K 137 43.91 2.18 -14.46
C THR K 137 44.72 3.04 -15.43
N MET K 138 45.91 2.56 -15.78
CA MET K 138 46.75 3.26 -16.76
C MET K 138 46.09 3.31 -18.13
N ASP K 139 45.34 2.26 -18.46
CA ASP K 139 44.62 2.21 -19.73
C ASP K 139 43.56 3.30 -19.83
N ALA K 140 43.07 3.76 -18.68
CA ALA K 140 42.03 4.78 -18.63
C ALA K 140 42.63 6.19 -18.62
N ILE K 141 43.78 6.33 -17.96
CA ILE K 141 44.53 7.59 -17.94
C ILE K 141 45.12 7.87 -19.32
N ALA K 142 45.86 6.91 -19.86
CA ALA K 142 46.21 6.95 -21.27
C ALA K 142 44.93 6.71 -22.04
N GLY K 143 44.88 7.10 -23.30
CA GLY K 143 43.67 6.85 -24.10
C GLY K 143 43.69 5.46 -24.69
N VAL K 144 44.76 4.72 -24.40
CA VAL K 144 45.03 3.46 -25.07
C VAL K 144 45.45 2.40 -24.06
N THR K 145 45.76 1.20 -24.54
CA THR K 145 46.33 0.19 -23.67
C THR K 145 47.79 0.55 -23.37
N TYR K 146 48.03 1.07 -22.17
CA TYR K 146 49.37 1.49 -21.77
C TYR K 146 50.32 0.30 -21.75
N PRO K 147 51.50 0.45 -22.39
CA PRO K 147 52.49 -0.62 -22.48
C PRO K 147 52.90 -1.13 -21.09
N ARG K 148 52.60 -2.39 -20.81
CA ARG K 148 52.84 -2.99 -19.51
C ARG K 148 54.32 -2.94 -19.12
N ALA K 149 55.19 -3.02 -20.12
CA ALA K 149 56.63 -3.01 -19.89
C ALA K 149 57.12 -1.74 -19.20
N MET K 150 56.34 -0.67 -19.33
CA MET K 150 56.71 0.64 -18.79
C MET K 150 56.26 0.82 -17.34
N MET K 151 55.38 -0.07 -16.87
CA MET K 151 54.71 0.14 -15.59
C MET K 151 55.56 -0.17 -14.37
N HIS K 152 56.80 0.33 -14.38
CA HIS K 152 57.70 0.27 -13.23
C HIS K 152 58.85 1.24 -13.45
N PRO K 153 59.34 1.88 -12.37
CA PRO K 153 60.45 2.84 -12.47
C PRO K 153 61.70 2.26 -13.16
N SER K 154 61.92 0.96 -13.02
CA SER K 154 63.11 0.31 -13.58
C SER K 154 63.17 0.34 -15.11
N PHE K 155 62.04 0.64 -15.75
CA PHE K 155 61.99 0.73 -17.21
C PHE K 155 62.91 1.82 -17.74
N ALA K 156 63.14 2.85 -16.92
CA ALA K 156 63.96 3.98 -17.33
C ALA K 156 65.37 3.53 -17.70
N GLY K 157 65.83 2.46 -17.06
CA GLY K 157 67.18 1.94 -17.26
C GLY K 157 67.46 1.42 -18.65
N ILE K 158 66.42 1.15 -19.43
CA ILE K 158 66.61 0.66 -20.80
C ILE K 158 66.24 1.69 -21.87
N ILE K 159 65.90 2.90 -21.45
CA ILE K 159 65.60 3.97 -22.38
C ILE K 159 66.86 4.60 -22.99
N ASP K 160 66.96 4.58 -24.32
CA ASP K 160 68.02 5.30 -25.03
C ASP K 160 67.48 6.65 -25.49
N LEU K 161 67.89 7.71 -24.80
CA LEU K 161 67.42 9.07 -25.10
C LEU K 161 67.92 9.56 -26.45
N ASP K 162 68.98 8.94 -26.96
CA ASP K 162 69.61 9.39 -28.20
C ASP K 162 69.11 8.65 -29.44
N LEU K 163 67.98 7.96 -29.31
CA LEU K 163 67.31 7.35 -30.46
C LEU K 163 66.88 8.44 -31.45
N PRO K 164 67.02 8.15 -32.75
CA PRO K 164 66.72 9.10 -33.83
C PRO K 164 65.30 9.67 -33.77
N ASN K 165 65.14 10.90 -34.26
CA ASN K 165 63.83 11.55 -34.37
C ASN K 165 63.11 11.77 -33.04
N GLY K 166 63.90 11.93 -31.97
CA GLY K 166 63.34 12.18 -30.66
C GLY K 166 62.53 11.01 -30.14
N ALA K 167 62.85 9.81 -30.63
CA ALA K 167 62.14 8.60 -30.20
C ALA K 167 62.35 8.36 -28.71
N GLY K 168 63.59 8.57 -28.26
CA GLY K 168 63.93 8.40 -26.86
C GLY K 168 63.17 9.36 -25.97
N ALA K 169 63.06 10.61 -26.42
CA ALA K 169 62.30 11.62 -25.67
C ALA K 169 60.84 11.22 -25.53
N THR K 170 60.26 10.73 -26.63
CA THR K 170 58.87 10.29 -26.65
C THR K 170 58.65 9.11 -25.70
N ILE K 171 59.61 8.18 -25.66
CA ILE K 171 59.56 7.04 -24.75
C ILE K 171 59.61 7.49 -23.29
N ALA K 172 60.52 8.41 -22.99
CA ALA K 172 60.63 8.99 -21.64
C ALA K 172 59.32 9.70 -21.24
N ASP K 173 58.71 10.41 -22.19
CA ASP K 173 57.45 11.09 -21.94
C ASP K 173 56.37 10.08 -21.58
N ALA K 174 56.27 9.03 -22.40
CA ALA K 174 55.27 7.99 -22.18
C ALA K 174 55.45 7.31 -20.82
N HIS K 175 56.70 7.12 -20.42
CA HIS K 175 57.02 6.51 -19.13
C HIS K 175 56.65 7.44 -17.98
N GLY K 176 56.79 8.75 -18.20
CA GLY K 176 56.49 9.74 -17.19
C GLY K 176 55.02 9.72 -16.81
N LEU K 177 54.17 9.35 -17.77
CA LEU K 177 52.74 9.24 -17.52
C LEU K 177 52.45 8.24 -16.41
N PHE K 178 53.19 7.13 -16.42
CA PHE K 178 53.05 6.13 -15.37
C PHE K 178 53.69 6.60 -14.08
N MET K 179 54.87 7.21 -14.20
CA MET K 179 55.64 7.63 -13.04
C MET K 179 54.88 8.63 -12.15
N ILE K 180 54.03 9.45 -12.75
CA ILE K 180 53.19 10.37 -11.99
C ILE K 180 52.23 9.59 -11.08
N GLU K 181 51.56 8.60 -11.66
CA GLU K 181 50.59 7.80 -10.91
C GLU K 181 51.28 6.97 -9.83
N PHE K 182 52.41 6.38 -10.19
CA PHE K 182 53.17 5.56 -9.26
C PHE K 182 53.66 6.39 -8.07
N SER K 183 54.19 7.57 -8.35
CA SER K 183 54.70 8.46 -7.29
C SER K 183 53.58 8.92 -6.34
N LYS K 184 52.38 9.06 -6.87
CA LYS K 184 51.25 9.52 -6.06
C LYS K 184 50.69 8.41 -5.20
N THR K 185 50.80 7.17 -5.67
CA THR K 185 50.26 6.03 -4.92
C THR K 185 51.11 5.69 -3.70
N ILE K 186 52.42 5.77 -3.86
CA ILE K 186 53.33 5.41 -2.76
C ILE K 186 53.68 6.61 -1.86
N ASN K 187 53.26 7.81 -2.28
CA ASN K 187 53.41 9.00 -1.46
C ASN K 187 52.14 9.87 -1.52
N PRO K 188 51.22 9.65 -0.56
CA PRO K 188 49.90 10.29 -0.55
C PRO K 188 49.97 11.81 -0.48
N SER K 189 51.11 12.34 -0.03
CA SER K 189 51.29 13.79 0.08
C SER K 189 51.45 14.45 -1.29
N LEU K 190 51.41 13.66 -2.35
CA LEU K 190 51.57 14.17 -3.70
C LEU K 190 50.27 14.13 -4.49
N ARG K 191 49.23 13.53 -3.89
CA ARG K 191 47.98 13.29 -4.59
C ARG K 191 47.21 14.58 -4.89
N THR K 192 47.46 15.61 -4.10
CA THR K 192 46.79 16.90 -4.27
C THR K 192 47.67 17.87 -5.06
N LYS K 193 48.85 17.42 -5.48
CA LYS K 193 49.78 18.25 -6.23
C LYS K 193 49.47 18.26 -7.72
N GLN K 194 50.01 19.24 -8.43
CA GLN K 194 49.86 19.32 -9.88
C GLN K 194 50.83 18.35 -10.56
N ALA K 195 50.55 18.00 -11.82
CA ALA K 195 51.36 17.04 -12.56
C ALA K 195 52.84 17.38 -12.57
N ASN K 196 53.16 18.62 -12.93
CA ASN K 196 54.55 19.07 -12.99
C ASN K 196 55.25 19.07 -11.63
N GLU K 197 54.48 19.29 -10.57
CA GLU K 197 55.01 19.22 -9.22
C GLU K 197 55.37 17.77 -8.85
N VAL K 198 54.52 16.84 -9.26
CA VAL K 198 54.77 15.42 -8.99
C VAL K 198 55.95 14.92 -9.82
N ALA K 199 56.02 15.37 -11.08
CA ALA K 199 57.12 14.98 -11.95
C ALA K 199 58.46 15.43 -11.38
N ALA K 200 58.47 16.61 -10.76
CA ALA K 200 59.68 17.16 -10.16
C ALA K 200 60.27 16.29 -9.05
N THR K 201 59.45 15.41 -8.47
CA THR K 201 59.89 14.55 -7.38
C THR K 201 60.65 13.30 -7.86
N PHE K 202 60.49 12.95 -9.13
CA PHE K 202 61.16 11.74 -9.65
C PHE K 202 62.13 11.98 -10.81
N GLU K 203 62.03 13.11 -11.49
CA GLU K 203 62.75 13.25 -12.76
C GLU K 203 64.27 13.36 -12.65
N LYS K 204 64.79 13.69 -11.46
CA LYS K 204 66.24 13.71 -11.28
C LYS K 204 66.86 12.29 -11.16
N PRO K 205 66.33 11.43 -10.26
CA PRO K 205 66.84 10.05 -10.27
C PRO K 205 66.41 9.28 -11.51
N ASN K 206 65.32 9.72 -12.13
CA ASN K 206 64.84 9.12 -13.38
C ASN K 206 65.80 9.46 -14.54
N MET K 207 66.36 10.66 -14.51
CA MET K 207 67.34 11.06 -15.51
C MET K 207 68.63 10.27 -15.34
N ALA K 208 69.02 10.04 -14.09
CA ALA K 208 70.20 9.25 -13.77
C ALA K 208 70.07 7.84 -14.35
N ALA K 209 68.87 7.28 -14.29
CA ALA K 209 68.60 5.95 -14.81
C ALA K 209 68.70 5.89 -16.33
N MET K 210 68.03 6.84 -16.98
CA MET K 210 68.03 6.90 -18.44
C MET K 210 69.43 7.18 -19.03
N SER K 211 70.26 7.91 -18.28
CA SER K 211 71.59 8.27 -18.76
C SER K 211 72.70 7.36 -18.19
N GLY K 212 72.29 6.27 -17.55
CA GLY K 212 73.24 5.28 -17.08
C GLY K 212 73.93 4.60 -18.24
N ARG K 213 75.11 4.04 -17.98
CA ARG K 213 75.90 3.42 -19.05
C ARG K 213 76.15 1.94 -18.82
N PHE K 214 75.31 1.32 -17.99
CA PHE K 214 75.38 -0.12 -17.75
C PHE K 214 75.04 -0.86 -19.05
N PHE K 215 73.93 -0.50 -19.66
CA PHE K 215 73.55 -1.05 -20.96
C PHE K 215 74.06 -0.16 -22.07
N THR K 216 74.57 -0.76 -23.15
CA THR K 216 74.99 0.00 -24.32
C THR K 216 73.76 0.43 -25.11
N ARG K 217 73.95 1.31 -26.08
CA ARG K 217 72.85 1.80 -26.91
C ARG K 217 72.24 0.67 -27.73
N GLU K 218 73.05 -0.32 -28.06
CA GLU K 218 72.61 -1.46 -28.83
C GLU K 218 71.82 -2.43 -27.92
N ASP K 219 72.20 -2.48 -26.66
CA ASP K 219 71.49 -3.29 -25.67
C ASP K 219 70.09 -2.71 -25.45
N LYS K 220 70.02 -1.41 -25.25
CA LYS K 220 68.75 -0.73 -25.01
C LYS K 220 67.84 -0.87 -26.23
N LYS K 221 68.43 -0.71 -27.41
CA LYS K 221 67.68 -0.82 -28.66
C LYS K 221 67.05 -2.20 -28.78
N LYS K 222 67.83 -3.23 -28.47
CA LYS K 222 67.35 -4.61 -28.50
C LYS K 222 66.26 -4.86 -27.46
N LEU K 223 66.50 -4.39 -26.24
CA LEU K 223 65.53 -4.51 -25.14
C LEU K 223 64.20 -3.86 -25.51
N LEU K 224 64.27 -2.64 -26.06
CA LEU K 224 63.07 -1.89 -26.43
C LEU K 224 62.27 -2.57 -27.53
N ILE K 225 62.97 -3.15 -28.51
CA ILE K 225 62.34 -3.91 -29.58
C ILE K 225 61.69 -5.18 -29.02
N ALA K 226 62.46 -5.92 -28.22
CA ALA K 226 62.01 -7.19 -27.66
C ALA K 226 60.73 -7.04 -26.86
N VAL K 227 60.52 -5.86 -26.30
CA VAL K 227 59.40 -5.64 -25.39
C VAL K 227 58.28 -4.83 -26.05
N GLY K 228 58.46 -4.50 -27.34
CA GLY K 228 57.38 -3.95 -28.15
C GLY K 228 57.19 -2.43 -28.14
N ILE K 229 58.08 -1.72 -27.45
CA ILE K 229 58.03 -0.26 -27.44
C ILE K 229 58.29 0.29 -28.84
N ILE K 230 59.23 -0.37 -29.53
CA ILE K 230 59.67 0.08 -30.85
C ILE K 230 59.87 -1.15 -31.73
N ASP K 231 59.83 -0.99 -33.06
CA ASP K 231 60.05 -2.13 -33.95
C ASP K 231 61.47 -2.16 -34.54
N GLU K 232 61.72 -3.12 -35.44
CA GLU K 232 63.04 -3.27 -36.07
C GLU K 232 63.41 -2.03 -36.88
N ASP K 233 62.41 -1.34 -37.41
CA ASP K 233 62.63 -0.13 -38.21
C ASP K 233 62.69 1.12 -37.33
N LEU K 234 62.74 0.91 -36.01
CA LEU K 234 62.79 2.00 -35.03
C LEU K 234 61.52 2.86 -35.00
N VAL K 235 60.39 2.25 -35.36
CA VAL K 235 59.10 2.94 -35.33
C VAL K 235 58.39 2.70 -34.00
N LEU K 236 57.98 3.79 -33.35
CA LEU K 236 57.27 3.71 -32.08
C LEU K 236 55.86 3.14 -32.25
N ALA K 237 55.42 2.36 -31.26
CA ALA K 237 54.02 1.92 -31.21
C ALA K 237 53.13 3.11 -30.88
N SER K 238 51.95 3.15 -31.48
CA SER K 238 51.05 4.29 -31.30
C SER K 238 50.67 4.51 -29.85
N ALA K 239 50.62 3.43 -29.08
CA ALA K 239 50.30 3.50 -27.66
C ALA K 239 51.34 4.36 -26.91
N VAL K 240 52.60 4.21 -27.30
CA VAL K 240 53.67 4.99 -26.70
C VAL K 240 53.52 6.47 -27.00
N VAL K 241 53.35 6.81 -28.28
CA VAL K 241 53.30 8.21 -28.68
C VAL K 241 52.05 8.92 -28.15
N ARG K 242 50.94 8.19 -28.02
CA ARG K 242 49.71 8.77 -27.50
C ARG K 242 49.75 8.93 -25.98
N SER K 243 50.47 8.02 -25.32
CA SER K 243 50.73 8.14 -23.88
C SER K 243 51.65 9.34 -23.65
N ALA K 244 52.60 9.52 -24.55
CA ALA K 244 53.56 10.62 -24.46
C ALA K 244 52.90 11.99 -24.53
N GLU K 245 51.93 12.15 -25.44
CA GLU K 245 51.27 13.44 -25.59
C GLU K 245 50.30 13.73 -24.44
N LYS K 246 49.83 12.68 -23.78
CA LYS K 246 49.03 12.83 -22.56
C LYS K 246 49.89 13.43 -21.46
N TYR K 247 51.13 12.93 -21.37
CA TYR K 247 52.09 13.38 -20.37
C TYR K 247 52.49 14.83 -20.59
N ARG K 248 52.83 15.18 -21.83
CA ARG K 248 53.23 16.54 -22.17
C ARG K 248 52.12 17.55 -21.93
N ALA K 249 50.87 17.12 -22.11
CA ALA K 249 49.73 18.00 -21.85
C ALA K 249 49.59 18.26 -20.35
N LYS K 250 49.79 17.21 -19.56
CA LYS K 250 49.70 17.28 -18.09
C LYS K 250 50.71 18.24 -17.49
N VAL K 251 51.95 18.19 -17.98
CA VAL K 251 53.05 18.93 -17.38
C VAL K 251 53.12 20.38 -17.91
N GLY K 252 52.57 20.62 -19.09
CA GLY K 252 52.54 21.95 -19.67
C GLY K 252 51.67 22.95 -18.92
N ASP L 3 82.37 -5.41 -16.11
CA ASP L 3 81.10 -4.94 -16.65
C ASP L 3 80.45 -5.98 -17.53
N GLU L 4 80.88 -5.99 -18.80
CA GLU L 4 80.41 -6.88 -19.85
C GLU L 4 79.94 -8.25 -19.36
N ASN L 5 80.69 -8.80 -18.41
CA ASN L 5 80.38 -10.10 -17.81
C ASN L 5 79.05 -10.09 -17.05
N TYR L 6 78.82 -9.04 -16.26
CA TYR L 6 77.60 -8.90 -15.48
C TYR L 6 76.50 -8.27 -16.33
N ARG L 7 76.90 -7.57 -17.39
CA ARG L 7 75.97 -7.07 -18.38
C ARG L 7 75.40 -8.24 -19.18
N ASP L 8 76.25 -9.22 -19.50
CA ASP L 8 75.82 -10.44 -20.18
C ASP L 8 74.87 -11.28 -19.31
N ILE L 9 75.08 -11.23 -18.00
CA ILE L 9 74.20 -11.90 -17.06
C ILE L 9 72.80 -11.27 -17.08
N ALA L 10 72.76 -9.95 -17.06
CA ALA L 10 71.50 -9.23 -17.03
C ALA L 10 70.69 -9.47 -18.30
N LEU L 11 71.36 -9.41 -19.45
CA LEU L 11 70.71 -9.62 -20.74
C LEU L 11 70.17 -11.05 -20.89
N ALA L 12 70.82 -12.02 -20.25
CA ALA L 12 70.37 -13.41 -20.31
C ALA L 12 69.00 -13.61 -19.65
N PHE L 13 68.62 -12.67 -18.78
CA PHE L 13 67.31 -12.74 -18.14
C PHE L 13 66.18 -12.38 -19.09
N LEU L 14 66.53 -11.81 -20.24
CA LEU L 14 65.56 -11.49 -21.28
C LEU L 14 64.93 -12.78 -21.78
N ASP L 15 65.75 -13.80 -21.99
CA ASP L 15 65.27 -15.09 -22.47
C ASP L 15 64.97 -16.03 -21.30
N GLU L 16 64.97 -15.49 -20.10
CA GLU L 16 64.74 -16.31 -18.92
C GLU L 16 63.25 -16.59 -18.72
N SER L 17 62.96 -17.81 -18.27
CA SER L 17 61.59 -18.22 -17.99
C SER L 17 60.95 -17.38 -16.89
N ALA L 18 59.98 -16.60 -17.33
CA ALA L 18 59.05 -15.83 -16.52
C ALA L 18 57.65 -16.43 -16.72
N ASP L 19 57.46 -17.64 -16.21
CA ASP L 19 56.18 -18.32 -16.31
C ASP L 19 55.12 -17.59 -15.49
N SER L 20 54.00 -17.27 -16.15
CA SER L 20 52.92 -16.50 -15.53
C SER L 20 52.35 -17.18 -14.29
N GLY L 21 52.14 -18.49 -14.38
CA GLY L 21 51.61 -19.26 -13.28
C GLY L 21 52.51 -19.31 -12.06
N THR L 22 53.81 -19.48 -12.28
CA THR L 22 54.79 -19.51 -11.19
C THR L 22 54.90 -18.15 -10.52
N ILE L 23 54.86 -17.09 -11.33
CA ILE L 23 54.93 -15.72 -10.82
C ILE L 23 53.69 -15.36 -10.02
N ASN L 24 52.53 -15.66 -10.57
CA ASN L 24 51.25 -15.40 -9.88
C ASN L 24 51.12 -16.13 -8.55
N ALA L 25 51.74 -17.31 -8.46
CA ALA L 25 51.80 -18.05 -7.21
C ALA L 25 52.57 -17.26 -6.15
N TRP L 26 53.69 -16.66 -6.56
CA TRP L 26 54.48 -15.82 -5.65
C TRP L 26 53.71 -14.58 -5.22
N VAL L 27 52.97 -13.99 -6.16
CA VAL L 27 52.17 -12.81 -5.87
C VAL L 27 51.18 -13.09 -4.76
N ASN L 28 50.53 -14.25 -4.85
CA ASN L 28 49.55 -14.64 -3.85
C ASN L 28 50.18 -14.93 -2.49
N GLU L 29 51.38 -15.50 -2.49
CA GLU L 29 52.11 -15.72 -1.25
C GLU L 29 52.49 -14.38 -0.62
N PHE L 30 53.05 -13.50 -1.44
CA PHE L 30 53.58 -12.22 -1.00
C PHE L 30 52.49 -11.18 -0.81
N ALA L 31 51.26 -11.53 -1.21
CA ALA L 31 50.13 -10.60 -1.15
C ALA L 31 49.91 -9.99 0.22
N TYR L 32 49.41 -8.76 0.25
CA TYR L 32 49.08 -8.09 1.49
C TYR L 32 48.02 -8.86 2.28
N GLN L 33 48.27 -9.06 3.56
CA GLN L 33 47.29 -9.70 4.44
C GLN L 33 47.12 -8.86 5.69
N GLY L 34 45.93 -8.27 5.86
CA GLY L 34 45.67 -7.40 7.00
C GLY L 34 45.92 -8.07 8.33
N PHE L 35 45.32 -9.24 8.51
CA PHE L 35 45.48 -10.01 9.73
C PHE L 35 45.08 -11.47 9.50
N ASP L 36 45.48 -12.33 10.42
CA ASP L 36 45.10 -13.75 10.37
C ASP L 36 44.10 -14.05 11.48
N PRO L 37 42.85 -14.38 11.12
CA PRO L 37 41.79 -14.68 12.09
C PRO L 37 42.26 -15.77 13.05
N LYS L 38 42.93 -16.79 12.51
CA LYS L 38 43.47 -17.89 13.29
C LYS L 38 44.37 -17.38 14.43
N ARG L 39 45.26 -16.47 14.09
CA ARG L 39 46.17 -15.88 15.07
C ARG L 39 45.39 -15.07 16.11
N ILE L 40 44.29 -14.45 15.68
CA ILE L 40 43.49 -13.62 16.56
C ILE L 40 42.82 -14.43 17.67
N VAL L 41 42.13 -15.51 17.31
CA VAL L 41 41.46 -16.32 18.33
C VAL L 41 42.49 -16.98 19.25
N GLN L 42 43.68 -17.24 18.71
CA GLN L 42 44.78 -17.82 19.50
C GLN L 42 45.22 -16.85 20.59
N LEU L 43 45.54 -15.62 20.19
CA LEU L 43 46.02 -14.61 21.12
C LEU L 43 44.96 -14.23 22.15
N VAL L 44 43.69 -14.21 21.74
CA VAL L 44 42.59 -13.92 22.65
C VAL L 44 42.50 -14.98 23.74
N LYS L 45 42.49 -16.25 23.33
CA LYS L 45 42.42 -17.36 24.28
C LYS L 45 43.66 -17.42 25.18
N GLU L 46 44.84 -17.22 24.60
CA GLU L 46 46.08 -17.27 25.38
C GLU L 46 46.15 -16.13 26.40
N ARG L 47 45.98 -14.90 25.94
CA ARG L 47 46.07 -13.73 26.83
C ARG L 47 44.94 -13.70 27.87
N GLY L 48 43.77 -14.19 27.49
CA GLY L 48 42.64 -14.25 28.40
C GLY L 48 42.84 -15.24 29.53
N THR L 49 43.20 -16.48 29.19
CA THR L 49 43.43 -17.52 30.19
C THR L 49 44.60 -17.16 31.12
N ALA L 50 45.61 -16.48 30.57
CA ALA L 50 46.79 -16.10 31.34
C ALA L 50 46.46 -15.13 32.48
N LYS L 51 45.28 -14.53 32.42
CA LYS L 51 44.84 -13.59 33.45
C LYS L 51 43.64 -14.15 34.20
N GLY L 52 43.37 -15.44 34.00
CA GLY L 52 42.27 -16.10 34.67
C GLY L 52 40.93 -15.46 34.39
N ARG L 53 40.62 -15.28 33.11
CA ARG L 53 39.39 -14.60 32.71
C ARG L 53 38.46 -15.52 31.92
N ASP L 54 37.16 -15.27 32.02
CA ASP L 54 36.19 -15.87 31.12
C ASP L 54 36.40 -15.21 29.77
N TRP L 55 37.38 -15.69 29.02
CA TRP L 55 37.77 -15.04 27.76
C TRP L 55 36.67 -15.12 26.70
N LYS L 56 35.88 -16.19 26.74
CA LYS L 56 34.74 -16.31 25.84
C LYS L 56 33.73 -15.19 26.08
N LYS L 57 33.56 -14.82 27.35
CA LYS L 57 32.66 -13.72 27.71
C LYS L 57 33.27 -12.39 27.29
N ASP L 58 34.60 -12.27 27.43
CA ASP L 58 35.30 -11.05 27.03
C ASP L 58 35.19 -10.83 25.52
N VAL L 59 35.20 -11.93 24.76
CA VAL L 59 35.02 -11.86 23.32
C VAL L 59 33.68 -11.22 22.99
N LYS L 60 32.64 -11.67 23.68
CA LYS L 60 31.29 -11.13 23.47
C LYS L 60 31.23 -9.64 23.77
N MET L 61 31.81 -9.25 24.90
CA MET L 61 31.86 -7.83 25.27
C MET L 61 32.62 -7.00 24.26
N MET L 62 33.77 -7.50 23.82
CA MET L 62 34.58 -6.77 22.83
C MET L 62 33.83 -6.62 21.51
N ILE L 63 33.08 -7.66 21.13
CA ILE L 63 32.29 -7.61 19.90
C ILE L 63 31.17 -6.55 20.01
N VAL L 64 30.39 -6.64 21.07
CA VAL L 64 29.34 -5.65 21.32
C VAL L 64 29.93 -4.24 21.37
N LEU L 65 31.04 -4.10 22.07
CA LEU L 65 31.76 -2.82 22.14
C LEU L 65 32.15 -2.33 20.75
N ASN L 66 32.61 -3.26 19.91
CA ASN L 66 32.98 -2.92 18.53
C ASN L 66 31.78 -2.52 17.67
N LEU L 67 30.67 -3.22 17.86
CA LEU L 67 29.46 -2.94 17.10
C LEU L 67 28.88 -1.55 17.38
N VAL L 68 28.93 -1.11 18.63
CA VAL L 68 28.27 0.16 19.02
C VAL L 68 29.22 1.35 19.10
N ARG L 69 30.52 1.11 19.24
CA ARG L 69 31.48 2.19 19.42
C ARG L 69 32.60 2.27 18.38
N GLY L 70 32.83 1.19 17.66
CA GLY L 70 33.84 1.20 16.60
C GLY L 70 35.16 0.57 16.98
N ASN L 71 36.25 1.14 16.46
CA ASN L 71 37.57 0.50 16.57
C ASN L 71 38.64 1.37 17.24
N LYS L 72 38.21 2.32 18.07
CA LYS L 72 39.16 3.20 18.78
C LYS L 72 38.93 3.19 20.28
N PRO L 73 39.48 2.17 20.97
CA PRO L 73 39.26 1.89 22.39
C PRO L 73 39.63 3.05 23.33
N GLU L 74 40.80 3.66 23.14
CA GLU L 74 41.22 4.76 24.00
C GLU L 74 40.32 5.98 23.84
N ALA L 75 39.88 6.24 22.60
CA ALA L 75 39.05 7.39 22.30
C ALA L 75 37.61 7.22 22.79
N MET L 76 37.08 6.00 22.69
CA MET L 76 35.69 5.76 23.07
C MET L 76 35.47 5.87 24.58
N MET L 77 36.54 5.68 25.36
CA MET L 77 36.47 5.78 26.81
C MET L 77 36.27 7.23 27.29
N LYS L 78 36.62 8.17 26.43
CA LYS L 78 36.50 9.58 26.78
C LYS L 78 35.05 10.05 26.69
N LYS L 79 34.20 9.25 26.07
CA LYS L 79 32.78 9.53 25.97
C LYS L 79 31.97 8.29 26.32
N MET L 80 32.06 7.87 27.58
CA MET L 80 31.44 6.63 28.02
C MET L 80 31.14 6.74 29.51
N SER L 81 30.17 5.98 30.00
CA SER L 81 29.89 5.94 31.43
C SER L 81 31.13 5.43 32.15
N GLU L 82 31.31 5.90 33.38
CA GLU L 82 32.46 5.51 34.19
C GLU L 82 32.54 3.98 34.36
N LYS L 83 31.37 3.36 34.48
CA LYS L 83 31.28 1.91 34.63
C LYS L 83 31.80 1.19 33.39
N GLY L 84 31.30 1.59 32.22
CA GLY L 84 31.70 0.97 30.96
C GLY L 84 33.17 1.19 30.64
N ALA L 85 33.64 2.42 30.85
CA ALA L 85 35.03 2.76 30.57
C ALA L 85 36.00 1.95 31.42
N SER L 86 35.57 1.63 32.64
CA SER L 86 36.38 0.82 33.55
C SER L 86 36.66 -0.58 33.00
N ILE L 87 35.65 -1.22 32.41
CA ILE L 87 35.83 -2.55 31.86
C ILE L 87 36.54 -2.54 30.50
N VAL L 88 36.35 -1.46 29.74
CA VAL L 88 37.06 -1.29 28.48
C VAL L 88 38.55 -1.18 28.75
N ALA L 89 38.90 -0.43 29.79
CA ALA L 89 40.28 -0.28 30.22
C ALA L 89 40.93 -1.64 30.51
N ASN L 90 40.17 -2.53 31.14
CA ASN L 90 40.61 -3.88 31.41
C ASN L 90 40.86 -4.65 30.12
N LEU L 91 39.86 -4.66 29.25
CA LEU L 91 39.95 -5.35 27.97
C LEU L 91 41.18 -4.91 27.18
N ILE L 92 41.45 -3.61 27.18
CA ILE L 92 42.65 -3.06 26.56
C ILE L 92 43.90 -3.65 27.21
N SER L 93 43.88 -3.74 28.54
CA SER L 93 45.02 -4.23 29.30
C SER L 93 45.35 -5.70 29.02
N VAL L 94 44.38 -6.59 29.19
CA VAL L 94 44.65 -8.02 29.05
C VAL L 94 44.81 -8.49 27.60
N TYR L 95 44.08 -7.86 26.69
CA TYR L 95 44.16 -8.26 25.28
C TYR L 95 45.10 -7.39 24.43
N GLN L 96 45.66 -6.35 25.06
CA GLN L 96 46.61 -5.46 24.41
C GLN L 96 45.98 -4.87 23.15
N LEU L 97 44.76 -4.38 23.29
CA LEU L 97 44.01 -3.82 22.17
C LEU L 97 44.70 -2.59 21.60
N LYS L 98 44.80 -2.54 20.28
CA LYS L 98 45.27 -1.37 19.57
C LYS L 98 44.18 -0.93 18.60
N GLU L 99 44.41 0.19 17.90
CA GLU L 99 43.42 0.67 16.95
C GLU L 99 43.99 0.71 15.54
N GLY L 100 43.11 0.94 14.56
CA GLY L 100 43.53 1.05 13.18
C GLY L 100 43.93 -0.26 12.53
N ASN L 101 44.98 -0.22 11.73
CA ASN L 101 45.45 -1.39 10.99
C ASN L 101 46.90 -1.75 11.30
N PRO L 102 47.16 -2.32 12.49
CA PRO L 102 48.51 -2.73 12.87
C PRO L 102 48.85 -4.11 12.34
N GLY L 103 49.94 -4.70 12.81
CA GLY L 103 50.41 -5.99 12.35
C GLY L 103 49.43 -7.13 12.59
N ARG L 104 49.74 -8.29 12.03
CA ARG L 104 48.88 -9.48 12.15
C ARG L 104 48.89 -10.07 13.56
N ASP L 105 49.92 -9.75 14.34
CA ASP L 105 50.04 -10.23 15.71
C ASP L 105 49.44 -9.24 16.70
N THR L 106 48.56 -8.37 16.20
CA THR L 106 47.97 -7.33 17.02
C THR L 106 46.45 -7.43 17.01
N ILE L 107 45.85 -7.38 18.20
CA ILE L 107 44.40 -7.49 18.35
C ILE L 107 43.70 -6.13 18.30
N THR L 108 42.66 -6.04 17.47
CA THR L 108 41.78 -4.87 17.46
C THR L 108 40.36 -5.37 17.68
N LEU L 109 39.48 -4.47 18.10
CA LEU L 109 38.07 -4.83 18.27
C LEU L 109 37.47 -5.30 16.94
N SER L 110 37.86 -4.64 15.85
CA SER L 110 37.37 -4.99 14.52
C SER L 110 37.72 -6.43 14.16
N ARG L 111 38.92 -6.84 14.52
CA ARG L 111 39.42 -8.18 14.19
C ARG L 111 38.81 -9.26 15.06
N VAL L 112 38.38 -8.89 16.27
CA VAL L 112 37.70 -9.84 17.14
C VAL L 112 36.32 -10.17 16.57
N SER L 113 35.58 -9.13 16.16
CA SER L 113 34.28 -9.31 15.52
C SER L 113 34.39 -10.13 14.23
N ALA L 114 35.52 -9.99 13.54
CA ALA L 114 35.73 -10.72 12.29
C ALA L 114 36.11 -12.18 12.56
N ALA L 115 37.01 -12.40 13.51
CA ALA L 115 37.45 -13.75 13.83
C ALA L 115 36.34 -14.56 14.48
N PHE L 116 35.57 -13.92 15.35
CA PHE L 116 34.47 -14.61 16.05
C PHE L 116 33.13 -14.24 15.46
N VAL L 117 33.09 -14.08 14.14
CA VAL L 117 31.87 -13.72 13.42
C VAL L 117 30.64 -14.65 13.64
N PRO L 118 30.85 -15.96 13.94
CA PRO L 118 29.64 -16.74 14.25
C PRO L 118 28.87 -16.23 15.47
N TRP L 119 29.50 -15.47 16.34
CA TRP L 119 28.77 -14.84 17.44
C TRP L 119 28.33 -13.43 17.08
N THR L 120 29.21 -12.68 16.41
CA THR L 120 28.92 -11.33 15.93
C THR L 120 27.59 -11.29 15.17
N VAL L 121 27.40 -12.30 14.34
CA VAL L 121 26.26 -12.39 13.46
C VAL L 121 24.96 -12.62 14.24
N GLN L 122 25.09 -13.12 15.47
CA GLN L 122 23.94 -13.35 16.34
C GLN L 122 23.63 -12.12 17.20
N ALA L 123 24.68 -11.40 17.60
CA ALA L 123 24.52 -10.20 18.40
C ALA L 123 23.79 -9.12 17.60
N LEU L 124 24.09 -9.06 16.30
CA LEU L 124 23.43 -8.12 15.40
C LEU L 124 21.91 -8.26 15.39
N ARG L 125 21.43 -9.48 15.61
CA ARG L 125 20.01 -9.78 15.64
C ARG L 125 19.34 -9.11 16.85
N VAL L 126 20.15 -8.72 17.83
CA VAL L 126 19.65 -8.19 19.10
C VAL L 126 19.76 -6.66 19.23
N LEU L 127 20.91 -6.11 18.86
CA LEU L 127 21.20 -4.69 19.08
C LEU L 127 21.16 -3.82 17.82
N SER L 128 20.38 -4.23 16.81
CA SER L 128 20.37 -3.54 15.53
C SER L 128 19.97 -2.07 15.59
N GLU L 129 19.25 -1.67 16.63
CA GLU L 129 18.82 -0.27 16.77
C GLU L 129 19.86 0.61 17.47
N SER L 130 20.94 -0.02 17.96
CA SER L 130 22.00 0.70 18.65
C SER L 130 23.25 0.85 17.78
N LEU L 131 23.15 0.40 16.53
CA LEU L 131 24.23 0.54 15.55
C LEU L 131 24.26 1.95 14.94
N PRO L 132 25.44 2.36 14.41
CA PRO L 132 25.57 3.67 13.76
C PRO L 132 24.52 3.84 12.66
N VAL L 133 24.33 2.79 11.85
CA VAL L 133 23.20 2.71 10.94
C VAL L 133 22.20 1.72 11.53
N SER L 134 21.00 2.19 11.87
CA SER L 134 20.01 1.34 12.54
C SER L 134 19.35 0.36 11.57
N GLY L 135 18.76 -0.70 12.12
CA GLY L 135 18.01 -1.66 11.33
C GLY L 135 16.79 -1.05 10.66
N THR L 136 16.15 -0.11 11.36
CA THR L 136 14.99 0.59 10.80
C THR L 136 15.39 1.44 9.59
N THR L 137 16.59 2.00 9.63
CA THR L 137 17.11 2.78 8.50
C THR L 137 17.28 1.88 7.29
N MET L 138 17.92 0.72 7.50
CA MET L 138 18.11 -0.25 6.43
C MET L 138 16.79 -0.80 5.92
N ASP L 139 15.79 -0.90 6.80
CA ASP L 139 14.45 -1.34 6.40
C ASP L 139 13.84 -0.36 5.41
N ALA L 140 14.16 0.92 5.57
CA ALA L 140 13.61 1.96 4.70
C ALA L 140 14.36 2.02 3.37
N ILE L 141 15.67 1.76 3.42
CA ILE L 141 16.51 1.78 2.22
C ILE L 141 16.21 0.59 1.30
N ALA L 142 16.24 -0.62 1.85
CA ALA L 142 15.69 -1.78 1.17
C ALA L 142 14.17 -1.64 1.20
N GLY L 143 13.45 -2.39 0.37
CA GLY L 143 12.01 -2.29 0.40
C GLY L 143 11.40 -3.19 1.47
N VAL L 144 12.28 -3.91 2.15
CA VAL L 144 11.88 -5.00 3.02
C VAL L 144 12.67 -4.91 4.33
N THR L 145 12.50 -5.91 5.21
CA THR L 145 13.28 -5.96 6.43
C THR L 145 14.69 -6.47 6.10
N TYR L 146 15.67 -5.59 6.20
CA TYR L 146 17.05 -5.94 5.87
C TYR L 146 17.60 -6.89 6.92
N PRO L 147 18.16 -8.03 6.47
CA PRO L 147 18.68 -9.09 7.35
C PRO L 147 19.70 -8.54 8.34
N ARG L 148 19.37 -8.60 9.63
CA ARG L 148 20.20 -7.99 10.67
C ARG L 148 21.64 -8.52 10.69
N ALA L 149 21.82 -9.77 10.27
CA ALA L 149 23.12 -10.43 10.29
C ALA L 149 24.14 -9.77 9.37
N MET L 150 23.66 -9.05 8.37
CA MET L 150 24.52 -8.41 7.38
C MET L 150 25.00 -7.03 7.84
N MET L 151 24.45 -6.54 8.94
CA MET L 151 24.67 -5.15 9.34
C MET L 151 26.01 -4.92 10.05
N HIS L 152 27.07 -5.44 9.46
CA HIS L 152 28.44 -5.19 9.90
C HIS L 152 29.39 -5.70 8.84
N PRO L 153 30.52 -5.02 8.66
CA PRO L 153 31.56 -5.42 7.69
C PRO L 153 32.06 -6.85 7.91
N SER L 154 32.02 -7.34 9.15
CA SER L 154 32.49 -8.68 9.47
C SER L 154 31.65 -9.80 8.85
N PHE L 155 30.45 -9.45 8.36
CA PHE L 155 29.59 -10.44 7.72
C PHE L 155 30.24 -11.02 6.45
N ALA L 156 31.10 -10.22 5.81
CA ALA L 156 31.77 -10.65 4.58
C ALA L 156 32.58 -11.93 4.78
N GLY L 157 32.97 -12.18 6.03
CA GLY L 157 33.78 -13.33 6.37
C GLY L 157 33.08 -14.66 6.22
N ILE L 158 31.76 -14.66 6.17
CA ILE L 158 31.00 -15.90 6.03
C ILE L 158 30.37 -16.06 4.63
N ILE L 159 30.77 -15.19 3.71
CA ILE L 159 30.24 -15.24 2.36
C ILE L 159 31.03 -16.22 1.46
N ASP L 160 30.33 -17.24 0.96
CA ASP L 160 30.92 -18.16 -0.02
C ASP L 160 30.60 -17.67 -1.43
N LEU L 161 31.60 -17.09 -2.08
CA LEU L 161 31.42 -16.52 -3.42
C LEU L 161 31.21 -17.61 -4.47
N ASP L 162 31.66 -18.82 -4.17
CA ASP L 162 31.58 -19.93 -5.11
C ASP L 162 30.33 -20.79 -4.93
N LEU L 163 29.29 -20.19 -4.37
CA LEU L 163 27.97 -20.82 -4.33
C LEU L 163 27.41 -20.91 -5.75
N PRO L 164 26.60 -21.95 -6.02
CA PRO L 164 26.04 -22.15 -7.37
C PRO L 164 25.13 -21.00 -7.82
N ASN L 165 25.03 -20.81 -9.14
CA ASN L 165 24.16 -19.80 -9.73
C ASN L 165 24.48 -18.35 -9.32
N GLY L 166 25.74 -18.11 -8.95
CA GLY L 166 26.16 -16.78 -8.54
C GLY L 166 25.43 -16.26 -7.32
N ALA L 167 24.99 -17.18 -6.47
CA ALA L 167 24.27 -16.82 -5.25
C ALA L 167 25.19 -16.06 -4.30
N GLY L 168 26.48 -16.39 -4.36
CA GLY L 168 27.47 -15.71 -3.55
C GLY L 168 27.60 -14.24 -3.92
N ALA L 169 27.59 -13.95 -5.21
CA ALA L 169 27.65 -12.57 -5.69
C ALA L 169 26.40 -11.79 -5.28
N THR L 170 25.25 -12.47 -5.25
CA THR L 170 23.99 -11.85 -4.88
C THR L 170 24.03 -11.47 -3.39
N ILE L 171 24.50 -12.40 -2.56
CA ILE L 171 24.66 -12.16 -1.14
C ILE L 171 25.63 -10.99 -0.91
N ALA L 172 26.71 -10.98 -1.67
CA ALA L 172 27.71 -9.91 -1.57
C ALA L 172 27.10 -8.55 -1.92
N ASP L 173 26.24 -8.52 -2.93
CA ASP L 173 25.58 -7.29 -3.34
C ASP L 173 24.59 -6.84 -2.27
N ALA L 174 23.86 -7.79 -1.68
CA ALA L 174 22.92 -7.47 -0.63
C ALA L 174 23.65 -6.88 0.58
N HIS L 175 24.84 -7.41 0.87
CA HIS L 175 25.67 -6.90 1.95
C HIS L 175 26.19 -5.50 1.61
N GLY L 176 26.44 -5.26 0.32
CA GLY L 176 26.94 -3.97 -0.13
C GLY L 176 25.93 -2.85 0.04
N LEU L 177 24.65 -3.20 0.08
CA LEU L 177 23.59 -2.22 0.30
C LEU L 177 23.77 -1.59 1.68
N PHE L 178 24.16 -2.40 2.65
CA PHE L 178 24.45 -1.89 3.98
C PHE L 178 25.81 -1.18 4.04
N MET L 179 26.81 -1.77 3.38
CA MET L 179 28.17 -1.27 3.44
C MET L 179 28.31 0.17 2.92
N ILE L 180 27.53 0.54 1.92
CA ILE L 180 27.58 1.90 1.38
C ILE L 180 27.01 2.89 2.40
N GLU L 181 25.98 2.46 3.12
CA GLU L 181 25.36 3.31 4.13
C GLU L 181 26.25 3.43 5.36
N PHE L 182 26.83 2.31 5.76
CA PHE L 182 27.75 2.27 6.88
C PHE L 182 28.95 3.18 6.59
N SER L 183 29.47 3.09 5.37
CA SER L 183 30.63 3.89 4.98
C SER L 183 30.29 5.38 4.99
N LYS L 184 29.04 5.68 4.62
CA LYS L 184 28.59 7.07 4.52
C LYS L 184 28.45 7.76 5.86
N THR L 185 28.19 7.00 6.92
CA THR L 185 28.04 7.62 8.24
C THR L 185 29.34 7.65 9.04
N ILE L 186 30.15 6.59 9.00
CA ILE L 186 31.42 6.60 9.72
C ILE L 186 32.43 7.51 9.02
N ASN L 187 32.25 7.70 7.72
CA ASN L 187 33.06 8.63 6.93
C ASN L 187 32.17 9.55 6.11
N PRO L 188 31.58 10.57 6.77
CA PRO L 188 30.58 11.50 6.23
C PRO L 188 31.03 12.30 5.00
N SER L 189 32.33 12.28 4.70
CA SER L 189 32.83 12.93 3.50
C SER L 189 32.34 12.21 2.25
N LEU L 190 31.97 10.95 2.41
CA LEU L 190 31.53 10.10 1.29
C LEU L 190 30.04 10.29 0.98
N ARG L 191 29.35 11.06 1.81
CA ARG L 191 27.90 11.21 1.69
C ARG L 191 27.46 11.86 0.39
N THR L 192 28.32 12.71 -0.15
CA THR L 192 28.03 13.42 -1.40
C THR L 192 28.56 12.70 -2.63
N LYS L 193 29.25 11.57 -2.42
CA LYS L 193 29.80 10.79 -3.51
C LYS L 193 28.72 9.89 -4.12
N GLN L 194 28.95 9.46 -5.37
CA GLN L 194 28.06 8.50 -6.00
C GLN L 194 28.17 7.13 -5.32
N ALA L 195 27.12 6.33 -5.41
CA ALA L 195 27.09 5.01 -4.78
C ALA L 195 28.25 4.12 -5.23
N ASN L 196 28.54 4.15 -6.52
CA ASN L 196 29.63 3.34 -7.06
C ASN L 196 31.01 3.78 -6.53
N GLU L 197 31.15 5.08 -6.30
CA GLU L 197 32.38 5.65 -5.75
C GLU L 197 32.56 5.22 -4.30
N VAL L 198 31.45 5.21 -3.55
CA VAL L 198 31.46 4.76 -2.16
C VAL L 198 31.81 3.28 -2.08
N ALA L 199 31.23 2.48 -2.97
CA ALA L 199 31.47 1.04 -2.99
C ALA L 199 32.95 0.71 -3.21
N ALA L 200 33.63 1.58 -3.95
CA ALA L 200 35.04 1.37 -4.26
C ALA L 200 35.94 1.58 -3.05
N THR L 201 35.43 2.29 -2.04
CA THR L 201 36.21 2.56 -0.84
C THR L 201 36.36 1.34 0.08
N PHE L 202 35.43 0.40 -0.01
CA PHE L 202 35.51 -0.82 0.80
C PHE L 202 35.62 -2.09 -0.03
N GLU L 203 35.73 -1.96 -1.35
CA GLU L 203 35.80 -3.11 -2.24
C GLU L 203 36.96 -4.04 -1.87
N LYS L 204 38.14 -3.45 -1.68
CA LYS L 204 39.36 -4.23 -1.42
C LYS L 204 39.34 -5.06 -0.12
N PRO L 205 39.06 -4.43 1.04
CA PRO L 205 39.05 -5.24 2.26
C PRO L 205 37.85 -6.19 2.35
N ASN L 206 36.72 -5.80 1.76
CA ASN L 206 35.54 -6.65 1.72
C ASN L 206 35.80 -7.92 0.89
N MET L 207 36.50 -7.75 -0.22
CA MET L 207 36.90 -8.88 -1.07
C MET L 207 37.82 -9.81 -0.32
N ALA L 208 38.76 -9.23 0.42
CA ALA L 208 39.73 -10.01 1.18
C ALA L 208 39.03 -10.85 2.24
N ALA L 209 37.97 -10.30 2.83
CA ALA L 209 37.19 -10.99 3.84
C ALA L 209 36.41 -12.17 3.24
N MET L 210 35.83 -11.95 2.06
CA MET L 210 35.06 -12.99 1.38
C MET L 210 35.98 -14.08 0.83
N SER L 211 37.20 -13.69 0.47
CA SER L 211 38.17 -14.62 -0.09
C SER L 211 38.94 -15.35 0.99
N GLY L 212 38.67 -14.99 2.24
CA GLY L 212 39.27 -15.66 3.39
C GLY L 212 39.02 -17.15 3.37
N ARG L 213 40.04 -17.91 3.76
CA ARG L 213 39.97 -19.37 3.76
C ARG L 213 40.05 -19.92 5.18
N PHE L 214 39.91 -19.05 6.17
CA PHE L 214 39.85 -19.45 7.57
C PHE L 214 38.68 -20.42 7.75
N PHE L 215 37.52 -20.04 7.24
CA PHE L 215 36.36 -20.93 7.21
C PHE L 215 36.27 -21.64 5.87
N THR L 216 35.88 -22.91 5.89
CA THR L 216 35.68 -23.66 4.65
C THR L 216 34.35 -23.28 4.03
N ARG L 217 34.10 -23.76 2.82
CA ARG L 217 32.82 -23.51 2.14
C ARG L 217 31.65 -24.11 2.91
N GLU L 218 31.86 -25.32 3.44
CA GLU L 218 30.85 -25.97 4.26
C GLU L 218 30.58 -25.18 5.54
N ASP L 219 31.64 -24.63 6.13
CA ASP L 219 31.50 -23.80 7.32
C ASP L 219 30.68 -22.56 7.01
N LYS L 220 30.99 -21.91 5.90
CA LYS L 220 30.26 -20.71 5.46
C LYS L 220 28.81 -21.06 5.15
N LYS L 221 28.60 -22.18 4.46
CA LYS L 221 27.25 -22.61 4.12
C LYS L 221 26.41 -22.80 5.38
N LYS L 222 26.99 -23.47 6.37
CA LYS L 222 26.31 -23.71 7.64
C LYS L 222 25.97 -22.41 8.36
N LEU L 223 26.92 -21.47 8.31
CA LEU L 223 26.74 -20.15 8.92
C LEU L 223 25.61 -19.37 8.24
N LEU L 224 25.62 -19.36 6.91
CA LEU L 224 24.61 -18.63 6.14
C LEU L 224 23.21 -19.20 6.35
N ILE L 225 23.12 -20.52 6.51
CA ILE L 225 21.86 -21.18 6.78
C ILE L 225 21.38 -20.85 8.19
N ALA L 226 22.30 -20.99 9.16
CA ALA L 226 21.99 -20.78 10.57
C ALA L 226 21.51 -19.36 10.87
N VAL L 227 21.75 -18.45 9.94
CA VAL L 227 21.39 -17.05 10.17
C VAL L 227 20.38 -16.54 9.13
N GLY L 228 19.85 -17.47 8.33
CA GLY L 228 18.70 -17.19 7.49
C GLY L 228 18.94 -16.49 6.15
N ILE L 229 20.19 -16.38 5.75
CA ILE L 229 20.54 -15.80 4.46
C ILE L 229 20.12 -16.75 3.33
N ILE L 230 20.23 -18.04 3.61
CA ILE L 230 19.97 -19.08 2.64
C ILE L 230 19.39 -20.29 3.38
N ASP L 231 18.60 -21.12 2.70
CA ASP L 231 18.05 -22.31 3.36
C ASP L 231 18.88 -23.57 3.06
N GLU L 232 18.44 -24.70 3.61
CA GLU L 232 19.16 -25.97 3.44
C GLU L 232 19.24 -26.37 1.97
N ASP L 233 18.31 -25.87 1.17
CA ASP L 233 18.31 -26.13 -0.27
C ASP L 233 19.06 -25.04 -1.03
N LEU L 234 19.84 -24.24 -0.30
CA LEU L 234 20.65 -23.18 -0.90
C LEU L 234 19.83 -22.14 -1.66
N VAL L 235 18.60 -21.90 -1.20
CA VAL L 235 17.75 -20.89 -1.80
C VAL L 235 17.84 -19.58 -1.02
N LEU L 236 18.09 -18.50 -1.75
CA LEU L 236 18.24 -17.17 -1.14
C LEU L 236 16.93 -16.66 -0.55
N ALA L 237 17.02 -16.04 0.62
CA ALA L 237 15.86 -15.38 1.22
C ALA L 237 15.45 -14.23 0.32
N SER L 238 14.14 -14.01 0.20
CA SER L 238 13.60 -12.96 -0.67
C SER L 238 14.17 -11.58 -0.36
N ALA L 239 14.41 -11.30 0.92
CA ALA L 239 14.92 -9.99 1.33
C ALA L 239 16.33 -9.76 0.86
N VAL L 240 17.10 -10.85 0.75
CA VAL L 240 18.47 -10.80 0.26
C VAL L 240 18.54 -10.47 -1.25
N VAL L 241 17.73 -11.17 -2.04
CA VAL L 241 17.61 -10.93 -3.48
C VAL L 241 17.15 -9.49 -3.72
N ARG L 242 16.23 -9.04 -2.89
CA ARG L 242 15.70 -7.68 -2.97
C ARG L 242 16.79 -6.65 -2.73
N SER L 243 17.51 -6.83 -1.63
CA SER L 243 18.57 -5.91 -1.25
C SER L 243 19.65 -5.89 -2.32
N ALA L 244 19.88 -7.04 -2.94
CA ALA L 244 20.88 -7.16 -3.99
C ALA L 244 20.52 -6.31 -5.22
N GLU L 245 19.27 -6.39 -5.67
CA GLU L 245 18.87 -5.63 -6.86
C GLU L 245 18.74 -4.13 -6.58
N LYS L 246 18.46 -3.76 -5.33
CA LYS L 246 18.51 -2.36 -4.91
C LYS L 246 19.93 -1.84 -5.04
N TYR L 247 20.88 -2.67 -4.64
CA TYR L 247 22.30 -2.33 -4.70
C TYR L 247 22.78 -2.15 -6.13
N ARG L 248 22.49 -3.12 -7.00
CA ARG L 248 22.94 -3.05 -8.39
C ARG L 248 22.39 -1.83 -9.12
N ALA L 249 21.17 -1.43 -8.79
CA ALA L 249 20.56 -0.26 -9.42
C ALA L 249 21.21 1.04 -8.95
N LYS L 250 21.64 1.08 -7.69
CA LYS L 250 22.38 2.21 -7.14
C LYS L 250 23.76 2.37 -7.79
N VAL L 251 24.40 1.23 -8.06
CA VAL L 251 25.80 1.20 -8.47
C VAL L 251 25.97 1.17 -9.99
N GLY L 252 25.16 0.36 -10.67
CA GLY L 252 25.23 0.27 -12.13
C GLY L 252 25.65 -1.11 -12.63
N ASN M 5 -49.10 -91.99 5.94
CA ASN M 5 -48.60 -91.25 7.11
C ASN M 5 -49.21 -89.84 7.20
N TYR M 6 -48.43 -88.78 6.99
CA TYR M 6 -49.03 -87.44 7.15
C TYR M 6 -50.13 -87.22 6.11
N ARG M 7 -49.95 -87.81 4.94
CA ARG M 7 -50.94 -87.75 3.87
C ARG M 7 -52.23 -88.44 4.30
N ASP M 8 -52.07 -89.60 4.94
CA ASP M 8 -53.21 -90.39 5.41
C ASP M 8 -53.93 -89.73 6.58
N ILE M 9 -53.18 -88.96 7.37
CA ILE M 9 -53.76 -88.21 8.49
C ILE M 9 -54.72 -87.15 7.97
N ALA M 10 -54.26 -86.35 7.00
CA ALA M 10 -55.08 -85.31 6.40
C ALA M 10 -56.33 -85.90 5.74
N LEU M 11 -56.16 -87.06 5.10
CA LEU M 11 -57.25 -87.74 4.41
C LEU M 11 -58.31 -88.23 5.40
N ALA M 12 -57.87 -88.57 6.60
CA ALA M 12 -58.77 -89.09 7.63
C ALA M 12 -59.73 -88.02 8.13
N PHE M 13 -59.43 -86.76 7.84
CA PHE M 13 -60.29 -85.66 8.26
C PHE M 13 -61.57 -85.57 7.43
N LEU M 14 -61.66 -86.41 6.41
CA LEU M 14 -62.88 -86.51 5.61
C LEU M 14 -63.96 -87.15 6.46
N ASP M 15 -63.55 -88.13 7.26
CA ASP M 15 -64.48 -88.89 8.09
C ASP M 15 -64.54 -88.33 9.51
N GLU M 16 -63.88 -87.20 9.73
CA GLU M 16 -63.91 -86.57 11.04
C GLU M 16 -65.18 -85.73 11.19
N SER M 17 -65.68 -85.63 12.42
CA SER M 17 -66.96 -84.97 12.68
C SER M 17 -66.99 -83.51 12.26
N ALA M 18 -68.10 -83.10 11.64
CA ALA M 18 -68.31 -81.70 11.31
C ALA M 18 -69.71 -81.30 11.78
N ASP M 19 -69.93 -81.41 13.09
CA ASP M 19 -71.23 -81.08 13.68
C ASP M 19 -71.60 -79.61 13.46
N SER M 20 -72.72 -79.38 12.78
CA SER M 20 -73.18 -78.03 12.48
C SER M 20 -73.41 -77.19 13.74
N GLY M 21 -73.75 -77.85 14.84
CA GLY M 21 -73.98 -77.17 16.10
C GLY M 21 -72.72 -76.60 16.73
N THR M 22 -71.68 -77.41 16.84
CA THR M 22 -70.41 -76.96 17.42
C THR M 22 -69.70 -75.95 16.51
N ILE M 23 -69.85 -76.14 15.20
CA ILE M 23 -69.24 -75.24 14.22
C ILE M 23 -69.84 -73.83 14.30
N ASN M 24 -71.16 -73.75 14.36
CA ASN M 24 -71.85 -72.47 14.48
C ASN M 24 -71.51 -71.73 15.77
N ALA M 25 -71.28 -72.48 16.84
CA ALA M 25 -70.88 -71.89 18.11
C ALA M 25 -69.49 -71.25 17.99
N TRP M 26 -68.59 -71.92 17.26
CA TRP M 26 -67.27 -71.37 16.98
C TRP M 26 -67.38 -70.10 16.13
N VAL M 27 -68.25 -70.14 15.13
CA VAL M 27 -68.48 -68.98 14.27
C VAL M 27 -68.89 -67.76 15.10
N ASN M 28 -69.81 -67.96 16.03
CA ASN M 28 -70.28 -66.88 16.89
C ASN M 28 -69.18 -66.30 17.77
N GLU M 29 -68.30 -67.16 18.27
CA GLU M 29 -67.16 -66.73 19.08
C GLU M 29 -66.15 -65.96 18.26
N PHE M 30 -65.99 -66.37 17.01
CA PHE M 30 -64.93 -65.86 16.14
C PHE M 30 -65.36 -64.70 15.28
N ALA M 31 -66.67 -64.58 15.05
CA ALA M 31 -67.20 -63.55 14.15
C ALA M 31 -66.73 -62.15 14.54
N TYR M 32 -66.57 -61.30 13.53
CA TYR M 32 -66.22 -59.90 13.75
C TYR M 32 -67.12 -59.25 14.80
N GLN M 33 -66.52 -58.45 15.67
CA GLN M 33 -67.26 -57.67 16.65
C GLN M 33 -66.67 -56.28 16.79
N GLY M 34 -67.47 -55.26 16.47
CA GLY M 34 -67.04 -53.88 16.53
C GLY M 34 -68.13 -52.98 16.01
N PHE M 35 -67.97 -52.50 14.79
CA PHE M 35 -69.01 -51.70 14.14
C PHE M 35 -70.26 -52.56 13.94
N ASP M 36 -71.39 -52.06 14.44
CA ASP M 36 -72.65 -52.77 14.38
C ASP M 36 -73.82 -51.80 14.56
N PRO M 37 -74.54 -51.51 13.46
CA PRO M 37 -75.72 -50.63 13.44
C PRO M 37 -76.75 -50.99 14.51
N LYS M 38 -76.90 -52.28 14.80
CA LYS M 38 -77.78 -52.72 15.88
C LYS M 38 -77.32 -52.12 17.21
N ARG M 39 -76.02 -52.21 17.47
CA ARG M 39 -75.43 -51.70 18.69
C ARG M 39 -75.55 -50.17 18.75
N ILE M 40 -75.39 -49.53 17.60
CA ILE M 40 -75.51 -48.07 17.49
C ILE M 40 -76.92 -47.60 17.87
N VAL M 41 -77.91 -48.19 17.21
CA VAL M 41 -79.31 -47.86 17.46
C VAL M 41 -79.67 -48.13 18.92
N GLN M 42 -79.29 -49.32 19.39
CA GLN M 42 -79.56 -49.73 20.77
C GLN M 42 -79.04 -48.72 21.78
N LEU M 43 -77.76 -48.37 21.65
CA LEU M 43 -77.13 -47.43 22.55
C LEU M 43 -77.73 -46.03 22.50
N VAL M 44 -77.95 -45.51 21.30
CA VAL M 44 -78.60 -44.22 21.13
C VAL M 44 -79.96 -44.18 21.83
N LYS M 45 -80.79 -45.20 21.56
CA LYS M 45 -82.11 -45.30 22.15
C LYS M 45 -82.04 -45.42 23.67
N GLU M 46 -81.13 -46.25 24.16
CA GLU M 46 -80.95 -46.45 25.60
C GLU M 46 -80.49 -45.17 26.31
N ARG M 47 -79.38 -44.62 25.83
CA ARG M 47 -78.78 -43.44 26.44
C ARG M 47 -79.70 -42.23 26.37
N GLY M 48 -80.49 -42.15 25.31
CA GLY M 48 -81.43 -41.05 25.12
C GLY M 48 -82.64 -41.11 26.04
N THR M 49 -83.27 -42.27 26.13
CA THR M 49 -84.45 -42.44 26.98
C THR M 49 -84.10 -42.32 28.46
N ALA M 50 -82.87 -42.72 28.81
CA ALA M 50 -82.39 -42.60 30.17
C ALA M 50 -82.24 -41.14 30.61
N LYS M 51 -82.25 -40.24 29.64
CA LYS M 51 -82.18 -38.82 29.90
C LYS M 51 -83.52 -38.14 29.65
N GLY M 52 -84.50 -38.92 29.23
CA GLY M 52 -85.84 -38.41 28.99
C GLY M 52 -86.00 -37.56 27.74
N ARG M 53 -85.26 -37.90 26.68
CA ARG M 53 -85.24 -37.08 25.48
C ARG M 53 -86.03 -37.68 24.31
N ASP M 54 -86.50 -36.80 23.42
CA ASP M 54 -86.99 -37.19 22.11
C ASP M 54 -85.78 -37.64 21.32
N TRP M 55 -85.34 -38.87 21.55
CA TRP M 55 -84.09 -39.36 20.99
C TRP M 55 -84.14 -39.42 19.45
N LYS M 56 -85.32 -39.65 18.91
CA LYS M 56 -85.51 -39.67 17.47
C LYS M 56 -85.17 -38.31 16.86
N LYS M 57 -85.58 -37.25 17.55
CA LYS M 57 -85.28 -35.90 17.12
C LYS M 57 -83.78 -35.63 17.26
N ASP M 58 -83.18 -36.14 18.33
CA ASP M 58 -81.75 -35.98 18.56
C ASP M 58 -80.95 -36.62 17.44
N VAL M 59 -81.38 -37.81 17.03
CA VAL M 59 -80.74 -38.54 15.94
C VAL M 59 -80.68 -37.67 14.69
N LYS M 60 -81.82 -37.08 14.35
CA LYS M 60 -81.87 -36.19 13.20
C LYS M 60 -80.93 -35.00 13.36
N MET M 61 -80.91 -34.39 14.54
CA MET M 61 -80.01 -33.26 14.80
C MET M 61 -78.57 -33.69 14.66
N MET M 62 -78.28 -34.88 15.17
CA MET M 62 -76.93 -35.41 15.13
C MET M 62 -76.52 -35.69 13.68
N ILE M 63 -77.45 -36.20 12.88
CA ILE M 63 -77.17 -36.48 11.48
C ILE M 63 -76.91 -35.18 10.69
N VAL M 64 -77.80 -34.22 10.82
CA VAL M 64 -77.63 -32.92 10.19
C VAL M 64 -76.30 -32.27 10.60
N LEU M 65 -75.97 -32.40 11.89
CA LEU M 65 -74.70 -31.94 12.43
C LEU M 65 -73.54 -32.62 11.71
N ASN M 66 -73.66 -33.93 11.50
CA ASN M 66 -72.62 -34.71 10.84
C ASN M 66 -72.46 -34.32 9.38
N LEU M 67 -73.59 -34.02 8.73
CA LEU M 67 -73.59 -33.70 7.30
C LEU M 67 -72.94 -32.36 6.99
N VAL M 68 -73.07 -31.39 7.89
CA VAL M 68 -72.59 -30.05 7.63
C VAL M 68 -71.30 -29.66 8.38
N ARG M 69 -70.93 -30.42 9.40
CA ARG M 69 -69.78 -30.07 10.23
C ARG M 69 -68.75 -31.18 10.41
N GLY M 70 -69.12 -32.41 10.09
CA GLY M 70 -68.17 -33.52 10.18
C GLY M 70 -68.33 -34.38 11.42
N ASN M 71 -67.21 -34.83 11.96
CA ASN M 71 -67.20 -35.88 12.97
C ASN M 71 -66.53 -35.50 14.30
N LYS M 72 -66.29 -34.21 14.51
CA LYS M 72 -65.61 -33.75 15.72
C LYS M 72 -66.38 -32.67 16.49
N PRO M 73 -67.37 -33.09 17.30
CA PRO M 73 -68.29 -32.22 18.04
C PRO M 73 -67.62 -31.25 19.03
N GLU M 74 -66.64 -31.71 19.80
CA GLU M 74 -65.93 -30.82 20.72
C GLU M 74 -65.28 -29.67 19.96
N ALA M 75 -64.67 -30.00 18.83
CA ALA M 75 -63.95 -29.02 18.02
C ALA M 75 -64.88 -28.02 17.36
N MET M 76 -66.03 -28.50 16.88
CA MET M 76 -66.95 -27.64 16.14
C MET M 76 -67.73 -26.67 17.03
N MET M 77 -67.81 -26.96 18.33
CA MET M 77 -68.44 -26.04 19.28
C MET M 77 -67.65 -24.74 19.41
N LYS M 78 -66.34 -24.81 19.13
CA LYS M 78 -65.47 -23.64 19.21
C LYS M 78 -65.64 -22.75 17.98
N LYS M 79 -66.38 -23.25 16.99
CA LYS M 79 -66.62 -22.52 15.75
C LYS M 79 -68.11 -22.55 15.44
N MET M 80 -68.91 -22.11 16.39
CA MET M 80 -70.36 -22.20 16.28
C MET M 80 -71.01 -21.09 17.11
N SER M 81 -72.25 -20.75 16.78
CA SER M 81 -73.00 -19.81 17.62
C SER M 81 -73.26 -20.45 18.97
N GLU M 82 -73.49 -19.64 20.00
CA GLU M 82 -73.75 -20.13 21.35
C GLU M 82 -75.02 -20.98 21.39
N LYS M 83 -76.01 -20.58 20.59
CA LYS M 83 -77.28 -21.30 20.53
C LYS M 83 -77.08 -22.74 20.03
N GLY M 84 -76.35 -22.88 18.93
CA GLY M 84 -76.06 -24.19 18.37
C GLY M 84 -75.09 -24.99 19.23
N ALA M 85 -74.10 -24.31 19.80
CA ALA M 85 -73.10 -24.97 20.63
C ALA M 85 -73.73 -25.54 21.88
N SER M 86 -74.75 -24.86 22.40
CA SER M 86 -75.48 -25.33 23.57
C SER M 86 -76.17 -26.66 23.26
N ILE M 87 -76.70 -26.77 22.05
CA ILE M 87 -77.35 -28.01 21.60
C ILE M 87 -76.35 -29.16 21.47
N VAL M 88 -75.24 -28.91 20.77
CA VAL M 88 -74.18 -29.91 20.59
C VAL M 88 -73.66 -30.40 21.93
N ALA M 89 -73.45 -29.48 22.87
CA ALA M 89 -72.96 -29.82 24.20
C ALA M 89 -73.86 -30.85 24.87
N ASN M 90 -75.18 -30.66 24.74
CA ASN M 90 -76.13 -31.62 25.25
C ASN M 90 -75.97 -32.98 24.57
N LEU M 91 -76.02 -32.96 23.23
CA LEU M 91 -75.87 -34.17 22.43
C LEU M 91 -74.61 -34.97 22.79
N ILE M 92 -73.52 -34.25 23.08
CA ILE M 92 -72.29 -34.89 23.52
C ILE M 92 -72.50 -35.54 24.89
N SER M 93 -73.16 -34.83 25.79
CA SER M 93 -73.38 -35.30 27.16
C SER M 93 -74.21 -36.58 27.23
N VAL M 94 -75.42 -36.55 26.67
CA VAL M 94 -76.35 -37.69 26.77
C VAL M 94 -75.87 -38.92 25.99
N TYR M 95 -75.37 -38.69 24.77
CA TYR M 95 -75.00 -39.79 23.90
C TYR M 95 -73.53 -40.19 24.04
N GLN M 96 -72.78 -39.42 24.84
CA GLN M 96 -71.38 -39.70 25.12
C GLN M 96 -70.58 -39.74 23.81
N LEU M 97 -70.75 -38.70 23.01
CA LEU M 97 -70.13 -38.63 21.69
C LEU M 97 -68.60 -38.53 21.78
N LYS M 98 -67.91 -39.19 20.88
CA LYS M 98 -66.45 -39.13 20.83
C LYS M 98 -65.99 -38.48 19.53
N GLU M 99 -64.75 -38.00 19.54
CA GLU M 99 -64.19 -37.25 18.41
C GLU M 99 -63.65 -38.15 17.29
N GLY M 100 -63.80 -39.46 17.47
CA GLY M 100 -63.26 -40.43 16.53
C GLY M 100 -62.63 -41.62 17.24
N ASN M 101 -61.92 -42.46 16.48
CA ASN M 101 -61.28 -43.65 17.01
C ASN M 101 -62.22 -44.51 17.86
N PRO M 102 -63.35 -44.94 17.26
CA PRO M 102 -64.43 -45.56 18.05
C PRO M 102 -64.14 -46.98 18.52
N GLY M 103 -64.65 -47.33 19.71
CA GLY M 103 -64.64 -48.70 20.19
C GLY M 103 -66.00 -49.33 19.97
N ARG M 104 -66.22 -50.53 20.49
CA ARG M 104 -67.47 -51.24 20.26
C ARG M 104 -68.68 -50.52 20.85
N ASP M 105 -68.48 -49.87 21.99
CA ASP M 105 -69.57 -49.20 22.70
C ASP M 105 -69.62 -47.68 22.46
N THR M 106 -68.75 -47.19 21.60
CA THR M 106 -68.68 -45.75 21.37
C THR M 106 -69.62 -45.28 20.26
N ILE M 107 -70.15 -44.07 20.43
CA ILE M 107 -71.05 -43.47 19.47
C ILE M 107 -70.43 -42.21 18.88
N THR M 108 -70.40 -42.14 17.55
CA THR M 108 -69.91 -40.96 16.84
C THR M 108 -71.01 -40.46 15.92
N LEU M 109 -70.88 -39.21 15.47
CA LEU M 109 -71.84 -38.65 14.53
C LEU M 109 -71.89 -39.49 13.26
N SER M 110 -70.72 -39.95 12.82
CA SER M 110 -70.62 -40.82 11.64
C SER M 110 -71.39 -42.12 11.81
N ARG M 111 -71.32 -42.69 13.01
CA ARG M 111 -72.01 -43.94 13.29
C ARG M 111 -73.52 -43.76 13.32
N VAL M 112 -73.96 -42.60 13.80
CA VAL M 112 -75.39 -42.29 13.82
C VAL M 112 -75.92 -42.14 12.39
N SER M 113 -75.19 -41.41 11.56
CA SER M 113 -75.55 -41.24 10.15
C SER M 113 -75.59 -42.57 9.39
N ALA M 114 -74.72 -43.51 9.77
CA ALA M 114 -74.67 -44.81 9.12
C ALA M 114 -75.80 -45.72 9.58
N ALA M 115 -76.03 -45.78 10.89
CA ALA M 115 -77.07 -46.64 11.45
C ALA M 115 -78.46 -46.17 11.08
N PHE M 116 -78.67 -44.86 11.10
CA PHE M 116 -79.96 -44.28 10.76
C PHE M 116 -79.95 -43.73 9.34
N VAL M 117 -79.25 -44.44 8.46
CA VAL M 117 -79.14 -44.06 7.05
C VAL M 117 -80.48 -43.90 6.29
N PRO M 118 -81.54 -44.65 6.65
CA PRO M 118 -82.79 -44.38 5.90
C PRO M 118 -83.30 -42.94 6.09
N TRP M 119 -82.86 -42.27 7.14
CA TRP M 119 -83.20 -40.86 7.31
C TRP M 119 -82.11 -39.97 6.73
N THR M 120 -80.86 -40.34 6.97
CA THR M 120 -79.71 -39.62 6.44
C THR M 120 -79.89 -39.35 4.96
N VAL M 121 -80.35 -40.39 4.26
CA VAL M 121 -80.45 -40.37 2.81
C VAL M 121 -81.55 -39.42 2.34
N GLN M 122 -82.46 -39.06 3.24
CA GLN M 122 -83.53 -38.12 2.92
C GLN M 122 -83.11 -36.68 3.19
N ALA M 123 -82.34 -36.49 4.26
CA ALA M 123 -81.84 -35.17 4.63
C ALA M 123 -80.92 -34.62 3.55
N LEU M 124 -80.18 -35.53 2.90
CA LEU M 124 -79.27 -35.16 1.81
C LEU M 124 -79.99 -34.44 0.66
N ARG M 125 -81.27 -34.74 0.46
CA ARG M 125 -82.06 -34.12 -0.59
C ARG M 125 -82.24 -32.62 -0.33
N VAL M 126 -82.07 -32.22 0.92
CA VAL M 126 -82.34 -30.86 1.37
C VAL M 126 -81.05 -30.05 1.63
N LEU M 127 -80.01 -30.76 2.08
CA LEU M 127 -78.78 -30.13 2.54
C LEU M 127 -77.72 -29.95 1.46
N SER M 128 -78.01 -30.43 0.25
CA SER M 128 -77.03 -30.59 -0.82
C SER M 128 -76.00 -29.45 -0.96
N GLU M 129 -76.43 -28.22 -0.72
CA GLU M 129 -75.57 -27.07 -0.91
C GLU M 129 -74.80 -26.66 0.35
N SER M 130 -75.12 -27.30 1.48
CA SER M 130 -74.42 -27.03 2.73
C SER M 130 -73.42 -28.14 3.08
N LEU M 131 -73.30 -29.12 2.20
CA LEU M 131 -72.35 -30.23 2.38
C LEU M 131 -70.91 -29.79 2.06
N PRO M 132 -69.92 -30.51 2.62
CA PRO M 132 -68.50 -30.21 2.35
C PRO M 132 -68.22 -30.21 0.85
N VAL M 133 -68.78 -31.20 0.14
CA VAL M 133 -68.81 -31.14 -1.32
C VAL M 133 -70.25 -30.85 -1.74
N SER M 134 -70.48 -29.68 -2.33
CA SER M 134 -71.84 -29.27 -2.72
C SER M 134 -72.40 -30.13 -3.85
N GLY M 135 -73.72 -30.17 -3.95
CA GLY M 135 -74.38 -30.87 -5.03
C GLY M 135 -74.03 -30.27 -6.38
N THR M 136 -73.96 -28.94 -6.44
CA THR M 136 -73.58 -28.25 -7.67
C THR M 136 -72.17 -28.64 -8.12
N THR M 137 -71.28 -28.89 -7.17
CA THR M 137 -69.92 -29.33 -7.48
C THR M 137 -69.95 -30.73 -8.09
N MET M 138 -70.69 -31.63 -7.44
CA MET M 138 -70.85 -33.00 -7.94
C MET M 138 -71.56 -33.00 -9.30
N ASP M 139 -72.49 -32.08 -9.50
CA ASP M 139 -73.19 -31.95 -10.76
C ASP M 139 -72.24 -31.59 -11.90
N ALA M 140 -71.12 -30.94 -11.57
CA ALA M 140 -70.16 -30.53 -12.58
C ALA M 140 -69.13 -31.62 -12.86
N ILE M 141 -68.76 -32.36 -11.82
CA ILE M 141 -67.87 -33.51 -11.95
C ILE M 141 -68.56 -34.65 -12.70
N ALA M 142 -69.74 -35.04 -12.24
CA ALA M 142 -70.62 -35.89 -13.04
C ALA M 142 -71.10 -35.02 -14.20
N GLY M 143 -71.55 -35.64 -15.27
CA GLY M 143 -72.06 -34.85 -16.39
C GLY M 143 -73.51 -34.50 -16.18
N VAL M 144 -74.06 -34.93 -15.05
CA VAL M 144 -75.49 -34.88 -14.78
C VAL M 144 -75.76 -34.38 -13.37
N THR M 145 -77.04 -34.30 -13.00
CA THR M 145 -77.39 -33.99 -11.62
C THR M 145 -77.12 -35.21 -10.75
N TYR M 146 -76.01 -35.18 -10.01
CA TYR M 146 -75.61 -36.30 -9.17
C TYR M 146 -76.65 -36.56 -8.10
N PRO M 147 -77.07 -37.82 -7.94
CA PRO M 147 -78.10 -38.19 -6.97
C PRO M 147 -77.72 -37.79 -5.54
N ARG M 148 -78.50 -36.88 -4.96
CA ARG M 148 -78.20 -36.32 -3.65
C ARG M 148 -78.13 -37.38 -2.56
N ALA M 149 -78.90 -38.46 -2.73
CA ALA M 149 -78.94 -39.55 -1.76
C ALA M 149 -77.58 -40.23 -1.58
N MET M 150 -76.73 -40.11 -2.59
CA MET M 150 -75.42 -40.77 -2.58
C MET M 150 -74.35 -39.92 -1.90
N MET M 151 -74.65 -38.65 -1.68
CA MET M 151 -73.62 -37.69 -1.26
C MET M 151 -73.22 -37.79 0.21
N HIS M 152 -72.98 -39.01 0.67
CA HIS M 152 -72.44 -39.28 2.00
C HIS M 152 -71.98 -40.74 2.06
N PRO M 153 -70.90 -41.00 2.79
CA PRO M 153 -70.36 -42.36 2.95
C PRO M 153 -71.39 -43.38 3.44
N SER M 154 -72.36 -42.93 4.23
CA SER M 154 -73.36 -43.84 4.80
C SER M 154 -74.27 -44.48 3.74
N PHE M 155 -74.27 -43.94 2.53
CA PHE M 155 -75.08 -44.49 1.45
C PHE M 155 -74.66 -45.92 1.12
N ALA M 156 -73.40 -46.25 1.35
CA ALA M 156 -72.86 -47.57 1.04
C ALA M 156 -73.62 -48.67 1.78
N GLY M 157 -74.13 -48.33 2.96
CA GLY M 157 -74.83 -49.28 3.80
C GLY M 157 -76.13 -49.82 3.23
N ILE M 158 -76.66 -49.15 2.20
CA ILE M 158 -77.90 -49.61 1.60
C ILE M 158 -77.71 -50.19 0.19
N ILE M 159 -76.45 -50.27 -0.25
CA ILE M 159 -76.15 -50.84 -1.56
C ILE M 159 -76.19 -52.38 -1.54
N ASP M 160 -77.02 -52.95 -2.41
CA ASP M 160 -77.04 -54.39 -2.63
C ASP M 160 -76.19 -54.72 -3.86
N LEU M 161 -75.01 -55.27 -3.61
CA LEU M 161 -74.05 -55.58 -4.68
C LEU M 161 -74.55 -56.72 -5.57
N ASP M 162 -75.48 -57.50 -5.05
CA ASP M 162 -75.97 -58.69 -5.75
C ASP M 162 -77.23 -58.44 -6.57
N LEU M 163 -77.54 -57.16 -6.81
CA LEU M 163 -78.63 -56.78 -7.72
C LEU M 163 -78.34 -57.29 -9.13
N PRO M 164 -79.38 -57.78 -9.83
CA PRO M 164 -79.24 -58.35 -11.17
C PRO M 164 -78.57 -57.43 -12.18
N ASN M 165 -77.88 -58.01 -13.16
CA ASN M 165 -77.26 -57.28 -14.27
C ASN M 165 -76.19 -56.29 -13.85
N GLY M 166 -75.51 -56.59 -12.74
CA GLY M 166 -74.45 -55.74 -12.24
C GLY M 166 -74.95 -54.36 -11.82
N ALA M 167 -76.22 -54.28 -11.46
CA ALA M 167 -76.82 -53.02 -11.02
C ALA M 167 -76.14 -52.52 -9.75
N GLY M 168 -75.84 -53.44 -8.84
CA GLY M 168 -75.19 -53.10 -7.59
C GLY M 168 -73.79 -52.56 -7.83
N ALA M 169 -73.06 -53.17 -8.75
CA ALA M 169 -71.72 -52.72 -9.09
C ALA M 169 -71.75 -51.30 -9.65
N THR M 170 -72.73 -51.04 -10.53
CA THR M 170 -72.90 -49.72 -11.13
C THR M 170 -73.23 -48.67 -10.06
N ILE M 171 -74.05 -49.05 -9.08
CA ILE M 171 -74.39 -48.16 -7.97
C ILE M 171 -73.15 -47.83 -7.13
N ALA M 172 -72.37 -48.86 -6.82
CA ALA M 172 -71.12 -48.69 -6.08
C ALA M 172 -70.15 -47.78 -6.84
N ASP M 173 -70.09 -47.94 -8.16
CA ASP M 173 -69.24 -47.11 -9.01
C ASP M 173 -69.67 -45.65 -8.92
N ALA M 174 -70.98 -45.42 -9.08
CA ALA M 174 -71.53 -44.07 -9.03
C ALA M 174 -71.26 -43.41 -7.67
N HIS M 175 -71.32 -44.20 -6.60
CA HIS M 175 -71.06 -43.70 -5.26
C HIS M 175 -69.58 -43.38 -5.06
N GLY M 176 -68.72 -44.15 -5.73
CA GLY M 176 -67.28 -43.93 -5.65
C GLY M 176 -66.87 -42.57 -6.21
N LEU M 177 -67.64 -42.09 -7.19
CA LEU M 177 -67.39 -40.76 -7.77
C LEU M 177 -67.46 -39.67 -6.71
N PHE M 178 -68.43 -39.78 -5.82
CA PHE M 178 -68.57 -38.84 -4.71
C PHE M 178 -67.49 -39.08 -3.66
N MET M 179 -67.26 -40.35 -3.33
CA MET M 179 -66.31 -40.71 -2.29
C MET M 179 -64.90 -40.18 -2.54
N ILE M 180 -64.52 -40.06 -3.81
CA ILE M 180 -63.22 -39.50 -4.16
C ILE M 180 -63.14 -38.03 -3.73
N GLU M 181 -64.19 -37.29 -4.06
CA GLU M 181 -64.25 -35.86 -3.73
C GLU M 181 -64.33 -35.64 -2.24
N PHE M 182 -65.15 -36.46 -1.58
CA PHE M 182 -65.32 -36.36 -0.14
C PHE M 182 -64.00 -36.65 0.60
N SER M 183 -63.31 -37.71 0.17
CA SER M 183 -62.05 -38.11 0.80
C SER M 183 -60.97 -37.04 0.64
N LYS M 184 -61.02 -36.30 -0.47
CA LYS M 184 -60.02 -35.28 -0.76
C LYS M 184 -60.28 -34.00 0.04
N THR M 185 -61.55 -33.73 0.32
CA THR M 185 -61.93 -32.51 1.03
C THR M 185 -61.58 -32.58 2.51
N ILE M 186 -61.79 -33.75 3.13
CA ILE M 186 -61.50 -33.92 4.55
C ILE M 186 -60.07 -34.36 4.84
N ASN M 187 -59.33 -34.72 3.79
CA ASN M 187 -57.91 -35.05 3.90
C ASN M 187 -57.12 -34.42 2.77
N PRO M 188 -56.60 -33.20 2.99
CA PRO M 188 -55.90 -32.39 1.98
C PRO M 188 -54.67 -33.09 1.39
N SER M 189 -54.12 -34.06 2.12
CA SER M 189 -52.95 -34.79 1.65
C SER M 189 -53.28 -35.73 0.48
N LEU M 190 -54.55 -35.78 0.09
CA LEU M 190 -54.99 -36.64 -0.99
C LEU M 190 -55.33 -35.86 -2.26
N ARG M 191 -55.29 -34.53 -2.16
CA ARG M 191 -55.73 -33.68 -3.26
C ARG M 191 -54.81 -33.72 -4.47
N THR M 192 -53.55 -34.06 -4.23
CA THR M 192 -52.57 -34.16 -5.29
C THR M 192 -52.41 -35.60 -5.79
N LYS M 193 -53.17 -36.51 -5.21
CA LYS M 193 -53.09 -37.93 -5.57
C LYS M 193 -53.95 -38.24 -6.80
N GLN M 194 -53.68 -39.37 -7.44
CA GLN M 194 -54.49 -39.85 -8.56
C GLN M 194 -55.79 -40.47 -8.05
N ALA M 195 -56.77 -40.57 -8.92
CA ALA M 195 -58.08 -41.11 -8.55
C ALA M 195 -58.01 -42.48 -7.87
N ASN M 196 -57.29 -43.41 -8.49
CA ASN M 196 -57.18 -44.77 -7.97
C ASN M 196 -56.44 -44.82 -6.62
N GLU M 197 -55.52 -43.88 -6.42
CA GLU M 197 -54.82 -43.74 -5.14
C GLU M 197 -55.77 -43.28 -4.04
N VAL M 198 -56.65 -42.33 -4.39
CA VAL M 198 -57.64 -41.83 -3.44
C VAL M 198 -58.68 -42.89 -3.13
N ALA M 199 -59.11 -43.62 -4.16
CA ALA M 199 -60.09 -44.69 -3.98
C ALA M 199 -59.55 -45.76 -3.03
N ALA M 200 -58.25 -46.04 -3.12
CA ALA M 200 -57.61 -47.04 -2.26
C ALA M 200 -57.70 -46.72 -0.76
N THR M 201 -57.93 -45.46 -0.43
CA THR M 201 -58.00 -45.03 0.96
C THR M 201 -59.36 -45.28 1.61
N PHE M 202 -60.40 -45.48 0.80
CA PHE M 202 -61.74 -45.71 1.34
C PHE M 202 -62.39 -47.04 0.98
N GLU M 203 -61.91 -47.71 -0.06
CA GLU M 203 -62.67 -48.84 -0.60
C GLU M 203 -62.73 -50.09 0.30
N LYS M 204 -61.80 -50.18 1.25
CA LYS M 204 -61.86 -51.29 2.21
C LYS M 204 -62.98 -51.16 3.26
N PRO M 205 -63.05 -50.01 3.97
CA PRO M 205 -64.19 -49.84 4.87
C PRO M 205 -65.50 -49.63 4.11
N ASN M 206 -65.39 -49.16 2.87
CA ASN M 206 -66.54 -49.01 1.98
C ASN M 206 -67.10 -50.38 1.57
N MET M 207 -66.22 -51.35 1.37
CA MET M 207 -66.64 -52.71 1.05
C MET M 207 -67.33 -53.35 2.25
N ALA M 208 -66.80 -53.07 3.43
CA ALA M 208 -67.39 -53.58 4.67
C ALA M 208 -68.82 -53.09 4.84
N ALA M 209 -69.07 -51.84 4.45
CA ALA M 209 -70.40 -51.24 4.54
C ALA M 209 -71.37 -51.88 3.55
N MET M 210 -70.95 -52.00 2.30
CA MET M 210 -71.77 -52.60 1.25
C MET M 210 -72.10 -54.07 1.49
N SER M 211 -71.19 -54.77 2.17
CA SER M 211 -71.38 -56.20 2.43
C SER M 211 -71.87 -56.48 3.85
N GLY M 212 -72.30 -55.44 4.56
CA GLY M 212 -72.91 -55.60 5.86
C GLY M 212 -74.25 -56.32 5.75
N ARG M 213 -74.69 -56.94 6.84
CA ARG M 213 -75.90 -57.73 6.81
C ARG M 213 -76.96 -57.20 7.77
N PHE M 214 -76.83 -55.93 8.15
CA PHE M 214 -77.83 -55.26 8.99
C PHE M 214 -79.15 -55.16 8.24
N PHE M 215 -79.09 -54.64 7.02
CA PHE M 215 -80.27 -54.60 6.16
C PHE M 215 -80.30 -55.85 5.27
N THR M 216 -81.50 -56.40 5.08
CA THR M 216 -81.66 -57.53 4.16
C THR M 216 -81.65 -57.01 2.72
N ARG M 217 -81.56 -57.92 1.75
CA ARG M 217 -81.55 -57.55 0.35
C ARG M 217 -82.85 -56.87 -0.07
N GLU M 218 -83.94 -57.24 0.60
CA GLU M 218 -85.25 -56.68 0.33
C GLU M 218 -85.35 -55.28 0.93
N ASP M 219 -84.67 -55.07 2.06
CA ASP M 219 -84.62 -53.75 2.70
C ASP M 219 -83.84 -52.78 1.83
N LYS M 220 -82.69 -53.22 1.34
CA LYS M 220 -81.85 -52.39 0.47
C LYS M 220 -82.58 -52.05 -0.82
N LYS M 221 -83.23 -53.05 -1.40
CA LYS M 221 -84.00 -52.87 -2.63
C LYS M 221 -85.07 -51.80 -2.44
N LYS M 222 -85.78 -51.86 -1.33
CA LYS M 222 -86.82 -50.90 -1.01
C LYS M 222 -86.24 -49.50 -0.79
N LEU M 223 -85.15 -49.44 -0.01
CA LEU M 223 -84.47 -48.19 0.26
C LEU M 223 -83.98 -47.51 -1.03
N LEU M 224 -83.39 -48.30 -1.92
CA LEU M 224 -82.87 -47.79 -3.18
C LEU M 224 -83.99 -47.27 -4.10
N ILE M 225 -85.12 -47.97 -4.11
CA ILE M 225 -86.28 -47.54 -4.88
C ILE M 225 -86.86 -46.25 -4.30
N ALA M 226 -87.03 -46.23 -2.98
CA ALA M 226 -87.64 -45.10 -2.27
C ALA M 226 -86.87 -43.80 -2.50
N VAL M 227 -85.58 -43.94 -2.76
CA VAL M 227 -84.70 -42.77 -2.87
C VAL M 227 -84.32 -42.47 -4.33
N GLY M 228 -84.87 -43.25 -5.26
CA GLY M 228 -84.80 -42.93 -6.68
C GLY M 228 -83.57 -43.42 -7.45
N ILE M 229 -82.71 -44.19 -6.79
CA ILE M 229 -81.54 -44.78 -7.45
C ILE M 229 -82.00 -45.78 -8.52
N ILE M 230 -83.06 -46.51 -8.20
CA ILE M 230 -83.56 -47.56 -9.06
C ILE M 230 -85.10 -47.53 -9.01
N ASP M 231 -85.76 -48.08 -10.03
CA ASP M 231 -87.23 -48.12 -10.02
C ASP M 231 -87.80 -49.48 -9.61
N GLU M 232 -89.13 -49.61 -9.67
CA GLU M 232 -89.80 -50.86 -9.30
C GLU M 232 -89.36 -52.02 -10.20
N ASP M 233 -89.02 -51.70 -11.45
CA ASP M 233 -88.59 -52.70 -12.42
C ASP M 233 -87.09 -52.96 -12.32
N LEU M 234 -86.46 -52.41 -11.29
CA LEU M 234 -85.01 -52.54 -11.06
C LEU M 234 -84.16 -51.88 -12.15
N VAL M 235 -84.70 -50.83 -12.76
CA VAL M 235 -83.97 -50.05 -13.77
C VAL M 235 -83.26 -48.87 -13.13
N LEU M 236 -81.96 -48.74 -13.40
CA LEU M 236 -81.16 -47.64 -12.87
C LEU M 236 -81.51 -46.31 -13.53
N ALA M 237 -81.46 -45.24 -12.75
CA ALA M 237 -81.61 -43.89 -13.30
C ALA M 237 -80.35 -43.57 -14.12
N SER M 238 -80.53 -42.85 -15.22
CA SER M 238 -79.42 -42.54 -16.11
C SER M 238 -78.31 -41.77 -15.40
N ALA M 239 -78.69 -40.95 -14.41
CA ALA M 239 -77.71 -40.18 -13.65
C ALA M 239 -76.73 -41.10 -12.93
N VAL M 240 -77.25 -42.21 -12.41
CA VAL M 240 -76.41 -43.20 -11.73
C VAL M 240 -75.42 -43.84 -12.69
N VAL M 241 -75.91 -44.34 -13.82
CA VAL M 241 -75.06 -45.06 -14.77
C VAL M 241 -74.01 -44.14 -15.41
N ARG M 242 -74.36 -42.87 -15.59
CA ARG M 242 -73.44 -41.92 -16.20
C ARG M 242 -72.39 -41.44 -15.19
N SER M 243 -72.79 -41.36 -13.92
CA SER M 243 -71.85 -41.09 -12.85
C SER M 243 -70.89 -42.26 -12.70
N ALA M 244 -71.41 -43.46 -12.88
CA ALA M 244 -70.62 -44.69 -12.74
C ALA M 244 -69.51 -44.77 -13.77
N GLU M 245 -69.81 -44.41 -15.02
CA GLU M 245 -68.80 -44.49 -16.08
C GLU M 245 -67.75 -43.38 -15.96
N LYS M 246 -68.11 -42.29 -15.29
CA LYS M 246 -67.14 -41.24 -14.97
C LYS M 246 -66.12 -41.77 -13.97
N TYR M 247 -66.62 -42.53 -12.99
CA TYR M 247 -65.80 -43.12 -11.96
C TYR M 247 -64.84 -44.15 -12.54
N ARG M 248 -65.38 -45.06 -13.36
CA ARG M 248 -64.57 -46.11 -13.96
C ARG M 248 -63.48 -45.55 -14.87
N ALA M 249 -63.75 -44.42 -15.51
CA ALA M 249 -62.77 -43.77 -16.37
C ALA M 249 -61.63 -43.20 -15.52
N LYS M 250 -61.99 -42.59 -14.39
CA LYS M 250 -61.03 -41.99 -13.46
C LYS M 250 -60.04 -43.01 -12.90
N VAL M 251 -60.55 -44.18 -12.51
CA VAL M 251 -59.75 -45.17 -11.80
C VAL M 251 -58.94 -46.05 -12.77
N GLY M 252 -59.40 -46.16 -14.01
CA GLY M 252 -58.71 -46.94 -15.02
C GLY M 252 -57.37 -46.38 -15.44
N GLU N 4 -82.54 -57.59 14.41
CA GLU N 4 -83.83 -57.67 13.73
C GLU N 4 -84.94 -56.96 14.51
N ASN N 5 -84.57 -56.37 15.64
CA ASN N 5 -85.46 -55.51 16.43
C ASN N 5 -85.03 -54.07 16.20
N TYR N 6 -83.73 -53.86 16.25
CA TYR N 6 -83.13 -52.55 16.01
C TYR N 6 -83.07 -52.25 14.51
N ARG N 7 -83.12 -53.32 13.72
CA ARG N 7 -83.23 -53.19 12.26
C ARG N 7 -84.57 -52.55 11.88
N ASP N 8 -85.63 -52.89 12.60
CA ASP N 8 -86.96 -52.33 12.33
C ASP N 8 -87.06 -50.89 12.83
N ILE N 9 -86.22 -50.55 13.80
CA ILE N 9 -86.16 -49.19 14.33
C ILE N 9 -85.51 -48.26 13.31
N ALA N 10 -84.40 -48.72 12.74
CA ALA N 10 -83.68 -47.98 11.70
C ALA N 10 -84.51 -47.80 10.44
N LEU N 11 -85.27 -48.84 10.09
CA LEU N 11 -86.08 -48.85 8.87
C LEU N 11 -87.29 -47.95 8.95
N ALA N 12 -87.82 -47.76 10.16
CA ALA N 12 -88.99 -46.88 10.34
C ALA N 12 -88.60 -45.41 10.14
N PHE N 13 -87.31 -45.12 10.21
CA PHE N 13 -86.81 -43.77 9.97
C PHE N 13 -86.98 -43.34 8.53
N LEU N 14 -87.22 -44.32 7.66
CA LEU N 14 -87.55 -44.03 6.26
C LEU N 14 -88.89 -43.30 6.21
N ASP N 15 -89.80 -43.68 7.10
CA ASP N 15 -91.12 -43.06 7.16
C ASP N 15 -91.16 -41.93 8.19
N GLU N 16 -90.01 -41.58 8.74
CA GLU N 16 -89.90 -40.46 9.68
C GLU N 16 -89.77 -39.15 8.91
N SER N 17 -90.19 -38.05 9.54
CA SER N 17 -90.23 -36.76 8.86
C SER N 17 -88.87 -36.22 8.45
N ALA N 18 -88.90 -35.30 7.51
CA ALA N 18 -87.75 -34.52 7.11
C ALA N 18 -88.22 -33.18 6.55
N ASP N 19 -88.89 -32.39 7.40
CA ASP N 19 -89.41 -31.09 7.01
C ASP N 19 -88.26 -30.14 6.69
N SER N 20 -88.28 -29.56 5.49
CA SER N 20 -87.22 -28.67 5.03
C SER N 20 -87.00 -27.48 5.95
N GLY N 21 -88.10 -26.88 6.43
CA GLY N 21 -88.03 -25.73 7.30
C GLY N 21 -87.39 -26.04 8.64
N THR N 22 -87.76 -27.18 9.22
CA THR N 22 -87.23 -27.61 10.52
C THR N 22 -85.74 -27.92 10.41
N ILE N 23 -85.37 -28.55 9.31
CA ILE N 23 -83.99 -28.92 9.05
C ILE N 23 -83.11 -27.68 8.82
N ASN N 24 -83.61 -26.78 7.97
CA ASN N 24 -82.89 -25.53 7.68
C ASN N 24 -82.69 -24.67 8.93
N ALA N 25 -83.62 -24.76 9.88
CA ALA N 25 -83.49 -24.06 11.16
C ALA N 25 -82.28 -24.59 11.92
N TRP N 26 -82.11 -25.90 11.91
CA TRP N 26 -80.97 -26.56 12.55
C TRP N 26 -79.65 -26.20 11.88
N VAL N 27 -79.67 -26.14 10.55
CA VAL N 27 -78.48 -25.75 9.78
C VAL N 27 -77.99 -24.38 10.20
N ASN N 28 -78.92 -23.44 10.35
CA ASN N 28 -78.58 -22.08 10.76
C ASN N 28 -78.04 -22.02 12.19
N GLU N 29 -78.57 -22.86 13.08
CA GLU N 29 -78.07 -22.95 14.45
C GLU N 29 -76.66 -23.51 14.45
N PHE N 30 -76.47 -24.60 13.71
CA PHE N 30 -75.23 -25.34 13.70
C PHE N 30 -74.21 -24.72 12.75
N ALA N 31 -74.63 -23.68 12.04
CA ALA N 31 -73.76 -23.04 11.04
C ALA N 31 -72.44 -22.56 11.64
N TYR N 32 -71.40 -22.57 10.81
CA TYR N 32 -70.10 -22.04 11.22
C TYR N 32 -70.19 -20.56 11.61
N GLN N 33 -69.61 -20.21 12.74
CA GLN N 33 -69.53 -18.82 13.17
C GLN N 33 -68.09 -18.53 13.55
N GLY N 34 -67.44 -17.63 12.81
CA GLY N 34 -66.05 -17.29 13.06
C GLY N 34 -65.83 -16.76 14.47
N PHE N 35 -66.62 -15.77 14.84
CA PHE N 35 -66.53 -15.16 16.17
C PHE N 35 -67.80 -14.39 16.49
N ASP N 36 -67.98 -14.08 17.77
CA ASP N 36 -69.12 -13.27 18.21
C ASP N 36 -68.61 -11.90 18.64
N PRO N 37 -69.00 -10.85 17.91
CA PRO N 37 -68.59 -9.47 18.21
C PRO N 37 -68.95 -9.12 19.66
N LYS N 38 -70.13 -9.54 20.09
CA LYS N 38 -70.59 -9.33 21.46
C LYS N 38 -69.57 -9.83 22.48
N ARG N 39 -69.09 -11.06 22.25
CA ARG N 39 -68.12 -11.69 23.13
C ARG N 39 -66.80 -10.93 23.09
N ILE N 40 -66.48 -10.35 21.93
CA ILE N 40 -65.23 -9.63 21.75
C ILE N 40 -65.16 -8.36 22.59
N VAL N 41 -66.19 -7.51 22.51
CA VAL N 41 -66.20 -6.28 23.29
C VAL N 41 -66.27 -6.59 24.79
N GLN N 42 -66.88 -7.72 25.13
CA GLN N 42 -66.96 -8.16 26.53
C GLN N 42 -65.57 -8.47 27.07
N LEU N 43 -64.85 -9.33 26.37
CA LEU N 43 -63.51 -9.76 26.77
C LEU N 43 -62.51 -8.60 26.79
N VAL N 44 -62.64 -7.68 25.84
CA VAL N 44 -61.79 -6.50 25.80
C VAL N 44 -62.00 -5.64 27.05
N LYS N 45 -63.26 -5.34 27.37
CA LYS N 45 -63.58 -4.53 28.53
C LYS N 45 -63.18 -5.23 29.82
N GLU N 46 -63.43 -6.52 29.91
CA GLU N 46 -63.11 -7.29 31.12
C GLU N 46 -61.61 -7.35 31.36
N ARG N 47 -60.88 -7.82 30.35
CA ARG N 47 -59.43 -7.98 30.47
C ARG N 47 -58.71 -6.65 30.63
N GLY N 48 -59.25 -5.61 30.00
CA GLY N 48 -58.68 -4.28 30.10
C GLY N 48 -58.80 -3.66 31.48
N THR N 49 -60.02 -3.69 32.02
CA THR N 49 -60.27 -3.13 33.35
C THR N 49 -59.54 -3.91 34.44
N ALA N 50 -59.39 -5.21 34.23
CA ALA N 50 -58.71 -6.08 35.19
C ALA N 50 -57.24 -5.71 35.37
N LYS N 51 -56.72 -4.94 34.44
CA LYS N 51 -55.32 -4.51 34.49
C LYS N 51 -55.22 -3.00 34.70
N GLY N 52 -56.35 -2.37 35.03
CA GLY N 52 -56.40 -0.94 35.27
C GLY N 52 -55.95 -0.14 34.07
N ARG N 53 -56.55 -0.41 32.92
CA ARG N 53 -56.15 0.25 31.69
C ARG N 53 -57.27 1.07 31.09
N ASP N 54 -56.91 2.12 30.37
CA ASP N 54 -57.86 2.84 29.53
C ASP N 54 -58.14 1.93 28.34
N TRP N 55 -59.04 0.97 28.55
CA TRP N 55 -59.31 -0.05 27.54
C TRP N 55 -59.91 0.52 26.26
N LYS N 56 -60.67 1.60 26.40
CA LYS N 56 -61.23 2.29 25.23
C LYS N 56 -60.12 2.84 24.35
N LYS N 57 -59.06 3.32 24.99
CA LYS N 57 -57.90 3.83 24.27
C LYS N 57 -57.12 2.67 23.64
N ASP N 58 -57.04 1.55 24.36
CA ASP N 58 -56.35 0.36 23.85
C ASP N 58 -57.06 -0.18 22.61
N VAL N 59 -58.39 -0.10 22.60
CA VAL N 59 -59.18 -0.50 21.43
C VAL N 59 -58.76 0.31 20.20
N LYS N 60 -58.64 1.62 20.38
CA LYS N 60 -58.23 2.50 19.29
C LYS N 60 -56.85 2.14 18.76
N MET N 61 -55.92 1.90 19.67
CA MET N 61 -54.56 1.53 19.28
C MET N 61 -54.53 0.21 18.55
N MET N 62 -55.29 -0.77 19.06
CA MET N 62 -55.35 -2.07 18.43
C MET N 62 -55.95 -1.99 17.02
N ILE N 63 -56.94 -1.11 16.86
CA ILE N 63 -57.58 -0.93 15.56
C ILE N 63 -56.60 -0.30 14.56
N VAL N 64 -55.96 0.80 14.96
CA VAL N 64 -54.94 1.44 14.14
C VAL N 64 -53.83 0.46 13.79
N LEU N 65 -53.35 -0.27 14.80
CA LEU N 65 -52.36 -1.32 14.60
C LEU N 65 -52.84 -2.34 13.56
N ASN N 66 -54.11 -2.72 13.64
CA ASN N 66 -54.68 -3.68 12.70
C ASN N 66 -54.77 -3.11 11.28
N LEU N 67 -55.12 -1.83 11.17
CA LEU N 67 -55.27 -1.18 9.88
C LEU N 67 -53.95 -1.06 9.12
N VAL N 68 -52.85 -0.82 9.83
CA VAL N 68 -51.57 -0.57 9.16
C VAL N 68 -50.63 -1.78 9.13
N ARG N 69 -50.85 -2.75 10.00
CA ARG N 69 -49.93 -3.89 10.10
C ARG N 69 -50.58 -5.26 9.88
N GLY N 70 -51.89 -5.36 10.01
CA GLY N 70 -52.58 -6.62 9.77
C GLY N 70 -52.97 -7.37 11.01
N ASN N 71 -52.90 -8.70 10.94
CA ASN N 71 -53.45 -9.56 11.99
C ASN N 71 -52.43 -10.54 12.61
N LYS N 72 -51.15 -10.21 12.51
CA LYS N 72 -50.10 -11.06 13.06
C LYS N 72 -49.20 -10.30 14.04
N PRO N 73 -49.65 -10.16 15.30
CA PRO N 73 -49.01 -9.35 16.34
C PRO N 73 -47.55 -9.72 16.64
N GLU N 74 -47.27 -11.01 16.81
CA GLU N 74 -45.91 -11.45 17.11
C GLU N 74 -44.95 -11.18 15.96
N ALA N 75 -45.45 -11.33 14.73
CA ALA N 75 -44.64 -11.14 13.54
C ALA N 75 -44.37 -9.67 13.24
N MET N 76 -45.36 -8.82 13.49
CA MET N 76 -45.23 -7.41 13.17
C MET N 76 -44.25 -6.68 14.10
N MET N 77 -44.00 -7.26 15.27
CA MET N 77 -43.06 -6.68 16.22
C MET N 77 -41.61 -6.85 15.78
N LYS N 78 -41.38 -7.80 14.88
CA LYS N 78 -40.03 -8.07 14.38
C LYS N 78 -39.60 -7.02 13.37
N LYS N 79 -40.55 -6.25 12.89
CA LYS N 79 -40.28 -5.18 11.93
C LYS N 79 -41.02 -3.91 12.36
N MET N 80 -40.61 -3.38 13.51
CA MET N 80 -41.29 -2.24 14.12
C MET N 80 -40.30 -1.46 14.96
N SER N 81 -40.57 -0.18 15.18
CA SER N 81 -39.73 0.61 16.08
C SER N 81 -39.79 0.01 17.48
N GLU N 82 -38.70 0.15 18.23
CA GLU N 82 -38.62 -0.41 19.57
C GLU N 82 -39.74 0.13 20.47
N LYS N 83 -40.09 1.40 20.26
CA LYS N 83 -41.16 2.05 21.02
C LYS N 83 -42.51 1.40 20.75
N GLY N 84 -42.85 1.26 19.46
CA GLY N 84 -44.12 0.66 19.07
C GLY N 84 -44.23 -0.80 19.47
N ALA N 85 -43.16 -1.55 19.27
CA ALA N 85 -43.17 -2.97 19.62
C ALA N 85 -43.39 -3.19 21.10
N SER N 86 -42.90 -2.25 21.91
CA SER N 86 -43.05 -2.33 23.36
C SER N 86 -44.52 -2.29 23.79
N ILE N 87 -45.31 -1.43 23.15
CA ILE N 87 -46.72 -1.31 23.50
C ILE N 87 -47.57 -2.41 22.86
N VAL N 88 -47.14 -2.91 21.71
CA VAL N 88 -47.81 -4.06 21.09
C VAL N 88 -47.67 -5.28 22.01
N ALA N 89 -46.47 -5.44 22.57
CA ALA N 89 -46.20 -6.54 23.50
C ALA N 89 -47.16 -6.49 24.68
N ASN N 90 -47.44 -5.29 25.17
CA ASN N 90 -48.41 -5.09 26.24
C ASN N 90 -49.81 -5.51 25.81
N LEU N 91 -50.27 -4.97 24.69
CA LEU N 91 -51.59 -5.30 24.15
C LEU N 91 -51.79 -6.81 23.99
N ILE N 92 -50.75 -7.50 23.53
CA ILE N 92 -50.78 -8.95 23.42
C ILE N 92 -50.96 -9.56 24.80
N SER N 93 -50.26 -9.01 25.78
CA SER N 93 -50.28 -9.54 27.15
C SER N 93 -51.64 -9.42 27.83
N VAL N 94 -52.17 -8.19 27.89
CA VAL N 94 -53.43 -7.97 28.61
C VAL N 94 -54.67 -8.50 27.87
N TYR N 95 -54.66 -8.43 26.53
CA TYR N 95 -55.82 -8.86 25.76
C TYR N 95 -55.68 -10.28 25.21
N GLN N 96 -54.53 -10.90 25.46
CA GLN N 96 -54.26 -12.28 25.04
C GLN N 96 -54.48 -12.43 23.54
N LEU N 97 -53.90 -11.50 22.79
CA LEU N 97 -54.06 -11.47 21.34
C LEU N 97 -53.47 -12.71 20.66
N LYS N 98 -54.24 -13.29 19.76
CA LYS N 98 -53.75 -14.40 18.94
C LYS N 98 -53.90 -13.98 17.49
N GLU N 99 -53.44 -14.83 16.58
CA GLU N 99 -53.53 -14.52 15.16
C GLU N 99 -54.38 -15.55 14.42
N GLY N 100 -54.69 -15.25 13.16
CA GLY N 100 -55.45 -16.17 12.33
C GLY N 100 -56.92 -16.27 12.68
N ASN N 101 -57.45 -17.48 12.64
CA ASN N 101 -58.86 -17.73 12.92
C ASN N 101 -59.07 -18.74 14.06
N PRO N 102 -58.85 -18.31 15.31
CA PRO N 102 -59.05 -19.19 16.45
C PRO N 102 -60.51 -19.19 16.91
N GLY N 103 -60.77 -19.76 18.09
CA GLY N 103 -62.13 -19.84 18.62
C GLY N 103 -62.82 -18.51 18.84
N ARG N 104 -64.11 -18.57 19.14
CA ARG N 104 -64.92 -17.37 19.37
C ARG N 104 -64.57 -16.65 20.67
N ASP N 105 -63.92 -17.37 21.60
CA ASP N 105 -63.50 -16.78 22.88
C ASP N 105 -62.08 -16.24 22.80
N THR N 106 -61.61 -15.99 21.58
CA THR N 106 -60.24 -15.54 21.36
C THR N 106 -60.20 -14.20 20.62
N ILE N 107 -59.42 -13.27 21.14
CA ILE N 107 -59.33 -11.94 20.56
C ILE N 107 -58.22 -11.85 19.51
N THR N 108 -58.55 -11.30 18.34
CA THR N 108 -57.56 -10.96 17.33
C THR N 108 -57.73 -9.49 16.98
N LEU N 109 -56.69 -8.88 16.41
CA LEU N 109 -56.76 -7.48 15.99
C LEU N 109 -57.87 -7.27 14.96
N SER N 110 -58.01 -8.25 14.07
CA SER N 110 -59.05 -8.20 13.04
C SER N 110 -60.44 -8.13 13.65
N ARG N 111 -60.64 -8.90 14.72
CA ARG N 111 -61.95 -8.97 15.37
C ARG N 111 -62.27 -7.73 16.19
N VAL N 112 -61.22 -7.05 16.67
CA VAL N 112 -61.40 -5.79 17.40
C VAL N 112 -61.92 -4.70 16.44
N SER N 113 -61.28 -4.60 15.29
CA SER N 113 -61.69 -3.66 14.25
C SER N 113 -63.12 -3.93 13.78
N ALA N 114 -63.51 -5.20 13.80
CA ALA N 114 -64.85 -5.60 13.37
C ALA N 114 -65.89 -5.31 14.45
N ALA N 115 -65.57 -5.65 15.69
CA ALA N 115 -66.49 -5.43 16.81
C ALA N 115 -66.67 -3.94 17.09
N PHE N 116 -65.58 -3.18 17.03
CA PHE N 116 -65.63 -1.75 17.28
C PHE N 116 -65.60 -0.93 16.00
N VAL N 117 -66.24 -1.46 14.96
CA VAL N 117 -66.29 -0.79 13.65
C VAL N 117 -66.82 0.66 13.63
N PRO N 118 -67.72 1.05 14.57
CA PRO N 118 -68.07 2.48 14.54
C PRO N 118 -66.88 3.42 14.78
N TRP N 119 -65.78 2.93 15.35
CA TRP N 119 -64.58 3.75 15.48
C TRP N 119 -63.61 3.50 14.32
N THR N 120 -63.48 2.23 13.93
CA THR N 120 -62.65 1.82 12.80
C THR N 120 -62.99 2.66 11.57
N VAL N 121 -64.28 2.85 11.36
CA VAL N 121 -64.79 3.55 10.19
C VAL N 121 -64.40 5.03 10.19
N GLN N 122 -64.08 5.55 11.37
CA GLN N 122 -63.67 6.96 11.50
C GLN N 122 -62.16 7.10 11.39
N ALA N 123 -61.43 6.11 11.89
CA ALA N 123 -59.98 6.12 11.78
C ALA N 123 -59.53 6.08 10.31
N LEU N 124 -60.27 5.30 9.51
CA LEU N 124 -59.98 5.17 8.08
C LEU N 124 -59.98 6.52 7.37
N ARG N 125 -60.80 7.44 7.86
CA ARG N 125 -60.91 8.80 7.30
C ARG N 125 -59.60 9.58 7.50
N VAL N 126 -58.78 9.11 8.44
CA VAL N 126 -57.57 9.83 8.83
C VAL N 126 -56.27 9.23 8.25
N LEU N 127 -56.14 7.91 8.30
CA LEU N 127 -54.88 7.26 7.92
C LEU N 127 -54.93 6.51 6.57
N SER N 128 -55.77 6.96 5.66
CA SER N 128 -56.00 6.23 4.41
C SER N 128 -54.76 6.07 3.53
N GLU N 129 -53.76 6.92 3.74
CA GLU N 129 -52.53 6.84 2.94
C GLU N 129 -51.48 5.91 3.56
N SER N 130 -51.77 5.38 4.75
CA SER N 130 -50.87 4.46 5.43
C SER N 130 -51.36 3.02 5.36
N LEU N 131 -52.45 2.81 4.63
CA LEU N 131 -53.02 1.47 4.43
C LEU N 131 -52.24 0.70 3.36
N PRO N 132 -52.31 -0.64 3.38
CA PRO N 132 -51.67 -1.47 2.35
C PRO N 132 -52.11 -1.05 0.95
N VAL N 133 -53.41 -0.81 0.78
CA VAL N 133 -53.92 -0.15 -0.42
C VAL N 133 -54.30 1.28 -0.02
N SER N 134 -53.63 2.27 -0.62
CA SER N 134 -53.84 3.67 -0.26
C SER N 134 -55.14 4.24 -0.83
N GLY N 135 -55.63 5.31 -0.22
CA GLY N 135 -56.81 6.00 -0.70
C GLY N 135 -56.62 6.58 -2.09
N THR N 136 -55.40 7.05 -2.37
CA THR N 136 -55.09 7.59 -3.70
C THR N 136 -55.14 6.50 -4.76
N THR N 137 -54.76 5.29 -4.38
CA THR N 137 -54.85 4.14 -5.28
C THR N 137 -56.31 3.86 -5.64
N MET N 138 -57.15 3.83 -4.60
CA MET N 138 -58.58 3.60 -4.81
C MET N 138 -59.23 4.73 -5.60
N ASP N 139 -58.72 5.94 -5.43
CA ASP N 139 -59.20 7.10 -6.18
C ASP N 139 -58.95 6.92 -7.66
N ALA N 140 -57.87 6.22 -8.00
CA ALA N 140 -57.50 6.00 -9.40
C ALA N 140 -58.30 4.85 -9.99
N ILE N 141 -58.58 3.84 -9.17
CA ILE N 141 -59.33 2.67 -9.60
C ILE N 141 -60.80 3.01 -9.85
N ALA N 142 -61.45 3.63 -8.86
CA ALA N 142 -62.75 4.24 -9.09
C ALA N 142 -62.50 5.50 -9.91
N GLY N 143 -63.53 6.07 -10.52
CA GLY N 143 -63.34 7.30 -11.28
C GLY N 143 -63.38 8.51 -10.38
N VAL N 144 -63.63 8.27 -9.10
CA VAL N 144 -63.94 9.33 -8.14
C VAL N 144 -63.17 9.12 -6.85
N THR N 145 -63.42 9.96 -5.84
CA THR N 145 -62.79 9.75 -4.54
C THR N 145 -63.52 8.61 -3.81
N TYR N 146 -62.82 7.49 -3.65
CA TYR N 146 -63.39 6.32 -3.01
C TYR N 146 -63.60 6.58 -1.52
N PRO N 147 -64.83 6.35 -1.02
CA PRO N 147 -65.18 6.60 0.38
C PRO N 147 -64.23 5.89 1.35
N ARG N 148 -63.49 6.67 2.13
CA ARG N 148 -62.44 6.15 3.00
C ARG N 148 -62.97 5.11 4.00
N ALA N 149 -64.23 5.26 4.40
CA ALA N 149 -64.84 4.37 5.38
C ALA N 149 -64.94 2.92 4.91
N MET N 150 -64.92 2.71 3.60
CA MET N 150 -65.06 1.38 3.04
C MET N 150 -63.72 0.65 2.96
N MET N 151 -62.64 1.36 3.24
CA MET N 151 -61.30 0.83 2.99
C MET N 151 -60.80 -0.14 4.07
N HIS N 152 -61.65 -1.08 4.43
CA HIS N 152 -61.30 -2.19 5.33
C HIS N 152 -62.40 -3.24 5.30
N PRO N 153 -62.02 -4.53 5.43
CA PRO N 153 -63.00 -5.62 5.44
C PRO N 153 -64.06 -5.47 6.53
N SER N 154 -63.72 -4.77 7.61
CA SER N 154 -64.66 -4.58 8.73
C SER N 154 -65.85 -3.69 8.39
N PHE N 155 -65.77 -2.99 7.27
CA PHE N 155 -66.88 -2.13 6.83
C PHE N 155 -68.14 -2.95 6.54
N ALA N 156 -67.94 -4.20 6.13
CA ALA N 156 -69.06 -5.09 5.81
C ALA N 156 -70.02 -5.27 6.99
N GLY N 157 -69.50 -5.03 8.19
CA GLY N 157 -70.28 -5.20 9.41
C GLY N 157 -71.40 -4.18 9.59
N ILE N 158 -71.33 -3.07 8.86
CA ILE N 158 -72.36 -2.04 8.97
C ILE N 158 -73.26 -1.95 7.74
N ILE N 159 -73.14 -2.95 6.86
CA ILE N 159 -73.95 -2.99 5.66
C ILE N 159 -75.32 -3.64 5.90
N ASP N 160 -76.38 -2.88 5.65
CA ASP N 160 -77.74 -3.41 5.69
C ASP N 160 -78.15 -3.84 4.28
N LEU N 161 -78.15 -5.15 4.04
CA LEU N 161 -78.49 -5.69 2.73
C LEU N 161 -79.96 -5.52 2.39
N ASP N 162 -80.78 -5.37 3.42
CA ASP N 162 -82.23 -5.26 3.24
C ASP N 162 -82.72 -3.82 3.14
N LEU N 163 -81.83 -2.92 2.72
CA LEU N 163 -82.20 -1.55 2.39
C LEU N 163 -83.08 -1.58 1.13
N PRO N 164 -84.01 -0.61 1.02
CA PRO N 164 -84.93 -0.55 -0.13
C PRO N 164 -84.21 -0.35 -1.46
N ASN N 165 -84.82 -0.83 -2.54
CA ASN N 165 -84.30 -0.67 -3.90
C ASN N 165 -82.92 -1.30 -4.14
N GLY N 166 -82.60 -2.33 -3.36
CA GLY N 166 -81.32 -3.01 -3.48
C GLY N 166 -80.13 -2.11 -3.24
N ALA N 167 -80.33 -1.08 -2.40
CA ALA N 167 -79.27 -0.15 -2.07
C ALA N 167 -78.17 -0.85 -1.28
N GLY N 168 -78.57 -1.85 -0.49
CA GLY N 168 -77.61 -2.66 0.25
C GLY N 168 -76.66 -3.41 -0.66
N ALA N 169 -77.20 -3.98 -1.74
CA ALA N 169 -76.38 -4.71 -2.70
C ALA N 169 -75.43 -3.77 -3.42
N THR N 170 -75.88 -2.54 -3.66
CA THR N 170 -75.05 -1.53 -4.32
C THR N 170 -73.87 -1.15 -3.44
N ILE N 171 -74.15 -0.90 -2.16
CA ILE N 171 -73.12 -0.60 -1.17
C ILE N 171 -72.12 -1.75 -1.07
N ALA N 172 -72.64 -2.98 -1.06
CA ALA N 172 -71.79 -4.17 -0.99
C ALA N 172 -70.86 -4.27 -2.21
N ASP N 173 -71.38 -3.91 -3.38
CA ASP N 173 -70.59 -3.93 -4.60
C ASP N 173 -69.51 -2.86 -4.57
N ALA N 174 -69.87 -1.67 -4.07
CA ALA N 174 -68.91 -0.58 -3.94
C ALA N 174 -67.79 -0.97 -2.97
N HIS N 175 -68.15 -1.69 -1.92
CA HIS N 175 -67.16 -2.18 -0.97
C HIS N 175 -66.29 -3.26 -1.62
N GLY N 176 -66.88 -4.04 -2.52
CA GLY N 176 -66.15 -5.09 -3.22
C GLY N 176 -65.06 -4.56 -4.13
N LEU N 177 -65.23 -3.32 -4.59
CA LEU N 177 -64.23 -2.69 -5.44
C LEU N 177 -62.91 -2.56 -4.68
N PHE N 178 -63.01 -2.26 -3.39
CA PHE N 178 -61.83 -2.18 -2.53
C PHE N 178 -61.33 -3.57 -2.15
N MET N 179 -62.27 -4.45 -1.82
CA MET N 179 -61.93 -5.77 -1.33
C MET N 179 -61.10 -6.61 -2.31
N ILE N 180 -61.35 -6.43 -3.61
CA ILE N 180 -60.58 -7.16 -4.61
C ILE N 180 -59.14 -6.66 -4.66
N GLU N 181 -58.96 -5.35 -4.46
CA GLU N 181 -57.63 -4.75 -4.46
C GLU N 181 -56.89 -5.09 -3.18
N PHE N 182 -57.60 -5.06 -2.07
CA PHE N 182 -57.03 -5.42 -0.78
C PHE N 182 -56.58 -6.87 -0.79
N SER N 183 -57.42 -7.75 -1.33
CA SER N 183 -57.07 -9.17 -1.42
C SER N 183 -55.86 -9.39 -2.31
N LYS N 184 -55.74 -8.58 -3.37
CA LYS N 184 -54.65 -8.72 -4.34
C LYS N 184 -53.28 -8.35 -3.77
N THR N 185 -53.25 -7.46 -2.78
CA THR N 185 -51.96 -7.05 -2.23
C THR N 185 -51.54 -7.87 -1.01
N ILE N 186 -52.49 -8.18 -0.12
CA ILE N 186 -52.15 -9.02 1.03
C ILE N 186 -51.95 -10.49 0.63
N ASN N 187 -52.54 -10.87 -0.50
CA ASN N 187 -52.30 -12.20 -1.08
C ASN N 187 -51.98 -12.08 -2.58
N PRO N 188 -50.73 -11.69 -2.88
CA PRO N 188 -50.22 -11.35 -4.22
C PRO N 188 -50.37 -12.47 -5.25
N SER N 189 -50.67 -13.69 -4.79
CA SER N 189 -50.88 -14.81 -5.70
C SER N 189 -52.17 -14.62 -6.50
N LEU N 190 -53.08 -13.80 -5.97
CA LEU N 190 -54.35 -13.51 -6.60
C LEU N 190 -54.27 -12.41 -7.67
N ARG N 191 -53.11 -11.78 -7.79
CA ARG N 191 -52.95 -10.63 -8.68
C ARG N 191 -53.19 -10.99 -10.15
N THR N 192 -52.88 -12.23 -10.50
CA THR N 192 -53.00 -12.70 -11.88
C THR N 192 -54.36 -13.37 -12.16
N LYS N 193 -55.18 -13.48 -11.12
CA LYS N 193 -56.52 -14.06 -11.24
C LYS N 193 -57.53 -13.06 -11.78
N GLN N 194 -58.63 -13.55 -12.34
CA GLN N 194 -59.71 -12.70 -12.81
C GLN N 194 -60.41 -12.05 -11.62
N ALA N 195 -61.03 -10.89 -11.84
CA ALA N 195 -61.68 -10.17 -10.76
C ALA N 195 -62.75 -11.02 -10.06
N ASN N 196 -63.53 -11.75 -10.84
CA ASN N 196 -64.58 -12.60 -10.28
C ASN N 196 -64.02 -13.73 -9.41
N GLU N 197 -62.86 -14.25 -9.81
CA GLU N 197 -62.17 -15.29 -9.05
C GLU N 197 -61.67 -14.73 -7.71
N VAL N 198 -61.14 -13.50 -7.76
CA VAL N 198 -60.68 -12.84 -6.54
C VAL N 198 -61.84 -12.58 -5.59
N ALA N 199 -62.96 -12.12 -6.13
CA ALA N 199 -64.15 -11.82 -5.32
C ALA N 199 -64.66 -13.06 -4.59
N ALA N 200 -64.48 -14.22 -5.20
CA ALA N 200 -64.93 -15.47 -4.58
C ALA N 200 -64.10 -15.85 -3.35
N THR N 201 -62.89 -15.31 -3.23
CA THR N 201 -62.02 -15.64 -2.12
C THR N 201 -62.48 -15.01 -0.80
N PHE N 202 -63.20 -13.89 -0.89
CA PHE N 202 -63.69 -13.22 0.31
C PHE N 202 -65.22 -13.18 0.40
N GLU N 203 -65.90 -13.82 -0.55
CA GLU N 203 -67.36 -13.79 -0.59
C GLU N 203 -67.97 -14.32 0.70
N LYS N 204 -67.47 -15.46 1.16
CA LYS N 204 -68.04 -16.12 2.33
C LYS N 204 -67.93 -15.35 3.65
N PRO N 205 -66.71 -14.89 4.02
CA PRO N 205 -66.64 -14.14 5.28
C PRO N 205 -67.26 -12.75 5.18
N ASN N 206 -67.21 -12.13 4.00
CA ASN N 206 -67.83 -10.83 3.80
C ASN N 206 -69.35 -10.90 3.94
N MET N 207 -69.93 -11.98 3.41
CA MET N 207 -71.36 -12.23 3.54
C MET N 207 -71.74 -12.41 5.01
N ALA N 208 -70.91 -13.16 5.73
CA ALA N 208 -71.16 -13.42 7.14
C ALA N 208 -71.14 -12.13 7.95
N ALA N 209 -70.28 -11.19 7.55
CA ALA N 209 -70.19 -9.90 8.23
C ALA N 209 -71.42 -9.02 7.96
N MET N 210 -71.90 -9.04 6.71
CA MET N 210 -73.08 -8.28 6.33
C MET N 210 -74.34 -8.88 6.94
N SER N 211 -74.35 -10.20 7.09
CA SER N 211 -75.50 -10.92 7.63
C SER N 211 -75.50 -10.92 9.16
N GLY N 212 -74.46 -10.33 9.74
CA GLY N 212 -74.35 -10.21 11.18
C GLY N 212 -75.52 -9.47 11.77
N ARG N 213 -75.98 -9.93 12.92
CA ARG N 213 -77.15 -9.35 13.58
C ARG N 213 -76.77 -8.70 14.92
N PHE N 214 -75.47 -8.51 15.11
CA PHE N 214 -74.96 -7.79 16.28
C PHE N 214 -75.54 -6.38 16.29
N PHE N 215 -75.46 -5.71 15.15
CA PHE N 215 -76.09 -4.41 14.96
C PHE N 215 -77.44 -4.58 14.30
N THR N 216 -78.43 -3.80 14.73
CA THR N 216 -79.75 -3.81 14.10
C THR N 216 -79.72 -3.02 12.80
N ARG N 217 -80.79 -3.10 12.03
CA ARG N 217 -80.90 -2.36 10.77
C ARG N 217 -80.84 -0.85 11.02
N GLU N 218 -81.50 -0.40 12.08
CA GLU N 218 -81.47 1.00 12.46
C GLU N 218 -80.06 1.43 12.86
N ASP N 219 -79.35 0.55 13.55
CA ASP N 219 -77.97 0.82 13.95
C ASP N 219 -77.10 0.98 12.70
N LYS N 220 -77.26 0.06 11.75
CA LYS N 220 -76.50 0.09 10.50
C LYS N 220 -76.85 1.34 9.69
N LYS N 221 -78.14 1.67 9.62
CA LYS N 221 -78.59 2.85 8.90
C LYS N 221 -77.94 4.10 9.47
N LYS N 222 -77.94 4.22 10.80
CA LYS N 222 -77.33 5.37 11.47
C LYS N 222 -75.82 5.44 11.19
N LEU N 223 -75.18 4.28 11.19
CA LEU N 223 -73.75 4.21 10.91
C LEU N 223 -73.44 4.65 9.47
N LEU N 224 -74.21 4.13 8.52
CA LEU N 224 -74.02 4.45 7.11
C LEU N 224 -74.24 5.94 6.82
N ILE N 225 -75.20 6.53 7.53
CA ILE N 225 -75.46 7.96 7.39
C ILE N 225 -74.34 8.78 8.00
N ALA N 226 -73.94 8.41 9.21
CA ALA N 226 -72.91 9.13 9.96
C ALA N 226 -71.56 9.16 9.26
N VAL N 227 -71.39 8.27 8.29
CA VAL N 227 -70.10 8.16 7.60
C VAL N 227 -70.23 8.48 6.10
N GLY N 228 -71.41 8.95 5.70
CA GLY N 228 -71.60 9.52 4.37
C GLY N 228 -71.86 8.56 3.21
N ILE N 229 -72.10 7.28 3.51
CA ILE N 229 -72.42 6.31 2.47
C ILE N 229 -73.81 6.59 1.91
N ILE N 230 -74.69 7.06 2.78
CA ILE N 230 -76.09 7.28 2.45
C ILE N 230 -76.55 8.49 3.26
N ASP N 231 -77.58 9.21 2.78
CA ASP N 231 -78.11 10.35 3.54
C ASP N 231 -79.35 9.98 4.36
N GLU N 232 -79.92 10.95 5.06
CA GLU N 232 -81.08 10.72 5.92
C GLU N 232 -82.29 10.24 5.11
N ASP N 233 -82.28 10.57 3.82
CA ASP N 233 -83.34 10.13 2.91
C ASP N 233 -82.97 8.81 2.23
N LEU N 234 -81.96 8.12 2.76
CA LEU N 234 -81.52 6.83 2.24
C LEU N 234 -81.08 6.88 0.78
N VAL N 235 -80.53 8.02 0.37
CA VAL N 235 -79.99 8.17 -0.98
C VAL N 235 -78.48 7.93 -1.02
N LEU N 236 -78.07 7.03 -1.92
CA LEU N 236 -76.67 6.67 -2.04
C LEU N 236 -75.82 7.85 -2.52
N ALA N 237 -74.62 7.99 -1.93
CA ALA N 237 -73.66 8.96 -2.42
C ALA N 237 -73.21 8.57 -3.82
N SER N 238 -73.01 9.56 -4.68
CA SER N 238 -72.66 9.33 -6.08
C SER N 238 -71.39 8.49 -6.24
N ALA N 239 -70.43 8.68 -5.35
CA ALA N 239 -69.18 7.91 -5.41
C ALA N 239 -69.41 6.43 -5.14
N VAL N 240 -70.40 6.14 -4.31
CA VAL N 240 -70.76 4.76 -3.97
C VAL N 240 -71.38 4.02 -5.17
N VAL N 241 -72.34 4.66 -5.83
CA VAL N 241 -72.97 4.07 -7.01
C VAL N 241 -71.97 3.92 -8.16
N ARG N 242 -71.02 4.85 -8.22
CA ARG N 242 -69.93 4.81 -9.20
C ARG N 242 -69.05 3.59 -8.97
N SER N 243 -68.59 3.45 -7.73
CA SER N 243 -67.71 2.35 -7.35
C SER N 243 -68.41 1.01 -7.57
N ALA N 244 -69.71 1.00 -7.37
CA ALA N 244 -70.51 -0.20 -7.54
C ALA N 244 -70.54 -0.67 -8.99
N GLU N 245 -70.77 0.26 -9.92
CA GLU N 245 -70.85 -0.11 -11.33
C GLU N 245 -69.47 -0.42 -11.91
N LYS N 246 -68.42 0.14 -11.32
CA LYS N 246 -67.05 -0.22 -11.67
C LYS N 246 -66.82 -1.69 -11.31
N TYR N 247 -67.31 -2.05 -10.13
CA TYR N 247 -67.18 -3.40 -9.62
C TYR N 247 -67.91 -4.42 -10.48
N ARG N 248 -69.18 -4.14 -10.80
CA ARG N 248 -69.99 -5.07 -11.58
C ARG N 248 -69.41 -5.32 -12.98
N ALA N 249 -68.77 -4.30 -13.55
CA ALA N 249 -68.18 -4.42 -14.87
C ALA N 249 -66.90 -5.26 -14.83
N LYS N 250 -66.16 -5.18 -13.72
CA LYS N 250 -64.98 -6.01 -13.50
C LYS N 250 -65.34 -7.49 -13.33
N VAL N 251 -66.46 -7.74 -12.66
CA VAL N 251 -66.83 -9.08 -12.22
C VAL N 251 -67.77 -9.78 -13.20
N GLY N 252 -68.77 -9.06 -13.70
CA GLY N 252 -69.71 -9.61 -14.67
C GLY N 252 -71.14 -9.67 -14.18
N ASN O 5 -76.31 -3.89 26.11
CA ASN O 5 -75.35 -3.12 26.88
C ASN O 5 -74.07 -2.90 26.06
N TYR O 6 -73.28 -3.97 25.94
CA TYR O 6 -72.04 -3.99 25.16
C TYR O 6 -72.20 -3.43 23.74
N ARG O 7 -73.40 -3.58 23.20
CA ARG O 7 -73.75 -3.01 21.91
C ARG O 7 -73.68 -1.49 21.98
N ASP O 8 -74.20 -0.92 23.07
CA ASP O 8 -74.19 0.54 23.25
C ASP O 8 -72.78 1.08 23.49
N ILE O 9 -71.92 0.26 24.07
CA ILE O 9 -70.53 0.63 24.31
C ILE O 9 -69.80 0.81 22.97
N ALA O 10 -69.96 -0.16 22.08
CA ALA O 10 -69.35 -0.12 20.76
C ALA O 10 -69.87 1.07 19.95
N LEU O 11 -71.16 1.33 20.09
CA LEU O 11 -71.81 2.45 19.40
C LEU O 11 -71.28 3.80 19.88
N ALA O 12 -70.91 3.88 21.15
CA ALA O 12 -70.41 5.12 21.73
C ALA O 12 -69.06 5.52 21.15
N PHE O 13 -68.40 4.59 20.48
CA PHE O 13 -67.10 4.86 19.87
C PHE O 13 -67.20 5.71 18.61
N LEU O 14 -68.43 5.96 18.18
CA LEU O 14 -68.69 6.88 17.08
C LEU O 14 -68.36 8.30 17.52
N ASP O 15 -68.69 8.62 18.78
CA ASP O 15 -68.50 9.96 19.31
C ASP O 15 -67.20 10.06 20.10
N GLU O 16 -66.39 9.00 20.05
CA GLU O 16 -65.10 9.00 20.72
C GLU O 16 -64.04 9.69 19.84
N SER O 17 -63.08 10.34 20.48
CA SER O 17 -62.11 11.17 19.78
C SER O 17 -61.28 10.38 18.77
N ALA O 18 -61.07 10.98 17.60
CA ALA O 18 -60.18 10.43 16.59
C ALA O 18 -59.23 11.52 16.12
N ASP O 19 -58.43 12.05 17.04
CA ASP O 19 -57.49 13.12 16.73
C ASP O 19 -56.45 12.67 15.70
N SER O 20 -56.41 13.37 14.57
CA SER O 20 -55.48 13.03 13.50
C SER O 20 -54.03 13.09 13.95
N GLY O 21 -53.75 13.94 14.93
CA GLY O 21 -52.40 14.10 15.45
C GLY O 21 -51.91 12.89 16.23
N THR O 22 -52.72 12.43 17.18
CA THR O 22 -52.37 11.28 18.00
C THR O 22 -52.35 9.99 17.18
N ILE O 23 -53.26 9.89 16.23
CA ILE O 23 -53.35 8.73 15.34
C ILE O 23 -52.10 8.57 14.48
N ASN O 24 -51.67 9.67 13.86
CA ASN O 24 -50.48 9.65 13.03
C ASN O 24 -49.21 9.30 13.81
N ALA O 25 -49.16 9.71 15.08
CA ALA O 25 -48.04 9.37 15.96
C ALA O 25 -48.00 7.86 16.22
N TRP O 26 -49.18 7.27 16.40
CA TRP O 26 -49.29 5.81 16.53
C TRP O 26 -48.84 5.11 15.26
N VAL O 27 -49.29 5.62 14.12
CA VAL O 27 -48.89 5.07 12.82
C VAL O 27 -47.37 5.01 12.69
N ASN O 28 -46.71 6.10 13.05
CA ASN O 28 -45.25 6.17 12.97
C ASN O 28 -44.55 5.16 13.88
N GLU O 29 -45.10 4.95 15.08
CA GLU O 29 -44.58 3.96 16.01
C GLU O 29 -44.79 2.54 15.50
N PHE O 30 -45.92 2.33 14.83
CA PHE O 30 -46.34 0.98 14.43
C PHE O 30 -45.90 0.60 13.03
N ALA O 31 -45.60 1.60 12.20
CA ALA O 31 -45.27 1.35 10.81
C ALA O 31 -44.11 0.37 10.66
N TYR O 32 -44.14 -0.39 9.57
CA TYR O 32 -43.07 -1.34 9.25
C TYR O 32 -41.70 -0.66 9.34
N GLN O 33 -40.72 -1.37 9.89
CA GLN O 33 -39.34 -0.88 9.92
C GLN O 33 -38.38 -2.03 9.64
N GLY O 34 -37.63 -1.91 8.56
CA GLY O 34 -36.67 -2.93 8.16
C GLY O 34 -36.05 -2.56 6.84
N PHE O 35 -36.49 -3.21 5.78
CA PHE O 35 -36.04 -2.87 4.44
C PHE O 35 -36.46 -1.43 4.10
N ASP O 36 -35.48 -0.62 3.72
CA ASP O 36 -35.73 0.78 3.40
C ASP O 36 -34.61 1.35 2.54
N PRO O 37 -34.89 1.57 1.25
CA PRO O 37 -33.93 2.11 0.27
C PRO O 37 -33.27 3.41 0.76
N LYS O 38 -34.00 4.23 1.50
CA LYS O 38 -33.42 5.43 2.12
C LYS O 38 -32.28 5.05 3.04
N ARG O 39 -32.52 4.07 3.89
CA ARG O 39 -31.53 3.58 4.85
C ARG O 39 -30.35 2.97 4.12
N ILE O 40 -30.61 2.25 3.03
CA ILE O 40 -29.57 1.63 2.23
C ILE O 40 -28.62 2.67 1.63
N VAL O 41 -29.22 3.64 0.92
CA VAL O 41 -28.45 4.72 0.31
C VAL O 41 -27.66 5.50 1.37
N GLN O 42 -28.34 5.86 2.45
CA GLN O 42 -27.72 6.59 3.56
C GLN O 42 -26.48 5.88 4.07
N LEU O 43 -26.64 4.60 4.42
CA LEU O 43 -25.55 3.81 4.98
C LEU O 43 -24.38 3.65 4.00
N VAL O 44 -24.68 3.31 2.75
CA VAL O 44 -23.66 3.18 1.71
C VAL O 44 -22.85 4.46 1.58
N LYS O 45 -23.55 5.59 1.46
CA LYS O 45 -22.92 6.90 1.33
C LYS O 45 -22.08 7.24 2.57
N GLU O 46 -22.63 7.00 3.76
CA GLU O 46 -21.93 7.27 5.01
C GLU O 46 -20.67 6.41 5.16
N ARG O 47 -20.85 5.09 5.06
CA ARG O 47 -19.75 4.15 5.27
C ARG O 47 -18.66 4.32 4.20
N GLY O 48 -19.07 4.73 3.01
CA GLY O 48 -18.12 4.94 1.92
C GLY O 48 -17.28 6.19 2.07
N THR O 49 -17.92 7.31 2.37
CA THR O 49 -17.21 8.58 2.55
C THR O 49 -16.29 8.54 3.77
N ALA O 50 -16.68 7.77 4.78
CA ALA O 50 -15.88 7.63 5.99
C ALA O 50 -14.57 6.90 5.71
N LYS O 51 -14.50 6.26 4.55
CA LYS O 51 -13.30 5.57 4.12
C LYS O 51 -12.60 6.32 2.98
N GLY O 52 -13.20 7.44 2.57
CA GLY O 52 -12.63 8.28 1.53
C GLY O 52 -12.72 7.70 0.12
N ARG O 53 -13.81 7.00 -0.17
CA ARG O 53 -13.95 6.32 -1.46
C ARG O 53 -14.92 7.01 -2.41
N ASP O 54 -14.68 6.78 -3.71
CA ASP O 54 -15.67 7.10 -4.74
C ASP O 54 -16.81 6.10 -4.55
N TRP O 55 -17.70 6.39 -3.61
CA TRP O 55 -18.73 5.43 -3.23
C TRP O 55 -19.71 5.15 -4.36
N LYS O 56 -19.92 6.15 -5.22
CA LYS O 56 -20.79 5.99 -6.39
C LYS O 56 -20.24 4.90 -7.33
N LYS O 57 -18.92 4.90 -7.50
CA LYS O 57 -18.26 3.88 -8.30
C LYS O 57 -18.35 2.52 -7.62
N ASP O 58 -18.22 2.50 -6.30
CA ASP O 58 -18.34 1.26 -5.53
C ASP O 58 -19.71 0.65 -5.70
N VAL O 59 -20.75 1.50 -5.66
CA VAL O 59 -22.13 1.06 -5.83
C VAL O 59 -22.27 0.31 -7.14
N LYS O 60 -21.74 0.91 -8.21
CA LYS O 60 -21.78 0.27 -9.51
C LYS O 60 -21.07 -1.07 -9.50
N MET O 61 -19.88 -1.12 -8.89
CA MET O 61 -19.11 -2.37 -8.81
C MET O 61 -19.90 -3.41 -8.03
N MET O 62 -20.53 -2.97 -6.95
CA MET O 62 -21.31 -3.87 -6.12
C MET O 62 -22.52 -4.41 -6.89
N ILE O 63 -23.14 -3.54 -7.68
CA ILE O 63 -24.29 -3.96 -8.48
C ILE O 63 -23.90 -4.99 -9.54
N VAL O 64 -22.86 -4.67 -10.30
CA VAL O 64 -22.34 -5.59 -11.31
C VAL O 64 -21.96 -6.93 -10.67
N LEU O 65 -21.31 -6.86 -9.51
CA LEU O 65 -20.98 -8.04 -8.72
C LEU O 65 -22.24 -8.84 -8.40
N ASN O 66 -23.30 -8.15 -8.00
CA ASN O 66 -24.56 -8.82 -7.64
C ASN O 66 -25.22 -9.47 -8.86
N LEU O 67 -25.13 -8.80 -10.00
CA LEU O 67 -25.76 -9.27 -11.22
C LEU O 67 -25.12 -10.54 -11.78
N VAL O 68 -23.82 -10.69 -11.61
CA VAL O 68 -23.11 -11.82 -12.23
C VAL O 68 -22.70 -12.93 -11.25
N ARG O 69 -22.72 -12.63 -9.94
CA ARG O 69 -22.25 -13.59 -8.95
C ARG O 69 -23.22 -13.88 -7.80
N GLY O 70 -24.24 -13.03 -7.64
CA GLY O 70 -25.25 -13.28 -6.63
C GLY O 70 -25.09 -12.46 -5.37
N ASN O 71 -25.38 -13.07 -4.22
CA ASN O 71 -25.52 -12.34 -2.96
C ASN O 71 -24.58 -12.80 -1.85
N LYS O 72 -23.55 -13.56 -2.17
CA LYS O 72 -22.64 -14.09 -1.15
C LYS O 72 -21.17 -13.80 -1.43
N PRO O 73 -20.72 -12.59 -1.08
CA PRO O 73 -19.38 -12.06 -1.38
C PRO O 73 -18.22 -12.87 -0.77
N GLU O 74 -18.33 -13.28 0.49
CA GLU O 74 -17.30 -14.11 1.10
C GLU O 74 -17.09 -15.39 0.28
N ALA O 75 -18.19 -16.00 -0.14
CA ALA O 75 -18.17 -17.26 -0.85
C ALA O 75 -17.58 -17.11 -2.26
N MET O 76 -17.93 -16.03 -2.93
CA MET O 76 -17.52 -15.83 -4.31
C MET O 76 -16.04 -15.44 -4.46
N MET O 77 -15.43 -14.94 -3.38
CA MET O 77 -14.00 -14.65 -3.39
C MET O 77 -13.17 -15.93 -3.53
N LYS O 78 -13.74 -17.04 -3.09
CA LYS O 78 -13.06 -18.33 -3.17
C LYS O 78 -13.12 -18.90 -4.59
N LYS O 79 -13.91 -18.25 -5.44
CA LYS O 79 -14.07 -18.67 -6.82
C LYS O 79 -13.88 -17.48 -7.76
N MET O 80 -12.75 -16.80 -7.63
CA MET O 80 -12.51 -15.56 -8.34
C MET O 80 -11.02 -15.36 -8.53
N SER O 81 -10.63 -14.56 -9.52
CA SER O 81 -9.23 -14.19 -9.67
C SER O 81 -8.79 -13.35 -8.48
N GLU O 82 -7.49 -13.34 -8.19
CA GLU O 82 -6.97 -12.56 -7.06
C GLU O 82 -7.24 -11.06 -7.24
N LYS O 83 -7.19 -10.60 -8.48
CA LYS O 83 -7.42 -9.20 -8.79
C LYS O 83 -8.83 -8.78 -8.41
N GLY O 84 -9.82 -9.57 -8.81
CA GLY O 84 -11.20 -9.31 -8.50
C GLY O 84 -11.52 -9.54 -7.03
N ALA O 85 -10.93 -10.60 -6.46
CA ALA O 85 -11.15 -10.92 -5.06
C ALA O 85 -10.63 -9.82 -4.13
N SER O 86 -9.55 -9.17 -4.54
CA SER O 86 -8.98 -8.07 -3.78
C SER O 86 -9.97 -6.90 -3.72
N ILE O 87 -10.69 -6.69 -4.82
CA ILE O 87 -11.71 -5.65 -4.90
C ILE O 87 -12.90 -5.96 -4.00
N VAL O 88 -13.42 -7.17 -4.12
CA VAL O 88 -14.55 -7.63 -3.30
C VAL O 88 -14.23 -7.53 -1.81
N ALA O 89 -13.01 -7.94 -1.44
CA ALA O 89 -12.57 -7.88 -0.04
C ALA O 89 -12.67 -6.46 0.53
N ASN O 90 -12.27 -5.47 -0.27
CA ASN O 90 -12.43 -4.07 0.10
C ASN O 90 -13.90 -3.72 0.29
N LEU O 91 -14.70 -3.99 -0.74
CA LEU O 91 -16.13 -3.71 -0.71
C LEU O 91 -16.83 -4.30 0.52
N ILE O 92 -16.41 -5.50 0.92
CA ILE O 92 -16.92 -6.14 2.13
C ILE O 92 -16.51 -5.34 3.36
N SER O 93 -15.24 -4.93 3.41
CA SER O 93 -14.69 -4.19 4.55
C SER O 93 -15.37 -2.84 4.81
N VAL O 94 -15.38 -1.97 3.80
CA VAL O 94 -15.92 -0.62 3.98
C VAL O 94 -17.44 -0.60 4.17
N TYR O 95 -18.15 -1.41 3.40
CA TYR O 95 -19.60 -1.40 3.42
C TYR O 95 -20.19 -2.41 4.40
N GLN O 96 -19.32 -3.23 4.99
CA GLN O 96 -19.72 -4.23 5.99
C GLN O 96 -20.76 -5.16 5.39
N LEU O 97 -20.45 -5.71 4.22
CA LEU O 97 -21.38 -6.57 3.49
C LEU O 97 -21.64 -7.88 4.22
N LYS O 98 -22.88 -8.35 4.18
CA LYS O 98 -23.25 -9.62 4.80
C LYS O 98 -23.68 -10.63 3.73
N GLU O 99 -23.66 -11.90 4.10
CA GLU O 99 -23.93 -12.99 3.17
C GLU O 99 -25.43 -13.27 3.02
N GLY O 100 -26.25 -12.45 3.67
CA GLY O 100 -27.69 -12.63 3.67
C GLY O 100 -28.30 -12.42 5.04
N ASN O 101 -29.57 -12.80 5.19
CA ASN O 101 -30.30 -12.65 6.46
C ASN O 101 -30.17 -11.26 7.05
N PRO O 102 -30.56 -10.23 6.27
CA PRO O 102 -30.25 -8.85 6.66
C PRO O 102 -31.09 -8.30 7.81
N GLY O 103 -30.48 -7.44 8.62
CA GLY O 103 -31.18 -6.66 9.62
C GLY O 103 -31.44 -5.26 9.11
N ARG O 104 -31.95 -4.37 9.96
CA ARG O 104 -32.29 -3.03 9.53
C ARG O 104 -31.08 -2.21 9.07
N ASP O 105 -29.94 -2.44 9.71
CA ASP O 105 -28.73 -1.67 9.42
C ASP O 105 -27.75 -2.41 8.53
N THR O 106 -28.13 -3.59 8.05
CA THR O 106 -27.22 -4.40 7.24
C THR O 106 -27.31 -4.06 5.76
N ILE O 107 -26.17 -4.18 5.07
CA ILE O 107 -26.09 -3.94 3.64
C ILE O 107 -25.69 -5.21 2.90
N THR O 108 -26.48 -5.57 1.90
CA THR O 108 -26.18 -6.71 1.04
C THR O 108 -26.09 -6.22 -0.40
N LEU O 109 -25.48 -7.04 -1.26
CA LEU O 109 -25.40 -6.72 -2.68
C LEU O 109 -26.80 -6.57 -3.27
N SER O 110 -27.72 -7.43 -2.84
CA SER O 110 -29.11 -7.36 -3.27
C SER O 110 -29.75 -6.02 -2.90
N ARG O 111 -29.45 -5.54 -1.70
CA ARG O 111 -30.03 -4.29 -1.22
C ARG O 111 -29.49 -3.09 -1.99
N VAL O 112 -28.21 -3.15 -2.36
CA VAL O 112 -27.60 -2.11 -3.17
C VAL O 112 -28.24 -2.05 -4.56
N SER O 113 -28.41 -3.21 -5.18
CA SER O 113 -29.06 -3.31 -6.50
C SER O 113 -30.50 -2.80 -6.46
N ALA O 114 -31.18 -2.99 -5.33
CA ALA O 114 -32.57 -2.55 -5.20
C ALA O 114 -32.66 -1.05 -4.97
N ALA O 115 -31.83 -0.54 -4.06
CA ALA O 115 -31.85 0.87 -3.72
C ALA O 115 -31.37 1.74 -4.87
N PHE O 116 -30.34 1.28 -5.57
CA PHE O 116 -29.78 2.03 -6.69
C PHE O 116 -30.27 1.43 -8.00
N VAL O 117 -31.51 0.99 -8.01
CA VAL O 117 -32.13 0.39 -9.20
C VAL O 117 -32.15 1.26 -10.47
N PRO O 118 -32.19 2.62 -10.35
CA PRO O 118 -32.14 3.36 -11.62
C PRO O 118 -30.83 3.15 -12.39
N TRP O 119 -29.79 2.68 -11.70
CA TRP O 119 -28.56 2.32 -12.38
C TRP O 119 -28.53 0.84 -12.74
N THR O 120 -28.98 0.02 -11.80
CA THR O 120 -29.07 -1.42 -11.99
C THR O 120 -29.75 -1.74 -13.31
N VAL O 121 -30.85 -1.03 -13.55
CA VAL O 121 -31.70 -1.26 -14.70
C VAL O 121 -31.00 -0.89 -16.03
N GLN O 122 -29.93 -0.10 -15.93
CA GLN O 122 -29.15 0.29 -17.11
C GLN O 122 -28.03 -0.70 -17.39
N ALA O 123 -27.42 -1.20 -16.31
CA ALA O 123 -26.35 -2.19 -16.42
C ALA O 123 -26.86 -3.47 -17.06
N LEU O 124 -28.12 -3.81 -16.78
CA LEU O 124 -28.75 -5.00 -17.34
C LEU O 124 -28.77 -5.01 -18.87
N ARG O 125 -28.78 -3.81 -19.46
CA ARG O 125 -28.76 -3.68 -20.92
C ARG O 125 -27.45 -4.20 -21.51
N VAL O 126 -26.42 -4.27 -20.67
CA VAL O 126 -25.07 -4.59 -21.12
C VAL O 126 -24.63 -6.00 -20.68
N LEU O 127 -25.15 -6.44 -19.54
CA LEU O 127 -24.74 -7.68 -18.89
C LEU O 127 -25.52 -8.91 -19.31
N SER O 128 -26.56 -8.70 -20.12
CA SER O 128 -27.60 -9.70 -20.39
C SER O 128 -27.13 -11.15 -20.55
N GLU O 129 -25.95 -11.33 -21.14
CA GLU O 129 -25.44 -12.67 -21.41
C GLU O 129 -24.56 -13.24 -20.29
N SER O 130 -24.24 -12.41 -19.30
CA SER O 130 -23.43 -12.85 -18.16
C SER O 130 -24.30 -13.08 -16.91
N LEU O 131 -25.61 -12.90 -17.06
CA LEU O 131 -26.56 -13.11 -15.97
C LEU O 131 -26.81 -14.61 -15.74
N PRO O 132 -27.26 -14.98 -14.54
CA PRO O 132 -27.58 -16.38 -14.21
C PRO O 132 -28.59 -16.97 -15.19
N VAL O 133 -29.61 -16.18 -15.53
CA VAL O 133 -30.46 -16.50 -16.67
C VAL O 133 -30.11 -15.51 -17.78
N SER O 134 -29.56 -16.02 -18.88
CA SER O 134 -29.15 -15.16 -19.99
C SER O 134 -30.35 -14.52 -20.69
N GLY O 135 -30.10 -13.41 -21.38
CA GLY O 135 -31.12 -12.76 -22.18
C GLY O 135 -31.60 -13.66 -23.30
N THR O 136 -30.67 -14.38 -23.92
CA THR O 136 -31.00 -15.31 -25.00
C THR O 136 -31.94 -16.42 -24.51
N THR O 137 -31.77 -16.82 -23.26
CA THR O 137 -32.64 -17.82 -22.65
C THR O 137 -34.06 -17.26 -22.44
N MET O 138 -34.13 -16.06 -21.89
CA MET O 138 -35.41 -15.37 -21.72
C MET O 138 -36.07 -15.09 -23.07
N ASP O 139 -35.26 -14.78 -24.08
CA ASP O 139 -35.75 -14.52 -25.43
C ASP O 139 -36.45 -15.76 -26.02
N ALA O 140 -36.07 -16.94 -25.53
CA ALA O 140 -36.63 -18.18 -26.04
C ALA O 140 -37.88 -18.58 -25.26
N ILE O 141 -37.87 -18.28 -23.97
CA ILE O 141 -39.04 -18.53 -23.11
C ILE O 141 -40.17 -17.56 -23.47
N ALA O 142 -39.87 -16.28 -23.49
CA ALA O 142 -40.77 -15.31 -24.10
C ALA O 142 -40.71 -15.57 -25.61
N GLY O 143 -41.72 -15.13 -26.35
CA GLY O 143 -41.70 -15.34 -27.79
C GLY O 143 -40.93 -14.22 -28.48
N VAL O 144 -40.41 -13.30 -27.68
CA VAL O 144 -39.83 -12.06 -28.17
C VAL O 144 -38.51 -11.76 -27.47
N THR O 145 -37.88 -10.64 -27.82
CA THR O 145 -36.71 -10.19 -27.10
C THR O 145 -37.15 -9.63 -25.74
N TYR O 146 -36.96 -10.42 -24.69
CA TYR O 146 -37.36 -10.02 -23.35
C TYR O 146 -36.61 -8.77 -22.90
N PRO O 147 -37.35 -7.76 -22.39
CA PRO O 147 -36.75 -6.48 -21.96
C PRO O 147 -35.68 -6.69 -20.90
N ARG O 148 -34.44 -6.36 -21.26
CA ARG O 148 -33.28 -6.57 -20.39
C ARG O 148 -33.42 -5.87 -19.03
N ALA O 149 -34.11 -4.73 -19.04
CA ALA O 149 -34.31 -3.95 -17.82
C ALA O 149 -35.05 -4.74 -16.73
N MET O 150 -35.82 -5.74 -17.14
CA MET O 150 -36.64 -6.52 -16.22
C MET O 150 -35.88 -7.69 -15.62
N MET O 151 -34.72 -8.01 -16.18
CA MET O 151 -34.02 -9.25 -15.82
C MET O 151 -33.27 -9.20 -14.48
N HIS O 152 -33.96 -8.70 -13.46
CA HIS O 152 -33.47 -8.73 -12.08
C HIS O 152 -34.63 -8.39 -11.14
N PRO O 153 -34.65 -9.03 -9.96
CA PRO O 153 -35.70 -8.79 -8.97
C PRO O 153 -35.90 -7.31 -8.61
N SER O 154 -34.83 -6.53 -8.69
CA SER O 154 -34.89 -5.11 -8.29
C SER O 154 -35.78 -4.28 -9.19
N PHE O 155 -36.12 -4.82 -10.37
CA PHE O 155 -36.99 -4.10 -11.30
C PHE O 155 -38.36 -3.82 -10.68
N ALA O 156 -38.78 -4.68 -9.76
CA ALA O 156 -40.09 -4.57 -9.13
C ALA O 156 -40.25 -3.22 -8.43
N GLY O 157 -39.14 -2.68 -7.95
CA GLY O 157 -39.14 -1.44 -7.19
C GLY O 157 -39.56 -0.23 -7.98
N ILE O 158 -39.56 -0.32 -9.30
CA ILE O 158 -39.96 0.81 -10.13
C ILE O 158 -41.31 0.61 -10.83
N ILE O 159 -41.96 -0.51 -10.53
CA ILE O 159 -43.28 -0.79 -11.10
C ILE O 159 -44.39 0.01 -10.39
N ASP O 160 -45.14 0.79 -11.18
CA ASP O 160 -46.34 1.45 -10.67
C ASP O 160 -47.56 0.60 -11.04
N LEU O 161 -48.12 -0.09 -10.05
CA LEU O 161 -49.26 -0.96 -10.26
C LEU O 161 -50.53 -0.19 -10.64
N ASP O 162 -50.54 1.10 -10.33
CA ASP O 162 -51.73 1.92 -10.52
C ASP O 162 -51.72 2.68 -11.84
N LEU O 163 -50.85 2.27 -12.76
CA LEU O 163 -50.86 2.82 -14.12
C LEU O 163 -52.19 2.48 -14.80
N PRO O 164 -52.73 3.44 -15.58
CA PRO O 164 -54.02 3.30 -16.27
C PRO O 164 -54.12 2.06 -17.16
N ASN O 165 -55.34 1.54 -17.29
CA ASN O 165 -55.63 0.41 -18.18
C ASN O 165 -54.91 -0.88 -17.83
N GLY O 166 -54.62 -1.06 -16.54
CA GLY O 166 -53.95 -2.25 -16.06
C GLY O 166 -52.55 -2.40 -16.61
N ALA O 167 -51.93 -1.28 -16.97
CA ALA O 167 -50.58 -1.30 -17.51
C ALA O 167 -49.61 -1.84 -16.46
N GLY O 168 -49.79 -1.41 -15.22
CA GLY O 168 -48.94 -1.86 -14.12
C GLY O 168 -49.05 -3.35 -13.92
N ALA O 169 -50.27 -3.87 -13.97
CA ALA O 169 -50.50 -5.31 -13.83
C ALA O 169 -49.76 -6.08 -14.92
N THR O 170 -49.86 -5.58 -16.15
CA THR O 170 -49.22 -6.21 -17.30
C THR O 170 -47.70 -6.22 -17.14
N ILE O 171 -47.16 -5.12 -16.61
CA ILE O 171 -45.72 -5.01 -16.36
C ILE O 171 -45.28 -6.01 -15.29
N ALA O 172 -46.05 -6.12 -14.22
CA ALA O 172 -45.77 -7.10 -13.17
C ALA O 172 -45.84 -8.53 -13.71
N ASP O 173 -46.79 -8.78 -14.60
CA ASP O 173 -46.92 -10.09 -15.21
C ASP O 173 -45.68 -10.42 -16.03
N ALA O 174 -45.26 -9.47 -16.86
CA ALA O 174 -44.09 -9.65 -17.70
C ALA O 174 -42.83 -9.90 -16.86
N HIS O 175 -42.74 -9.22 -15.73
CA HIS O 175 -41.60 -9.39 -14.83
C HIS O 175 -41.63 -10.74 -14.14
N GLY O 176 -42.83 -11.25 -13.87
CA GLY O 176 -42.98 -12.56 -13.26
C GLY O 176 -42.43 -13.67 -14.12
N LEU O 177 -42.48 -13.49 -15.44
CA LEU O 177 -41.95 -14.47 -16.37
C LEU O 177 -40.47 -14.70 -16.10
N PHE O 178 -39.74 -13.61 -15.84
CA PHE O 178 -38.33 -13.71 -15.52
C PHE O 178 -38.13 -14.28 -14.12
N MET O 179 -38.94 -13.80 -13.17
CA MET O 179 -38.81 -14.19 -11.77
C MET O 179 -38.94 -15.69 -11.55
N ILE O 180 -39.73 -16.36 -12.38
CA ILE O 180 -39.86 -17.81 -12.29
C ILE O 180 -38.52 -18.46 -12.61
N GLU O 181 -37.90 -18.03 -13.70
CA GLU O 181 -36.63 -18.59 -14.15
C GLU O 181 -35.52 -18.30 -13.16
N PHE O 182 -35.50 -17.07 -12.66
CA PHE O 182 -34.48 -16.65 -11.71
C PHE O 182 -34.58 -17.43 -10.40
N SER O 183 -35.80 -17.61 -9.90
CA SER O 183 -36.04 -18.35 -8.66
C SER O 183 -35.64 -19.82 -8.78
N LYS O 184 -35.79 -20.39 -9.97
CA LYS O 184 -35.45 -21.80 -10.19
C LYS O 184 -33.94 -22.00 -10.32
N THR O 185 -33.24 -20.99 -10.83
CA THR O 185 -31.80 -21.11 -11.04
C THR O 185 -31.03 -21.05 -9.72
N ILE O 186 -31.46 -20.18 -8.81
CA ILE O 186 -30.77 -20.00 -7.55
C ILE O 186 -31.30 -20.92 -6.45
N ASN O 187 -32.40 -21.61 -6.73
CA ASN O 187 -32.93 -22.63 -5.83
C ASN O 187 -33.37 -23.86 -6.62
N PRO O 188 -32.46 -24.84 -6.76
CA PRO O 188 -32.68 -26.05 -7.57
C PRO O 188 -33.89 -26.86 -7.12
N SER O 189 -34.29 -26.69 -5.87
CA SER O 189 -35.43 -27.44 -5.33
C SER O 189 -36.76 -26.98 -5.91
N LEU O 190 -36.71 -25.97 -6.78
CA LEU O 190 -37.92 -25.43 -7.40
C LEU O 190 -38.04 -25.83 -8.88
N ARG O 191 -37.00 -26.46 -9.41
CA ARG O 191 -36.92 -26.74 -10.83
C ARG O 191 -37.94 -27.76 -11.29
N THR O 192 -38.37 -28.61 -10.36
CA THR O 192 -39.36 -29.65 -10.65
C THR O 192 -40.77 -29.20 -10.29
N LYS O 193 -40.90 -27.97 -9.78
CA LYS O 193 -42.19 -27.44 -9.36
C LYS O 193 -42.97 -26.84 -10.53
N GLN O 194 -44.27 -26.65 -10.35
CA GLN O 194 -45.11 -26.00 -11.34
C GLN O 194 -44.93 -24.49 -11.27
N ALA O 195 -45.28 -23.79 -12.36
CA ALA O 195 -45.10 -22.34 -12.45
C ALA O 195 -45.71 -21.58 -11.28
N ASN O 196 -46.97 -21.87 -10.98
CA ASN O 196 -47.69 -21.20 -9.88
C ASN O 196 -47.08 -21.50 -8.51
N GLU O 197 -46.48 -22.69 -8.37
CA GLU O 197 -45.80 -23.05 -7.13
C GLU O 197 -44.52 -22.22 -6.98
N VAL O 198 -43.81 -22.02 -8.09
CA VAL O 198 -42.58 -21.24 -8.06
C VAL O 198 -42.91 -19.77 -7.81
N ALA O 199 -43.98 -19.30 -8.45
CA ALA O 199 -44.39 -17.90 -8.27
C ALA O 199 -44.72 -17.62 -6.81
N ALA O 200 -45.31 -18.59 -6.13
CA ALA O 200 -45.70 -18.45 -4.74
C ALA O 200 -44.50 -18.19 -3.81
N THR O 201 -43.30 -18.52 -4.27
CA THR O 201 -42.11 -18.37 -3.45
C THR O 201 -41.55 -16.94 -3.47
N PHE O 202 -41.93 -16.16 -4.47
CA PHE O 202 -41.42 -14.80 -4.59
C PHE O 202 -42.46 -13.68 -4.54
N GLU O 203 -43.73 -13.99 -4.79
CA GLU O 203 -44.70 -12.93 -5.02
C GLU O 203 -45.05 -12.08 -3.80
N LYS O 204 -44.78 -12.58 -2.59
CA LYS O 204 -45.00 -11.78 -1.39
C LYS O 204 -43.94 -10.67 -1.19
N PRO O 205 -42.64 -11.02 -1.21
CA PRO O 205 -41.65 -9.93 -1.15
C PRO O 205 -41.62 -9.09 -2.43
N ASN O 206 -42.06 -9.69 -3.54
CA ASN O 206 -42.21 -8.98 -4.81
C ASN O 206 -43.32 -7.93 -4.74
N MET O 207 -44.40 -8.26 -4.03
CA MET O 207 -45.49 -7.31 -3.84
C MET O 207 -45.05 -6.16 -2.96
N ALA O 208 -44.25 -6.47 -1.95
CA ALA O 208 -43.71 -5.45 -1.05
C ALA O 208 -42.87 -4.44 -1.83
N ALA O 209 -42.13 -4.94 -2.82
CA ALA O 209 -41.29 -4.09 -3.65
C ALA O 209 -42.11 -3.17 -4.55
N MET O 210 -43.09 -3.76 -5.25
CA MET O 210 -43.96 -2.99 -6.14
C MET O 210 -44.79 -1.95 -5.40
N SER O 211 -45.16 -2.23 -4.15
CA SER O 211 -46.01 -1.32 -3.38
C SER O 211 -45.21 -0.44 -2.42
N GLY O 212 -43.89 -0.44 -2.58
CA GLY O 212 -43.04 0.45 -1.81
C GLY O 212 -43.30 1.91 -2.17
N ARG O 213 -42.97 2.81 -1.27
CA ARG O 213 -43.25 4.22 -1.49
C ARG O 213 -41.98 5.08 -1.52
N PHE O 214 -40.84 4.44 -1.76
CA PHE O 214 -39.57 5.16 -1.90
C PHE O 214 -39.62 6.06 -3.14
N PHE O 215 -40.00 5.49 -4.27
CA PHE O 215 -40.21 6.27 -5.49
C PHE O 215 -41.66 6.69 -5.60
N THR O 216 -41.89 7.93 -6.04
CA THR O 216 -43.25 8.40 -6.28
C THR O 216 -43.76 7.81 -7.59
N ARG O 217 -45.05 7.97 -7.86
CA ARG O 217 -45.66 7.45 -9.07
C ARG O 217 -45.09 8.14 -10.31
N GLU O 218 -44.66 9.38 -10.14
CA GLU O 218 -44.06 10.15 -11.22
C GLU O 218 -42.62 9.69 -11.46
N ASP O 219 -41.95 9.28 -10.40
CA ASP O 219 -40.60 8.75 -10.51
C ASP O 219 -40.62 7.43 -11.26
N LYS O 220 -41.55 6.56 -10.88
CA LYS O 220 -41.68 5.25 -11.52
C LYS O 220 -42.03 5.42 -12.99
N LYS O 221 -42.96 6.32 -13.27
CA LYS O 221 -43.40 6.59 -14.63
C LYS O 221 -42.22 7.01 -15.49
N LYS O 222 -41.38 7.89 -14.96
CA LYS O 222 -40.20 8.38 -15.66
C LYS O 222 -39.18 7.26 -15.86
N LEU O 223 -38.94 6.49 -14.81
CA LEU O 223 -38.01 5.36 -14.87
C LEU O 223 -38.44 4.34 -15.91
N LEU O 224 -39.74 4.02 -15.94
CA LEU O 224 -40.29 3.05 -16.89
C LEU O 224 -40.17 3.53 -18.33
N ILE O 225 -40.40 4.82 -18.55
CA ILE O 225 -40.26 5.42 -19.88
C ILE O 225 -38.79 5.41 -20.31
N ALA O 226 -37.92 5.85 -19.42
CA ALA O 226 -36.49 5.97 -19.70
C ALA O 226 -35.88 4.64 -20.12
N VAL O 227 -36.46 3.55 -19.64
CA VAL O 227 -35.89 2.23 -19.84
C VAL O 227 -36.67 1.44 -20.91
N GLY O 228 -37.67 2.06 -21.50
CA GLY O 228 -38.35 1.52 -22.68
C GLY O 228 -39.50 0.55 -22.46
N ILE O 229 -39.88 0.34 -21.20
CA ILE O 229 -41.04 -0.50 -20.88
C ILE O 229 -42.31 0.13 -21.44
N ILE O 230 -42.39 1.46 -21.35
CA ILE O 230 -43.57 2.19 -21.74
C ILE O 230 -43.11 3.48 -22.45
N ASP O 231 -43.98 4.09 -23.26
CA ASP O 231 -43.62 5.36 -23.91
C ASP O 231 -44.24 6.59 -23.24
N GLU O 232 -44.04 7.76 -23.84
CA GLU O 232 -44.56 9.01 -23.30
C GLU O 232 -46.08 9.01 -23.24
N ASP O 233 -46.70 8.28 -24.17
CA ASP O 233 -48.16 8.18 -24.22
C ASP O 233 -48.69 7.06 -23.32
N LEU O 234 -47.79 6.49 -22.51
CA LEU O 234 -48.13 5.39 -21.60
C LEU O 234 -48.53 4.10 -22.32
N VAL O 235 -47.99 3.91 -23.52
CA VAL O 235 -48.23 2.69 -24.30
C VAL O 235 -47.14 1.65 -24.05
N LEU O 236 -47.55 0.45 -23.71
CA LEU O 236 -46.62 -0.65 -23.44
C LEU O 236 -45.96 -1.15 -24.71
N ALA O 237 -44.69 -1.53 -24.61
CA ALA O 237 -44.00 -2.19 -25.72
C ALA O 237 -44.57 -3.59 -25.89
N SER O 238 -44.69 -4.04 -27.13
CA SER O 238 -45.30 -5.33 -27.42
C SER O 238 -44.57 -6.48 -26.73
N ALA O 239 -43.26 -6.33 -26.55
CA ALA O 239 -42.47 -7.35 -25.88
C ALA O 239 -42.96 -7.57 -24.45
N VAL O 240 -43.33 -6.48 -23.79
CA VAL O 240 -43.86 -6.55 -22.43
C VAL O 240 -45.19 -7.30 -22.38
N VAL O 241 -46.14 -6.90 -23.23
CA VAL O 241 -47.48 -7.49 -23.20
C VAL O 241 -47.47 -8.96 -23.63
N ARG O 242 -46.56 -9.33 -24.53
CA ARG O 242 -46.46 -10.71 -24.99
C ARG O 242 -45.74 -11.59 -23.97
N SER O 243 -44.81 -11.00 -23.23
CA SER O 243 -44.16 -11.69 -22.12
C SER O 243 -45.18 -11.89 -21.00
N ALA O 244 -46.06 -10.90 -20.82
CA ALA O 244 -47.09 -10.94 -19.79
C ALA O 244 -48.09 -12.08 -20.00
N GLU O 245 -48.52 -12.29 -21.26
CA GLU O 245 -49.48 -13.34 -21.53
C GLU O 245 -48.85 -14.75 -21.46
N LYS O 246 -47.53 -14.82 -21.64
CA LYS O 246 -46.82 -16.08 -21.44
C LYS O 246 -46.87 -16.45 -19.97
N TYR O 247 -46.69 -15.44 -19.13
CA TYR O 247 -46.70 -15.63 -17.67
C TYR O 247 -48.07 -16.06 -17.17
N ARG O 248 -49.11 -15.35 -17.60
CA ARG O 248 -50.47 -15.67 -17.20
C ARG O 248 -50.91 -17.07 -17.65
N ALA O 249 -50.39 -17.52 -18.79
CA ALA O 249 -50.69 -18.86 -19.28
C ALA O 249 -50.04 -19.91 -18.38
N LYS O 250 -48.80 -19.64 -17.97
CA LYS O 250 -48.03 -20.52 -17.12
C LYS O 250 -48.69 -20.74 -15.76
N VAL O 251 -49.18 -19.66 -15.16
CA VAL O 251 -49.70 -19.70 -13.80
C VAL O 251 -51.16 -20.17 -13.72
N GLY O 252 -51.89 -20.00 -14.82
CA GLY O 252 -53.28 -20.45 -14.90
C GLY O 252 -53.44 -21.96 -14.82
N GLU P 4 -36.56 13.80 1.12
CA GLU P 4 -36.50 13.50 -0.30
C GLU P 4 -35.09 13.71 -0.88
N ASN P 5 -34.09 13.77 0.01
CA ASN P 5 -32.69 13.93 -0.39
C ASN P 5 -32.07 12.64 -0.90
N TYR P 6 -32.24 11.57 -0.14
CA TYR P 6 -31.69 10.27 -0.52
C TYR P 6 -32.37 9.69 -1.74
N ARG P 7 -33.65 10.03 -1.93
CA ARG P 7 -34.36 9.63 -3.14
C ARG P 7 -33.70 10.27 -4.37
N ASP P 8 -33.37 11.56 -4.25
CA ASP P 8 -32.71 12.29 -5.33
C ASP P 8 -31.36 11.69 -5.71
N ILE P 9 -30.64 11.19 -4.72
CA ILE P 9 -29.32 10.60 -4.96
C ILE P 9 -29.46 9.31 -5.78
N ALA P 10 -30.45 8.49 -5.42
CA ALA P 10 -30.70 7.26 -6.14
C ALA P 10 -31.19 7.56 -7.56
N LEU P 11 -32.03 8.58 -7.66
CA LEU P 11 -32.58 9.00 -8.95
C LEU P 11 -31.52 9.59 -9.87
N ALA P 12 -30.44 10.09 -9.29
CA ALA P 12 -29.38 10.70 -10.07
C ALA P 12 -28.52 9.64 -10.78
N PHE P 13 -28.67 8.39 -10.35
CA PHE P 13 -27.93 7.29 -10.96
C PHE P 13 -28.50 6.92 -12.33
N LEU P 14 -29.65 7.48 -12.66
CA LEU P 14 -30.24 7.32 -13.98
C LEU P 14 -29.35 7.99 -15.04
N ASP P 15 -28.70 9.09 -14.65
CA ASP P 15 -27.84 9.84 -15.56
C ASP P 15 -26.38 9.50 -15.34
N GLU P 16 -26.12 8.22 -15.05
CA GLU P 16 -24.77 7.72 -14.90
C GLU P 16 -24.41 6.75 -16.04
N SER P 17 -23.23 6.14 -15.98
CA SER P 17 -22.58 5.53 -17.14
C SER P 17 -22.85 4.04 -17.38
N ALA P 18 -22.99 3.59 -18.63
CA ALA P 18 -23.02 2.14 -18.85
C ALA P 18 -22.25 1.69 -20.08
N ASP P 19 -20.96 1.99 -20.11
CA ASP P 19 -20.10 1.64 -21.23
C ASP P 19 -19.92 0.13 -21.30
N SER P 20 -20.22 -0.46 -22.45
CA SER P 20 -20.17 -1.91 -22.64
C SER P 20 -18.78 -2.47 -22.35
N GLY P 21 -17.75 -1.77 -22.81
CA GLY P 21 -16.38 -2.22 -22.62
C GLY P 21 -15.93 -2.23 -21.18
N THR P 22 -16.31 -1.17 -20.44
CA THR P 22 -15.97 -1.05 -19.03
C THR P 22 -16.69 -2.12 -18.20
N ILE P 23 -17.95 -2.35 -18.54
CA ILE P 23 -18.75 -3.36 -17.87
C ILE P 23 -18.23 -4.78 -18.15
N ASN P 24 -17.95 -5.07 -19.42
CA ASN P 24 -17.43 -6.39 -19.80
C ASN P 24 -16.08 -6.69 -19.14
N ALA P 25 -15.31 -5.65 -18.86
CA ALA P 25 -14.05 -5.79 -18.15
C ALA P 25 -14.28 -6.29 -16.73
N TRP P 26 -15.30 -5.73 -16.08
CA TRP P 26 -15.71 -6.17 -14.74
C TRP P 26 -16.23 -7.60 -14.72
N VAL P 27 -17.01 -7.95 -15.74
CA VAL P 27 -17.52 -9.31 -15.87
C VAL P 27 -16.39 -10.32 -15.89
N ASN P 28 -15.35 -10.01 -16.65
CA ASN P 28 -14.20 -10.91 -16.79
C ASN P 28 -13.40 -11.02 -15.48
N GLU P 29 -13.34 -9.91 -14.73
CA GLU P 29 -12.69 -9.92 -13.42
C GLU P 29 -13.49 -10.76 -12.43
N PHE P 30 -14.80 -10.53 -12.41
CA PHE P 30 -15.69 -11.17 -11.47
C PHE P 30 -16.10 -12.57 -11.91
N ALA P 31 -15.69 -12.95 -13.12
CA ALA P 31 -16.06 -14.25 -13.69
C ALA P 31 -15.71 -15.41 -12.77
N TYR P 32 -16.51 -16.48 -12.85
CA TYR P 32 -16.25 -17.70 -12.11
C TYR P 32 -14.89 -18.28 -12.53
N GLN P 33 -14.09 -18.66 -11.53
CA GLN P 33 -12.83 -19.35 -11.76
C GLN P 33 -12.78 -20.58 -10.85
N GLY P 34 -12.78 -21.76 -11.47
CA GLY P 34 -12.76 -23.00 -10.72
C GLY P 34 -11.56 -23.11 -9.79
N PHE P 35 -10.37 -22.89 -10.35
CA PHE P 35 -9.13 -22.95 -9.57
C PHE P 35 -8.02 -22.23 -10.33
N ASP P 36 -6.94 -21.92 -9.61
CA ASP P 36 -5.76 -21.31 -10.21
C ASP P 36 -4.62 -22.33 -10.21
N PRO P 37 -4.19 -22.76 -11.40
CA PRO P 37 -3.10 -23.73 -11.56
C PRO P 37 -1.86 -23.26 -10.83
N LYS P 38 -1.57 -21.96 -10.93
CA LYS P 38 -0.43 -21.36 -10.24
C LYS P 38 -0.47 -21.65 -8.74
N ARG P 39 -1.64 -21.44 -8.13
CA ARG P 39 -1.84 -21.69 -6.71
C ARG P 39 -1.67 -23.17 -6.39
N ILE P 40 -2.07 -24.02 -7.33
CA ILE P 40 -1.97 -25.48 -7.14
C ILE P 40 -0.54 -25.97 -7.04
N VAL P 41 0.32 -25.58 -7.98
CA VAL P 41 1.71 -26.02 -7.94
C VAL P 41 2.43 -25.43 -6.73
N GLN P 42 1.99 -24.25 -6.31
CA GLN P 42 2.53 -23.60 -5.12
C GLN P 42 2.26 -24.43 -3.87
N LEU P 43 0.99 -24.75 -3.65
CA LEU P 43 0.56 -25.51 -2.48
C LEU P 43 1.15 -26.93 -2.45
N VAL P 44 1.28 -27.54 -3.62
CA VAL P 44 1.88 -28.86 -3.72
C VAL P 44 3.33 -28.82 -3.28
N LYS P 45 4.09 -27.86 -3.80
CA LYS P 45 5.50 -27.73 -3.46
C LYS P 45 5.69 -27.36 -1.99
N GLU P 46 4.86 -26.44 -1.50
CA GLU P 46 4.95 -26.00 -0.11
C GLU P 46 4.62 -27.12 0.88
N ARG P 47 3.45 -27.73 0.70
CA ARG P 47 3.01 -28.80 1.60
C ARG P 47 3.90 -30.04 1.51
N GLY P 48 4.43 -30.31 0.32
CA GLY P 48 5.29 -31.45 0.11
C GLY P 48 6.64 -31.33 0.81
N THR P 49 7.29 -30.19 0.59
CA THR P 49 8.60 -29.93 1.21
C THR P 49 8.49 -29.85 2.73
N ALA P 50 7.36 -29.34 3.21
CA ALA P 50 7.12 -29.17 4.65
C ALA P 50 7.09 -30.51 5.38
N LYS P 51 6.94 -31.60 4.63
CA LYS P 51 6.90 -32.94 5.20
C LYS P 51 8.11 -33.75 4.74
N GLY P 52 9.09 -33.08 4.15
CA GLY P 52 10.30 -33.72 3.67
C GLY P 52 10.03 -34.83 2.67
N ARG P 53 9.28 -34.48 1.62
CA ARG P 53 8.89 -35.47 0.64
C ARG P 53 9.44 -35.14 -0.74
N ASP P 54 9.68 -36.18 -1.54
CA ASP P 54 9.95 -36.00 -2.96
C ASP P 54 8.62 -35.60 -3.59
N TRP P 55 8.29 -34.31 -3.49
CA TRP P 55 6.99 -33.82 -3.93
C TRP P 55 6.78 -33.96 -5.43
N LYS P 56 7.87 -33.86 -6.19
CA LYS P 56 7.81 -34.07 -7.64
C LYS P 56 7.36 -35.49 -7.95
N LYS P 57 7.82 -36.44 -7.14
CA LYS P 57 7.42 -37.83 -7.30
C LYS P 57 5.97 -38.02 -6.88
N ASP P 58 5.57 -37.30 -5.83
CA ASP P 58 4.19 -37.37 -5.34
C ASP P 58 3.22 -36.82 -6.38
N VAL P 59 3.64 -35.80 -7.11
CA VAL P 59 2.84 -35.26 -8.21
C VAL P 59 2.55 -36.34 -9.24
N LYS P 60 3.60 -37.08 -9.62
CA LYS P 60 3.46 -38.15 -10.60
C LYS P 60 2.49 -39.23 -10.14
N MET P 61 2.61 -39.62 -8.88
CA MET P 61 1.72 -40.62 -8.31
C MET P 61 0.28 -40.13 -8.27
N MET P 62 0.10 -38.88 -7.87
CA MET P 62 -1.24 -38.29 -7.80
C MET P 62 -1.88 -38.22 -9.19
N ILE P 63 -1.06 -37.90 -10.20
CA ILE P 63 -1.55 -37.83 -11.57
C ILE P 63 -1.98 -39.21 -12.07
N VAL P 64 -1.11 -40.20 -11.91
CA VAL P 64 -1.42 -41.58 -12.29
C VAL P 64 -2.67 -42.06 -11.55
N LEU P 65 -2.72 -41.78 -10.26
CA LEU P 65 -3.90 -42.10 -9.43
C LEU P 65 -5.15 -41.44 -9.99
N ASN P 66 -5.02 -40.19 -10.44
CA ASN P 66 -6.15 -39.48 -11.02
C ASN P 66 -6.59 -40.07 -12.36
N LEU P 67 -5.60 -40.49 -13.16
CA LEU P 67 -5.88 -41.04 -14.49
C LEU P 67 -6.63 -42.36 -14.44
N VAL P 68 -6.31 -43.20 -13.45
CA VAL P 68 -6.90 -44.54 -13.40
C VAL P 68 -8.09 -44.67 -12.42
N ARG P 69 -8.21 -43.75 -11.47
CA ARG P 69 -9.24 -43.87 -10.43
C ARG P 69 -10.20 -42.69 -10.32
N GLY P 70 -9.82 -41.55 -10.88
CA GLY P 70 -10.70 -40.38 -10.87
C GLY P 70 -10.38 -39.35 -9.81
N ASN P 71 -11.43 -38.73 -9.26
CA ASN P 71 -11.25 -37.56 -8.39
C ASN P 71 -11.87 -37.73 -7.00
N LYS P 72 -12.05 -38.97 -6.55
CA LYS P 72 -12.61 -39.23 -5.23
C LYS P 72 -11.71 -40.11 -4.38
N PRO P 73 -10.72 -39.49 -3.72
CA PRO P 73 -9.64 -40.17 -2.97
C PRO P 73 -10.15 -41.08 -1.84
N GLU P 74 -11.07 -40.60 -1.02
CA GLU P 74 -11.58 -41.40 0.09
C GLU P 74 -12.36 -42.61 -0.39
N ALA P 75 -13.10 -42.44 -1.48
CA ALA P 75 -13.92 -43.51 -2.04
C ALA P 75 -13.11 -44.56 -2.77
N MET P 76 -12.04 -44.15 -3.45
CA MET P 76 -11.23 -45.08 -4.23
C MET P 76 -10.40 -46.02 -3.35
N MET P 77 -10.17 -45.61 -2.10
CA MET P 77 -9.42 -46.43 -1.15
C MET P 77 -10.23 -47.65 -0.68
N LYS P 78 -11.55 -47.55 -0.80
CA LYS P 78 -12.44 -48.64 -0.37
C LYS P 78 -12.41 -49.80 -1.36
N LYS P 79 -11.89 -49.55 -2.55
CA LYS P 79 -11.74 -50.57 -3.58
C LYS P 79 -10.34 -50.53 -4.17
N MET P 80 -9.35 -50.86 -3.34
CA MET P 80 -7.95 -50.75 -3.74
C MET P 80 -7.14 -51.75 -2.94
N SER P 81 -5.99 -52.16 -3.45
CA SER P 81 -5.08 -53.01 -2.69
C SER P 81 -4.65 -52.28 -1.42
N GLU P 82 -4.37 -53.03 -0.37
CA GLU P 82 -3.97 -52.47 0.91
C GLU P 82 -2.72 -51.60 0.75
N LYS P 83 -1.82 -52.04 -0.12
CA LYS P 83 -0.58 -51.33 -0.38
C LYS P 83 -0.83 -49.96 -1.00
N GLY P 84 -1.65 -49.94 -2.06
CA GLY P 84 -1.98 -48.70 -2.74
C GLY P 84 -2.78 -47.73 -1.89
N ALA P 85 -3.76 -48.26 -1.16
CA ALA P 85 -4.58 -47.43 -0.28
C ALA P 85 -3.75 -46.74 0.80
N SER P 86 -2.70 -47.44 1.25
CA SER P 86 -1.82 -46.89 2.28
C SER P 86 -1.13 -45.60 1.82
N ILE P 87 -0.66 -45.59 0.58
CA ILE P 87 0.05 -44.41 0.06
C ILE P 87 -0.92 -43.29 -0.38
N VAL P 88 -2.12 -43.68 -0.79
CA VAL P 88 -3.16 -42.70 -1.10
C VAL P 88 -3.54 -41.95 0.17
N ALA P 89 -3.65 -42.69 1.27
CA ALA P 89 -3.94 -42.10 2.57
C ALA P 89 -2.90 -41.03 2.94
N ASN P 90 -1.64 -41.32 2.65
CA ASN P 90 -0.55 -40.36 2.86
C ASN P 90 -0.77 -39.11 2.01
N LEU P 91 -0.92 -39.31 0.71
CA LEU P 91 -1.12 -38.20 -0.23
C LEU P 91 -2.27 -37.29 0.19
N ILE P 92 -3.36 -37.89 0.67
CA ILE P 92 -4.48 -37.13 1.19
C ILE P 92 -4.02 -36.31 2.41
N SER P 93 -3.21 -36.92 3.26
CA SER P 93 -2.75 -36.28 4.49
C SER P 93 -1.85 -35.06 4.24
N VAL P 94 -0.77 -35.25 3.48
CA VAL P 94 0.20 -34.16 3.28
C VAL P 94 -0.30 -33.07 2.33
N TYR P 95 -1.08 -33.45 1.32
CA TYR P 95 -1.56 -32.48 0.33
C TYR P 95 -2.98 -31.98 0.60
N GLN P 96 -3.59 -32.52 1.65
CA GLN P 96 -4.95 -32.14 2.06
C GLN P 96 -5.93 -32.27 0.89
N LEU P 97 -5.86 -33.41 0.22
CA LEU P 97 -6.70 -33.65 -0.95
C LEU P 97 -8.18 -33.68 -0.60
N LYS P 98 -8.97 -32.98 -1.40
CA LYS P 98 -10.42 -33.01 -1.30
C LYS P 98 -10.98 -33.48 -2.64
N GLU P 99 -12.30 -33.64 -2.70
CA GLU P 99 -12.92 -34.10 -3.93
C GLU P 99 -13.88 -33.06 -4.48
N GLY P 100 -14.36 -33.29 -5.70
CA GLY P 100 -15.33 -32.40 -6.31
C GLY P 100 -14.78 -31.06 -6.75
N ASN P 101 -15.55 -30.00 -6.53
CA ASN P 101 -15.16 -28.66 -6.95
C ASN P 101 -15.15 -27.67 -5.78
N PRO P 102 -14.12 -27.75 -4.92
CA PRO P 102 -14.00 -26.83 -3.79
C PRO P 102 -13.32 -25.52 -4.20
N GLY P 103 -12.93 -24.70 -3.22
CA GLY P 103 -12.30 -23.42 -3.49
C GLY P 103 -10.98 -23.51 -4.25
N ARG P 104 -10.46 -22.35 -4.66
CA ARG P 104 -9.22 -22.27 -5.41
C ARG P 104 -7.98 -22.61 -4.57
N ASP P 105 -8.12 -22.53 -3.26
CA ASP P 105 -7.03 -22.83 -2.34
C ASP P 105 -7.06 -24.29 -1.90
N THR P 106 -7.77 -25.11 -2.68
CA THR P 106 -7.95 -26.52 -2.34
C THR P 106 -7.43 -27.43 -3.44
N ILE P 107 -6.63 -28.43 -3.06
CA ILE P 107 -6.05 -29.35 -4.02
C ILE P 107 -6.95 -30.56 -4.26
N THR P 108 -7.16 -30.88 -5.54
CA THR P 108 -7.82 -32.13 -5.93
C THR P 108 -6.91 -32.86 -6.91
N LEU P 109 -7.09 -34.17 -7.03
CA LEU P 109 -6.33 -34.96 -8.00
C LEU P 109 -6.50 -34.42 -9.41
N SER P 110 -7.73 -34.03 -9.74
CA SER P 110 -8.04 -33.48 -11.06
C SER P 110 -7.21 -32.23 -11.34
N ARG P 111 -7.06 -31.38 -10.33
CA ARG P 111 -6.35 -30.12 -10.48
C ARG P 111 -4.84 -30.30 -10.57
N VAL P 112 -4.34 -31.38 -9.98
CA VAL P 112 -2.92 -31.70 -10.07
C VAL P 112 -2.58 -32.09 -11.49
N SER P 113 -3.39 -32.97 -12.07
CA SER P 113 -3.23 -33.40 -13.46
C SER P 113 -3.32 -32.22 -14.43
N ALA P 114 -4.14 -31.24 -14.08
CA ALA P 114 -4.31 -30.05 -14.91
C ALA P 114 -3.13 -29.07 -14.77
N ALA P 115 -2.70 -28.83 -13.53
CA ALA P 115 -1.60 -27.92 -13.27
C ALA P 115 -0.28 -28.46 -13.81
N PHE P 116 -0.07 -29.76 -13.64
CA PHE P 116 1.17 -30.41 -14.07
C PHE P 116 0.95 -31.21 -15.35
N VAL P 117 0.10 -30.66 -16.23
CA VAL P 117 -0.21 -31.31 -17.50
C VAL P 117 1.01 -31.67 -18.42
N PRO P 118 2.12 -30.90 -18.35
CA PRO P 118 3.25 -31.37 -19.16
C PRO P 118 3.77 -32.76 -18.78
N TRP P 119 3.47 -33.24 -17.57
CA TRP P 119 3.79 -34.62 -17.22
C TRP P 119 2.62 -35.57 -17.48
N THR P 120 1.41 -35.10 -17.15
CA THR P 120 0.18 -35.85 -17.41
C THR P 120 0.14 -36.34 -18.84
N VAL P 121 0.50 -35.45 -19.75
CA VAL P 121 0.43 -35.71 -21.18
C VAL P 121 1.41 -36.80 -21.62
N GLN P 122 2.43 -37.03 -20.81
CA GLN P 122 3.44 -38.06 -21.08
C GLN P 122 3.05 -39.41 -20.46
N ALA P 123 2.43 -39.35 -19.30
CA ALA P 123 1.95 -40.56 -18.63
C ALA P 123 0.89 -41.27 -19.47
N LEU P 124 0.04 -40.48 -20.12
CA LEU P 124 -1.02 -40.99 -20.99
C LEU P 124 -0.46 -41.89 -22.10
N ARG P 125 0.75 -41.57 -22.54
CA ARG P 125 1.42 -42.34 -23.60
C ARG P 125 1.76 -43.76 -23.12
N VAL P 126 1.75 -43.95 -21.80
CA VAL P 126 2.18 -45.21 -21.18
C VAL P 126 1.03 -46.09 -20.69
N LEU P 127 0.05 -45.49 -20.02
CA LEU P 127 -1.02 -46.27 -19.39
C LEU P 127 -2.38 -46.17 -20.08
N SER P 128 -2.38 -45.96 -21.39
CA SER P 128 -3.64 -45.73 -22.12
C SER P 128 -4.64 -46.89 -22.07
N GLU P 129 -4.17 -48.10 -21.78
CA GLU P 129 -5.07 -49.24 -21.70
C GLU P 129 -5.65 -49.46 -20.30
N SER P 130 -5.21 -48.64 -19.34
CA SER P 130 -5.72 -48.71 -17.97
C SER P 130 -6.70 -47.57 -17.66
N LEU P 131 -7.01 -46.76 -18.67
CA LEU P 131 -7.95 -45.65 -18.53
C LEU P 131 -9.39 -46.15 -18.61
N PRO P 132 -10.33 -45.38 -18.03
CA PRO P 132 -11.77 -45.75 -18.11
C PRO P 132 -12.19 -45.96 -19.56
N VAL P 133 -11.75 -45.07 -20.45
CA VAL P 133 -11.87 -45.31 -21.89
C VAL P 133 -10.48 -45.65 -22.41
N SER P 134 -10.33 -46.87 -22.94
CA SER P 134 -9.00 -47.33 -23.38
C SER P 134 -8.58 -46.70 -24.71
N GLY P 135 -7.27 -46.72 -24.97
CA GLY P 135 -6.73 -46.26 -26.24
C GLY P 135 -7.24 -47.07 -27.41
N THR P 136 -7.38 -48.38 -27.21
CA THR P 136 -7.89 -49.26 -28.25
C THR P 136 -9.34 -48.91 -28.61
N THR P 137 -10.11 -48.50 -27.61
CA THR P 137 -11.49 -48.06 -27.84
C THR P 137 -11.48 -46.82 -28.73
N MET P 138 -10.65 -45.83 -28.37
CA MET P 138 -10.53 -44.60 -29.16
C MET P 138 -10.01 -44.88 -30.56
N ASP P 139 -9.15 -45.89 -30.69
CA ASP P 139 -8.64 -46.31 -32.00
C ASP P 139 -9.77 -46.80 -32.90
N ALA P 140 -10.79 -47.42 -32.30
CA ALA P 140 -11.92 -47.94 -33.05
C ALA P 140 -12.92 -46.84 -33.40
N ILE P 141 -13.07 -45.88 -32.49
CA ILE P 141 -13.97 -44.75 -32.70
C ILE P 141 -13.46 -43.81 -33.79
N ALA P 142 -12.22 -43.36 -33.65
CA ALA P 142 -11.54 -42.67 -34.75
C ALA P 142 -11.20 -43.74 -35.78
N GLY P 143 -10.89 -43.35 -37.00
CA GLY P 143 -10.51 -44.35 -37.99
C GLY P 143 -9.05 -44.73 -37.87
N VAL P 144 -8.36 -44.08 -36.93
CA VAL P 144 -6.90 -44.12 -36.85
C VAL P 144 -6.48 -44.29 -35.40
N THR P 145 -5.17 -44.28 -35.16
CA THR P 145 -4.69 -44.35 -33.77
C THR P 145 -4.88 -42.97 -33.12
N TYR P 146 -5.81 -42.91 -32.16
CA TYR P 146 -6.11 -41.68 -31.47
C TYR P 146 -4.93 -41.27 -30.57
N PRO P 147 -4.45 -40.01 -30.72
CA PRO P 147 -3.30 -39.50 -29.97
C PRO P 147 -3.48 -39.65 -28.46
N ARG P 148 -2.62 -40.45 -27.85
CA ARG P 148 -2.76 -40.81 -26.43
C ARG P 148 -2.75 -39.59 -25.50
N ALA P 149 -2.04 -38.54 -25.91
CA ALA P 149 -1.92 -37.32 -25.12
C ALA P 149 -3.24 -36.60 -24.91
N MET P 150 -4.22 -36.86 -25.77
CA MET P 150 -5.51 -36.19 -25.69
C MET P 150 -6.49 -36.91 -24.75
N MET P 151 -6.08 -38.08 -24.28
CA MET P 151 -7.02 -38.95 -23.56
C MET P 151 -7.19 -38.58 -22.08
N HIS P 152 -7.43 -37.30 -21.85
CA HIS P 152 -7.78 -36.79 -20.53
C HIS P 152 -8.25 -35.34 -20.66
N PRO P 153 -9.23 -34.94 -19.83
CA PRO P 153 -9.74 -33.57 -19.85
C PRO P 153 -8.65 -32.51 -19.64
N SER P 154 -7.57 -32.87 -18.97
CA SER P 154 -6.49 -31.93 -18.69
C SER P 154 -5.71 -31.50 -19.94
N PHE P 155 -5.91 -32.24 -21.04
CA PHE P 155 -5.24 -31.89 -22.29
C PHE P 155 -5.67 -30.51 -22.80
N ALA P 156 -6.90 -30.14 -22.48
CA ALA P 156 -7.43 -28.85 -22.91
C ALA P 156 -6.56 -27.67 -22.46
N GLY P 157 -5.78 -27.89 -21.41
CA GLY P 157 -4.95 -26.85 -20.82
C GLY P 157 -3.78 -26.43 -21.70
N ILE P 158 -3.43 -27.26 -22.67
CA ILE P 158 -2.32 -26.94 -23.55
C ILE P 158 -2.77 -26.56 -24.97
N ILE P 159 -4.08 -26.36 -25.14
CA ILE P 159 -4.62 -26.01 -26.45
C ILE P 159 -4.59 -24.49 -26.70
N ASP P 160 -3.88 -24.09 -27.75
CA ASP P 160 -3.86 -22.70 -28.18
C ASP P 160 -4.92 -22.48 -29.24
N LEU P 161 -6.03 -21.87 -28.86
CA LEU P 161 -7.15 -21.65 -29.77
C LEU P 161 -6.83 -20.63 -30.85
N ASP P 162 -5.85 -19.78 -30.57
CA ASP P 162 -5.49 -18.71 -31.49
C ASP P 162 -4.35 -19.09 -32.44
N LEU P 163 -4.21 -20.39 -32.68
CA LEU P 163 -3.29 -20.89 -33.71
C LEU P 163 -3.84 -20.50 -35.08
N PRO P 164 -2.94 -20.28 -36.05
CA PRO P 164 -3.34 -19.85 -37.41
C PRO P 164 -4.21 -20.89 -38.12
N ASN P 165 -5.06 -20.41 -39.03
CA ASN P 165 -5.94 -21.28 -39.83
C ASN P 165 -6.92 -22.13 -39.02
N GLY P 166 -7.31 -21.64 -37.84
CA GLY P 166 -8.25 -22.36 -36.99
C GLY P 166 -7.75 -23.73 -36.59
N ALA P 167 -6.43 -23.89 -36.53
CA ALA P 167 -5.84 -25.16 -36.14
C ALA P 167 -6.17 -25.48 -34.68
N GLY P 168 -6.30 -24.44 -33.87
CA GLY P 168 -6.69 -24.60 -32.48
C GLY P 168 -8.08 -25.22 -32.35
N ALA P 169 -9.02 -24.76 -33.17
CA ALA P 169 -10.38 -25.28 -33.14
C ALA P 169 -10.41 -26.74 -33.59
N THR P 170 -9.52 -27.07 -34.52
CA THR P 170 -9.43 -28.44 -35.02
C THR P 170 -8.92 -29.37 -33.93
N ILE P 171 -7.87 -28.94 -33.22
CA ILE P 171 -7.33 -29.68 -32.10
C ILE P 171 -8.38 -29.85 -31.01
N ALA P 172 -9.13 -28.79 -30.74
CA ALA P 172 -10.21 -28.83 -29.76
C ALA P 172 -11.30 -29.84 -30.13
N ASP P 173 -11.62 -29.91 -31.43
CA ASP P 173 -12.61 -30.87 -31.92
C ASP P 173 -12.09 -32.30 -31.81
N ALA P 174 -10.81 -32.49 -32.11
CA ALA P 174 -10.18 -33.82 -32.00
C ALA P 174 -10.19 -34.28 -30.55
N HIS P 175 -9.95 -33.35 -29.63
CA HIS P 175 -10.02 -33.64 -28.21
C HIS P 175 -11.45 -33.96 -27.78
N GLY P 176 -12.42 -33.32 -28.43
CA GLY P 176 -13.82 -33.51 -28.10
C GLY P 176 -14.30 -34.92 -28.43
N LEU P 177 -13.63 -35.54 -29.40
CA LEU P 177 -13.99 -36.90 -29.81
C LEU P 177 -13.80 -37.83 -28.62
N PHE P 178 -12.75 -37.58 -27.84
CA PHE P 178 -12.48 -38.36 -26.65
C PHE P 178 -13.40 -37.95 -25.50
N MET P 179 -13.60 -36.65 -25.37
CA MET P 179 -14.34 -36.09 -24.24
C MET P 179 -15.79 -36.58 -24.20
N ILE P 180 -16.40 -36.80 -25.37
CA ILE P 180 -17.77 -37.30 -25.40
C ILE P 180 -17.83 -38.76 -24.92
N GLU P 181 -16.79 -39.52 -25.24
CA GLU P 181 -16.72 -40.92 -24.82
C GLU P 181 -16.41 -41.02 -23.34
N PHE P 182 -15.47 -40.19 -22.89
CA PHE P 182 -15.10 -40.13 -21.49
C PHE P 182 -16.32 -39.74 -20.64
N SER P 183 -17.05 -38.73 -21.10
CA SER P 183 -18.24 -38.28 -20.37
C SER P 183 -19.30 -39.38 -20.31
N LYS P 184 -19.41 -40.16 -21.39
CA LYS P 184 -20.40 -41.23 -21.49
C LYS P 184 -20.15 -42.39 -20.53
N THR P 185 -18.89 -42.63 -20.16
CA THR P 185 -18.61 -43.74 -19.26
C THR P 185 -18.57 -43.34 -17.79
N ILE P 186 -18.02 -42.17 -17.47
CA ILE P 186 -17.99 -41.72 -16.08
C ILE P 186 -19.38 -41.24 -15.65
N ASN P 187 -20.19 -40.85 -16.61
CA ASN P 187 -21.60 -40.49 -16.37
C ASN P 187 -22.52 -41.19 -17.37
N PRO P 188 -22.77 -42.49 -17.13
CA PRO P 188 -23.50 -43.41 -18.01
C PRO P 188 -24.92 -42.98 -18.35
N SER P 189 -25.45 -41.99 -17.64
CA SER P 189 -26.77 -41.46 -17.94
C SER P 189 -26.77 -40.74 -19.28
N LEU P 190 -25.58 -40.29 -19.70
CA LEU P 190 -25.40 -39.55 -20.95
C LEU P 190 -25.28 -40.46 -22.17
N ARG P 191 -25.20 -41.77 -21.94
CA ARG P 191 -24.97 -42.73 -23.02
C ARG P 191 -26.08 -42.72 -24.08
N THR P 192 -27.29 -42.41 -23.65
CA THR P 192 -28.46 -42.41 -24.54
C THR P 192 -28.74 -41.03 -25.15
N LYS P 193 -27.95 -40.04 -24.75
CA LYS P 193 -28.10 -38.68 -25.28
C LYS P 193 -27.41 -38.53 -26.63
N GLN P 194 -27.81 -37.53 -27.39
CA GLN P 194 -27.15 -37.22 -28.65
C GLN P 194 -25.74 -36.69 -28.39
N ALA P 195 -24.85 -36.87 -29.36
CA ALA P 195 -23.47 -36.41 -29.22
C ALA P 195 -23.36 -34.92 -28.90
N ASN P 196 -24.17 -34.10 -29.56
CA ASN P 196 -24.15 -32.66 -29.31
C ASN P 196 -24.61 -32.32 -27.89
N GLU P 197 -25.55 -33.09 -27.36
CA GLU P 197 -26.04 -32.89 -26.00
C GLU P 197 -24.95 -33.25 -24.99
N VAL P 198 -24.21 -34.32 -25.28
CA VAL P 198 -23.11 -34.74 -24.42
C VAL P 198 -21.99 -33.70 -24.42
N ALA P 199 -21.67 -33.18 -25.61
CA ALA P 199 -20.64 -32.16 -25.74
C ALA P 199 -20.95 -30.91 -24.92
N ALA P 200 -22.24 -30.61 -24.77
CA ALA P 200 -22.65 -29.42 -24.02
C ALA P 200 -22.41 -29.57 -22.51
N THR P 201 -22.26 -30.80 -22.04
CA THR P 201 -22.05 -31.06 -20.61
C THR P 201 -20.63 -30.69 -20.15
N PHE P 202 -19.68 -30.70 -21.07
CA PHE P 202 -18.30 -30.34 -20.72
C PHE P 202 -17.79 -29.10 -21.47
N GLU P 203 -18.65 -28.46 -22.24
CA GLU P 203 -18.26 -27.29 -23.04
C GLU P 203 -17.67 -26.20 -22.15
N LYS P 204 -18.37 -25.88 -21.07
CA LYS P 204 -17.98 -24.75 -20.21
C LYS P 204 -16.62 -24.92 -19.49
N PRO P 205 -16.39 -26.05 -18.79
CA PRO P 205 -15.08 -26.18 -18.14
C PRO P 205 -13.95 -26.44 -19.14
N ASN P 206 -14.24 -27.11 -20.24
CA ASN P 206 -13.25 -27.34 -21.29
C ASN P 206 -12.80 -26.02 -21.92
N MET P 207 -13.75 -25.12 -22.14
CA MET P 207 -13.44 -23.79 -22.69
C MET P 207 -12.56 -23.03 -21.72
N ALA P 208 -12.89 -23.12 -20.43
CA ALA P 208 -12.14 -22.41 -19.41
C ALA P 208 -10.70 -22.89 -19.36
N ALA P 209 -10.50 -24.19 -19.59
CA ALA P 209 -9.16 -24.77 -19.61
C ALA P 209 -8.35 -24.30 -20.81
N MET P 210 -9.00 -24.23 -21.98
CA MET P 210 -8.34 -23.75 -23.20
C MET P 210 -8.06 -22.26 -23.14
N SER P 211 -8.93 -21.52 -22.44
CA SER P 211 -8.79 -20.07 -22.33
C SER P 211 -7.85 -19.69 -21.21
N GLY P 212 -7.36 -20.69 -20.48
CA GLY P 212 -6.40 -20.47 -19.42
C GLY P 212 -5.15 -19.74 -19.91
N ARG P 213 -4.66 -18.83 -19.09
CA ARG P 213 -3.49 -18.03 -19.44
C ARG P 213 -2.31 -18.34 -18.54
N PHE P 214 -2.41 -19.45 -17.81
CA PHE P 214 -1.30 -19.93 -16.99
C PHE P 214 -0.11 -20.18 -17.90
N PHE P 215 -0.34 -20.92 -18.98
CA PHE P 215 0.69 -21.13 -20.00
C PHE P 215 0.53 -20.12 -21.13
N THR P 216 1.64 -19.61 -21.65
CA THR P 216 1.61 -18.69 -22.79
C THR P 216 1.38 -19.47 -24.08
N ARG P 217 1.16 -18.76 -25.18
CA ARG P 217 0.96 -19.40 -26.49
C ARG P 217 2.19 -20.16 -26.92
N GLU P 218 3.37 -19.59 -26.66
CA GLU P 218 4.63 -20.26 -26.95
C GLU P 218 4.80 -21.51 -26.11
N ASP P 219 4.38 -21.45 -24.86
CA ASP P 219 4.42 -22.61 -23.98
C ASP P 219 3.52 -23.72 -24.52
N LYS P 220 2.31 -23.36 -24.91
CA LYS P 220 1.36 -24.31 -25.46
C LYS P 220 1.86 -24.89 -26.77
N LYS P 221 2.43 -24.03 -27.62
CA LYS P 221 2.98 -24.47 -28.90
C LYS P 221 4.07 -25.51 -28.68
N LYS P 222 4.96 -25.24 -27.74
CA LYS P 222 6.06 -26.16 -27.44
C LYS P 222 5.52 -27.48 -26.91
N LEU P 223 4.50 -27.41 -26.08
CA LEU P 223 3.85 -28.61 -25.52
C LEU P 223 3.20 -29.45 -26.62
N LEU P 224 2.44 -28.80 -27.50
CA LEU P 224 1.75 -29.48 -28.59
C LEU P 224 2.72 -30.15 -29.56
N ILE P 225 3.87 -29.51 -29.79
CA ILE P 225 4.90 -30.08 -30.64
C ILE P 225 5.58 -31.26 -29.95
N ALA P 226 5.94 -31.08 -28.68
CA ALA P 226 6.66 -32.11 -27.92
C ALA P 226 5.86 -33.41 -27.78
N VAL P 227 4.57 -33.33 -28.04
CA VAL P 227 3.71 -34.49 -27.82
C VAL P 227 3.04 -34.93 -29.13
N GLY P 228 3.47 -34.33 -30.24
CA GLY P 228 3.11 -34.80 -31.57
C GLY P 228 1.76 -34.40 -32.14
N ILE P 229 1.08 -33.45 -31.50
CA ILE P 229 -0.19 -32.94 -32.02
C ILE P 229 0.06 -32.11 -33.28
N ILE P 230 1.19 -31.41 -33.27
CA ILE P 230 1.54 -30.47 -34.33
C ILE P 230 3.05 -30.51 -34.50
N ASP P 231 3.57 -30.19 -35.68
CA ASP P 231 5.01 -30.17 -35.89
C ASP P 231 5.60 -28.75 -35.77
N GLU P 232 6.91 -28.62 -35.94
CA GLU P 232 7.59 -27.34 -35.80
C GLU P 232 7.08 -26.32 -36.81
N ASP P 233 6.52 -26.81 -37.91
CA ASP P 233 5.93 -25.96 -38.93
C ASP P 233 4.43 -25.76 -38.69
N LEU P 234 3.98 -26.08 -37.47
CA LEU P 234 2.59 -25.87 -37.09
C LEU P 234 1.59 -26.64 -37.96
N VAL P 235 2.02 -27.80 -38.47
CA VAL P 235 1.15 -28.65 -39.27
C VAL P 235 0.53 -29.76 -38.42
N LEU P 236 -0.80 -29.88 -38.50
CA LEU P 236 -1.54 -30.84 -37.71
C LEU P 236 -1.21 -32.27 -38.12
N ALA P 237 -1.07 -33.16 -37.14
CA ALA P 237 -0.91 -34.58 -37.42
C ALA P 237 -2.20 -35.10 -38.07
N SER P 238 -2.05 -36.01 -39.02
CA SER P 238 -3.20 -36.53 -39.78
C SER P 238 -4.28 -37.15 -38.89
N ALA P 239 -3.86 -37.81 -37.82
CA ALA P 239 -4.80 -38.44 -36.89
C ALA P 239 -5.66 -37.41 -36.16
N VAL P 240 -5.09 -36.23 -35.93
CA VAL P 240 -5.80 -35.15 -35.27
C VAL P 240 -6.90 -34.57 -36.18
N VAL P 241 -6.56 -34.28 -37.43
CA VAL P 241 -7.55 -33.75 -38.37
C VAL P 241 -8.66 -34.78 -38.63
N ARG P 242 -8.28 -36.05 -38.62
CA ARG P 242 -9.23 -37.16 -38.75
C ARG P 242 -10.21 -37.18 -37.60
N SER P 243 -9.68 -37.17 -36.38
CA SER P 243 -10.50 -37.21 -35.19
C SER P 243 -11.42 -35.99 -35.14
N ALA P 244 -10.91 -34.87 -35.63
CA ALA P 244 -11.69 -33.63 -35.66
C ALA P 244 -12.92 -33.75 -36.56
N GLU P 245 -12.75 -34.29 -37.77
CA GLU P 245 -13.88 -34.40 -38.69
C GLU P 245 -14.87 -35.49 -38.28
N LYS P 246 -14.39 -36.49 -37.54
CA LYS P 246 -15.26 -37.50 -36.95
C LYS P 246 -16.16 -36.82 -35.93
N TYR P 247 -15.57 -35.93 -35.15
CA TYR P 247 -16.27 -35.20 -34.11
C TYR P 247 -17.34 -34.30 -34.69
N ARG P 248 -16.98 -33.49 -35.68
CA ARG P 248 -17.92 -32.55 -36.30
C ARG P 248 -19.12 -33.25 -36.92
N ALA P 249 -18.91 -34.45 -37.47
CA ALA P 249 -19.99 -35.21 -38.09
C ALA P 249 -20.94 -35.78 -37.04
N LYS P 250 -20.39 -36.14 -35.87
CA LYS P 250 -21.20 -36.60 -34.73
C LYS P 250 -22.06 -35.50 -34.15
N VAL P 251 -21.52 -34.29 -34.13
CA VAL P 251 -22.14 -33.17 -33.43
C VAL P 251 -23.00 -32.30 -34.34
N GLY P 252 -22.50 -32.00 -35.54
CA GLY P 252 -23.24 -31.18 -36.50
C GLY P 252 -22.57 -29.85 -36.83
N GLU Q 4 9.28 -19.90 -6.39
CA GLU Q 4 9.92 -19.46 -7.63
C GLU Q 4 8.87 -18.92 -8.61
N ASN Q 5 8.91 -19.40 -9.85
CA ASN Q 5 7.89 -19.04 -10.84
C ASN Q 5 7.01 -20.26 -11.08
N TYR Q 6 5.75 -20.19 -10.66
CA TYR Q 6 4.90 -21.37 -10.61
C TYR Q 6 4.62 -21.89 -12.02
N ARG Q 7 4.58 -20.98 -12.98
CA ARG Q 7 4.36 -21.36 -14.37
C ARG Q 7 5.53 -22.18 -14.89
N ASP Q 8 6.74 -21.73 -14.56
CA ASP Q 8 7.96 -22.40 -14.99
C ASP Q 8 8.17 -23.76 -14.31
N ILE Q 9 7.70 -23.86 -13.06
CA ILE Q 9 7.72 -25.14 -12.33
C ILE Q 9 6.87 -26.19 -13.06
N ALA Q 10 5.64 -25.83 -13.39
CA ALA Q 10 4.75 -26.74 -14.13
C ALA Q 10 5.35 -27.08 -15.49
N LEU Q 11 5.89 -26.08 -16.17
CA LEU Q 11 6.46 -26.24 -17.50
C LEU Q 11 7.68 -27.17 -17.50
N ALA Q 12 8.38 -27.22 -16.38
CA ALA Q 12 9.57 -28.07 -16.25
C ALA Q 12 9.24 -29.56 -16.15
N PHE Q 13 7.98 -29.87 -15.87
CA PHE Q 13 7.55 -31.26 -15.81
C PHE Q 13 7.52 -31.92 -17.18
N LEU Q 14 7.63 -31.08 -18.20
CA LEU Q 14 7.75 -31.57 -19.57
C LEU Q 14 9.01 -32.44 -19.68
N ASP Q 15 10.08 -31.97 -19.05
CA ASP Q 15 11.36 -32.66 -19.10
C ASP Q 15 11.54 -33.59 -17.90
N GLU Q 16 10.52 -33.69 -17.07
CA GLU Q 16 10.57 -34.58 -15.90
C GLU Q 16 10.32 -36.03 -16.34
N SER Q 17 10.95 -36.97 -15.65
CA SER Q 17 10.93 -38.38 -16.08
C SER Q 17 9.56 -39.05 -16.04
N ALA Q 18 9.20 -39.69 -17.14
CA ALA Q 18 7.95 -40.44 -17.24
C ALA Q 18 8.27 -41.90 -17.52
N ASP Q 19 8.92 -42.53 -16.56
CA ASP Q 19 9.41 -43.90 -16.70
C ASP Q 19 8.30 -44.95 -16.83
N SER Q 20 8.30 -45.70 -17.93
CA SER Q 20 7.25 -46.69 -18.20
C SER Q 20 7.12 -47.73 -17.09
N GLY Q 21 8.26 -48.19 -16.59
CA GLY Q 21 8.28 -49.21 -15.56
C GLY Q 21 7.65 -48.78 -14.25
N THR Q 22 8.08 -47.62 -13.73
CA THR Q 22 7.54 -47.11 -12.47
C THR Q 22 6.07 -46.73 -12.60
N ILE Q 23 5.69 -46.14 -13.74
CA ILE Q 23 4.31 -45.74 -13.97
C ILE Q 23 3.38 -46.95 -13.95
N ASN Q 24 3.77 -48.01 -14.64
CA ASN Q 24 2.96 -49.23 -14.69
C ASN Q 24 2.83 -49.89 -13.33
N ALA Q 25 3.87 -49.75 -12.50
CA ALA Q 25 3.83 -50.28 -11.14
C ALA Q 25 2.80 -49.52 -10.28
N TRP Q 26 2.75 -48.20 -10.45
CA TRP Q 26 1.77 -47.38 -9.76
C TRP Q 26 0.37 -47.77 -10.21
N VAL Q 27 0.19 -47.94 -11.52
CA VAL Q 27 -1.09 -48.34 -12.08
C VAL Q 27 -1.57 -49.61 -11.41
N ASN Q 28 -0.67 -50.59 -11.28
CA ASN Q 28 -0.98 -51.86 -10.64
C ASN Q 28 -1.38 -51.73 -9.16
N GLU Q 29 -0.77 -50.79 -8.45
CA GLU Q 29 -1.12 -50.52 -7.05
C GLU Q 29 -2.47 -49.82 -6.94
N PHE Q 30 -2.71 -48.87 -7.82
CA PHE Q 30 -3.89 -48.01 -7.76
C PHE Q 30 -5.13 -48.61 -8.41
N ALA Q 31 -4.93 -49.60 -9.28
CA ALA Q 31 -6.02 -50.15 -10.09
C ALA Q 31 -7.21 -50.60 -9.25
N TYR Q 32 -8.38 -50.60 -9.86
CA TYR Q 32 -9.58 -51.09 -9.20
C TYR Q 32 -9.38 -52.54 -8.73
N GLN Q 33 -9.79 -52.81 -7.50
CA GLN Q 33 -9.71 -54.16 -6.96
C GLN Q 33 -11.00 -54.50 -6.21
N GLY Q 34 -11.74 -55.46 -6.76
CA GLY Q 34 -13.00 -55.88 -6.17
C GLY Q 34 -13.63 -56.98 -7.01
N PHE Q 35 -14.62 -56.60 -7.81
CA PHE Q 35 -15.25 -57.55 -8.73
C PHE Q 35 -14.26 -57.98 -9.81
N ASP Q 36 -14.03 -59.29 -9.91
CA ASP Q 36 -13.11 -59.83 -10.90
C ASP Q 36 -13.48 -61.26 -11.27
N PRO Q 37 -14.06 -61.44 -12.46
CA PRO Q 37 -14.48 -62.77 -12.94
C PRO Q 37 -13.36 -63.80 -12.81
N LYS Q 38 -12.12 -63.38 -13.03
CA LYS Q 38 -10.96 -64.24 -12.83
C LYS Q 38 -10.91 -64.80 -11.41
N ARG Q 39 -11.13 -63.92 -10.44
CA ARG Q 39 -11.14 -64.30 -9.02
C ARG Q 39 -12.33 -65.20 -8.74
N ILE Q 40 -13.48 -64.89 -9.33
CA ILE Q 40 -14.69 -65.69 -9.16
C ILE Q 40 -14.50 -67.13 -9.61
N VAL Q 41 -14.09 -67.31 -10.86
CA VAL Q 41 -13.88 -68.66 -11.40
C VAL Q 41 -12.77 -69.38 -10.63
N GLN Q 42 -11.73 -68.66 -10.25
CA GLN Q 42 -10.63 -69.26 -9.48
C GLN Q 42 -11.12 -69.81 -8.15
N LEU Q 43 -11.88 -68.99 -7.44
CA LEU Q 43 -12.41 -69.39 -6.14
C LEU Q 43 -13.45 -70.50 -6.23
N VAL Q 44 -14.34 -70.41 -7.21
CA VAL Q 44 -15.31 -71.49 -7.45
C VAL Q 44 -14.60 -72.82 -7.71
N LYS Q 45 -13.61 -72.80 -8.59
CA LYS Q 45 -12.83 -74.00 -8.93
C LYS Q 45 -12.06 -74.55 -7.73
N GLU Q 46 -11.39 -73.67 -6.99
CA GLU Q 46 -10.58 -74.09 -5.84
C GLU Q 46 -11.44 -74.70 -4.74
N ARG Q 47 -12.47 -73.96 -4.33
CA ARG Q 47 -13.35 -74.41 -3.24
C ARG Q 47 -14.10 -75.69 -3.63
N GLY Q 48 -14.44 -75.81 -4.91
CA GLY Q 48 -15.12 -77.00 -5.42
C GLY Q 48 -14.26 -78.26 -5.43
N THR Q 49 -13.02 -78.13 -5.88
CA THR Q 49 -12.12 -79.27 -5.97
C THR Q 49 -11.59 -79.68 -4.59
N ALA Q 50 -11.61 -78.73 -3.66
CA ALA Q 50 -11.16 -79.00 -2.30
C ALA Q 50 -12.16 -79.89 -1.57
N LYS Q 51 -13.40 -79.89 -2.05
CA LYS Q 51 -14.44 -80.74 -1.49
C LYS Q 51 -14.73 -81.93 -2.40
N GLY Q 52 -13.94 -82.07 -3.47
CA GLY Q 52 -14.08 -83.17 -4.40
C GLY Q 52 -15.41 -83.19 -5.16
N ARG Q 53 -15.86 -82.01 -5.60
CA ARG Q 53 -17.12 -81.90 -6.32
C ARG Q 53 -16.92 -81.85 -7.83
N ASP Q 54 -17.96 -82.22 -8.58
CA ASP Q 54 -18.02 -81.90 -9.99
C ASP Q 54 -18.39 -80.42 -10.01
N TRP Q 55 -17.38 -79.56 -9.86
CA TRP Q 55 -17.63 -78.13 -9.65
C TRP Q 55 -18.26 -77.45 -10.85
N LYS Q 56 -17.99 -77.97 -12.04
CA LYS Q 56 -18.59 -77.43 -13.25
C LYS Q 56 -20.09 -77.65 -13.25
N LYS Q 57 -20.52 -78.81 -12.76
CA LYS Q 57 -21.93 -79.12 -12.63
C LYS Q 57 -22.56 -78.25 -11.54
N ASP Q 58 -21.81 -77.98 -10.48
CA ASP Q 58 -22.28 -77.10 -9.41
C ASP Q 58 -22.51 -75.68 -9.93
N VAL Q 59 -21.64 -75.22 -10.82
CA VAL Q 59 -21.79 -73.91 -11.46
C VAL Q 59 -23.12 -73.80 -12.22
N LYS Q 60 -23.43 -74.81 -13.03
CA LYS Q 60 -24.69 -74.86 -13.74
C LYS Q 60 -25.87 -74.79 -12.78
N MET Q 61 -25.81 -75.59 -11.73
CA MET Q 61 -26.89 -75.63 -10.75
C MET Q 61 -27.01 -74.29 -10.04
N MET Q 62 -25.88 -73.66 -9.76
CA MET Q 62 -25.88 -72.36 -9.09
C MET Q 62 -26.45 -71.27 -9.98
N ILE Q 63 -26.19 -71.39 -11.28
CA ILE Q 63 -26.69 -70.41 -12.25
C ILE Q 63 -28.19 -70.56 -12.43
N VAL Q 64 -28.64 -71.80 -12.65
CA VAL Q 64 -30.06 -72.08 -12.75
C VAL Q 64 -30.78 -71.64 -11.47
N LEU Q 65 -30.18 -71.95 -10.33
CA LEU Q 65 -30.67 -71.47 -9.04
C LEU Q 65 -30.80 -69.94 -9.04
N ASN Q 66 -29.80 -69.27 -9.58
CA ASN Q 66 -29.80 -67.80 -9.62
C ASN Q 66 -30.84 -67.24 -10.57
N LEU Q 67 -31.03 -67.91 -11.71
CA LEU Q 67 -31.95 -67.43 -12.74
C LEU Q 67 -33.42 -67.51 -12.32
N VAL Q 68 -33.78 -68.52 -11.53
CA VAL Q 68 -35.18 -68.70 -11.17
C VAL Q 68 -35.55 -68.25 -9.74
N ARG Q 69 -34.56 -68.13 -8.86
CA ARG Q 69 -34.82 -67.79 -7.45
C ARG Q 69 -34.16 -66.50 -6.95
N GLY Q 70 -33.13 -66.04 -7.65
CA GLY Q 70 -32.48 -64.79 -7.28
C GLY Q 70 -31.14 -64.94 -6.61
N ASN Q 71 -30.83 -64.06 -5.65
CA ASN Q 71 -29.50 -63.97 -5.07
C ASN Q 71 -29.39 -64.26 -3.56
N LYS Q 72 -30.46 -64.81 -2.96
CA LYS Q 72 -30.46 -65.07 -1.52
C LYS Q 72 -30.73 -66.54 -1.15
N PRO Q 73 -29.68 -67.38 -1.20
CA PRO Q 73 -29.73 -68.83 -0.99
C PRO Q 73 -30.32 -69.26 0.36
N GLU Q 74 -29.86 -68.69 1.47
CA GLU Q 74 -30.41 -69.03 2.78
C GLU Q 74 -31.92 -68.78 2.84
N ALA Q 75 -32.36 -67.67 2.26
CA ALA Q 75 -33.77 -67.30 2.26
C ALA Q 75 -34.61 -68.26 1.41
N MET Q 76 -34.08 -68.63 0.25
CA MET Q 76 -34.84 -69.46 -0.69
C MET Q 76 -35.03 -70.90 -0.20
N MET Q 77 -34.16 -71.36 0.69
CA MET Q 77 -34.27 -72.71 1.25
C MET Q 77 -35.55 -72.86 2.08
N LYS Q 78 -36.00 -71.74 2.65
CA LYS Q 78 -37.17 -71.74 3.50
C LYS Q 78 -38.45 -71.80 2.68
N LYS Q 79 -38.31 -71.67 1.36
CA LYS Q 79 -39.44 -71.70 0.43
C LYS Q 79 -39.12 -72.63 -0.73
N MET Q 80 -38.72 -73.86 -0.39
CA MET Q 80 -38.25 -74.81 -1.39
C MET Q 80 -38.52 -76.22 -0.87
N SER Q 81 -38.62 -77.19 -1.79
CA SER Q 81 -38.77 -78.59 -1.39
C SER Q 81 -37.52 -79.03 -0.64
N GLU Q 82 -37.66 -80.04 0.21
CA GLU Q 82 -36.54 -80.54 1.00
C GLU Q 82 -35.44 -81.10 0.11
N LYS Q 83 -35.83 -81.68 -1.03
CA LYS Q 83 -34.89 -82.25 -1.98
C LYS Q 83 -33.98 -81.15 -2.54
N GLY Q 84 -34.60 -80.05 -2.98
CA GLY Q 84 -33.86 -78.92 -3.53
C GLY Q 84 -33.07 -78.17 -2.46
N ALA Q 85 -33.69 -77.97 -1.30
CA ALA Q 85 -33.06 -77.23 -0.22
C ALA Q 85 -31.78 -77.91 0.26
N SER Q 86 -31.78 -79.24 0.24
CA SER Q 86 -30.61 -80.02 0.65
C SER Q 86 -29.44 -79.76 -0.29
N ILE Q 87 -29.73 -79.66 -1.59
CA ILE Q 87 -28.72 -79.34 -2.59
C ILE Q 87 -28.15 -77.94 -2.38
N VAL Q 88 -29.05 -76.96 -2.22
CA VAL Q 88 -28.65 -75.58 -1.98
C VAL Q 88 -27.79 -75.46 -0.73
N ALA Q 89 -28.16 -76.19 0.32
CA ALA Q 89 -27.41 -76.20 1.57
C ALA Q 89 -25.95 -76.59 1.34
N ASN Q 90 -25.73 -77.58 0.48
CA ASN Q 90 -24.37 -77.99 0.12
C ASN Q 90 -23.65 -76.90 -0.67
N LEU Q 91 -24.29 -76.38 -1.70
CA LEU Q 91 -23.73 -75.30 -2.51
C LEU Q 91 -23.30 -74.10 -1.65
N ILE Q 92 -24.11 -73.76 -0.65
CA ILE Q 92 -23.77 -72.71 0.30
C ILE Q 92 -22.53 -73.09 1.09
N SER Q 93 -22.47 -74.35 1.52
CA SER Q 93 -21.36 -74.84 2.34
C SER Q 93 -20.01 -74.82 1.61
N VAL Q 94 -19.91 -75.49 0.46
CA VAL Q 94 -18.62 -75.59 -0.23
C VAL Q 94 -18.15 -74.28 -0.88
N TYR Q 95 -19.07 -73.53 -1.47
CA TYR Q 95 -18.69 -72.30 -2.16
C TYR Q 95 -18.76 -71.07 -1.27
N GLN Q 96 -19.21 -71.28 -0.03
CA GLN Q 96 -19.32 -70.21 0.96
C GLN Q 96 -20.17 -69.06 0.43
N LEU Q 97 -21.31 -69.41 -0.15
CA LEU Q 97 -22.21 -68.43 -0.76
C LEU Q 97 -22.71 -67.42 0.27
N LYS Q 98 -22.74 -66.16 -0.14
CA LYS Q 98 -23.28 -65.10 0.72
C LYS Q 98 -24.59 -64.57 0.14
N GLU Q 99 -25.29 -63.75 0.93
CA GLU Q 99 -26.61 -63.28 0.57
C GLU Q 99 -26.58 -61.96 -0.18
N GLY Q 100 -25.38 -61.36 -0.26
CA GLY Q 100 -25.22 -60.05 -0.86
C GLY Q 100 -24.06 -59.31 -0.22
N ASN Q 101 -23.92 -58.02 -0.56
CA ASN Q 101 -22.79 -57.21 -0.13
C ASN Q 101 -21.45 -57.91 -0.25
N PRO Q 102 -21.07 -58.30 -1.48
CA PRO Q 102 -19.85 -59.11 -1.65
C PRO Q 102 -18.58 -58.31 -1.42
N GLY Q 103 -17.56 -58.97 -0.88
CA GLY Q 103 -16.23 -58.41 -0.81
C GLY Q 103 -15.37 -59.02 -1.91
N ARG Q 104 -14.07 -58.77 -1.85
CA ARG Q 104 -13.13 -59.25 -2.87
C ARG Q 104 -13.15 -60.78 -3.05
N ASP Q 105 -13.20 -61.52 -1.94
CA ASP Q 105 -13.13 -62.98 -1.99
C ASP Q 105 -14.49 -63.64 -1.80
N THR Q 106 -15.55 -62.87 -1.99
CA THR Q 106 -16.91 -63.37 -1.78
C THR Q 106 -17.53 -63.95 -3.04
N ILE Q 107 -18.19 -65.09 -2.91
CA ILE Q 107 -18.92 -65.68 -4.02
C ILE Q 107 -20.42 -65.58 -3.80
N THR Q 108 -21.12 -65.06 -4.80
CA THR Q 108 -22.58 -64.99 -4.78
C THR Q 108 -23.10 -65.65 -6.05
N LEU Q 109 -24.40 -65.93 -6.07
CA LEU Q 109 -25.02 -66.55 -7.25
C LEU Q 109 -24.92 -65.62 -8.46
N SER Q 110 -25.11 -64.31 -8.22
CA SER Q 110 -24.98 -63.33 -9.27
C SER Q 110 -23.58 -63.37 -9.89
N ARG Q 111 -22.58 -63.49 -9.04
CA ARG Q 111 -21.19 -63.49 -9.50
C ARG Q 111 -20.88 -64.73 -10.33
N VAL Q 112 -21.48 -65.87 -9.94
CA VAL Q 112 -21.30 -67.10 -10.70
C VAL Q 112 -21.92 -66.93 -12.09
N SER Q 113 -23.15 -66.44 -12.12
CA SER Q 113 -23.85 -66.17 -13.38
C SER Q 113 -23.09 -65.19 -14.28
N ALA Q 114 -22.41 -64.22 -13.67
CA ALA Q 114 -21.67 -63.22 -14.43
C ALA Q 114 -20.34 -63.77 -14.96
N ALA Q 115 -19.60 -64.46 -14.09
CA ALA Q 115 -18.30 -65.01 -14.48
C ALA Q 115 -18.44 -66.15 -15.49
N PHE Q 116 -19.47 -66.95 -15.34
CA PHE Q 116 -19.69 -68.08 -16.24
C PHE Q 116 -20.80 -67.78 -17.23
N VAL Q 117 -20.88 -66.51 -17.65
CA VAL Q 117 -21.90 -66.07 -18.59
C VAL Q 117 -21.99 -66.85 -19.92
N PRO Q 118 -20.88 -67.42 -20.43
CA PRO Q 118 -21.08 -68.18 -21.67
C PRO Q 118 -21.99 -69.40 -21.49
N TRP Q 119 -22.19 -69.87 -20.26
CA TRP Q 119 -23.17 -70.92 -20.02
C TRP Q 119 -24.53 -70.33 -19.61
N THR Q 120 -24.48 -69.28 -18.79
CA THR Q 120 -25.68 -68.57 -18.36
C THR Q 120 -26.53 -68.22 -19.58
N VAL Q 121 -25.87 -67.71 -20.61
CA VAL Q 121 -26.53 -67.24 -21.81
C VAL Q 121 -27.19 -68.39 -22.59
N GLN Q 122 -26.77 -69.62 -22.30
CA GLN Q 122 -27.36 -70.79 -22.94
C GLN Q 122 -28.56 -71.30 -22.16
N ALA Q 123 -28.47 -71.24 -20.83
CA ALA Q 123 -29.56 -71.71 -19.98
C ALA Q 123 -30.81 -70.86 -20.16
N LEU Q 124 -30.62 -69.57 -20.44
CA LEU Q 124 -31.74 -68.64 -20.63
C LEU Q 124 -32.66 -69.04 -21.79
N ARG Q 125 -32.11 -69.71 -22.81
CA ARG Q 125 -32.90 -70.20 -23.94
C ARG Q 125 -33.94 -71.23 -23.49
N VAL Q 126 -33.67 -71.88 -22.37
CA VAL Q 126 -34.46 -73.00 -21.88
C VAL Q 126 -35.41 -72.60 -20.75
N LEU Q 127 -35.01 -71.59 -19.98
CA LEU Q 127 -35.69 -71.20 -18.74
C LEU Q 127 -36.63 -70.03 -18.89
N SER Q 128 -36.71 -69.49 -20.10
CA SER Q 128 -37.39 -68.22 -20.37
C SER Q 128 -38.70 -68.00 -19.61
N GLU Q 129 -39.49 -69.05 -19.47
CA GLU Q 129 -40.80 -68.93 -18.82
C GLU Q 129 -40.75 -69.06 -17.29
N SER Q 130 -39.60 -69.46 -16.76
CA SER Q 130 -39.42 -69.60 -15.31
C SER Q 130 -38.64 -68.43 -14.70
N LEU Q 131 -38.36 -67.42 -15.51
CA LEU Q 131 -37.62 -66.24 -15.06
C LEU Q 131 -38.55 -65.24 -14.37
N PRO Q 132 -38.00 -64.40 -13.47
CA PRO Q 132 -38.78 -63.38 -12.76
C PRO Q 132 -39.59 -62.54 -13.73
N VAL Q 133 -38.96 -62.11 -14.82
CA VAL Q 133 -39.67 -61.56 -15.97
C VAL Q 133 -39.67 -62.63 -17.07
N SER Q 134 -40.84 -63.15 -17.43
CA SER Q 134 -40.93 -64.22 -18.42
C SER Q 134 -40.62 -63.75 -19.83
N GLY Q 135 -40.23 -64.68 -20.70
CA GLY Q 135 -39.97 -64.37 -22.09
C GLY Q 135 -41.19 -63.80 -22.80
N THR Q 136 -42.35 -64.36 -22.50
CA THR Q 136 -43.60 -63.90 -23.10
C THR Q 136 -43.94 -62.48 -22.66
N THR Q 137 -43.55 -62.14 -21.43
CA THR Q 137 -43.74 -60.78 -20.93
C THR Q 137 -42.85 -59.80 -21.71
N MET Q 138 -41.59 -60.18 -21.91
CA MET Q 138 -40.67 -59.37 -22.68
C MET Q 138 -41.07 -59.31 -24.17
N ASP Q 139 -41.63 -60.41 -24.67
CA ASP Q 139 -42.16 -60.45 -26.03
C ASP Q 139 -43.29 -59.46 -26.25
N ALA Q 140 -44.03 -59.15 -25.19
CA ALA Q 140 -45.16 -58.22 -25.31
C ALA Q 140 -44.67 -56.78 -25.20
N ILE Q 141 -43.63 -56.58 -24.39
CA ILE Q 141 -43.02 -55.27 -24.20
C ILE Q 141 -42.25 -54.81 -25.44
N ALA Q 142 -41.36 -55.67 -25.94
CA ALA Q 142 -40.79 -55.47 -27.26
C ALA Q 142 -41.90 -55.82 -28.24
N GLY Q 143 -41.83 -55.33 -29.46
CA GLY Q 143 -42.85 -55.68 -30.44
C GLY Q 143 -42.56 -57.03 -31.08
N VAL Q 144 -41.46 -57.63 -30.63
CA VAL Q 144 -40.92 -58.83 -31.26
C VAL Q 144 -40.65 -59.90 -30.21
N THR Q 145 -40.14 -61.05 -30.65
CA THR Q 145 -39.70 -62.05 -29.69
C THR Q 145 -38.33 -61.65 -29.15
N TYR Q 146 -38.32 -61.17 -27.91
CA TYR Q 146 -37.11 -60.65 -27.28
C TYR Q 146 -36.06 -61.76 -27.11
N PRO Q 147 -34.81 -61.47 -27.50
CA PRO Q 147 -33.72 -62.45 -27.45
C PRO Q 147 -33.50 -62.98 -26.04
N ARG Q 148 -33.72 -64.28 -25.84
CA ARG Q 148 -33.66 -64.91 -24.53
C ARG Q 148 -32.30 -64.75 -23.86
N ALA Q 149 -31.27 -64.66 -24.68
CA ALA Q 149 -29.90 -64.52 -24.21
C ALA Q 149 -29.67 -63.26 -23.38
N MET Q 150 -30.48 -62.23 -23.63
CA MET Q 150 -30.30 -60.95 -22.96
C MET Q 150 -31.06 -60.89 -21.64
N MET Q 151 -31.90 -61.88 -21.38
CA MET Q 151 -32.81 -61.82 -20.23
C MET Q 151 -32.14 -62.12 -18.89
N HIS Q 152 -31.03 -61.45 -18.64
CA HIS Q 152 -30.32 -61.48 -17.36
C HIS Q 152 -29.23 -60.41 -17.37
N PRO Q 153 -29.01 -59.76 -16.20
CA PRO Q 153 -27.97 -58.72 -16.09
C PRO Q 153 -26.59 -59.17 -16.58
N SER Q 154 -26.26 -60.45 -16.39
CA SER Q 154 -24.94 -60.96 -16.75
C SER Q 154 -24.61 -60.84 -18.24
N PHE Q 155 -25.65 -60.66 -19.06
CA PHE Q 155 -25.46 -60.51 -20.51
C PHE Q 155 -24.57 -59.32 -20.84
N ALA Q 156 -24.58 -58.31 -19.97
CA ALA Q 156 -23.81 -57.10 -20.21
C ALA Q 156 -22.31 -57.40 -20.32
N GLY Q 157 -21.88 -58.49 -19.69
CA GLY Q 157 -20.48 -58.88 -19.66
C GLY Q 157 -19.91 -59.31 -21.00
N ILE Q 158 -20.78 -59.64 -21.96
CA ILE Q 158 -20.33 -60.05 -23.27
C ILE Q 158 -20.60 -58.99 -24.34
N ILE Q 159 -21.06 -57.82 -23.91
CA ILE Q 159 -21.29 -56.74 -24.86
C ILE Q 159 -19.99 -56.01 -25.24
N ASP Q 160 -19.71 -55.94 -26.55
CA ASP Q 160 -18.60 -55.15 -27.08
C ASP Q 160 -19.18 -53.84 -27.58
N LEU Q 161 -18.97 -52.77 -26.80
CA LEU Q 161 -19.49 -51.46 -27.13
C LEU Q 161 -18.79 -50.86 -28.35
N ASP Q 162 -17.64 -51.43 -28.71
CA ASP Q 162 -16.83 -50.86 -29.79
C ASP Q 162 -17.04 -51.56 -31.13
N LEU Q 163 -18.06 -52.41 -31.21
CA LEU Q 163 -18.45 -53.04 -32.46
C LEU Q 163 -18.78 -51.96 -33.48
N PRO Q 164 -18.38 -52.19 -34.75
CA PRO Q 164 -18.54 -51.20 -35.82
C PRO Q 164 -19.99 -50.73 -35.99
N ASN Q 165 -20.16 -49.50 -36.47
CA ASN Q 165 -21.47 -48.96 -36.83
C ASN Q 165 -22.44 -48.86 -35.65
N GLY Q 166 -21.90 -48.67 -34.46
CA GLY Q 166 -22.73 -48.51 -33.27
C GLY Q 166 -23.55 -49.73 -32.93
N ALA Q 167 -23.14 -50.89 -33.42
CA ALA Q 167 -23.83 -52.13 -33.14
C ALA Q 167 -23.83 -52.42 -31.64
N GLY Q 168 -22.68 -52.17 -31.00
CA GLY Q 168 -22.54 -52.38 -29.57
C GLY Q 168 -23.50 -51.52 -28.76
N ALA Q 169 -23.67 -50.27 -29.19
CA ALA Q 169 -24.60 -49.36 -28.52
C ALA Q 169 -26.03 -49.85 -28.66
N THR Q 170 -26.35 -50.37 -29.84
CA THR Q 170 -27.69 -50.89 -30.12
C THR Q 170 -27.98 -52.12 -29.26
N ILE Q 171 -27.00 -53.03 -29.16
CA ILE Q 171 -27.12 -54.20 -28.31
C ILE Q 171 -27.33 -53.78 -26.85
N ALA Q 172 -26.60 -52.77 -26.41
CA ALA Q 172 -26.74 -52.25 -25.05
C ALA Q 172 -28.13 -51.66 -24.83
N ASP Q 173 -28.65 -50.97 -25.84
CA ASP Q 173 -30.00 -50.43 -25.76
C ASP Q 173 -31.03 -51.55 -25.62
N ALA Q 174 -30.91 -52.59 -26.44
CA ALA Q 174 -31.86 -53.70 -26.41
C ALA Q 174 -31.83 -54.41 -25.06
N HIS Q 175 -30.64 -54.51 -24.47
CA HIS Q 175 -30.50 -55.15 -23.18
C HIS Q 175 -31.12 -54.28 -22.11
N GLY Q 176 -31.02 -52.96 -22.30
CA GLY Q 176 -31.59 -52.01 -21.37
C GLY Q 176 -33.10 -52.16 -21.25
N LEU Q 177 -33.73 -52.65 -22.32
CA LEU Q 177 -35.16 -52.87 -22.33
C LEU Q 177 -35.56 -53.94 -21.31
N PHE Q 178 -34.75 -54.99 -21.21
CA PHE Q 178 -34.98 -56.02 -20.21
C PHE Q 178 -34.63 -55.53 -18.81
N MET Q 179 -33.52 -54.79 -18.71
CA MET Q 179 -33.00 -54.35 -17.42
C MET Q 179 -34.00 -53.51 -16.61
N ILE Q 180 -34.80 -52.69 -17.28
CA ILE Q 180 -35.78 -51.88 -16.56
C ILE Q 180 -36.85 -52.77 -15.95
N GLU Q 181 -37.24 -53.81 -16.69
CA GLU Q 181 -38.28 -54.72 -16.22
C GLU Q 181 -37.75 -55.58 -15.08
N PHE Q 182 -36.52 -56.05 -15.23
CA PHE Q 182 -35.88 -56.84 -14.21
C PHE Q 182 -35.70 -56.03 -12.92
N SER Q 183 -35.28 -54.77 -13.08
CA SER Q 183 -35.03 -53.91 -11.92
C SER Q 183 -36.31 -53.61 -11.17
N LYS Q 184 -37.42 -53.48 -11.91
CA LYS Q 184 -38.71 -53.18 -11.31
C LYS Q 184 -39.28 -54.36 -10.53
N THR Q 185 -39.01 -55.58 -11.01
CA THR Q 185 -39.56 -56.77 -10.36
C THR Q 185 -38.87 -57.10 -9.04
N ILE Q 186 -37.55 -56.92 -9.00
CA ILE Q 186 -36.81 -57.22 -7.77
C ILE Q 186 -36.73 -56.03 -6.80
N ASN Q 187 -37.15 -54.85 -7.27
CA ASN Q 187 -37.24 -53.66 -6.42
C ASN Q 187 -38.56 -52.94 -6.67
N PRO Q 188 -39.59 -53.29 -5.88
CA PRO Q 188 -40.97 -52.78 -6.03
C PRO Q 188 -41.05 -51.25 -5.97
N SER Q 189 -40.15 -50.62 -5.23
CA SER Q 189 -40.15 -49.17 -5.10
C SER Q 189 -39.87 -48.45 -6.42
N LEU Q 190 -39.42 -49.19 -7.43
CA LEU Q 190 -39.12 -48.62 -8.74
C LEU Q 190 -40.30 -48.71 -9.71
N ARG Q 191 -41.33 -49.46 -9.32
CA ARG Q 191 -42.46 -49.75 -10.22
C ARG Q 191 -43.32 -48.54 -10.59
N THR Q 192 -43.27 -47.51 -9.75
CA THR Q 192 -44.01 -46.29 -10.00
C THR Q 192 -43.17 -45.27 -10.76
N LYS Q 193 -41.88 -45.56 -10.90
CA LYS Q 193 -40.92 -44.61 -11.46
C LYS Q 193 -40.91 -44.63 -12.99
N GLN Q 194 -40.43 -43.54 -13.58
CA GLN Q 194 -40.29 -43.43 -15.03
C GLN Q 194 -39.13 -44.28 -15.54
N ALA Q 195 -39.14 -44.58 -16.83
CA ALA Q 195 -38.13 -45.44 -17.45
C ALA Q 195 -36.69 -44.98 -17.20
N ASN Q 196 -36.42 -43.69 -17.42
CA ASN Q 196 -35.08 -43.15 -17.25
C ASN Q 196 -34.63 -43.14 -15.79
N GLU Q 197 -35.59 -43.05 -14.87
CA GLU Q 197 -35.31 -43.12 -13.45
C GLU Q 197 -34.86 -44.53 -13.07
N VAL Q 198 -35.56 -45.52 -13.62
CA VAL Q 198 -35.22 -46.91 -13.38
C VAL Q 198 -33.85 -47.20 -14.01
N ALA Q 199 -33.63 -46.68 -15.21
CA ALA Q 199 -32.36 -46.88 -15.91
C ALA Q 199 -31.19 -46.34 -15.10
N ALA Q 200 -31.41 -45.22 -14.42
CA ALA Q 200 -30.39 -44.60 -13.58
C ALA Q 200 -29.94 -45.52 -12.44
N THR Q 201 -30.80 -46.46 -12.05
CA THR Q 201 -30.48 -47.36 -10.94
C THR Q 201 -29.52 -48.47 -11.35
N PHE Q 202 -29.45 -48.77 -12.64
CA PHE Q 202 -28.57 -49.84 -13.09
C PHE Q 202 -27.42 -49.45 -14.03
N GLU Q 203 -27.51 -48.29 -14.68
CA GLU Q 203 -26.54 -48.04 -15.74
C GLU Q 203 -25.07 -47.86 -15.33
N LYS Q 204 -24.83 -47.55 -14.06
CA LYS Q 204 -23.43 -47.45 -13.59
C LYS Q 204 -22.74 -48.82 -13.40
N PRO Q 205 -23.37 -49.77 -12.67
CA PRO Q 205 -22.71 -51.09 -12.62
C PRO Q 205 -22.81 -51.81 -13.96
N ASN Q 206 -23.86 -51.50 -14.74
CA ASN Q 206 -24.03 -52.05 -16.08
C ASN Q 206 -22.91 -51.61 -17.03
N MET Q 207 -22.52 -50.34 -16.94
CA MET Q 207 -21.40 -49.82 -17.73
C MET Q 207 -20.09 -50.48 -17.33
N ALA Q 208 -19.89 -50.69 -16.03
CA ALA Q 208 -18.71 -51.38 -15.54
C ALA Q 208 -18.61 -52.79 -16.13
N ALA Q 209 -19.75 -53.42 -16.34
CA ALA Q 209 -19.81 -54.78 -16.87
C ALA Q 209 -19.45 -54.81 -18.35
N MET Q 210 -20.00 -53.86 -19.10
CA MET Q 210 -19.77 -53.78 -20.54
C MET Q 210 -18.32 -53.39 -20.87
N SER Q 211 -17.70 -52.59 -20.01
CA SER Q 211 -16.34 -52.13 -20.27
C SER Q 211 -15.30 -53.00 -19.57
N GLY Q 212 -15.75 -54.12 -19.03
CA GLY Q 212 -14.85 -55.10 -18.44
C GLY Q 212 -13.87 -55.64 -19.46
N ARG Q 213 -12.73 -56.13 -18.99
CA ARG Q 213 -11.68 -56.60 -19.89
C ARG Q 213 -11.36 -58.08 -19.68
N PHE Q 214 -12.22 -58.78 -18.95
CA PHE Q 214 -12.08 -60.22 -18.76
C PHE Q 214 -12.10 -60.94 -20.11
N PHE Q 215 -13.09 -60.61 -20.93
CA PHE Q 215 -13.19 -61.15 -22.29
C PHE Q 215 -12.58 -60.17 -23.28
N THR Q 216 -11.81 -60.69 -24.24
CA THR Q 216 -11.30 -59.85 -25.32
C THR Q 216 -12.46 -59.46 -26.24
N ARG Q 217 -12.20 -58.52 -27.16
CA ARG Q 217 -13.24 -58.09 -28.09
C ARG Q 217 -13.63 -59.22 -29.03
N GLU Q 218 -12.67 -60.09 -29.32
CA GLU Q 218 -12.91 -61.22 -30.19
C GLU Q 218 -13.63 -62.33 -29.45
N ASP Q 219 -13.44 -62.40 -28.13
CA ASP Q 219 -14.19 -63.32 -27.29
C ASP Q 219 -15.66 -62.94 -27.30
N LYS Q 220 -15.93 -61.65 -27.13
CA LYS Q 220 -17.29 -61.13 -27.11
C LYS Q 220 -17.98 -61.29 -28.44
N LYS Q 221 -17.26 -61.01 -29.52
CA LYS Q 221 -17.80 -61.16 -30.86
C LYS Q 221 -18.25 -62.61 -31.07
N LYS Q 222 -17.40 -63.55 -30.68
CA LYS Q 222 -17.71 -64.97 -30.82
C LYS Q 222 -18.96 -65.34 -30.02
N LEU Q 223 -19.02 -64.84 -28.78
CA LEU Q 223 -20.15 -65.11 -27.89
C LEU Q 223 -21.46 -64.56 -28.47
N LEU Q 224 -21.41 -63.31 -28.92
CA LEU Q 224 -22.59 -62.65 -29.48
C LEU Q 224 -23.10 -63.35 -30.75
N ILE Q 225 -22.18 -63.86 -31.57
CA ILE Q 225 -22.56 -64.64 -32.73
C ILE Q 225 -23.15 -65.99 -32.32
N ALA Q 226 -22.48 -66.67 -31.39
CA ALA Q 226 -22.89 -68.01 -30.95
C ALA Q 226 -24.30 -68.01 -30.37
N VAL Q 227 -24.71 -66.88 -29.82
CA VAL Q 227 -25.98 -66.82 -29.14
C VAL Q 227 -27.04 -66.06 -29.97
N GLY Q 228 -26.65 -65.67 -31.18
CA GLY Q 228 -27.59 -65.19 -32.18
C GLY Q 228 -27.93 -63.71 -32.18
N ILE Q 229 -27.25 -62.92 -31.35
CA ILE Q 229 -27.46 -61.47 -31.31
C ILE Q 229 -27.03 -60.83 -32.62
N ILE Q 230 -25.92 -61.35 -33.16
CA ILE Q 230 -25.33 -60.81 -34.38
C ILE Q 230 -24.85 -61.99 -35.24
N ASP Q 231 -24.70 -61.78 -36.55
CA ASP Q 231 -24.22 -62.88 -37.41
C ASP Q 231 -22.73 -62.79 -37.76
N GLU Q 232 -22.28 -63.70 -38.63
CA GLU Q 232 -20.88 -63.74 -39.09
C GLU Q 232 -20.44 -62.42 -39.71
N ASP Q 233 -21.35 -61.75 -40.40
CA ASP Q 233 -21.05 -60.49 -41.07
C ASP Q 233 -21.31 -59.31 -40.15
N LEU Q 234 -21.51 -59.60 -38.87
CA LEU Q 234 -21.75 -58.59 -37.84
C LEU Q 234 -23.05 -57.81 -38.06
N VAL Q 235 -24.01 -58.45 -38.70
CA VAL Q 235 -25.34 -57.87 -38.89
C VAL Q 235 -26.26 -58.19 -37.70
N LEU Q 236 -26.86 -57.15 -37.12
CA LEU Q 236 -27.76 -57.31 -35.98
C LEU Q 236 -29.07 -57.98 -36.36
N ALA Q 237 -29.57 -58.84 -35.47
CA ALA Q 237 -30.90 -59.44 -35.66
C ALA Q 237 -31.96 -58.36 -35.46
N SER Q 238 -33.02 -58.40 -36.25
CA SER Q 238 -34.05 -57.37 -36.20
C SER Q 238 -34.69 -57.22 -34.81
N ALA Q 239 -34.84 -58.34 -34.11
CA ALA Q 239 -35.40 -58.29 -32.76
C ALA Q 239 -34.55 -57.41 -31.85
N VAL Q 240 -33.24 -57.41 -32.06
CA VAL Q 240 -32.32 -56.60 -31.30
C VAL Q 240 -32.50 -55.10 -31.60
N VAL Q 241 -32.58 -54.75 -32.87
CA VAL Q 241 -32.69 -53.34 -33.25
C VAL Q 241 -34.08 -52.76 -32.92
N ARG Q 242 -35.10 -53.61 -32.96
CA ARG Q 242 -36.45 -53.17 -32.61
C ARG Q 242 -36.63 -53.05 -31.09
N SER Q 243 -35.99 -53.93 -30.33
CA SER Q 243 -36.00 -53.82 -28.88
C SER Q 243 -35.22 -52.58 -28.45
N ALA Q 244 -34.18 -52.26 -29.22
CA ALA Q 244 -33.33 -51.12 -28.92
C ALA Q 244 -34.09 -49.81 -29.08
N GLU Q 245 -34.86 -49.68 -30.15
CA GLU Q 245 -35.60 -48.43 -30.37
C GLU Q 245 -36.77 -48.25 -29.39
N LYS Q 246 -37.30 -49.36 -28.87
CA LYS Q 246 -38.29 -49.29 -27.80
C LYS Q 246 -37.67 -48.66 -26.55
N TYR Q 247 -36.45 -49.11 -26.24
CA TYR Q 247 -35.72 -48.62 -25.09
C TYR Q 247 -35.39 -47.14 -25.19
N ARG Q 248 -34.87 -46.72 -26.36
CA ARG Q 248 -34.54 -45.32 -26.59
C ARG Q 248 -35.78 -44.42 -26.49
N ALA Q 249 -36.92 -44.94 -26.92
CA ALA Q 249 -38.17 -44.17 -26.87
C ALA Q 249 -38.65 -43.97 -25.43
N LYS Q 250 -38.51 -45.01 -24.61
CA LYS Q 250 -38.91 -44.94 -23.20
C LYS Q 250 -38.10 -43.94 -22.39
N VAL Q 251 -36.79 -43.92 -22.61
CA VAL Q 251 -35.86 -43.14 -21.78
C VAL Q 251 -35.61 -41.73 -22.33
N GLY Q 252 -35.98 -41.50 -23.58
CA GLY Q 252 -35.77 -40.21 -24.22
C GLY Q 252 -36.88 -39.21 -23.99
N ASN R 5 -6.20 -67.36 -19.38
CA ASN R 5 -6.30 -68.68 -18.74
C ASN R 5 -7.58 -68.91 -17.93
N TYR R 6 -7.87 -68.00 -16.99
CA TYR R 6 -9.14 -68.08 -16.28
C TYR R 6 -10.30 -67.68 -17.20
N ARG R 7 -9.97 -67.01 -18.30
CA ARG R 7 -10.99 -66.72 -19.31
C ARG R 7 -11.13 -67.89 -20.27
N ASP R 8 -10.06 -68.66 -20.44
CA ASP R 8 -10.12 -69.91 -21.21
C ASP R 8 -11.14 -70.85 -20.58
N ILE R 9 -11.16 -70.88 -19.25
CA ILE R 9 -12.08 -71.71 -18.49
C ILE R 9 -13.52 -71.24 -18.67
N ALA R 10 -13.73 -69.94 -18.53
CA ALA R 10 -15.04 -69.33 -18.68
C ALA R 10 -15.56 -69.51 -20.11
N LEU R 11 -14.72 -69.19 -21.08
CA LEU R 11 -15.11 -69.35 -22.48
C LEU R 11 -15.44 -70.80 -22.83
N ALA R 12 -14.80 -71.74 -22.12
CA ALA R 12 -15.01 -73.16 -22.39
C ALA R 12 -16.41 -73.61 -21.99
N PHE R 13 -17.05 -72.84 -21.11
CA PHE R 13 -18.44 -73.13 -20.74
C PHE R 13 -19.41 -72.88 -21.89
N LEU R 14 -18.91 -72.36 -23.01
CA LEU R 14 -19.75 -72.17 -24.19
C LEU R 14 -20.04 -73.54 -24.80
N ASP R 15 -19.06 -74.43 -24.72
CA ASP R 15 -19.18 -75.79 -25.24
C ASP R 15 -19.55 -76.80 -24.13
N GLU R 16 -19.86 -76.29 -22.95
CA GLU R 16 -20.41 -77.10 -21.86
C GLU R 16 -21.90 -77.38 -22.16
N SER R 17 -22.43 -78.47 -21.60
CA SER R 17 -23.74 -79.03 -22.01
C SER R 17 -24.99 -78.22 -21.57
N ALA R 18 -26.11 -78.38 -22.27
CA ALA R 18 -27.35 -77.72 -21.81
C ALA R 18 -28.62 -78.42 -22.24
N ASP R 19 -28.78 -79.66 -21.80
CA ASP R 19 -29.95 -80.46 -22.15
C ASP R 19 -31.20 -79.87 -21.50
N SER R 20 -32.21 -79.58 -22.32
CA SER R 20 -33.44 -78.95 -21.85
C SER R 20 -34.12 -79.76 -20.75
N GLY R 21 -34.16 -81.08 -20.93
CA GLY R 21 -34.81 -81.97 -19.97
C GLY R 21 -34.13 -81.99 -18.61
N THR R 22 -32.80 -82.02 -18.63
CA THR R 22 -32.00 -82.04 -17.41
C THR R 22 -32.12 -80.72 -16.65
N ILE R 23 -32.11 -79.63 -17.40
CA ILE R 23 -32.26 -78.29 -16.83
C ILE R 23 -33.66 -78.09 -16.24
N ASN R 24 -34.70 -78.46 -16.98
CA ASN R 24 -36.08 -78.35 -16.52
C ASN R 24 -36.34 -79.16 -15.26
N ALA R 25 -35.62 -80.28 -15.12
CA ALA R 25 -35.70 -81.09 -13.91
C ALA R 25 -35.20 -80.32 -12.69
N TRP R 26 -34.09 -79.61 -12.87
CA TRP R 26 -33.54 -78.73 -11.83
C TRP R 26 -34.48 -77.59 -11.46
N VAL R 27 -35.09 -76.98 -12.48
CA VAL R 27 -36.07 -75.91 -12.27
C VAL R 27 -37.19 -76.37 -11.36
N ASN R 28 -37.71 -77.56 -11.62
CA ASN R 28 -38.80 -78.11 -10.82
C ASN R 28 -38.38 -78.40 -9.39
N GLU R 29 -37.14 -78.85 -9.20
CA GLU R 29 -36.59 -79.07 -7.86
C GLU R 29 -36.42 -77.75 -7.12
N PHE R 30 -35.84 -76.77 -7.81
CA PHE R 30 -35.53 -75.49 -7.20
C PHE R 30 -36.73 -74.56 -7.17
N ALA R 31 -37.84 -75.00 -7.77
CA ALA R 31 -39.04 -74.17 -7.89
C ALA R 31 -39.53 -73.66 -6.54
N TYR R 32 -40.14 -72.49 -6.54
CA TYR R 32 -40.74 -71.92 -5.34
C TYR R 32 -41.82 -72.85 -4.78
N GLN R 33 -41.77 -73.11 -3.48
CA GLN R 33 -42.82 -73.86 -2.81
C GLN R 33 -43.26 -73.10 -1.57
N GLY R 34 -44.51 -72.65 -1.57
CA GLY R 34 -45.05 -71.87 -0.47
C GLY R 34 -44.96 -72.59 0.85
N PHE R 35 -45.47 -73.82 0.89
CA PHE R 35 -45.44 -74.66 2.09
C PHE R 35 -45.65 -76.12 1.73
N ASP R 36 -45.32 -77.01 2.65
CA ASP R 36 -45.55 -78.44 2.47
C ASP R 36 -46.68 -78.88 3.41
N PRO R 37 -47.81 -79.31 2.83
CA PRO R 37 -48.98 -79.75 3.60
C PRO R 37 -48.58 -80.86 4.57
N LYS R 38 -47.74 -81.77 4.10
CA LYS R 38 -47.22 -82.86 4.93
C LYS R 38 -46.58 -82.35 6.21
N ARG R 39 -45.73 -81.33 6.07
CA ARG R 39 -45.05 -80.72 7.20
C ARG R 39 -46.04 -80.04 8.14
N ILE R 40 -47.12 -79.50 7.55
CA ILE R 40 -48.14 -78.80 8.33
C ILE R 40 -48.90 -79.74 9.28
N VAL R 41 -49.40 -80.85 8.77
CA VAL R 41 -50.14 -81.78 9.62
C VAL R 41 -49.21 -82.41 10.67
N GLN R 42 -47.93 -82.53 10.32
CA GLN R 42 -46.93 -83.03 11.25
C GLN R 42 -46.78 -82.11 12.45
N LEU R 43 -46.52 -80.83 12.16
CA LEU R 43 -46.29 -79.83 13.19
C LEU R 43 -47.53 -79.61 14.06
N VAL R 44 -48.71 -79.68 13.45
CA VAL R 44 -49.96 -79.54 14.18
C VAL R 44 -50.12 -80.68 15.19
N LYS R 45 -49.93 -81.91 14.73
CA LYS R 45 -50.05 -83.07 15.60
C LYS R 45 -48.98 -83.08 16.69
N GLU R 46 -47.74 -82.74 16.32
CA GLU R 46 -46.65 -82.72 17.28
C GLU R 46 -46.85 -81.65 18.37
N ARG R 47 -47.05 -80.40 17.94
CA ARG R 47 -47.22 -79.29 18.88
C ARG R 47 -48.50 -79.42 19.71
N GLY R 48 -49.54 -80.01 19.13
CA GLY R 48 -50.80 -80.20 19.83
C GLY R 48 -50.71 -81.24 20.94
N THR R 49 -50.17 -82.41 20.61
CA THR R 49 -50.00 -83.48 21.60
C THR R 49 -49.02 -83.09 22.71
N ALA R 50 -48.02 -82.29 22.36
CA ALA R 50 -47.02 -81.83 23.32
C ALA R 50 -47.62 -80.97 24.43
N LYS R 51 -48.83 -80.47 24.21
CA LYS R 51 -49.51 -79.64 25.19
C LYS R 51 -50.76 -80.34 25.72
N GLY R 52 -50.88 -81.64 25.43
CA GLY R 52 -52.00 -82.44 25.87
C GLY R 52 -53.34 -81.89 25.40
N ARG R 53 -53.44 -81.68 24.09
CA ARG R 53 -54.65 -81.08 23.51
C ARG R 53 -55.35 -82.03 22.55
N ASP R 54 -56.66 -81.88 22.44
CA ASP R 54 -57.42 -82.53 21.38
C ASP R 54 -57.07 -81.77 20.10
N TRP R 55 -55.93 -82.12 19.51
CA TRP R 55 -55.42 -81.38 18.37
C TRP R 55 -56.32 -81.48 17.14
N LYS R 56 -57.00 -82.61 17.00
CA LYS R 56 -57.96 -82.79 15.92
C LYS R 56 -59.10 -81.79 16.04
N LYS R 57 -59.50 -81.51 17.27
CA LYS R 57 -60.53 -80.52 17.53
C LYS R 57 -59.99 -79.11 17.27
N ASP R 58 -58.73 -78.88 17.64
CA ASP R 58 -58.09 -77.59 17.41
C ASP R 58 -57.97 -77.28 15.91
N VAL R 59 -57.73 -78.32 15.12
CA VAL R 59 -57.70 -78.19 13.66
C VAL R 59 -59.02 -77.64 13.15
N LYS R 60 -60.12 -78.24 13.62
CA LYS R 60 -61.45 -77.80 13.23
C LYS R 60 -61.71 -76.35 13.59
N MET R 61 -61.35 -75.96 14.82
CA MET R 61 -61.52 -74.58 15.25
C MET R 61 -60.68 -73.63 14.40
N MET R 62 -59.44 -74.00 14.14
CA MET R 62 -58.55 -73.16 13.34
C MET R 62 -59.07 -72.99 11.92
N ILE R 63 -59.65 -74.05 11.38
CA ILE R 63 -60.25 -74.01 10.04
C ILE R 63 -61.46 -73.06 10.00
N VAL R 64 -62.40 -73.27 10.92
CA VAL R 64 -63.57 -72.40 11.03
C VAL R 64 -63.14 -70.95 11.24
N LEU R 65 -62.16 -70.75 12.12
CA LEU R 65 -61.59 -69.42 12.36
C LEU R 65 -61.05 -68.82 11.07
N ASN R 66 -60.37 -69.66 10.28
CA ASN R 66 -59.80 -69.21 9.01
C ASN R 66 -60.87 -68.87 7.98
N LEU R 67 -61.95 -69.65 7.98
CA LEU R 67 -63.03 -69.44 7.02
C LEU R 67 -63.79 -68.13 7.26
N VAL R 68 -63.98 -67.75 8.51
CA VAL R 68 -64.79 -66.58 8.84
C VAL R 68 -63.99 -65.31 9.13
N ARG R 69 -62.71 -65.46 9.46
CA ARG R 69 -61.90 -64.30 9.85
C ARG R 69 -60.65 -64.06 9.00
N GLY R 70 -60.20 -65.08 8.29
CA GLY R 70 -59.04 -64.92 7.42
C GLY R 70 -57.74 -65.47 7.99
N ASN R 71 -56.64 -64.78 7.70
CA ASN R 71 -55.31 -65.31 7.99
C ASN R 71 -54.45 -64.38 8.86
N LYS R 72 -55.09 -63.51 9.63
CA LYS R 72 -54.36 -62.60 10.52
C LYS R 72 -54.83 -62.72 11.97
N PRO R 73 -54.28 -63.70 12.70
CA PRO R 73 -54.70 -64.10 14.06
C PRO R 73 -54.61 -62.97 15.09
N GLU R 74 -53.50 -62.24 15.11
CA GLU R 74 -53.32 -61.16 16.08
C GLU R 74 -54.29 -60.01 15.83
N ALA R 75 -54.55 -59.73 14.55
CA ALA R 75 -55.43 -58.65 14.16
C ALA R 75 -56.90 -58.97 14.41
N MET R 76 -57.29 -60.22 14.17
CA MET R 76 -58.70 -60.60 14.30
C MET R 76 -59.16 -60.62 15.77
N MET R 77 -58.22 -60.73 16.70
CA MET R 77 -58.53 -60.73 18.12
C MET R 77 -58.93 -59.34 18.63
N LYS R 78 -58.54 -58.32 17.88
CA LYS R 78 -58.86 -56.94 18.25
C LYS R 78 -60.32 -56.60 17.95
N LYS R 79 -60.97 -57.44 17.16
CA LYS R 79 -62.38 -57.28 16.82
C LYS R 79 -63.10 -58.61 16.98
N MET R 80 -63.16 -59.09 18.23
CA MET R 80 -63.73 -60.40 18.52
C MET R 80 -64.28 -60.41 19.94
N SER R 81 -65.23 -61.29 20.21
CA SER R 81 -65.74 -61.43 21.58
C SER R 81 -64.60 -61.85 22.48
N GLU R 82 -64.65 -61.45 23.74
CA GLU R 82 -63.61 -61.78 24.71
C GLU R 82 -63.43 -63.29 24.83
N LYS R 83 -64.54 -64.02 24.73
CA LYS R 83 -64.51 -65.47 24.80
C LYS R 83 -63.73 -66.09 23.63
N GLY R 84 -64.07 -65.67 22.41
CA GLY R 84 -63.42 -66.18 21.23
C GLY R 84 -61.95 -65.81 21.13
N ALA R 85 -61.64 -64.56 21.46
CA ALA R 85 -60.26 -64.09 21.44
C ALA R 85 -59.37 -64.86 22.42
N SER R 86 -59.97 -65.30 23.53
CA SER R 86 -59.23 -66.07 24.53
C SER R 86 -58.72 -67.41 23.97
N ILE R 87 -59.55 -68.09 23.18
CA ILE R 87 -59.16 -69.38 22.62
C ILE R 87 -58.25 -69.21 21.40
N VAL R 88 -58.43 -68.12 20.66
CA VAL R 88 -57.53 -67.81 19.55
C VAL R 88 -56.12 -67.59 20.08
N ALA R 89 -56.03 -66.87 21.19
CA ALA R 89 -54.74 -66.63 21.85
C ALA R 89 -54.03 -67.94 22.18
N ASN R 90 -54.80 -68.91 22.65
CA ASN R 90 -54.28 -70.25 22.92
C ASN R 90 -53.75 -70.90 21.65
N LEU R 91 -54.59 -70.95 20.62
CA LEU R 91 -54.22 -71.56 19.34
C LEU R 91 -52.93 -70.96 18.78
N ILE R 92 -52.79 -69.65 18.91
CA ILE R 92 -51.57 -68.97 18.50
C ILE R 92 -50.39 -69.47 19.33
N SER R 93 -50.62 -69.65 20.62
CA SER R 93 -49.56 -70.08 21.54
C SER R 93 -49.04 -71.50 21.25
N VAL R 94 -49.95 -72.48 21.24
CA VAL R 94 -49.52 -73.87 21.07
C VAL R 94 -49.08 -74.23 19.66
N TYR R 95 -49.71 -73.62 18.66
CA TYR R 95 -49.37 -73.94 17.27
C TYR R 95 -48.41 -72.94 16.62
N GLN R 96 -48.05 -71.90 17.38
CA GLN R 96 -47.12 -70.87 16.92
C GLN R 96 -47.58 -70.26 15.61
N LEU R 97 -48.86 -69.90 15.57
CA LEU R 97 -49.46 -69.35 14.36
C LEU R 97 -48.82 -68.02 13.96
N LYS R 98 -48.49 -67.91 12.68
CA LYS R 98 -48.03 -66.65 12.11
C LYS R 98 -49.00 -66.25 11.00
N GLU R 99 -48.77 -65.08 10.40
CA GLU R 99 -49.63 -64.62 9.32
C GLU R 99 -48.85 -64.46 8.03
N GLY R 100 -49.57 -64.24 6.93
CA GLY R 100 -48.94 -64.00 5.64
C GLY R 100 -48.35 -65.23 5.00
N ASN R 101 -47.17 -65.06 4.39
CA ASN R 101 -46.50 -66.15 3.70
C ASN R 101 -45.08 -66.39 4.23
N PRO R 102 -44.96 -67.01 5.41
CA PRO R 102 -43.65 -67.33 5.99
C PRO R 102 -43.10 -68.65 5.46
N GLY R 103 -42.03 -69.15 6.08
CA GLY R 103 -41.39 -70.37 5.65
C GLY R 103 -42.29 -71.60 5.68
N ARG R 104 -41.78 -72.70 5.12
CA ARG R 104 -42.54 -73.96 5.05
C ARG R 104 -42.69 -74.62 6.42
N ASP R 105 -41.82 -74.26 7.36
CA ASP R 105 -41.87 -74.81 8.72
C ASP R 105 -42.73 -73.94 9.64
N THR R 106 -43.59 -73.12 9.04
CA THR R 106 -44.40 -72.19 9.80
C THR R 106 -45.88 -72.43 9.54
N ILE R 107 -46.67 -72.49 10.60
CA ILE R 107 -48.11 -72.75 10.49
C ILE R 107 -48.91 -71.45 10.39
N THR R 108 -49.80 -71.39 9.40
CA THR R 108 -50.78 -70.31 9.30
C THR R 108 -52.17 -70.94 9.26
N LEU R 109 -53.20 -70.15 9.58
CA LEU R 109 -54.57 -70.63 9.49
C LEU R 109 -54.91 -71.07 8.07
N SER R 110 -54.42 -70.33 7.08
CA SER R 110 -54.66 -70.64 5.69
C SER R 110 -54.12 -72.02 5.32
N ARG R 111 -52.94 -72.34 5.86
CA ARG R 111 -52.28 -73.60 5.55
C ARG R 111 -52.92 -74.79 6.27
N VAL R 112 -53.57 -74.53 7.40
CA VAL R 112 -54.30 -75.58 8.11
C VAL R 112 -55.52 -76.00 7.30
N SER R 113 -56.28 -75.01 6.82
CA SER R 113 -57.44 -75.26 5.96
C SER R 113 -57.05 -75.99 4.67
N ALA R 114 -55.85 -75.71 4.18
CA ALA R 114 -55.36 -76.35 2.97
C ALA R 114 -54.90 -77.79 3.22
N ALA R 115 -54.14 -77.99 4.30
CA ALA R 115 -53.61 -79.31 4.64
C ALA R 115 -54.73 -80.26 5.05
N PHE R 116 -55.69 -79.75 5.82
CA PHE R 116 -56.81 -80.55 6.30
C PHE R 116 -58.08 -80.27 5.51
N VAL R 117 -57.92 -80.04 4.21
CA VAL R 117 -59.03 -79.75 3.32
C VAL R 117 -60.19 -80.78 3.31
N PRO R 118 -59.91 -82.09 3.57
CA PRO R 118 -61.07 -82.98 3.63
C PRO R 118 -62.08 -82.62 4.73
N TRP R 119 -61.66 -81.85 5.73
CA TRP R 119 -62.62 -81.36 6.72
C TRP R 119 -63.14 -79.97 6.38
N THR R 120 -62.24 -79.11 5.88
CA THR R 120 -62.58 -77.77 5.41
C THR R 120 -63.76 -77.81 4.45
N VAL R 121 -63.69 -78.77 3.54
CA VAL R 121 -64.69 -78.93 2.49
C VAL R 121 -66.07 -79.30 3.03
N GLN R 122 -66.09 -79.86 4.25
CA GLN R 122 -67.35 -80.24 4.90
C GLN R 122 -67.90 -79.10 5.75
N ALA R 123 -67.01 -78.33 6.37
CA ALA R 123 -67.42 -77.19 7.17
C ALA R 123 -68.11 -76.14 6.31
N LEU R 124 -67.60 -75.96 5.08
CA LEU R 124 -68.19 -75.01 4.13
C LEU R 124 -69.67 -75.30 3.88
N ARG R 125 -70.05 -76.56 3.95
CA ARG R 125 -71.44 -76.98 3.73
C ARG R 125 -72.35 -76.44 4.83
N VAL R 126 -71.75 -76.06 5.96
CA VAL R 126 -72.49 -75.64 7.15
C VAL R 126 -72.54 -74.12 7.37
N LEU R 127 -71.40 -73.44 7.20
CA LEU R 127 -71.30 -72.02 7.52
C LEU R 127 -71.22 -71.09 6.31
N SER R 128 -71.80 -71.50 5.18
CA SER R 128 -71.67 -70.74 3.93
C SER R 128 -72.20 -69.31 3.99
N GLU R 129 -73.11 -69.03 4.94
CA GLU R 129 -73.68 -67.70 5.05
C GLU R 129 -72.86 -66.77 5.95
N SER R 130 -71.82 -67.32 6.58
CA SER R 130 -70.96 -66.54 7.46
C SER R 130 -69.60 -66.23 6.81
N LEU R 131 -69.46 -66.60 5.54
CA LEU R 131 -68.26 -66.35 4.77
C LEU R 131 -68.25 -64.90 4.24
N PRO R 132 -67.04 -64.37 3.94
CA PRO R 132 -66.94 -63.02 3.36
C PRO R 132 -67.79 -62.88 2.11
N VAL R 133 -67.75 -63.90 1.24
CA VAL R 133 -68.72 -64.03 0.15
C VAL R 133 -69.71 -65.13 0.54
N SER R 134 -70.99 -64.78 0.69
CA SER R 134 -71.99 -65.75 1.13
C SER R 134 -72.41 -66.71 0.02
N GLY R 135 -72.96 -67.86 0.43
CA GLY R 135 -73.47 -68.83 -0.52
C GLY R 135 -74.63 -68.28 -1.34
N THR R 136 -75.47 -67.46 -0.72
CA THR R 136 -76.58 -66.83 -1.42
C THR R 136 -76.08 -65.87 -2.51
N THR R 137 -74.94 -65.22 -2.25
CA THR R 137 -74.33 -64.35 -3.24
C THR R 137 -73.88 -65.16 -4.45
N MET R 138 -73.20 -66.26 -4.19
CA MET R 138 -72.74 -67.15 -5.25
C MET R 138 -73.90 -67.79 -6.01
N ASP R 139 -75.01 -68.01 -5.31
CA ASP R 139 -76.21 -68.55 -5.93
C ASP R 139 -76.76 -67.57 -6.96
N ALA R 140 -76.58 -66.28 -6.71
CA ALA R 140 -77.08 -65.24 -7.61
C ALA R 140 -76.14 -65.03 -8.80
N ILE R 141 -74.84 -65.17 -8.54
CA ILE R 141 -73.82 -65.02 -9.58
C ILE R 141 -73.87 -66.17 -10.58
N ALA R 142 -73.82 -67.41 -10.08
CA ALA R 142 -74.12 -68.56 -10.91
C ALA R 142 -75.64 -68.55 -11.12
N GLY R 143 -76.13 -69.29 -12.10
CA GLY R 143 -77.57 -69.35 -12.31
C GLY R 143 -78.23 -70.36 -11.40
N VAL R 144 -77.40 -71.05 -10.61
CA VAL R 144 -77.84 -72.20 -9.85
C VAL R 144 -77.28 -72.14 -8.43
N THR R 145 -77.52 -73.19 -7.63
CA THR R 145 -76.92 -73.23 -6.30
C THR R 145 -75.44 -73.61 -6.40
N TYR R 146 -74.57 -72.64 -6.10
CA TYR R 146 -73.14 -72.86 -6.20
C TYR R 146 -72.67 -73.84 -5.14
N PRO R 147 -71.95 -74.89 -5.55
CA PRO R 147 -71.47 -75.94 -4.63
C PRO R 147 -70.69 -75.35 -3.47
N ARG R 148 -71.21 -75.52 -2.26
CA ARG R 148 -70.62 -74.91 -1.06
C ARG R 148 -69.16 -75.32 -0.82
N ALA R 149 -68.81 -76.52 -1.25
CA ALA R 149 -67.45 -77.06 -1.05
C ALA R 149 -66.37 -76.25 -1.78
N MET R 150 -66.77 -75.51 -2.81
CA MET R 150 -65.82 -74.76 -3.61
C MET R 150 -65.54 -73.37 -3.03
N MET R 151 -66.31 -73.01 -2.00
CA MET R 151 -66.29 -71.64 -1.51
C MET R 151 -65.11 -71.33 -0.57
N HIS R 152 -63.92 -71.74 -1.01
CA HIS R 152 -62.67 -71.39 -0.34
C HIS R 152 -61.50 -71.74 -1.25
N PRO R 153 -60.42 -70.93 -1.21
CA PRO R 153 -59.22 -71.19 -2.01
C PRO R 153 -58.63 -72.58 -1.78
N SER R 154 -58.84 -73.15 -0.60
CA SER R 154 -58.29 -74.46 -0.26
C SER R 154 -58.91 -75.60 -1.06
N PHE R 155 -60.04 -75.35 -1.71
CA PHE R 155 -60.68 -76.36 -2.55
C PHE R 155 -59.79 -76.80 -3.70
N ALA R 156 -58.94 -75.90 -4.17
CA ALA R 156 -58.03 -76.19 -5.28
C ALA R 156 -57.14 -77.40 -4.99
N GLY R 157 -56.95 -77.69 -3.71
CA GLY R 157 -56.08 -78.78 -3.29
C GLY R 157 -56.61 -80.16 -3.61
N ILE R 158 -57.90 -80.27 -3.89
CA ILE R 158 -58.49 -81.57 -4.21
C ILE R 158 -58.88 -81.69 -5.68
N ILE R 159 -58.43 -80.75 -6.49
CA ILE R 159 -58.73 -80.77 -7.92
C ILE R 159 -57.71 -81.61 -8.71
N ASP R 160 -58.21 -82.66 -9.36
CA ASP R 160 -57.40 -83.47 -10.27
C ASP R 160 -57.54 -82.91 -11.69
N LEU R 161 -56.53 -82.20 -12.15
CA LEU R 161 -56.54 -81.59 -13.48
C LEU R 161 -56.47 -82.63 -14.59
N ASP R 162 -55.95 -83.81 -14.27
CA ASP R 162 -55.76 -84.86 -15.27
C ASP R 162 -56.94 -85.84 -15.32
N LEU R 163 -58.11 -85.37 -14.92
CA LEU R 163 -59.35 -86.12 -15.12
C LEU R 163 -59.67 -86.17 -16.61
N PRO R 164 -60.32 -87.25 -17.06
CA PRO R 164 -60.63 -87.44 -18.49
C PRO R 164 -61.56 -86.36 -19.03
N ASN R 165 -61.47 -86.09 -20.34
CA ASN R 165 -62.32 -85.11 -21.02
C ASN R 165 -62.21 -83.69 -20.50
N GLY R 166 -61.06 -83.34 -19.93
CA GLY R 166 -60.84 -82.00 -19.40
C GLY R 166 -61.81 -81.64 -18.29
N ALA R 167 -62.30 -82.64 -17.57
CA ALA R 167 -63.22 -82.41 -16.47
C ALA R 167 -62.54 -81.63 -15.35
N GLY R 168 -61.24 -81.85 -15.19
CA GLY R 168 -60.46 -81.13 -14.21
C GLY R 168 -60.43 -79.64 -14.49
N ALA R 169 -60.25 -79.28 -15.75
CA ALA R 169 -60.24 -77.87 -16.15
C ALA R 169 -61.61 -77.22 -15.93
N THR R 170 -62.67 -78.00 -16.13
CA THR R 170 -64.02 -77.52 -15.93
C THR R 170 -64.27 -77.22 -14.45
N ILE R 171 -63.87 -78.14 -13.59
CA ILE R 171 -63.95 -77.97 -12.15
C ILE R 171 -63.15 -76.76 -11.71
N ALA R 172 -61.96 -76.59 -12.29
CA ALA R 172 -61.10 -75.46 -11.97
C ALA R 172 -61.77 -74.13 -12.36
N ASP R 173 -62.46 -74.13 -13.50
CA ASP R 173 -63.16 -72.94 -13.95
C ASP R 173 -64.36 -72.62 -13.04
N ALA R 174 -65.07 -73.67 -12.63
CA ALA R 174 -66.20 -73.49 -11.72
C ALA R 174 -65.72 -72.92 -10.38
N HIS R 175 -64.56 -73.37 -9.92
CA HIS R 175 -63.95 -72.85 -8.71
C HIS R 175 -63.52 -71.39 -8.90
N GLY R 176 -63.08 -71.06 -10.11
CA GLY R 176 -62.65 -69.71 -10.43
C GLY R 176 -63.77 -68.69 -10.36
N LEU R 177 -65.00 -69.16 -10.56
CA LEU R 177 -66.16 -68.28 -10.47
C LEU R 177 -66.27 -67.70 -9.07
N PHE R 178 -65.96 -68.53 -8.08
CA PHE R 178 -65.94 -68.09 -6.70
C PHE R 178 -64.69 -67.26 -6.40
N MET R 179 -63.56 -67.70 -6.91
CA MET R 179 -62.27 -67.10 -6.59
C MET R 179 -62.19 -65.63 -7.01
N ILE R 180 -62.85 -65.28 -8.11
CA ILE R 180 -62.83 -63.90 -8.58
C ILE R 180 -63.65 -63.02 -7.64
N GLU R 181 -64.73 -63.57 -7.11
CA GLU R 181 -65.58 -62.84 -6.18
C GLU R 181 -64.91 -62.71 -4.82
N PHE R 182 -64.30 -63.81 -4.37
CA PHE R 182 -63.56 -63.82 -3.11
C PHE R 182 -62.42 -62.81 -3.15
N SER R 183 -61.69 -62.78 -4.27
CA SER R 183 -60.58 -61.85 -4.44
C SER R 183 -61.05 -60.41 -4.44
N LYS R 184 -62.24 -60.19 -5.00
CA LYS R 184 -62.81 -58.85 -5.11
C LYS R 184 -63.23 -58.24 -3.76
N THR R 185 -63.57 -59.09 -2.79
CA THR R 185 -64.01 -58.57 -1.50
C THR R 185 -62.87 -58.45 -0.50
N ILE R 186 -61.99 -59.45 -0.44
CA ILE R 186 -60.84 -59.37 0.47
C ILE R 186 -59.81 -58.35 -0.02
N ASN R 187 -59.81 -58.09 -1.33
CA ASN R 187 -58.98 -57.04 -1.92
C ASN R 187 -59.79 -56.15 -2.83
N PRO R 188 -60.57 -55.22 -2.23
CA PRO R 188 -61.57 -54.36 -2.89
C PRO R 188 -61.00 -53.49 -4.00
N SER R 189 -59.68 -53.38 -4.09
CA SER R 189 -59.05 -52.59 -5.14
C SER R 189 -59.27 -53.27 -6.50
N LEU R 190 -59.52 -54.57 -6.47
CA LEU R 190 -59.71 -55.38 -7.67
C LEU R 190 -61.14 -55.30 -8.22
N ARG R 191 -62.03 -54.65 -7.47
CA ARG R 191 -63.45 -54.64 -7.81
C ARG R 191 -63.73 -53.96 -9.15
N THR R 192 -62.89 -52.99 -9.50
CA THR R 192 -63.04 -52.23 -10.75
C THR R 192 -62.24 -52.83 -11.91
N LYS R 193 -61.49 -53.89 -11.64
CA LYS R 193 -60.71 -54.57 -12.66
C LYS R 193 -61.58 -55.52 -13.48
N GLN R 194 -61.12 -55.86 -14.68
CA GLN R 194 -61.80 -56.86 -15.50
C GLN R 194 -61.66 -58.24 -14.87
N ALA R 195 -62.61 -59.13 -15.17
CA ALA R 195 -62.62 -60.48 -14.59
C ALA R 195 -61.31 -61.24 -14.88
N ASN R 196 -60.82 -61.13 -16.11
CA ASN R 196 -59.59 -61.80 -16.49
C ASN R 196 -58.37 -61.27 -15.72
N GLU R 197 -58.38 -59.97 -15.43
CA GLU R 197 -57.31 -59.34 -14.66
C GLU R 197 -57.34 -59.84 -13.21
N VAL R 198 -58.54 -60.00 -12.66
CA VAL R 198 -58.71 -60.51 -11.30
C VAL R 198 -58.26 -61.96 -11.22
N ALA R 199 -58.61 -62.75 -12.23
CA ALA R 199 -58.23 -64.15 -12.29
C ALA R 199 -56.71 -64.34 -12.27
N ALA R 200 -56.00 -63.39 -12.87
CA ALA R 200 -54.54 -63.46 -12.94
C ALA R 200 -53.88 -63.23 -11.58
N THR R 201 -54.60 -62.63 -10.64
CA THR R 201 -54.04 -62.35 -9.32
C THR R 201 -53.91 -63.60 -8.46
N PHE R 202 -54.72 -64.61 -8.73
CA PHE R 202 -54.67 -65.86 -7.97
C PHE R 202 -54.31 -67.09 -8.82
N GLU R 203 -54.00 -66.86 -10.08
CA GLU R 203 -53.68 -67.96 -11.00
C GLU R 203 -52.51 -68.78 -10.49
N LYS R 204 -51.43 -68.11 -10.07
CA LYS R 204 -50.21 -68.79 -9.66
C LYS R 204 -50.35 -69.69 -8.41
N PRO R 205 -50.87 -69.15 -7.29
CA PRO R 205 -50.99 -70.04 -6.13
C PRO R 205 -52.09 -71.09 -6.30
N ASN R 206 -53.14 -70.77 -7.04
CA ASN R 206 -54.22 -71.71 -7.30
C ASN R 206 -53.72 -72.90 -8.12
N MET R 207 -52.88 -72.61 -9.11
CA MET R 207 -52.26 -73.65 -9.93
C MET R 207 -51.37 -74.54 -9.06
N ALA R 208 -50.61 -73.93 -8.17
CA ALA R 208 -49.71 -74.68 -7.29
C ALA R 208 -50.50 -75.63 -6.39
N ALA R 209 -51.69 -75.21 -5.96
CA ALA R 209 -52.54 -76.03 -5.12
C ALA R 209 -53.13 -77.22 -5.89
N MET R 210 -53.53 -76.98 -7.13
CA MET R 210 -54.05 -78.04 -7.98
C MET R 210 -52.95 -79.01 -8.42
N SER R 211 -51.73 -78.50 -8.58
CA SER R 211 -50.61 -79.31 -9.00
C SER R 211 -49.95 -80.03 -7.83
N GLY R 212 -50.47 -79.78 -6.63
CA GLY R 212 -49.98 -80.44 -5.43
C GLY R 212 -50.06 -81.94 -5.55
N ARG R 213 -49.05 -82.63 -5.03
CA ARG R 213 -48.99 -84.08 -5.11
C ARG R 213 -49.07 -84.71 -3.72
N PHE R 214 -49.47 -83.89 -2.74
CA PHE R 214 -49.71 -84.39 -1.39
C PHE R 214 -50.79 -85.46 -1.44
N PHE R 215 -51.89 -85.16 -2.12
CA PHE R 215 -52.93 -86.14 -2.37
C PHE R 215 -52.74 -86.79 -3.73
N THR R 216 -53.00 -88.09 -3.83
CA THR R 216 -52.93 -88.79 -5.12
C THR R 216 -54.18 -88.49 -5.93
N ARG R 217 -54.19 -88.92 -7.19
CA ARG R 217 -55.35 -88.73 -8.06
C ARG R 217 -56.57 -89.48 -7.52
N GLU R 218 -56.33 -90.69 -7.02
CA GLU R 218 -57.39 -91.48 -6.41
C GLU R 218 -57.94 -90.79 -5.16
N ASP R 219 -57.05 -90.18 -4.39
CA ASP R 219 -57.45 -89.45 -3.19
C ASP R 219 -58.34 -88.27 -3.58
N LYS R 220 -57.92 -87.53 -4.60
CA LYS R 220 -58.68 -86.38 -5.10
C LYS R 220 -60.02 -86.82 -5.66
N LYS R 221 -60.01 -87.91 -6.42
CA LYS R 221 -61.24 -88.45 -7.00
C LYS R 221 -62.24 -88.78 -5.91
N LYS R 222 -61.77 -89.47 -4.87
CA LYS R 222 -62.63 -89.84 -3.74
C LYS R 222 -63.19 -88.61 -3.03
N LEU R 223 -62.33 -87.60 -2.86
CA LEU R 223 -62.74 -86.34 -2.25
C LEU R 223 -63.82 -85.63 -3.06
N LEU R 224 -63.60 -85.52 -4.37
CA LEU R 224 -64.54 -84.86 -5.27
C LEU R 224 -65.89 -85.56 -5.32
N ILE R 225 -65.87 -86.88 -5.23
CA ILE R 225 -67.11 -87.66 -5.20
C ILE R 225 -67.83 -87.48 -3.87
N ALA R 226 -67.08 -87.57 -2.77
CA ALA R 226 -67.63 -87.48 -1.43
C ALA R 226 -68.29 -86.14 -1.14
N VAL R 227 -67.98 -85.14 -1.96
CA VAL R 227 -68.49 -83.81 -1.74
C VAL R 227 -69.40 -83.32 -2.90
N GLY R 228 -69.69 -84.23 -3.83
CA GLY R 228 -70.70 -84.00 -4.85
C GLY R 228 -70.32 -83.22 -6.09
N ILE R 229 -69.03 -82.96 -6.28
CA ILE R 229 -68.55 -82.27 -7.47
C ILE R 229 -68.70 -83.19 -8.68
N ILE R 230 -68.50 -84.49 -8.44
CA ILE R 230 -68.50 -85.48 -9.50
C ILE R 230 -69.08 -86.77 -8.91
N ASP R 231 -69.66 -87.63 -9.75
CA ASP R 231 -70.19 -88.91 -9.25
C ASP R 231 -69.21 -90.07 -9.45
N GLU R 232 -69.61 -91.28 -9.04
CA GLU R 232 -68.74 -92.46 -9.15
C GLU R 232 -68.39 -92.77 -10.60
N ASP R 233 -69.24 -92.31 -11.52
CA ASP R 233 -68.98 -92.48 -12.94
C ASP R 233 -68.24 -91.28 -13.52
N LEU R 234 -67.65 -90.47 -12.64
CA LEU R 234 -66.86 -89.31 -13.05
C LEU R 234 -67.65 -88.29 -13.89
N VAL R 235 -68.95 -88.19 -13.63
CA VAL R 235 -69.79 -87.22 -14.32
C VAL R 235 -69.97 -85.96 -13.49
N LEU R 236 -69.69 -84.81 -14.11
CA LEU R 236 -69.77 -83.52 -13.44
C LEU R 236 -71.20 -83.18 -13.03
N ALA R 237 -71.36 -82.62 -11.83
CA ALA R 237 -72.66 -82.10 -11.41
C ALA R 237 -73.03 -80.93 -12.30
N SER R 238 -74.31 -80.82 -12.62
CA SER R 238 -74.80 -79.77 -13.54
C SER R 238 -74.44 -78.36 -13.08
N ALA R 239 -74.47 -78.14 -11.77
CA ALA R 239 -74.15 -76.82 -11.21
C ALA R 239 -72.68 -76.45 -11.45
N VAL R 240 -71.82 -77.47 -11.49
CA VAL R 240 -70.39 -77.27 -11.74
C VAL R 240 -70.13 -76.84 -13.19
N VAL R 241 -70.73 -77.54 -14.14
CA VAL R 241 -70.55 -77.19 -15.55
C VAL R 241 -71.17 -75.83 -15.86
N ARG R 242 -72.24 -75.50 -15.13
CA ARG R 242 -72.89 -74.19 -15.23
C ARG R 242 -71.96 -73.08 -14.76
N SER R 243 -71.43 -73.25 -13.57
CA SER R 243 -70.51 -72.27 -12.98
C SER R 243 -69.29 -72.10 -13.87
N ALA R 244 -68.86 -73.19 -14.50
CA ALA R 244 -67.69 -73.17 -15.37
C ALA R 244 -67.91 -72.28 -16.59
N GLU R 245 -69.05 -72.44 -17.25
CA GLU R 245 -69.34 -71.66 -18.46
C GLU R 245 -69.66 -70.19 -18.14
N LYS R 246 -70.16 -69.94 -16.94
CA LYS R 246 -70.32 -68.57 -16.46
C LYS R 246 -68.95 -67.92 -16.35
N TYR R 247 -68.00 -68.68 -15.82
CA TYR R 247 -66.64 -68.21 -15.62
C TYR R 247 -65.95 -67.90 -16.95
N ARG R 248 -66.03 -68.83 -17.90
CA ARG R 248 -65.36 -68.66 -19.19
C ARG R 248 -65.88 -67.44 -19.96
N ALA R 249 -67.16 -67.16 -19.79
CA ALA R 249 -67.79 -66.02 -20.47
C ALA R 249 -67.35 -64.69 -19.85
N LYS R 250 -67.12 -64.70 -18.53
CA LYS R 250 -66.58 -63.53 -17.82
C LYS R 250 -65.14 -63.23 -18.23
N VAL R 251 -64.36 -64.28 -18.44
CA VAL R 251 -62.92 -64.17 -18.62
C VAL R 251 -62.51 -64.09 -20.09
N GLY R 252 -63.10 -64.95 -20.91
CA GLY R 252 -62.82 -64.95 -22.34
C GLY R 252 -62.20 -66.26 -22.84
N GLU S 4 -79.64 -7.51 54.07
CA GLU S 4 -80.51 -7.77 55.21
C GLU S 4 -81.25 -9.08 54.97
N ASN S 5 -81.49 -9.39 53.71
CA ASN S 5 -82.12 -10.64 53.33
C ASN S 5 -81.13 -11.67 52.79
N TYR S 6 -79.94 -11.23 52.42
CA TYR S 6 -78.90 -12.18 52.07
C TYR S 6 -78.51 -12.95 53.34
N ARG S 7 -78.59 -12.27 54.48
CA ARG S 7 -78.30 -12.89 55.76
C ARG S 7 -79.34 -13.95 56.08
N ASP S 8 -80.60 -13.63 55.83
CA ASP S 8 -81.70 -14.57 56.09
C ASP S 8 -81.69 -15.75 55.13
N ILE S 9 -81.24 -15.53 53.90
CA ILE S 9 -81.09 -16.60 52.92
C ILE S 9 -80.09 -17.65 53.42
N ALA S 10 -78.92 -17.18 53.86
CA ALA S 10 -77.89 -18.07 54.39
C ALA S 10 -78.39 -18.79 55.64
N LEU S 11 -79.07 -18.04 56.49
CA LEU S 11 -79.60 -18.57 57.75
C LEU S 11 -80.66 -19.64 57.54
N ALA S 12 -81.37 -19.57 56.42
CA ALA S 12 -82.41 -20.53 56.09
C ALA S 12 -81.85 -21.91 55.71
N PHE S 13 -80.56 -21.96 55.39
CA PHE S 13 -79.92 -23.21 55.03
C PHE S 13 -79.76 -24.13 56.24
N LEU S 14 -80.00 -23.58 57.43
CA LEU S 14 -80.04 -24.36 58.66
C LEU S 14 -81.14 -25.40 58.55
N ASP S 15 -82.28 -24.98 58.01
CA ASP S 15 -83.44 -25.85 57.88
C ASP S 15 -83.50 -26.52 56.51
N GLU S 16 -82.48 -26.29 55.70
CA GLU S 16 -82.42 -26.91 54.38
C GLU S 16 -81.95 -28.35 54.52
N SER S 17 -82.43 -29.23 53.63
CA SER S 17 -82.19 -30.67 53.74
C SER S 17 -80.73 -31.09 53.60
N ALA S 18 -80.26 -31.88 54.55
CA ALA S 18 -78.92 -32.45 54.52
C ALA S 18 -79.02 -33.97 54.47
N ASP S 19 -79.59 -34.48 53.38
CA ASP S 19 -79.84 -35.91 53.22
C ASP S 19 -78.57 -36.75 53.16
N SER S 20 -78.42 -37.68 54.10
CA SER S 20 -77.26 -38.57 54.15
C SER S 20 -76.99 -39.30 52.83
N GLY S 21 -78.05 -39.85 52.25
CA GLY S 21 -77.94 -40.61 51.01
C GLY S 21 -77.41 -39.82 49.83
N THR S 22 -78.00 -38.66 49.57
CA THR S 22 -77.60 -37.83 48.44
C THR S 22 -76.19 -37.25 48.66
N ILE S 23 -75.89 -36.86 49.90
CA ILE S 23 -74.58 -36.33 50.24
C ILE S 23 -73.46 -37.35 49.98
N ASN S 24 -73.69 -38.60 50.42
CA ASN S 24 -72.71 -39.66 50.22
C ASN S 24 -72.51 -40.01 48.75
N ALA S 25 -73.57 -39.85 47.96
CA ALA S 25 -73.47 -40.06 46.52
C ALA S 25 -72.59 -38.99 45.85
N TRP S 26 -72.73 -37.74 46.32
CA TRP S 26 -71.89 -36.64 45.83
C TRP S 26 -70.44 -36.90 46.20
N VAL S 27 -70.21 -37.31 47.45
CA VAL S 27 -68.88 -37.63 47.94
C VAL S 27 -68.21 -38.66 47.02
N ASN S 28 -68.97 -39.69 46.66
CA ASN S 28 -68.48 -40.74 45.77
C ASN S 28 -68.12 -40.24 44.37
N GLU S 29 -68.89 -39.27 43.87
CA GLU S 29 -68.61 -38.67 42.56
C GLU S 29 -67.38 -37.78 42.61
N PHE S 30 -67.26 -37.01 43.69
CA PHE S 30 -66.24 -35.98 43.82
C PHE S 30 -64.92 -36.50 44.37
N ALA S 31 -64.96 -37.68 44.98
CA ALA S 31 -63.77 -38.22 45.68
C ALA S 31 -62.55 -38.31 44.77
N TYR S 32 -61.38 -38.26 45.39
CA TYR S 32 -60.12 -38.42 44.66
C TYR S 32 -60.12 -39.74 43.89
N GLN S 33 -59.69 -39.68 42.63
CA GLN S 33 -59.57 -40.87 41.81
C GLN S 33 -58.27 -40.84 41.02
N GLY S 34 -57.37 -41.77 41.37
CA GLY S 34 -56.07 -41.86 40.73
C GLY S 34 -55.28 -43.00 41.35
N PHE S 35 -54.33 -42.66 42.22
CA PHE S 35 -53.55 -43.68 42.93
C PHE S 35 -54.45 -44.47 43.86
N ASP S 36 -54.48 -45.78 43.68
CA ASP S 36 -55.29 -46.66 44.51
C ASP S 36 -54.68 -48.06 44.57
N PRO S 37 -54.07 -48.40 45.72
CA PRO S 37 -53.44 -49.71 45.91
C PRO S 37 -54.40 -50.85 45.56
N LYS S 38 -55.69 -50.67 45.82
CA LYS S 38 -56.70 -51.65 45.44
C LYS S 38 -56.69 -51.89 43.93
N ARG S 39 -56.63 -50.80 43.18
CA ARG S 39 -56.58 -50.87 41.72
C ARG S 39 -55.27 -51.52 41.25
N ILE S 40 -54.18 -51.18 41.93
CA ILE S 40 -52.85 -51.71 41.61
C ILE S 40 -52.82 -53.23 41.73
N VAL S 41 -53.17 -53.74 42.91
CA VAL S 41 -53.16 -55.17 43.15
C VAL S 41 -54.16 -55.89 42.24
N GLN S 42 -55.31 -55.26 41.98
CA GLN S 42 -56.32 -55.84 41.10
C GLN S 42 -55.78 -56.01 39.70
N LEU S 43 -55.16 -54.95 39.19
CA LEU S 43 -54.60 -54.99 37.84
C LEU S 43 -53.41 -55.94 37.72
N VAL S 44 -52.53 -55.93 38.72
CA VAL S 44 -51.40 -56.86 38.73
C VAL S 44 -51.89 -58.31 38.68
N LYS S 45 -52.85 -58.64 39.54
CA LYS S 45 -53.43 -59.98 39.61
C LYS S 45 -54.14 -60.37 38.30
N GLU S 46 -54.94 -59.46 37.76
CA GLU S 46 -55.70 -59.74 36.54
C GLU S 46 -54.78 -59.97 35.34
N ARG S 47 -53.88 -59.02 35.10
CA ARG S 47 -52.96 -59.09 33.96
C ARG S 47 -52.03 -60.30 34.08
N GLY S 48 -51.64 -60.63 35.30
CA GLY S 48 -50.79 -61.79 35.56
C GLY S 48 -51.45 -63.13 35.30
N THR S 49 -52.68 -63.30 35.77
CA THR S 49 -53.40 -64.56 35.59
C THR S 49 -53.88 -64.73 34.16
N ALA S 50 -54.03 -63.62 33.44
CA ALA S 50 -54.45 -63.65 32.04
C ALA S 50 -53.34 -64.20 31.15
N LYS S 51 -52.10 -64.12 31.64
CA LYS S 51 -50.96 -64.67 30.92
C LYS S 51 -50.48 -65.97 31.58
N GLY S 52 -51.20 -66.44 32.58
CA GLY S 52 -50.88 -67.68 33.26
C GLY S 52 -49.57 -67.66 34.02
N ARG S 53 -49.29 -66.55 34.70
CA ARG S 53 -48.05 -66.39 35.43
C ARG S 53 -48.23 -66.71 36.91
N ASP S 54 -47.13 -67.06 37.59
CA ASP S 54 -47.09 -67.03 39.04
C ASP S 54 -46.96 -65.54 39.37
N TRP S 55 -48.08 -64.84 39.38
CA TRP S 55 -48.06 -63.39 39.48
C TRP S 55 -47.50 -62.89 40.81
N LYS S 56 -47.66 -63.69 41.86
CA LYS S 56 -47.15 -63.33 43.18
C LYS S 56 -45.62 -63.29 43.17
N LYS S 57 -45.04 -64.25 42.44
CA LYS S 57 -43.59 -64.30 42.27
C LYS S 57 -43.11 -63.14 41.40
N ASP S 58 -43.92 -62.78 40.40
CA ASP S 58 -43.62 -61.63 39.55
C ASP S 58 -43.60 -60.33 40.36
N VAL S 59 -44.51 -60.22 41.33
CA VAL S 59 -44.54 -59.07 42.22
C VAL S 59 -43.23 -58.91 42.99
N LYS S 60 -42.77 -60.02 43.57
CA LYS S 60 -41.49 -60.01 44.30
C LYS S 60 -40.34 -59.57 43.40
N MET S 61 -40.29 -60.15 42.20
CA MET S 61 -39.24 -59.79 41.25
C MET S 61 -39.33 -58.33 40.82
N MET S 62 -40.56 -57.82 40.65
CA MET S 62 -40.77 -56.43 40.27
C MET S 62 -40.38 -55.48 41.40
N ILE S 63 -40.60 -55.91 42.64
CA ILE S 63 -40.24 -55.10 43.80
C ILE S 63 -38.72 -55.06 43.96
N VAL S 64 -38.09 -56.22 43.92
CA VAL S 64 -36.62 -56.30 44.00
C VAL S 64 -36.00 -55.51 42.85
N LEU S 65 -36.58 -55.64 41.65
CA LEU S 65 -36.18 -54.84 40.51
C LEU S 65 -36.29 -53.35 40.83
N ASN S 66 -37.37 -52.96 41.47
CA ASN S 66 -37.60 -51.55 41.82
C ASN S 66 -36.62 -51.04 42.88
N LEU S 67 -36.31 -51.90 43.85
CA LEU S 67 -35.47 -51.51 44.98
C LEU S 67 -34.01 -51.27 44.58
N VAL S 68 -33.52 -52.00 43.58
CA VAL S 68 -32.11 -51.90 43.21
C VAL S 68 -31.84 -51.13 41.92
N ARG S 69 -32.86 -50.98 41.08
CA ARG S 69 -32.67 -50.33 39.79
C ARG S 69 -33.53 -49.08 39.55
N GLY S 70 -34.62 -48.94 40.32
CA GLY S 70 -35.44 -47.74 40.21
C GLY S 70 -36.77 -47.96 39.50
N ASN S 71 -37.21 -46.95 38.74
CA ASN S 71 -38.56 -46.94 38.18
C ASN S 71 -38.65 -46.93 36.64
N LYS S 72 -37.52 -47.16 35.96
CA LYS S 72 -37.50 -47.11 34.50
C LYS S 72 -37.02 -48.40 33.84
N PRO S 73 -37.93 -49.38 33.70
CA PRO S 73 -37.67 -50.74 33.17
C PRO S 73 -37.04 -50.78 31.78
N GLU S 74 -37.60 -50.06 30.80
CA GLU S 74 -37.03 -50.03 29.46
C GLU S 74 -35.57 -49.55 29.48
N ALA S 75 -35.30 -48.53 30.29
CA ALA S 75 -33.96 -47.96 30.37
C ALA S 75 -32.97 -48.93 31.02
N MET S 76 -33.42 -49.63 32.06
CA MET S 76 -32.52 -50.50 32.81
C MET S 76 -32.13 -51.77 32.06
N MET S 77 -32.94 -52.17 31.08
CA MET S 77 -32.62 -53.33 30.25
C MET S 77 -31.36 -53.10 29.41
N LYS S 78 -31.09 -51.83 29.11
CA LYS S 78 -29.94 -51.46 28.28
C LYS S 78 -28.66 -51.51 29.10
N LYS S 79 -28.80 -51.67 30.41
CA LYS S 79 -27.67 -51.73 31.33
C LYS S 79 -27.81 -52.92 32.27
N MET S 80 -28.02 -54.10 31.68
CA MET S 80 -28.33 -55.31 32.43
C MET S 80 -27.86 -56.52 31.64
N SER S 81 -27.59 -57.62 32.33
CA SER S 81 -27.25 -58.88 31.65
C SER S 81 -28.43 -59.33 30.80
N GLU S 82 -28.14 -60.11 29.76
CA GLU S 82 -29.20 -60.59 28.87
C GLU S 82 -30.19 -61.49 29.61
N LYS S 83 -29.68 -62.23 30.59
CA LYS S 83 -30.51 -63.12 31.40
C LYS S 83 -31.56 -62.31 32.17
N GLY S 84 -31.12 -61.25 32.83
CA GLY S 84 -32.01 -60.40 33.58
C GLY S 84 -32.91 -59.57 32.69
N ALA S 85 -32.35 -59.04 31.61
CA ALA S 85 -33.10 -58.18 30.70
C ALA S 85 -34.28 -58.94 30.09
N SER S 86 -34.08 -60.22 29.82
CA SER S 86 -35.12 -61.05 29.24
C SER S 86 -36.32 -61.20 30.18
N ILE S 87 -36.03 -61.34 31.47
CA ILE S 87 -37.05 -61.39 32.51
C ILE S 87 -37.82 -60.07 32.59
N VAL S 88 -37.09 -58.96 32.66
CA VAL S 88 -37.70 -57.63 32.71
C VAL S 88 -38.59 -57.38 31.49
N ALA S 89 -38.13 -57.83 30.33
CA ALA S 89 -38.89 -57.67 29.09
C ALA S 89 -40.27 -58.31 29.20
N ASN S 90 -40.32 -59.48 29.83
CA ASN S 90 -41.58 -60.16 30.09
C ASN S 90 -42.45 -59.40 31.07
N LEU S 91 -41.86 -59.00 32.21
CA LEU S 91 -42.57 -58.20 33.21
C LEU S 91 -43.21 -56.93 32.62
N ILE S 92 -42.47 -56.27 31.73
CA ILE S 92 -43.00 -55.11 31.01
C ILE S 92 -44.19 -55.50 30.14
N SER S 93 -44.06 -56.64 29.46
CA SER S 93 -45.09 -57.11 28.54
C SER S 93 -46.42 -57.46 29.22
N VAL S 94 -46.40 -58.35 30.21
CA VAL S 94 -47.64 -58.80 30.85
C VAL S 94 -48.29 -57.75 31.74
N TYR S 95 -47.48 -57.00 32.49
CA TYR S 95 -48.02 -56.02 33.43
C TYR S 95 -48.16 -54.63 32.82
N GLN S 96 -47.71 -54.50 31.57
CA GLN S 96 -47.78 -53.23 30.82
C GLN S 96 -47.10 -52.11 31.60
N LEU S 97 -45.91 -52.40 32.10
CA LEU S 97 -45.15 -51.44 32.92
C LEU S 97 -44.84 -50.17 32.14
N LYS S 98 -44.99 -49.03 32.81
CA LYS S 98 -44.63 -47.76 32.20
C LYS S 98 -43.41 -47.17 32.89
N GLU S 99 -42.86 -46.10 32.32
CA GLU S 99 -41.61 -45.53 32.80
C GLU S 99 -41.84 -44.40 33.80
N GLY S 100 -43.11 -44.02 33.98
CA GLY S 100 -43.46 -42.92 34.85
C GLY S 100 -44.73 -42.24 34.37
N ASN S 101 -45.06 -41.10 34.97
CA ASN S 101 -46.31 -40.38 34.70
C ASN S 101 -47.53 -41.29 34.65
N PRO S 102 -47.82 -41.99 35.75
CA PRO S 102 -48.89 -42.99 35.73
C PRO S 102 -50.28 -42.37 35.67
N GLY S 103 -51.19 -43.06 34.98
CA GLY S 103 -52.59 -42.71 34.98
C GLY S 103 -53.33 -43.66 35.91
N ARG S 104 -54.65 -43.60 35.89
CA ARG S 104 -55.48 -44.41 36.78
C ARG S 104 -55.24 -45.92 36.64
N ASP S 105 -55.09 -46.38 35.41
CA ASP S 105 -54.94 -47.81 35.14
C ASP S 105 -53.49 -48.21 34.84
N THR S 106 -52.55 -47.35 35.22
CA THR S 106 -51.15 -47.57 34.91
C THR S 106 -50.43 -48.30 36.04
N ILE S 107 -49.61 -49.28 35.66
CA ILE S 107 -48.78 -49.98 36.64
C ILE S 107 -47.31 -49.60 36.45
N THR S 108 -46.68 -49.19 37.55
CA THR S 108 -45.24 -48.92 37.58
C THR S 108 -44.61 -49.74 38.68
N LEU S 109 -43.27 -49.83 38.66
CA LEU S 109 -42.56 -50.56 39.70
C LEU S 109 -42.78 -49.94 41.08
N SER S 110 -42.80 -48.61 41.13
CA SER S 110 -43.05 -47.88 42.38
C SER S 110 -44.40 -48.28 42.95
N ARG S 111 -45.40 -48.38 42.07
CA ARG S 111 -46.75 -48.68 42.49
C ARG S 111 -46.86 -50.10 43.04
N VAL S 112 -46.12 -51.01 42.43
CA VAL S 112 -46.07 -52.39 42.91
C VAL S 112 -45.46 -52.44 44.30
N SER S 113 -44.33 -51.77 44.47
CA SER S 113 -43.65 -51.67 45.77
C SER S 113 -44.54 -51.04 46.83
N ALA S 114 -45.36 -50.06 46.42
CA ALA S 114 -46.23 -49.37 47.37
C ALA S 114 -47.46 -50.22 47.75
N ALA S 115 -48.11 -50.82 46.75
CA ALA S 115 -49.29 -51.63 46.99
C ALA S 115 -48.97 -52.92 47.75
N PHE S 116 -47.82 -53.51 47.44
CA PHE S 116 -47.40 -54.75 48.09
C PHE S 116 -46.34 -54.50 49.15
N VAL S 117 -46.44 -53.35 49.80
CA VAL S 117 -45.50 -52.96 50.84
C VAL S 117 -45.26 -54.00 51.97
N PRO S 118 -46.28 -54.81 52.33
CA PRO S 118 -45.95 -55.79 53.38
C PRO S 118 -44.85 -56.78 52.97
N TRP S 119 -44.60 -56.94 51.67
CA TRP S 119 -43.48 -57.75 51.23
C TRP S 119 -42.24 -56.89 50.99
N THR S 120 -42.47 -55.71 50.40
CA THR S 120 -41.39 -54.75 50.15
C THR S 120 -40.58 -54.54 51.42
N VAL S 121 -41.29 -54.39 52.53
CA VAL S 121 -40.69 -54.07 53.80
C VAL S 121 -39.86 -55.24 54.34
N GLN S 122 -40.08 -56.43 53.80
CA GLN S 122 -39.32 -57.62 54.18
C GLN S 122 -38.05 -57.77 53.32
N ALA S 123 -38.17 -57.43 52.05
CA ALA S 123 -37.04 -57.54 51.12
C ALA S 123 -35.94 -56.56 51.48
N LEU S 124 -36.32 -55.42 52.04
CA LEU S 124 -35.35 -54.38 52.44
C LEU S 124 -34.36 -54.88 53.51
N ARG S 125 -34.79 -55.82 54.35
CA ARG S 125 -33.91 -56.41 55.36
C ARG S 125 -32.74 -57.13 54.72
N VAL S 126 -32.93 -57.58 53.49
CA VAL S 126 -31.99 -58.43 52.79
C VAL S 126 -31.13 -57.67 51.78
N LEU S 127 -31.69 -56.59 51.23
CA LEU S 127 -31.10 -55.86 50.12
C LEU S 127 -30.35 -54.62 50.53
N SER S 128 -30.32 -54.32 51.83
CA SER S 128 -29.83 -53.05 52.37
C SER S 128 -28.58 -52.48 51.70
N GLU S 129 -27.65 -53.34 51.33
CA GLU S 129 -26.39 -52.88 50.75
C GLU S 129 -26.44 -52.69 49.24
N SER S 130 -27.53 -53.15 48.62
CA SER S 130 -27.70 -53.02 47.18
C SER S 130 -28.67 -51.88 46.81
N LEU S 131 -29.08 -51.12 47.81
CA LEU S 131 -30.00 -50.00 47.60
C LEU S 131 -29.24 -48.75 47.14
N PRO S 132 -29.93 -47.84 46.43
CA PRO S 132 -29.34 -46.57 45.97
C PRO S 132 -28.64 -45.84 47.11
N VAL S 133 -29.32 -45.75 48.26
CA VAL S 133 -28.68 -45.36 49.50
C VAL S 133 -28.49 -46.61 50.35
N SER S 134 -27.25 -47.01 50.60
CA SER S 134 -26.99 -48.24 51.35
C SER S 134 -27.35 -48.11 52.83
N GLY S 135 -27.56 -49.26 53.48
CA GLY S 135 -27.85 -49.28 54.90
C GLY S 135 -26.71 -48.72 55.72
N THR S 136 -25.48 -49.02 55.32
CA THR S 136 -24.31 -48.51 56.03
C THR S 136 -24.20 -46.99 55.90
N THR S 137 -24.66 -46.47 54.77
CA THR S 137 -24.68 -45.02 54.57
C THR S 137 -25.70 -44.37 55.51
N MET S 138 -26.88 -44.96 55.61
CA MET S 138 -27.91 -44.49 56.54
C MET S 138 -27.48 -44.68 58.00
N ASP S 139 -26.75 -45.77 58.27
CA ASP S 139 -26.22 -46.03 59.61
C ASP S 139 -25.24 -44.95 60.04
N ALA S 140 -24.58 -44.30 59.08
CA ALA S 140 -23.61 -43.27 59.40
C ALA S 140 -24.30 -41.92 59.60
N ILE S 141 -25.38 -41.72 58.84
CA ILE S 141 -26.19 -40.50 58.92
C ILE S 141 -26.99 -40.43 60.21
N ALA S 142 -27.74 -41.50 60.51
CA ALA S 142 -28.31 -41.68 61.84
C ALA S 142 -27.14 -42.05 62.73
N GLY S 143 -27.26 -41.85 64.04
CA GLY S 143 -26.18 -42.24 64.93
C GLY S 143 -26.25 -43.71 65.26
N VAL S 144 -27.25 -44.38 64.69
CA VAL S 144 -27.59 -45.74 65.04
C VAL S 144 -27.72 -46.60 63.79
N THR S 145 -28.02 -47.88 63.97
CA THR S 145 -28.33 -48.72 62.81
C THR S 145 -29.76 -48.43 62.34
N TYR S 146 -29.86 -47.70 61.24
CA TYR S 146 -31.14 -47.25 60.70
C TYR S 146 -32.02 -48.43 60.28
N PRO S 147 -33.29 -48.43 60.71
CA PRO S 147 -34.21 -49.54 60.44
C PRO S 147 -34.39 -49.79 58.94
N ARG S 148 -33.97 -50.97 58.50
CA ARG S 148 -33.94 -51.31 57.07
C ARG S 148 -35.32 -51.22 56.44
N ALA S 149 -36.36 -51.46 57.25
CA ALA S 149 -37.74 -51.44 56.79
C ALA S 149 -38.16 -50.08 56.22
N MET S 150 -37.53 -49.01 56.71
CA MET S 150 -37.89 -47.66 56.33
C MET S 150 -37.19 -47.20 55.06
N MET S 151 -36.21 -47.98 54.59
CA MET S 151 -35.34 -47.54 53.50
C MET S 151 -35.98 -47.64 52.11
N HIS S 152 -37.19 -47.12 52.00
CA HIS S 152 -37.91 -46.99 50.73
C HIS S 152 -39.13 -46.11 50.96
N PRO S 153 -39.49 -45.29 49.95
CA PRO S 153 -40.67 -44.41 50.04
C PRO S 153 -41.96 -45.17 50.40
N SER S 154 -42.09 -46.40 49.94
CA SER S 154 -43.31 -47.18 50.17
C SER S 154 -43.62 -47.44 51.64
N PHE S 155 -42.62 -47.28 52.51
CA PHE S 155 -42.81 -47.48 53.94
C PHE S 155 -43.86 -46.53 54.50
N ALA S 156 -44.03 -45.38 53.85
CA ALA S 156 -44.97 -44.38 54.34
C ALA S 156 -46.39 -44.91 54.36
N GLY S 157 -46.67 -45.89 53.51
CA GLY S 157 -48.01 -46.46 53.39
C GLY S 157 -48.47 -47.24 54.60
N ILE S 158 -47.55 -47.63 55.46
CA ILE S 158 -47.90 -48.38 56.67
C ILE S 158 -47.78 -47.54 57.94
N ILE S 159 -47.52 -46.25 57.78
CA ILE S 159 -47.42 -45.36 58.94
C ILE S 159 -48.81 -44.93 59.44
N ASP S 160 -49.08 -45.20 60.72
CA ASP S 160 -50.27 -44.71 61.39
C ASP S 160 -49.90 -43.46 62.18
N LEU S 161 -50.28 -42.30 61.64
CA LEU S 161 -49.95 -41.02 62.25
C LEU S 161 -50.71 -40.80 63.55
N ASP S 162 -51.76 -41.59 63.77
CA ASP S 162 -52.62 -41.40 64.93
C ASP S 162 -52.29 -42.35 66.09
N LEU S 163 -51.15 -43.02 65.99
CA LEU S 163 -50.65 -43.84 67.10
C LEU S 163 -50.48 -42.95 68.32
N PRO S 164 -50.81 -43.49 69.51
CA PRO S 164 -50.78 -42.73 70.77
C PRO S 164 -49.41 -42.11 71.06
N ASN S 165 -49.42 -41.00 71.79
CA ASN S 165 -48.20 -40.35 72.27
C ASN S 165 -47.27 -39.85 71.16
N GLY S 166 -47.86 -39.49 70.02
CA GLY S 166 -47.10 -38.97 68.90
C GLY S 166 -46.11 -39.95 68.32
N ALA S 167 -46.33 -41.23 68.55
CA ALA S 167 -45.45 -42.26 68.03
C ALA S 167 -45.44 -42.24 66.51
N GLY S 168 -46.63 -42.03 65.92
CA GLY S 168 -46.76 -41.95 64.48
C GLY S 168 -45.95 -40.81 63.89
N ALA S 169 -45.95 -39.68 64.57
CA ALA S 169 -45.20 -38.52 64.11
C ALA S 169 -43.71 -38.82 64.16
N THR S 170 -43.29 -39.50 65.22
CA THR S 170 -41.89 -39.84 65.39
C THR S 170 -41.43 -40.82 64.31
N ILE S 171 -42.27 -41.80 64.00
CA ILE S 171 -41.99 -42.76 62.92
C ILE S 171 -41.86 -42.01 61.59
N ALA S 172 -42.75 -41.05 61.35
CA ALA S 172 -42.70 -40.24 60.14
C ALA S 172 -41.42 -39.42 60.07
N ASP S 173 -41.00 -38.87 61.20
CA ASP S 173 -39.74 -38.13 61.28
C ASP S 173 -38.57 -39.04 60.90
N ALA S 174 -38.51 -40.23 61.49
CA ALA S 174 -37.39 -41.15 61.25
C ALA S 174 -37.35 -41.55 59.78
N HIS S 175 -38.52 -41.72 59.17
CA HIS S 175 -38.61 -42.08 57.76
C HIS S 175 -38.14 -40.90 56.90
N GLY S 176 -38.42 -39.69 57.37
CA GLY S 176 -38.01 -38.49 56.65
C GLY S 176 -36.50 -38.39 56.54
N LEU S 177 -35.80 -38.99 57.49
CA LEU S 177 -34.34 -38.98 57.47
C LEU S 177 -33.80 -39.73 56.26
N PHE S 178 -34.45 -40.84 55.92
CA PHE S 178 -34.09 -41.60 54.74
C PHE S 178 -34.53 -40.88 53.47
N MET S 179 -35.73 -40.32 53.51
CA MET S 179 -36.33 -39.71 52.33
C MET S 179 -35.51 -38.58 51.73
N ILE S 180 -34.82 -37.79 52.57
CA ILE S 180 -33.99 -36.72 52.05
C ILE S 180 -32.78 -37.27 51.29
N GLU S 181 -32.22 -38.36 51.79
CA GLU S 181 -31.07 -39.00 51.15
C GLU S 181 -31.50 -39.68 49.86
N PHE S 182 -32.63 -40.36 49.89
CA PHE S 182 -33.17 -41.00 48.70
C PHE S 182 -33.50 -39.98 47.63
N SER S 183 -34.12 -38.87 48.03
CA SER S 183 -34.50 -37.82 47.08
C SER S 183 -33.29 -37.16 46.43
N LYS S 184 -32.20 -37.04 47.19
CA LYS S 184 -30.97 -36.44 46.70
C LYS S 184 -30.26 -37.33 45.69
N THR S 185 -30.32 -38.64 45.89
CA THR S 185 -29.60 -39.56 45.02
C THR S 185 -30.27 -39.71 43.65
N ILE S 186 -31.60 -39.73 43.63
CA ILE S 186 -32.32 -39.87 42.35
C ILE S 186 -32.59 -38.53 41.67
N ASN S 187 -32.36 -37.42 42.38
CA ASN S 187 -32.45 -36.08 41.81
C ASN S 187 -31.24 -35.22 42.21
N PRO S 188 -30.18 -35.24 41.37
CA PRO S 188 -28.91 -34.58 41.65
C PRO S 188 -29.05 -33.09 41.92
N SER S 189 -30.05 -32.47 41.31
CA SER S 189 -30.27 -31.03 41.49
C SER S 189 -30.63 -30.65 42.93
N LEU S 190 -30.94 -31.65 43.75
CA LEU S 190 -31.30 -31.42 45.15
C LEU S 190 -30.11 -31.53 46.10
N ARG S 191 -28.98 -32.01 45.57
CA ARG S 191 -27.82 -32.31 46.40
C ARG S 191 -27.15 -31.09 47.03
N THR S 192 -27.37 -29.93 46.42
CA THR S 192 -26.81 -28.68 46.93
C THR S 192 -27.78 -27.99 47.88
N LYS S 193 -29.01 -28.49 47.92
CA LYS S 193 -30.09 -27.86 48.68
C LYS S 193 -30.07 -28.19 50.17
N GLN S 194 -30.70 -27.34 50.97
CA GLN S 194 -30.83 -27.56 52.41
C GLN S 194 -31.85 -28.66 52.71
N ALA S 195 -31.77 -29.21 53.91
CA ALA S 195 -32.62 -30.33 54.32
C ALA S 195 -34.12 -30.04 54.15
N ASN S 196 -34.57 -28.89 54.62
CA ASN S 196 -35.99 -28.54 54.56
C ASN S 196 -36.46 -28.30 53.13
N GLU S 197 -35.54 -27.86 52.27
CA GLU S 197 -35.84 -27.67 50.85
C GLU S 197 -36.06 -29.02 50.18
N VAL S 198 -35.21 -30.00 50.51
CA VAL S 198 -35.36 -31.34 49.99
C VAL S 198 -36.64 -31.97 50.51
N ALA S 199 -36.92 -31.77 51.80
CA ALA S 199 -38.13 -32.29 52.42
C ALA S 199 -39.38 -31.77 51.72
N ALA S 200 -39.34 -30.51 51.30
CA ALA S 200 -40.47 -29.90 50.60
C ALA S 200 -40.80 -30.59 49.28
N THR S 201 -39.81 -31.28 48.70
CA THR S 201 -40.01 -31.97 47.43
C THR S 201 -40.79 -33.28 47.58
N PHE S 202 -40.79 -33.85 48.78
CA PHE S 202 -41.48 -35.13 48.99
C PHE S 202 -42.66 -35.12 49.96
N GLU S 203 -42.74 -34.14 50.86
CA GLU S 203 -43.72 -34.26 51.94
C GLU S 203 -45.20 -34.23 51.54
N LYS S 204 -45.51 -33.71 50.36
CA LYS S 204 -46.91 -33.71 49.90
C LYS S 204 -47.40 -35.09 49.41
N PRO S 205 -46.65 -35.76 48.51
CA PRO S 205 -47.08 -37.13 48.19
C PRO S 205 -46.83 -38.10 49.34
N ASN S 206 -45.86 -37.78 50.18
CA ASN S 206 -45.57 -38.57 51.37
C ASN S 206 -46.72 -38.52 52.38
N MET S 207 -47.31 -37.34 52.55
CA MET S 207 -48.47 -37.17 53.42
C MET S 207 -49.68 -37.93 52.88
N ALA S 208 -49.86 -37.89 51.56
CA ALA S 208 -50.95 -38.62 50.92
C ALA S 208 -50.83 -40.12 51.19
N ALA S 209 -49.59 -40.60 51.24
CA ALA S 209 -49.33 -42.02 51.51
C ALA S 209 -49.66 -42.40 52.95
N MET S 210 -49.23 -41.57 53.89
CA MET S 210 -49.45 -41.83 55.31
C MET S 210 -50.92 -41.76 55.69
N SER S 211 -51.67 -40.89 55.02
CA SER S 211 -53.08 -40.70 55.34
C SER S 211 -53.99 -41.54 54.46
N GLY S 212 -53.39 -42.46 53.70
CA GLY S 212 -54.15 -43.40 52.90
C GLY S 212 -55.01 -44.30 53.77
N ARG S 213 -56.07 -44.84 53.19
CA ARG S 213 -57.02 -45.64 53.95
C ARG S 213 -57.11 -47.09 53.45
N PHE S 214 -56.16 -47.48 52.61
CA PHE S 214 -56.09 -48.85 52.11
C PHE S 214 -55.95 -49.82 53.27
N PHE S 215 -54.99 -49.54 54.16
CA PHE S 215 -54.81 -50.34 55.36
C PHE S 215 -55.55 -49.69 56.53
N THR S 216 -56.21 -50.50 57.35
CA THR S 216 -56.82 -49.98 58.58
C THR S 216 -55.72 -49.64 59.59
N ARG S 217 -56.10 -48.96 60.66
CA ARG S 217 -55.13 -48.58 61.69
C ARG S 217 -54.55 -49.83 62.37
N GLU S 218 -55.36 -50.88 62.45
CA GLU S 218 -54.95 -52.13 63.07
C GLU S 218 -54.07 -52.93 62.13
N ASP S 219 -54.27 -52.74 60.82
CA ASP S 219 -53.39 -53.33 59.81
C ASP S 219 -52.00 -52.73 59.93
N LYS S 220 -51.93 -51.41 60.02
CA LYS S 220 -50.67 -50.68 60.14
C LYS S 220 -49.93 -51.02 61.43
N LYS S 221 -50.68 -51.09 62.53
CA LYS S 221 -50.10 -51.45 63.81
C LYS S 221 -49.43 -52.82 63.73
N LYS S 222 -50.13 -53.78 63.12
CA LYS S 222 -49.60 -55.12 62.96
C LYS S 222 -48.34 -55.14 62.10
N LEU S 223 -48.37 -54.39 61.01
CA LEU S 223 -47.22 -54.27 60.11
C LEU S 223 -46.00 -53.66 60.81
N LEU S 224 -46.22 -52.55 61.53
CA LEU S 224 -45.14 -51.85 62.22
C LEU S 224 -44.51 -52.72 63.30
N ILE S 225 -45.32 -53.53 63.97
CA ILE S 225 -44.83 -54.47 64.96
C ILE S 225 -44.05 -55.60 64.30
N ALA S 226 -44.63 -56.17 63.26
CA ALA S 226 -44.03 -57.29 62.53
C ALA S 226 -42.64 -56.95 61.98
N VAL S 227 -42.42 -55.69 61.68
CA VAL S 227 -41.18 -55.27 61.05
C VAL S 227 -40.23 -54.57 62.05
N GLY S 228 -40.64 -54.50 63.31
CA GLY S 228 -39.76 -54.11 64.40
C GLY S 228 -39.66 -52.61 64.73
N ILE S 229 -40.48 -51.79 64.07
CA ILE S 229 -40.49 -50.36 64.32
C ILE S 229 -41.00 -50.07 65.73
N ILE S 230 -42.00 -50.86 66.14
CA ILE S 230 -42.66 -50.68 67.43
C ILE S 230 -42.94 -52.07 68.02
N ASP S 231 -43.10 -52.18 69.34
CA ASP S 231 -43.37 -53.49 69.94
C ASP S 231 -44.85 -53.71 70.28
N GLU S 232 -45.14 -54.83 70.95
CA GLU S 232 -46.50 -55.18 71.35
C GLU S 232 -47.14 -54.10 72.23
N ASP S 233 -46.33 -53.48 73.08
CA ASP S 233 -46.81 -52.43 73.99
C ASP S 233 -46.75 -51.05 73.33
N LEU S 234 -46.52 -51.04 72.03
CA LEU S 234 -46.46 -49.82 71.24
C LEU S 234 -45.28 -48.91 71.64
N VAL S 235 -44.21 -49.52 72.14
CA VAL S 235 -42.99 -48.79 72.46
C VAL S 235 -42.08 -48.71 71.24
N LEU S 236 -41.64 -47.50 70.91
CA LEU S 236 -40.75 -47.27 69.77
C LEU S 236 -39.34 -47.82 70.03
N ALA S 237 -38.72 -48.37 68.99
CA ALA S 237 -37.32 -48.79 69.06
C ALA S 237 -36.44 -47.53 69.11
N SER S 238 -35.36 -47.58 69.88
CA SER S 238 -34.51 -46.41 70.07
C SER S 238 -33.94 -45.88 68.76
N ALA S 239 -33.63 -46.79 67.83
CA ALA S 239 -33.10 -46.39 66.54
C ALA S 239 -34.08 -45.46 65.82
N VAL S 240 -35.38 -45.73 66.00
CA VAL S 240 -36.41 -44.90 65.41
C VAL S 240 -36.46 -43.49 66.02
N VAL S 241 -36.43 -43.41 67.34
CA VAL S 241 -36.53 -42.11 68.01
C VAL S 241 -35.25 -41.28 67.82
N ARG S 242 -34.10 -41.95 67.71
CA ARG S 242 -32.85 -41.23 67.49
C ARG S 242 -32.71 -40.77 66.04
N SER S 243 -33.21 -41.57 65.11
CA SER S 243 -33.25 -41.16 63.70
C SER S 243 -34.21 -39.99 63.54
N ALA S 244 -35.29 -40.01 64.33
CA ALA S 244 -36.30 -38.97 64.27
C ALA S 244 -35.75 -37.61 64.70
N GLU S 245 -34.98 -37.59 65.78
CA GLU S 245 -34.43 -36.33 66.28
C GLU S 245 -33.33 -35.77 65.38
N LYS S 246 -32.64 -36.65 64.65
CA LYS S 246 -31.69 -36.21 63.63
C LYS S 246 -32.43 -35.43 62.55
N TYR S 247 -33.57 -35.98 62.14
CA TYR S 247 -34.38 -35.37 61.08
C TYR S 247 -34.92 -34.01 61.49
N ARG S 248 -35.49 -33.94 62.70
CA ARG S 248 -36.03 -32.68 63.22
C ARG S 248 -34.95 -31.61 63.34
N ALA S 249 -33.72 -32.02 63.68
CA ALA S 249 -32.60 -31.09 63.80
C ALA S 249 -32.20 -30.51 62.44
N LYS S 250 -32.20 -31.36 61.41
CA LYS S 250 -31.83 -30.95 60.06
C LYS S 250 -32.80 -29.92 59.46
N VAL S 251 -34.10 -30.16 59.66
CA VAL S 251 -35.14 -29.36 59.01
C VAL S 251 -35.58 -28.16 59.83
N GLY S 252 -35.22 -28.15 61.11
CA GLY S 252 -35.61 -27.06 62.01
C GLY S 252 -34.68 -25.87 62.00
N ASP T 3 -65.88 -57.46 44.27
CA ASP T 3 -64.97 -58.30 43.50
C ASP T 3 -64.13 -59.20 44.43
N GLU T 4 -62.92 -58.76 44.74
CA GLU T 4 -62.03 -59.50 45.63
C GLU T 4 -61.54 -58.61 46.77
N ASN T 5 -60.87 -59.21 47.76
CA ASN T 5 -60.48 -58.46 48.95
C ASN T 5 -59.39 -57.43 48.69
N TYR T 6 -58.37 -57.82 47.92
CA TYR T 6 -57.27 -56.91 47.55
C TYR T 6 -56.43 -56.43 48.74
N ARG T 7 -57.09 -55.91 49.77
CA ARG T 7 -56.40 -55.57 51.00
C ARG T 7 -55.79 -56.82 51.62
N ASP T 8 -56.56 -57.90 51.67
CA ASP T 8 -56.08 -59.17 52.23
C ASP T 8 -54.97 -59.78 51.39
N ILE T 9 -55.10 -59.67 50.07
CA ILE T 9 -54.08 -60.15 49.14
C ILE T 9 -52.74 -59.46 49.41
N ALA T 10 -52.81 -58.17 49.72
CA ALA T 10 -51.62 -57.39 50.03
C ALA T 10 -51.01 -57.80 51.37
N LEU T 11 -51.86 -57.90 52.39
CA LEU T 11 -51.41 -58.28 53.73
C LEU T 11 -50.86 -59.71 53.72
N ALA T 12 -51.43 -60.56 52.86
CA ALA T 12 -50.94 -61.93 52.68
C ALA T 12 -49.45 -61.97 52.35
N PHE T 13 -48.96 -60.93 51.68
CA PHE T 13 -47.56 -60.88 51.30
C PHE T 13 -46.60 -60.69 52.47
N LEU T 14 -47.14 -60.41 53.65
CA LEU T 14 -46.31 -60.34 54.85
C LEU T 14 -45.77 -61.73 55.15
N ASP T 15 -46.66 -62.71 55.12
CA ASP T 15 -46.27 -64.07 55.45
C ASP T 15 -45.90 -64.85 54.20
N GLU T 16 -45.68 -64.12 53.10
CA GLU T 16 -45.28 -64.72 51.84
C GLU T 16 -43.77 -64.95 51.85
N SER T 17 -43.35 -66.03 51.19
CA SER T 17 -41.96 -66.50 51.27
C SER T 17 -40.94 -65.43 50.92
N ALA T 18 -39.74 -65.61 51.45
CA ALA T 18 -38.65 -64.70 51.12
C ALA T 18 -37.30 -65.36 51.38
N ASP T 19 -37.03 -66.45 50.66
CA ASP T 19 -35.77 -67.17 50.80
C ASP T 19 -34.62 -66.30 50.31
N SER T 20 -33.62 -66.10 51.18
CA SER T 20 -32.48 -65.24 50.87
C SER T 20 -31.73 -65.69 49.62
N GLY T 21 -31.54 -66.99 49.47
CA GLY T 21 -30.84 -67.55 48.33
C GLY T 21 -31.54 -67.32 47.02
N THR T 22 -32.86 -67.51 47.02
CA THR T 22 -33.68 -67.31 45.82
C THR T 22 -33.71 -65.85 45.41
N ILE T 23 -33.80 -64.98 46.41
CA ILE T 23 -33.82 -63.54 46.19
C ILE T 23 -32.48 -63.02 45.66
N ASN T 24 -31.39 -63.45 46.30
CA ASN T 24 -30.04 -63.07 45.87
C ASN T 24 -29.73 -63.52 44.45
N ALA T 25 -30.31 -64.65 44.03
CA ALA T 25 -30.15 -65.13 42.66
C ALA T 25 -30.77 -64.13 41.69
N TRP T 26 -31.94 -63.59 42.04
CA TRP T 26 -32.62 -62.59 41.22
C TRP T 26 -31.82 -61.29 41.16
N VAL T 27 -31.26 -60.90 42.30
CA VAL T 27 -30.42 -59.70 42.37
C VAL T 27 -29.26 -59.78 41.38
N ASN T 28 -28.61 -60.93 41.34
CA ASN T 28 -27.49 -61.14 40.43
C ASN T 28 -27.93 -61.12 38.95
N GLU T 29 -29.11 -61.65 38.66
CA GLU T 29 -29.66 -61.62 37.30
C GLU T 29 -29.96 -60.17 36.91
N PHE T 30 -30.63 -59.46 37.81
CA PHE T 30 -31.12 -58.11 37.55
C PHE T 30 -30.03 -57.07 37.76
N ALA T 31 -28.87 -57.52 38.23
CA ALA T 31 -27.77 -56.61 38.54
C ALA T 31 -27.37 -55.75 37.35
N TYR T 32 -26.89 -54.54 37.65
CA TYR T 32 -26.37 -53.65 36.63
C TYR T 32 -25.20 -54.28 35.87
N GLN T 33 -25.26 -54.21 34.55
CA GLN T 33 -24.15 -54.67 33.70
C GLN T 33 -23.83 -53.56 32.70
N GLY T 34 -22.63 -53.00 32.82
CA GLY T 34 -22.20 -51.93 31.93
C GLY T 34 -22.24 -52.31 30.47
N PHE T 35 -21.61 -53.43 30.14
CA PHE T 35 -21.57 -53.94 28.78
C PHE T 35 -21.19 -55.43 28.77
N ASP T 36 -21.45 -56.09 27.64
CA ASP T 36 -21.06 -57.49 27.48
C ASP T 36 -19.92 -57.56 26.47
N PRO T 37 -18.72 -57.98 26.94
CA PRO T 37 -17.55 -58.10 26.08
C PRO T 37 -17.84 -58.98 24.86
N LYS T 38 -18.58 -60.05 25.09
CA LYS T 38 -18.98 -60.98 24.03
C LYS T 38 -19.70 -60.24 22.90
N ARG T 39 -20.65 -59.39 23.28
CA ARG T 39 -21.42 -58.60 22.34
C ARG T 39 -20.53 -57.61 21.59
N ILE T 40 -19.49 -57.12 22.28
CA ILE T 40 -18.58 -56.13 21.71
C ILE T 40 -17.74 -56.71 20.57
N VAL T 41 -17.11 -57.86 20.81
CA VAL T 41 -16.30 -58.47 19.75
C VAL T 41 -17.19 -58.92 18.59
N GLN T 42 -18.44 -59.27 18.89
CA GLN T 42 -19.39 -59.64 17.85
C GLN T 42 -19.68 -58.48 16.92
N LEU T 43 -20.08 -57.35 17.51
CA LEU T 43 -20.42 -56.16 16.75
C LEU T 43 -19.24 -55.59 15.97
N VAL T 44 -18.04 -55.68 16.56
CA VAL T 44 -16.82 -55.23 15.89
C VAL T 44 -16.57 -56.05 14.63
N LYS T 45 -16.62 -57.37 14.77
CA LYS T 45 -16.39 -58.26 13.64
C LYS T 45 -17.47 -58.12 12.57
N GLU T 46 -18.73 -58.03 13.01
CA GLU T 46 -19.85 -57.89 12.08
C GLU T 46 -19.79 -56.57 11.30
N ARG T 47 -19.71 -55.46 12.02
CA ARG T 47 -19.68 -54.14 11.38
C ARG T 47 -18.42 -53.93 10.53
N GLY T 48 -17.31 -54.51 10.96
CA GLY T 48 -16.05 -54.40 10.24
C GLY T 48 -16.06 -55.13 8.91
N THR T 49 -16.46 -56.40 8.93
CA THR T 49 -16.53 -57.22 7.73
C THR T 49 -17.56 -56.68 6.74
N ALA T 50 -18.64 -56.09 7.25
CA ALA T 50 -19.71 -55.55 6.42
C ALA T 50 -19.23 -54.39 5.57
N LYS T 51 -18.07 -53.82 5.92
CA LYS T 51 -17.51 -52.70 5.19
C LYS T 51 -16.20 -53.11 4.50
N GLY T 52 -15.94 -54.41 4.47
CA GLY T 52 -14.74 -54.95 3.85
C GLY T 52 -13.46 -54.39 4.45
N ARG T 53 -13.35 -54.49 5.76
CA ARG T 53 -12.21 -53.92 6.47
C ARG T 53 -11.38 -54.99 7.17
N ASP T 54 -10.09 -54.73 7.30
CA ASP T 54 -9.25 -55.53 8.19
C ASP T 54 -9.65 -55.14 9.61
N TRP T 55 -10.73 -55.74 10.11
CA TRP T 55 -11.30 -55.36 11.38
C TRP T 55 -10.36 -55.66 12.55
N LYS T 56 -9.55 -56.71 12.41
CA LYS T 56 -8.56 -57.03 13.44
C LYS T 56 -7.55 -55.91 13.57
N LYS T 57 -7.20 -55.29 12.45
CA LYS T 57 -6.28 -54.16 12.45
C LYS T 57 -6.97 -52.93 13.03
N ASP T 58 -8.26 -52.78 12.74
CA ASP T 58 -9.02 -51.65 13.26
C ASP T 58 -9.14 -51.74 14.78
N VAL T 59 -9.25 -52.96 15.30
CA VAL T 59 -9.27 -53.19 16.73
C VAL T 59 -8.01 -52.64 17.37
N LYS T 60 -6.86 -52.97 16.77
CA LYS T 60 -5.58 -52.50 17.26
C LYS T 60 -5.49 -50.98 17.28
N MET T 61 -5.93 -50.36 16.19
CA MET T 61 -5.91 -48.89 16.11
C MET T 61 -6.83 -48.26 17.14
N MET T 62 -8.01 -48.82 17.30
CA MET T 62 -8.97 -48.31 18.28
C MET T 62 -8.44 -48.45 19.71
N ILE T 63 -7.75 -49.56 19.98
CA ILE T 63 -7.13 -49.74 21.29
C ILE T 63 -6.03 -48.71 21.55
N VAL T 64 -5.10 -48.57 20.60
CA VAL T 64 -4.03 -47.59 20.72
C VAL T 64 -4.61 -46.20 20.88
N LEU T 65 -5.60 -45.88 20.06
CA LEU T 65 -6.32 -44.62 20.15
C LEU T 65 -6.91 -44.42 21.55
N ASN T 66 -7.45 -45.49 22.12
CA ASN T 66 -8.04 -45.43 23.45
C ASN T 66 -6.99 -45.23 24.55
N LEU T 67 -5.84 -45.87 24.38
CA LEU T 67 -4.77 -45.78 25.35
C LEU T 67 -4.16 -44.37 25.43
N VAL T 68 -4.06 -43.68 24.29
CA VAL T 68 -3.38 -42.39 24.27
C VAL T 68 -4.31 -41.18 24.29
N ARG T 69 -5.58 -41.38 23.93
CA ARG T 69 -6.52 -40.26 23.84
C ARG T 69 -7.77 -40.37 24.71
N GLY T 70 -8.10 -41.58 25.14
CA GLY T 70 -9.24 -41.76 26.02
C GLY T 70 -10.49 -42.29 25.34
N ASN T 71 -11.65 -41.83 25.78
CA ASN T 71 -12.92 -42.41 25.36
C ASN T 71 -13.90 -41.41 24.75
N LYS T 72 -13.37 -40.31 24.22
CA LYS T 72 -14.21 -39.29 23.58
C LYS T 72 -13.76 -39.00 22.15
N PRO T 73 -14.20 -39.85 21.19
CA PRO T 73 -13.78 -39.84 19.79
C PRO T 73 -14.03 -38.51 19.06
N GLU T 74 -15.23 -37.95 19.20
CA GLU T 74 -15.54 -36.69 18.53
C GLU T 74 -14.69 -35.52 19.06
N ALA T 75 -14.43 -35.54 20.36
CA ALA T 75 -13.67 -34.48 21.01
C ALA T 75 -12.17 -34.57 20.70
N MET T 76 -11.65 -35.79 20.61
CA MET T 76 -10.22 -35.98 20.40
C MET T 76 -9.78 -35.58 18.98
N MET T 77 -10.73 -35.58 18.04
CA MET T 77 -10.44 -35.19 16.66
C MET T 77 -10.20 -33.69 16.53
N LYS T 78 -10.69 -32.92 17.50
CA LYS T 78 -10.54 -31.47 17.47
C LYS T 78 -9.12 -31.05 17.84
N LYS T 79 -8.36 -31.99 18.40
CA LYS T 79 -6.98 -31.75 18.79
C LYS T 79 -6.11 -32.91 18.32
N MET T 80 -6.02 -33.06 17.00
CA MET T 80 -5.32 -34.20 16.40
C MET T 80 -4.81 -33.79 15.03
N SER T 81 -3.76 -34.46 14.55
CA SER T 81 -3.29 -34.21 13.19
C SER T 81 -4.39 -34.55 12.21
N GLU T 82 -4.40 -33.85 11.07
CA GLU T 82 -5.42 -34.05 10.06
C GLU T 82 -5.45 -35.50 9.58
N LYS T 83 -4.27 -36.11 9.51
CA LYS T 83 -4.14 -37.50 9.08
C LYS T 83 -4.82 -38.45 10.05
N GLY T 84 -4.48 -38.30 11.33
CA GLY T 84 -5.06 -39.15 12.37
C GLY T 84 -6.56 -38.97 12.52
N ALA T 85 -7.01 -37.72 12.52
CA ALA T 85 -8.43 -37.42 12.66
C ALA T 85 -9.25 -38.05 11.52
N SER T 86 -8.63 -38.14 10.35
CA SER T 86 -9.29 -38.71 9.18
C SER T 86 -9.65 -40.17 9.38
N ILE T 87 -8.74 -40.93 9.98
CA ILE T 87 -8.98 -42.35 10.21
C ILE T 87 -9.86 -42.61 11.44
N VAL T 88 -9.81 -41.70 12.42
CA VAL T 88 -10.70 -41.78 13.57
C VAL T 88 -12.13 -41.60 13.09
N ALA T 89 -12.33 -40.65 12.18
CA ALA T 89 -13.65 -40.39 11.61
C ALA T 89 -14.23 -41.65 10.96
N ASN T 90 -13.37 -42.40 10.27
CA ASN T 90 -13.75 -43.68 9.68
C ASN T 90 -14.18 -44.67 10.76
N LEU T 91 -13.31 -44.89 11.74
CA LEU T 91 -13.58 -45.81 12.83
C LEU T 91 -14.92 -45.51 13.51
N ILE T 92 -15.21 -44.23 13.71
CA ILE T 92 -16.49 -43.81 14.28
C ILE T 92 -17.61 -44.24 13.34
N SER T 93 -17.40 -44.07 12.04
CA SER T 93 -18.42 -44.36 11.04
C SER T 93 -18.78 -45.85 10.96
N VAL T 94 -17.78 -46.70 10.74
CA VAL T 94 -18.04 -48.13 10.56
C VAL T 94 -18.39 -48.87 11.85
N TYR T 95 -17.81 -48.46 12.98
CA TYR T 95 -18.08 -49.12 14.25
C TYR T 95 -19.14 -48.43 15.10
N GLN T 96 -19.63 -47.29 14.62
CA GLN T 96 -20.67 -46.52 15.31
C GLN T 96 -20.23 -46.20 16.74
N LEU T 97 -19.02 -45.70 16.87
CA LEU T 97 -18.45 -45.41 18.18
C LEU T 97 -19.21 -44.30 18.88
N LYS T 98 -19.51 -44.53 20.16
CA LYS T 98 -20.10 -43.51 21.01
C LYS T 98 -19.16 -43.29 22.20
N GLU T 99 -19.49 -42.34 23.06
CA GLU T 99 -18.66 -42.06 24.23
C GLU T 99 -19.43 -42.30 25.52
N GLY T 100 -18.71 -42.29 26.65
CA GLY T 100 -19.32 -42.43 27.95
C GLY T 100 -19.77 -43.84 28.27
N ASN T 101 -20.93 -43.96 28.90
CA ASN T 101 -21.48 -45.25 29.30
C ASN T 101 -22.89 -45.50 28.71
N PRO T 102 -22.96 -45.82 27.42
CA PRO T 102 -24.24 -46.13 26.77
C PRO T 102 -24.64 -47.59 26.96
N GLY T 103 -25.65 -48.05 26.22
CA GLY T 103 -26.15 -49.41 26.35
C GLY T 103 -25.12 -50.49 26.02
N ARG T 104 -25.48 -51.74 26.29
CA ARG T 104 -24.62 -52.89 26.05
C ARG T 104 -24.41 -53.19 24.56
N ASP T 105 -25.32 -52.69 23.73
CA ASP T 105 -25.26 -52.88 22.29
C ASP T 105 -24.53 -51.73 21.62
N THR T 106 -23.75 -51.00 22.40
CA THR T 106 -23.05 -49.83 21.89
C THR T 106 -21.55 -49.94 22.09
N ILE T 107 -20.78 -49.65 21.04
CA ILE T 107 -19.33 -49.77 21.10
C ILE T 107 -18.67 -48.47 21.51
N THR T 108 -17.76 -48.55 22.49
CA THR T 108 -16.90 -47.42 22.86
C THR T 108 -15.46 -47.89 22.77
N LEU T 109 -14.53 -46.94 22.65
CA LEU T 109 -13.10 -47.27 22.62
C LEU T 109 -12.69 -48.01 23.89
N SER T 110 -13.23 -47.57 25.02
CA SER T 110 -12.94 -48.19 26.31
C SER T 110 -13.33 -49.67 26.31
N ARG T 111 -14.46 -49.97 25.69
CA ARG T 111 -14.98 -51.33 25.69
C ARG T 111 -14.21 -52.23 24.73
N VAL T 112 -13.65 -51.64 23.69
CA VAL T 112 -12.82 -52.40 22.75
C VAL T 112 -11.53 -52.86 23.44
N SER T 113 -10.87 -51.94 24.15
CA SER T 113 -9.67 -52.26 24.93
C SER T 113 -9.95 -53.31 25.98
N ALA T 114 -11.17 -53.31 26.52
CA ALA T 114 -11.56 -54.27 27.55
C ALA T 114 -11.88 -55.64 26.94
N ALA T 115 -12.63 -55.65 25.84
CA ALA T 115 -13.00 -56.91 25.19
C ALA T 115 -11.79 -57.59 24.56
N PHE T 116 -10.91 -56.80 23.95
CA PHE T 116 -9.73 -57.35 23.30
C PHE T 116 -8.48 -57.13 24.14
N VAL T 117 -8.64 -57.24 25.46
CA VAL T 117 -7.53 -57.04 26.40
C VAL T 117 -6.28 -57.94 26.16
N PRO T 118 -6.42 -59.16 25.60
CA PRO T 118 -5.17 -59.87 25.31
C PRO T 118 -4.23 -59.13 24.36
N TRP T 119 -4.75 -58.19 23.56
CA TRP T 119 -3.87 -57.38 22.72
C TRP T 119 -3.50 -56.07 23.41
N THR T 120 -4.48 -55.46 24.09
CA THR T 120 -4.28 -54.24 24.86
C THR T 120 -3.08 -54.39 25.79
N VAL T 121 -3.01 -55.54 26.42
CA VAL T 121 -2.00 -55.83 27.43
C VAL T 121 -0.59 -55.90 26.81
N GLN T 122 -0.54 -56.13 25.50
CA GLN T 122 0.73 -56.21 24.79
C GLN T 122 1.14 -54.85 24.23
N ALA T 123 0.17 -54.05 23.82
CA ALA T 123 0.43 -52.71 23.32
C ALA T 123 1.01 -51.83 24.43
N LEU T 124 0.53 -52.03 25.65
CA LEU T 124 1.03 -51.28 26.81
C LEU T 124 2.54 -51.45 27.01
N ARG T 125 3.05 -52.61 26.62
CA ARG T 125 4.48 -52.90 26.74
C ARG T 125 5.30 -52.01 25.80
N VAL T 126 4.64 -51.43 24.80
CA VAL T 126 5.30 -50.66 23.75
C VAL T 126 5.18 -49.14 23.91
N LEU T 127 3.99 -48.66 24.24
CA LEU T 127 3.72 -47.22 24.26
C LEU T 127 3.56 -46.62 25.67
N SER T 128 4.20 -47.22 26.67
CA SER T 128 4.00 -46.81 28.05
C SER T 128 4.38 -45.37 28.36
N GLU T 129 5.22 -44.77 27.52
CA GLU T 129 5.66 -43.38 27.74
C GLU T 129 4.72 -42.37 27.08
N SER T 130 3.74 -42.86 26.34
CA SER T 130 2.77 -42.00 25.66
C SER T 130 1.42 -42.00 26.36
N LEU T 131 1.35 -42.69 27.50
CA LEU T 131 0.13 -42.76 28.31
C LEU T 131 -0.03 -41.49 29.17
N PRO T 132 -1.27 -41.20 29.61
CA PRO T 132 -1.52 -40.05 30.49
C PRO T 132 -0.65 -40.12 31.74
N VAL T 133 -0.56 -41.31 32.33
CA VAL T 133 0.45 -41.60 33.35
C VAL T 133 1.54 -42.47 32.73
N SER T 134 2.77 -41.94 32.66
CA SER T 134 3.86 -42.66 31.99
C SER T 134 4.41 -43.81 32.83
N GLY T 135 5.06 -44.75 32.16
CA GLY T 135 5.70 -45.86 32.85
C GLY T 135 6.79 -45.40 33.80
N THR T 136 7.53 -44.37 33.40
CA THR T 136 8.59 -43.81 34.24
C THR T 136 8.02 -43.20 35.53
N THR T 137 6.82 -42.62 35.42
CA THR T 137 6.13 -42.09 36.59
C THR T 137 5.79 -43.23 37.57
N MET T 138 5.20 -44.30 37.05
CA MET T 138 4.89 -45.47 37.86
C MET T 138 6.14 -46.12 38.44
N ASP T 139 7.24 -46.08 37.70
CA ASP T 139 8.52 -46.60 38.19
C ASP T 139 8.98 -45.84 39.43
N ALA T 140 8.65 -44.54 39.50
CA ALA T 140 9.06 -43.71 40.62
C ALA T 140 8.12 -43.90 41.82
N ILE T 141 6.85 -44.13 41.53
CA ILE T 141 5.83 -44.35 42.57
C ILE T 141 6.03 -45.70 43.26
N ALA T 142 6.10 -46.77 42.48
CA ALA T 142 6.56 -48.06 43.00
C ALA T 142 8.05 -47.93 43.22
N GLY T 143 8.66 -48.82 43.99
CA GLY T 143 10.10 -48.76 44.17
C GLY T 143 10.85 -49.44 43.05
N VAL T 144 10.09 -49.99 42.11
CA VAL T 144 10.62 -50.88 41.09
C VAL T 144 10.02 -50.54 39.73
N THR T 145 10.36 -51.33 38.71
CA THR T 145 9.74 -51.11 37.40
C THR T 145 8.31 -51.66 37.42
N TYR T 146 7.35 -50.77 37.34
CA TYR T 146 5.95 -51.16 37.39
C TYR T 146 5.57 -51.89 36.11
N PRO T 147 4.98 -53.09 36.24
CA PRO T 147 4.58 -53.93 35.10
C PRO T 147 3.70 -53.17 34.11
N ARG T 148 4.21 -52.98 32.90
CA ARG T 148 3.53 -52.16 31.88
C ARG T 148 2.12 -52.65 31.54
N ALA T 149 1.91 -53.96 31.67
CA ALA T 149 0.63 -54.58 31.33
C ALA T 149 -0.51 -54.12 32.23
N MET T 150 -0.17 -53.62 33.41
CA MET T 150 -1.19 -53.18 34.36
C MET T 150 -1.61 -51.74 34.13
N MET T 151 -0.92 -51.05 33.23
CA MET T 151 -1.11 -49.60 33.09
C MET T 151 -2.33 -49.22 32.24
N HIS T 152 -3.46 -49.83 32.58
CA HIS T 152 -4.76 -49.47 32.00
C HIS T 152 -5.85 -50.17 32.80
N PRO T 153 -7.02 -49.50 32.95
CA PRO T 153 -8.16 -50.09 33.66
C PRO T 153 -8.60 -51.44 33.09
N SER T 154 -8.36 -51.67 31.80
CA SER T 154 -8.78 -52.92 31.16
C SER T 154 -8.01 -54.15 31.66
N PHE T 155 -6.92 -53.92 32.38
CA PHE T 155 -6.14 -55.03 32.93
C PHE T 155 -6.95 -55.84 33.94
N ALA T 156 -7.89 -55.18 34.60
CA ALA T 156 -8.74 -55.83 35.60
C ALA T 156 -9.50 -57.02 35.02
N GLY T 157 -9.69 -57.01 33.71
CA GLY T 157 -10.44 -58.05 33.02
C GLY T 157 -9.74 -59.40 33.00
N ILE T 158 -8.43 -59.42 33.24
CA ILE T 158 -7.70 -60.68 33.23
C ILE T 158 -7.26 -61.13 34.64
N ILE T 159 -7.80 -60.47 35.66
CA ILE T 159 -7.47 -60.81 37.04
C ILE T 159 -8.36 -61.92 37.60
N ASP T 160 -7.74 -63.03 37.99
CA ASP T 160 -8.44 -64.12 38.67
C ASP T 160 -8.34 -63.93 40.17
N LEU T 161 -9.43 -63.47 40.79
CA LEU T 161 -9.44 -63.19 42.22
C LEU T 161 -9.36 -64.47 43.05
N ASP T 162 -9.76 -65.58 42.45
CA ASP T 162 -9.81 -66.86 43.16
C ASP T 162 -8.54 -67.69 42.98
N LEU T 163 -7.43 -67.01 42.70
CA LEU T 163 -6.11 -67.64 42.72
C LEU T 163 -5.76 -68.01 44.16
N PRO T 164 -4.97 -69.09 44.33
CA PRO T 164 -4.60 -69.58 45.67
C PRO T 164 -3.79 -68.56 46.47
N ASN T 165 -3.89 -68.63 47.80
CA ASN T 165 -3.14 -67.77 48.70
C ASN T 165 -3.42 -66.28 48.53
N GLY T 166 -4.61 -65.94 48.06
CA GLY T 166 -4.99 -64.55 47.88
C GLY T 166 -4.08 -63.81 46.91
N ALA T 167 -3.50 -64.56 45.97
CA ALA T 167 -2.63 -63.96 44.96
C ALA T 167 -3.42 -63.02 44.06
N GLY T 168 -4.69 -63.34 43.85
CA GLY T 168 -5.57 -62.49 43.07
C GLY T 168 -5.76 -61.14 43.72
N ALA T 169 -5.94 -61.13 45.04
CA ALA T 169 -6.10 -59.87 45.77
C ALA T 169 -4.82 -59.03 45.69
N THR T 170 -3.68 -59.71 45.69
CA THR T 170 -2.38 -59.04 45.61
C THR T 170 -2.20 -58.36 44.26
N ILE T 171 -2.52 -59.09 43.20
CA ILE T 171 -2.48 -58.55 41.85
C ILE T 171 -3.43 -57.36 41.70
N ALA T 172 -4.62 -57.46 42.31
CA ALA T 172 -5.60 -56.38 42.28
C ALA T 172 -5.08 -55.14 42.98
N ASP T 173 -4.38 -55.34 44.10
CA ASP T 173 -3.79 -54.23 44.84
C ASP T 173 -2.66 -53.58 44.03
N ALA T 174 -1.86 -54.40 43.37
CA ALA T 174 -0.77 -53.89 42.54
C ALA T 174 -1.32 -53.06 41.39
N HIS T 175 -2.44 -53.52 40.82
CA HIS T 175 -3.14 -52.78 39.77
C HIS T 175 -3.71 -51.47 40.31
N GLY T 176 -4.16 -51.50 41.57
CA GLY T 176 -4.73 -50.34 42.22
C GLY T 176 -3.73 -49.21 42.42
N LEU T 177 -2.45 -49.56 42.47
CA LEU T 177 -1.39 -48.55 42.62
C LEU T 177 -1.38 -47.65 41.39
N PHE T 178 -1.62 -48.24 40.22
CA PHE T 178 -1.72 -47.48 38.98
C PHE T 178 -3.06 -46.75 38.90
N MET T 179 -4.12 -47.44 39.26
CA MET T 179 -5.48 -46.92 39.11
C MET T 179 -5.73 -45.62 39.88
N ILE T 180 -5.08 -45.48 41.03
CA ILE T 180 -5.23 -44.26 41.82
C ILE T 180 -4.55 -43.09 41.11
N GLU T 181 -3.42 -43.37 40.48
CA GLU T 181 -2.67 -42.34 39.76
C GLU T 181 -3.38 -41.95 38.47
N PHE T 182 -3.88 -42.96 37.76
CA PHE T 182 -4.64 -42.75 36.54
C PHE T 182 -5.89 -41.92 36.82
N SER T 183 -6.59 -42.26 37.91
CA SER T 183 -7.80 -41.53 38.29
C SER T 183 -7.48 -40.09 38.65
N LYS T 184 -6.31 -39.87 39.26
CA LYS T 184 -5.90 -38.53 39.69
C LYS T 184 -5.58 -37.59 38.53
N THR T 185 -5.17 -38.14 37.39
CA THR T 185 -4.81 -37.27 36.26
C THR T 185 -5.98 -37.04 35.31
N ILE T 186 -6.75 -38.09 35.01
CA ILE T 186 -7.91 -37.92 34.15
C ILE T 186 -9.04 -37.17 34.87
N ASN T 187 -9.05 -37.24 36.19
CA ASN T 187 -9.97 -36.46 37.01
C ASN T 187 -9.23 -35.72 38.13
N PRO T 188 -8.58 -34.59 37.77
CA PRO T 188 -7.67 -33.80 38.62
C PRO T 188 -8.30 -33.30 39.91
N SER T 189 -9.63 -33.37 40.02
CA SER T 189 -10.30 -32.95 41.23
C SER T 189 -10.01 -33.91 42.38
N LEU T 190 -9.61 -35.13 42.02
CA LEU T 190 -9.28 -36.17 43.00
C LEU T 190 -7.86 -36.06 43.55
N ARG T 191 -7.06 -35.15 43.00
CA ARG T 191 -5.64 -35.05 43.35
C ARG T 191 -5.43 -34.70 44.82
N THR T 192 -6.37 -33.96 45.38
CA THR T 192 -6.27 -33.51 46.76
C THR T 192 -6.97 -34.45 47.75
N LYS T 193 -7.59 -35.50 47.21
CA LYS T 193 -8.28 -36.50 48.04
C LYS T 193 -7.29 -37.53 48.60
N GLN T 194 -7.69 -38.20 49.67
CA GLN T 194 -6.89 -39.27 50.24
C GLN T 194 -6.89 -40.48 49.31
N ALA T 195 -5.84 -41.29 49.38
CA ALA T 195 -5.69 -42.44 48.49
C ALA T 195 -6.87 -43.39 48.58
N ASN T 196 -7.36 -43.63 49.79
CA ASN T 196 -8.51 -44.51 50.00
C ASN T 196 -9.78 -43.95 49.37
N GLU T 197 -9.93 -42.63 49.41
CA GLU T 197 -11.08 -41.96 48.80
C GLU T 197 -11.03 -42.10 47.27
N VAL T 198 -9.83 -41.98 46.71
CA VAL T 198 -9.65 -42.11 45.27
C VAL T 198 -9.95 -43.53 44.84
N ALA T 199 -9.47 -44.49 45.63
CA ALA T 199 -9.69 -45.90 45.32
C ALA T 199 -11.18 -46.26 45.27
N ALA T 200 -11.98 -45.57 46.07
CA ALA T 200 -13.41 -45.82 46.11
C ALA T 200 -14.12 -45.36 44.84
N THR T 201 -13.51 -44.44 44.09
CA THR T 201 -14.12 -43.92 42.87
C THR T 201 -14.13 -44.94 41.73
N PHE T 202 -13.19 -45.88 41.75
CA PHE T 202 -13.13 -46.90 40.70
C PHE T 202 -13.33 -48.32 41.23
N GLU T 203 -13.65 -48.44 42.52
CA GLU T 203 -13.83 -49.76 43.13
C GLU T 203 -14.90 -50.58 42.42
N LYS T 204 -16.05 -49.95 42.20
CA LYS T 204 -17.21 -50.64 41.62
C LYS T 204 -16.99 -51.18 40.19
N PRO T 205 -16.55 -50.34 39.24
CA PRO T 205 -16.36 -50.89 37.89
C PRO T 205 -15.15 -51.82 37.80
N ASN T 206 -14.13 -51.57 38.60
CA ASN T 206 -12.95 -52.43 38.63
C ASN T 206 -13.31 -53.83 39.13
N MET T 207 -14.15 -53.88 40.16
CA MET T 207 -14.64 -55.15 40.68
C MET T 207 -15.45 -55.91 39.63
N ALA T 208 -16.28 -55.17 38.90
CA ALA T 208 -17.11 -55.78 37.87
C ALA T 208 -16.25 -56.39 36.78
N ALA T 209 -15.14 -55.74 36.48
CA ALA T 209 -14.22 -56.24 35.47
C ALA T 209 -13.51 -57.52 35.93
N MET T 210 -13.10 -57.55 37.20
CA MET T 210 -12.43 -58.71 37.76
C MET T 210 -13.40 -59.87 37.91
N SER T 211 -14.66 -59.56 38.20
CA SER T 211 -15.68 -60.58 38.42
C SER T 211 -16.29 -61.05 37.11
N GLY T 212 -15.84 -60.47 36.01
CA GLY T 212 -16.27 -60.87 34.68
C GLY T 212 -16.00 -62.33 34.42
N ARG T 213 -16.95 -62.98 33.75
CA ARG T 213 -16.86 -64.40 33.47
C ARG T 213 -16.74 -64.66 31.96
N PHE T 214 -16.45 -63.61 31.20
CA PHE T 214 -16.19 -63.73 29.78
C PHE T 214 -15.00 -64.65 29.57
N PHE T 215 -13.93 -64.40 30.31
CA PHE T 215 -12.77 -65.29 30.31
C PHE T 215 -12.86 -66.25 31.48
N THR T 216 -12.47 -67.50 31.26
CA THR T 216 -12.43 -68.49 32.34
C THR T 216 -11.18 -68.27 33.21
N ARG T 217 -11.12 -68.98 34.33
CA ARG T 217 -9.97 -68.88 35.22
C ARG T 217 -8.69 -69.33 34.51
N GLU T 218 -8.81 -70.40 33.73
CA GLU T 218 -7.68 -70.90 32.96
C GLU T 218 -7.24 -69.88 31.91
N ASP T 219 -8.21 -69.20 31.31
CA ASP T 219 -7.91 -68.15 30.33
C ASP T 219 -7.15 -67.01 31.00
N LYS T 220 -7.64 -66.59 32.17
CA LYS T 220 -6.99 -65.52 32.92
C LYS T 220 -5.59 -65.94 33.38
N LYS T 221 -5.46 -67.17 33.85
CA LYS T 221 -4.17 -67.69 34.29
C LYS T 221 -3.15 -67.65 33.15
N LYS T 222 -3.57 -68.10 31.97
CA LYS T 222 -2.70 -68.09 30.79
C LYS T 222 -2.30 -66.67 30.40
N LEU T 223 -3.25 -65.74 30.49
CA LEU T 223 -3.00 -64.34 30.19
C LEU T 223 -1.99 -63.73 31.16
N LEU T 224 -2.20 -63.97 32.45
CA LEU T 224 -1.33 -63.43 33.49
C LEU T 224 0.10 -63.96 33.38
N ILE T 225 0.23 -65.23 32.97
CA ILE T 225 1.54 -65.85 32.76
C ILE T 225 2.20 -65.27 31.51
N ALA T 226 1.43 -65.16 30.43
CA ALA T 226 1.94 -64.69 29.14
C ALA T 226 2.46 -63.26 29.21
N VAL T 227 2.06 -62.53 30.24
CA VAL T 227 2.43 -61.13 30.35
C VAL T 227 3.29 -60.85 31.61
N GLY T 228 3.71 -61.92 32.27
CA GLY T 228 4.72 -61.82 33.32
C GLY T 228 4.28 -61.42 34.72
N ILE T 229 2.96 -61.37 34.96
CA ILE T 229 2.44 -61.06 36.29
C ILE T 229 2.71 -62.22 37.24
N ILE T 230 2.63 -63.42 36.68
CA ILE T 230 2.78 -64.64 37.47
C ILE T 230 3.49 -65.67 36.58
N ASP T 231 4.18 -66.65 37.19
CA ASP T 231 4.83 -67.69 36.39
C ASP T 231 3.98 -68.96 36.29
N GLU T 232 4.49 -69.97 35.59
CA GLU T 232 3.77 -71.23 35.40
C GLU T 232 3.48 -71.93 36.72
N ASP T 233 4.28 -71.61 37.74
CA ASP T 233 4.08 -72.14 39.07
C ASP T 233 3.26 -71.17 39.90
N LEU T 234 2.54 -70.27 39.25
CA LEU T 234 1.64 -69.34 39.94
C LEU T 234 2.32 -68.48 41.00
N VAL T 235 3.61 -68.17 40.79
CA VAL T 235 4.35 -67.33 41.70
C VAL T 235 4.38 -65.88 41.22
N LEU T 236 4.00 -64.97 42.10
CA LEU T 236 3.91 -63.55 41.77
C LEU T 236 5.30 -62.97 41.46
N ALA T 237 5.37 -62.13 40.44
CA ALA T 237 6.60 -61.40 40.16
C ALA T 237 6.86 -60.43 41.31
N SER T 238 8.13 -60.25 41.66
CA SER T 238 8.52 -59.42 42.80
C SER T 238 8.00 -57.99 42.70
N ALA T 239 7.96 -57.45 41.48
CA ALA T 239 7.48 -56.08 41.28
C ALA T 239 5.99 -55.95 41.60
N VAL T 240 5.26 -57.03 41.37
CA VAL T 240 3.82 -57.06 41.66
C VAL T 240 3.55 -57.03 43.17
N VAL T 241 4.24 -57.88 43.93
CA VAL T 241 4.07 -57.90 45.39
C VAL T 241 4.54 -56.59 46.01
N ARG T 242 5.56 -55.99 45.40
CA ARG T 242 6.05 -54.67 45.82
C ARG T 242 4.98 -53.61 45.63
N SER T 243 4.45 -53.53 44.41
CA SER T 243 3.42 -52.55 44.09
C SER T 243 2.21 -52.73 44.99
N ALA T 244 1.91 -53.98 45.32
CA ALA T 244 0.77 -54.30 46.17
C ALA T 244 0.92 -53.72 47.58
N GLU T 245 2.10 -53.90 48.18
CA GLU T 245 2.31 -53.41 49.54
C GLU T 245 2.45 -51.89 49.59
N LYS T 246 2.91 -51.28 48.49
CA LYS T 246 2.90 -49.83 48.37
C LYS T 246 1.46 -49.33 48.41
N TYR T 247 0.59 -50.03 47.68
CA TYR T 247 -0.82 -49.69 47.62
C TYR T 247 -1.51 -49.78 48.98
N ARG T 248 -1.31 -50.90 49.67
CA ARG T 248 -1.96 -51.13 50.96
C ARG T 248 -1.55 -50.11 52.01
N ALA T 249 -0.32 -49.64 51.93
CA ALA T 249 0.18 -48.64 52.87
C ALA T 249 -0.42 -47.27 52.57
N LYS T 250 -0.67 -46.99 51.30
CA LYS T 250 -1.33 -45.74 50.89
C LYS T 250 -2.78 -45.69 51.34
N VAL T 251 -3.45 -46.85 51.28
CA VAL T 251 -4.89 -46.93 51.48
C VAL T 251 -5.27 -47.28 52.92
N GLY T 252 -4.56 -48.22 53.53
CA GLY T 252 -4.83 -48.60 54.91
C GLY T 252 -5.30 -50.04 55.07
N ASN U 5 -16.76 -69.20 20.81
CA ASN U 5 -16.46 -68.63 19.50
C ASN U 5 -15.90 -67.21 19.59
N TYR U 6 -16.73 -66.28 20.06
CA TYR U 6 -16.31 -64.87 20.25
C TYR U 6 -15.22 -64.78 21.31
N ARG U 7 -15.26 -65.69 22.28
CA ARG U 7 -14.25 -65.75 23.31
C ARG U 7 -12.90 -66.13 22.72
N ASP U 8 -12.91 -67.12 21.82
CA ASP U 8 -11.69 -67.58 21.16
C ASP U 8 -11.12 -66.55 20.21
N ILE U 9 -11.99 -65.76 19.59
CA ILE U 9 -11.56 -64.65 18.73
C ILE U 9 -10.74 -63.64 19.51
N ALA U 10 -11.28 -63.21 20.66
CA ALA U 10 -10.59 -62.27 21.53
C ALA U 10 -9.27 -62.85 22.04
N LEU U 11 -9.32 -64.12 22.42
CA LEU U 11 -8.17 -64.82 22.96
C LEU U 11 -7.05 -64.97 21.94
N ALA U 12 -7.40 -65.00 20.67
CA ALA U 12 -6.42 -65.15 19.59
C ALA U 12 -5.59 -63.87 19.38
N PHE U 13 -6.08 -62.76 19.91
CA PHE U 13 -5.36 -61.49 19.80
C PHE U 13 -4.09 -61.48 20.64
N LEU U 14 -3.95 -62.48 21.50
CA LEU U 14 -2.74 -62.69 22.27
C LEU U 14 -1.57 -62.92 21.31
N ASP U 15 -1.84 -63.72 20.28
CA ASP U 15 -0.82 -64.08 19.30
C ASP U 15 -0.84 -63.16 18.09
N GLU U 16 -1.70 -62.14 18.15
CA GLU U 16 -1.79 -61.19 17.05
C GLU U 16 -0.64 -60.17 17.17
N SER U 17 -0.16 -59.69 16.02
CA SER U 17 1.05 -58.86 15.99
C SER U 17 0.91 -57.51 16.69
N ALA U 18 1.87 -57.22 17.57
CA ALA U 18 1.93 -55.93 18.24
C ALA U 18 3.24 -55.24 17.86
N ASP U 19 3.34 -54.88 16.58
CA ASP U 19 4.56 -54.29 16.02
C ASP U 19 4.88 -52.91 16.59
N SER U 20 6.06 -52.80 17.19
CA SER U 20 6.52 -51.56 17.82
C SER U 20 6.52 -50.35 16.87
N GLY U 21 6.92 -50.57 15.62
CA GLY U 21 7.01 -49.53 14.62
C GLY U 21 5.67 -48.98 14.19
N THR U 22 4.75 -49.87 13.83
CA THR U 22 3.42 -49.46 13.38
C THR U 22 2.62 -48.82 14.52
N ILE U 23 2.75 -49.37 15.73
CA ILE U 23 2.07 -48.84 16.91
C ILE U 23 2.50 -47.39 17.20
N ASN U 24 3.80 -47.14 17.16
CA ASN U 24 4.32 -45.80 17.40
C ASN U 24 3.91 -44.79 16.33
N ALA U 25 3.73 -45.27 15.10
CA ALA U 25 3.23 -44.43 14.02
C ALA U 25 1.78 -44.02 14.26
N TRP U 26 0.97 -44.96 14.77
CA TRP U 26 -0.42 -44.66 15.12
C TRP U 26 -0.47 -43.65 16.25
N VAL U 27 0.37 -43.86 17.26
CA VAL U 27 0.48 -42.94 18.39
C VAL U 27 0.76 -41.52 17.90
N ASN U 28 1.68 -41.39 16.96
CA ASN U 28 2.03 -40.10 16.38
C ASN U 28 0.89 -39.44 15.61
N GLU U 29 0.06 -40.24 14.94
CA GLU U 29 -1.11 -39.73 14.22
C GLU U 29 -2.20 -39.29 15.20
N PHE U 30 -2.40 -40.09 16.24
CA PHE U 30 -3.51 -39.92 17.17
C PHE U 30 -3.22 -38.94 18.30
N ALA U 31 -1.95 -38.66 18.53
CA ALA U 31 -1.54 -37.85 19.68
C ALA U 31 -2.21 -36.49 19.72
N TYR U 32 -2.32 -35.93 20.93
CA TYR U 32 -2.87 -34.61 21.11
C TYR U 32 -2.11 -33.58 20.27
N GLN U 33 -2.84 -32.73 19.58
CA GLN U 33 -2.22 -31.66 18.79
C GLN U 33 -2.97 -30.35 19.00
N GLY U 34 -2.31 -29.40 19.64
CA GLY U 34 -2.89 -28.11 19.93
C GLY U 34 -1.88 -27.26 20.67
N PHE U 35 -2.05 -27.14 21.99
CA PHE U 35 -1.12 -26.39 22.81
C PHE U 35 0.24 -27.09 22.83
N ASP U 36 1.27 -26.37 22.43
CA ASP U 36 2.62 -26.91 22.41
C ASP U 36 3.67 -25.81 22.54
N PRO U 37 4.27 -25.69 23.73
CA PRO U 37 5.28 -24.68 24.02
C PRO U 37 6.37 -24.65 22.94
N LYS U 38 6.72 -25.80 22.40
CA LYS U 38 7.67 -25.89 21.28
C LYS U 38 7.20 -25.06 20.10
N ARG U 39 5.92 -25.20 19.76
CA ARG U 39 5.32 -24.45 18.65
C ARG U 39 5.29 -22.97 18.98
N ILE U 40 4.95 -22.65 20.23
CA ILE U 40 4.89 -21.27 20.70
C ILE U 40 6.22 -20.54 20.52
N VAL U 41 7.29 -21.10 21.11
CA VAL U 41 8.60 -20.50 21.04
C VAL U 41 9.10 -20.44 19.58
N GLN U 42 8.80 -21.49 18.81
CA GLN U 42 9.19 -21.52 17.40
C GLN U 42 8.55 -20.37 16.64
N LEU U 43 7.25 -20.19 16.82
CA LEU U 43 6.50 -19.16 16.12
C LEU U 43 6.90 -17.75 16.58
N VAL U 44 7.08 -17.58 17.88
CA VAL U 44 7.54 -16.29 18.41
C VAL U 44 8.90 -15.91 17.81
N LYS U 45 9.83 -16.86 17.82
CA LYS U 45 11.17 -16.65 17.25
C LYS U 45 11.13 -16.36 15.74
N GLU U 46 10.37 -17.15 14.99
CA GLU U 46 10.29 -16.99 13.54
C GLU U 46 9.68 -15.64 13.16
N ARG U 47 8.51 -15.34 13.72
CA ARG U 47 7.79 -14.12 13.38
C ARG U 47 8.59 -12.90 13.82
N GLY U 48 9.30 -13.03 14.94
CA GLY U 48 10.14 -11.95 15.45
C GLY U 48 11.36 -11.63 14.60
N THR U 49 12.07 -12.67 14.16
CA THR U 49 13.26 -12.49 13.33
C THR U 49 12.90 -12.08 11.90
N ALA U 50 11.69 -12.41 11.47
CA ALA U 50 11.24 -12.06 10.13
C ALA U 50 11.00 -10.56 10.03
N LYS U 51 10.78 -9.93 11.18
CA LYS U 51 10.58 -8.48 11.24
C LYS U 51 11.82 -7.79 11.79
N GLY U 52 12.89 -8.56 12.01
CA GLY U 52 14.15 -8.02 12.49
C GLY U 52 14.09 -7.43 13.88
N ARG U 53 13.35 -8.07 14.78
CA ARG U 53 13.19 -7.58 16.14
C ARG U 53 14.18 -8.25 17.09
N ASP U 54 14.47 -7.58 18.20
CA ASP U 54 15.06 -8.25 19.35
C ASP U 54 13.92 -9.04 19.98
N TRP U 55 13.66 -10.24 19.45
CA TRP U 55 12.46 -10.96 19.81
C TRP U 55 12.45 -11.42 21.27
N LYS U 56 13.64 -11.63 21.82
CA LYS U 56 13.75 -12.05 23.21
C LYS U 56 13.28 -10.92 24.14
N LYS U 57 13.61 -9.69 23.78
CA LYS U 57 13.15 -8.53 24.52
C LYS U 57 11.64 -8.35 24.36
N ASP U 58 11.13 -8.66 23.16
CA ASP U 58 9.69 -8.60 22.92
C ASP U 58 8.95 -9.61 23.80
N VAL U 59 9.53 -10.79 23.99
CA VAL U 59 8.97 -11.80 24.88
C VAL U 59 8.79 -11.27 26.30
N LYS U 60 9.85 -10.66 26.84
CA LYS U 60 9.80 -10.06 28.17
C LYS U 60 8.70 -9.01 28.26
N MET U 61 8.63 -8.14 27.25
CA MET U 61 7.61 -7.10 27.23
C MET U 61 6.21 -7.71 27.13
N MET U 62 6.06 -8.76 26.33
CA MET U 62 4.77 -9.43 26.19
C MET U 62 4.35 -10.13 27.49
N ILE U 63 5.33 -10.68 28.20
CA ILE U 63 5.06 -11.35 29.48
C ILE U 63 4.64 -10.32 30.54
N VAL U 64 5.43 -9.26 30.69
CA VAL U 64 5.10 -8.19 31.63
C VAL U 64 3.73 -7.60 31.29
N LEU U 65 3.49 -7.39 29.99
CA LEU U 65 2.18 -6.98 29.50
C LEU U 65 1.09 -7.95 29.97
N ASN U 66 1.36 -9.24 29.85
CA ASN U 66 0.40 -10.25 30.25
C ASN U 66 0.16 -10.28 31.76
N LEU U 67 1.24 -10.11 32.54
CA LEU U 67 1.15 -10.18 33.99
C LEU U 67 0.34 -9.05 34.63
N VAL U 68 0.39 -7.85 34.03
CA VAL U 68 -0.28 -6.70 34.64
C VAL U 68 -1.59 -6.29 33.97
N ARG U 69 -1.79 -6.71 32.72
CA ARG U 69 -2.99 -6.31 31.98
C ARG U 69 -3.88 -7.46 31.52
N GLY U 70 -3.35 -8.67 31.47
CA GLY U 70 -4.16 -9.82 31.09
C GLY U 70 -3.93 -10.35 29.67
N ASN U 71 -4.99 -10.82 29.02
CA ASN U 71 -4.85 -11.55 27.77
C ASN U 71 -5.51 -10.92 26.54
N LYS U 72 -5.96 -9.66 26.66
CA LYS U 72 -6.66 -8.99 25.56
C LYS U 72 -6.00 -7.68 25.10
N PRO U 73 -4.96 -7.80 24.24
CA PRO U 73 -4.12 -6.68 23.76
C PRO U 73 -4.89 -5.55 23.05
N GLU U 74 -5.76 -5.89 22.11
CA GLU U 74 -6.56 -4.85 21.44
C GLU U 74 -7.38 -4.02 22.44
N ALA U 75 -7.97 -4.71 23.41
CA ALA U 75 -8.79 -4.05 24.42
C ALA U 75 -7.97 -3.15 25.33
N MET U 76 -6.79 -3.63 25.73
CA MET U 76 -5.98 -2.88 26.69
C MET U 76 -5.37 -1.59 26.10
N MET U 77 -5.23 -1.55 24.78
CA MET U 77 -4.70 -0.34 24.11
C MET U 77 -5.63 0.85 24.30
N LYS U 78 -6.92 0.57 24.48
CA LYS U 78 -7.94 1.60 24.62
C LYS U 78 -7.92 2.20 26.03
N LYS U 79 -7.15 1.57 26.92
CA LYS U 79 -7.02 1.99 28.31
C LYS U 79 -5.55 2.05 28.70
N MET U 80 -4.76 2.75 27.89
CA MET U 80 -3.31 2.77 28.05
C MET U 80 -2.78 4.10 27.51
N SER U 81 -1.61 4.51 27.99
CA SER U 81 -0.95 5.70 27.44
C SER U 81 -0.59 5.46 25.98
N GLU U 82 -0.48 6.52 25.20
CA GLU U 82 -0.16 6.40 23.78
C GLU U 82 1.21 5.79 23.57
N LYS U 83 2.14 6.08 24.48
CA LYS U 83 3.48 5.54 24.43
C LYS U 83 3.45 4.01 24.52
N GLY U 84 2.72 3.49 25.50
CA GLY U 84 2.60 2.06 25.69
C GLY U 84 1.76 1.40 24.62
N ALA U 85 0.65 2.04 24.25
CA ALA U 85 -0.24 1.50 23.24
C ALA U 85 0.45 1.30 21.89
N SER U 86 1.37 2.22 21.58
CA SER U 86 2.13 2.14 20.34
C SER U 86 3.00 0.88 20.31
N ILE U 87 3.60 0.57 21.46
CA ILE U 87 4.42 -0.64 21.60
C ILE U 87 3.57 -1.90 21.43
N VAL U 88 2.43 -1.94 22.14
CA VAL U 88 1.52 -3.07 22.08
C VAL U 88 1.04 -3.27 20.65
N ALA U 89 0.76 -2.18 19.94
CA ALA U 89 0.29 -2.26 18.56
C ALA U 89 1.30 -3.00 17.69
N ASN U 90 2.57 -2.73 17.90
CA ASN U 90 3.64 -3.44 17.19
C ASN U 90 3.69 -4.93 17.57
N LEU U 91 3.70 -5.21 18.87
CA LEU U 91 3.66 -6.59 19.36
C LEU U 91 2.51 -7.40 18.75
N ILE U 92 1.34 -6.77 18.64
CA ILE U 92 0.18 -7.40 18.01
C ILE U 92 0.49 -7.69 16.54
N SER U 93 1.12 -6.72 15.88
CA SER U 93 1.39 -6.82 14.45
C SER U 93 2.38 -7.94 14.09
N VAL U 94 3.56 -7.92 14.68
CA VAL U 94 4.60 -8.91 14.33
C VAL U 94 4.30 -10.33 14.81
N TYR U 95 3.76 -10.45 16.03
CA TYR U 95 3.50 -11.76 16.60
C TYR U 95 2.08 -12.27 16.30
N GLN U 96 1.28 -11.42 15.66
CA GLN U 96 -0.09 -11.77 15.27
C GLN U 96 -0.90 -12.20 16.49
N LEU U 97 -0.77 -11.41 17.56
CA LEU U 97 -1.45 -11.71 18.83
C LEU U 97 -2.96 -11.73 18.66
N LYS U 98 -3.59 -12.72 19.29
CA LYS U 98 -5.04 -12.82 19.27
C LYS U 98 -5.59 -12.54 20.68
N GLU U 99 -6.91 -12.40 20.77
CA GLU U 99 -7.54 -11.99 22.01
C GLU U 99 -7.97 -13.19 22.87
N GLY U 100 -7.85 -14.38 22.29
CA GLY U 100 -8.29 -15.60 22.95
C GLY U 100 -8.70 -16.65 21.95
N ASN U 101 -9.31 -17.73 22.42
CA ASN U 101 -9.68 -18.88 21.59
C ASN U 101 -8.58 -19.30 20.61
N PRO U 102 -7.41 -19.68 21.16
CA PRO U 102 -6.26 -19.95 20.30
C PRO U 102 -6.42 -21.25 19.50
N GLY U 103 -5.88 -21.25 18.28
CA GLY U 103 -5.75 -22.47 17.49
C GLY U 103 -4.31 -22.97 17.60
N ARG U 104 -3.99 -23.96 16.78
CA ARG U 104 -2.65 -24.58 16.80
C ARG U 104 -1.51 -23.59 16.55
N ASP U 105 -1.71 -22.67 15.60
CA ASP U 105 -0.66 -21.73 15.21
C ASP U 105 -0.89 -20.33 15.79
N THR U 106 -1.73 -20.24 16.81
CA THR U 106 -2.10 -18.95 17.41
C THR U 106 -1.18 -18.59 18.57
N ILE U 107 -0.76 -17.33 18.60
CA ILE U 107 0.03 -16.82 19.73
C ILE U 107 -0.80 -15.85 20.58
N THR U 108 -0.84 -16.10 21.89
CA THR U 108 -1.49 -15.21 22.84
C THR U 108 -0.49 -14.84 23.93
N LEU U 109 -0.81 -13.81 24.71
CA LEU U 109 0.06 -13.40 25.79
C LEU U 109 0.22 -14.52 26.84
N SER U 110 -0.88 -15.22 27.11
CA SER U 110 -0.86 -16.34 28.04
C SER U 110 0.11 -17.39 27.58
N ARG U 111 0.10 -17.65 26.27
CA ARG U 111 0.93 -18.70 25.69
C ARG U 111 2.41 -18.32 25.79
N VAL U 112 2.71 -17.05 25.60
CA VAL U 112 4.07 -16.55 25.74
C VAL U 112 4.54 -16.74 27.17
N SER U 113 3.72 -16.31 28.11
CA SER U 113 4.01 -16.47 29.55
C SER U 113 4.19 -17.94 29.94
N ALA U 114 3.43 -18.83 29.32
CA ALA U 114 3.53 -20.26 29.63
C ALA U 114 4.75 -20.91 29.00
N ALA U 115 5.02 -20.61 27.73
CA ALA U 115 6.17 -21.20 27.04
C ALA U 115 7.50 -20.67 27.57
N PHE U 116 7.53 -19.39 27.94
CA PHE U 116 8.75 -18.77 28.43
C PHE U 116 8.69 -18.60 29.94
N VAL U 117 8.07 -19.56 30.60
CA VAL U 117 7.91 -19.54 32.05
C VAL U 117 9.22 -19.39 32.87
N PRO U 118 10.38 -19.89 32.36
CA PRO U 118 11.56 -19.64 33.18
C PRO U 118 11.91 -18.16 33.35
N TRP U 119 11.38 -17.31 32.47
CA TRP U 119 11.55 -15.87 32.67
C TRP U 119 10.35 -15.27 33.41
N THR U 120 9.16 -15.75 33.06
CA THR U 120 7.92 -15.33 33.70
C THR U 120 8.06 -15.42 35.22
N VAL U 121 8.62 -16.54 35.66
CA VAL U 121 8.76 -16.84 37.06
C VAL U 121 9.74 -15.90 37.76
N GLN U 122 10.59 -15.23 36.97
CA GLN U 122 11.54 -14.24 37.51
C GLN U 122 10.91 -12.86 37.60
N ALA U 123 10.09 -12.51 36.61
CA ALA U 123 9.45 -11.21 36.59
C ALA U 123 8.46 -11.03 37.74
N LEU U 124 7.84 -12.14 38.15
CA LEU U 124 6.86 -12.13 39.24
C LEU U 124 7.46 -11.65 40.57
N ARG U 125 8.76 -11.90 40.78
CA ARG U 125 9.45 -11.44 41.99
C ARG U 125 9.44 -9.91 42.07
N VAL U 126 9.33 -9.26 40.92
CA VAL U 126 9.47 -7.81 40.81
C VAL U 126 8.12 -7.09 40.70
N LEU U 127 7.13 -7.80 40.15
CA LEU U 127 5.84 -7.21 39.79
C LEU U 127 4.73 -7.46 40.81
N SER U 128 5.07 -8.19 41.86
CA SER U 128 4.09 -8.72 42.81
C SER U 128 2.94 -7.78 43.19
N GLU U 129 3.24 -6.49 43.32
CA GLU U 129 2.23 -5.52 43.74
C GLU U 129 1.41 -4.94 42.58
N SER U 130 1.85 -5.21 41.35
CA SER U 130 1.13 -4.75 40.16
C SER U 130 0.27 -5.84 39.52
N LEU U 131 0.20 -7.00 40.17
CA LEU U 131 -0.57 -8.14 39.66
C LEU U 131 -2.05 -7.99 40.00
N PRO U 132 -2.93 -8.64 39.22
CA PRO U 132 -4.38 -8.59 39.46
C PRO U 132 -4.71 -8.99 40.91
N VAL U 133 -4.08 -10.05 41.39
CA VAL U 133 -4.05 -10.35 42.81
C VAL U 133 -2.65 -9.99 43.32
N SER U 134 -2.56 -9.00 44.20
CA SER U 134 -1.26 -8.54 44.70
C SER U 134 -0.60 -9.56 45.64
N GLY U 135 0.71 -9.46 45.78
CA GLY U 135 1.45 -10.31 46.69
C GLY U 135 1.00 -10.14 48.13
N THR U 136 0.74 -8.90 48.53
CA THR U 136 0.27 -8.63 49.90
C THR U 136 -1.10 -9.24 50.14
N THR U 137 -1.92 -9.32 49.10
CA THR U 137 -3.23 -9.96 49.20
C THR U 137 -3.07 -11.47 49.43
N MET U 138 -2.16 -12.08 48.67
CA MET U 138 -1.85 -13.50 48.83
C MET U 138 -1.15 -13.78 50.17
N ASP U 139 -0.34 -12.83 50.62
CA ASP U 139 0.32 -12.92 51.93
C ASP U 139 -0.70 -12.95 53.08
N ALA U 140 -1.85 -12.33 52.88
CA ALA U 140 -2.87 -12.28 53.92
C ALA U 140 -3.73 -13.53 53.89
N ILE U 141 -3.92 -14.09 52.69
CA ILE U 141 -4.69 -15.32 52.48
C ILE U 141 -3.93 -16.54 52.97
N ALA U 142 -2.68 -16.69 52.53
CA ALA U 142 -1.77 -17.63 53.17
C ALA U 142 -1.38 -17.01 54.51
N GLY U 143 -0.94 -17.81 55.47
CA GLY U 143 -0.54 -17.25 56.75
C GLY U 143 0.88 -16.72 56.69
N VAL U 144 1.48 -16.85 55.51
CA VAL U 144 2.90 -16.59 55.31
C VAL U 144 3.10 -15.69 54.10
N THR U 145 4.35 -15.36 53.79
CA THR U 145 4.63 -14.62 52.57
C THR U 145 4.60 -15.59 51.38
N TYR U 146 3.51 -15.53 50.62
CA TYR U 146 3.27 -16.44 49.51
C TYR U 146 4.34 -16.30 48.43
N PRO U 147 4.90 -17.43 47.97
CA PRO U 147 6.00 -17.42 46.98
C PRO U 147 5.59 -16.73 45.69
N ARG U 148 6.27 -15.63 45.38
CA ARG U 148 5.92 -14.79 44.24
C ARG U 148 5.95 -15.55 42.91
N ALA U 149 6.81 -16.56 42.85
CA ALA U 149 6.99 -17.37 41.65
C ALA U 149 5.71 -18.09 41.22
N MET U 150 4.85 -18.38 42.19
CA MET U 150 3.64 -19.15 41.93
C MET U 150 2.48 -18.26 41.50
N MET U 151 2.66 -16.94 41.59
CA MET U 151 1.54 -16.02 41.36
C MET U 151 1.21 -15.79 39.89
N HIS U 152 1.07 -16.89 39.15
CA HIS U 152 0.60 -16.89 37.76
C HIS U 152 0.31 -18.31 37.33
N PRO U 153 -0.72 -18.52 36.50
CA PRO U 153 -1.08 -19.87 36.02
C PRO U 153 0.09 -20.60 35.37
N SER U 154 0.96 -19.88 34.69
CA SER U 154 2.08 -20.50 33.97
C SER U 154 3.04 -21.29 34.86
N PHE U 155 3.01 -21.01 36.16
CA PHE U 155 3.86 -21.72 37.11
C PHE U 155 3.62 -23.22 37.06
N ALA U 156 2.41 -23.62 36.69
CA ALA U 156 2.05 -25.03 36.69
C ALA U 156 2.92 -25.83 35.72
N GLY U 157 3.45 -25.14 34.72
CA GLY U 157 4.26 -25.78 33.70
C GLY U 157 5.60 -26.30 34.18
N ILE U 158 6.06 -25.82 35.34
CA ILE U 158 7.33 -26.28 35.89
C ILE U 158 7.15 -27.20 37.10
N ILE U 159 5.91 -27.58 37.38
CA ILE U 159 5.65 -28.49 38.51
C ILE U 159 5.90 -29.95 38.14
N ASP U 160 6.77 -30.61 38.91
CA ASP U 160 7.01 -32.04 38.76
C ASP U 160 6.19 -32.76 39.82
N LEU U 161 5.08 -33.35 39.40
CA LEU U 161 4.18 -34.03 40.32
C LEU U 161 4.79 -35.31 40.89
N ASP U 162 5.87 -35.78 40.28
CA ASP U 162 6.47 -37.05 40.66
C ASP U 162 7.69 -36.88 41.58
N LEU U 163 7.90 -35.66 42.07
CA LEU U 163 8.93 -35.39 43.08
C LEU U 163 8.67 -36.29 44.28
N PRO U 164 9.76 -36.83 44.88
CA PRO U 164 9.66 -37.75 46.01
C PRO U 164 8.88 -37.19 47.19
N ASN U 165 8.25 -38.09 47.97
CA ASN U 165 7.56 -37.73 49.20
C ASN U 165 6.37 -36.79 49.02
N GLY U 166 5.73 -36.86 47.86
CA GLY U 166 4.57 -36.05 47.57
C GLY U 166 4.85 -34.56 47.55
N ALA U 167 6.12 -34.20 47.33
CA ALA U 167 6.50 -32.80 47.27
C ALA U 167 5.80 -32.10 46.11
N GLY U 168 5.70 -32.79 44.98
CA GLY U 168 5.03 -32.26 43.80
C GLY U 168 3.57 -31.96 44.08
N ALA U 169 2.90 -32.86 44.81
CA ALA U 169 1.50 -32.67 45.15
C ALA U 169 1.35 -31.45 46.05
N THR U 170 2.28 -31.29 46.98
CA THR U 170 2.25 -30.17 47.91
C THR U 170 2.45 -28.85 47.16
N ILE U 171 3.41 -28.84 46.23
CA ILE U 171 3.63 -27.66 45.39
C ILE U 171 2.37 -27.31 44.59
N ALA U 172 1.71 -28.33 44.04
CA ALA U 172 0.47 -28.12 43.30
C ALA U 172 -0.65 -27.57 44.19
N ASP U 173 -0.71 -28.05 45.43
CA ASP U 173 -1.67 -27.53 46.40
C ASP U 173 -1.43 -26.05 46.67
N ALA U 174 -0.17 -25.70 46.93
CA ALA U 174 0.19 -24.31 47.24
C ALA U 174 -0.14 -23.38 46.06
N HIS U 175 0.06 -23.89 44.85
CA HIS U 175 -0.23 -23.10 43.67
C HIS U 175 -1.74 -22.95 43.51
N GLY U 176 -2.48 -23.98 43.91
CA GLY U 176 -3.93 -23.94 43.86
C GLY U 176 -4.51 -22.83 44.71
N LEU U 177 -3.79 -22.46 45.77
CA LEU U 177 -4.23 -21.38 46.66
C LEU U 177 -4.29 -20.05 45.91
N PHE U 178 -3.31 -19.81 45.04
CA PHE U 178 -3.30 -18.62 44.20
C PHE U 178 -4.34 -18.72 43.08
N MET U 179 -4.45 -19.91 42.51
CA MET U 179 -5.32 -20.10 41.35
C MET U 179 -6.80 -19.78 41.61
N ILE U 180 -7.27 -20.05 42.83
CA ILE U 180 -8.67 -19.73 43.15
C ILE U 180 -8.88 -18.22 43.19
N GLU U 181 -7.90 -17.50 43.72
CA GLU U 181 -7.98 -16.05 43.81
C GLU U 181 -7.86 -15.40 42.43
N PHE U 182 -6.95 -15.92 41.63
CA PHE U 182 -6.77 -15.45 40.27
C PHE U 182 -8.02 -15.71 39.43
N SER U 183 -8.60 -16.89 39.57
CA SER U 183 -9.79 -17.26 38.80
C SER U 183 -11.00 -16.38 39.19
N LYS U 184 -11.08 -16.01 40.46
CA LYS U 184 -12.17 -15.18 40.95
C LYS U 184 -12.07 -13.74 40.45
N THR U 185 -10.84 -13.24 40.31
CA THR U 185 -10.66 -11.85 39.91
C THR U 185 -10.96 -11.62 38.43
N ILE U 186 -10.57 -12.57 37.58
CA ILE U 186 -10.81 -12.43 36.14
C ILE U 186 -12.16 -12.98 35.71
N ASN U 187 -12.84 -13.68 36.61
CA ASN U 187 -14.21 -14.15 36.36
C ASN U 187 -15.11 -13.89 37.57
N PRO U 188 -15.76 -12.71 37.58
CA PRO U 188 -16.58 -12.23 38.71
C PRO U 188 -17.68 -13.20 39.10
N SER U 189 -18.20 -13.97 38.14
CA SER U 189 -19.26 -14.93 38.41
C SER U 189 -18.84 -16.04 39.36
N LEU U 190 -17.54 -16.15 39.63
CA LEU U 190 -17.00 -17.18 40.51
C LEU U 190 -16.83 -16.69 41.96
N ARG U 191 -16.99 -15.39 42.16
CA ARG U 191 -16.70 -14.77 43.45
C ARG U 191 -17.65 -15.16 44.57
N THR U 192 -18.84 -15.63 44.19
CA THR U 192 -19.84 -16.08 45.17
C THR U 192 -19.71 -17.59 45.43
N LYS U 193 -18.91 -18.26 44.61
CA LYS U 193 -18.80 -19.72 44.65
C LYS U 193 -17.86 -20.22 45.73
N GLN U 194 -18.05 -21.48 46.12
CA GLN U 194 -17.17 -22.13 47.10
C GLN U 194 -15.82 -22.46 46.50
N ALA U 195 -14.83 -22.71 47.36
CA ALA U 195 -13.45 -22.97 46.93
C ALA U 195 -13.32 -24.12 45.94
N ASN U 196 -13.98 -25.24 46.24
CA ASN U 196 -13.89 -26.42 45.39
C ASN U 196 -14.60 -26.22 44.06
N GLU U 197 -15.62 -25.37 44.04
CA GLU U 197 -16.32 -25.02 42.81
C GLU U 197 -15.41 -24.20 41.91
N VAL U 198 -14.68 -23.25 42.50
CA VAL U 198 -13.73 -22.45 41.75
C VAL U 198 -12.59 -23.33 41.24
N ALA U 199 -12.11 -24.22 42.10
CA ALA U 199 -11.03 -25.14 41.71
C ALA U 199 -11.43 -25.97 40.50
N ALA U 200 -12.68 -26.40 40.46
CA ALA U 200 -13.19 -27.20 39.34
C ALA U 200 -13.10 -26.47 38.00
N THR U 201 -13.06 -25.14 38.04
CA THR U 201 -12.97 -24.35 36.81
C THR U 201 -11.57 -24.34 36.20
N PHE U 202 -10.54 -24.60 37.02
CA PHE U 202 -9.18 -24.58 36.50
C PHE U 202 -8.42 -25.91 36.53
N GLU U 203 -8.84 -26.87 37.33
CA GLU U 203 -7.97 -28.04 37.54
C GLU U 203 -7.73 -28.95 36.33
N LYS U 204 -8.60 -28.90 35.34
CA LYS U 204 -8.39 -29.70 34.13
C LYS U 204 -7.29 -29.15 33.20
N PRO U 205 -7.35 -27.85 32.83
CA PRO U 205 -6.21 -27.33 32.06
C PRO U 205 -4.95 -27.22 32.90
N ASN U 206 -5.12 -27.02 34.21
CA ASN U 206 -4.01 -26.99 35.16
C ASN U 206 -3.27 -28.32 35.21
N MET U 207 -4.02 -29.42 35.21
CA MET U 207 -3.42 -30.76 35.20
C MET U 207 -2.68 -31.02 33.90
N ALA U 208 -3.24 -30.55 32.79
CA ALA U 208 -2.60 -30.69 31.49
C ALA U 208 -1.24 -29.99 31.48
N ALA U 209 -1.16 -28.87 32.20
CA ALA U 209 0.07 -28.10 32.29
C ALA U 209 1.13 -28.81 33.12
N MET U 210 0.72 -29.35 34.26
CA MET U 210 1.63 -30.03 35.17
C MET U 210 2.17 -31.34 34.57
N SER U 211 1.35 -32.00 33.77
CA SER U 211 1.74 -33.28 33.17
C SER U 211 2.33 -33.11 31.77
N GLY U 212 2.60 -31.86 31.39
CA GLY U 212 3.26 -31.58 30.13
C GLY U 212 4.66 -32.17 30.09
N ARG U 213 5.17 -32.41 28.89
CA ARG U 213 6.46 -33.07 28.74
C ARG U 213 7.48 -32.17 28.02
N PHE U 214 7.16 -30.90 27.87
CA PHE U 214 8.08 -29.94 27.29
C PHE U 214 9.38 -29.88 28.08
N PHE U 215 9.27 -29.73 29.40
CA PHE U 215 10.42 -29.77 30.29
C PHE U 215 10.60 -31.17 30.87
N THR U 216 11.85 -31.65 30.92
CA THR U 216 12.14 -32.91 31.58
C THR U 216 11.97 -32.75 33.09
N ARG U 217 12.00 -33.86 33.81
CA ARG U 217 11.86 -33.81 35.27
C ARG U 217 13.04 -33.09 35.91
N GLU U 218 14.19 -33.19 35.28
CA GLU U 218 15.41 -32.56 35.77
C GLU U 218 15.40 -31.07 35.44
N ASP U 219 14.71 -30.72 34.35
CA ASP U 219 14.52 -29.32 34.01
C ASP U 219 13.66 -28.65 35.08
N LYS U 220 12.56 -29.30 35.44
CA LYS U 220 11.63 -28.78 36.43
C LYS U 220 12.28 -28.67 37.80
N LYS U 221 13.07 -29.69 38.16
CA LYS U 221 13.76 -29.69 39.44
C LYS U 221 14.67 -28.47 39.52
N LYS U 222 15.41 -28.21 38.44
CA LYS U 222 16.33 -27.09 38.40
C LYS U 222 15.60 -25.76 38.51
N LEU U 223 14.47 -25.65 37.80
CA LEU U 223 13.64 -24.45 37.84
C LEU U 223 13.08 -24.19 39.24
N LEU U 224 12.52 -25.22 39.86
CA LEU U 224 11.93 -25.11 41.18
C LEU U 224 12.96 -24.73 42.24
N ILE U 225 14.19 -25.23 42.10
CA ILE U 225 15.29 -24.86 42.99
C ILE U 225 15.71 -23.40 42.73
N ALA U 226 15.89 -23.05 41.46
CA ALA U 226 16.35 -21.73 41.07
C ALA U 226 15.42 -20.62 41.57
N VAL U 227 14.14 -20.96 41.73
CA VAL U 227 13.15 -19.97 42.09
C VAL U 227 12.71 -20.11 43.55
N GLY U 228 13.36 -21.02 44.28
CA GLY U 228 13.25 -21.08 45.73
C GLY U 228 12.10 -21.88 46.33
N ILE U 229 11.35 -22.58 45.47
CA ILE U 229 10.25 -23.43 45.93
C ILE U 229 10.78 -24.61 46.75
N ILE U 230 11.92 -25.12 46.30
CA ILE U 230 12.54 -26.29 46.91
C ILE U 230 14.06 -26.08 46.93
N ASP U 231 14.78 -26.76 47.83
CA ASP U 231 16.23 -26.59 47.88
C ASP U 231 17.01 -27.73 47.19
N GLU U 232 18.33 -27.68 47.28
CA GLU U 232 19.20 -28.71 46.70
C GLU U 232 18.87 -30.11 47.19
N ASP U 233 18.48 -30.22 48.46
CA ASP U 233 18.15 -31.51 49.06
C ASP U 233 16.68 -31.86 48.87
N LEU U 234 16.02 -31.09 48.00
CA LEU U 234 14.60 -31.28 47.68
C LEU U 234 13.67 -31.06 48.88
N VAL U 235 14.10 -30.21 49.81
CA VAL U 235 13.27 -29.82 50.94
C VAL U 235 12.40 -28.62 50.57
N LEU U 236 11.09 -28.75 50.81
CA LEU U 236 10.14 -27.66 50.53
C LEU U 236 10.32 -26.49 51.48
N ALA U 237 10.13 -25.27 50.95
CA ALA U 237 10.10 -24.07 51.80
C ALA U 237 8.81 -24.07 52.62
N SER U 238 8.89 -23.62 53.86
CA SER U 238 7.73 -23.66 54.77
C SER U 238 6.53 -22.90 54.21
N ALA U 239 6.79 -21.80 53.51
CA ALA U 239 5.72 -21.00 52.92
C ALA U 239 4.90 -21.85 51.94
N VAL U 240 5.58 -22.76 51.26
CA VAL U 240 4.92 -23.66 50.31
C VAL U 240 4.02 -24.67 51.01
N VAL U 241 4.53 -25.32 52.06
CA VAL U 241 3.75 -26.32 52.77
C VAL U 241 2.58 -25.71 53.57
N ARG U 242 2.76 -24.50 54.06
CA ARG U 242 1.70 -23.82 54.81
C ARG U 242 0.63 -23.28 53.87
N SER U 243 1.04 -22.82 52.69
CA SER U 243 0.07 -22.41 51.66
C SER U 243 -0.70 -23.61 51.17
N ALA U 244 -0.03 -24.75 51.12
CA ALA U 244 -0.64 -25.98 50.65
C ALA U 244 -1.76 -26.45 51.58
N GLU U 245 -1.52 -26.38 52.88
CA GLU U 245 -2.53 -26.86 53.83
C GLU U 245 -3.72 -25.90 53.94
N LYS U 246 -3.50 -24.62 53.63
CA LYS U 246 -4.61 -23.67 53.51
C LYS U 246 -5.53 -24.09 52.37
N TYR U 247 -4.92 -24.48 51.26
CA TYR U 247 -5.67 -24.88 50.06
C TYR U 247 -6.48 -26.14 50.30
N ARG U 248 -5.83 -27.14 50.91
CA ARG U 248 -6.51 -28.41 51.21
C ARG U 248 -7.69 -28.21 52.16
N ALA U 249 -7.55 -27.26 53.09
CA ALA U 249 -8.60 -26.97 54.06
C ALA U 249 -9.82 -26.32 53.39
N LYS U 250 -9.56 -25.44 52.43
CA LYS U 250 -10.61 -24.73 51.70
C LYS U 250 -11.45 -25.67 50.85
N VAL U 251 -10.79 -26.60 50.16
CA VAL U 251 -11.45 -27.45 49.17
C VAL U 251 -11.95 -28.76 49.76
N GLU V 4 14.79 -31.04 23.19
CA GLU V 4 14.93 -30.42 21.87
C GLU V 4 15.80 -29.16 21.93
N ASN V 5 15.74 -28.35 20.88
CA ASN V 5 16.45 -27.08 20.87
C ASN V 5 15.55 -25.93 21.30
N TYR V 6 14.26 -26.05 21.00
CA TYR V 6 13.26 -25.10 21.46
C TYR V 6 13.10 -25.12 22.98
N ARG V 7 13.18 -26.32 23.55
CA ARG V 7 13.22 -26.48 24.99
C ARG V 7 14.43 -25.76 25.60
N ASP V 8 15.60 -25.92 24.97
CA ASP V 8 16.83 -25.24 25.40
C ASP V 8 16.69 -23.72 25.38
N ILE V 9 16.05 -23.20 24.35
CA ILE V 9 15.80 -21.77 24.19
C ILE V 9 14.98 -21.20 25.36
N ALA V 10 13.88 -21.87 25.69
CA ALA V 10 13.03 -21.46 26.81
C ALA V 10 13.77 -21.63 28.13
N LEU V 11 14.57 -22.68 28.22
CA LEU V 11 15.38 -22.94 29.42
C LEU V 11 16.39 -21.81 29.68
N ALA V 12 16.99 -21.29 28.61
CA ALA V 12 17.99 -20.23 28.72
C ALA V 12 17.41 -18.88 29.15
N PHE V 13 16.09 -18.76 29.15
CA PHE V 13 15.47 -17.56 29.69
C PHE V 13 15.66 -17.43 31.19
N LEU V 14 16.01 -18.53 31.84
CA LEU V 14 16.31 -18.52 33.26
C LEU V 14 17.51 -17.60 33.50
N ASP V 15 18.46 -17.63 32.57
CA ASP V 15 19.67 -16.82 32.67
C ASP V 15 19.46 -15.42 32.14
N GLU V 16 18.28 -15.16 31.60
CA GLU V 16 17.98 -13.83 31.05
C GLU V 16 17.53 -12.88 32.16
N SER V 17 17.88 -11.61 32.01
CA SER V 17 17.78 -10.65 33.11
C SER V 17 16.37 -10.19 33.44
N ALA V 18 16.26 -9.49 34.57
CA ALA V 18 15.00 -8.92 35.05
C ALA V 18 15.30 -7.69 35.89
N ASP V 19 15.84 -6.65 35.25
CA ASP V 19 16.17 -5.40 35.91
C ASP V 19 14.88 -4.71 36.38
N SER V 20 14.82 -4.40 37.68
CA SER V 20 13.63 -3.78 38.28
C SER V 20 13.27 -2.46 37.62
N GLY V 21 14.28 -1.64 37.31
CA GLY V 21 14.06 -0.35 36.70
C GLY V 21 13.47 -0.45 35.29
N THR V 22 14.00 -1.38 34.51
CA THR V 22 13.53 -1.61 33.15
C THR V 22 12.10 -2.13 33.12
N ILE V 23 11.83 -3.05 34.04
CA ILE V 23 10.48 -3.62 34.17
C ILE V 23 9.46 -2.58 34.65
N ASN V 24 9.82 -1.80 35.66
CA ASN V 24 8.93 -0.77 36.19
C ASN V 24 8.61 0.29 35.14
N ALA V 25 9.57 0.54 34.24
CA ALA V 25 9.33 1.45 33.13
C ALA V 25 8.21 0.95 32.22
N TRP V 26 8.23 -0.36 31.95
CA TRP V 26 7.19 -1.01 31.16
C TRP V 26 5.83 -0.99 31.85
N VAL V 27 5.84 -1.21 33.15
CA VAL V 27 4.61 -1.15 33.96
C VAL V 27 3.94 0.21 33.80
N ASN V 28 4.74 1.27 33.89
CA ASN V 28 4.20 2.63 33.75
C ASN V 28 3.66 2.91 32.36
N GLU V 29 4.31 2.36 31.33
CA GLU V 29 3.83 2.49 29.96
C GLU V 29 2.51 1.76 29.79
N PHE V 30 2.48 0.52 30.27
CA PHE V 30 1.34 -0.36 30.09
C PHE V 30 0.24 -0.11 31.11
N ALA V 31 0.51 0.80 32.06
CA ALA V 31 -0.43 1.11 33.13
C ALA V 31 -1.81 1.51 32.60
N TYR V 32 -2.84 1.20 33.38
CA TYR V 32 -4.21 1.62 33.06
C TYR V 32 -4.32 3.15 33.00
N GLN V 33 -4.93 3.65 31.93
CA GLN V 33 -5.22 5.08 31.80
C GLN V 33 -6.68 5.24 31.42
N GLY V 34 -7.45 5.85 32.32
CA GLY V 34 -8.87 6.05 32.10
C GLY V 34 -9.16 6.83 30.84
N PHE V 35 -8.51 7.98 30.69
CA PHE V 35 -8.70 8.83 29.52
C PHE V 35 -7.54 9.82 29.40
N ASP V 36 -7.39 10.42 28.22
CA ASP V 36 -6.38 11.44 27.99
C ASP V 36 -7.09 12.78 27.83
N PRO V 37 -6.86 13.71 28.78
CA PRO V 37 -7.46 15.04 28.75
C PRO V 37 -7.15 15.74 27.43
N LYS V 38 -5.91 15.59 26.95
CA LYS V 38 -5.48 16.14 25.67
C LYS V 38 -6.42 15.72 24.54
N ARG V 39 -6.72 14.42 24.51
CA ARG V 39 -7.59 13.85 23.48
C ARG V 39 -9.00 14.40 23.62
N ILE V 40 -9.41 14.67 24.85
CA ILE V 40 -10.75 15.18 25.15
C ILE V 40 -10.98 16.58 24.59
N VAL V 41 -10.07 17.51 24.87
CA VAL V 41 -10.23 18.87 24.36
C VAL V 41 -10.12 18.89 22.84
N GLN V 42 -9.35 17.95 22.30
CA GLN V 42 -9.22 17.83 20.85
C GLN V 42 -10.55 17.46 20.20
N LEU V 43 -11.15 16.38 20.69
CA LEU V 43 -12.40 15.87 20.16
C LEU V 43 -13.55 16.86 20.33
N VAL V 44 -13.56 17.56 21.47
CA VAL V 44 -14.57 18.59 21.72
C VAL V 44 -14.47 19.71 20.69
N LYS V 45 -13.27 20.22 20.47
CA LYS V 45 -13.05 21.30 19.51
C LYS V 45 -13.35 20.85 18.09
N GLU V 46 -12.91 19.64 17.74
CA GLU V 46 -13.12 19.10 16.40
C GLU V 46 -14.60 18.88 16.10
N ARG V 47 -15.27 18.12 16.96
CA ARG V 47 -16.68 17.80 16.77
C ARG V 47 -17.58 19.03 16.87
N GLY V 48 -17.20 19.98 17.72
CA GLY V 48 -17.96 21.21 17.88
C GLY V 48 -17.91 22.12 16.66
N THR V 49 -16.70 22.37 16.16
CA THR V 49 -16.50 23.22 14.99
C THR V 49 -17.12 22.59 13.74
N ALA V 50 -17.10 21.26 13.67
CA ALA V 50 -17.64 20.53 12.53
C ALA V 50 -19.15 20.72 12.38
N LYS V 51 -19.79 21.21 13.43
CA LYS V 51 -21.23 21.44 13.42
C LYS V 51 -21.53 22.93 13.53
N GLY V 52 -20.50 23.76 13.37
CA GLY V 52 -20.65 25.20 13.43
C GLY V 52 -21.21 25.68 14.76
N ARG V 53 -20.58 25.26 15.85
CA ARG V 53 -21.07 25.58 17.17
C ARG V 53 -20.07 26.41 17.97
N ASP V 54 -20.58 27.24 18.87
CA ASP V 54 -19.74 27.88 19.87
C ASP V 54 -19.34 26.79 20.85
N TRP V 55 -18.31 26.02 20.49
CA TRP V 55 -17.92 24.85 21.28
C TRP V 55 -17.41 25.23 22.67
N LYS V 56 -16.79 26.40 22.78
CA LYS V 56 -16.34 26.88 24.08
C LYS V 56 -17.53 27.09 25.01
N LYS V 57 -18.64 27.54 24.45
CA LYS V 57 -19.86 27.74 25.22
C LYS V 57 -20.48 26.39 25.57
N ASP V 58 -20.41 25.44 24.64
CA ASP V 58 -20.91 24.09 24.87
C ASP V 58 -20.14 23.39 26.00
N VAL V 59 -18.83 23.65 26.07
CA VAL V 59 -17.99 23.14 27.15
C VAL V 59 -18.54 23.61 28.50
N LYS V 60 -18.84 24.90 28.59
CA LYS V 60 -19.37 25.47 29.82
C LYS V 60 -20.68 24.83 30.23
N MET V 61 -21.58 24.65 29.27
CA MET V 61 -22.87 24.03 29.53
C MET V 61 -22.71 22.58 29.96
N MET V 62 -21.82 21.85 29.30
CA MET V 62 -21.59 20.45 29.64
C MET V 62 -21.00 20.32 31.04
N ILE V 63 -20.14 21.26 31.42
CA ILE V 63 -19.54 21.26 32.76
C ILE V 63 -20.61 21.54 33.81
N VAL V 64 -21.39 22.59 33.63
CA VAL V 64 -22.48 22.91 34.54
C VAL V 64 -23.45 21.74 34.66
N LEU V 65 -23.80 21.16 33.50
CA LEU V 65 -24.65 19.98 33.45
C LEU V 65 -24.04 18.84 34.26
N ASN V 66 -22.73 18.68 34.14
CA ASN V 66 -22.03 17.63 34.89
C ASN V 66 -22.02 17.88 36.39
N LEU V 67 -21.85 19.15 36.78
CA LEU V 67 -21.80 19.54 38.18
C LEU V 67 -23.13 19.31 38.90
N VAL V 68 -24.24 19.55 38.23
CA VAL V 68 -25.55 19.48 38.89
C VAL V 68 -26.31 18.18 38.63
N ARG V 69 -25.95 17.44 37.59
CA ARG V 69 -26.70 16.24 37.23
C ARG V 69 -25.88 14.94 37.18
N GLY V 70 -24.57 15.06 37.08
CA GLY V 70 -23.71 13.89 37.08
C GLY V 70 -23.21 13.45 35.71
N ASN V 71 -23.11 12.15 35.51
CA ASN V 71 -22.44 11.61 34.33
C ASN V 71 -23.31 10.65 33.51
N LYS V 72 -24.63 10.79 33.63
CA LYS V 72 -25.54 9.93 32.87
C LYS V 72 -26.54 10.75 32.04
N PRO V 73 -26.11 11.18 30.84
CA PRO V 73 -26.85 12.12 29.98
C PRO V 73 -28.23 11.61 29.57
N GLU V 74 -28.34 10.37 29.13
CA GLU V 74 -29.63 9.82 28.70
C GLU V 74 -30.62 9.71 29.86
N ALA V 75 -30.11 9.38 31.03
CA ALA V 75 -30.94 9.20 32.22
C ALA V 75 -31.40 10.53 32.82
N MET V 76 -30.54 11.54 32.78
CA MET V 76 -30.87 12.84 33.38
C MET V 76 -31.94 13.59 32.58
N MET V 77 -32.09 13.26 31.30
CA MET V 77 -33.12 13.89 30.46
C MET V 77 -34.53 13.42 30.82
N LYS V 78 -34.63 12.27 31.48
CA LYS V 78 -35.92 11.73 31.87
C LYS V 78 -36.51 12.47 33.07
N LYS V 79 -35.66 13.25 33.74
CA LYS V 79 -36.09 14.05 34.88
C LYS V 79 -35.55 15.47 34.74
N MET V 80 -36.01 16.18 33.71
CA MET V 80 -35.49 17.51 33.40
C MET V 80 -36.58 18.29 32.69
N SER V 81 -36.50 19.62 32.75
CA SER V 81 -37.44 20.46 31.99
C SER V 81 -37.28 20.17 30.51
N GLU V 82 -38.37 20.32 29.76
CA GLU V 82 -38.38 20.05 28.32
C GLU V 82 -37.33 20.90 27.61
N LYS V 83 -37.17 22.13 28.08
CA LYS V 83 -36.20 23.06 27.51
C LYS V 83 -34.77 22.56 27.69
N GLY V 84 -34.43 22.21 28.91
CA GLY V 84 -33.09 21.72 29.22
C GLY V 84 -32.75 20.40 28.55
N ALA V 85 -33.72 19.48 28.54
CA ALA V 85 -33.52 18.18 27.91
C ALA V 85 -33.26 18.31 26.41
N SER V 86 -33.87 19.33 25.81
CA SER V 86 -33.70 19.58 24.37
C SER V 86 -32.25 19.90 24.01
N ILE V 87 -31.60 20.71 24.83
CA ILE V 87 -30.21 21.09 24.56
C ILE V 87 -29.22 20.00 24.98
N VAL V 88 -29.59 19.21 25.99
CA VAL V 88 -28.78 18.06 26.39
C VAL V 88 -28.74 17.06 25.24
N ALA V 89 -29.90 16.83 24.62
CA ALA V 89 -30.01 15.95 23.47
C ALA V 89 -29.05 16.37 22.35
N ASN V 90 -28.96 17.68 22.12
CA ASN V 90 -28.01 18.23 21.15
C ASN V 90 -26.56 17.91 21.53
N LEU V 91 -26.20 18.26 22.75
CA LEU V 91 -24.85 18.02 23.27
C LEU V 91 -24.44 16.55 23.11
N ILE V 92 -25.37 15.64 23.39
CA ILE V 92 -25.14 14.22 23.20
C ILE V 92 -24.88 13.93 21.72
N SER V 93 -25.64 14.57 20.84
CA SER V 93 -25.55 14.35 19.41
C SER V 93 -24.20 14.81 18.82
N VAL V 94 -23.85 16.07 19.03
CA VAL V 94 -22.64 16.61 18.41
C VAL V 94 -21.33 16.13 19.06
N TYR V 95 -21.36 15.90 20.38
CA TYR V 95 -20.16 15.47 21.08
C TYR V 95 -20.08 13.96 21.32
N GLN V 96 -21.13 13.26 20.91
CA GLN V 96 -21.21 11.81 21.04
C GLN V 96 -20.98 11.38 22.48
N LEU V 97 -21.68 12.05 23.39
CA LEU V 97 -21.53 11.80 24.82
C LEU V 97 -21.95 10.38 25.21
N LYS V 98 -21.12 9.71 25.99
CA LYS V 98 -21.45 8.41 26.55
C LYS V 98 -21.38 8.53 28.06
N GLU V 99 -21.71 7.45 28.76
CA GLU V 99 -21.67 7.47 30.22
C GLU V 99 -20.68 6.44 30.76
N GLY V 100 -20.41 6.51 32.05
CA GLY V 100 -19.53 5.55 32.71
C GLY V 100 -18.06 5.72 32.40
N ASN V 101 -17.37 4.60 32.21
CA ASN V 101 -15.94 4.61 31.92
C ASN V 101 -15.58 3.90 30.61
N PRO V 102 -15.87 4.55 29.46
CA PRO V 102 -15.53 3.96 28.16
C PRO V 102 -14.09 4.25 27.77
N GLY V 103 -13.74 4.01 26.50
CA GLY V 103 -12.38 4.20 26.02
C GLY V 103 -11.89 5.63 26.09
N ARG V 104 -10.60 5.82 25.82
CA ARG V 104 -9.97 7.14 25.87
C ARG V 104 -10.42 8.07 24.74
N ASP V 105 -10.94 7.48 23.66
CA ASP V 105 -11.44 8.24 22.51
C ASP V 105 -12.94 8.55 22.66
N THR V 106 -13.43 8.47 23.89
CA THR V 106 -14.85 8.69 24.16
C THR V 106 -15.08 9.82 25.16
N ILE V 107 -15.99 10.74 24.81
CA ILE V 107 -16.26 11.89 25.65
C ILE V 107 -17.38 11.61 26.66
N THR V 108 -17.12 11.93 27.92
CA THR V 108 -18.15 11.92 28.96
C THR V 108 -18.19 13.30 29.61
N LEU V 109 -19.31 13.62 30.26
CA LEU V 109 -19.45 14.90 30.95
C LEU V 109 -18.38 15.04 32.03
N SER V 110 -18.10 13.93 32.72
CA SER V 110 -17.08 13.90 33.76
C SER V 110 -15.71 14.28 33.23
N ARG V 111 -15.39 13.79 32.03
CA ARG V 111 -14.08 14.04 31.43
C ARG V 111 -13.95 15.47 30.91
N VAL V 112 -15.08 16.07 30.54
CA VAL V 112 -15.08 17.47 30.08
C VAL V 112 -14.72 18.40 31.25
N SER V 113 -15.39 18.19 32.39
CA SER V 113 -15.09 18.93 33.61
C SER V 113 -13.64 18.75 34.07
N ALA V 114 -13.09 17.57 33.79
CA ALA V 114 -11.70 17.28 34.17
C ALA V 114 -10.71 17.94 33.21
N ALA V 115 -10.99 17.83 31.90
CA ALA V 115 -10.09 18.39 30.89
C ALA V 115 -10.09 19.91 30.92
N PHE V 116 -11.28 20.49 31.12
CA PHE V 116 -11.44 21.94 31.15
C PHE V 116 -11.59 22.45 32.58
N VAL V 117 -10.88 21.81 33.50
CA VAL V 117 -10.93 22.19 34.91
C VAL V 117 -10.62 23.67 35.25
N PRO V 118 -9.78 24.37 34.45
CA PRO V 118 -9.64 25.80 34.78
C PRO V 118 -10.95 26.59 34.71
N TRP V 119 -11.97 26.08 34.01
CA TRP V 119 -13.27 26.74 34.02
C TRP V 119 -14.20 26.12 35.08
N THR V 120 -14.15 24.79 35.18
CA THR V 120 -14.91 24.05 36.19
C THR V 120 -14.70 24.65 37.57
N VAL V 121 -13.45 24.98 37.86
CA VAL V 121 -13.04 25.48 39.16
C VAL V 121 -13.63 26.86 39.44
N GLN V 122 -14.02 27.57 38.39
CA GLN V 122 -14.62 28.89 38.53
C GLN V 122 -16.14 28.82 38.63
N ALA V 123 -16.73 27.86 37.92
CA ALA V 123 -18.17 27.65 37.98
C ALA V 123 -18.60 27.23 39.39
N LEU V 124 -17.76 26.42 40.04
CA LEU V 124 -18.02 25.96 41.40
C LEU V 124 -18.22 27.12 42.37
N ARG V 125 -17.54 28.22 42.10
CA ARG V 125 -17.62 29.42 42.93
C ARG V 125 -19.03 30.05 42.86
N VAL V 126 -19.78 29.69 41.82
CA VAL V 126 -21.08 30.30 41.55
C VAL V 126 -22.28 29.43 41.95
N LEU V 127 -22.22 28.13 41.63
CA LEU V 127 -23.37 27.24 41.82
C LEU V 127 -23.22 26.24 42.98
N SER V 128 -22.45 26.60 44.00
CA SER V 128 -22.13 25.67 45.09
C SER V 128 -23.34 25.16 45.88
N GLU V 129 -24.45 25.89 45.83
CA GLU V 129 -25.66 25.48 46.53
C GLU V 129 -26.57 24.56 45.71
N SER V 130 -26.20 24.34 44.45
CA SER V 130 -26.96 23.48 43.56
C SER V 130 -26.28 22.13 43.34
N LEU V 131 -25.17 21.92 44.05
CA LEU V 131 -24.43 20.66 44.00
C LEU V 131 -25.08 19.58 44.86
N PRO V 132 -24.81 18.29 44.56
CA PRO V 132 -25.35 17.20 45.37
C PRO V 132 -24.97 17.38 46.85
N VAL V 133 -23.72 17.76 47.09
CA VAL V 133 -23.31 18.21 48.42
C VAL V 133 -23.14 19.73 48.35
N SER V 134 -23.94 20.46 49.12
CA SER V 134 -23.92 21.93 49.05
C SER V 134 -22.71 22.53 49.76
N GLY V 135 -22.39 23.77 49.41
CA GLY V 135 -21.31 24.50 50.05
C GLY V 135 -21.59 24.73 51.53
N THR V 136 -22.86 24.95 51.87
CA THR V 136 -23.25 25.18 53.26
C THR V 136 -23.05 23.90 54.09
N THR V 137 -23.25 22.75 53.45
CA THR V 137 -23.00 21.46 54.10
C THR V 137 -21.53 21.31 54.43
N MET V 138 -20.67 21.60 53.45
CA MET V 138 -19.23 21.55 53.64
C MET V 138 -18.76 22.57 54.67
N ASP V 139 -19.42 23.72 54.73
CA ASP V 139 -19.11 24.75 55.72
C ASP V 139 -19.34 24.22 57.13
N ALA V 140 -20.32 23.33 57.29
CA ALA V 140 -20.66 22.78 58.60
C ALA V 140 -19.72 21.62 58.97
N ILE V 141 -19.29 20.87 57.96
CA ILE V 141 -18.38 19.75 58.16
C ILE V 141 -16.97 20.24 58.51
N ALA V 142 -16.41 21.12 57.69
CA ALA V 142 -15.21 21.85 58.09
C ALA V 142 -15.64 22.86 59.14
N GLY V 143 -14.70 23.43 59.88
CA GLY V 143 -15.08 24.43 60.87
C GLY V 143 -15.19 25.81 60.25
N VAL V 144 -14.91 25.87 58.95
CA VAL V 144 -14.74 27.13 58.25
C VAL V 144 -15.47 27.09 56.91
N THR V 145 -15.34 28.15 56.11
CA THR V 145 -15.92 28.13 54.78
C THR V 145 -15.05 27.28 53.86
N TYR V 146 -15.58 26.13 53.45
CA TYR V 146 -14.85 25.22 52.60
C TYR V 146 -14.69 25.81 51.21
N PRO V 147 -13.43 25.86 50.71
CA PRO V 147 -13.11 26.44 49.40
C PRO V 147 -13.95 25.83 48.28
N ARG V 148 -14.79 26.65 47.65
CA ARG V 148 -15.75 26.16 46.65
C ARG V 148 -15.09 25.45 45.46
N ALA V 149 -13.86 25.83 45.16
CA ALA V 149 -13.12 25.26 44.02
C ALA V 149 -12.82 23.78 44.18
N MET V 150 -12.83 23.30 45.42
CA MET V 150 -12.49 21.90 45.71
C MET V 150 -13.71 21.00 45.59
N MET V 151 -14.88 21.60 45.42
CA MET V 151 -16.13 20.86 45.53
C MET V 151 -16.50 20.09 44.25
N HIS V 152 -15.52 19.37 43.73
CA HIS V 152 -15.71 18.43 42.61
C HIS V 152 -14.48 17.56 42.47
N PRO V 153 -14.67 16.29 42.06
CA PRO V 153 -13.54 15.37 41.87
C PRO V 153 -12.52 15.89 40.87
N SER V 154 -12.94 16.76 39.95
CA SER V 154 -12.05 17.28 38.91
C SER V 154 -10.99 18.23 39.46
N PHE V 155 -11.17 18.66 40.70
CA PHE V 155 -10.19 19.55 41.33
C PHE V 155 -8.83 18.87 41.49
N ALA V 156 -8.84 17.55 41.63
CA ALA V 156 -7.62 16.78 41.80
C ALA V 156 -6.64 17.00 40.65
N GLY V 157 -7.17 17.40 39.49
CA GLY V 157 -6.38 17.59 38.29
C GLY V 157 -5.41 18.75 38.37
N ILE V 158 -5.65 19.67 39.31
CA ILE V 158 -4.77 20.84 39.44
C ILE V 158 -3.90 20.77 40.69
N ILE V 159 -3.89 19.63 41.36
CA ILE V 159 -3.07 19.46 42.55
C ILE V 159 -1.63 19.04 42.21
N ASP V 160 -0.68 19.87 42.65
CA ASP V 160 0.74 19.54 42.53
C ASP V 160 1.21 18.90 43.84
N LEU V 161 1.40 17.58 43.80
CA LEU V 161 1.78 16.82 44.98
C LEU V 161 3.22 17.12 45.40
N ASP V 162 4.02 17.60 44.45
CA ASP V 162 5.44 17.85 44.69
C ASP V 162 5.72 19.30 45.10
N LEU V 163 4.72 19.96 45.67
CA LEU V 163 4.90 21.27 46.29
C LEU V 163 5.75 21.11 47.55
N PRO V 164 6.54 22.15 47.88
CA PRO V 164 7.44 22.09 49.04
C PRO V 164 6.71 21.91 50.37
N ASN V 165 7.37 21.30 51.35
CA ASN V 165 6.82 21.09 52.68
C ASN V 165 5.55 20.25 52.74
N GLY V 166 5.37 19.36 51.77
CA GLY V 166 4.21 18.50 51.72
C GLY V 166 2.90 19.28 51.61
N ALA V 167 2.96 20.47 51.04
CA ALA V 167 1.78 21.30 50.86
C ALA V 167 0.78 20.64 49.90
N GLY V 168 1.31 19.89 48.94
CA GLY V 168 0.47 19.15 48.01
C GLY V 168 -0.36 18.09 48.73
N ALA V 169 0.26 17.38 49.66
CA ALA V 169 -0.45 16.36 50.43
C ALA V 169 -1.53 16.98 51.30
N THR V 170 -1.25 18.20 51.80
CA THR V 170 -2.21 18.92 52.63
C THR V 170 -3.44 19.32 51.82
N ILE V 171 -3.19 19.87 50.62
CA ILE V 171 -4.25 20.22 49.68
C ILE V 171 -5.08 18.99 49.30
N ALA V 172 -4.40 17.87 49.07
CA ALA V 172 -5.07 16.61 48.73
C ALA V 172 -5.97 16.14 49.86
N ASP V 173 -5.51 16.31 51.11
CA ASP V 173 -6.29 15.93 52.27
C ASP V 173 -7.52 16.83 52.42
N ALA V 174 -7.33 18.12 52.18
CA ALA V 174 -8.42 19.09 52.24
C ALA V 174 -9.48 18.77 51.20
N HIS V 175 -9.04 18.34 50.01
CA HIS V 175 -9.94 17.91 48.96
C HIS V 175 -10.67 16.62 49.34
N GLY V 176 -9.97 15.76 50.09
CA GLY V 176 -10.54 14.50 50.52
C GLY V 176 -11.70 14.66 51.48
N LEU V 177 -11.70 15.79 52.20
CA LEU V 177 -12.78 16.08 53.13
C LEU V 177 -14.10 16.19 52.38
N PHE V 178 -14.03 16.75 51.18
CA PHE V 178 -15.20 16.87 50.33
C PHE V 178 -15.51 15.54 49.64
N MET V 179 -14.46 14.89 49.17
CA MET V 179 -14.61 13.66 48.40
C MET V 179 -15.31 12.53 49.17
N ILE V 180 -15.10 12.46 50.48
CA ILE V 180 -15.76 11.44 51.29
C ILE V 180 -17.25 11.72 51.39
N GLU V 181 -17.60 13.00 51.47
CA GLU V 181 -19.00 13.42 51.55
C GLU V 181 -19.70 13.24 50.21
N PHE V 182 -19.01 13.62 49.14
CA PHE V 182 -19.51 13.45 47.79
C PHE V 182 -19.77 11.98 47.50
N SER V 183 -18.82 11.13 47.88
CA SER V 183 -18.94 9.70 47.65
C SER V 183 -20.12 9.13 48.44
N LYS V 184 -20.36 9.67 49.62
CA LYS V 184 -21.41 9.19 50.50
C LYS V 184 -22.81 9.48 49.99
N THR V 185 -22.97 10.55 49.21
CA THR V 185 -24.30 10.89 48.71
C THR V 185 -24.60 10.27 47.33
N ILE V 186 -23.62 10.29 46.42
CA ILE V 186 -23.83 9.67 45.11
C ILE V 186 -23.84 8.14 45.20
N ASN V 187 -23.20 7.61 46.24
CA ASN V 187 -23.24 6.18 46.54
C ASN V 187 -23.59 5.93 48.01
N PRO V 188 -24.88 6.07 48.35
CA PRO V 188 -25.43 6.06 49.72
C PRO V 188 -25.12 4.78 50.50
N SER V 189 -24.66 3.74 49.81
CA SER V 189 -24.29 2.49 50.48
C SER V 189 -23.05 2.68 51.33
N LEU V 190 -22.27 3.71 51.00
CA LEU V 190 -21.05 4.03 51.72
C LEU V 190 -21.29 4.86 52.99
N ARG V 191 -22.53 5.31 53.20
CA ARG V 191 -22.85 6.20 54.32
C ARG V 191 -22.56 5.57 55.69
N THR V 192 -22.68 4.24 55.76
CA THR V 192 -22.50 3.53 57.02
C THR V 192 -21.08 3.00 57.19
N LYS V 193 -20.25 3.23 56.19
CA LYS V 193 -18.85 2.82 56.23
C LYS V 193 -17.98 3.81 57.00
N GLN V 194 -16.83 3.36 57.47
CA GLN V 194 -15.88 4.25 58.14
C GLN V 194 -15.28 5.21 57.13
N ALA V 195 -14.84 6.38 57.60
CA ALA V 195 -14.27 7.40 56.71
C ALA V 195 -13.09 6.87 55.90
N ASN V 196 -12.22 6.10 56.53
CA ASN V 196 -11.06 5.53 55.84
C ASN V 196 -11.47 4.55 54.74
N GLU V 197 -12.56 3.82 54.98
CA GLU V 197 -13.07 2.86 54.00
C GLU V 197 -13.62 3.61 52.79
N VAL V 198 -14.32 4.71 53.05
CA VAL V 198 -14.88 5.54 51.99
C VAL V 198 -13.77 6.16 51.16
N ALA V 199 -12.72 6.64 51.83
CA ALA V 199 -11.60 7.26 51.15
C ALA V 199 -10.91 6.29 50.18
N ALA V 200 -10.93 5.01 50.53
CA ALA V 200 -10.31 3.99 49.69
C ALA V 200 -11.06 3.76 48.37
N THR V 201 -12.33 4.15 48.34
CA THR V 201 -13.15 3.94 47.14
C THR V 201 -12.80 4.89 46.00
N PHE V 202 -12.22 6.05 46.33
CA PHE V 202 -11.83 7.02 45.31
C PHE V 202 -10.32 7.30 45.30
N GLU V 203 -9.56 6.56 46.12
CA GLU V 203 -8.12 6.78 46.21
C GLU V 203 -7.46 6.63 44.86
N LYS V 204 -7.77 5.55 44.15
CA LYS V 204 -7.10 5.22 42.90
C LYS V 204 -7.32 6.23 41.75
N PRO V 205 -8.59 6.59 41.44
CA PRO V 205 -8.76 7.58 40.36
C PRO V 205 -8.34 8.99 40.76
N ASN V 206 -8.48 9.34 42.04
CA ASN V 206 -8.04 10.64 42.54
C ASN V 206 -6.52 10.80 42.44
N MET V 207 -5.80 9.72 42.75
CA MET V 207 -4.34 9.70 42.62
C MET V 207 -3.95 9.89 41.16
N ALA V 208 -4.66 9.20 40.27
CA ALA V 208 -4.38 9.27 38.84
C ALA V 208 -4.56 10.69 38.31
N ALA V 209 -5.55 11.39 38.85
CA ALA V 209 -5.82 12.77 38.46
C ALA V 209 -4.71 13.72 38.96
N MET V 210 -4.24 13.51 40.19
CA MET V 210 -3.18 14.34 40.75
C MET V 210 -1.85 14.04 40.07
N SER V 211 -1.67 12.79 39.65
CA SER V 211 -0.43 12.37 39.01
C SER V 211 -0.42 12.71 37.53
N GLY V 212 -1.54 13.24 37.04
CA GLY V 212 -1.65 13.66 35.66
C GLY V 212 -0.57 14.66 35.28
N ARG V 213 -0.06 14.51 34.06
CA ARG V 213 1.02 15.37 33.57
C ARG V 213 0.55 16.22 32.39
N PHE V 214 -0.77 16.27 32.19
CA PHE V 214 -1.37 17.14 31.18
C PHE V 214 -0.99 18.58 31.49
N PHE V 215 -1.17 18.97 32.74
CA PHE V 215 -0.72 20.28 33.21
C PHE V 215 0.64 20.17 33.87
N THR V 216 1.50 21.15 33.64
CA THR V 216 2.80 21.19 34.29
C THR V 216 2.66 21.67 35.73
N ARG V 217 3.74 21.59 36.50
CA ARG V 217 3.73 22.05 37.89
C ARG V 217 3.47 23.55 37.96
N GLU V 218 4.06 24.30 37.03
CA GLU V 218 3.84 25.74 36.95
C GLU V 218 2.39 26.05 36.60
N ASP V 219 1.81 25.24 35.72
CA ASP V 219 0.40 25.39 35.35
C ASP V 219 -0.50 25.18 36.57
N LYS V 220 -0.21 24.11 37.30
CA LYS V 220 -0.96 23.78 38.52
C LYS V 220 -0.80 24.86 39.57
N LYS V 221 0.44 25.33 39.75
CA LYS V 221 0.72 26.39 40.71
C LYS V 221 -0.09 27.65 40.39
N LYS V 222 -0.11 28.04 39.12
CA LYS V 222 -0.87 29.20 38.68
C LYS V 222 -2.37 29.01 38.93
N LEU V 223 -2.87 27.80 38.65
CA LEU V 223 -4.26 27.48 38.88
C LEU V 223 -4.63 27.57 40.36
N LEU V 224 -3.81 26.96 41.21
CA LEU V 224 -4.05 26.95 42.65
C LEU V 224 -4.03 28.35 43.25
N ILE V 225 -3.17 29.22 42.72
CA ILE V 225 -3.09 30.62 43.16
C ILE V 225 -4.32 31.40 42.68
N ALA V 226 -4.66 31.22 41.40
CA ALA V 226 -5.78 31.93 40.79
C ALA V 226 -7.12 31.63 41.44
N VAL V 227 -7.18 30.54 42.20
CA VAL V 227 -8.42 30.12 42.81
C VAL V 227 -8.36 30.13 44.34
N GLY V 228 -7.26 30.66 44.87
CA GLY V 228 -7.15 30.96 46.29
C GLY V 228 -6.76 29.84 47.24
N ILE V 229 -6.34 28.69 46.71
CA ILE V 229 -5.89 27.57 47.53
C ILE V 229 -4.55 27.91 48.18
N ILE V 230 -3.75 28.66 47.43
CA ILE V 230 -2.40 29.01 47.85
C ILE V 230 -2.10 30.42 47.33
N ASP V 231 -1.20 31.15 47.98
CA ASP V 231 -0.82 32.48 47.49
C ASP V 231 0.46 32.46 46.66
N GLU V 232 0.89 33.63 46.19
CA GLU V 232 2.08 33.74 45.34
C GLU V 232 3.33 33.28 46.07
N ASP V 233 3.28 33.32 47.40
CA ASP V 233 4.38 32.84 48.23
C ASP V 233 4.19 31.38 48.62
N LEU V 234 3.30 30.69 47.90
CA LEU V 234 3.05 29.26 48.14
C LEU V 234 2.60 28.95 49.56
N VAL V 235 1.89 29.89 50.18
CA VAL V 235 1.34 29.68 51.52
C VAL V 235 -0.12 29.24 51.46
N LEU V 236 -0.42 28.13 52.15
CA LEU V 236 -1.75 27.56 52.15
C LEU V 236 -2.77 28.48 52.82
N ALA V 237 -3.95 28.58 52.24
CA ALA V 237 -5.05 29.29 52.88
C ALA V 237 -5.44 28.56 54.17
N SER V 238 -5.80 29.32 55.20
CA SER V 238 -6.12 28.75 56.50
C SER V 238 -7.25 27.72 56.46
N ALA V 239 -8.24 27.96 55.60
CA ALA V 239 -9.37 27.04 55.46
C ALA V 239 -8.92 25.69 54.90
N VAL V 240 -7.89 25.72 54.06
CA VAL V 240 -7.35 24.49 53.46
C VAL V 240 -6.65 23.63 54.50
N VAL V 241 -5.78 24.24 55.31
CA VAL V 241 -5.07 23.49 56.36
C VAL V 241 -6.04 22.98 57.41
N ARG V 242 -7.10 23.74 57.63
CA ARG V 242 -8.18 23.34 58.53
C ARG V 242 -8.89 22.09 58.02
N SER V 243 -9.32 22.16 56.77
CA SER V 243 -10.04 21.05 56.16
C SER V 243 -9.17 19.80 56.13
N ALA V 244 -7.86 20.01 55.95
CA ALA V 244 -6.90 18.92 55.91
C ALA V 244 -6.82 18.17 57.24
N GLU V 245 -6.71 18.91 58.34
CA GLU V 245 -6.60 18.27 59.65
C GLU V 245 -7.92 17.65 60.10
N LYS V 246 -9.04 18.18 59.61
CA LYS V 246 -10.35 17.56 59.84
C LYS V 246 -10.37 16.20 59.16
N TYR V 247 -9.82 16.15 57.96
CA TYR V 247 -9.77 14.93 57.18
C TYR V 247 -8.90 13.85 57.83
N ARG V 248 -7.69 14.23 58.24
CA ARG V 248 -6.76 13.28 58.85
C ARG V 248 -7.31 12.68 60.13
N ALA V 249 -8.08 13.47 60.88
CA ALA V 249 -8.66 12.99 62.13
C ALA V 249 -9.79 12.00 61.86
N LYS V 250 -10.52 12.21 60.78
CA LYS V 250 -11.59 11.30 60.35
C LYS V 250 -11.03 9.96 59.88
N VAL V 251 -9.88 10.01 59.22
CA VAL V 251 -9.32 8.85 58.54
C VAL V 251 -8.30 8.09 59.39
N GLY V 252 -7.41 8.83 60.06
CA GLY V 252 -6.40 8.22 60.91
C GLY V 252 -4.97 8.45 60.46
N ASP W 3 -5.39 26.44 18.21
CA ASP W 3 -5.19 25.66 16.98
C ASP W 3 -4.91 24.19 17.28
N GLU W 4 -3.81 23.93 17.96
CA GLU W 4 -3.39 22.56 18.26
C GLU W 4 -2.65 22.51 19.60
N ASN W 5 -2.25 23.68 20.12
CA ASN W 5 -1.77 23.71 21.50
C ASN W 5 -2.93 23.78 22.47
N TYR W 6 -3.24 22.60 22.97
CA TYR W 6 -4.47 22.27 23.66
C TYR W 6 -4.39 22.59 25.14
N ARG W 7 -3.17 22.60 25.67
CA ARG W 7 -2.94 22.96 27.05
C ARG W 7 -3.27 24.45 27.26
N ASP W 8 -2.84 25.29 26.33
CA ASP W 8 -3.07 26.73 26.42
C ASP W 8 -4.54 27.08 26.22
N ILE W 9 -5.24 26.28 25.41
CA ILE W 9 -6.68 26.44 25.20
C ILE W 9 -7.43 26.25 26.51
N ALA W 10 -7.14 25.16 27.20
CA ALA W 10 -7.76 24.86 28.49
C ALA W 10 -7.40 25.93 29.52
N LEU W 11 -6.13 26.35 29.53
CA LEU W 11 -5.65 27.36 30.45
C LEU W 11 -6.33 28.71 30.25
N ALA W 12 -6.74 29.00 29.03
CA ALA W 12 -7.37 30.27 28.71
C ALA W 12 -8.78 30.39 29.28
N PHE W 13 -9.36 29.25 29.67
CA PHE W 13 -10.69 29.24 30.28
C PHE W 13 -10.68 29.85 31.68
N LEU W 14 -9.49 30.05 32.22
CA LEU W 14 -9.33 30.78 33.47
C LEU W 14 -9.89 32.20 33.32
N ASP W 15 -9.58 32.81 32.18
CA ASP W 15 -9.99 34.19 31.92
C ASP W 15 -11.30 34.25 31.13
N GLU W 16 -11.90 33.08 30.89
CA GLU W 16 -13.18 33.01 30.19
C GLU W 16 -14.32 33.35 31.16
N SER W 17 -15.38 33.98 30.64
CA SER W 17 -16.45 34.52 31.48
C SER W 17 -17.24 33.46 32.25
N ALA W 18 -17.38 33.69 33.54
CA ALA W 18 -18.20 32.83 34.39
C ALA W 18 -19.35 33.67 34.98
N ASP W 19 -20.23 34.13 34.11
CA ASP W 19 -21.33 35.02 34.49
C ASP W 19 -22.35 34.35 35.41
N SER W 20 -22.52 34.90 36.62
CA SER W 20 -23.43 34.34 37.60
C SER W 20 -24.85 34.19 37.06
N GLY W 21 -25.33 35.20 36.33
CA GLY W 21 -26.68 35.20 35.80
C GLY W 21 -26.96 34.09 34.81
N THR W 22 -26.09 33.95 33.81
CA THR W 22 -26.27 32.94 32.78
C THR W 22 -26.08 31.53 33.36
N ILE W 23 -25.12 31.39 34.27
CA ILE W 23 -24.86 30.10 34.91
C ILE W 23 -26.09 29.63 35.70
N ASN W 24 -26.69 30.51 36.48
CA ASN W 24 -27.87 30.16 37.27
C ASN W 24 -29.07 29.81 36.39
N ALA W 25 -29.13 30.41 35.21
CA ALA W 25 -30.20 30.11 34.25
C ALA W 25 -30.03 28.70 33.70
N TRP W 26 -28.79 28.31 33.43
CA TRP W 26 -28.49 26.96 32.99
C TRP W 26 -28.84 25.95 34.07
N VAL W 27 -28.46 26.26 35.31
CA VAL W 27 -28.77 25.43 36.46
C VAL W 27 -30.27 25.16 36.52
N ASN W 28 -31.06 26.22 36.35
CA ASN W 28 -32.52 26.11 36.37
C ASN W 28 -33.09 25.23 35.25
N GLU W 29 -32.45 25.27 34.07
CA GLU W 29 -32.87 24.43 32.94
C GLU W 29 -32.49 22.97 33.18
N PHE W 30 -31.30 22.76 33.72
CA PHE W 30 -30.73 21.42 33.86
C PHE W 30 -31.15 20.71 35.14
N ALA W 31 -31.64 21.46 36.11
CA ALA W 31 -31.96 20.91 37.42
C ALA W 31 -32.89 19.69 37.35
N TYR W 32 -32.80 18.84 38.37
CA TYR W 32 -33.70 17.70 38.48
C TYR W 32 -35.16 18.16 38.46
N GLN W 33 -35.98 17.47 37.70
CA GLN W 33 -37.42 17.78 37.66
C GLN W 33 -38.22 16.50 37.67
N GLY W 34 -38.95 16.28 38.76
CA GLY W 34 -39.75 15.08 38.94
C GLY W 34 -40.45 15.12 40.29
N PHE W 35 -39.92 14.38 41.25
CA PHE W 35 -40.48 14.39 42.59
C PHE W 35 -40.26 15.76 43.23
N ASP W 36 -41.35 16.38 43.68
CA ASP W 36 -41.28 17.69 44.31
C ASP W 36 -42.45 17.90 45.24
N PRO W 37 -42.20 17.82 46.56
CA PRO W 37 -43.23 17.98 47.59
C PRO W 37 -44.05 19.26 47.38
N LYS W 38 -43.40 20.32 46.89
CA LYS W 38 -44.09 21.55 46.53
C LYS W 38 -45.18 21.29 45.50
N ARG W 39 -44.85 20.53 44.47
CA ARG W 39 -45.79 20.19 43.41
C ARG W 39 -46.91 19.30 43.96
N ILE W 40 -46.54 18.38 44.85
CA ILE W 40 -47.48 17.45 45.45
C ILE W 40 -48.56 18.20 46.24
N VAL W 41 -48.14 19.02 47.19
CA VAL W 41 -49.08 19.79 48.01
C VAL W 41 -49.90 20.76 47.17
N GLN W 42 -49.26 21.36 46.16
CA GLN W 42 -49.96 22.28 45.26
C GLN W 42 -51.09 21.54 44.53
N LEU W 43 -50.77 20.39 43.96
CA LEU W 43 -51.76 19.63 43.21
C LEU W 43 -52.86 19.06 44.10
N VAL W 44 -52.50 18.55 45.27
CA VAL W 44 -53.49 18.07 46.24
C VAL W 44 -54.47 19.18 46.63
N LYS W 45 -53.94 20.35 46.95
CA LYS W 45 -54.75 21.52 47.31
C LYS W 45 -55.64 21.99 46.15
N GLU W 46 -55.06 22.11 44.96
CA GLU W 46 -55.81 22.57 43.79
C GLU W 46 -56.95 21.62 43.42
N ARG W 47 -56.62 20.34 43.24
CA ARG W 47 -57.60 19.35 42.84
C ARG W 47 -58.69 19.20 43.91
N GLY W 48 -58.30 19.34 45.18
CA GLY W 48 -59.23 19.24 46.28
C GLY W 48 -60.23 20.39 46.36
N THR W 49 -59.75 21.61 46.21
CA THR W 49 -60.62 22.79 46.28
C THR W 49 -61.48 22.92 45.04
N ALA W 50 -61.03 22.33 43.94
CA ALA W 50 -61.79 22.37 42.69
C ALA W 50 -63.04 21.51 42.78
N LYS W 51 -63.01 20.55 43.70
CA LYS W 51 -64.15 19.69 43.94
C LYS W 51 -64.86 20.08 45.24
N GLY W 52 -64.43 21.17 45.85
CA GLY W 52 -65.03 21.67 47.08
C GLY W 52 -64.92 20.74 48.28
N ARG W 53 -63.76 20.11 48.44
CA ARG W 53 -63.54 19.17 49.53
C ARG W 53 -62.83 19.82 50.70
N ASP W 54 -62.98 19.24 51.88
CA ASP W 54 -62.09 19.54 53.00
C ASP W 54 -60.79 18.79 52.68
N TRP W 55 -59.95 19.39 51.85
CA TRP W 55 -58.82 18.67 51.28
C TRP W 55 -57.79 18.28 52.33
N LYS W 56 -57.72 19.06 53.41
CA LYS W 56 -56.80 18.76 54.50
C LYS W 56 -57.21 17.46 55.19
N LYS W 57 -58.50 17.26 55.34
CA LYS W 57 -59.03 16.05 55.93
C LYS W 57 -58.82 14.88 54.97
N ASP W 58 -58.93 15.13 53.68
CA ASP W 58 -58.68 14.11 52.67
C ASP W 58 -57.22 13.64 52.73
N VAL W 59 -56.29 14.58 52.97
CA VAL W 59 -54.88 14.26 53.13
C VAL W 59 -54.66 13.27 54.27
N LYS W 60 -55.26 13.55 55.43
CA LYS W 60 -55.16 12.66 56.59
C LYS W 60 -55.68 11.28 56.26
N MET W 61 -56.84 11.22 55.61
CA MET W 61 -57.44 9.95 55.24
C MET W 61 -56.57 9.21 54.22
N MET W 62 -55.98 9.95 53.28
CA MET W 62 -55.09 9.34 52.28
C MET W 62 -53.82 8.81 52.91
N ILE W 63 -53.32 9.50 53.93
CA ILE W 63 -52.11 9.08 54.64
C ILE W 63 -52.39 7.83 55.46
N VAL W 64 -53.45 7.86 56.26
CA VAL W 64 -53.87 6.70 57.04
C VAL W 64 -54.13 5.50 56.11
N LEU W 65 -54.80 5.77 55.00
CA LEU W 65 -54.99 4.77 53.94
C LEU W 65 -53.66 4.19 53.47
N ASN W 66 -52.68 5.08 53.27
CA ASN W 66 -51.35 4.65 52.82
C ASN W 66 -50.59 3.84 53.88
N LEU W 67 -50.72 4.25 55.14
CA LEU W 67 -49.99 3.60 56.23
C LEU W 67 -50.44 2.16 56.50
N VAL W 68 -51.73 1.88 56.30
CA VAL W 68 -52.25 0.57 56.66
C VAL W 68 -52.51 -0.35 55.46
N ARG W 69 -52.65 0.22 54.27
CA ARG W 69 -52.98 -0.57 53.08
C ARG W 69 -51.95 -0.51 51.94
N GLY W 70 -51.08 0.49 51.96
CA GLY W 70 -50.03 0.59 50.96
C GLY W 70 -50.26 1.63 49.87
N ASN W 71 -49.84 1.31 48.64
CA ASN W 71 -49.82 2.30 47.57
C ASN W 71 -50.71 2.00 46.35
N LYS W 72 -51.60 1.01 46.47
CA LYS W 72 -52.45 0.63 45.33
C LYS W 72 -53.96 0.70 45.61
N PRO W 73 -54.53 1.92 45.51
CA PRO W 73 -55.93 2.24 45.84
C PRO W 73 -56.97 1.40 45.09
N GLU W 74 -56.86 1.27 43.77
CA GLU W 74 -57.81 0.46 43.01
C GLU W 74 -57.83 -0.99 43.50
N ALA W 75 -56.66 -1.52 43.80
CA ALA W 75 -56.53 -2.90 44.26
C ALA W 75 -57.14 -3.09 45.65
N MET W 76 -56.91 -2.13 46.54
CA MET W 76 -57.35 -2.28 47.93
C MET W 76 -58.88 -2.17 48.09
N MET W 77 -59.54 -1.53 47.12
CA MET W 77 -61.00 -1.41 47.16
C MET W 77 -61.67 -2.77 47.01
N LYS W 78 -60.98 -3.69 46.36
CA LYS W 78 -61.49 -5.04 46.12
C LYS W 78 -61.36 -5.91 47.37
N LYS W 79 -60.67 -5.37 48.38
CA LYS W 79 -60.47 -6.07 49.64
C LYS W 79 -60.77 -5.15 50.81
N MET W 80 -61.96 -4.54 50.79
CA MET W 80 -62.33 -3.51 51.74
C MET W 80 -63.84 -3.50 51.90
N SER W 81 -64.33 -3.01 53.04
CA SER W 81 -65.77 -2.84 53.23
C SER W 81 -66.31 -1.83 52.23
N GLU W 82 -67.60 -1.94 51.91
CA GLU W 82 -68.20 -1.03 50.94
C GLU W 82 -68.16 0.42 51.43
N LYS W 83 -68.27 0.59 52.74
CA LYS W 83 -68.23 1.92 53.36
C LYS W 83 -66.89 2.58 53.08
N GLY W 84 -65.82 1.85 53.33
CA GLY W 84 -64.47 2.35 53.11
C GLY W 84 -64.13 2.49 51.64
N ALA W 85 -64.53 1.50 50.85
CA ALA W 85 -64.24 1.50 49.41
C ALA W 85 -64.88 2.69 48.71
N SER W 86 -66.05 3.09 49.17
CA SER W 86 -66.76 4.25 48.61
C SER W 86 -65.94 5.53 48.82
N ILE W 87 -65.34 5.65 50.00
CA ILE W 87 -64.48 6.79 50.33
C ILE W 87 -63.24 6.81 49.44
N VAL W 88 -62.57 5.67 49.35
CA VAL W 88 -61.38 5.54 48.52
C VAL W 88 -61.68 5.87 47.07
N ALA W 89 -62.84 5.43 46.59
CA ALA W 89 -63.27 5.70 45.22
C ALA W 89 -63.31 7.20 44.93
N ASN W 90 -63.80 7.97 45.90
CA ASN W 90 -63.82 9.43 45.78
C ASN W 90 -62.41 10.01 45.77
N LEU W 91 -61.60 9.59 46.74
CA LEU W 91 -60.19 10.03 46.83
C LEU W 91 -59.44 9.79 45.52
N ILE W 92 -59.68 8.65 44.90
CA ILE W 92 -59.08 8.33 43.60
C ILE W 92 -59.58 9.31 42.54
N SER W 93 -60.88 9.61 42.58
CA SER W 93 -61.52 10.49 41.60
C SER W 93 -61.00 11.93 41.64
N VAL W 94 -61.09 12.59 42.79
CA VAL W 94 -60.70 13.99 42.88
C VAL W 94 -59.19 14.24 42.81
N TYR W 95 -58.40 13.36 43.42
CA TYR W 95 -56.96 13.56 43.45
C TYR W 95 -56.24 12.86 42.29
N GLN W 96 -57.02 12.11 41.51
CA GLN W 96 -56.50 11.38 40.35
C GLN W 96 -55.37 10.44 40.77
N LEU W 97 -55.60 9.70 41.85
CA LEU W 97 -54.60 8.79 42.41
C LEU W 97 -54.20 7.71 41.40
N LYS W 98 -52.90 7.44 41.33
CA LYS W 98 -52.41 6.36 40.48
C LYS W 98 -51.87 5.22 41.33
N GLU W 99 -51.56 4.10 40.68
CA GLU W 99 -51.19 2.88 41.38
C GLU W 99 -49.67 2.76 41.55
N GLY W 100 -48.95 3.68 40.93
CA GLY W 100 -47.50 3.65 40.93
C GLY W 100 -46.93 4.27 39.67
N ASN W 101 -45.63 4.11 39.45
CA ASN W 101 -44.92 4.73 38.34
C ASN W 101 -45.29 6.20 38.11
N PRO W 102 -45.08 7.04 39.13
CA PRO W 102 -45.55 8.43 39.05
C PRO W 102 -44.76 9.26 38.06
N GLY W 103 -45.44 10.20 37.40
CA GLY W 103 -44.78 11.21 36.60
C GLY W 103 -44.73 12.51 37.37
N ARG W 104 -44.36 13.59 36.70
CA ARG W 104 -44.20 14.90 37.32
C ARG W 104 -45.48 15.42 38.00
N ASP W 105 -46.62 15.22 37.34
CA ASP W 105 -47.89 15.74 37.84
C ASP W 105 -48.76 14.64 38.46
N THR W 106 -48.13 13.52 38.81
CA THR W 106 -48.86 12.38 39.36
C THR W 106 -48.94 12.42 40.88
N ILE W 107 -50.11 12.13 41.43
CA ILE W 107 -50.27 12.00 42.87
C ILE W 107 -50.49 10.54 43.26
N THR W 108 -49.70 10.06 44.23
CA THR W 108 -49.88 8.74 44.80
C THR W 108 -50.00 8.87 46.31
N LEU W 109 -50.46 7.80 46.96
CA LEU W 109 -50.56 7.80 48.42
C LEU W 109 -49.19 8.02 49.08
N SER W 110 -48.16 7.38 48.54
CA SER W 110 -46.80 7.54 49.04
C SER W 110 -46.39 9.00 49.01
N ARG W 111 -46.72 9.67 47.91
CA ARG W 111 -46.32 11.06 47.70
C ARG W 111 -47.03 11.96 48.71
N VAL W 112 -48.29 11.66 49.00
CA VAL W 112 -49.04 12.41 49.98
C VAL W 112 -48.41 12.26 51.37
N SER W 113 -48.12 11.02 51.74
CA SER W 113 -47.44 10.73 53.00
C SER W 113 -46.08 11.41 53.10
N ALA W 114 -45.37 11.52 51.98
CA ALA W 114 -44.05 12.12 51.96
C ALA W 114 -44.12 13.65 52.06
N ALA W 115 -44.99 14.25 51.25
CA ALA W 115 -45.13 15.72 51.23
C ALA W 115 -45.74 16.26 52.52
N PHE W 116 -46.67 15.52 53.10
CA PHE W 116 -47.33 15.93 54.33
C PHE W 116 -46.80 15.16 55.54
N VAL W 117 -45.51 14.85 55.49
CA VAL W 117 -44.85 14.11 56.57
C VAL W 117 -45.01 14.70 57.98
N PRO W 118 -45.14 16.05 58.14
CA PRO W 118 -45.31 16.49 59.52
C PRO W 118 -46.60 15.97 60.16
N TRP W 119 -47.57 15.53 59.36
CA TRP W 119 -48.75 14.88 59.92
C TRP W 119 -48.59 13.36 59.93
N THR W 120 -48.02 12.82 58.87
CA THR W 120 -47.73 11.38 58.77
C THR W 120 -47.00 10.90 60.03
N VAL W 121 -46.03 11.70 60.46
CA VAL W 121 -45.19 11.35 61.59
C VAL W 121 -45.98 11.35 62.91
N GLN W 122 -47.15 11.99 62.90
CA GLN W 122 -48.01 12.03 64.08
C GLN W 122 -48.97 10.84 64.10
N ALA W 123 -49.46 10.47 62.93
CA ALA W 123 -50.39 9.35 62.80
C ALA W 123 -49.75 8.02 63.18
N LEU W 124 -48.45 7.91 62.92
CA LEU W 124 -47.69 6.70 63.22
C LEU W 124 -47.68 6.37 64.72
N ARG W 125 -47.76 7.39 65.57
CA ARG W 125 -47.83 7.19 67.02
C ARG W 125 -49.07 6.40 67.43
N VAL W 126 -50.09 6.48 66.59
CA VAL W 126 -51.41 5.96 66.89
C VAL W 126 -51.68 4.62 66.19
N LEU W 127 -51.05 4.44 65.03
CA LEU W 127 -51.32 3.32 64.13
C LEU W 127 -50.36 2.15 64.25
N SER W 128 -49.36 2.31 65.12
CA SER W 128 -48.22 1.41 65.21
C SER W 128 -48.52 -0.09 65.04
N GLU W 129 -49.65 -0.53 65.59
CA GLU W 129 -49.99 -1.95 65.55
C GLU W 129 -50.74 -2.36 64.28
N SER W 130 -51.18 -1.39 63.50
CA SER W 130 -51.90 -1.65 62.25
C SER W 130 -51.00 -1.50 61.02
N LEU W 131 -49.72 -1.27 61.25
CA LEU W 131 -48.75 -1.09 60.16
C LEU W 131 -48.29 -2.45 59.63
N PRO W 132 -47.84 -2.49 58.35
CA PRO W 132 -47.34 -3.73 57.72
C PRO W 132 -46.28 -4.41 58.58
N VAL W 133 -45.35 -3.61 59.11
CA VAL W 133 -44.48 -4.05 60.19
C VAL W 133 -44.96 -3.36 61.47
N SER W 134 -45.46 -4.15 62.43
CA SER W 134 -46.00 -3.58 63.67
C SER W 134 -44.91 -2.98 64.56
N GLY W 135 -45.32 -2.08 65.46
CA GLY W 135 -44.41 -1.49 66.41
C GLY W 135 -43.78 -2.54 67.33
N THR W 136 -44.59 -3.52 67.75
CA THR W 136 -44.09 -4.57 68.63
C THR W 136 -43.06 -5.44 67.93
N THR W 137 -43.21 -5.58 66.61
CA THR W 137 -42.24 -6.34 65.82
C THR W 137 -40.90 -5.59 65.76
N MET W 138 -40.98 -4.28 65.53
CA MET W 138 -39.78 -3.43 65.54
C MET W 138 -39.18 -3.34 66.94
N ASP W 139 -40.02 -3.36 67.97
CA ASP W 139 -39.56 -3.36 69.36
C ASP W 139 -38.74 -4.59 69.69
N ALA W 140 -39.01 -5.69 68.99
CA ALA W 140 -38.31 -6.95 69.23
C ALA W 140 -36.99 -6.98 68.46
N ILE W 141 -37.00 -6.37 67.27
CA ILE W 141 -35.83 -6.27 66.41
C ILE W 141 -34.78 -5.32 66.98
N ALA W 142 -35.20 -4.09 67.32
CA ALA W 142 -34.39 -3.21 68.14
C ALA W 142 -34.44 -3.80 69.55
N GLY W 143 -33.47 -3.48 70.40
CA GLY W 143 -33.51 -3.97 71.76
C GLY W 143 -34.40 -3.11 72.64
N VAL W 144 -34.97 -2.08 72.02
CA VAL W 144 -35.69 -1.04 72.72
C VAL W 144 -37.06 -0.82 72.07
N THR W 145 -37.83 0.11 72.62
CA THR W 145 -39.08 0.49 71.97
C THR W 145 -38.77 1.43 70.81
N TYR W 146 -38.86 0.89 69.59
CA TYR W 146 -38.49 1.63 68.38
C TYR W 146 -39.39 2.85 68.16
N PRO W 147 -38.78 4.02 67.88
CA PRO W 147 -39.52 5.27 67.72
C PRO W 147 -40.57 5.19 66.62
N ARG W 148 -41.85 5.31 66.99
CA ARG W 148 -42.96 5.11 66.07
C ARG W 148 -42.91 6.06 64.88
N ALA W 149 -42.32 7.24 65.11
CA ALA W 149 -42.22 8.28 64.10
C ALA W 149 -41.42 7.83 62.86
N MET W 150 -40.49 6.91 63.07
CA MET W 150 -39.61 6.45 62.00
C MET W 150 -40.22 5.32 61.18
N MET W 151 -41.34 4.78 61.64
CA MET W 151 -41.90 3.56 61.03
C MET W 151 -42.66 3.83 59.72
N HIS W 152 -42.00 4.55 58.82
CA HIS W 152 -42.47 4.79 57.45
C HIS W 152 -41.35 5.45 56.64
N PRO W 153 -41.26 5.11 55.35
CA PRO W 153 -40.22 5.67 54.48
C PRO W 153 -40.22 7.20 54.47
N SER W 154 -41.39 7.82 54.60
CA SER W 154 -41.51 9.28 54.54
C SER W 154 -40.72 10.02 55.63
N PHE W 155 -40.37 9.31 56.69
CA PHE W 155 -39.58 9.91 57.78
C PHE W 155 -38.25 10.44 57.28
N ALA W 156 -37.73 9.87 56.20
CA ALA W 156 -36.43 10.27 55.69
C ALA W 156 -36.44 11.74 55.26
N GLY W 157 -37.62 12.25 54.92
CA GLY W 157 -37.76 13.61 54.44
C GLY W 157 -37.50 14.68 55.48
N ILE W 158 -37.54 14.30 56.76
CA ILE W 158 -37.25 15.26 57.83
C ILE W 158 -35.88 15.04 58.48
N ILE W 159 -35.07 14.15 57.91
CA ILE W 159 -33.74 13.92 58.46
C ILE W 159 -32.75 14.99 57.99
N ASP W 160 -32.10 15.64 58.96
CA ASP W 160 -30.99 16.57 58.69
C ASP W 160 -29.69 15.83 58.90
N LEU W 161 -29.04 15.45 57.80
CA LEU W 161 -27.80 14.67 57.86
C LEU W 161 -26.64 15.52 58.40
N ASP W 162 -26.83 16.83 58.41
CA ASP W 162 -25.76 17.75 58.79
C ASP W 162 -25.85 18.20 60.24
N LEU W 163 -26.73 17.57 61.02
CA LEU W 163 -26.81 17.80 62.46
C LEU W 163 -25.45 17.51 63.10
N PRO W 164 -25.05 18.35 64.07
CA PRO W 164 -23.73 18.25 64.71
C PRO W 164 -23.45 16.87 65.30
N ASN W 165 -22.18 16.49 65.37
CA ASN W 165 -21.74 15.27 66.04
C ASN W 165 -22.28 14.00 65.41
N GLY W 166 -22.53 14.04 64.10
CA GLY W 166 -23.02 12.88 63.38
C GLY W 166 -24.37 12.38 63.85
N ALA W 167 -25.14 13.26 64.48
CA ALA W 167 -26.47 12.91 64.96
C ALA W 167 -27.37 12.53 63.78
N GLY W 168 -27.25 13.28 62.69
CA GLY W 168 -28.02 13.01 61.49
C GLY W 168 -27.73 11.64 60.92
N ALA W 169 -26.46 11.25 60.92
CA ALA W 169 -26.07 9.93 60.43
C ALA W 169 -26.67 8.84 61.31
N THR W 170 -26.65 9.07 62.63
CA THR W 170 -27.19 8.11 63.59
C THR W 170 -28.71 7.94 63.40
N ILE W 171 -29.41 9.06 63.21
CA ILE W 171 -30.84 9.02 62.93
C ILE W 171 -31.13 8.24 61.65
N ALA W 172 -30.32 8.45 60.62
CA ALA W 172 -30.46 7.73 59.37
C ALA W 172 -30.22 6.24 59.56
N ASP W 173 -29.24 5.89 60.40
CA ASP W 173 -28.97 4.49 60.72
C ASP W 173 -30.19 3.85 61.40
N ALA W 174 -30.74 4.53 62.39
CA ALA W 174 -31.88 4.00 63.13
C ALA W 174 -33.08 3.81 62.21
N HIS W 175 -33.26 4.73 61.27
CA HIS W 175 -34.36 4.64 60.31
C HIS W 175 -34.12 3.48 59.36
N GLY W 176 -32.85 3.22 59.05
CA GLY W 176 -32.49 2.12 58.18
C GLY W 176 -32.89 0.77 58.75
N LEU W 177 -32.96 0.70 60.09
CA LEU W 177 -33.35 -0.53 60.77
C LEU W 177 -34.80 -0.90 60.43
N PHE W 178 -35.66 0.11 60.36
CA PHE W 178 -37.05 -0.11 59.96
C PHE W 178 -37.15 -0.39 58.47
N MET W 179 -36.36 0.34 57.69
CA MET W 179 -36.46 0.27 56.23
C MET W 179 -36.18 -1.12 55.66
N ILE W 180 -35.28 -1.87 56.27
CA ILE W 180 -35.01 -3.24 55.80
C ILE W 180 -36.23 -4.13 56.04
N GLU W 181 -36.89 -3.94 57.18
CA GLU W 181 -38.06 -4.75 57.51
C GLU W 181 -39.23 -4.38 56.62
N PHE W 182 -39.40 -3.08 56.39
CA PHE W 182 -40.46 -2.60 55.53
C PHE W 182 -40.27 -3.09 54.09
N SER W 183 -39.03 -3.01 53.61
CA SER W 183 -38.71 -3.44 52.25
C SER W 183 -38.94 -4.94 52.05
N LYS W 184 -38.67 -5.73 53.09
CA LYS W 184 -38.84 -7.18 53.03
C LYS W 184 -40.32 -7.56 53.00
N THR W 185 -41.16 -6.81 53.70
CA THR W 185 -42.57 -7.17 53.79
C THR W 185 -43.32 -6.88 52.49
N ILE W 186 -42.99 -5.76 51.85
CA ILE W 186 -43.67 -5.40 50.60
C ILE W 186 -43.01 -6.00 49.36
N ASN W 187 -41.82 -6.57 49.54
CA ASN W 187 -41.15 -7.29 48.45
C ASN W 187 -40.57 -8.62 48.95
N PRO W 188 -41.37 -9.69 48.84
CA PRO W 188 -41.06 -11.02 49.37
C PRO W 188 -39.74 -11.56 48.85
N SER W 189 -39.37 -11.18 47.63
CA SER W 189 -38.12 -11.66 47.03
C SER W 189 -36.87 -11.20 47.78
N LEU W 190 -37.04 -10.26 48.71
CA LEU W 190 -35.92 -9.75 49.49
C LEU W 190 -35.76 -10.47 50.84
N ARG W 191 -36.73 -11.29 51.20
CA ARG W 191 -36.79 -11.92 52.51
C ARG W 191 -35.67 -12.94 52.78
N THR W 192 -35.09 -13.46 51.70
CA THR W 192 -34.00 -14.43 51.80
C THR W 192 -32.64 -13.73 51.74
N LYS W 193 -32.67 -12.44 51.41
CA LYS W 193 -31.44 -11.67 51.20
C LYS W 193 -30.81 -11.16 52.49
N GLN W 194 -29.52 -10.86 52.42
CA GLN W 194 -28.78 -10.30 53.56
C GLN W 194 -29.14 -8.83 53.78
N ALA W 195 -28.86 -8.34 54.99
CA ALA W 195 -29.22 -6.97 55.38
C ALA W 195 -28.71 -5.90 54.42
N ASN W 196 -27.43 -5.97 54.07
CA ASN W 196 -26.83 -4.99 53.17
C ASN W 196 -27.37 -5.06 51.75
N GLU W 197 -27.80 -6.26 51.33
CA GLU W 197 -28.46 -6.44 50.03
C GLU W 197 -29.81 -5.74 50.02
N VAL W 198 -30.56 -5.88 51.11
CA VAL W 198 -31.86 -5.23 51.22
C VAL W 198 -31.66 -3.71 51.29
N ALA W 199 -30.64 -3.29 52.03
CA ALA W 199 -30.36 -1.86 52.16
C ALA W 199 -30.04 -1.23 50.81
N ALA W 200 -29.36 -1.98 49.95
CA ALA W 200 -29.02 -1.52 48.61
C ALA W 200 -30.26 -1.21 47.77
N THR W 201 -31.39 -1.83 48.09
CA THR W 201 -32.62 -1.64 47.33
C THR W 201 -33.30 -0.31 47.65
N PHE W 202 -33.03 0.25 48.82
CA PHE W 202 -33.67 1.52 49.20
C PHE W 202 -32.75 2.74 49.38
N GLU W 203 -31.45 2.53 49.60
CA GLU W 203 -30.62 3.66 50.01
C GLU W 203 -30.46 4.80 48.99
N LYS W 204 -30.68 4.53 47.70
CA LYS W 204 -30.57 5.58 46.69
C LYS W 204 -31.77 6.56 46.70
N PRO W 205 -33.01 6.04 46.65
CA PRO W 205 -34.12 7.00 46.80
C PRO W 205 -34.20 7.56 48.22
N ASN W 206 -33.74 6.79 49.19
CA ASN W 206 -33.71 7.23 50.58
C ASN W 206 -32.74 8.41 50.76
N MET W 207 -31.59 8.35 50.11
CA MET W 207 -30.63 9.45 50.15
C MET W 207 -31.21 10.70 49.49
N ALA W 208 -31.92 10.51 48.40
CA ALA W 208 -32.55 11.63 47.70
C ALA W 208 -33.55 12.33 48.63
N ALA W 209 -34.21 11.55 49.48
CA ALA W 209 -35.18 12.09 50.42
C ALA W 209 -34.52 12.90 51.54
N MET W 210 -33.44 12.36 52.09
CA MET W 210 -32.74 13.00 53.19
C MET W 210 -32.05 14.30 52.74
N SER W 211 -31.59 14.33 51.49
CA SER W 211 -30.87 15.49 50.97
C SER W 211 -31.80 16.47 50.24
N GLY W 212 -33.10 16.23 50.34
CA GLY W 212 -34.10 17.14 49.79
C GLY W 212 -34.01 18.50 50.44
N ARG W 213 -34.49 19.52 49.73
CA ARG W 213 -34.36 20.89 50.21
C ARG W 213 -35.72 21.56 50.42
N PHE W 214 -36.79 20.75 50.41
CA PHE W 214 -38.13 21.26 50.67
C PHE W 214 -38.21 21.89 52.05
N PHE W 215 -37.72 21.16 53.06
CA PHE W 215 -37.63 21.68 54.41
C PHE W 215 -36.25 22.25 54.67
N THR W 216 -36.18 23.40 55.33
CA THR W 216 -34.90 23.96 55.75
C THR W 216 -34.32 23.11 56.88
N ARG W 217 -33.06 23.35 57.23
CA ARG W 217 -32.42 22.60 58.30
C ARG W 217 -33.10 22.89 59.63
N GLU W 218 -33.61 24.11 59.77
CA GLU W 218 -34.30 24.54 60.98
C GLU W 218 -35.71 23.96 61.05
N ASP W 219 -36.30 23.73 59.88
CA ASP W 219 -37.58 23.04 59.79
C ASP W 219 -37.44 21.61 60.29
N LYS W 220 -36.40 20.92 59.80
CA LYS W 220 -36.13 19.53 60.17
C LYS W 220 -35.81 19.40 61.65
N LYS W 221 -35.01 20.34 62.16
CA LYS W 221 -34.64 20.32 63.57
C LYS W 221 -35.90 20.41 64.44
N LYS W 222 -36.80 21.31 64.06
CA LYS W 222 -38.05 21.50 64.79
C LYS W 222 -38.92 20.24 64.74
N LEU W 223 -39.00 19.63 63.56
CA LEU W 223 -39.77 18.41 63.36
C LEU W 223 -39.21 17.26 64.21
N LEU W 224 -37.90 17.07 64.16
CA LEU W 224 -37.23 15.99 64.90
C LEU W 224 -37.40 16.14 66.41
N ILE W 225 -37.39 17.39 66.89
CA ILE W 225 -37.64 17.66 68.29
C ILE W 225 -39.10 17.40 68.66
N ALA W 226 -40.01 17.92 67.82
CA ALA W 226 -41.44 17.80 68.06
C ALA W 226 -41.90 16.35 68.16
N VAL W 227 -41.18 15.46 67.49
CA VAL W 227 -41.59 14.07 67.41
C VAL W 227 -40.72 13.17 68.30
N GLY W 228 -39.79 13.79 69.04
CA GLY W 228 -39.08 13.10 70.10
C GLY W 228 -37.79 12.37 69.75
N ILE W 229 -37.36 12.49 68.49
CA ILE W 229 -36.12 11.86 68.05
C ILE W 229 -34.92 12.48 68.76
N ILE W 230 -34.99 13.80 68.93
CA ILE W 230 -33.90 14.57 69.53
C ILE W 230 -34.51 15.63 70.45
N ASP W 231 -33.75 16.12 71.43
CA ASP W 231 -34.29 17.15 72.33
C ASP W 231 -33.85 18.58 72.00
N GLU W 232 -34.23 19.53 72.85
CA GLU W 232 -33.87 20.94 72.67
C GLU W 232 -32.35 21.16 72.56
N ASP W 233 -31.59 20.36 73.31
CA ASP W 233 -30.14 20.47 73.32
C ASP W 233 -29.51 19.57 72.26
N LEU W 234 -30.36 19.07 71.35
CA LEU W 234 -29.93 18.22 70.24
C LEU W 234 -29.33 16.89 70.70
N VAL W 235 -29.77 16.43 71.87
CA VAL W 235 -29.35 15.12 72.38
C VAL W 235 -30.28 14.02 71.86
N LEU W 236 -29.68 12.98 71.27
CA LEU W 236 -30.44 11.86 70.73
C LEU W 236 -31.08 11.01 71.83
N ALA W 237 -32.29 10.51 71.58
CA ALA W 237 -32.93 9.57 72.48
C ALA W 237 -32.20 8.22 72.39
N SER W 238 -32.08 7.52 73.52
CA SER W 238 -31.31 6.28 73.56
C SER W 238 -31.85 5.23 72.59
N ALA W 239 -33.18 5.19 72.43
CA ALA W 239 -33.79 4.24 71.51
C ALA W 239 -33.27 4.44 70.09
N VAL W 240 -32.99 5.69 69.74
CA VAL W 240 -32.46 6.02 68.42
C VAL W 240 -31.04 5.51 68.24
N VAL W 241 -30.18 5.76 69.22
CA VAL W 241 -28.77 5.35 69.11
C VAL W 241 -28.60 3.83 69.21
N ARG W 242 -29.48 3.17 69.96
CA ARG W 242 -29.42 1.72 70.09
C ARG W 242 -29.99 1.03 68.85
N SER W 243 -31.00 1.63 68.24
CA SER W 243 -31.54 1.13 66.98
C SER W 243 -30.51 1.32 65.88
N ALA W 244 -29.75 2.41 65.98
CA ALA W 244 -28.72 2.73 64.99
C ALA W 244 -27.59 1.71 64.99
N GLU W 245 -27.13 1.31 66.17
CA GLU W 245 -26.03 0.36 66.25
C GLU W 245 -26.46 -1.06 65.85
N LYS W 246 -27.74 -1.36 66.00
CA LYS W 246 -28.29 -2.62 65.49
C LYS W 246 -28.15 -2.65 63.97
N TYR W 247 -28.48 -1.53 63.35
CA TYR W 247 -28.46 -1.41 61.90
C TYR W 247 -27.04 -1.50 61.34
N ARG W 248 -26.11 -0.79 61.97
CA ARG W 248 -24.71 -0.85 61.56
C ARG W 248 -24.13 -2.26 61.69
N ALA W 249 -24.57 -3.00 62.70
CA ALA W 249 -24.10 -4.37 62.92
C ALA W 249 -24.59 -5.32 61.84
N LYS W 250 -25.84 -5.15 61.43
CA LYS W 250 -26.45 -6.01 60.40
C LYS W 250 -25.79 -5.86 59.04
N VAL W 251 -25.40 -4.63 58.74
CA VAL W 251 -25.05 -4.22 57.40
C VAL W 251 -23.51 -4.20 57.22
N GLY W 252 -22.80 -4.24 58.33
CA GLY W 252 -21.33 -4.23 58.33
C GLY W 252 -20.70 -5.62 58.27
N GLU X 4 -41.97 28.63 50.50
CA GLU X 4 -42.37 29.10 51.82
C GLU X 4 -43.87 29.37 51.92
N ASN X 5 -44.62 28.97 50.90
CA ASN X 5 -46.08 29.05 50.96
C ASN X 5 -46.63 27.64 51.08
N TYR X 6 -46.34 26.83 50.07
CA TYR X 6 -46.70 25.42 50.07
C TYR X 6 -45.90 24.68 51.13
N ARG X 7 -44.70 25.20 51.41
CA ARG X 7 -43.85 24.67 52.47
C ARG X 7 -44.46 24.97 53.86
N ASP X 8 -44.92 26.20 54.06
CA ASP X 8 -45.54 26.58 55.33
C ASP X 8 -46.87 25.84 55.58
N ILE X 9 -47.56 25.47 54.50
CA ILE X 9 -48.80 24.71 54.59
C ILE X 9 -48.54 23.32 55.16
N ALA X 10 -47.64 22.59 54.52
CA ALA X 10 -47.27 21.24 54.97
C ALA X 10 -46.77 21.30 56.40
N LEU X 11 -46.01 22.34 56.71
CA LEU X 11 -45.44 22.53 58.04
C LEU X 11 -46.52 22.70 59.10
N ALA X 12 -47.66 23.26 58.68
CA ALA X 12 -48.75 23.52 59.61
C ALA X 12 -49.46 22.23 60.01
N PHE X 13 -49.28 21.17 59.24
CA PHE X 13 -49.92 19.90 59.53
C PHE X 13 -49.38 19.27 60.81
N LEU X 14 -48.32 19.85 61.35
CA LEU X 14 -47.77 19.41 62.64
C LEU X 14 -48.80 19.68 63.75
N ASP X 15 -49.53 20.78 63.63
CA ASP X 15 -50.49 21.18 64.66
C ASP X 15 -51.93 20.79 64.30
N GLU X 16 -52.07 20.17 63.13
CA GLU X 16 -53.33 19.61 62.72
C GLU X 16 -53.55 18.28 63.47
N SER X 17 -54.81 17.96 63.78
CA SER X 17 -55.20 16.89 64.71
C SER X 17 -54.87 15.44 64.30
N ALA X 18 -54.42 14.62 65.26
CA ALA X 18 -54.22 13.18 65.05
C ALA X 18 -54.90 12.39 66.17
N ASP X 19 -56.22 12.51 66.25
CA ASP X 19 -57.00 11.81 67.27
C ASP X 19 -56.99 10.30 67.05
N SER X 20 -56.60 9.56 68.08
CA SER X 20 -56.45 8.11 67.98
C SER X 20 -57.73 7.40 67.56
N GLY X 21 -58.85 7.84 68.14
CA GLY X 21 -60.15 7.25 67.86
C GLY X 21 -60.62 7.47 66.43
N THR X 22 -60.40 8.68 65.91
CA THR X 22 -60.76 9.03 64.54
C THR X 22 -59.90 8.25 63.54
N ILE X 23 -58.62 8.12 63.84
CA ILE X 23 -57.69 7.39 62.99
C ILE X 23 -58.00 5.89 62.98
N ASN X 24 -58.24 5.33 64.16
CA ASN X 24 -58.56 3.90 64.28
C ASN X 24 -59.85 3.54 63.55
N ALA X 25 -60.79 4.49 63.49
CA ALA X 25 -62.02 4.32 62.74
C ALA X 25 -61.72 4.14 61.25
N TRP X 26 -60.81 4.95 60.73
CA TRP X 26 -60.37 4.86 59.34
C TRP X 26 -59.67 3.54 59.06
N VAL X 27 -58.83 3.10 60.00
CA VAL X 27 -58.12 1.83 59.88
C VAL X 27 -59.10 0.69 59.68
N ASN X 28 -60.16 0.70 60.47
CA ASN X 28 -61.18 -0.35 60.40
C ASN X 28 -61.97 -0.32 59.09
N GLU X 29 -62.22 0.88 58.57
CA GLU X 29 -62.86 1.04 57.28
C GLU X 29 -61.95 0.52 56.16
N PHE X 30 -60.69 0.95 56.21
CA PHE X 30 -59.73 0.63 55.17
C PHE X 30 -59.14 -0.75 55.33
N ALA X 31 -59.49 -1.42 56.42
CA ALA X 31 -58.92 -2.73 56.75
C ALA X 31 -59.12 -3.75 55.63
N TYR X 32 -58.17 -4.68 55.51
CA TYR X 32 -58.27 -5.77 54.54
C TYR X 32 -59.51 -6.61 54.79
N GLN X 33 -60.27 -6.88 53.74
CA GLN X 33 -61.41 -7.77 53.81
C GLN X 33 -61.31 -8.79 52.70
N GLY X 34 -61.14 -10.06 53.05
CA GLY X 34 -61.00 -11.13 52.08
C GLY X 34 -62.19 -11.21 51.13
N PHE X 35 -63.38 -11.26 51.71
CA PHE X 35 -64.62 -11.35 50.92
C PHE X 35 -65.82 -10.95 51.78
N ASP X 36 -66.93 -10.66 51.12
CA ASP X 36 -68.18 -10.35 51.82
C ASP X 36 -69.16 -11.50 51.62
N PRO X 37 -69.49 -12.21 52.71
CA PRO X 37 -70.43 -13.33 52.65
C PRO X 37 -71.76 -12.92 52.00
N LYS X 38 -72.22 -11.72 52.34
CA LYS X 38 -73.44 -11.16 51.78
C LYS X 38 -73.40 -11.14 50.26
N ARG X 39 -72.27 -10.68 49.71
CA ARG X 39 -72.07 -10.60 48.28
C ARG X 39 -72.02 -12.00 47.66
N ILE X 40 -71.51 -12.96 48.43
CA ILE X 40 -71.39 -14.34 47.96
C ILE X 40 -72.76 -14.99 47.74
N VAL X 41 -73.63 -14.93 48.74
CA VAL X 41 -74.94 -15.56 48.59
C VAL X 41 -75.75 -14.84 47.51
N GLN X 42 -75.48 -13.55 47.33
CA GLN X 42 -76.15 -12.77 46.29
C GLN X 42 -75.78 -13.29 44.90
N LEU X 43 -74.48 -13.38 44.66
CA LEU X 43 -73.97 -13.82 43.36
C LEU X 43 -74.35 -15.27 43.05
N VAL X 44 -74.37 -16.12 44.06
CA VAL X 44 -74.78 -17.51 43.90
C VAL X 44 -76.24 -17.58 43.45
N LYS X 45 -77.12 -16.87 44.16
CA LYS X 45 -78.53 -16.87 43.83
C LYS X 45 -78.80 -16.25 42.46
N GLU X 46 -78.13 -15.14 42.17
CA GLU X 46 -78.29 -14.46 40.89
C GLU X 46 -77.82 -15.31 39.72
N ARG X 47 -76.58 -15.78 39.78
CA ARG X 47 -76.00 -16.57 38.70
C ARG X 47 -76.70 -17.92 38.53
N GLY X 48 -77.17 -18.49 39.65
CA GLY X 48 -77.86 -19.76 39.61
C GLY X 48 -79.22 -19.68 38.94
N THR X 49 -80.03 -18.72 39.37
CA THR X 49 -81.36 -18.52 38.79
C THR X 49 -81.30 -18.12 37.31
N ALA X 50 -80.25 -17.38 36.95
CA ALA X 50 -80.08 -16.92 35.58
C ALA X 50 -79.86 -18.07 34.59
N LYS X 51 -79.55 -19.24 35.13
CA LYS X 51 -79.34 -20.43 34.30
C LYS X 51 -80.41 -21.48 34.58
N GLY X 52 -81.46 -21.07 35.29
CA GLY X 52 -82.56 -21.98 35.62
C GLY X 52 -82.09 -23.20 36.38
N LYS X 53 -81.31 -22.97 37.45
CA LYS X 53 -80.75 -24.06 38.26
C LYS X 53 -81.33 -24.07 39.68
N ASP X 54 -81.52 -25.26 40.25
CA ASP X 54 -81.79 -25.40 41.67
C ASP X 54 -80.52 -24.95 42.40
N TRP X 55 -80.38 -23.64 42.57
CA TRP X 55 -79.14 -23.07 43.10
C TRP X 55 -78.90 -23.46 44.55
N LYS X 56 -79.99 -23.68 45.30
CA LYS X 56 -79.85 -24.15 46.68
C LYS X 56 -79.21 -25.53 46.72
N LYS X 57 -79.54 -26.35 45.73
CA LYS X 57 -78.96 -27.68 45.62
C LYS X 57 -77.50 -27.58 45.17
N ASP X 58 -77.22 -26.64 44.28
CA ASP X 58 -75.85 -26.40 43.81
C ASP X 58 -74.94 -25.94 44.96
N VAL X 59 -75.50 -25.15 45.87
CA VAL X 59 -74.77 -24.71 47.06
C VAL X 59 -74.32 -25.92 47.87
N LYS X 60 -75.24 -26.85 48.09
CA LYS X 60 -74.94 -28.07 48.84
C LYS X 60 -73.82 -28.88 48.18
N MET X 61 -73.92 -29.05 46.87
CA MET X 61 -72.91 -29.79 46.12
C MET X 61 -71.55 -29.10 46.20
N MET X 62 -71.55 -27.78 46.04
CA MET X 62 -70.29 -27.02 46.10
C MET X 62 -69.67 -27.10 47.49
N ILE X 63 -70.51 -27.11 48.52
CA ILE X 63 -70.02 -27.25 49.89
C ILE X 63 -69.38 -28.63 50.13
N VAL X 64 -70.12 -29.68 49.78
CA VAL X 64 -69.59 -31.04 49.89
C VAL X 64 -68.30 -31.20 49.08
N LEU X 65 -68.31 -30.66 47.86
CA LEU X 65 -67.12 -30.66 47.01
C LEU X 65 -65.95 -29.96 47.71
N ASN X 66 -66.25 -28.85 48.37
CA ASN X 66 -65.23 -28.09 49.10
C ASN X 66 -64.70 -28.86 50.31
N LEU X 67 -65.59 -29.55 51.01
CA LEU X 67 -65.21 -30.31 52.19
C LEU X 67 -64.27 -31.48 51.88
N VAL X 68 -64.51 -32.15 50.76
CA VAL X 68 -63.74 -33.36 50.44
C VAL X 68 -62.56 -33.15 49.47
N ARG X 69 -62.59 -32.06 48.71
CA ARG X 69 -61.56 -31.82 47.69
C ARG X 69 -60.79 -30.51 47.82
N GLY X 70 -61.33 -29.55 48.57
CA GLY X 70 -60.61 -28.31 48.80
C GLY X 70 -61.09 -27.13 47.97
N ASN X 71 -60.15 -26.29 47.55
CA ASN X 71 -60.50 -25.02 46.93
C ASN X 71 -59.87 -24.81 45.54
N LYS X 72 -59.53 -25.91 44.87
CA LYS X 72 -58.96 -25.82 43.53
C LYS X 72 -59.75 -26.65 42.51
N PRO X 73 -60.83 -26.05 41.97
CA PRO X 73 -61.80 -26.71 41.11
C PRO X 73 -61.20 -27.31 39.83
N GLU X 74 -60.38 -26.55 39.11
CA GLU X 74 -59.78 -27.04 37.87
C GLU X 74 -58.83 -28.21 38.11
N ALA X 75 -58.11 -28.15 39.23
CA ALA X 75 -57.12 -29.18 39.57
C ALA X 75 -57.78 -30.47 40.07
N MET X 76 -58.88 -30.34 40.80
CA MET X 76 -59.54 -31.50 41.40
C MET X 76 -60.23 -32.35 40.34
N MET X 77 -60.54 -31.75 39.19
CA MET X 77 -61.19 -32.48 38.10
C MET X 77 -60.23 -33.43 37.40
N LYS X 78 -58.93 -33.19 37.56
CA LYS X 78 -57.91 -34.04 36.93
C LYS X 78 -57.76 -35.37 37.67
N LYS X 79 -58.31 -35.44 38.88
CA LYS X 79 -58.27 -36.65 39.69
C LYS X 79 -59.65 -36.93 40.26
N MET X 80 -60.60 -37.21 39.38
CA MET X 80 -62.00 -37.37 39.77
C MET X 80 -62.68 -38.30 38.77
N SER X 81 -63.76 -38.96 39.20
CA SER X 81 -64.54 -39.77 38.28
C SER X 81 -65.10 -38.87 37.18
N GLU X 82 -65.27 -39.45 35.99
CA GLU X 82 -65.78 -38.71 34.84
C GLU X 82 -67.13 -38.08 35.14
N LYS X 83 -67.95 -38.80 35.90
CA LYS X 83 -69.28 -38.32 36.28
C LYS X 83 -69.20 -37.08 37.16
N GLY X 84 -68.39 -37.15 38.22
CA GLY X 84 -68.22 -36.04 39.13
C GLY X 84 -67.59 -34.81 38.49
N ALA X 85 -66.55 -35.03 37.69
CA ALA X 85 -65.86 -33.95 37.00
C ALA X 85 -66.80 -33.19 36.05
N SER X 86 -67.75 -33.92 35.48
CA SER X 86 -68.72 -33.33 34.56
C SER X 86 -69.59 -32.27 35.25
N ILE X 87 -70.02 -32.55 36.48
CA ILE X 87 -70.86 -31.62 37.20
C ILE X 87 -70.05 -30.48 37.84
N VAL X 88 -68.80 -30.77 38.19
CA VAL X 88 -67.91 -29.72 38.70
C VAL X 88 -67.66 -28.69 37.60
N ALA X 89 -67.46 -29.18 36.38
CA ALA X 89 -67.28 -28.31 35.21
C ALA X 89 -68.46 -27.35 35.05
N ASN X 90 -69.67 -27.87 35.27
CA ASN X 90 -70.88 -27.04 35.24
C ASN X 90 -70.84 -25.96 36.33
N LEU X 91 -70.62 -26.38 37.57
CA LEU X 91 -70.56 -25.47 38.71
C LEU X 91 -69.56 -24.34 38.47
N ILE X 92 -68.41 -24.67 37.90
CA ILE X 92 -67.42 -23.68 37.53
C ILE X 92 -67.99 -22.71 36.50
N SER X 93 -68.72 -23.25 35.53
CA SER X 93 -69.30 -22.45 34.46
C SER X 93 -70.36 -21.45 34.93
N VAL X 94 -71.39 -21.93 35.62
CA VAL X 94 -72.49 -21.06 36.04
C VAL X 94 -72.14 -20.12 37.19
N TYR X 95 -71.29 -20.57 38.11
CA TYR X 95 -70.94 -19.74 39.26
C TYR X 95 -69.61 -19.01 39.10
N GLN X 96 -68.93 -19.25 37.98
CA GLN X 96 -67.67 -18.60 37.67
C GLN X 96 -66.66 -18.81 38.80
N LEU X 97 -66.55 -20.07 39.23
CA LEU X 97 -65.67 -20.42 40.34
C LEU X 97 -64.20 -20.16 40.02
N LYS X 98 -63.51 -19.52 40.95
CA LYS X 98 -62.07 -19.33 40.86
C LYS X 98 -61.43 -19.98 42.08
N GLU X 99 -60.11 -19.96 42.14
CA GLU X 99 -59.41 -20.56 43.27
C GLU X 99 -58.58 -19.52 44.01
N GLY X 100 -58.07 -19.89 45.17
CA GLY X 100 -57.20 -19.02 45.95
C GLY X 100 -57.93 -17.89 46.65
N ASN X 101 -57.32 -16.71 46.65
CA ASN X 101 -57.88 -15.54 47.31
C ASN X 101 -58.05 -14.35 46.34
N PRO X 102 -59.08 -14.41 45.48
CA PRO X 102 -59.35 -13.31 44.55
C PRO X 102 -60.20 -12.21 45.20
N GLY X 103 -60.72 -11.29 44.38
CA GLY X 103 -61.53 -10.19 44.88
C GLY X 103 -62.80 -10.60 45.59
N ARG X 104 -63.46 -9.63 46.22
CA ARG X 104 -64.69 -9.87 46.97
C ARG X 104 -65.88 -10.22 46.07
N ASP X 105 -65.78 -9.85 44.80
CA ASP X 105 -66.84 -10.12 43.83
C ASP X 105 -66.59 -11.45 43.11
N THR X 106 -65.77 -12.30 43.71
CA THR X 106 -65.41 -13.57 43.11
C THR X 106 -65.76 -14.75 44.01
N ILE X 107 -66.43 -15.76 43.43
CA ILE X 107 -66.86 -16.93 44.18
C ILE X 107 -65.81 -18.04 44.21
N THR X 108 -65.52 -18.55 45.39
CA THR X 108 -64.69 -19.74 45.54
C THR X 108 -65.48 -20.77 46.35
N LEU X 109 -65.09 -22.04 46.24
CA LEU X 109 -65.73 -23.09 47.01
C LEU X 109 -65.61 -22.82 48.50
N SER X 110 -64.45 -22.33 48.91
CA SER X 110 -64.20 -22.00 50.30
C SER X 110 -65.18 -20.95 50.84
N ARG X 111 -65.47 -19.96 50.00
CA ARG X 111 -66.34 -18.87 50.40
C ARG X 111 -67.82 -19.29 50.43
N VAL X 112 -68.17 -20.29 49.62
CA VAL X 112 -69.54 -20.82 49.64
C VAL X 112 -69.79 -21.53 50.96
N SER X 113 -68.85 -22.36 51.37
CA SER X 113 -68.94 -23.07 52.64
C SER X 113 -68.98 -22.10 53.81
N ALA X 114 -68.32 -20.96 53.68
CA ALA X 114 -68.30 -19.95 54.72
C ALA X 114 -69.61 -19.13 54.75
N ALA X 115 -70.09 -18.74 53.58
CA ALA X 115 -71.32 -17.95 53.50
C ALA X 115 -72.53 -18.77 53.89
N PHE X 116 -72.56 -20.04 53.48
CA PHE X 116 -73.68 -20.92 53.76
C PHE X 116 -73.35 -21.90 54.87
N VAL X 117 -72.58 -21.42 55.84
CA VAL X 117 -72.15 -22.25 56.97
C VAL X 117 -73.28 -22.94 57.79
N PRO X 118 -74.50 -22.34 57.86
CA PRO X 118 -75.54 -23.12 58.55
C PRO X 118 -75.85 -24.47 57.90
N TRP X 119 -75.51 -24.66 56.63
CA TRP X 119 -75.65 -25.97 56.01
C TRP X 119 -74.36 -26.79 56.10
N THR X 120 -73.22 -26.11 55.89
CA THR X 120 -71.89 -26.71 56.00
C THR X 120 -71.75 -27.46 57.31
N VAL X 121 -72.22 -26.82 58.37
CA VAL X 121 -72.09 -27.33 59.72
C VAL X 121 -72.92 -28.61 59.92
N GLN X 122 -73.91 -28.83 59.07
CA GLN X 122 -74.75 -30.02 59.15
C GLN X 122 -74.18 -31.14 58.27
N ALA X 123 -73.58 -30.78 57.15
CA ALA X 123 -72.98 -31.76 56.26
C ALA X 123 -71.80 -32.47 56.96
N LEU X 124 -71.06 -31.70 57.76
CA LEU X 124 -69.93 -32.23 58.51
C LEU X 124 -70.34 -33.39 59.42
N ARG X 125 -71.58 -33.34 59.91
CA ARG X 125 -72.12 -34.38 60.78
C ARG X 125 -72.26 -35.71 60.04
N VAL X 126 -72.26 -35.64 58.70
CA VAL X 126 -72.52 -36.79 57.86
C VAL X 126 -71.26 -37.40 57.22
N LEU X 127 -70.38 -36.56 56.69
CA LEU X 127 -69.23 -37.03 55.92
C LEU X 127 -67.87 -36.88 56.64
N SER X 128 -67.88 -36.94 57.96
CA SER X 128 -66.67 -36.67 58.75
C SER X 128 -65.52 -37.63 58.48
N GLU X 129 -65.82 -38.82 57.95
CA GLU X 129 -64.77 -39.80 57.65
C GLU X 129 -64.18 -39.65 56.25
N SER X 130 -64.75 -38.75 55.45
CA SER X 130 -64.25 -38.48 54.10
C SER X 130 -63.45 -37.17 54.03
N LEU X 131 -63.25 -36.55 55.19
CA LEU X 131 -62.47 -35.30 55.27
C LEU X 131 -60.97 -35.60 55.26
N PRO X 132 -60.14 -34.60 54.88
CA PRO X 132 -58.69 -34.77 54.90
C PRO X 132 -58.21 -35.20 56.29
N VAL X 133 -58.75 -34.59 57.33
CA VAL X 133 -58.58 -35.06 58.69
C VAL X 133 -59.90 -35.70 59.12
N SER X 134 -59.89 -37.00 59.40
CA SER X 134 -61.13 -37.72 59.72
C SER X 134 -61.60 -37.44 61.13
N GLY X 135 -62.89 -37.69 61.38
CA GLY X 135 -63.47 -37.55 62.70
C GLY X 135 -62.85 -38.51 63.71
N THR X 136 -62.53 -39.72 63.26
CA THR X 136 -61.86 -40.70 64.12
C THR X 136 -60.48 -40.24 64.55
N THR X 137 -59.80 -39.52 63.66
CA THR X 137 -58.49 -38.94 63.97
C THR X 137 -58.63 -37.91 65.10
N MET X 138 -59.59 -37.01 64.93
CA MET X 138 -59.86 -35.99 65.94
C MET X 138 -60.32 -36.60 67.26
N ASP X 139 -61.02 -37.73 67.18
CA ASP X 139 -61.47 -38.44 68.38
C ASP X 139 -60.27 -38.94 69.18
N ALA X 140 -59.18 -39.27 68.48
CA ALA X 140 -57.98 -39.77 69.13
C ALA X 140 -57.14 -38.63 69.70
N ILE X 141 -57.13 -37.50 68.99
CA ILE X 141 -56.38 -36.32 69.42
C ILE X 141 -57.01 -35.68 70.66
N ALA X 142 -58.30 -35.39 70.60
CA ALA X 142 -59.05 -35.04 71.81
C ALA X 142 -59.24 -36.34 72.59
N GLY X 143 -59.59 -36.25 73.88
CA GLY X 143 -59.80 -37.45 74.64
C GLY X 143 -61.21 -38.00 74.44
N VAL X 144 -61.99 -37.28 73.65
CA VAL X 144 -63.41 -37.52 73.54
C VAL X 144 -63.84 -37.47 72.07
N THR X 145 -65.15 -37.60 71.81
CA THR X 145 -65.63 -37.45 70.44
C THR X 145 -65.65 -35.97 70.04
N TYR X 146 -64.76 -35.60 69.14
CA TYR X 146 -64.65 -34.21 68.72
C TYR X 146 -65.87 -33.81 67.91
N PRO X 147 -66.51 -32.69 68.30
CA PRO X 147 -67.74 -32.20 67.65
C PRO X 147 -67.55 -32.04 66.15
N ARG X 148 -68.29 -32.82 65.37
CA ARG X 148 -68.13 -32.86 63.92
C ARG X 148 -68.33 -31.49 63.25
N ALA X 149 -69.17 -30.66 63.86
CA ALA X 149 -69.49 -29.35 63.30
C ALA X 149 -68.27 -28.41 63.23
N MET X 150 -67.26 -28.68 64.05
CA MET X 150 -66.08 -27.83 64.11
C MET X 150 -65.03 -28.22 63.07
N MET X 151 -65.27 -29.33 62.38
CA MET X 151 -64.24 -29.90 61.52
C MET X 151 -64.14 -29.24 60.13
N HIS X 152 -64.10 -27.91 60.16
CA HIS X 152 -63.84 -27.10 58.96
C HIS X 152 -63.56 -25.66 59.39
N PRO X 153 -62.67 -24.97 58.67
CA PRO X 153 -62.35 -23.56 58.95
C PRO X 153 -63.58 -22.65 58.93
N SER X 154 -64.61 -23.03 58.19
CA SER X 154 -65.82 -22.21 58.09
C SER X 154 -66.62 -22.15 59.39
N PHE X 155 -66.31 -23.05 60.32
CA PHE X 155 -67.00 -23.05 61.62
C PHE X 155 -66.75 -21.75 62.39
N ALA X 156 -65.61 -21.13 62.15
CA ALA X 156 -65.25 -19.89 62.84
C ALA X 156 -66.28 -18.79 62.61
N GLY X 157 -67.03 -18.90 61.51
CA GLY X 157 -68.02 -17.90 61.15
C GLY X 157 -69.22 -17.83 62.08
N ILE X 158 -69.44 -18.87 62.87
CA ILE X 158 -70.57 -18.89 63.78
C ILE X 158 -70.15 -18.75 65.24
N ILE X 159 -68.89 -18.41 65.46
CA ILE X 159 -68.38 -18.21 66.81
C ILE X 159 -68.62 -16.80 67.34
N ASP X 160 -69.37 -16.71 68.44
CA ASP X 160 -69.57 -15.44 69.15
C ASP X 160 -68.51 -15.31 70.25
N LEU X 161 -67.51 -14.48 70.01
CA LEU X 161 -66.42 -14.29 70.97
C LEU X 161 -66.86 -13.55 72.22
N ASP X 162 -67.96 -12.81 72.10
CA ASP X 162 -68.46 -11.99 73.21
C ASP X 162 -69.51 -12.72 74.05
N LEU X 163 -69.47 -14.04 74.03
CA LEU X 163 -70.28 -14.85 74.93
C LEU X 163 -69.78 -14.66 76.35
N PRO X 164 -70.68 -14.75 77.34
CA PRO X 164 -70.31 -14.55 78.75
C PRO X 164 -69.28 -15.57 79.25
N ASN X 165 -68.51 -15.17 80.25
CA ASN X 165 -67.50 -16.04 80.89
C ASN X 165 -66.43 -16.56 79.95
N GLY X 166 -66.15 -15.82 78.88
CA GLY X 166 -65.14 -16.20 77.91
C GLY X 166 -65.43 -17.54 77.25
N ALA X 167 -66.72 -17.86 77.14
CA ALA X 167 -67.13 -19.11 76.50
C ALA X 167 -66.77 -19.09 75.01
N GLY X 168 -66.80 -17.89 74.42
CA GLY X 168 -66.42 -17.73 73.03
C GLY X 168 -64.96 -18.10 72.79
N ALA X 169 -64.08 -17.68 73.69
CA ALA X 169 -62.66 -18.01 73.60
C ALA X 169 -62.43 -19.51 73.76
N THR X 170 -63.23 -20.14 74.61
CA THR X 170 -63.14 -21.58 74.83
C THR X 170 -63.52 -22.34 73.56
N ILE X 171 -64.63 -21.93 72.94
CA ILE X 171 -65.09 -22.50 71.68
C ILE X 171 -64.04 -22.32 70.60
N ALA X 172 -63.43 -21.14 70.56
CA ALA X 172 -62.38 -20.82 69.60
C ALA X 172 -61.17 -21.73 69.78
N ASP X 173 -60.82 -22.00 71.03
CA ASP X 173 -59.70 -22.89 71.34
C ASP X 173 -60.02 -24.33 70.93
N ALA X 174 -61.25 -24.76 71.19
CA ALA X 174 -61.68 -26.11 70.82
C ALA X 174 -61.63 -26.27 69.31
N HIS X 175 -62.01 -25.23 68.59
CA HIS X 175 -61.93 -25.22 67.13
C HIS X 175 -60.48 -25.24 66.66
N GLY X 176 -59.60 -24.59 67.42
CA GLY X 176 -58.18 -24.55 67.09
C GLY X 176 -57.52 -25.90 67.17
N LEU X 177 -58.07 -26.80 67.97
CA LEU X 177 -57.53 -28.14 68.11
C LEU X 177 -57.61 -28.86 66.77
N PHE X 178 -58.71 -28.61 66.05
CA PHE X 178 -58.87 -29.17 64.71
C PHE X 178 -58.04 -28.41 63.68
N MET X 179 -58.04 -27.08 63.80
CA MET X 179 -57.38 -26.23 62.82
C MET X 179 -55.88 -26.50 62.69
N ILE X 180 -55.22 -26.86 63.79
CA ILE X 180 -53.80 -27.15 63.75
C ILE X 180 -53.54 -28.46 63.00
N GLU X 181 -54.44 -29.41 63.17
CA GLU X 181 -54.34 -30.70 62.48
C GLU X 181 -54.67 -30.56 61.00
N PHE X 182 -55.71 -29.79 60.71
CA PHE X 182 -56.10 -29.50 59.34
C PHE X 182 -54.97 -28.80 58.59
N SER X 183 -54.37 -27.81 59.26
CA SER X 183 -53.27 -27.06 58.65
C SER X 183 -52.07 -27.96 58.39
N LYS X 184 -51.85 -28.92 59.28
CA LYS X 184 -50.71 -29.83 59.18
C LYS X 184 -50.80 -30.81 58.01
N THR X 185 -52.02 -31.16 57.58
CA THR X 185 -52.16 -32.11 56.48
C THR X 185 -52.27 -31.42 55.11
N ILE X 186 -53.02 -30.33 55.02
CA ILE X 186 -53.11 -29.60 53.76
C ILE X 186 -51.81 -28.85 53.43
N ASN X 187 -51.05 -28.54 54.47
CA ASN X 187 -49.72 -27.94 54.32
C ASN X 187 -48.68 -28.71 55.16
N PRO X 188 -48.24 -29.87 54.66
CA PRO X 188 -47.39 -30.84 55.37
C PRO X 188 -46.04 -30.29 55.81
N SER X 189 -45.65 -29.12 55.31
CA SER X 189 -44.41 -28.48 55.72
C SER X 189 -44.51 -28.03 57.19
N LEU X 190 -45.74 -27.86 57.66
CA LEU X 190 -46.01 -27.40 59.04
C LEU X 190 -45.98 -28.54 60.06
N ARG X 191 -45.87 -29.77 59.58
CA ARG X 191 -45.95 -30.94 60.44
C ARG X 191 -44.84 -31.00 61.48
N THR X 192 -43.68 -30.45 61.14
CA THR X 192 -42.52 -30.45 62.03
C THR X 192 -42.43 -29.20 62.90
N LYS X 193 -43.37 -28.26 62.71
CA LYS X 193 -43.40 -27.02 63.48
C LYS X 193 -44.08 -27.25 64.82
N GLN X 194 -43.80 -26.36 65.77
CA GLN X 194 -44.47 -26.41 67.07
C GLN X 194 -45.93 -26.01 66.91
N ALA X 195 -46.77 -26.50 67.82
CA ALA X 195 -48.21 -26.24 67.75
C ALA X 195 -48.53 -24.75 67.72
N ASN X 196 -47.83 -23.96 68.54
CA ASN X 196 -48.05 -22.53 68.57
C ASN X 196 -47.68 -21.84 67.24
N GLU X 197 -46.64 -22.37 66.59
CA GLU X 197 -46.21 -21.85 65.30
C GLU X 197 -47.24 -22.15 64.21
N VAL X 198 -47.82 -23.34 64.28
CA VAL X 198 -48.87 -23.73 63.36
C VAL X 198 -50.12 -22.87 63.54
N ALA X 199 -50.49 -22.64 64.80
CA ALA X 199 -51.67 -21.82 65.14
C ALA X 199 -51.55 -20.40 64.58
N ALA X 200 -50.32 -19.90 64.49
CA ALA X 200 -50.07 -18.55 63.99
C ALA X 200 -50.31 -18.43 62.49
N THR X 201 -50.31 -19.56 61.79
CA THR X 201 -50.51 -19.56 60.33
C THR X 201 -51.95 -19.31 59.93
N PHE X 202 -52.89 -19.63 60.82
CA PHE X 202 -54.31 -19.41 60.53
C PHE X 202 -54.98 -18.43 61.49
N GLU X 203 -54.19 -17.84 62.39
CA GLU X 203 -54.74 -16.90 63.40
C GLU X 203 -55.49 -15.75 62.73
N LYS X 204 -54.87 -15.13 61.73
CA LYS X 204 -55.42 -13.93 61.11
C LYS X 204 -56.76 -14.15 60.36
N PRO X 205 -56.83 -15.15 59.47
CA PRO X 205 -58.13 -15.33 58.78
C PRO X 205 -59.21 -15.92 59.69
N ASN X 206 -58.80 -16.74 60.66
CA ASN X 206 -59.74 -17.31 61.62
C ASN X 206 -60.36 -16.22 62.50
N MET X 207 -59.54 -15.25 62.90
CA MET X 207 -60.01 -14.12 63.68
C MET X 207 -61.00 -13.29 62.87
N ALA X 208 -60.69 -13.09 61.59
CA ALA X 208 -61.54 -12.32 60.71
C ALA X 208 -62.91 -12.98 60.55
N ALA X 209 -62.92 -14.30 60.54
CA ALA X 209 -64.16 -15.06 60.42
C ALA X 209 -65.01 -14.94 61.68
N MET X 210 -64.36 -15.00 62.85
CA MET X 210 -65.06 -14.88 64.12
C MET X 210 -65.55 -13.46 64.36
N SER X 211 -64.81 -12.49 63.82
CA SER X 211 -65.14 -11.08 63.99
C SER X 211 -66.15 -10.62 62.94
N GLY X 212 -66.51 -11.53 62.05
CA GLY X 212 -67.51 -11.26 61.03
C GLY X 212 -68.82 -10.81 61.64
N ARG X 213 -69.45 -9.83 61.01
CA ARG X 213 -70.71 -9.28 61.50
C ARG X 213 -71.86 -9.58 60.53
N PHE X 214 -71.63 -10.51 59.61
CA PHE X 214 -72.66 -10.97 58.69
C PHE X 214 -73.81 -11.57 59.51
N PHE X 215 -73.45 -12.43 60.45
CA PHE X 215 -74.41 -12.98 61.39
C PHE X 215 -74.38 -12.19 62.69
N THR X 216 -75.55 -11.96 63.29
CA THR X 216 -75.62 -11.28 64.59
C THR X 216 -75.25 -12.26 65.70
N ARG X 217 -75.12 -11.74 66.91
CA ARG X 217 -74.81 -12.58 68.07
C ARG X 217 -75.92 -13.58 68.33
N GLU X 218 -77.16 -13.14 68.18
CA GLU X 218 -78.31 -14.03 68.33
C GLU X 218 -78.32 -15.12 67.28
N ASP X 219 -77.93 -14.75 66.06
CA ASP X 219 -77.84 -15.71 64.96
C ASP X 219 -76.79 -16.77 65.29
N LYS X 220 -75.63 -16.32 65.76
CA LYS X 220 -74.54 -17.22 66.13
C LYS X 220 -74.95 -18.10 67.31
N LYS X 221 -75.61 -17.51 68.30
CA LYS X 221 -76.07 -18.26 69.46
C LYS X 221 -77.01 -19.38 69.03
N LYS X 222 -77.97 -19.05 68.17
CA LYS X 222 -78.90 -20.05 67.65
C LYS X 222 -78.20 -21.16 66.89
N LEU X 223 -77.21 -20.79 66.08
CA LEU X 223 -76.42 -21.75 65.33
C LEU X 223 -75.63 -22.70 66.24
N LEU X 224 -74.97 -22.13 67.23
CA LEU X 224 -74.17 -22.90 68.18
C LEU X 224 -75.02 -23.88 68.99
N ILE X 225 -76.24 -23.46 69.33
CA ILE X 225 -77.17 -24.33 70.04
C ILE X 225 -77.69 -25.43 69.13
N ALA X 226 -78.08 -25.06 67.92
CA ALA X 226 -78.66 -25.99 66.96
C ALA X 226 -77.69 -27.11 66.56
N VAL X 227 -76.41 -26.92 66.84
CA VAL X 227 -75.40 -27.88 66.42
C VAL X 227 -74.66 -28.47 67.64
N GLY X 228 -75.16 -28.16 68.84
CA GLY X 228 -74.72 -28.84 70.05
C GLY X 228 -73.44 -28.36 70.72
N ILE X 229 -72.90 -27.22 70.27
CA ILE X 229 -71.70 -26.65 70.89
C ILE X 229 -72.04 -26.13 72.29
N ILE X 230 -73.25 -25.60 72.40
CA ILE X 230 -73.71 -24.96 73.62
C ILE X 230 -75.22 -25.24 73.76
N ASP X 231 -75.74 -25.23 74.98
CA ASP X 231 -77.18 -25.44 75.16
C ASP X 231 -77.96 -24.12 75.31
N GLU X 232 -79.28 -24.22 75.49
CA GLU X 232 -80.13 -23.04 75.60
C GLU X 232 -79.74 -22.18 76.79
N ASP X 233 -79.11 -22.79 77.78
CA ASP X 233 -78.63 -22.08 78.96
C ASP X 233 -77.19 -21.61 78.78
N LEU X 234 -76.72 -21.63 77.53
CA LEU X 234 -75.36 -21.18 77.20
C LEU X 234 -74.25 -21.95 77.92
N VAL X 235 -74.51 -23.23 78.20
CA VAL X 235 -73.51 -24.08 78.82
C VAL X 235 -72.75 -24.90 77.78
N LEU X 236 -71.43 -24.83 77.83
CA LEU X 236 -70.57 -25.53 76.89
C LEU X 236 -70.67 -27.06 77.01
N ALA X 237 -70.70 -27.73 75.88
CA ALA X 237 -70.65 -29.19 75.88
C ALA X 237 -69.30 -29.64 76.43
N SER X 238 -69.31 -30.74 77.18
CA SER X 238 -68.10 -31.23 77.85
C SER X 238 -66.96 -31.51 76.87
N ALA X 239 -67.29 -32.01 75.68
CA ALA X 239 -66.30 -32.30 74.66
C ALA X 239 -65.61 -31.03 74.16
N VAL X 240 -66.34 -29.92 74.15
CA VAL X 240 -65.80 -28.64 73.73
C VAL X 240 -64.78 -28.10 74.72
N VAL X 241 -65.11 -28.13 76.02
CA VAL X 241 -64.18 -27.65 77.05
C VAL X 241 -62.95 -28.55 77.14
N ARG X 242 -63.16 -29.83 76.85
CA ARG X 242 -62.07 -30.80 76.78
C ARG X 242 -61.10 -30.47 75.65
N SER X 243 -61.65 -30.29 74.46
CA SER X 243 -60.85 -29.98 73.28
C SER X 243 -60.11 -28.66 73.49
N ALA X 244 -60.75 -27.74 74.21
CA ALA X 244 -60.16 -26.43 74.47
C ALA X 244 -58.91 -26.54 75.34
N GLU X 245 -58.98 -27.31 76.42
CA GLU X 245 -57.83 -27.46 77.32
C GLU X 245 -56.71 -28.30 76.71
N LYS X 246 -57.07 -29.21 75.80
CA LYS X 246 -56.08 -29.95 75.02
C LYS X 246 -55.29 -28.97 74.16
N TYR X 247 -56.02 -28.03 73.55
CA TYR X 247 -55.42 -27.03 72.69
C TYR X 247 -54.47 -26.10 73.44
N ARG X 248 -54.94 -25.57 74.58
CA ARG X 248 -54.13 -24.64 75.37
C ARG X 248 -52.83 -25.27 75.86
N ALA X 249 -52.86 -26.57 76.16
CA ALA X 249 -51.68 -27.27 76.64
C ALA X 249 -50.68 -27.50 75.51
N LYS X 250 -51.18 -27.69 74.30
CA LYS X 250 -50.34 -27.82 73.10
C LYS X 250 -49.64 -26.50 72.75
N VAL X 251 -50.36 -25.39 72.95
CA VAL X 251 -49.91 -24.08 72.48
C VAL X 251 -49.16 -23.30 73.55
N GLY X 252 -49.68 -23.31 74.78
CA GLY X 252 -49.06 -22.60 75.88
C GLY X 252 -49.90 -21.47 76.47
#